data_8RTD
#
_entry.id   8RTD
#
loop_
_entity.id
_entity.type
_entity.pdbx_description
1 polymer 'TrwJ protein'
2 polymer 'TrwG protein'
3 polymer 'TrwE protein'
4 polymer 'TrwI protein'
5 polymer 'TrwM protein'
6 polymer 'Type IV secretion system protein virB4'
#
loop_
_entity_poly.entity_id
_entity_poly.type
_entity_poly.pdbx_seq_one_letter_code
_entity_poly.pdbx_strand_id
1 'polypeptide(L)'
;MKKLVMTAAVAAILGAASPVMAQGIPVFDGTRALDFVQQFARMKEQLDTAKDQLAEAQRMYEAVTGGRGLGDLMRNAQLR
EYLPDDLRTVYDSANGGGYSGISGSINDILRDERLNGSVADMRRSIEERSRTAAATDKAVGLRAYEGAQQRLAQIEGLMD
EISRTQDQKAIEELQARIAGEQAAIQNETTKLQMIAQLRQAEQALISEQRRERNMRILSSGNQGMPTIQ
;
A,B,C,K,E
2 'polypeptide(L)'
;MSKKQPKPVKAEQLKSYYEESRGLERDLIGEFVKSRKTAWRVATASGLFGLLGMVCGIVGFSQPAPAPLVLRVDNATGAV
DVVTTLREHESSYGEVVDTYWLNQYVLNREAYDYNTIQMNYDTTALLSAPAVQQDYYKLFDGSNARDRVLGNKARITVRV
RSIQPNGRGQATVRFTTQQHNSNGTVEAPQHQIATIGYTYIGAPMRSSDRLLNPLGFQVTSYRADPEILNN
;
D,F,G,Q,S,U,X,Y,b,c,d,i
3 'polypeptide(L)'
;MFGRKKGDVIDAGAELERAEQERIEGEYGASELASERRPHTPGARTLLMVLLCVIAVVLVTLSYKAYKVRGVVEDDDAQP
QQVVRQVIPGYTPRPIRPEPENVPEPPQPTTSVPAIQPAPVTQPVRPQPTGPREKTPYELARERMLRSGLTAGSGGGEDL
PRPQGGDVPAGGLMGGGGGGGELAEKLQPMRLSGSSAGRLGNRDMLITQGTQLDCVLETRLVTTQPGMTTCHLTRDVYST
SGRVVLLDRGSKVVGFYQGGLRQGQARIFVQWSRIETPSGVVINLDSPGTGPLGEAGLGGWIDRHFWERFGGAIMISLIG
DLGDWASRQGSRQGDNSIQFSNTANGVESAAAEALRNSINIPPTLYKNQGERVNILVARDLDFSDVYSLESIPTK
;
a,Z,e
4 'polypeptide(L)'
;MAFELFTPLFNKIDQTTATYVTDISSRAIAAITPVVSVGLTLGFITYGWLIIRGAVEMPVAEFLNRCLRIGIIVSIALAG
GLYQGEIANAITTVPDELASALLGNPTQGASAAALVDQSAQQGFDRASEAFEEAGFFSSDGLLYGLFGIIILLATGLLAA
IGGAFLLLAKIALALLAGLGPLFILALIWQPTHRFFDQWAQQVLNYGLLIVLFAAVFGLLMQIFGSYMADLRFDGAQNVA
YAIGGSVILSIVSIVLLMQLPSIASGLAGGIGLGYMWELRSMRSGAGAAMRGGRAMARGARAAPGAARGAAVGAANMAKT
VATGGAGVARAAAGYFRGRKAG
;
L,M,H,I,J
5 'polypeptide(L)'
;MKPPQQQHEAFPLFKGATRLPTIWGVPMIPLMAMVMGVAVIALTVSIWWWALVPPLWFIMAQITKNDDKAFRIWWLWIDT
KFRNRNKGFWGASSYSPANYRKRR
;
j,R,f
6 'polypeptide(L)'
;MGAIESRKLLASETPVGQFIPYSHHVTDTIISTKNAEYLSVWKIDGRSHQSASEADVFQWIRELNNTLRGISSANLSLWT
HIVRRRVYEYPDAEFDNVFCRQLDEKYRESFTGYNLMVNDLYLTVVYRPVSDKVLSFFAKRERETPDQKKHRQESCIKAL
EDINRTLGQSFKRYGAELLSVYEKGGHAFSAPLEFLARLVNGEHIPMPICRDRFSDYMAVNRPMFSKWGEVGELRSLTGL
RRFGMLEIREYDDATEPGQLNVLLESDYEFVLTHSFSVLSRPAAKEYLQRHQKNLIDARDVATDQIEEIDEALNQLISGH
FVMGEHHCTLTVYGETVQQVRDNLAHASAAMLDVAVLPKPVDLALEAGYWAQLPANWQWRPRPAPITSLNFLSFSPFHNF
MSGKPTGNPWGPAVTILKTVSGTPLYFNFHASKEEEDATDKRLLGNTMLIGQSSSGKTVLLGFLLAQAQKFKPTIVAFDK
DRGMEISIRAMGGRYLPLKTGEPSGFNPFQLPPTHANLIFLKQFVKKLAAAGGEVTHRDEEEIDQAITAMMSDSIDKSLR
RLSLLLQFLPNPRSDDMDARPTVHARLVKWCEGGDYGWLFDNPTDALDLSTHQIYGFDITEFLDNPEARTPVMMYLLYRT
ESMIDGRRFMYVFDEFWKPLQDEYFEDLAKNKQKTIRKQNGIFVFATQEPSDALESNIAKTLIQQCATYIFLANPKADYE
DYTQGFKLTDSEFELVRGLGEFSRRFLIKQGDQSALAEMNLGKFRTIVDGETVERDFDDELLVLSGTPDNAEIAESIIAE
VGDDPAVWLPIFLDRVKAERSDV
;
O,P,T,V,g,h
#
# COMPACT_ATOMS: atom_id res chain seq x y z
N ALA A 33 -127.20 125.72 -92.13
CA ALA A 33 -125.99 126.46 -91.82
C ALA A 33 -125.47 126.10 -90.44
N LEU A 34 -126.34 126.15 -89.43
CA LEU A 34 -125.94 125.73 -88.09
C LEU A 34 -125.55 124.26 -88.07
N ASP A 35 -126.34 123.43 -88.76
CA ASP A 35 -126.05 122.01 -88.83
C ASP A 35 -124.72 121.77 -89.52
N PHE A 36 -124.44 122.50 -90.60
CA PHE A 36 -123.17 122.29 -91.28
C PHE A 36 -122.01 122.73 -90.40
N VAL A 37 -122.18 123.80 -89.63
CA VAL A 37 -121.12 124.21 -88.73
C VAL A 37 -120.82 123.10 -87.73
N GLN A 38 -121.87 122.50 -87.16
CA GLN A 38 -121.63 121.41 -86.22
C GLN A 38 -120.95 120.22 -86.89
N GLN A 39 -121.37 119.87 -88.10
CA GLN A 39 -120.76 118.76 -88.82
C GLN A 39 -119.30 119.04 -89.12
N PHE A 40 -118.98 120.29 -89.47
CA PHE A 40 -117.60 120.67 -89.74
C PHE A 40 -116.76 120.54 -88.48
N ALA A 41 -117.32 120.92 -87.33
CA ALA A 41 -116.59 120.76 -86.08
C ALA A 41 -116.29 119.30 -85.80
N ARG A 42 -117.27 118.43 -86.02
CA ARG A 42 -117.06 116.99 -85.73
C ARG A 42 -116.05 116.42 -86.73
N MET A 43 -116.07 116.87 -87.99
CA MET A 43 -115.06 116.39 -88.92
C MET A 43 -113.67 116.85 -88.50
N LYS A 44 -113.55 118.08 -88.00
CA LYS A 44 -112.26 118.53 -87.47
C LYS A 44 -111.79 117.62 -86.37
N GLU A 45 -112.70 117.24 -85.46
CA GLU A 45 -112.28 116.42 -84.34
C GLU A 45 -111.89 115.02 -84.80
N GLN A 46 -112.60 114.48 -85.79
CA GLN A 46 -112.20 113.20 -86.36
C GLN A 46 -110.81 113.28 -86.99
N LEU A 47 -110.55 114.36 -87.73
CA LEU A 47 -109.24 114.53 -88.33
C LEU A 47 -108.14 114.62 -87.29
N ASP A 48 -108.41 115.34 -86.21
CA ASP A 48 -107.43 115.44 -85.14
C ASP A 48 -107.15 114.09 -84.51
N THR A 49 -108.19 113.29 -84.29
CA THR A 49 -107.98 111.95 -83.74
C THR A 49 -107.18 111.08 -84.70
N ALA A 50 -107.47 111.17 -86.00
CA ALA A 50 -106.71 110.39 -86.97
C ALA A 50 -105.24 110.81 -86.97
N LYS A 51 -104.96 112.10 -86.89
CA LYS A 51 -103.58 112.55 -86.85
C LYS A 51 -102.90 112.09 -85.57
N ASP A 52 -103.63 112.05 -84.46
CA ASP A 52 -103.05 111.53 -83.23
C ASP A 52 -102.69 110.06 -83.38
N GLN A 53 -103.57 109.28 -84.03
CA GLN A 53 -103.26 107.87 -84.28
C GLN A 53 -102.02 107.74 -85.15
N LEU A 54 -101.90 108.59 -86.17
CA LEU A 54 -100.74 108.54 -87.04
C LEU A 54 -99.46 108.84 -86.26
N ALA A 55 -99.51 109.85 -85.41
CA ALA A 55 -98.34 110.18 -84.60
C ALA A 55 -97.99 109.02 -83.67
N GLU A 56 -99.00 108.37 -83.12
CA GLU A 56 -98.77 107.23 -82.24
C GLU A 56 -98.09 106.09 -83.00
N ALA A 57 -98.58 105.78 -84.19
CA ALA A 57 -97.99 104.69 -84.97
C ALA A 57 -96.56 105.02 -85.38
N GLN A 58 -96.30 106.27 -85.77
CA GLN A 58 -94.94 106.66 -86.11
C GLN A 58 -94.03 106.55 -84.90
N ARG A 59 -94.53 106.97 -83.75
CA ARG A 59 -93.72 106.90 -82.49
C ARG A 59 -93.36 105.44 -82.22
N MET A 60 -94.32 104.52 -82.36
CA MET A 60 -94.03 103.13 -82.04
C MET A 60 -93.05 102.53 -83.05
N TYR A 61 -93.17 102.92 -84.31
CA TYR A 61 -92.21 102.47 -85.30
C TYR A 61 -90.81 102.95 -84.97
N GLU A 62 -90.68 104.20 -84.54
CA GLU A 62 -89.38 104.69 -84.10
C GLU A 62 -88.89 103.93 -82.89
N ALA A 63 -89.80 103.51 -82.02
CA ALA A 63 -89.40 102.75 -80.84
C ALA A 63 -88.92 101.36 -81.19
N VAL A 64 -89.39 100.81 -82.31
CA VAL A 64 -89.01 99.45 -82.70
C VAL A 64 -87.75 99.45 -83.56
N THR A 65 -87.63 100.38 -84.50
CA THR A 65 -86.54 100.38 -85.46
C THR A 65 -85.49 101.42 -85.09
N GLY A 66 -84.34 101.31 -85.72
CA GLY A 66 -83.22 102.20 -85.52
C GLY A 66 -82.10 101.53 -84.78
N GLY A 67 -81.02 102.28 -84.58
CA GLY A 67 -79.88 101.80 -83.81
C GLY A 67 -79.75 102.54 -82.50
N ARG A 68 -79.48 101.81 -81.42
CA ARG A 68 -79.49 102.39 -80.08
C ARG A 68 -78.11 102.52 -79.46
N GLY A 69 -77.07 102.00 -80.12
CA GLY A 69 -75.73 102.17 -79.64
C GLY A 69 -75.27 101.13 -78.65
N LEU A 70 -76.17 100.35 -78.07
CA LEU A 70 -75.77 99.25 -77.21
C LEU A 70 -75.10 98.18 -78.07
N GLY A 71 -73.96 97.71 -77.60
CA GLY A 71 -72.98 97.14 -78.48
C GLY A 71 -72.05 98.19 -79.03
N ASP A 72 -70.74 98.04 -78.84
CA ASP A 72 -69.82 99.15 -78.58
C ASP A 72 -70.08 99.73 -77.20
N LEU A 73 -70.53 98.88 -76.28
CA LEU A 73 -70.73 99.23 -74.88
C LEU A 73 -69.83 98.35 -74.05
N MET A 74 -68.87 98.96 -73.35
CA MET A 74 -67.87 98.25 -72.58
C MET A 74 -67.13 97.24 -73.46
N ARG A 75 -66.64 97.71 -74.60
CA ARG A 75 -65.93 96.87 -75.55
C ARG A 75 -64.44 97.16 -75.61
N ASN A 76 -63.99 98.30 -75.08
CA ASN A 76 -62.57 98.63 -75.12
C ASN A 76 -61.78 97.94 -74.01
N ALA A 77 -62.46 97.36 -73.03
CA ALA A 77 -61.76 96.66 -71.96
C ALA A 77 -61.11 95.40 -72.52
N GLN A 78 -59.79 95.44 -72.70
CA GLN A 78 -59.07 94.35 -73.35
C GLN A 78 -58.81 93.28 -72.32
N LEU A 79 -59.82 92.45 -72.08
CA LEU A 79 -59.72 91.36 -71.14
C LEU A 79 -59.03 90.15 -71.73
N ARG A 80 -58.79 90.12 -73.04
CA ARG A 80 -58.02 89.03 -73.63
C ARG A 80 -56.55 89.12 -73.31
N GLU A 81 -56.09 90.25 -72.75
CA GLU A 81 -54.70 90.43 -72.39
C GLU A 81 -54.33 89.72 -71.10
N TYR A 82 -55.30 89.16 -70.39
CA TYR A 82 -55.05 88.45 -69.15
C TYR A 82 -54.83 86.97 -69.36
N LEU A 83 -54.84 86.50 -70.61
CA LEU A 83 -54.51 85.14 -70.97
C LEU A 83 -53.46 85.17 -72.07
N PRO A 84 -52.65 84.12 -72.18
CA PRO A 84 -51.55 84.15 -73.14
C PRO A 84 -52.05 84.33 -74.57
N ASP A 85 -51.28 85.07 -75.36
CA ASP A 85 -51.64 85.28 -76.76
C ASP A 85 -51.44 84.02 -77.57
N ASP A 86 -50.25 83.41 -77.46
CA ASP A 86 -49.96 82.14 -78.11
C ASP A 86 -49.26 81.24 -77.10
N LEU A 87 -49.50 79.94 -77.24
CA LEU A 87 -49.00 79.00 -76.25
C LEU A 87 -47.66 78.38 -76.61
N ARG A 88 -47.10 78.68 -77.79
CA ARG A 88 -45.77 78.18 -78.09
C ARG A 88 -44.74 78.72 -77.11
N THR A 89 -44.83 80.02 -76.81
CA THR A 89 -43.83 80.73 -76.04
C THR A 89 -44.25 80.97 -74.60
N VAL A 90 -45.28 80.28 -74.13
CA VAL A 90 -45.75 80.53 -72.78
C VAL A 90 -44.72 80.07 -71.75
N TYR A 91 -43.93 79.06 -72.08
CA TYR A 91 -42.95 78.54 -71.15
C TYR A 91 -41.56 79.14 -71.35
N ASP A 92 -41.43 80.07 -72.30
CA ASP A 92 -40.21 80.85 -72.46
C ASP A 92 -40.36 82.26 -71.92
N SER A 93 -41.44 82.52 -71.18
CA SER A 93 -41.77 83.88 -70.77
C SER A 93 -40.81 84.40 -69.71
N ALA A 94 -40.28 83.53 -68.85
CA ALA A 94 -39.43 83.99 -67.75
C ALA A 94 -38.20 84.70 -68.27
N ASN A 95 -37.55 84.13 -69.29
CA ASN A 95 -36.31 84.70 -69.80
C ASN A 95 -36.53 86.02 -70.51
N GLY A 96 -37.77 86.33 -70.87
CA GLY A 96 -38.06 87.46 -71.71
C GLY A 96 -38.77 87.01 -72.96
N GLY A 97 -39.64 87.87 -73.47
CA GLY A 97 -40.49 87.47 -74.56
C GLY A 97 -41.57 86.53 -74.06
N GLY A 98 -42.17 85.80 -74.98
CA GLY A 98 -43.28 84.94 -74.61
C GLY A 98 -44.47 85.75 -74.13
N TYR A 99 -44.74 85.67 -72.82
CA TYR A 99 -45.88 86.42 -72.23
C TYR A 99 -45.31 87.46 -71.26
N SER A 100 -45.38 88.74 -71.62
CA SER A 100 -44.79 89.81 -70.79
C SER A 100 -45.47 89.91 -69.42
N GLY A 101 -46.80 89.78 -69.36
CA GLY A 101 -47.48 89.97 -68.06
C GLY A 101 -47.04 88.96 -67.02
N ILE A 102 -46.97 87.68 -67.39
CA ILE A 102 -46.45 86.64 -66.44
C ILE A 102 -44.95 86.79 -66.21
N SER A 103 -44.18 87.19 -67.25
CA SER A 103 -42.69 87.27 -67.11
C SER A 103 -42.29 87.84 -65.74
N GLY A 104 -42.79 89.03 -65.40
CA GLY A 104 -42.47 89.63 -64.10
C GLY A 104 -42.93 88.77 -62.94
N SER A 105 -44.15 88.24 -63.03
CA SER A 105 -44.67 87.40 -61.95
C SER A 105 -43.83 86.15 -61.76
N ILE A 106 -43.39 85.53 -62.85
CA ILE A 106 -42.56 84.33 -62.77
C ILE A 106 -41.26 84.63 -62.07
N ASN A 107 -40.62 85.74 -62.43
CA ASN A 107 -39.37 86.06 -61.76
C ASN A 107 -39.58 86.26 -60.27
N ASP A 108 -40.66 86.96 -59.90
CA ASP A 108 -40.93 87.15 -58.47
C ASP A 108 -41.17 85.81 -57.76
N ILE A 109 -41.94 84.93 -58.39
CA ILE A 109 -42.27 83.64 -57.77
C ILE A 109 -41.01 82.80 -57.59
N LEU A 110 -40.19 82.73 -58.63
CA LEU A 110 -38.96 81.93 -58.54
C LEU A 110 -38.04 82.49 -57.48
N ARG A 111 -37.97 83.82 -57.36
CA ARG A 111 -37.21 84.41 -56.27
C ARG A 111 -37.76 84.00 -54.92
N ASP A 112 -39.08 83.96 -54.78
CA ASP A 112 -39.66 83.70 -53.46
C ASP A 112 -39.70 82.22 -53.11
N GLU A 113 -39.48 81.33 -54.08
CA GLU A 113 -39.55 79.90 -53.80
C GLU A 113 -38.21 79.30 -53.40
N ARG A 114 -37.16 80.11 -53.30
CA ARG A 114 -35.85 79.60 -52.92
C ARG A 114 -35.74 79.56 -51.41
N LEU A 115 -35.33 78.40 -50.89
CA LEU A 115 -35.31 78.16 -49.45
C LEU A 115 -34.08 78.78 -48.83
N ASN A 116 -34.23 79.28 -47.61
CA ASN A 116 -33.16 79.88 -46.85
C ASN A 116 -33.21 79.36 -45.43
N GLY A 117 -32.08 79.44 -44.74
CA GLY A 117 -31.98 79.00 -43.37
C GLY A 117 -31.47 77.58 -43.27
N SER A 118 -31.50 77.07 -42.04
CA SER A 118 -31.05 75.71 -41.78
C SER A 118 -31.98 74.71 -42.44
N VAL A 119 -31.46 73.50 -42.63
CA VAL A 119 -32.22 72.45 -43.29
C VAL A 119 -33.43 72.04 -42.47
N ALA A 120 -33.32 72.10 -41.13
CA ALA A 120 -34.47 71.81 -40.29
C ALA A 120 -35.59 72.82 -40.50
N ASP A 121 -35.25 74.11 -40.61
CA ASP A 121 -36.25 75.12 -40.91
C ASP A 121 -36.89 74.86 -42.26
N MET A 122 -36.09 74.43 -43.23
CA MET A 122 -36.61 74.07 -44.53
C MET A 122 -37.63 72.96 -44.42
N ARG A 123 -37.34 71.95 -43.59
CA ARG A 123 -38.25 70.84 -43.40
C ARG A 123 -39.56 71.29 -42.78
N ARG A 124 -39.48 72.11 -41.74
CA ARG A 124 -40.70 72.58 -41.09
C ARG A 124 -41.53 73.44 -42.04
N SER A 125 -40.89 74.30 -42.81
CA SER A 125 -41.61 75.13 -43.77
C SER A 125 -42.31 74.26 -44.82
N ILE A 126 -41.63 73.23 -45.32
CA ILE A 126 -42.21 72.41 -46.36
C ILE A 126 -43.40 71.62 -45.82
N GLU A 127 -43.28 71.05 -44.62
CA GLU A 127 -44.41 70.32 -44.05
C GLU A 127 -45.58 71.24 -43.79
N GLU A 128 -45.32 72.45 -43.28
CA GLU A 128 -46.40 73.40 -43.07
C GLU A 128 -47.08 73.75 -44.38
N ARG A 129 -46.29 73.96 -45.45
CA ARG A 129 -46.91 74.27 -46.74
C ARG A 129 -47.79 73.13 -47.21
N SER A 130 -47.34 71.90 -47.06
CA SER A 130 -48.14 70.76 -47.54
C SER A 130 -49.47 70.69 -46.80
N ARG A 131 -49.42 70.74 -45.47
CA ARG A 131 -50.66 70.64 -44.69
C ARG A 131 -51.59 71.81 -45.00
N THR A 132 -51.04 73.02 -45.05
CA THR A 132 -51.87 74.19 -45.30
C THR A 132 -52.46 74.15 -46.69
N ALA A 133 -51.74 73.60 -47.67
CA ALA A 133 -52.27 73.52 -49.02
C ALA A 133 -53.46 72.58 -49.07
N ALA A 134 -53.35 71.42 -48.43
CA ALA A 134 -54.48 70.49 -48.42
C ALA A 134 -55.69 71.13 -47.75
N ALA A 135 -55.47 71.76 -46.59
CA ALA A 135 -56.58 72.37 -45.87
C ALA A 135 -57.20 73.51 -46.66
N THR A 136 -56.38 74.30 -47.34
CA THR A 136 -56.88 75.42 -48.14
C THR A 136 -57.74 74.92 -49.29
N ASP A 137 -57.29 73.86 -49.96
CA ASP A 137 -58.08 73.26 -51.02
C ASP A 137 -59.46 72.88 -50.49
N LYS A 138 -59.48 72.16 -49.36
CA LYS A 138 -60.76 71.71 -48.82
C LYS A 138 -61.65 72.90 -48.48
N ALA A 139 -61.11 73.90 -47.79
CA ALA A 139 -61.92 75.03 -47.33
C ALA A 139 -62.48 75.81 -48.50
N VAL A 140 -61.66 76.05 -49.52
CA VAL A 140 -62.14 76.75 -50.71
C VAL A 140 -63.28 75.99 -51.36
N GLY A 141 -63.13 74.68 -51.48
CA GLY A 141 -64.21 73.88 -52.06
C GLY A 141 -65.50 74.01 -51.28
N LEU A 142 -65.42 73.91 -49.96
CA LEU A 142 -66.62 73.96 -49.12
C LEU A 142 -67.33 75.29 -49.25
N ARG A 143 -66.60 76.39 -49.10
CA ARG A 143 -67.24 77.70 -49.19
C ARG A 143 -67.82 77.94 -50.58
N ALA A 144 -67.10 77.51 -51.61
CA ALA A 144 -67.62 77.67 -52.97
C ALA A 144 -68.92 76.89 -53.15
N TYR A 145 -69.02 75.71 -52.55
CA TYR A 145 -70.25 74.94 -52.67
C TYR A 145 -71.41 75.65 -51.98
N GLU A 146 -71.16 76.25 -50.82
CA GLU A 146 -72.20 77.05 -50.18
C GLU A 146 -72.67 78.16 -51.11
N GLY A 147 -71.72 78.86 -51.75
CA GLY A 147 -72.10 79.88 -52.70
C GLY A 147 -72.90 79.34 -53.86
N ALA A 148 -72.57 78.15 -54.33
CA ALA A 148 -73.31 77.56 -55.44
C ALA A 148 -74.74 77.26 -55.06
N GLN A 149 -74.96 76.77 -53.84
CA GLN A 149 -76.33 76.53 -53.38
C GLN A 149 -77.12 77.84 -53.32
N GLN A 150 -76.50 78.90 -52.81
CA GLN A 150 -77.19 80.18 -52.80
C GLN A 150 -77.49 80.67 -54.22
N ARG A 151 -76.57 80.35 -55.14
CA ARG A 151 -76.76 80.71 -56.57
C ARG A 151 -78.01 79.98 -57.09
N LEU A 152 -78.18 78.70 -56.74
CA LEU A 152 -79.37 77.97 -57.15
C LEU A 152 -80.64 78.61 -56.61
N ALA A 153 -80.61 79.03 -55.35
CA ALA A 153 -81.77 79.73 -54.79
C ALA A 153 -82.09 80.99 -55.59
N GLN A 154 -81.06 81.74 -55.97
CA GLN A 154 -81.28 82.95 -56.75
C GLN A 154 -81.89 82.64 -58.11
N ILE A 155 -81.42 81.59 -58.79
CA ILE A 155 -81.98 81.23 -60.08
C ILE A 155 -83.45 80.86 -59.94
N GLU A 156 -83.79 80.13 -58.86
CA GLU A 156 -85.20 79.77 -58.61
C GLU A 156 -86.03 81.06 -58.49
N GLY A 157 -85.47 82.09 -57.84
CA GLY A 157 -86.19 83.37 -57.66
C GLY A 157 -86.49 84.05 -58.99
N LEU A 158 -85.55 84.02 -59.93
CA LEU A 158 -85.75 84.65 -61.27
C LEU A 158 -86.91 83.93 -61.98
N MET A 159 -86.97 82.60 -61.89
CA MET A 159 -88.08 81.83 -62.48
C MET A 159 -89.40 82.17 -61.78
N ASP A 160 -89.37 82.40 -60.46
CA ASP A 160 -90.60 82.84 -59.74
C ASP A 160 -91.03 84.19 -60.31
N GLU A 161 -90.06 85.08 -60.59
CA GLU A 161 -90.36 86.41 -61.18
C GLU A 161 -91.00 86.21 -62.56
N ILE A 162 -90.58 85.19 -63.30
CA ILE A 162 -91.11 84.95 -64.69
C ILE A 162 -92.62 84.70 -64.61
N SER A 163 -93.10 84.01 -63.56
CA SER A 163 -94.54 83.66 -63.47
C SER A 163 -95.43 84.90 -63.40
N ARG A 164 -94.88 86.06 -63.01
CA ARG A 164 -95.70 87.30 -62.83
C ARG A 164 -95.54 88.30 -63.98
N THR A 165 -94.60 88.08 -64.91
CA THR A 165 -94.35 89.08 -65.98
C THR A 165 -95.64 89.39 -66.75
N GLN A 166 -95.87 90.67 -67.09
CA GLN A 166 -97.13 91.07 -67.76
C GLN A 166 -96.88 91.66 -69.15
N ASP A 167 -96.07 92.73 -69.25
CA ASP A 167 -95.89 93.36 -70.54
C ASP A 167 -94.74 92.67 -71.27
N GLN A 168 -94.49 93.10 -72.50
CA GLN A 168 -93.38 92.52 -73.24
C GLN A 168 -92.05 93.08 -72.78
N LYS A 169 -92.01 94.37 -72.47
CA LYS A 169 -90.77 94.97 -71.99
C LYS A 169 -90.30 94.30 -70.70
N ALA A 170 -91.24 93.94 -69.83
CA ALA A 170 -90.88 93.29 -68.58
C ALA A 170 -90.21 91.94 -68.82
N ILE A 171 -90.78 91.13 -69.70
CA ILE A 171 -90.21 89.82 -69.93
C ILE A 171 -88.90 89.91 -70.70
N GLU A 172 -88.74 90.91 -71.56
CA GLU A 172 -87.45 91.09 -72.23
C GLU A 172 -86.37 91.51 -71.24
N GLU A 173 -86.70 92.40 -70.30
CA GLU A 173 -85.74 92.73 -69.25
C GLU A 173 -85.41 91.52 -68.41
N LEU A 174 -86.41 90.68 -68.12
CA LEU A 174 -86.12 89.49 -67.33
C LEU A 174 -85.22 88.52 -68.09
N GLN A 175 -85.43 88.40 -69.41
CA GLN A 175 -84.55 87.54 -70.19
C GLN A 175 -83.12 88.04 -70.14
N ALA A 176 -82.93 89.35 -70.27
CA ALA A 176 -81.57 89.88 -70.23
C ALA A 176 -80.97 89.74 -68.83
N ARG A 177 -81.79 89.85 -67.79
CA ARG A 177 -81.31 89.60 -66.43
C ARG A 177 -80.85 88.16 -66.26
N ILE A 178 -81.62 87.21 -66.76
CA ILE A 178 -81.24 85.81 -66.65
C ILE A 178 -79.98 85.54 -67.47
N ALA A 179 -79.84 86.21 -68.61
CA ALA A 179 -78.62 86.07 -69.39
C ALA A 179 -77.41 86.58 -68.63
N GLY A 180 -77.55 87.72 -67.94
CA GLY A 180 -76.46 88.18 -67.10
C GLY A 180 -76.15 87.22 -65.98
N GLU A 181 -77.18 86.58 -65.44
CA GLU A 181 -76.98 85.59 -64.39
C GLU A 181 -76.17 84.41 -64.91
N GLN A 182 -76.50 83.95 -66.11
CA GLN A 182 -75.71 82.91 -66.76
C GLN A 182 -74.27 83.34 -66.96
N ALA A 183 -74.06 84.60 -67.35
CA ALA A 183 -72.71 85.10 -67.52
C ALA A 183 -71.95 85.05 -66.19
N ALA A 184 -72.63 85.37 -65.09
CA ALA A 184 -71.99 85.29 -63.78
C ALA A 184 -71.59 83.86 -63.45
N ILE A 185 -72.46 82.89 -63.74
CA ILE A 185 -72.10 81.50 -63.46
C ILE A 185 -70.95 81.05 -64.35
N GLN A 186 -70.92 81.52 -65.60
CA GLN A 186 -69.77 81.28 -66.47
C GLN A 186 -68.48 81.80 -65.83
N ASN A 187 -68.55 83.01 -65.28
CA ASN A 187 -67.37 83.59 -64.65
C ASN A 187 -66.92 82.74 -63.47
N GLU A 188 -67.87 82.24 -62.67
CA GLU A 188 -67.49 81.36 -61.58
C GLU A 188 -66.85 80.07 -62.08
N THR A 189 -67.33 79.55 -63.20
CA THR A 189 -66.70 78.36 -63.78
C THR A 189 -65.25 78.63 -64.15
N THR A 190 -65.01 79.76 -64.80
CA THR A 190 -63.64 80.12 -65.15
C THR A 190 -62.78 80.29 -63.90
N LYS A 191 -63.34 80.91 -62.86
CA LYS A 191 -62.60 81.09 -61.61
C LYS A 191 -62.24 79.75 -60.99
N LEU A 192 -63.16 78.79 -61.03
CA LEU A 192 -62.85 77.46 -60.48
C LEU A 192 -61.76 76.78 -61.27
N GLN A 193 -61.78 76.91 -62.60
CA GLN A 193 -60.70 76.35 -63.40
C GLN A 193 -59.36 76.97 -63.00
N MET A 194 -59.35 78.27 -62.80
CA MET A 194 -58.13 78.97 -62.41
C MET A 194 -57.64 78.50 -61.05
N ILE A 195 -58.60 78.27 -60.13
CA ILE A 195 -58.22 77.78 -58.77
C ILE A 195 -57.60 76.39 -58.90
N ALA A 196 -58.17 75.52 -59.75
CA ALA A 196 -57.59 74.19 -59.91
C ALA A 196 -56.18 74.25 -60.46
N GLN A 197 -55.96 75.12 -61.46
CA GLN A 197 -54.61 75.28 -61.98
C GLN A 197 -53.66 75.76 -60.90
N LEU A 198 -54.09 76.72 -60.09
CA LEU A 198 -53.24 77.22 -59.03
C LEU A 198 -52.93 76.12 -58.01
N ARG A 199 -53.91 75.27 -57.70
CA ARG A 199 -53.69 74.14 -56.80
C ARG A 199 -52.58 73.23 -57.33
N GLN A 200 -52.68 72.90 -58.62
CA GLN A 200 -51.66 72.06 -59.23
C GLN A 200 -50.29 72.73 -59.18
N ALA A 201 -50.24 74.02 -59.48
CA ALA A 201 -48.97 74.74 -59.44
C ALA A 201 -48.38 74.76 -58.02
N GLU A 202 -49.23 74.91 -57.02
CA GLU A 202 -48.75 74.91 -55.64
C GLU A 202 -48.17 73.55 -55.26
N GLN A 203 -48.82 72.46 -55.68
CA GLN A 203 -48.25 71.14 -55.40
C GLN A 203 -46.91 70.97 -56.09
N ALA A 204 -46.81 71.43 -57.34
CA ALA A 204 -45.54 71.34 -58.04
C ALA A 204 -44.45 72.14 -57.33
N LEU A 205 -44.79 73.32 -56.82
CA LEU A 205 -43.82 74.15 -56.13
C LEU A 205 -43.36 73.49 -54.83
N ILE A 206 -44.28 72.85 -54.11
CA ILE A 206 -43.90 72.14 -52.89
C ILE A 206 -42.94 71.01 -53.22
N SER A 207 -43.20 70.28 -54.31
CA SER A 207 -42.29 69.23 -54.72
C SER A 207 -40.92 69.81 -55.08
N GLU A 208 -40.91 70.96 -55.75
CA GLU A 208 -39.64 71.59 -56.11
C GLU A 208 -38.85 71.97 -54.87
N GLN A 209 -39.52 72.49 -53.86
CA GLN A 209 -38.84 72.83 -52.61
C GLN A 209 -38.29 71.59 -51.92
N ARG A 210 -39.06 70.50 -51.93
CA ARG A 210 -38.56 69.25 -51.37
C ARG A 210 -37.28 68.83 -52.07
N ARG A 211 -37.27 68.91 -53.39
CA ARG A 211 -36.10 68.44 -54.13
C ARG A 211 -34.92 69.38 -53.94
N GLU A 212 -35.19 70.68 -53.76
CA GLU A 212 -34.11 71.60 -53.44
C GLU A 212 -33.46 71.24 -52.11
N ARG A 213 -34.28 70.94 -51.10
CA ARG A 213 -33.72 70.52 -49.83
C ARG A 213 -32.92 69.24 -49.96
N ASN A 214 -33.46 68.27 -50.70
CA ASN A 214 -32.75 67.02 -50.90
C ASN A 214 -31.42 67.23 -51.58
N MET A 215 -31.41 68.09 -52.61
CA MET A 215 -30.16 68.38 -53.35
C MET A 215 -29.16 69.06 -52.39
N ARG A 216 -29.64 69.97 -51.54
CA ARG A 216 -28.76 70.67 -50.62
C ARG A 216 -28.11 69.72 -49.63
N ILE A 217 -28.85 68.72 -49.15
CA ILE A 217 -28.26 67.76 -48.22
C ILE A 217 -27.22 66.90 -48.91
N LEU A 218 -27.50 66.43 -50.12
CA LEU A 218 -26.66 65.46 -50.80
C LEU A 218 -25.68 66.11 -51.78
N SER A 219 -25.55 67.42 -51.77
CA SER A 219 -24.71 68.09 -52.75
C SER A 219 -23.26 67.63 -52.63
N SER A 220 -22.62 67.41 -53.77
CA SER A 220 -21.22 67.02 -53.80
C SER A 220 -20.28 68.19 -53.54
N GLY A 221 -20.79 69.41 -53.52
CA GLY A 221 -19.96 70.54 -53.17
C GLY A 221 -19.71 70.70 -51.70
N ASN A 222 -20.38 69.92 -50.87
CA ASN A 222 -20.14 69.96 -49.43
C ASN A 222 -18.74 69.46 -49.13
N GLN A 223 -18.11 70.05 -48.12
CA GLN A 223 -16.73 69.74 -47.80
C GLN A 223 -16.52 69.31 -46.36
N GLY A 224 -17.56 69.28 -45.55
CA GLY A 224 -17.38 69.00 -44.15
C GLY A 224 -17.50 67.53 -43.81
N MET A 225 -17.01 67.19 -42.62
CA MET A 225 -17.15 65.85 -42.06
C MET A 225 -16.82 65.93 -40.58
N PRO A 226 -17.22 64.94 -39.79
CA PRO A 226 -16.89 64.97 -38.37
C PRO A 226 -15.39 64.90 -38.14
N THR A 227 -14.96 65.50 -37.04
CA THR A 227 -13.55 65.56 -36.68
C THR A 227 -13.28 64.65 -35.49
N ILE A 228 -12.17 63.92 -35.54
CA ILE A 228 -11.75 63.08 -34.43
C ILE A 228 -10.93 63.93 -33.47
N GLN A 229 -11.37 63.99 -32.22
CA GLN A 229 -10.69 64.79 -31.21
C GLN A 229 -10.75 64.11 -29.86
N GLN B 5 -33.59 -91.00 -27.94
CA GLN B 5 -32.39 -91.79 -27.68
C GLN B 5 -32.77 -93.20 -27.25
N PRO B 6 -33.14 -94.05 -28.22
CA PRO B 6 -33.59 -95.40 -27.89
C PRO B 6 -32.45 -96.41 -27.88
N LYS B 7 -32.82 -97.65 -27.56
CA LYS B 7 -31.91 -98.79 -27.48
C LYS B 7 -31.34 -99.12 -28.86
N PRO B 8 -30.37 -100.04 -28.95
CA PRO B 8 -29.83 -100.43 -30.25
C PRO B 8 -30.90 -100.88 -31.24
N VAL B 9 -30.48 -100.96 -32.51
CA VAL B 9 -31.36 -101.34 -33.62
C VAL B 9 -31.52 -102.84 -33.61
N LYS B 10 -32.54 -103.34 -34.32
CA LYS B 10 -32.71 -104.79 -34.47
C LYS B 10 -31.61 -105.35 -35.36
N ALA B 11 -30.80 -106.24 -34.78
CA ALA B 11 -29.66 -106.80 -35.51
C ALA B 11 -30.05 -107.88 -36.50
N GLU B 12 -31.25 -108.44 -36.38
CA GLU B 12 -31.68 -109.49 -37.30
C GLU B 12 -31.71 -109.01 -38.74
N GLN B 13 -31.89 -107.70 -38.96
CA GLN B 13 -31.94 -107.12 -40.30
C GLN B 13 -30.94 -105.96 -40.36
N LEU B 14 -29.68 -106.28 -40.66
CA LEU B 14 -28.74 -105.22 -41.03
C LEU B 14 -29.13 -104.62 -42.38
N LYS B 15 -29.37 -105.47 -43.37
CA LYS B 15 -29.59 -104.99 -44.73
C LYS B 15 -30.81 -104.07 -44.80
N SER B 16 -31.90 -104.45 -44.12
CA SER B 16 -33.10 -103.65 -44.17
C SER B 16 -32.88 -102.25 -43.62
N TYR B 17 -32.14 -102.14 -42.50
CA TYR B 17 -31.98 -100.86 -41.84
C TYR B 17 -31.31 -99.85 -42.77
N TYR B 18 -30.07 -100.10 -43.17
CA TYR B 18 -29.42 -99.12 -44.03
C TYR B 18 -29.90 -99.15 -45.47
N GLU B 19 -30.63 -100.18 -45.91
CA GLU B 19 -31.33 -100.08 -47.18
C GLU B 19 -32.40 -99.00 -47.12
N GLU B 20 -33.27 -99.07 -46.11
CA GLU B 20 -34.28 -98.02 -45.97
C GLU B 20 -33.61 -96.69 -45.63
N SER B 21 -32.43 -96.72 -45.02
CA SER B 21 -31.75 -95.47 -44.71
C SER B 21 -31.29 -94.76 -45.98
N ARG B 22 -30.68 -95.48 -46.91
CA ARG B 22 -30.31 -94.87 -48.18
C ARG B 22 -31.56 -94.42 -48.94
N GLY B 23 -32.62 -95.23 -48.91
CA GLY B 23 -33.85 -94.82 -49.54
C GLY B 23 -34.39 -93.52 -48.98
N LEU B 24 -34.41 -93.41 -47.65
CA LEU B 24 -34.89 -92.20 -46.99
C LEU B 24 -34.01 -91.01 -47.33
N GLU B 25 -32.69 -91.20 -47.38
CA GLU B 25 -31.82 -90.08 -47.70
C GLU B 25 -32.10 -89.55 -49.10
N ARG B 26 -32.21 -90.46 -50.07
CA ARG B 26 -32.50 -90.01 -51.43
C ARG B 26 -33.86 -89.33 -51.52
N ASP B 27 -34.87 -89.90 -50.87
CA ASP B 27 -36.22 -89.33 -50.91
C ASP B 27 -36.26 -87.97 -50.23
N LEU B 28 -35.54 -87.81 -49.11
CA LEU B 28 -35.49 -86.52 -48.43
C LEU B 28 -34.83 -85.46 -49.31
N ILE B 29 -33.71 -85.80 -49.95
CA ILE B 29 -33.06 -84.82 -50.81
C ILE B 29 -33.97 -84.43 -51.97
N GLY B 30 -34.62 -85.43 -52.59
CA GLY B 30 -35.54 -85.13 -53.68
C GLY B 30 -36.69 -84.25 -53.24
N GLU B 31 -37.27 -84.55 -52.07
CA GLU B 31 -38.40 -83.76 -51.62
C GLU B 31 -37.98 -82.36 -51.23
N PHE B 32 -36.74 -82.19 -50.76
CA PHE B 32 -36.32 -80.85 -50.39
C PHE B 32 -36.05 -80.00 -51.62
N VAL B 33 -35.46 -80.59 -52.67
CA VAL B 33 -35.26 -79.82 -53.89
C VAL B 33 -36.60 -79.50 -54.55
N LYS B 34 -37.56 -80.45 -54.49
CA LYS B 34 -38.88 -80.17 -55.05
C LYS B 34 -39.59 -79.08 -54.26
N SER B 35 -39.41 -79.06 -52.94
CA SER B 35 -40.00 -77.99 -52.14
C SER B 35 -39.39 -76.65 -52.50
N ARG B 36 -38.08 -76.59 -52.75
CA ARG B 36 -37.48 -75.35 -53.22
C ARG B 36 -38.07 -74.90 -54.56
N LYS B 37 -38.27 -75.85 -55.47
CA LYS B 37 -38.90 -75.52 -56.76
C LYS B 37 -40.27 -74.90 -56.55
N THR B 38 -41.12 -75.53 -55.72
CA THR B 38 -42.43 -74.96 -55.46
C THR B 38 -42.34 -73.62 -54.73
N ALA B 39 -41.28 -73.43 -53.94
CA ALA B 39 -41.12 -72.14 -53.26
C ALA B 39 -40.90 -71.02 -54.26
N TRP B 40 -39.97 -71.18 -55.20
CA TRP B 40 -39.85 -70.14 -56.21
C TRP B 40 -41.08 -70.04 -57.11
N ARG B 41 -41.77 -71.15 -57.36
CA ARG B 41 -42.98 -71.04 -58.17
C ARG B 41 -44.04 -70.20 -57.47
N ALA C 33 -133.69 117.54 -91.34
CA ALA C 33 -133.41 117.73 -89.93
C ALA C 33 -133.30 116.40 -89.20
N LEU C 34 -134.28 115.51 -89.40
CA LEU C 34 -134.20 114.18 -88.80
C LEU C 34 -133.00 113.42 -89.37
N ASP C 35 -132.80 113.52 -90.68
CA ASP C 35 -131.67 112.86 -91.31
C ASP C 35 -130.36 113.39 -90.77
N PHE C 36 -130.26 114.71 -90.58
CA PHE C 36 -129.01 115.25 -90.07
C PHE C 36 -128.78 114.82 -88.64
N VAL C 37 -129.85 114.70 -87.85
CA VAL C 37 -129.67 114.22 -86.48
C VAL C 37 -129.10 112.80 -86.50
N GLN C 38 -129.63 111.94 -87.36
CA GLN C 38 -129.11 110.58 -87.44
C GLN C 38 -127.65 110.58 -87.89
N GLN C 39 -127.31 111.40 -88.88
CA GLN C 39 -125.94 111.46 -89.37
C GLN C 39 -124.99 111.96 -88.28
N PHE C 40 -125.45 112.92 -87.49
CA PHE C 40 -124.64 113.42 -86.39
C PHE C 40 -124.40 112.34 -85.35
N ALA C 41 -125.42 111.54 -85.08
CA ALA C 41 -125.24 110.43 -84.14
C ALA C 41 -124.19 109.44 -84.65
N ARG C 42 -124.26 109.12 -85.93
CA ARG C 42 -123.30 108.13 -86.50
C ARG C 42 -121.90 108.73 -86.50
N MET C 43 -121.76 110.04 -86.76
CA MET C 43 -120.43 110.65 -86.68
C MET C 43 -119.90 110.62 -85.25
N LYS C 44 -120.78 110.84 -84.27
CA LYS C 44 -120.34 110.71 -82.88
C LYS C 44 -119.82 109.31 -82.62
N GLU C 45 -120.52 108.30 -83.12
CA GLU C 45 -120.09 106.93 -82.83
C GLU C 45 -118.77 106.61 -83.54
N GLN C 46 -118.59 107.13 -84.75
CA GLN C 46 -117.30 106.98 -85.43
C GLN C 46 -116.17 107.63 -84.65
N LEU C 47 -116.42 108.84 -84.13
CA LEU C 47 -115.41 109.52 -83.35
C LEU C 47 -115.07 108.75 -82.09
N ASP C 48 -116.08 108.18 -81.43
CA ASP C 48 -115.82 107.39 -80.24
C ASP C 48 -114.98 106.17 -80.57
N THR C 49 -115.28 105.50 -81.68
CA THR C 49 -114.47 104.35 -82.07
C THR C 49 -113.04 104.75 -82.38
N ALA C 50 -112.86 105.88 -83.05
CA ALA C 50 -111.50 106.34 -83.34
C ALA C 50 -110.74 106.65 -82.07
N LYS C 51 -111.40 107.28 -81.09
CA LYS C 51 -110.74 107.55 -79.83
C LYS C 51 -110.40 106.27 -79.09
N ASP C 52 -111.26 105.27 -79.18
CA ASP C 52 -110.95 103.98 -78.58
C ASP C 52 -109.72 103.36 -79.22
N GLN C 53 -109.62 103.45 -80.55
CA GLN C 53 -108.42 102.95 -81.22
C GLN C 53 -107.18 103.69 -80.77
N LEU C 54 -107.29 105.01 -80.61
CA LEU C 54 -106.15 105.78 -80.16
C LEU C 54 -105.72 105.37 -78.76
N ALA C 55 -106.68 105.16 -77.86
CA ALA C 55 -106.35 104.71 -76.52
C ALA C 55 -105.69 103.35 -76.56
N GLU C 56 -106.17 102.47 -77.44
CA GLU C 56 -105.59 101.15 -77.57
C GLU C 56 -104.14 101.23 -78.04
N ALA C 57 -103.88 102.05 -79.05
CA ALA C 57 -102.52 102.19 -79.55
C ALA C 57 -101.59 102.78 -78.50
N GLN C 58 -102.06 103.78 -77.77
CA GLN C 58 -101.25 104.36 -76.71
C GLN C 58 -100.95 103.33 -75.64
N ARG C 59 -101.97 102.54 -75.28
CA ARG C 59 -101.79 101.48 -74.24
C ARG C 59 -100.70 100.50 -74.70
N MET C 60 -100.74 100.09 -75.97
CA MET C 60 -99.77 99.11 -76.44
C MET C 60 -98.38 99.71 -76.48
N TYR C 61 -98.27 100.98 -76.86
CA TYR C 61 -96.97 101.64 -76.82
C TYR C 61 -96.42 101.69 -75.41
N GLU C 62 -97.28 102.00 -74.43
CA GLU C 62 -96.82 101.96 -73.04
C GLU C 62 -96.41 100.55 -72.63
N ALA C 63 -97.07 99.54 -73.18
CA ALA C 63 -96.72 98.16 -72.85
C ALA C 63 -95.39 97.77 -73.45
N VAL C 64 -94.98 98.39 -74.54
CA VAL C 64 -93.73 98.04 -75.20
C VAL C 64 -92.55 98.84 -74.65
N THR C 65 -92.75 100.13 -74.42
CA THR C 65 -91.66 101.02 -74.02
C THR C 65 -91.71 101.31 -72.53
N GLY C 66 -90.61 101.86 -72.01
CA GLY C 66 -90.48 102.23 -70.62
C GLY C 66 -89.52 101.31 -69.90
N GLY C 67 -89.31 101.59 -68.62
CA GLY C 67 -88.48 100.76 -67.78
C GLY C 67 -89.31 100.04 -66.73
N ARG C 68 -89.03 98.76 -66.51
CA ARG C 68 -89.86 97.93 -65.66
C ARG C 68 -89.19 97.56 -64.34
N GLY C 69 -87.97 98.06 -64.14
CA GLY C 69 -87.31 97.82 -62.83
C GLY C 69 -86.83 96.40 -62.70
N LEU C 70 -87.13 95.54 -63.68
CA LEU C 70 -86.55 94.17 -63.64
C LEU C 70 -85.05 94.36 -63.80
N GLY C 71 -84.24 93.62 -63.04
CA GLY C 71 -82.79 93.89 -63.01
C GLY C 71 -82.55 94.81 -61.83
N ASP C 72 -81.32 94.87 -61.29
CA ASP C 72 -81.10 95.65 -60.04
C ASP C 72 -81.98 95.02 -58.96
N LEU C 73 -82.27 93.71 -59.09
CA LEU C 73 -83.12 92.98 -58.11
C LEU C 73 -82.37 91.69 -57.75
N MET C 74 -82.36 91.30 -56.47
CA MET C 74 -81.57 90.12 -56.02
C MET C 74 -80.11 90.38 -56.39
N ARG C 75 -79.81 91.58 -56.90
CA ARG C 75 -78.43 91.95 -57.28
C ARG C 75 -77.57 92.16 -56.03
N ASN C 76 -78.19 92.45 -54.88
CA ASN C 76 -77.39 92.74 -53.70
C ASN C 76 -76.80 91.50 -53.08
N ALA C 77 -77.23 90.32 -53.50
CA ALA C 77 -76.66 89.08 -52.98
C ALA C 77 -75.22 88.94 -53.45
N GLN C 78 -74.27 89.19 -52.55
CA GLN C 78 -72.86 89.22 -52.92
C GLN C 78 -72.35 87.79 -52.94
N LEU C 79 -72.62 87.10 -54.04
CA LEU C 79 -72.17 85.73 -54.21
C LEU C 79 -70.72 85.63 -54.64
N ARG C 80 -70.10 86.74 -55.02
CA ARG C 80 -68.68 86.72 -55.33
C ARG C 80 -67.81 86.59 -54.09
N GLU C 81 -68.39 86.73 -52.89
CA GLU C 81 -67.66 86.60 -51.65
C GLU C 81 -67.40 85.16 -51.27
N TYR C 82 -67.96 84.21 -52.00
CA TYR C 82 -67.76 82.80 -51.72
C TYR C 82 -66.61 82.20 -52.51
N LEU C 83 -65.89 83.02 -53.27
CA LEU C 83 -64.68 82.64 -53.98
C LEU C 83 -63.59 83.65 -53.64
N PRO C 84 -62.32 83.24 -53.69
CA PRO C 84 -61.25 84.14 -53.28
C PRO C 84 -61.23 85.42 -54.10
N ASP C 85 -60.89 86.53 -53.45
CA ASP C 85 -60.80 87.80 -54.15
C ASP C 85 -59.57 87.84 -55.05
N ASP C 86 -58.41 87.49 -54.50
CA ASP C 86 -57.18 87.41 -55.28
C ASP C 86 -56.47 86.13 -54.90
N LEU C 87 -55.77 85.54 -55.86
CA LEU C 87 -55.16 84.24 -55.64
C LEU C 87 -53.71 84.30 -55.18
N ARG C 88 -53.11 85.48 -55.09
CA ARG C 88 -51.76 85.56 -54.54
C ARG C 88 -51.73 85.08 -53.10
N THR C 89 -52.71 85.49 -52.31
CA THR C 89 -52.72 85.27 -50.87
C THR C 89 -53.66 84.16 -50.46
N VAL C 90 -54.11 83.32 -51.40
CA VAL C 90 -55.06 82.27 -51.05
C VAL C 90 -54.40 81.22 -50.16
N TYR C 91 -53.09 81.02 -50.30
CA TYR C 91 -52.40 80.02 -49.52
C TYR C 91 -51.74 80.59 -48.26
N ASP C 92 -51.91 81.89 -48.02
CA ASP C 92 -51.51 82.51 -46.77
C ASP C 92 -52.69 82.77 -45.86
N SER C 93 -53.86 82.22 -46.19
CA SER C 93 -55.08 82.56 -45.48
C SER C 93 -55.11 82.00 -44.07
N ALA C 94 -54.48 80.84 -43.84
CA ALA C 94 -54.56 80.20 -42.53
C ALA C 94 -53.97 81.08 -41.44
N ASN C 95 -52.82 81.70 -41.71
CA ASN C 95 -52.13 82.50 -40.71
C ASN C 95 -52.88 83.78 -40.40
N GLY C 96 -53.81 84.17 -41.25
CA GLY C 96 -54.45 85.46 -41.16
C GLY C 96 -54.23 86.25 -42.42
N GLY C 97 -55.20 87.09 -42.76
CA GLY C 97 -55.17 87.75 -44.04
C GLY C 97 -55.50 86.75 -45.14
N GLY C 98 -55.15 87.13 -46.36
CA GLY C 98 -55.50 86.30 -47.49
C GLY C 98 -57.00 86.24 -47.69
N TYR C 99 -57.58 85.07 -47.40
CA TYR C 99 -59.05 84.90 -47.55
C TYR C 99 -59.65 84.65 -46.16
N SER C 100 -60.37 85.63 -45.62
CA SER C 100 -60.92 85.52 -44.24
C SER C 100 -61.92 84.37 -44.12
N GLY C 101 -62.78 84.17 -45.12
CA GLY C 101 -63.83 83.15 -44.97
C GLY C 101 -63.24 81.74 -44.82
N ILE C 102 -62.26 81.39 -45.66
CA ILE C 102 -61.57 80.08 -45.50
C ILE C 102 -60.69 80.04 -44.25
N SER C 103 -60.05 81.16 -43.89
CA SER C 103 -59.11 81.18 -42.73
C SER C 103 -59.66 80.34 -41.57
N GLY C 104 -60.88 80.63 -41.10
CA GLY C 104 -61.48 79.87 -40.02
C GLY C 104 -61.66 78.40 -40.37
N SER C 105 -62.14 78.13 -41.59
CA SER C 105 -62.34 76.74 -42.00
C SER C 105 -61.02 75.98 -42.03
N ILE C 106 -59.95 76.60 -42.51
CA ILE C 106 -58.64 75.95 -42.57
C ILE C 106 -58.17 75.59 -41.18
N ASN C 107 -58.30 76.52 -40.25
CA ASN C 107 -57.86 76.20 -38.89
C ASN C 107 -58.64 75.03 -38.33
N ASP C 108 -59.96 75.00 -38.54
CA ASP C 108 -60.75 73.88 -38.07
C ASP C 108 -60.32 72.56 -38.72
N ILE C 109 -60.08 72.58 -40.03
CA ILE C 109 -59.71 71.36 -40.74
C ILE C 109 -58.37 70.85 -40.25
N LEU C 110 -57.39 71.74 -40.13
CA LEU C 110 -56.07 71.33 -39.66
C LEU C 110 -56.13 70.77 -38.25
N ARG C 111 -56.97 71.36 -37.41
CA ARG C 111 -57.19 70.79 -36.08
C ARG C 111 -57.77 69.39 -36.16
N ASP C 112 -58.72 69.17 -37.07
CA ASP C 112 -59.40 67.89 -37.11
C ASP C 112 -58.60 66.81 -37.83
N GLU C 113 -57.57 67.18 -38.58
CA GLU C 113 -56.81 66.19 -39.34
C GLU C 113 -55.63 65.62 -38.56
N ARG C 114 -55.45 66.01 -37.31
CA ARG C 114 -54.34 65.51 -36.51
C ARG C 114 -54.75 64.20 -35.84
N LEU C 115 -53.91 63.18 -36.01
CA LEU C 115 -54.23 61.85 -35.55
C LEU C 115 -53.97 61.71 -34.06
N ASN C 116 -54.82 60.93 -33.40
CA ASN C 116 -54.72 60.66 -31.98
C ASN C 116 -54.90 59.17 -31.74
N GLY C 117 -54.40 58.70 -30.61
CA GLY C 117 -54.53 57.31 -30.24
C GLY C 117 -53.31 56.51 -30.64
N SER C 118 -53.43 55.19 -30.47
CA SER C 118 -52.34 54.30 -30.81
C SER C 118 -52.13 54.27 -32.31
N VAL C 119 -50.93 53.83 -32.71
CA VAL C 119 -50.57 53.80 -34.12
C VAL C 119 -51.45 52.81 -34.88
N ALA C 120 -51.86 51.73 -34.24
CA ALA C 120 -52.77 50.78 -34.89
C ALA C 120 -54.11 51.42 -35.20
N ASP C 121 -54.65 52.19 -34.26
CA ASP C 121 -55.88 52.93 -34.52
C ASP C 121 -55.70 53.91 -35.66
N MET C 122 -54.54 54.55 -35.73
CA MET C 122 -54.23 55.44 -36.84
C MET C 122 -54.28 54.69 -38.16
N ARG C 123 -53.73 53.48 -38.18
CA ARG C 123 -53.71 52.68 -39.40
C ARG C 123 -55.13 52.33 -39.83
N ARG C 124 -55.94 51.86 -38.89
CA ARG C 124 -57.31 51.49 -39.23
C ARG C 124 -58.10 52.69 -39.72
N SER C 125 -57.94 53.84 -39.07
CA SER C 125 -58.63 55.05 -39.50
C SER C 125 -58.22 55.44 -40.91
N ILE C 126 -56.92 55.38 -41.21
CA ILE C 126 -56.46 55.79 -42.53
C ILE C 126 -56.98 54.84 -43.62
N GLU C 127 -56.93 53.53 -43.37
CA GLU C 127 -57.44 52.60 -44.36
C GLU C 127 -58.94 52.79 -44.58
N GLU C 128 -59.69 53.00 -43.50
CA GLU C 128 -61.11 53.26 -43.65
C GLU C 128 -61.37 54.52 -44.46
N ARG C 129 -60.59 55.59 -44.20
CA ARG C 129 -60.77 56.80 -44.98
C ARG C 129 -60.51 56.56 -46.45
N SER C 130 -59.46 55.82 -46.78
CA SER C 130 -59.14 55.58 -48.18
C SER C 130 -60.27 54.83 -48.89
N ARG C 131 -60.72 53.73 -48.29
CA ARG C 131 -61.79 52.94 -48.91
C ARG C 131 -63.06 53.75 -49.04
N THR C 132 -63.43 54.47 -47.97
CA THR C 132 -64.66 55.25 -47.99
C THR C 132 -64.57 56.37 -49.01
N ALA C 133 -63.40 56.96 -49.19
CA ALA C 133 -63.25 58.03 -50.17
C ALA C 133 -63.46 57.51 -51.58
N ALA C 134 -62.87 56.36 -51.90
CA ALA C 134 -63.08 55.80 -53.23
C ALA C 134 -64.55 55.49 -53.47
N ALA C 135 -65.19 54.85 -52.48
CA ALA C 135 -66.59 54.49 -52.64
C ALA C 135 -67.48 55.72 -52.75
N THR C 136 -67.17 56.77 -51.98
CA THR C 136 -67.96 57.99 -52.03
C THR C 136 -67.84 58.66 -53.39
N ASP C 137 -66.63 58.70 -53.94
CA ASP C 137 -66.45 59.25 -55.28
C ASP C 137 -67.34 58.51 -56.27
N LYS C 138 -67.29 57.18 -56.24
CA LYS C 138 -68.09 56.41 -57.18
C LYS C 138 -69.57 56.68 -57.02
N ALA C 139 -70.06 56.65 -55.77
CA ALA C 139 -71.49 56.81 -55.53
C ALA C 139 -71.99 58.18 -55.95
N VAL C 140 -71.21 59.22 -55.65
CA VAL C 140 -71.59 60.57 -56.06
C VAL C 140 -71.68 60.65 -57.57
N GLY C 141 -70.69 60.08 -58.27
CA GLY C 141 -70.75 60.10 -59.72
C GLY C 141 -71.99 59.42 -60.27
N LEU C 142 -72.33 58.25 -59.73
CA LEU C 142 -73.47 57.49 -60.22
C LEU C 142 -74.77 58.26 -60.03
N ARG C 143 -75.00 58.76 -58.81
CA ARG C 143 -76.25 59.47 -58.56
C ARG C 143 -76.33 60.75 -59.40
N ALA C 144 -75.21 61.44 -59.56
CA ALA C 144 -75.21 62.64 -60.38
C ALA C 144 -75.56 62.31 -61.81
N TYR C 145 -75.09 61.17 -62.33
CA TYR C 145 -75.42 60.79 -63.70
C TYR C 145 -76.90 60.52 -63.85
N GLU C 146 -77.50 59.86 -62.85
CA GLU C 146 -78.95 59.68 -62.88
C GLU C 146 -79.66 61.03 -62.96
N GLY C 147 -79.22 61.98 -62.14
CA GLY C 147 -79.81 63.31 -62.20
C GLY C 147 -79.64 63.96 -63.55
N ALA C 148 -78.49 63.76 -64.19
CA ALA C 148 -78.24 64.34 -65.50
C ALA C 148 -79.19 63.78 -66.55
N GLN C 149 -79.45 62.47 -66.49
CA GLN C 149 -80.41 61.88 -67.42
C GLN C 149 -81.80 62.46 -67.21
N GLN C 150 -82.22 62.62 -65.96
CA GLN C 150 -83.51 63.25 -65.72
C GLN C 150 -83.55 64.69 -66.22
N ARG C 151 -82.39 65.35 -66.12
CA ARG C 151 -82.27 66.75 -66.63
C ARG C 151 -82.49 66.74 -68.15
N LEU C 152 -81.93 65.76 -68.86
CA LEU C 152 -82.14 65.65 -70.30
C LEU C 152 -83.62 65.46 -70.61
N ALA C 153 -84.29 64.60 -69.85
CA ALA C 153 -85.73 64.43 -70.06
C ALA C 153 -86.48 65.74 -69.89
N GLN C 154 -86.10 66.53 -68.88
CA GLN C 154 -86.76 67.82 -68.65
C GLN C 154 -86.53 68.77 -69.82
N ILE C 155 -85.31 68.82 -70.35
CA ILE C 155 -85.02 69.70 -71.49
C ILE C 155 -85.86 69.29 -72.69
N GLU C 156 -85.96 67.98 -72.94
CA GLU C 156 -86.79 67.51 -74.04
C GLU C 156 -88.24 67.92 -73.84
N GLY C 157 -88.72 67.87 -72.60
CA GLY C 157 -90.08 68.33 -72.35
C GLY C 157 -90.27 69.81 -72.66
N LEU C 158 -89.28 70.63 -72.29
CA LEU C 158 -89.38 72.09 -72.56
C LEU C 158 -89.51 72.32 -74.07
N MET C 159 -88.82 71.54 -74.89
CA MET C 159 -88.89 71.71 -76.36
C MET C 159 -90.23 71.19 -76.89
N ASP C 160 -90.88 70.26 -76.17
CA ASP C 160 -92.24 69.82 -76.60
C ASP C 160 -93.18 71.02 -76.45
N GLU C 161 -93.01 71.80 -75.37
CA GLU C 161 -93.85 73.02 -75.14
C GLU C 161 -93.58 74.04 -76.26
N ILE C 162 -92.33 74.12 -76.74
CA ILE C 162 -91.97 75.16 -77.76
C ILE C 162 -92.83 74.96 -79.02
N SER C 163 -93.13 73.73 -79.39
CA SER C 163 -93.93 73.45 -80.61
C SER C 163 -95.34 74.03 -80.48
N ARG C 164 -95.95 73.95 -79.29
CA ARG C 164 -97.38 74.38 -79.14
C ARG C 164 -97.50 75.88 -78.80
N THR C 165 -96.41 76.63 -78.71
CA THR C 165 -96.52 78.06 -78.30
C THR C 165 -97.36 78.83 -79.33
N GLN C 166 -98.21 79.75 -78.86
CA GLN C 166 -99.14 80.46 -79.80
C GLN C 166 -98.86 81.96 -79.82
N ASP C 167 -98.97 82.67 -78.70
CA ASP C 167 -98.80 84.11 -78.72
C ASP C 167 -97.32 84.43 -78.58
N GLN C 168 -97.00 85.71 -78.66
CA GLN C 168 -95.62 86.12 -78.49
C GLN C 168 -95.19 86.10 -77.04
N LYS C 169 -96.09 86.51 -76.13
CA LYS C 169 -95.77 86.48 -74.72
C LYS C 169 -95.44 85.07 -74.25
N ALA C 170 -96.18 84.09 -74.78
CA ALA C 170 -95.94 82.70 -74.38
C ALA C 170 -94.54 82.24 -74.76
N ILE C 171 -94.13 82.53 -76.00
CA ILE C 171 -92.81 82.07 -76.44
C ILE C 171 -91.71 82.86 -75.74
N GLU C 172 -91.94 84.12 -75.40
CA GLU C 172 -90.92 84.85 -74.65
C GLU C 172 -90.78 84.30 -73.24
N GLU C 173 -91.89 83.95 -72.59
CA GLU C 173 -91.79 83.29 -71.29
C GLU C 173 -91.08 81.95 -71.41
N LEU C 174 -91.33 81.21 -72.48
CA LEU C 174 -90.65 79.94 -72.64
C LEU C 174 -89.16 80.12 -72.87
N GLN C 175 -88.78 81.16 -73.61
CA GLN C 175 -87.37 81.44 -73.78
C GLN C 175 -86.70 81.75 -72.46
N ALA C 176 -87.35 82.55 -71.61
CA ALA C 176 -86.75 82.88 -70.33
C ALA C 176 -86.71 81.65 -69.41
N ARG C 177 -87.72 80.78 -69.52
CA ARG C 177 -87.69 79.52 -68.77
C ARG C 177 -86.51 78.64 -69.20
N ILE C 178 -86.28 78.52 -70.50
CA ILE C 178 -85.16 77.72 -70.98
C ILE C 178 -83.84 78.35 -70.56
N ALA C 179 -83.78 79.68 -70.53
CA ALA C 179 -82.58 80.35 -70.05
C ALA C 179 -82.32 80.03 -68.59
N GLY C 180 -83.36 80.04 -67.77
CA GLY C 180 -83.19 79.64 -66.38
C GLY C 180 -82.75 78.19 -66.26
N GLU C 181 -83.24 77.34 -67.15
CA GLU C 181 -82.84 75.93 -67.13
C GLU C 181 -81.35 75.80 -67.45
N GLN C 182 -80.87 76.58 -68.42
CA GLN C 182 -79.44 76.63 -68.72
C GLN C 182 -78.65 77.11 -67.53
N ALA C 183 -79.17 78.11 -66.81
CA ALA C 183 -78.49 78.59 -65.62
C ALA C 183 -78.38 77.49 -64.57
N ALA C 184 -79.43 76.68 -64.43
CA ALA C 184 -79.38 75.57 -63.50
C ALA C 184 -78.31 74.55 -63.89
N ILE C 185 -78.21 74.24 -65.19
CA ILE C 185 -77.18 73.30 -65.61
C ILE C 185 -75.78 73.89 -65.40
N GLN C 186 -75.63 75.19 -65.62
CA GLN C 186 -74.38 75.88 -65.27
C GLN C 186 -74.04 75.69 -63.80
N ASN C 187 -75.03 75.84 -62.94
CA ASN C 187 -74.81 75.68 -61.51
C ASN C 187 -74.35 74.27 -61.19
N GLU C 188 -74.96 73.28 -61.84
CA GLU C 188 -74.52 71.90 -61.63
C GLU C 188 -73.09 71.69 -62.11
N THR C 189 -72.70 72.34 -63.21
CA THR C 189 -71.32 72.25 -63.66
C THR C 189 -70.36 72.79 -62.62
N THR C 190 -70.69 73.96 -62.06
CA THR C 190 -69.84 74.52 -61.01
C THR C 190 -69.77 73.59 -59.80
N LYS C 191 -70.91 73.00 -59.43
CA LYS C 191 -70.92 72.08 -58.30
C LYS C 191 -70.05 70.87 -58.56
N LEU C 192 -70.06 70.34 -59.78
CA LEU C 192 -69.21 69.20 -60.10
C LEU C 192 -67.73 69.58 -60.03
N GLN C 193 -67.38 70.78 -60.50
CA GLN C 193 -66.00 71.23 -60.36
C GLN C 193 -65.60 71.29 -58.90
N MET C 194 -66.48 71.80 -58.06
CA MET C 194 -66.21 71.92 -56.64
C MET C 194 -66.04 70.54 -56.00
N ILE C 195 -66.87 69.59 -56.44
CA ILE C 195 -66.77 68.20 -55.92
C ILE C 195 -65.41 67.61 -56.31
N ALA C 196 -64.96 67.84 -57.56
CA ALA C 196 -63.67 67.32 -57.97
C ALA C 196 -62.53 67.91 -57.15
N GLN C 197 -62.59 69.22 -56.89
CA GLN C 197 -61.57 69.83 -56.04
C GLN C 197 -61.58 69.22 -54.65
N LEU C 198 -62.78 69.00 -54.10
CA LEU C 198 -62.86 68.40 -52.77
C LEU C 198 -62.29 66.99 -52.76
N ARG C 199 -62.54 66.23 -53.83
CA ARG C 199 -61.98 64.89 -53.95
C ARG C 199 -60.46 64.93 -53.89
N GLN C 200 -59.87 65.84 -54.67
CA GLN C 200 -58.42 65.98 -54.67
C GLN C 200 -57.91 66.37 -53.28
N ALA C 201 -58.59 67.31 -52.62
CA ALA C 201 -58.18 67.72 -51.29
C ALA C 201 -58.26 66.56 -50.30
N GLU C 202 -59.29 65.73 -50.41
CA GLU C 202 -59.42 64.59 -49.52
C GLU C 202 -58.29 63.60 -49.72
N GLN C 203 -57.91 63.35 -50.97
CA GLN C 203 -56.78 62.44 -51.21
C GLN C 203 -55.50 63.02 -50.63
N ALA C 204 -55.29 64.33 -50.80
CA ALA C 204 -54.11 64.96 -50.21
C ALA C 204 -54.10 64.83 -48.70
N LEU C 205 -55.26 65.01 -48.06
CA LEU C 205 -55.34 64.90 -46.62
C LEU C 205 -55.05 63.48 -46.14
N ILE C 206 -55.54 62.48 -46.88
CA ILE C 206 -55.23 61.10 -46.50
C ILE C 206 -53.73 60.85 -46.60
N SER C 207 -53.10 61.37 -47.65
CA SER C 207 -51.65 61.23 -47.76
C SER C 207 -50.93 61.92 -46.60
N GLU C 208 -51.43 63.08 -46.20
CA GLU C 208 -50.83 63.80 -45.08
C GLU C 208 -50.94 62.99 -43.79
N GLN C 209 -52.09 62.36 -43.57
CA GLN C 209 -52.25 61.53 -42.38
C GLN C 209 -51.32 60.32 -42.43
N ARG C 210 -51.16 59.71 -43.60
CA ARG C 210 -50.22 58.61 -43.73
C ARG C 210 -48.82 59.05 -43.33
N ARG C 211 -48.41 60.22 -43.82
CA ARG C 211 -47.05 60.68 -43.54
C ARG C 211 -46.89 61.09 -42.09
N GLU C 212 -47.95 61.60 -41.47
CA GLU C 212 -47.89 61.87 -40.04
C GLU C 212 -47.68 60.59 -39.25
N ARG C 213 -48.39 59.52 -39.59
CA ARG C 213 -48.18 58.25 -38.92
C ARG C 213 -46.76 57.75 -39.14
N ASN C 214 -46.27 57.83 -40.37
CA ASN C 214 -44.91 57.39 -40.66
C ASN C 214 -43.90 58.16 -39.85
N MET C 215 -44.09 59.48 -39.77
CA MET C 215 -43.15 60.34 -39.00
C MET C 215 -43.21 59.94 -37.52
N ARG C 216 -44.40 59.66 -37.01
CA ARG C 216 -44.54 59.30 -35.60
C ARG C 216 -43.83 57.99 -35.28
N ILE C 217 -43.87 57.03 -36.20
CA ILE C 217 -43.18 55.77 -35.94
C ILE C 217 -41.67 55.96 -35.96
N LEU C 218 -41.17 56.73 -36.92
CA LEU C 218 -39.74 56.85 -37.14
C LEU C 218 -39.13 58.08 -36.48
N SER C 219 -39.87 58.77 -35.62
CA SER C 219 -39.37 60.00 -35.03
C SER C 219 -38.11 59.74 -34.21
N SER C 220 -37.14 60.64 -34.35
CA SER C 220 -35.91 60.54 -33.57
C SER C 220 -36.09 60.99 -32.13
N GLY C 221 -37.22 61.58 -31.78
CA GLY C 221 -37.48 61.92 -30.41
C GLY C 221 -37.90 60.78 -29.54
N ASN C 222 -38.16 59.61 -30.14
CA ASN C 222 -38.50 58.44 -29.36
C ASN C 222 -37.32 58.00 -28.53
N GLN C 223 -37.59 57.49 -27.33
CA GLN C 223 -36.55 57.14 -26.39
C GLN C 223 -36.62 55.70 -25.90
N GLY C 224 -37.60 54.93 -26.34
CA GLY C 224 -37.78 53.60 -25.81
C GLY C 224 -37.05 52.54 -26.60
N MET C 225 -36.90 51.38 -25.96
CA MET C 225 -36.34 50.20 -26.61
C MET C 225 -36.67 49.00 -25.72
N PRO C 226 -36.59 47.78 -26.26
CA PRO C 226 -36.86 46.61 -25.44
C PRO C 226 -35.86 46.47 -24.31
N THR C 227 -36.30 45.87 -23.22
CA THR C 227 -35.49 45.68 -22.03
C THR C 227 -35.13 44.21 -21.88
N ILE C 228 -33.87 43.95 -21.52
CA ILE C 228 -33.43 42.59 -21.25
C ILE C 228 -33.73 42.26 -19.80
N GLN C 229 -34.50 41.21 -19.58
CA GLN C 229 -34.87 40.81 -18.23
C GLN C 229 -34.95 39.29 -18.11
N SER D 16 -48.82 -92.47 -37.63
CA SER D 16 -48.11 -91.18 -37.69
C SER D 16 -47.17 -91.03 -36.48
N TYR D 17 -47.59 -91.50 -35.31
CA TYR D 17 -46.77 -91.35 -34.06
C TYR D 17 -45.44 -92.09 -34.23
N TYR D 18 -45.45 -93.27 -34.87
CA TYR D 18 -44.21 -94.04 -35.08
C TYR D 18 -43.25 -93.23 -35.96
N GLU D 19 -43.79 -92.57 -37.00
CA GLU D 19 -42.95 -91.71 -37.88
C GLU D 19 -42.40 -90.53 -37.07
N GLU D 20 -43.20 -89.98 -36.16
CA GLU D 20 -42.78 -88.77 -35.37
C GLU D 20 -41.53 -89.09 -34.53
N SER D 21 -41.45 -90.29 -33.95
CA SER D 21 -40.25 -90.70 -33.17
C SER D 21 -38.98 -90.19 -33.87
N ARG D 22 -38.14 -89.42 -33.18
CA ARG D 22 -36.93 -88.80 -33.80
C ARG D 22 -36.11 -89.80 -34.64
N GLY D 23 -35.61 -89.33 -35.79
CA GLY D 23 -34.84 -90.17 -36.72
C GLY D 23 -34.78 -89.44 -38.06
N LEU D 24 -34.03 -89.97 -39.03
CA LEU D 24 -33.98 -89.34 -40.38
C LEU D 24 -35.39 -89.39 -41.00
N GLU D 25 -36.18 -90.42 -40.66
CA GLU D 25 -37.52 -90.58 -41.22
C GLU D 25 -38.48 -89.58 -40.60
N ARG D 26 -38.32 -89.30 -39.31
CA ARG D 26 -39.14 -88.29 -38.66
C ARG D 26 -38.91 -86.92 -39.29
N ASP D 27 -37.65 -86.58 -39.58
CA ASP D 27 -37.37 -85.31 -40.24
C ASP D 27 -38.04 -85.24 -41.60
N LEU D 28 -37.99 -86.33 -42.36
CA LEU D 28 -38.64 -86.36 -43.67
C LEU D 28 -40.14 -86.14 -43.55
N ILE D 29 -40.79 -86.84 -42.62
CA ILE D 29 -42.23 -86.74 -42.49
C ILE D 29 -42.63 -85.35 -42.03
N GLY D 30 -41.95 -84.84 -41.01
CA GLY D 30 -42.23 -83.49 -40.55
C GLY D 30 -42.00 -82.47 -41.64
N GLU D 31 -40.99 -82.70 -42.49
CA GLU D 31 -40.73 -81.78 -43.58
C GLU D 31 -41.89 -81.76 -44.57
N PHE D 32 -42.41 -82.93 -44.95
CA PHE D 32 -43.41 -82.79 -46.00
C PHE D 32 -44.73 -82.31 -45.41
N VAL D 33 -44.99 -82.58 -44.12
CA VAL D 33 -46.24 -82.05 -43.56
C VAL D 33 -46.13 -80.55 -43.36
N LYS D 34 -44.94 -80.03 -43.05
CA LYS D 34 -44.75 -78.59 -43.03
C LYS D 34 -44.99 -78.00 -44.42
N SER D 35 -44.49 -78.68 -45.46
CA SER D 35 -44.79 -78.22 -46.82
C SER D 35 -46.28 -78.28 -47.12
N ARG D 36 -46.96 -79.31 -46.65
CA ARG D 36 -48.40 -79.43 -46.91
C ARG D 36 -49.16 -78.31 -46.23
N LYS D 37 -48.82 -77.97 -44.99
CA LYS D 37 -49.56 -76.88 -44.36
C LYS D 37 -49.17 -75.53 -44.92
N THR D 38 -47.96 -75.37 -45.46
CA THR D 38 -47.67 -74.17 -46.24
C THR D 38 -48.55 -74.11 -47.49
N ALA D 39 -48.74 -75.24 -48.15
CA ALA D 39 -49.63 -75.26 -49.32
C ALA D 39 -51.04 -74.90 -48.93
N TRP D 40 -51.53 -75.44 -47.82
CA TRP D 40 -52.87 -75.09 -47.36
C TRP D 40 -52.96 -73.60 -47.03
N ARG D 41 -51.93 -73.04 -46.41
CA ARG D 41 -51.95 -71.63 -46.08
C ARG D 41 -51.99 -70.76 -47.34
N VAL D 42 -51.15 -71.08 -48.32
CA VAL D 42 -51.11 -70.25 -49.52
C VAL D 42 -52.39 -70.43 -50.33
N ALA D 43 -52.92 -71.65 -50.42
CA ALA D 43 -54.18 -71.86 -51.12
C ALA D 43 -55.31 -71.11 -50.43
N ALA E 33 -133.11 112.37 -100.40
CA ALA E 33 -133.54 111.28 -99.53
C ALA E 33 -132.85 109.97 -99.92
N LEU E 34 -132.90 109.62 -101.21
CA LEU E 34 -132.20 108.43 -101.68
C LEU E 34 -130.70 108.58 -101.48
N ASP E 35 -130.17 109.76 -101.79
CA ASP E 35 -128.76 110.01 -101.61
C ASP E 35 -128.37 109.91 -100.14
N PHE E 36 -129.20 110.44 -99.25
CA PHE E 36 -128.86 110.37 -97.84
C PHE E 36 -128.91 108.92 -97.35
N VAL E 37 -129.85 108.13 -97.87
CA VAL E 37 -129.89 106.72 -97.48
C VAL E 37 -128.58 106.03 -97.88
N GLN E 38 -128.12 106.29 -99.11
CA GLN E 38 -126.86 105.68 -99.53
C GLN E 38 -125.69 106.15 -98.66
N GLN E 39 -125.64 107.43 -98.34
CA GLN E 39 -124.57 107.95 -97.51
C GLN E 39 -124.60 107.35 -96.12
N PHE E 40 -125.80 107.15 -95.59
CA PHE E 40 -125.94 106.51 -94.28
C PHE E 40 -125.44 105.08 -94.31
N ALA E 41 -125.72 104.37 -95.40
CA ALA E 41 -125.22 103.01 -95.53
C ALA E 41 -123.70 102.98 -95.53
N ARG E 42 -123.10 103.91 -96.28
CA ARG E 42 -121.61 103.91 -96.37
C ARG E 42 -121.01 104.32 -95.02
N MET E 43 -121.67 105.23 -94.28
CA MET E 43 -121.16 105.55 -92.95
C MET E 43 -121.26 104.35 -92.02
N LYS E 44 -122.35 103.58 -92.13
CA LYS E 44 -122.44 102.36 -91.35
C LYS E 44 -121.27 101.43 -91.65
N GLU E 45 -120.95 101.28 -92.94
CA GLU E 45 -119.89 100.36 -93.30
C GLU E 45 -118.53 100.87 -92.80
N GLN E 46 -118.31 102.18 -92.86
CA GLN E 46 -117.09 102.75 -92.29
C GLN E 46 -117.00 102.49 -90.79
N LEU E 47 -118.11 102.66 -90.09
CA LEU E 47 -118.11 102.41 -88.65
C LEU E 47 -117.81 100.95 -88.36
N ASP E 48 -118.38 100.04 -89.14
CA ASP E 48 -118.11 98.62 -88.93
C ASP E 48 -116.63 98.31 -89.16
N THR E 49 -116.04 98.89 -90.19
CA THR E 49 -114.62 98.68 -90.43
C THR E 49 -113.78 99.23 -89.29
N ALA E 50 -114.13 100.40 -88.77
CA ALA E 50 -113.39 100.97 -87.65
C ALA E 50 -113.50 100.07 -86.42
N LYS E 51 -114.68 99.54 -86.16
CA LYS E 51 -114.84 98.64 -85.02
C LYS E 51 -114.04 97.36 -85.21
N ASP E 52 -113.96 96.88 -86.45
CA ASP E 52 -113.14 95.71 -86.72
C ASP E 52 -111.67 96.00 -86.45
N GLN E 53 -111.21 97.19 -86.83
CA GLN E 53 -109.83 97.57 -86.54
C GLN E 53 -109.60 97.64 -85.04
N LEU E 54 -110.57 98.19 -84.30
CA LEU E 54 -110.42 98.26 -82.85
C LEU E 54 -110.34 96.88 -82.23
N ALA E 55 -111.17 95.96 -82.69
CA ALA E 55 -111.13 94.60 -82.18
C ALA E 55 -109.79 93.95 -82.50
N GLU E 56 -109.27 94.22 -83.69
CA GLU E 56 -107.98 93.67 -84.07
C GLU E 56 -106.87 94.19 -83.17
N ALA E 57 -106.85 95.50 -82.91
CA ALA E 57 -105.83 96.08 -82.06
C ALA E 57 -105.93 95.54 -80.63
N GLN E 58 -107.15 95.42 -80.11
CA GLN E 58 -107.31 94.85 -78.77
C GLN E 58 -106.82 93.42 -78.73
N ARG E 59 -107.14 92.65 -79.77
CA ARG E 59 -106.70 91.23 -79.83
C ARG E 59 -105.17 91.17 -79.78
N MET E 60 -104.50 92.03 -80.56
CA MET E 60 -103.05 91.97 -80.61
C MET E 60 -102.45 92.40 -79.27
N TYR E 61 -103.05 93.39 -78.62
CA TYR E 61 -102.58 93.77 -77.29
C TYR E 61 -102.72 92.63 -76.30
N GLU E 62 -103.84 91.91 -76.37
CA GLU E 62 -103.98 90.73 -75.51
C GLU E 62 -102.94 89.67 -75.85
N ALA E 63 -102.57 89.57 -77.12
CA ALA E 63 -101.56 88.60 -77.53
C ALA E 63 -100.18 88.97 -77.03
N VAL E 64 -99.92 90.26 -76.82
CA VAL E 64 -98.60 90.70 -76.37
C VAL E 64 -98.49 90.72 -74.85
N THR E 65 -99.52 91.18 -74.16
CA THR E 65 -99.47 91.36 -72.72
C THR E 65 -100.21 90.24 -71.99
N GLY E 66 -99.97 90.15 -70.69
CA GLY E 66 -100.59 89.17 -69.84
C GLY E 66 -99.59 88.12 -69.38
N GLY E 67 -100.06 87.20 -68.56
CA GLY E 67 -99.25 86.09 -68.10
C GLY E 67 -99.73 84.78 -68.70
N ARG E 68 -98.79 83.94 -69.14
CA ARG E 68 -99.14 82.73 -69.87
C ARG E 68 -98.88 81.46 -69.09
N GLY E 69 -98.28 81.55 -67.90
CA GLY E 69 -98.09 80.40 -67.06
C GLY E 69 -96.83 79.60 -67.32
N LEU E 70 -96.17 79.82 -68.46
CA LEU E 70 -94.87 79.19 -68.67
C LEU E 70 -93.86 79.79 -67.72
N GLY E 71 -93.09 78.91 -67.09
CA GLY E 71 -92.49 79.23 -65.82
C GLY E 71 -93.42 78.91 -64.67
N ASP E 72 -92.98 78.09 -63.73
CA ASP E 72 -93.82 77.11 -63.05
C ASP E 72 -94.22 76.00 -64.01
N LEU E 73 -93.33 75.70 -64.95
CA LEU E 73 -93.47 74.61 -65.90
C LEU E 73 -92.30 73.66 -65.71
N MET E 74 -92.60 72.44 -65.27
CA MET E 74 -91.57 71.46 -64.94
C MET E 74 -90.59 72.02 -63.90
N ARG E 75 -91.16 72.54 -62.81
CA ARG E 75 -90.36 73.14 -61.75
C ARG E 75 -90.35 72.30 -60.47
N ASN E 76 -91.27 71.35 -60.33
CA ASN E 76 -91.31 70.54 -59.13
C ASN E 76 -90.32 69.40 -59.16
N ALA E 77 -89.72 69.12 -60.31
CA ALA E 77 -88.73 68.06 -60.40
C ALA E 77 -87.48 68.47 -59.63
N GLN E 78 -87.30 67.89 -58.45
CA GLN E 78 -86.20 68.30 -57.56
C GLN E 78 -84.94 67.59 -58.02
N LEU E 79 -84.31 68.16 -59.03
CA LEU E 79 -83.07 67.61 -59.57
C LEU E 79 -81.85 68.01 -58.75
N ARG E 80 -82.00 68.94 -57.81
CA ARG E 80 -80.90 69.27 -56.93
C ARG E 80 -80.64 68.20 -55.89
N GLU E 81 -81.54 67.22 -55.76
CA GLU E 81 -81.38 66.14 -54.81
C GLU E 81 -80.42 65.08 -55.30
N TYR E 82 -79.95 65.18 -56.54
CA TYR E 82 -79.01 64.21 -57.09
C TYR E 82 -77.56 64.64 -56.89
N LEU E 83 -77.32 65.76 -56.22
CA LEU E 83 -76.01 66.22 -55.84
C LEU E 83 -76.00 66.52 -54.35
N PRO E 84 -74.85 66.42 -53.70
CA PRO E 84 -74.82 66.61 -52.25
C PRO E 84 -75.33 67.98 -51.82
N ASP E 85 -76.02 68.01 -50.69
CA ASP E 85 -76.54 69.28 -50.19
C ASP E 85 -75.41 70.14 -49.63
N ASP E 86 -74.57 69.56 -48.77
CA ASP E 86 -73.39 70.24 -48.25
C ASP E 86 -72.21 69.28 -48.31
N LEU E 87 -71.03 69.84 -48.52
CA LEU E 87 -69.86 69.01 -48.74
C LEU E 87 -69.05 68.73 -47.48
N ARG E 88 -69.43 69.30 -46.34
CA ARG E 88 -68.72 68.95 -45.10
C ARG E 88 -68.90 67.48 -44.78
N THR E 89 -70.11 66.96 -44.95
CA THR E 89 -70.46 65.62 -44.51
C THR E 89 -70.55 64.63 -45.66
N VAL E 90 -70.01 64.98 -46.82
CA VAL E 90 -70.11 64.08 -47.97
C VAL E 90 -69.30 62.82 -47.75
N TYR E 91 -68.22 62.91 -46.97
CA TYR E 91 -67.37 61.75 -46.73
C TYR E 91 -67.70 61.03 -45.44
N ASP E 92 -68.73 61.47 -44.73
CA ASP E 92 -69.27 60.75 -43.59
C ASP E 92 -70.58 60.06 -43.93
N SER E 93 -70.91 59.98 -45.21
CA SER E 93 -72.23 59.48 -45.62
C SER E 93 -72.37 57.99 -45.40
N ALA E 94 -71.28 57.23 -45.52
CA ALA E 94 -71.37 55.77 -45.42
C ALA E 94 -71.89 55.34 -44.06
N ASN E 95 -71.39 55.95 -42.99
CA ASN E 95 -71.78 55.55 -41.64
C ASN E 95 -73.22 55.92 -41.32
N GLY E 96 -73.81 56.79 -42.11
CA GLY E 96 -75.12 57.34 -41.80
C GLY E 96 -75.02 58.86 -41.69
N GLY E 97 -76.11 59.52 -42.04
CA GLY E 97 -76.06 60.95 -42.16
C GLY E 97 -75.29 61.37 -43.39
N GLY E 98 -74.86 62.61 -43.41
CA GLY E 98 -74.19 63.12 -44.58
C GLY E 98 -75.13 63.17 -45.77
N TYR E 99 -74.89 62.29 -46.74
CA TYR E 99 -75.74 62.23 -47.96
C TYR E 99 -76.51 60.91 -47.95
N SER E 100 -77.80 60.96 -47.62
CA SER E 100 -78.63 59.73 -47.53
C SER E 100 -78.74 59.03 -48.89
N GLY E 101 -78.83 59.80 -49.98
CA GLY E 101 -79.03 59.18 -51.31
C GLY E 101 -77.90 58.25 -51.70
N ILE E 102 -76.65 58.66 -51.44
CA ILE E 102 -75.48 57.81 -51.84
C ILE E 102 -75.10 56.85 -50.70
N SER E 103 -75.71 57.00 -49.52
CA SER E 103 -75.27 56.16 -48.37
C SER E 103 -75.53 54.68 -48.69
N GLY E 104 -76.69 54.35 -49.26
CA GLY E 104 -76.99 52.97 -49.66
C GLY E 104 -76.04 52.51 -50.77
N SER E 105 -75.78 53.39 -51.74
CA SER E 105 -74.88 53.04 -52.87
C SER E 105 -73.48 52.75 -52.37
N ILE E 106 -72.98 53.55 -51.42
CA ILE E 106 -71.60 53.37 -50.90
C ILE E 106 -71.50 51.99 -50.23
N ASN E 107 -72.41 51.69 -49.31
CA ASN E 107 -72.37 50.40 -48.64
C ASN E 107 -72.35 49.26 -49.65
N ASP E 108 -73.17 49.37 -50.69
CA ASP E 108 -73.17 48.33 -51.72
C ASP E 108 -71.82 48.23 -52.42
N ILE E 109 -71.21 49.37 -52.75
CA ILE E 109 -69.94 49.36 -53.46
C ILE E 109 -68.85 48.75 -52.60
N LEU E 110 -68.78 49.16 -51.33
CA LEU E 110 -67.76 48.62 -50.43
C LEU E 110 -67.93 47.13 -50.24
N ARG E 111 -69.19 46.67 -50.17
CA ARG E 111 -69.43 45.23 -50.13
C ARG E 111 -68.92 44.53 -51.37
N ASP E 112 -69.12 45.15 -52.54
CA ASP E 112 -68.76 44.47 -53.79
C ASP E 112 -67.28 44.57 -54.11
N GLU E 113 -66.54 45.46 -53.45
CA GLU E 113 -65.13 45.63 -53.77
C GLU E 113 -64.22 44.73 -52.95
N ARG E 114 -64.77 43.89 -52.08
CA ARG E 114 -63.96 43.00 -51.26
C ARG E 114 -63.63 41.74 -52.04
N LEU E 115 -62.36 41.39 -52.08
CA LEU E 115 -61.89 40.29 -52.90
C LEU E 115 -62.13 38.96 -52.19
N ASN E 116 -62.44 37.94 -52.99
CA ASN E 116 -62.69 36.60 -52.50
C ASN E 116 -61.96 35.61 -53.39
N GLY E 117 -61.70 34.42 -52.85
CA GLY E 117 -61.03 33.38 -53.58
C GLY E 117 -59.54 33.38 -53.33
N SER E 118 -58.84 32.54 -54.09
CA SER E 118 -57.41 32.43 -53.95
C SER E 118 -56.72 33.70 -54.41
N VAL E 119 -55.49 33.88 -53.96
CA VAL E 119 -54.73 35.08 -54.28
C VAL E 119 -54.45 35.17 -55.77
N ALA E 120 -54.26 34.02 -56.44
CA ALA E 120 -54.07 34.03 -57.88
C ALA E 120 -55.30 34.56 -58.62
N ASP E 121 -56.49 34.14 -58.18
CA ASP E 121 -57.72 34.67 -58.75
C ASP E 121 -57.82 36.16 -58.52
N MET E 122 -57.40 36.62 -57.35
CA MET E 122 -57.37 38.05 -57.05
C MET E 122 -56.48 38.78 -58.03
N ARG E 123 -55.32 38.21 -58.34
CA ARG E 123 -54.39 38.82 -59.27
C ARG E 123 -54.98 38.92 -60.66
N ARG E 124 -55.58 37.83 -61.14
CA ARG E 124 -56.18 37.86 -62.47
C ARG E 124 -57.32 38.85 -62.55
N SER E 125 -58.16 38.90 -61.51
CA SER E 125 -59.25 39.87 -61.51
C SER E 125 -58.74 41.29 -61.54
N ILE E 126 -57.69 41.59 -60.76
CA ILE E 126 -57.17 42.95 -60.71
C ILE E 126 -56.57 43.36 -62.05
N GLU E 127 -55.79 42.47 -62.67
CA GLU E 127 -55.22 42.80 -63.97
C GLU E 127 -56.29 43.00 -65.02
N GLU E 128 -57.32 42.15 -65.01
CA GLU E 128 -58.42 42.31 -65.94
C GLU E 128 -59.11 43.65 -65.72
N ARG E 129 -59.34 44.03 -64.47
CA ARG E 129 -59.97 45.32 -64.21
C ARG E 129 -59.13 46.46 -64.74
N SER E 130 -57.81 46.41 -64.54
CA SER E 130 -56.97 47.50 -65.00
C SER E 130 -57.04 47.65 -66.52
N ARG E 131 -56.84 46.55 -67.23
CA ARG E 131 -56.87 46.61 -68.69
C ARG E 131 -58.23 47.06 -69.20
N THR E 132 -59.30 46.51 -68.64
CA THR E 132 -60.64 46.86 -69.08
C THR E 132 -60.94 48.32 -68.79
N ALA E 133 -60.45 48.84 -67.67
CA ALA E 133 -60.68 50.24 -67.35
C ALA E 133 -60.03 51.16 -68.35
N ALA E 134 -58.77 50.88 -68.71
CA ALA E 134 -58.10 51.71 -69.70
C ALA E 134 -58.84 51.66 -71.03
N ALA E 135 -59.21 50.45 -71.47
CA ALA E 135 -59.91 50.32 -72.75
C ALA E 135 -61.26 51.01 -72.72
N THR E 136 -61.98 50.91 -71.60
CA THR E 136 -63.28 51.55 -71.49
C THR E 136 -63.17 53.06 -71.56
N ASP E 137 -62.16 53.62 -70.89
CA ASP E 137 -61.92 55.05 -70.98
C ASP E 137 -61.73 55.47 -72.43
N LYS E 138 -60.86 54.75 -73.14
CA LYS E 138 -60.60 55.11 -74.54
C LYS E 138 -61.85 55.03 -75.37
N ALA E 139 -62.60 53.92 -75.24
CA ALA E 139 -63.77 53.72 -76.09
C ALA E 139 -64.84 54.76 -75.83
N VAL E 140 -65.08 55.09 -74.56
CA VAL E 140 -66.05 56.12 -74.22
C VAL E 140 -65.64 57.44 -74.84
N GLY E 141 -64.35 57.80 -74.74
CA GLY E 141 -63.91 59.04 -75.34
C GLY E 141 -64.16 59.09 -76.84
N LEU E 142 -63.83 57.99 -77.54
CA LEU E 142 -63.97 57.96 -78.99
C LEU E 142 -65.42 58.12 -79.41
N ARG E 143 -66.31 57.33 -78.82
CA ARG E 143 -67.72 57.42 -79.20
C ARG E 143 -68.30 58.79 -78.87
N ALA E 144 -67.92 59.34 -77.72
CA ALA E 144 -68.39 60.67 -77.36
C ALA E 144 -67.93 61.71 -78.38
N TYR E 145 -66.70 61.58 -78.88
CA TYR E 145 -66.23 62.54 -79.88
C TYR E 145 -67.02 62.43 -81.17
N GLU E 146 -67.36 61.21 -81.57
CA GLU E 146 -68.24 61.06 -82.74
C GLU E 146 -69.56 61.78 -82.52
N GLY E 147 -70.14 61.61 -81.33
CA GLY E 147 -71.37 62.32 -81.01
C GLY E 147 -71.21 63.83 -81.05
N ALA E 148 -70.05 64.32 -80.59
CA ALA E 148 -69.82 65.75 -80.60
C ALA E 148 -69.75 66.30 -82.02
N GLN E 149 -69.11 65.54 -82.93
CA GLN E 149 -68.99 65.99 -84.34
C GLN E 149 -70.39 66.02 -84.98
N GLN E 150 -71.22 65.02 -84.69
CA GLN E 150 -72.62 65.02 -85.19
C GLN E 150 -73.37 66.20 -84.56
N ARG E 151 -73.09 66.49 -83.29
CA ARG E 151 -73.74 67.63 -82.58
C ARG E 151 -73.37 68.93 -83.31
N LEU E 152 -72.11 69.06 -83.74
CA LEU E 152 -71.70 70.26 -84.52
C LEU E 152 -72.56 70.36 -85.79
N ALA E 153 -72.68 69.26 -86.53
CA ALA E 153 -73.48 69.27 -87.75
C ALA E 153 -74.89 69.76 -87.47
N GLN E 154 -75.48 69.33 -86.35
CA GLN E 154 -76.83 69.78 -86.00
C GLN E 154 -76.88 71.28 -85.75
N ILE E 155 -75.88 71.82 -85.05
CA ILE E 155 -75.85 73.27 -84.81
C ILE E 155 -75.76 74.03 -86.11
N GLU E 156 -74.92 73.55 -87.02
CA GLU E 156 -74.81 74.20 -88.33
C GLU E 156 -76.14 74.17 -89.06
N GLY E 157 -76.87 73.06 -88.96
CA GLY E 157 -78.19 73.00 -89.56
C GLY E 157 -79.15 74.02 -88.98
N LEU E 158 -79.12 74.19 -87.66
CA LEU E 158 -80.01 75.17 -87.03
C LEU E 158 -79.67 76.58 -87.50
N MET E 159 -78.38 76.87 -87.70
CA MET E 159 -78.01 78.21 -88.25
C MET E 159 -78.43 78.32 -89.72
N ASP E 160 -78.50 77.19 -90.44
CA ASP E 160 -79.00 77.24 -91.84
C ASP E 160 -80.48 77.61 -91.81
N GLU E 161 -81.22 77.11 -90.82
CA GLU E 161 -82.67 77.43 -90.66
C GLU E 161 -82.83 78.93 -90.42
N ILE E 162 -81.89 79.54 -89.68
CA ILE E 162 -82.01 80.99 -89.32
C ILE E 162 -82.06 81.83 -90.60
N SER E 163 -81.32 81.44 -91.64
CA SER E 163 -81.26 82.24 -92.89
C SER E 163 -82.63 82.34 -93.57
N ARG E 164 -83.53 81.38 -93.32
CA ARG E 164 -84.85 81.38 -94.03
C ARG E 164 -86.01 81.89 -93.16
N THR E 165 -85.76 82.30 -91.91
CA THR E 165 -86.87 82.73 -91.01
C THR E 165 -87.56 83.97 -91.59
N GLN E 166 -88.90 84.03 -91.50
CA GLN E 166 -89.64 85.15 -92.14
C GLN E 166 -90.39 85.99 -91.09
N ASP E 167 -91.28 85.38 -90.29
CA ASP E 167 -92.07 86.16 -89.36
C ASP E 167 -91.29 86.29 -88.06
N GLN E 168 -91.86 87.04 -87.12
CA GLN E 168 -91.21 87.19 -85.82
C GLN E 168 -91.41 85.96 -84.96
N LYS E 169 -92.58 85.36 -85.02
CA LYS E 169 -92.84 84.16 -84.24
C LYS E 169 -91.89 83.04 -84.63
N ALA E 170 -91.58 82.93 -85.92
CA ALA E 170 -90.67 81.89 -86.40
C ALA E 170 -89.29 82.06 -85.79
N ILE E 171 -88.76 83.29 -85.81
CA ILE E 171 -87.41 83.49 -85.31
C ILE E 171 -87.38 83.37 -83.80
N GLU E 172 -88.46 83.73 -83.11
CA GLU E 172 -88.48 83.53 -81.66
C GLU E 172 -88.50 82.03 -81.30
N GLU E 173 -89.28 81.24 -82.05
CA GLU E 173 -89.24 79.80 -81.84
C GLU E 173 -87.86 79.24 -82.14
N LEU E 174 -87.20 79.76 -83.17
CA LEU E 174 -85.86 79.27 -83.48
C LEU E 174 -84.87 79.64 -82.38
N GLN E 175 -85.01 80.83 -81.80
CA GLN E 175 -84.14 81.21 -80.69
C GLN E 175 -84.34 80.27 -79.52
N ALA E 176 -85.58 79.94 -79.20
CA ALA E 176 -85.81 79.03 -78.07
C ALA E 176 -85.33 77.63 -78.39
N ARG E 177 -85.43 77.20 -79.64
CA ARG E 177 -84.86 75.91 -80.04
C ARG E 177 -83.35 75.88 -79.86
N ILE E 178 -82.67 76.96 -80.28
CA ILE E 178 -81.22 77.00 -80.12
C ILE E 178 -80.85 77.05 -78.65
N ALA E 179 -81.67 77.72 -77.84
CA ALA E 179 -81.42 77.73 -76.40
C ALA E 179 -81.54 76.33 -75.82
N GLY E 180 -82.55 75.57 -76.23
CA GLY E 180 -82.65 74.19 -75.79
C GLY E 180 -81.47 73.36 -76.25
N GLU E 181 -80.97 73.64 -77.45
CA GLU E 181 -79.80 72.93 -77.94
C GLU E 181 -78.58 73.21 -77.08
N GLN E 182 -78.40 74.47 -76.68
CA GLN E 182 -77.34 74.82 -75.74
C GLN E 182 -77.52 74.10 -74.42
N ALA E 183 -78.75 73.99 -73.94
CA ALA E 183 -78.99 73.26 -72.70
C ALA E 183 -78.58 71.81 -72.84
N ALA E 184 -78.84 71.21 -74.00
CA ALA E 184 -78.41 69.83 -74.23
C ALA E 184 -76.90 69.70 -74.19
N ILE E 185 -76.19 70.65 -74.81
CA ILE E 185 -74.72 70.57 -74.77
C ILE E 185 -74.20 70.78 -73.34
N GLN E 186 -74.86 71.65 -72.58
CA GLN E 186 -74.54 71.78 -71.16
C GLN E 186 -74.69 70.46 -70.43
N ASN E 187 -75.77 69.75 -70.72
CA ASN E 187 -76.00 68.45 -70.08
C ASN E 187 -74.89 67.47 -70.44
N GLU E 188 -74.47 67.47 -71.70
CA GLU E 188 -73.36 66.60 -72.08
C GLU E 188 -72.08 66.99 -71.36
N THR E 189 -71.85 68.27 -71.15
CA THR E 189 -70.67 68.70 -70.39
C THR E 189 -70.71 68.15 -68.97
N THR E 190 -71.87 68.25 -68.32
CA THR E 190 -72.00 67.70 -66.98
C THR E 190 -71.78 66.20 -66.98
N LYS E 191 -72.31 65.51 -67.98
CA LYS E 191 -72.14 64.06 -68.07
C LYS E 191 -70.67 63.70 -68.23
N LEU E 192 -69.92 64.46 -69.03
CA LEU E 192 -68.50 64.19 -69.19
C LEU E 192 -67.75 64.41 -67.89
N GLN E 193 -68.10 65.45 -67.14
CA GLN E 193 -67.48 65.65 -65.83
C GLN E 193 -67.74 64.45 -64.92
N MET E 194 -68.97 63.95 -64.94
CA MET E 194 -69.35 62.82 -64.11
C MET E 194 -68.56 61.58 -64.52
N ILE E 195 -68.38 61.41 -65.84
CA ILE E 195 -67.60 60.24 -66.35
C ILE E 195 -66.16 60.35 -65.87
N ALA E 196 -65.57 61.55 -65.90
CA ALA E 196 -64.20 61.71 -65.44
C ALA E 196 -64.07 61.38 -63.96
N GLN E 197 -65.03 61.83 -63.15
CA GLN E 197 -65.00 61.49 -61.73
C GLN E 197 -65.10 59.99 -61.53
N LEU E 198 -65.97 59.34 -62.30
CA LEU E 198 -66.11 57.89 -62.18
C LEU E 198 -64.83 57.18 -62.58
N ARG E 199 -64.14 57.68 -63.60
CA ARG E 199 -62.86 57.11 -64.02
C ARG E 199 -61.86 57.17 -62.87
N GLN E 200 -61.76 58.33 -62.23
CA GLN E 200 -60.85 58.49 -61.11
C GLN E 200 -61.22 57.54 -59.98
N ALA E 201 -62.51 57.43 -59.67
CA ALA E 201 -62.95 56.53 -58.61
C ALA E 201 -62.61 55.08 -58.93
N GLU E 202 -62.75 54.68 -60.19
CA GLU E 202 -62.43 53.32 -60.58
C GLU E 202 -60.94 53.04 -60.41
N GLN E 203 -60.09 54.00 -60.79
CA GLN E 203 -58.66 53.80 -60.59
C GLN E 203 -58.34 53.67 -59.10
N ALA E 204 -58.96 54.50 -58.27
CA ALA E 204 -58.74 54.40 -56.83
C ALA E 204 -59.19 53.04 -56.30
N LEU E 205 -60.32 52.54 -56.79
CA LEU E 205 -60.80 51.24 -56.33
C LEU E 205 -59.85 50.12 -56.74
N ILE E 206 -59.31 50.19 -57.95
CA ILE E 206 -58.35 49.18 -58.37
C ILE E 206 -57.12 49.21 -57.48
N SER E 207 -56.65 50.41 -57.13
CA SER E 207 -55.52 50.51 -56.22
C SER E 207 -55.86 49.92 -54.85
N GLU E 208 -57.08 50.16 -54.39
CA GLU E 208 -57.50 49.61 -53.10
C GLU E 208 -57.50 48.09 -53.13
N GLN E 209 -57.98 47.50 -54.23
CA GLN E 209 -57.96 46.05 -54.35
C GLN E 209 -56.53 45.51 -54.38
N ARG E 210 -55.64 46.21 -55.09
CA ARG E 210 -54.24 45.79 -55.08
C ARG E 210 -53.69 45.77 -53.67
N ARG E 211 -53.99 46.81 -52.89
CA ARG E 211 -53.44 46.88 -51.55
C ARG E 211 -54.08 45.87 -50.62
N GLU E 212 -55.35 45.54 -50.85
CA GLU E 212 -55.97 44.48 -50.09
C GLU E 212 -55.28 43.14 -50.34
N ARG E 213 -54.98 42.85 -51.61
CA ARG E 213 -54.26 41.62 -51.92
C ARG E 213 -52.88 41.63 -51.27
N ASN E 214 -52.18 42.74 -51.35
CA ASN E 214 -50.85 42.84 -50.75
C ASN E 214 -50.91 42.61 -49.26
N MET E 215 -51.92 43.22 -48.60
CA MET E 215 -52.07 43.06 -47.13
C MET E 215 -52.36 41.59 -46.82
N ARG E 216 -53.19 40.93 -47.64
CA ARG E 216 -53.54 39.55 -47.39
C ARG E 216 -52.33 38.63 -47.49
N ILE E 217 -51.43 38.90 -48.44
CA ILE E 217 -50.24 38.07 -48.56
C ILE E 217 -49.32 38.28 -47.37
N LEU E 218 -49.12 39.52 -46.95
CA LEU E 218 -48.13 39.85 -45.93
C LEU E 218 -48.72 39.96 -44.53
N SER E 219 -49.96 39.54 -44.33
CA SER E 219 -50.61 39.71 -43.04
C SER E 219 -49.85 38.95 -41.96
N SER E 220 -49.70 39.58 -40.80
CA SER E 220 -49.06 38.94 -39.67
C SER E 220 -49.95 37.94 -38.96
N GLY E 221 -51.24 37.89 -39.31
CA GLY E 221 -52.11 36.88 -38.74
C GLY E 221 -51.97 35.52 -39.37
N ASN E 222 -51.20 35.41 -40.45
CA ASN E 222 -50.95 34.12 -41.06
C ASN E 222 -50.14 33.25 -40.13
N GLN E 223 -50.41 31.95 -40.15
CA GLN E 223 -49.80 31.02 -39.23
C GLN E 223 -49.10 29.85 -39.90
N GLY E 224 -49.14 29.77 -41.21
CA GLY E 224 -48.60 28.62 -41.90
C GLY E 224 -47.14 28.77 -42.30
N MET E 225 -46.52 27.64 -42.59
CA MET E 225 -45.17 27.60 -43.11
C MET E 225 -44.94 26.21 -43.68
N PRO E 226 -43.92 26.03 -44.54
CA PRO E 226 -43.64 24.71 -45.07
C PRO E 226 -43.25 23.72 -43.98
N THR E 227 -43.56 22.45 -44.21
CA THR E 227 -43.28 21.39 -43.26
C THR E 227 -42.15 20.52 -43.78
N ILE E 228 -41.24 20.15 -42.89
CA ILE E 228 -40.16 19.23 -43.23
C ILE E 228 -40.66 17.81 -43.06
N GLN E 229 -40.59 17.03 -44.13
CA GLN E 229 -41.06 15.65 -44.10
C GLN E 229 -40.19 14.75 -44.97
N LEU F 28 -47.70 -93.23 -43.60
CA LEU F 28 -47.16 -91.88 -43.77
C LEU F 28 -47.04 -91.53 -45.24
N ILE F 29 -46.62 -92.48 -46.08
CA ILE F 29 -46.53 -92.23 -47.51
C ILE F 29 -47.91 -92.03 -48.12
N GLY F 30 -48.91 -92.77 -47.64
CA GLY F 30 -50.27 -92.55 -48.12
C GLY F 30 -50.78 -91.17 -47.76
N GLU F 31 -50.50 -90.72 -46.54
CA GLU F 31 -50.85 -89.35 -46.16
C GLU F 31 -50.10 -88.35 -47.01
N PHE F 32 -48.80 -88.56 -47.21
CA PHE F 32 -48.03 -87.79 -48.17
C PHE F 32 -48.79 -87.62 -49.48
N VAL F 33 -48.99 -88.72 -50.19
CA VAL F 33 -49.61 -88.66 -51.51
C VAL F 33 -50.96 -87.96 -51.41
N LYS F 34 -51.91 -88.57 -50.69
CA LYS F 34 -53.27 -88.05 -50.67
C LYS F 34 -53.30 -86.60 -50.22
N SER F 35 -52.92 -86.32 -48.97
CA SER F 35 -53.11 -84.99 -48.42
C SER F 35 -52.24 -83.93 -49.09
N ARG F 36 -50.95 -84.19 -49.33
CA ARG F 36 -50.11 -83.16 -49.93
C ARG F 36 -50.48 -82.90 -51.39
N LYS F 37 -50.68 -83.97 -52.16
CA LYS F 37 -51.07 -83.78 -53.56
C LYS F 37 -52.40 -83.07 -53.66
N THR F 38 -53.36 -83.40 -52.78
CA THR F 38 -54.63 -82.71 -52.80
C THR F 38 -54.49 -81.27 -52.33
N ALA F 39 -53.59 -81.00 -51.39
CA ALA F 39 -53.35 -79.62 -50.97
C ALA F 39 -52.83 -78.79 -52.12
N TRP F 40 -51.86 -79.31 -52.87
CA TRP F 40 -51.37 -78.52 -54.00
C TRP F 40 -52.34 -78.52 -55.18
N ALA G 33 -126.46 117.25 -106.62
CA ALA G 33 -126.36 115.92 -107.19
C ALA G 33 -124.92 115.61 -107.60
N LEU G 34 -124.30 116.51 -108.35
CA LEU G 34 -122.90 116.33 -108.71
C LEU G 34 -122.01 116.32 -107.47
N ASP G 35 -122.29 117.24 -106.55
CA ASP G 35 -121.53 117.30 -105.31
C ASP G 35 -121.70 116.03 -104.51
N PHE G 36 -122.92 115.49 -104.44
CA PHE G 36 -123.11 114.27 -103.68
C PHE G 36 -122.41 113.11 -104.34
N VAL G 37 -122.38 113.07 -105.67
CA VAL G 37 -121.64 112.00 -106.34
C VAL G 37 -120.16 112.06 -105.97
N GLN G 38 -119.58 113.26 -105.97
CA GLN G 38 -118.18 113.37 -105.59
C GLN G 38 -117.95 112.95 -104.13
N GLN G 39 -118.85 113.37 -103.24
CA GLN G 39 -118.71 112.99 -101.84
C GLN G 39 -118.82 111.49 -101.65
N PHE G 40 -119.71 110.85 -102.40
CA PHE G 40 -119.87 109.41 -102.33
C PHE G 40 -118.60 108.71 -102.81
N ALA G 41 -117.97 109.24 -103.86
CA ALA G 41 -116.71 108.67 -104.33
C ALA G 41 -115.64 108.76 -103.26
N ARG G 42 -115.55 109.91 -102.59
CA ARG G 42 -114.49 110.08 -101.56
C ARG G 42 -114.81 109.18 -100.36
N MET G 43 -116.08 108.99 -100.01
CA MET G 43 -116.39 108.06 -98.94
C MET G 43 -116.01 106.63 -99.32
N LYS G 44 -116.24 106.26 -100.58
CA LYS G 44 -115.80 104.94 -101.03
C LYS G 44 -114.30 104.80 -100.85
N GLU G 45 -113.55 105.82 -101.21
CA GLU G 45 -112.10 105.71 -101.11
C GLU G 45 -111.65 105.64 -99.66
N GLN G 46 -112.30 106.39 -98.78
CA GLN G 46 -112.01 106.27 -97.34
C GLN G 46 -112.29 104.88 -96.83
N LEU G 47 -113.42 104.30 -97.24
CA LEU G 47 -113.75 102.94 -96.82
C LEU G 47 -112.72 101.94 -97.30
N ASP G 48 -112.27 102.10 -98.55
CA ASP G 48 -111.26 101.19 -99.08
C ASP G 48 -109.96 101.31 -98.29
N THR G 49 -109.56 102.54 -97.94
CA THR G 49 -108.35 102.70 -97.14
C THR G 49 -108.50 102.07 -95.77
N ALA G 50 -109.68 102.24 -95.15
CA ALA G 50 -109.91 101.62 -93.85
C ALA G 50 -109.83 100.10 -93.93
N LYS G 51 -110.41 99.52 -94.99
CA LYS G 51 -110.33 98.08 -95.15
C LYS G 51 -108.90 97.62 -95.38
N ASP G 52 -108.12 98.42 -96.11
CA ASP G 52 -106.71 98.08 -96.29
C ASP G 52 -105.98 98.09 -94.96
N GLN G 53 -106.27 99.08 -94.11
CA GLN G 53 -105.66 99.11 -92.78
C GLN G 53 -106.05 97.88 -91.97
N LEU G 54 -107.32 97.49 -92.07
CA LEU G 54 -107.77 96.31 -91.33
C LEU G 54 -107.04 95.06 -91.81
N ALA G 55 -106.89 94.91 -93.12
CA ALA G 55 -106.16 93.76 -93.66
C ALA G 55 -104.72 93.78 -93.19
N GLU G 56 -104.11 94.96 -93.14
CA GLU G 56 -102.74 95.08 -92.68
C GLU G 56 -102.60 94.65 -91.23
N ALA G 57 -103.51 95.12 -90.37
CA ALA G 57 -103.46 94.76 -88.96
C ALA G 57 -103.68 93.27 -88.77
N GLN G 58 -104.62 92.68 -89.51
CA GLN G 58 -104.83 91.23 -89.41
C GLN G 58 -103.60 90.48 -89.85
N ARG G 59 -102.98 90.93 -90.93
CA ARG G 59 -101.76 90.27 -91.45
C ARG G 59 -100.68 90.30 -90.37
N MET G 60 -100.49 91.44 -89.71
CA MET G 60 -99.43 91.53 -88.72
C MET G 60 -99.74 90.66 -87.51
N TYR G 61 -101.00 90.59 -87.12
CA TYR G 61 -101.37 89.70 -86.03
C TYR G 61 -101.09 88.24 -86.39
N GLU G 62 -101.39 87.85 -87.62
CA GLU G 62 -101.03 86.49 -88.05
C GLU G 62 -99.53 86.30 -88.04
N ALA G 63 -98.77 87.35 -88.34
CA ALA G 63 -97.32 87.25 -88.34
C ALA G 63 -96.76 87.09 -86.94
N VAL G 64 -97.47 87.61 -85.93
CA VAL G 64 -96.99 87.54 -84.57
C VAL G 64 -97.44 86.27 -83.87
N THR G 65 -98.68 85.86 -84.06
CA THR G 65 -99.26 84.73 -83.33
C THR G 65 -99.30 83.48 -84.22
N GLY G 66 -99.53 82.35 -83.58
CA GLY G 66 -99.62 81.07 -84.23
C GLY G 66 -98.42 80.20 -83.93
N GLY G 67 -98.44 78.98 -84.47
CA GLY G 67 -97.33 78.06 -84.33
C GLY G 67 -96.64 77.86 -85.66
N ARG G 68 -95.30 77.85 -85.63
CA ARG G 68 -94.53 77.81 -86.86
C ARG G 68 -93.81 76.49 -87.10
N GLY G 69 -93.85 75.57 -86.13
CA GLY G 69 -93.28 74.26 -86.32
C GLY G 69 -91.82 74.15 -85.97
N LEU G 70 -91.11 75.26 -85.83
CA LEU G 70 -89.74 75.20 -85.35
C LEU G 70 -89.73 74.76 -83.90
N GLY G 71 -88.86 73.81 -83.59
CA GLY G 71 -89.08 72.93 -82.48
C GLY G 71 -89.92 71.73 -82.86
N ASP G 72 -89.41 70.52 -82.63
CA ASP G 72 -89.62 69.38 -83.53
C ASP G 72 -88.85 69.60 -84.82
N LEU G 73 -87.72 70.29 -84.73
CA LEU G 73 -86.82 70.52 -85.83
C LEU G 73 -85.46 69.93 -85.46
N MET G 74 -85.05 68.89 -86.19
CA MET G 74 -83.82 68.17 -85.88
C MET G 74 -83.86 67.63 -84.46
N ARG G 75 -84.94 66.95 -84.12
CA ARG G 75 -85.14 66.41 -82.78
C ARG G 75 -85.03 64.89 -82.73
N ASN G 76 -85.12 64.22 -83.88
CA ASN G 76 -85.05 62.76 -83.89
C ASN G 76 -83.62 62.25 -83.84
N ALA G 77 -82.64 63.12 -84.04
CA ALA G 77 -81.24 62.70 -83.96
C ALA G 77 -80.90 62.33 -82.53
N GLN G 78 -80.81 61.04 -82.25
CA GLN G 78 -80.61 60.57 -80.88
C GLN G 78 -79.13 60.65 -80.56
N LEU G 79 -78.71 61.86 -80.19
CA LEU G 79 -77.31 62.10 -79.82
C LEU G 79 -77.01 61.68 -78.40
N ARG G 80 -78.02 61.37 -77.59
CA ARG G 80 -77.77 60.85 -76.25
C ARG G 80 -77.25 59.43 -76.27
N GLU G 81 -77.31 58.75 -77.42
CA GLU G 81 -76.83 57.38 -77.54
C GLU G 81 -75.33 57.30 -77.65
N TYR G 82 -74.64 58.43 -77.76
CA TYR G 82 -73.19 58.45 -77.85
C TYR G 82 -72.51 58.60 -76.50
N LEU G 83 -73.29 58.62 -75.42
CA LEU G 83 -72.80 58.63 -74.05
C LEU G 83 -73.50 57.52 -73.28
N PRO G 84 -72.86 56.97 -72.25
CA PRO G 84 -73.45 55.83 -71.54
C PRO G 84 -74.82 56.17 -70.96
N ASP G 85 -75.70 55.18 -70.98
CA ASP G 85 -77.04 55.38 -70.42
C ASP G 85 -76.98 55.43 -68.90
N ASP G 86 -76.33 54.45 -68.28
CA ASP G 86 -76.12 54.43 -66.84
C ASP G 86 -74.68 54.06 -66.57
N LEU G 87 -74.13 54.60 -65.49
CA LEU G 87 -72.72 54.42 -65.20
C LEU G 87 -72.42 53.25 -64.29
N ARG G 88 -73.43 52.55 -63.76
CA ARG G 88 -73.14 51.36 -62.97
C ARG G 88 -72.43 50.31 -63.80
N THR G 89 -72.89 50.10 -65.03
CA THR G 89 -72.45 49.01 -65.87
C THR G 89 -71.48 49.46 -66.96
N VAL G 90 -70.93 50.67 -66.84
CA VAL G 90 -70.04 51.16 -67.89
C VAL G 90 -68.75 50.36 -67.93
N TYR G 91 -68.32 49.81 -66.80
CA TYR G 91 -67.08 49.06 -66.75
C TYR G 91 -67.30 47.56 -66.88
N ASP G 92 -68.54 47.13 -67.07
CA ASP G 92 -68.85 45.75 -67.42
C ASP G 92 -69.19 45.59 -68.88
N SER G 93 -68.94 46.63 -69.69
CA SER G 93 -69.40 46.63 -71.07
C SER G 93 -68.63 45.66 -71.95
N ALA G 94 -67.34 45.42 -71.64
CA ALA G 94 -66.53 44.57 -72.50
C ALA G 94 -67.08 43.15 -72.58
N ASN G 95 -67.49 42.60 -71.44
CA ASN G 95 -67.96 41.22 -71.39
C ASN G 95 -69.29 41.06 -72.10
N GLY G 96 -70.00 42.15 -72.34
CA GLY G 96 -71.36 42.09 -72.82
C GLY G 96 -72.29 42.80 -71.86
N GLY G 97 -73.34 43.38 -72.41
CA GLY G 97 -74.19 44.23 -71.60
C GLY G 97 -73.48 45.54 -71.32
N GLY G 98 -73.98 46.24 -70.30
CA GLY G 98 -73.42 47.54 -70.00
C GLY G 98 -73.70 48.52 -71.12
N TYR G 99 -72.66 48.88 -71.85
CA TYR G 99 -72.76 49.78 -72.99
C TYR G 99 -72.22 49.04 -74.21
N SER G 100 -73.04 48.99 -75.27
CA SER G 100 -72.67 48.17 -76.46
C SER G 100 -71.89 48.98 -77.51
N GLY G 101 -72.11 50.29 -77.61
CA GLY G 101 -71.30 51.06 -78.57
C GLY G 101 -69.84 50.94 -78.19
N ILE G 102 -69.52 51.12 -76.91
CA ILE G 102 -68.12 50.92 -76.44
C ILE G 102 -67.75 49.43 -76.47
N SER G 103 -68.67 48.52 -76.13
CA SER G 103 -68.34 47.06 -76.04
C SER G 103 -67.47 46.61 -77.21
N GLY G 104 -67.96 46.74 -78.45
CA GLY G 104 -67.17 46.38 -79.62
C GLY G 104 -65.85 47.13 -79.66
N SER G 105 -65.89 48.43 -79.38
CA SER G 105 -64.65 49.21 -79.40
C SER G 105 -63.65 48.72 -78.36
N ILE G 106 -64.12 48.37 -77.17
CA ILE G 106 -63.25 47.88 -76.11
C ILE G 106 -62.57 46.60 -76.54
N ASN G 107 -63.34 45.67 -77.12
CA ASN G 107 -62.72 44.43 -77.56
C ASN G 107 -61.64 44.69 -78.61
N ASP G 108 -61.92 45.60 -79.56
CA ASP G 108 -60.92 45.91 -80.57
C ASP G 108 -59.67 46.53 -79.93
N ILE G 109 -59.86 47.45 -78.98
CA ILE G 109 -58.73 48.13 -78.36
C ILE G 109 -57.87 47.14 -77.57
N LEU G 110 -58.53 46.28 -76.78
CA LEU G 110 -57.78 45.30 -76.00
C LEU G 110 -57.02 44.34 -76.89
N ARG G 111 -57.62 43.97 -78.02
CA ARG G 111 -56.90 43.16 -79.00
C ARG G 111 -55.68 43.89 -79.53
N ASP G 112 -55.79 45.19 -79.79
CA ASP G 112 -54.70 45.90 -80.43
C ASP G 112 -53.62 46.33 -79.44
N GLU G 113 -53.90 46.28 -78.13
CA GLU G 113 -52.91 46.72 -77.15
C GLU G 113 -52.00 45.60 -76.68
N ARG G 114 -52.13 44.39 -77.21
CA ARG G 114 -51.29 43.29 -76.80
C ARG G 114 -50.01 43.30 -77.61
N LEU G 115 -48.88 43.23 -76.90
CA LEU G 115 -47.58 43.38 -77.52
C LEU G 115 -47.15 42.07 -78.17
N ASN G 116 -46.45 42.19 -79.30
CA ASN G 116 -45.93 41.06 -80.04
C ASN G 116 -44.50 41.34 -80.44
N GLY G 117 -43.75 40.28 -80.70
CA GLY G 117 -42.38 40.40 -81.12
C GLY G 117 -41.42 40.25 -79.95
N SER G 118 -40.15 40.51 -80.24
CA SER G 118 -39.12 40.42 -79.22
C SER G 118 -39.30 41.53 -78.18
N VAL G 119 -38.71 41.31 -77.01
CA VAL G 119 -38.84 42.25 -75.92
C VAL G 119 -38.19 43.59 -76.25
N ALA G 120 -37.11 43.56 -77.05
CA ALA G 120 -36.48 44.81 -77.48
C ALA G 120 -37.42 45.63 -78.37
N ASP G 121 -38.13 44.97 -79.27
CA ASP G 121 -39.12 45.66 -80.08
C ASP G 121 -40.23 46.23 -79.21
N MET G 122 -40.62 45.50 -78.18
CA MET G 122 -41.60 46.00 -77.23
C MET G 122 -41.11 47.28 -76.57
N ARG G 123 -39.84 47.29 -76.18
CA ARG G 123 -39.26 48.46 -75.53
C ARG G 123 -39.27 49.67 -76.47
N ARG G 124 -38.83 49.46 -77.71
CA ARG G 124 -38.80 50.57 -78.66
C ARG G 124 -40.20 51.10 -78.94
N SER G 125 -41.17 50.20 -79.09
CA SER G 125 -42.55 50.63 -79.33
C SER G 125 -43.08 51.43 -78.16
N ILE G 126 -42.80 50.99 -76.93
CA ILE G 126 -43.33 51.69 -75.77
C ILE G 126 -42.71 53.07 -75.64
N GLU G 127 -41.39 53.19 -75.84
CA GLU G 127 -40.75 54.50 -75.75
C GLU G 127 -41.26 55.43 -76.84
N GLU G 128 -41.45 54.91 -78.05
CA GLU G 128 -42.00 55.73 -79.11
C GLU G 128 -43.40 56.20 -78.77
N ARG G 129 -44.23 55.32 -78.20
CA ARG G 129 -45.57 55.74 -77.82
C ARG G 129 -45.53 56.85 -76.78
N SER G 130 -44.65 56.71 -75.79
CA SER G 130 -44.60 57.73 -74.74
C SER G 130 -44.22 59.09 -75.32
N ARG G 131 -43.14 59.14 -76.10
CA ARG G 131 -42.70 60.41 -76.67
C ARG G 131 -43.76 61.00 -77.59
N THR G 132 -44.35 60.16 -78.45
CA THR G 132 -45.35 60.65 -79.39
C THR G 132 -46.58 61.15 -78.66
N ALA G 133 -46.95 60.50 -77.55
CA ALA G 133 -48.11 60.94 -76.80
C ALA G 133 -47.89 62.33 -76.20
N ALA G 134 -46.72 62.54 -75.61
CA ALA G 134 -46.44 63.87 -75.05
C ALA G 134 -46.47 64.93 -76.15
N ALA G 135 -45.81 64.64 -77.28
CA ALA G 135 -45.77 65.62 -78.36
C ALA G 135 -47.16 65.88 -78.93
N THR G 136 -47.98 64.83 -79.05
CA THR G 136 -49.34 64.99 -79.58
C THR G 136 -50.18 65.86 -78.66
N ASP G 137 -50.07 65.64 -77.35
CA ASP G 137 -50.78 66.47 -76.40
C ASP G 137 -50.41 67.93 -76.61
N LYS G 138 -49.11 68.21 -76.68
CA LYS G 138 -48.68 69.60 -76.85
C LYS G 138 -49.21 70.20 -78.14
N ALA G 139 -49.07 69.47 -79.25
CA ALA G 139 -49.47 70.01 -80.54
C ALA G 139 -50.97 70.28 -80.61
N VAL G 140 -51.76 69.35 -80.08
CA VAL G 140 -53.21 69.55 -80.06
C VAL G 140 -53.56 70.79 -79.26
N GLY G 141 -52.93 70.96 -78.10
CA GLY G 141 -53.19 72.16 -77.31
C GLY G 141 -52.87 73.43 -78.06
N LEU G 142 -51.72 73.47 -78.73
CA LEU G 142 -51.30 74.68 -79.43
C LEU G 142 -52.27 75.04 -80.55
N ARG G 143 -52.60 74.06 -81.40
CA ARG G 143 -53.49 74.35 -82.51
C ARG G 143 -54.88 74.75 -82.01
N ALA G 144 -55.35 74.09 -80.96
CA ALA G 144 -56.65 74.45 -80.40
C ALA G 144 -56.64 75.89 -79.89
N TYR G 145 -55.53 76.32 -79.28
CA TYR G 145 -55.46 77.70 -78.79
C TYR G 145 -55.51 78.69 -79.95
N GLU G 146 -54.83 78.37 -81.05
CA GLU G 146 -54.95 79.24 -82.24
C GLU G 146 -56.41 79.35 -82.68
N GLY G 147 -57.10 78.21 -82.72
CA GLY G 147 -58.51 78.25 -83.07
C GLY G 147 -59.34 79.08 -82.11
N ALA G 148 -59.01 79.01 -80.81
CA ALA G 148 -59.75 79.79 -79.83
C ALA G 148 -59.56 81.28 -80.05
N GLN G 149 -58.34 81.70 -80.38
CA GLN G 149 -58.12 83.11 -80.68
C GLN G 149 -58.92 83.56 -81.90
N GLN G 150 -58.95 82.73 -82.93
CA GLN G 150 -59.77 83.09 -84.10
C GLN G 150 -61.25 83.15 -83.72
N ARG G 151 -61.65 82.28 -82.79
CA ARG G 151 -63.06 82.27 -82.31
C ARG G 151 -63.34 83.62 -81.63
N LEU G 152 -62.40 84.12 -80.82
CA LEU G 152 -62.59 85.43 -80.19
C LEU G 152 -62.74 86.52 -81.21
N ALA G 153 -61.93 86.49 -82.27
CA ALA G 153 -62.07 87.48 -83.34
C ALA G 153 -63.47 87.42 -83.95
N GLN G 154 -63.98 86.21 -84.17
CA GLN G 154 -65.32 86.06 -84.74
C GLN G 154 -66.40 86.64 -83.81
N ILE G 155 -66.28 86.39 -82.51
CA ILE G 155 -67.26 86.92 -81.57
C ILE G 155 -67.24 88.44 -81.59
N GLU G 156 -66.04 89.02 -81.63
CA GLU G 156 -65.93 90.48 -81.70
C GLU G 156 -66.58 91.00 -82.97
N GLY G 157 -66.42 90.29 -84.08
CA GLY G 157 -67.09 90.70 -85.31
C GLY G 157 -68.60 90.68 -85.17
N LEU G 158 -69.14 89.64 -84.54
CA LEU G 158 -70.60 89.57 -84.35
C LEU G 158 -71.09 90.73 -83.50
N MET G 159 -70.31 91.13 -82.49
CA MET G 159 -70.71 92.31 -81.67
C MET G 159 -70.57 93.60 -82.51
N ASP G 160 -69.65 93.63 -83.48
CA ASP G 160 -69.57 94.81 -84.38
C ASP G 160 -70.87 94.89 -85.18
N GLU G 161 -71.40 93.75 -85.62
CA GLU G 161 -72.65 93.72 -86.42
C GLU G 161 -73.82 94.18 -85.53
N ILE G 162 -73.72 93.99 -84.21
CA ILE G 162 -74.84 94.34 -83.29
C ILE G 162 -75.12 95.84 -83.36
N SER G 163 -74.09 96.66 -83.48
CA SER G 163 -74.26 98.15 -83.51
C SER G 163 -75.06 98.58 -84.73
N ARG G 164 -74.84 97.97 -85.89
CA ARG G 164 -75.49 98.44 -87.14
C ARG G 164 -76.93 97.91 -87.29
N THR G 165 -77.41 97.06 -86.36
CA THR G 165 -78.78 96.48 -86.56
C THR G 165 -79.83 97.60 -86.59
N GLN G 166 -80.84 97.48 -87.47
CA GLN G 166 -81.86 98.56 -87.61
C GLN G 166 -83.25 98.06 -87.26
N ASP G 167 -83.77 97.02 -87.94
CA ASP G 167 -85.13 96.59 -87.68
C ASP G 167 -85.12 95.60 -86.53
N GLN G 168 -86.31 95.16 -86.12
CA GLN G 168 -86.40 94.18 -85.06
C GLN G 168 -86.04 92.78 -85.55
N LYS G 169 -86.47 92.45 -86.77
CA LYS G 169 -86.15 91.14 -87.32
C LYS G 169 -84.65 90.95 -87.43
N ALA G 170 -83.92 92.01 -87.79
CA ALA G 170 -82.48 91.91 -87.92
C ALA G 170 -81.82 91.58 -86.59
N ILE G 171 -82.22 92.27 -85.52
CA ILE G 171 -81.59 92.02 -84.23
C ILE G 171 -82.01 90.67 -83.67
N GLU G 172 -83.22 90.21 -83.96
CA GLU G 172 -83.60 88.88 -83.52
C GLU G 172 -82.80 87.80 -84.24
N GLU G 173 -82.58 87.96 -85.54
CA GLU G 173 -81.71 87.03 -86.24
C GLU G 173 -80.29 87.08 -85.70
N LEU G 174 -79.81 88.27 -85.35
CA LEU G 174 -78.46 88.34 -84.79
C LEU G 174 -78.38 87.67 -83.44
N GLN G 175 -79.43 87.80 -82.62
CA GLN G 175 -79.46 87.10 -81.34
C GLN G 175 -79.40 85.60 -81.53
N ALA G 176 -80.16 85.08 -82.50
CA ALA G 176 -80.13 83.64 -82.72
C ALA G 176 -78.80 83.19 -83.30
N ARG G 177 -78.17 84.04 -84.12
CA ARG G 177 -76.83 83.73 -84.61
C ARG G 177 -75.82 83.66 -83.46
N ILE G 178 -75.87 84.61 -82.54
CA ILE G 178 -74.95 84.59 -81.41
C ILE G 178 -75.23 83.38 -80.53
N ALA G 179 -76.51 83.00 -80.39
CA ALA G 179 -76.82 81.79 -79.64
C ALA G 179 -76.22 80.55 -80.28
N GLY G 180 -76.31 80.46 -81.61
CA GLY G 180 -75.65 79.36 -82.29
C GLY G 180 -74.15 79.38 -82.10
N GLU G 181 -73.56 80.57 -82.06
CA GLU G 181 -72.13 80.70 -81.83
C GLU G 181 -71.76 80.17 -80.44
N GLN G 182 -72.58 80.50 -79.45
CA GLN G 182 -72.38 79.96 -78.11
C GLN G 182 -72.49 78.44 -78.11
N ALA G 183 -73.45 77.90 -78.87
CA ALA G 183 -73.57 76.46 -78.96
C ALA G 183 -72.32 75.84 -79.55
N ALA G 184 -71.73 76.49 -80.54
CA ALA G 184 -70.48 76.00 -81.11
C ALA G 184 -69.36 75.98 -80.08
N ILE G 185 -69.25 77.04 -79.28
CA ILE G 185 -68.20 77.06 -78.26
C ILE G 185 -68.46 75.99 -77.20
N GLN G 186 -69.72 75.76 -76.86
CA GLN G 186 -70.07 74.64 -75.99
C GLN G 186 -69.58 73.32 -76.56
N ASN G 187 -69.79 73.12 -77.87
CA ASN G 187 -69.35 71.90 -78.50
C ASN G 187 -67.84 71.74 -78.41
N GLU G 188 -67.10 72.84 -78.61
CA GLU G 188 -65.66 72.78 -78.47
C GLU G 188 -65.25 72.44 -77.04
N THR G 189 -65.98 72.96 -76.05
CA THR G 189 -65.69 72.60 -74.67
C THR G 189 -65.86 71.10 -74.43
N THR G 190 -66.95 70.54 -74.95
CA THR G 190 -67.15 69.09 -74.81
C THR G 190 -66.05 68.32 -75.51
N LYS G 191 -65.63 68.79 -76.69
CA LYS G 191 -64.57 68.11 -77.43
C LYS G 191 -63.26 68.15 -76.64
N LEU G 192 -62.96 69.26 -75.99
CA LEU G 192 -61.74 69.34 -75.19
C LEU G 192 -61.81 68.40 -74.00
N GLN G 193 -62.96 68.29 -73.36
CA GLN G 193 -63.12 67.32 -72.28
C GLN G 193 -62.84 65.90 -72.78
N MET G 194 -63.38 65.59 -73.95
CA MET G 194 -63.19 64.26 -74.54
C MET G 194 -61.72 64.01 -74.86
N ILE G 195 -61.04 65.05 -75.34
CA ILE G 195 -59.59 64.92 -75.67
C ILE G 195 -58.82 64.65 -74.36
N ALA G 196 -59.17 65.35 -73.27
CA ALA G 196 -58.47 65.12 -72.01
C ALA G 196 -58.68 63.69 -71.52
N GLN G 197 -59.91 63.19 -71.62
CA GLN G 197 -60.15 61.81 -71.23
C GLN G 197 -59.33 60.84 -72.08
N LEU G 198 -59.28 61.10 -73.38
CA LEU G 198 -58.49 60.23 -74.25
C LEU G 198 -57.01 60.27 -73.89
N ARG G 199 -56.50 61.45 -73.53
CA ARG G 199 -55.11 61.57 -73.10
C ARG G 199 -54.83 60.70 -71.89
N GLN G 200 -55.73 60.77 -70.90
CA GLN G 200 -55.58 59.95 -69.71
C GLN G 200 -55.62 58.47 -70.06
N ALA G 201 -56.55 58.08 -70.93
CA ALA G 201 -56.65 56.68 -71.32
C ALA G 201 -55.38 56.22 -72.03
N GLU G 202 -54.81 57.07 -72.87
CA GLU G 202 -53.58 56.71 -73.57
C GLU G 202 -52.43 56.50 -72.59
N GLN G 203 -52.32 57.37 -71.60
CA GLN G 203 -51.26 57.17 -70.60
C GLN G 203 -51.47 55.88 -69.85
N ALA G 204 -52.72 55.56 -69.49
CA ALA G 204 -52.99 54.30 -68.81
C ALA G 204 -52.62 53.11 -69.68
N LEU G 205 -52.92 53.19 -70.98
CA LEU G 205 -52.58 52.09 -71.89
C LEU G 205 -51.08 51.91 -72.01
N ILE G 206 -50.33 53.01 -72.06
CA ILE G 206 -48.88 52.90 -72.12
C ILE G 206 -48.35 52.23 -70.86
N SER G 207 -48.90 52.59 -69.70
CA SER G 207 -48.49 51.93 -68.47
C SER G 207 -48.82 50.45 -68.50
N GLU G 208 -49.99 50.09 -69.05
CA GLU G 208 -50.37 48.69 -69.15
C GLU G 208 -49.40 47.92 -70.03
N GLN G 209 -48.98 48.52 -71.15
CA GLN G 209 -48.00 47.86 -72.00
C GLN G 209 -46.67 47.70 -71.31
N ARG G 210 -46.24 48.71 -70.54
CA ARG G 210 -45.01 48.58 -69.79
C ARG G 210 -45.09 47.39 -68.83
N ARG G 211 -46.22 47.26 -68.14
CA ARG G 211 -46.35 46.20 -67.17
C ARG G 211 -46.46 44.83 -67.84
N GLU G 212 -47.07 44.79 -69.02
CA GLU G 212 -47.08 43.54 -69.77
C GLU G 212 -45.67 43.10 -70.14
N ARG G 213 -44.84 44.04 -70.59
CA ARG G 213 -43.45 43.70 -70.90
C ARG G 213 -42.72 43.23 -69.65
N ASN G 214 -42.92 43.93 -68.54
CA ASN G 214 -42.26 43.55 -67.29
C ASN G 214 -42.67 42.15 -66.87
N MET G 215 -43.98 41.86 -66.98
CA MET G 215 -44.49 40.52 -66.59
C MET G 215 -43.87 39.47 -67.51
N ARG G 216 -43.74 39.77 -68.80
CA ARG G 216 -43.20 38.81 -69.74
C ARG G 216 -41.74 38.49 -69.44
N ILE G 217 -40.97 39.49 -69.02
CA ILE G 217 -39.57 39.23 -68.69
C ILE G 217 -39.47 38.38 -67.43
N LEU G 218 -40.26 38.68 -66.41
CA LEU G 218 -40.13 38.05 -65.11
C LEU G 218 -41.08 36.88 -64.90
N SER G 219 -41.76 36.42 -65.95
CA SER G 219 -42.75 35.37 -65.80
C SER G 219 -42.12 34.10 -65.26
N SER G 220 -42.81 33.46 -64.33
CA SER G 220 -42.33 32.19 -63.77
C SER G 220 -42.57 31.02 -64.70
N GLY G 221 -43.31 31.21 -65.79
CA GLY G 221 -43.46 30.15 -66.77
C GLY G 221 -42.29 29.98 -67.69
N ASN G 222 -41.32 30.89 -67.64
CA ASN G 222 -40.12 30.75 -68.45
C ASN G 222 -39.32 29.54 -67.98
N GLN G 223 -38.69 28.86 -68.93
CA GLN G 223 -37.98 27.62 -68.64
C GLN G 223 -36.54 27.63 -69.07
N GLY G 224 -36.05 28.71 -69.68
CA GLY G 224 -34.72 28.71 -70.23
C GLY G 224 -33.67 29.21 -69.25
N MET G 225 -32.42 28.90 -69.57
CA MET G 225 -31.28 29.41 -68.84
C MET G 225 -30.04 29.18 -69.69
N PRO G 226 -28.94 29.88 -69.41
CA PRO G 226 -27.72 29.65 -70.18
C PRO G 226 -27.20 28.24 -70.01
N THR G 227 -26.53 27.75 -71.05
CA THR G 227 -25.99 26.40 -71.07
C THR G 227 -24.47 26.46 -70.97
N ILE G 228 -23.91 25.56 -70.16
CA ILE G 228 -22.46 25.44 -70.05
C ILE G 228 -21.97 24.52 -71.15
N GLN G 229 -21.06 25.02 -71.98
CA GLN G 229 -20.52 24.23 -73.09
C GLN G 229 -19.06 24.56 -73.33
N GLN H 21 -20.94 -73.50 -17.09
CA GLN H 21 -21.51 -72.35 -17.78
C GLN H 21 -20.82 -71.06 -17.34
N GLU H 22 -19.91 -71.20 -16.38
CA GLU H 22 -19.18 -70.07 -15.79
C GLU H 22 -17.80 -70.00 -16.42
N ARG H 23 -17.17 -68.82 -16.31
CA ARG H 23 -15.81 -68.65 -16.78
C ARG H 23 -14.92 -69.74 -16.20
N ILE H 24 -14.01 -70.24 -17.04
CA ILE H 24 -13.30 -71.47 -16.70
C ILE H 24 -12.13 -71.15 -15.78
N GLU H 25 -12.02 -71.93 -14.70
CA GLU H 25 -11.21 -71.55 -13.56
C GLU H 25 -9.73 -71.47 -13.93
N GLY H 26 -9.06 -70.49 -13.36
CA GLY H 26 -7.61 -70.37 -13.51
C GLY H 26 -7.13 -70.15 -14.93
N GLU H 27 -7.87 -69.38 -15.71
CA GLU H 27 -7.44 -69.02 -17.06
C GLU H 27 -7.24 -67.51 -17.13
N TYR H 28 -6.70 -67.06 -18.26
CA TYR H 28 -6.54 -65.64 -18.52
C TYR H 28 -7.86 -65.10 -19.06
N GLY H 29 -8.52 -64.27 -18.28
CA GLY H 29 -9.79 -63.72 -18.73
C GLY H 29 -9.60 -62.42 -19.45
N ALA H 30 -10.49 -61.46 -19.19
CA ALA H 30 -10.28 -60.11 -19.68
C ALA H 30 -9.05 -59.51 -19.02
N SER H 31 -8.63 -58.36 -19.51
CA SER H 31 -7.43 -57.74 -18.97
C SER H 31 -7.66 -57.24 -17.55
N GLU H 32 -6.57 -57.16 -16.80
CA GLU H 32 -6.55 -56.44 -15.53
C GLU H 32 -6.34 -54.95 -15.74
N LEU H 33 -6.27 -54.50 -17.00
CA LEU H 33 -5.94 -53.11 -17.28
C LEU H 33 -7.18 -52.23 -17.26
N ALA H 34 -8.36 -52.82 -17.49
CA ALA H 34 -9.59 -52.05 -17.47
C ALA H 34 -9.88 -51.48 -16.07
N SER H 35 -9.21 -51.98 -15.04
CA SER H 35 -9.41 -51.45 -13.70
C SER H 35 -8.83 -50.05 -13.56
N GLU H 36 -7.98 -49.64 -14.49
CA GLU H 36 -7.32 -48.35 -14.39
C GLU H 36 -8.33 -47.21 -14.45
N ARG H 37 -8.04 -46.15 -13.70
CA ARG H 37 -8.87 -44.95 -13.67
C ARG H 37 -7.99 -43.72 -13.76
N ARG H 38 -8.53 -42.67 -14.37
CA ARG H 38 -7.79 -41.41 -14.48
C ARG H 38 -7.95 -40.62 -13.20
N PRO H 39 -6.87 -40.35 -12.45
CA PRO H 39 -7.01 -39.59 -11.21
C PRO H 39 -7.36 -38.13 -11.47
N HIS H 40 -8.13 -37.56 -10.57
CA HIS H 40 -8.54 -36.16 -10.64
C HIS H 40 -7.73 -35.35 -9.65
N THR H 41 -7.17 -34.24 -10.09
CA THR H 41 -6.51 -33.34 -9.16
C THR H 41 -7.55 -32.77 -8.20
N PRO H 42 -7.39 -32.97 -6.90
CA PRO H 42 -8.50 -32.72 -5.96
C PRO H 42 -8.72 -31.25 -5.67
N GLY H 43 -8.65 -30.43 -6.71
CA GLY H 43 -9.10 -29.07 -6.62
C GLY H 43 -9.90 -28.68 -7.85
N ALA H 44 -9.83 -29.50 -8.90
CA ALA H 44 -10.45 -29.14 -10.16
C ALA H 44 -11.96 -29.06 -10.04
N ARG H 45 -12.56 -30.05 -9.35
CA ARG H 45 -14.02 -30.14 -9.30
C ARG H 45 -14.63 -28.93 -8.60
N THR H 46 -14.16 -28.62 -7.40
CA THR H 46 -14.83 -27.60 -6.59
C THR H 46 -14.72 -26.22 -7.25
N LEU H 47 -13.51 -25.82 -7.61
CA LEU H 47 -13.34 -24.50 -8.22
C LEU H 47 -13.92 -24.44 -9.63
N LEU H 48 -13.92 -25.57 -10.36
CA LEU H 48 -14.61 -25.57 -11.64
C LEU H 48 -16.10 -25.32 -11.46
N MET H 49 -16.71 -25.96 -10.45
CA MET H 49 -18.12 -25.73 -10.20
C MET H 49 -18.39 -24.29 -9.84
N VAL H 50 -17.55 -23.69 -8.99
CA VAL H 50 -17.82 -22.31 -8.59
C VAL H 50 -17.60 -21.35 -9.75
N LEU H 51 -16.59 -21.63 -10.59
CA LEU H 51 -16.36 -20.80 -11.77
C LEU H 51 -17.55 -20.85 -12.72
N LEU H 52 -18.11 -22.04 -12.95
CA LEU H 52 -19.31 -22.12 -13.78
C LEU H 52 -20.50 -21.45 -13.12
N CYS H 53 -20.60 -21.47 -11.78
CA CYS H 53 -21.70 -20.75 -11.15
C CYS H 53 -21.64 -19.26 -11.48
N VAL H 54 -20.46 -18.64 -11.35
CA VAL H 54 -20.36 -17.20 -11.59
C VAL H 54 -20.53 -16.87 -13.07
N ILE H 55 -19.86 -17.64 -13.95
CA ILE H 55 -20.03 -17.38 -15.37
C ILE H 55 -21.48 -17.56 -15.78
N ALA H 56 -22.18 -18.53 -15.19
CA ALA H 56 -23.57 -18.72 -15.54
C ALA H 56 -24.43 -17.55 -15.07
N VAL H 57 -24.17 -17.01 -13.87
CA VAL H 57 -25.01 -15.88 -13.49
C VAL H 57 -24.77 -14.70 -14.42
N VAL H 58 -23.51 -14.50 -14.85
CA VAL H 58 -23.24 -13.44 -15.82
C VAL H 58 -24.02 -13.70 -17.11
N LEU H 59 -23.97 -14.92 -17.61
CA LEU H 59 -24.61 -15.21 -18.90
C LEU H 59 -26.12 -15.09 -18.83
N VAL H 60 -26.72 -15.52 -17.72
CA VAL H 60 -28.16 -15.38 -17.58
C VAL H 60 -28.56 -13.91 -17.51
N THR H 61 -27.82 -13.08 -16.77
CA THR H 61 -28.17 -11.66 -16.81
C THR H 61 -28.00 -11.11 -18.21
N LEU H 62 -27.03 -11.64 -18.96
CA LEU H 62 -26.79 -11.17 -20.31
C LEU H 62 -27.95 -11.52 -21.23
N SER H 63 -28.50 -12.73 -21.13
CA SER H 63 -29.64 -13.09 -21.95
C SER H 63 -30.93 -12.43 -21.47
N TYR H 64 -31.01 -12.10 -20.18
CA TYR H 64 -32.08 -11.24 -19.68
C TYR H 64 -32.12 -9.92 -20.42
N LYS H 65 -30.96 -9.28 -20.58
CA LYS H 65 -30.95 -8.09 -21.44
C LYS H 65 -31.17 -8.44 -22.91
N ALA H 66 -30.70 -9.60 -23.37
CA ALA H 66 -30.90 -9.97 -24.77
C ALA H 66 -32.38 -10.00 -25.12
N TYR H 67 -33.16 -10.75 -24.35
CA TYR H 67 -34.60 -10.79 -24.61
C TYR H 67 -35.23 -9.43 -24.35
N LYS H 68 -34.82 -8.74 -23.28
CA LYS H 68 -35.45 -7.47 -22.97
C LYS H 68 -35.25 -6.46 -24.09
N VAL H 69 -34.18 -6.60 -24.88
CA VAL H 69 -33.93 -5.72 -26.01
C VAL H 69 -34.56 -6.26 -27.28
N ALA I 33 -122.75 125.53 -101.51
CA ALA I 33 -121.64 125.33 -102.42
C ALA I 33 -120.32 125.60 -101.73
N LEU I 34 -120.19 126.75 -101.07
CA LEU I 34 -118.98 127.04 -100.32
C LEU I 34 -118.79 126.03 -99.19
N ASP I 35 -119.88 125.71 -98.50
CA ASP I 35 -119.81 124.74 -97.43
C ASP I 35 -119.39 123.38 -97.95
N PHE I 36 -119.93 122.97 -99.10
CA PHE I 36 -119.55 121.67 -99.63
C PHE I 36 -118.09 121.66 -100.06
N VAL I 37 -117.59 122.78 -100.58
CA VAL I 37 -116.18 122.83 -100.93
C VAL I 37 -115.32 122.63 -99.69
N GLN I 38 -115.67 123.29 -98.59
CA GLN I 38 -114.91 123.11 -97.37
C GLN I 38 -114.97 121.67 -96.86
N GLN I 39 -116.16 121.08 -96.91
CA GLN I 39 -116.31 119.69 -96.47
C GLN I 39 -115.51 118.74 -97.33
N PHE I 40 -115.46 119.00 -98.63
CA PHE I 40 -114.67 118.18 -99.52
C PHE I 40 -113.19 118.29 -99.20
N ALA I 41 -112.74 119.50 -98.87
CA ALA I 41 -111.34 119.67 -98.49
C ALA I 41 -111.01 118.87 -97.24
N ARG I 42 -111.92 118.91 -96.26
CA ARG I 42 -111.64 118.19 -94.98
C ARG I 42 -111.68 116.67 -95.24
N MET I 43 -112.58 116.20 -96.12
CA MET I 43 -112.57 114.79 -96.45
C MET I 43 -111.28 114.39 -97.14
N LYS I 44 -110.77 115.24 -98.02
CA LYS I 44 -109.47 114.96 -98.63
C LYS I 44 -108.40 114.82 -97.58
N GLU I 45 -108.41 115.71 -96.59
CA GLU I 45 -107.36 115.65 -95.58
C GLU I 45 -107.50 114.41 -94.71
N GLN I 46 -108.74 114.00 -94.40
CA GLN I 46 -108.94 112.75 -93.68
C GLN I 46 -108.43 111.56 -94.48
N LEU I 47 -108.71 111.55 -95.78
CA LEU I 47 -108.22 110.46 -96.62
C LEU I 47 -106.71 110.41 -96.66
N ASP I 48 -106.07 111.57 -96.74
CA ASP I 48 -104.61 111.62 -96.73
C ASP I 48 -104.06 111.08 -95.42
N THR I 49 -104.67 111.45 -94.30
CA THR I 49 -104.21 110.92 -93.01
C THR I 49 -104.39 109.41 -92.94
N ALA I 50 -105.51 108.90 -93.44
CA ALA I 50 -105.73 107.46 -93.43
C ALA I 50 -104.69 106.74 -94.28
N LYS I 51 -104.37 107.31 -95.44
CA LYS I 51 -103.34 106.69 -96.27
C LYS I 51 -101.98 106.73 -95.61
N ASP I 52 -101.69 107.82 -94.87
CA ASP I 52 -100.44 107.88 -94.12
C ASP I 52 -100.40 106.79 -93.07
N GLN I 53 -101.50 106.57 -92.37
CA GLN I 53 -101.55 105.49 -91.39
C GLN I 53 -101.33 104.14 -92.05
N LEU I 54 -101.93 103.93 -93.22
CA LEU I 54 -101.74 102.67 -93.92
C LEU I 54 -100.29 102.46 -94.30
N ALA I 55 -99.63 103.51 -94.80
CA ALA I 55 -98.23 103.41 -95.15
C ALA I 55 -97.40 103.11 -93.92
N GLU I 56 -97.74 103.72 -92.79
CA GLU I 56 -97.02 103.46 -91.55
C GLU I 56 -97.15 102.01 -91.12
N ALA I 57 -98.37 101.48 -91.16
CA ALA I 57 -98.59 100.10 -90.77
C ALA I 57 -97.85 99.13 -91.70
N GLN I 58 -97.89 99.40 -93.00
CA GLN I 58 -97.16 98.55 -93.94
C GLN I 58 -95.67 98.60 -93.67
N ARG I 59 -95.16 99.80 -93.39
CA ARG I 59 -93.71 99.97 -93.10
C ARG I 59 -93.35 99.12 -91.88
N MET I 60 -94.17 99.18 -90.82
CA MET I 60 -93.83 98.44 -89.61
C MET I 60 -93.91 96.94 -89.84
N TYR I 61 -94.87 96.50 -90.64
CA TYR I 61 -94.94 95.08 -90.99
C TYR I 61 -93.69 94.64 -91.75
N GLU I 62 -93.22 95.47 -92.68
CA GLU I 62 -91.98 95.14 -93.37
C GLU I 62 -90.81 95.12 -92.40
N ALA I 63 -90.85 95.98 -91.37
CA ALA I 63 -89.77 96.00 -90.40
C ALA I 63 -89.78 94.76 -89.51
N VAL I 64 -90.93 94.13 -89.33
CA VAL I 64 -91.02 92.96 -88.48
C VAL I 64 -90.78 91.67 -89.25
N THR I 65 -91.31 91.55 -90.45
CA THR I 65 -91.24 90.31 -91.22
C THR I 65 -90.18 90.40 -92.31
N GLY I 66 -89.84 89.25 -92.87
CA GLY I 66 -88.86 89.14 -93.93
C GLY I 66 -87.59 88.49 -93.44
N GLY I 67 -86.65 88.31 -94.37
CA GLY I 67 -85.34 87.78 -94.04
C GLY I 67 -84.27 88.84 -94.19
N ARG I 68 -83.35 88.90 -93.23
CA ARG I 68 -82.37 89.97 -93.18
C ARG I 68 -80.95 89.52 -93.51
N GLY I 69 -80.73 88.21 -93.68
CA GLY I 69 -79.44 87.72 -94.09
C GLY I 69 -78.47 87.45 -92.97
N LEU I 70 -78.73 87.95 -91.76
CA LEU I 70 -77.90 87.60 -90.63
C LEU I 70 -78.12 86.13 -90.29
N GLY I 71 -77.03 85.42 -90.08
CA GLY I 71 -77.00 84.01 -90.30
C GLY I 71 -76.68 83.66 -91.74
N ASP I 72 -75.65 82.86 -91.97
CA ASP I 72 -74.77 83.01 -93.12
C ASP I 72 -73.92 84.26 -92.97
N LEU I 73 -73.62 84.62 -91.73
CA LEU I 73 -72.75 85.73 -91.39
C LEU I 73 -71.57 85.18 -90.61
N MET I 74 -70.37 85.28 -91.18
CA MET I 74 -69.16 84.71 -90.60
C MET I 74 -69.34 83.21 -90.35
N ARG I 75 -69.78 82.51 -91.39
CA ARG I 75 -70.02 81.08 -91.30
C ARG I 75 -69.01 80.25 -92.08
N ASN I 76 -68.25 80.87 -92.99
CA ASN I 76 -67.27 80.12 -93.76
C ASN I 76 -65.97 79.90 -93.01
N ALA I 77 -65.77 80.58 -91.89
CA ALA I 77 -64.57 80.37 -91.10
C ALA I 77 -64.59 78.98 -90.48
N GLN I 78 -63.80 78.07 -91.04
CA GLN I 78 -63.83 76.67 -90.63
C GLN I 78 -62.97 76.53 -89.39
N LEU I 79 -63.56 76.87 -88.25
CA LEU I 79 -62.88 76.77 -86.97
C LEU I 79 -62.89 75.35 -86.41
N ARG I 80 -63.66 74.45 -87.00
CA ARG I 80 -63.62 73.05 -86.58
C ARG I 80 -62.36 72.35 -87.03
N GLU I 81 -61.58 72.97 -87.92
CA GLU I 81 -60.34 72.38 -88.40
C GLU I 81 -59.20 72.53 -87.41
N TYR I 82 -59.40 73.24 -86.31
CA TYR I 82 -58.38 73.42 -85.30
C TYR I 82 -58.47 72.38 -84.19
N LEU I 83 -59.40 71.44 -84.30
CA LEU I 83 -59.52 70.30 -83.41
C LEU I 83 -59.56 69.04 -84.23
N PRO I 84 -59.14 67.90 -83.67
CA PRO I 84 -59.06 66.67 -84.45
C PRO I 84 -60.42 66.28 -85.01
N ASP I 85 -60.40 65.72 -86.23
CA ASP I 85 -61.65 65.28 -86.84
C ASP I 85 -62.16 64.01 -86.16
N ASP I 86 -61.30 63.01 -86.01
CA ASP I 86 -61.64 61.78 -85.30
C ASP I 86 -60.49 61.45 -84.36
N LEU I 87 -60.83 60.84 -83.23
CA LEU I 87 -59.82 60.59 -82.21
C LEU I 87 -59.19 59.21 -82.29
N ARG I 88 -59.63 58.35 -83.20
CA ARG I 88 -58.95 57.07 -83.36
C ARG I 88 -57.50 57.26 -83.78
N THR I 89 -57.27 58.17 -84.72
CA THR I 89 -55.98 58.34 -85.36
C THR I 89 -55.23 59.56 -84.84
N VAL I 90 -55.64 60.12 -83.71
CA VAL I 90 -54.99 61.32 -83.21
C VAL I 90 -53.57 61.01 -82.76
N TYR I 91 -53.31 59.79 -82.31
CA TYR I 91 -51.99 59.42 -81.84
C TYR I 91 -51.15 58.75 -82.90
N ASP I 92 -51.66 58.61 -84.11
CA ASP I 92 -50.89 58.15 -85.26
C ASP I 92 -50.52 59.31 -86.19
N SER I 93 -50.74 60.54 -85.73
CA SER I 93 -50.58 61.69 -86.61
C SER I 93 -49.12 61.97 -86.97
N ALA I 94 -48.20 61.67 -86.06
CA ALA I 94 -46.79 62.00 -86.29
C ALA I 94 -46.26 61.29 -87.53
N ASN I 95 -46.57 60.01 -87.67
CA ASN I 95 -46.04 59.22 -88.79
C ASN I 95 -46.63 59.66 -90.12
N GLY I 96 -47.72 60.39 -90.10
CA GLY I 96 -48.46 60.70 -91.30
C GLY I 96 -49.88 60.20 -91.18
N GLY I 97 -50.80 60.90 -91.83
CA GLY I 97 -52.20 60.62 -91.62
C GLY I 97 -52.64 61.09 -90.26
N GLY I 98 -53.77 60.56 -89.81
CA GLY I 98 -54.32 61.03 -88.55
C GLY I 98 -54.75 62.47 -88.64
N TYR I 99 -53.98 63.35 -87.98
CA TYR I 99 -54.29 64.81 -88.00
C TYR I 99 -53.09 65.54 -88.62
N SER I 100 -53.24 66.00 -89.87
CA SER I 100 -52.11 66.66 -90.58
C SER I 100 -51.65 67.95 -89.90
N GLY I 101 -52.58 68.76 -89.38
CA GLY I 101 -52.18 70.06 -88.80
C GLY I 101 -51.24 69.90 -87.62
N ILE I 102 -51.54 68.97 -86.70
CA ILE I 102 -50.62 68.70 -85.57
C ILE I 102 -49.41 67.90 -86.04
N SER I 103 -49.50 67.18 -87.16
CA SER I 103 -48.38 66.29 -87.58
C SER I 103 -47.10 67.11 -87.82
N GLY I 104 -47.22 68.27 -88.47
CA GLY I 104 -46.04 69.14 -88.66
C GLY I 104 -45.53 69.65 -87.32
N SER I 105 -46.44 69.90 -86.38
CA SER I 105 -46.07 70.40 -85.06
C SER I 105 -45.41 69.32 -84.21
N ILE I 106 -45.93 68.09 -84.27
CA ILE I 106 -45.37 66.98 -83.50
C ILE I 106 -43.95 66.73 -83.92
N ASN I 107 -43.69 66.69 -85.22
CA ASN I 107 -42.33 66.45 -85.66
C ASN I 107 -41.39 67.54 -85.16
N ASP I 108 -41.83 68.80 -85.22
CA ASP I 108 -40.99 69.89 -84.72
C ASP I 108 -40.73 69.74 -83.22
N ILE I 109 -41.77 69.40 -82.46
CA ILE I 109 -41.62 69.29 -81.01
C ILE I 109 -40.68 68.16 -80.65
N LEU I 110 -40.85 67.00 -81.28
CA LEU I 110 -39.99 65.87 -80.99
C LEU I 110 -38.55 66.17 -81.36
N ARG I 111 -38.34 66.90 -82.45
CA ARG I 111 -36.99 67.35 -82.78
C ARG I 111 -36.42 68.25 -81.70
N ASP I 112 -37.25 69.15 -81.15
CA ASP I 112 -36.72 70.13 -80.21
C ASP I 112 -36.58 69.57 -78.80
N GLU I 113 -37.19 68.42 -78.51
CA GLU I 113 -37.12 67.86 -77.16
C GLU I 113 -35.94 66.94 -76.94
N ARG I 114 -35.09 66.75 -77.94
CA ARG I 114 -33.93 65.87 -77.81
C ARG I 114 -32.78 66.64 -77.20
N LEU I 115 -32.19 66.07 -76.15
CA LEU I 115 -31.17 66.74 -75.38
C LEU I 115 -29.82 66.64 -76.08
N ASN I 116 -29.03 67.70 -75.95
CA ASN I 116 -27.70 67.77 -76.53
C ASN I 116 -26.75 68.34 -75.49
N GLY I 117 -25.46 68.05 -75.67
CA GLY I 117 -24.45 68.54 -74.78
C GLY I 117 -24.09 67.53 -73.70
N SER I 118 -23.27 67.99 -72.76
CA SER I 118 -22.85 67.13 -71.68
C SER I 118 -24.04 66.82 -70.76
N VAL I 119 -23.88 65.74 -70.00
CA VAL I 119 -24.94 65.29 -69.11
C VAL I 119 -25.22 66.32 -68.02
N ALA I 120 -24.19 67.05 -67.57
CA ALA I 120 -24.39 68.10 -66.58
C ALA I 120 -25.26 69.22 -67.14
N ASP I 121 -25.02 69.61 -68.39
CA ASP I 121 -25.88 70.61 -69.03
C ASP I 121 -27.31 70.11 -69.15
N MET I 122 -27.47 68.82 -69.44
CA MET I 122 -28.80 68.22 -69.48
C MET I 122 -29.48 68.35 -68.13
N ARG I 123 -28.73 68.11 -67.05
CA ARG I 123 -29.31 68.20 -65.72
C ARG I 123 -29.75 69.63 -65.41
N ARG I 124 -28.90 70.60 -65.70
CA ARG I 124 -29.25 71.99 -65.43
C ARG I 124 -30.45 72.42 -66.25
N SER I 125 -30.50 72.03 -67.52
CA SER I 125 -31.65 72.37 -68.35
C SER I 125 -32.93 71.76 -67.81
N ILE I 126 -32.89 70.51 -67.37
CA ILE I 126 -34.09 69.85 -66.89
C ILE I 126 -34.58 70.50 -65.60
N GLU I 127 -33.66 70.80 -64.67
CA GLU I 127 -34.08 71.46 -63.43
C GLU I 127 -34.67 72.84 -63.70
N GLU I 128 -34.04 73.58 -64.61
CA GLU I 128 -34.58 74.90 -64.97
C GLU I 128 -35.98 74.76 -65.57
N ARG I 129 -36.18 73.77 -66.44
CA ARG I 129 -37.51 73.58 -67.02
C ARG I 129 -38.53 73.28 -65.93
N SER I 130 -38.19 72.42 -64.99
CA SER I 130 -39.15 72.07 -63.95
C SER I 130 -39.55 73.29 -63.13
N ARG I 131 -38.56 74.04 -62.64
CA ARG I 131 -38.87 75.21 -61.83
C ARG I 131 -39.67 76.24 -62.62
N THR I 132 -39.24 76.51 -63.86
CA THR I 132 -39.93 77.49 -64.68
C THR I 132 -41.35 77.06 -64.99
N ALA I 133 -41.57 75.76 -65.17
CA ALA I 133 -42.92 75.29 -65.46
C ALA I 133 -43.84 75.51 -64.27
N ALA I 134 -43.37 75.19 -63.07
CA ALA I 134 -44.21 75.43 -61.89
C ALA I 134 -44.53 76.91 -61.74
N ALA I 135 -43.51 77.76 -61.90
CA ALA I 135 -43.72 79.20 -61.74
C ALA I 135 -44.66 79.73 -62.81
N THR I 136 -44.52 79.24 -64.05
CA THR I 136 -45.38 79.70 -65.14
C THR I 136 -46.82 79.32 -64.89
N ASP I 137 -47.05 78.10 -64.42
CA ASP I 137 -48.41 77.69 -64.05
C ASP I 137 -49.01 78.64 -63.05
N LYS I 138 -48.26 78.93 -61.98
CA LYS I 138 -48.78 79.82 -60.94
C LYS I 138 -49.09 81.20 -61.50
N ALA I 139 -48.15 81.77 -62.26
CA ALA I 139 -48.32 83.13 -62.76
C ALA I 139 -49.50 83.24 -63.71
N VAL I 140 -49.66 82.26 -64.60
CA VAL I 140 -50.79 82.26 -65.51
C VAL I 140 -52.09 82.21 -64.73
N GLY I 141 -52.16 81.35 -63.72
CA GLY I 141 -53.37 81.29 -62.91
C GLY I 141 -53.71 82.62 -62.25
N LEU I 142 -52.70 83.26 -61.67
CA LEU I 142 -52.93 84.52 -60.97
C LEU I 142 -53.45 85.61 -61.91
N ARG I 143 -52.77 85.80 -63.04
CA ARG I 143 -53.19 86.84 -63.96
C ARG I 143 -54.57 86.55 -64.52
N ALA I 144 -54.85 85.28 -64.82
CA ALA I 144 -56.16 84.92 -65.32
C ALA I 144 -57.24 85.22 -64.29
N TYR I 145 -56.95 85.01 -63.01
CA TYR I 145 -57.95 85.32 -61.98
C TYR I 145 -58.22 86.82 -61.91
N GLU I 146 -57.17 87.63 -62.04
CA GLU I 146 -57.39 89.07 -62.11
C GLU I 146 -58.31 89.43 -63.27
N GLY I 147 -58.07 88.83 -64.43
CA GLY I 147 -58.95 89.06 -65.56
C GLY I 147 -60.38 88.64 -65.30
N ALA I 148 -60.55 87.51 -64.59
CA ALA I 148 -61.90 87.04 -64.28
C ALA I 148 -62.64 88.02 -63.38
N GLN I 149 -61.94 88.59 -62.40
CA GLN I 149 -62.58 89.59 -61.55
C GLN I 149 -63.00 90.82 -62.35
N GLN I 150 -62.15 91.28 -63.27
CA GLN I 150 -62.54 92.39 -64.12
C GLN I 150 -63.73 92.03 -65.00
N ARG I 151 -63.78 90.75 -65.40
CA ARG I 151 -64.92 90.25 -66.23
C ARG I 151 -66.20 90.36 -65.39
N LEU I 152 -66.15 90.00 -64.10
CA LEU I 152 -67.31 90.12 -63.25
C LEU I 152 -67.77 91.57 -63.14
N ALA I 153 -66.81 92.49 -63.00
CA ALA I 153 -67.19 93.91 -62.96
C ALA I 153 -67.90 94.32 -64.24
N GLN I 154 -67.41 93.84 -65.39
CA GLN I 154 -68.06 94.17 -66.66
C GLN I 154 -69.48 93.63 -66.73
N ILE I 155 -69.69 92.39 -66.27
CA ILE I 155 -71.03 91.82 -66.29
C ILE I 155 -71.97 92.64 -65.42
N GLU I 156 -71.50 93.03 -64.24
CA GLU I 156 -72.31 93.86 -63.37
C GLU I 156 -72.67 95.18 -64.05
N GLY I 157 -71.72 95.76 -64.78
CA GLY I 157 -72.02 96.98 -65.52
C GLY I 157 -73.11 96.76 -66.56
N LEU I 158 -73.05 95.65 -67.29
CA LEU I 158 -74.08 95.37 -68.29
C LEU I 158 -75.45 95.23 -67.65
N MET I 159 -75.53 94.54 -66.50
CA MET I 159 -76.81 94.48 -65.82
C MET I 159 -77.26 95.85 -65.34
N ASP I 160 -76.34 96.66 -64.82
CA ASP I 160 -76.70 98.05 -64.42
C ASP I 160 -77.28 98.79 -65.64
N GLU I 161 -76.79 98.46 -66.84
CA GLU I 161 -77.30 99.08 -68.10
C GLU I 161 -78.78 98.73 -68.31
N ILE I 162 -79.19 97.53 -67.89
CA ILE I 162 -80.59 97.07 -68.13
C ILE I 162 -81.56 98.05 -67.45
N SER I 163 -81.19 98.57 -66.28
CA SER I 163 -82.09 99.47 -65.52
C SER I 163 -82.49 100.70 -66.35
N ARG I 164 -81.69 101.06 -67.36
CA ARG I 164 -81.99 102.32 -68.11
C ARG I 164 -82.65 102.03 -69.47
N THR I 165 -82.76 100.77 -69.88
CA THR I 165 -83.32 100.48 -71.23
C THR I 165 -84.75 101.00 -71.32
N GLN I 166 -85.12 101.62 -72.45
CA GLN I 166 -86.48 102.22 -72.57
C GLN I 166 -87.26 101.58 -73.71
N ASP I 167 -86.71 101.54 -74.93
CA ASP I 167 -87.47 101.03 -76.05
C ASP I 167 -87.22 99.53 -76.15
N GLN I 168 -87.90 98.89 -77.09
CA GLN I 168 -87.71 97.46 -77.29
C GLN I 168 -86.41 97.17 -78.03
N LYS I 169 -86.08 98.01 -79.01
CA LYS I 169 -84.84 97.82 -79.74
C LYS I 169 -83.64 97.90 -78.82
N ALA I 170 -83.69 98.80 -77.85
CA ALA I 170 -82.58 98.94 -76.91
C ALA I 170 -82.37 97.68 -76.10
N ILE I 171 -83.44 97.11 -75.57
CA ILE I 171 -83.29 95.92 -74.73
C ILE I 171 -82.92 94.71 -75.58
N GLU I 172 -83.37 94.64 -76.83
CA GLU I 172 -82.94 93.54 -77.69
C GLU I 172 -81.45 93.64 -78.02
N GLU I 173 -80.96 94.84 -78.28
CA GLU I 173 -79.52 95.02 -78.47
C GLU I 173 -78.76 94.65 -77.21
N LEU I 174 -79.30 95.01 -76.04
CA LEU I 174 -78.61 94.65 -74.80
C LEU I 174 -78.59 93.15 -74.60
N GLN I 175 -79.67 92.46 -74.96
CA GLN I 175 -79.68 91.00 -74.85
C GLN I 175 -78.63 90.39 -75.75
N ALA I 176 -78.50 90.88 -76.98
CA ALA I 176 -77.49 90.32 -77.86
C ALA I 176 -76.08 90.67 -77.39
N ARG I 177 -75.90 91.84 -76.79
CA ARG I 177 -74.61 92.17 -76.20
C ARG I 177 -74.25 91.22 -75.06
N ILE I 178 -75.21 90.93 -74.18
CA ILE I 178 -74.95 90.01 -73.09
C ILE I 178 -74.68 88.61 -73.61
N ALA I 179 -75.35 88.23 -74.69
CA ALA I 179 -75.07 86.94 -75.31
C ALA I 179 -73.65 86.87 -75.85
N GLY I 180 -73.19 87.95 -76.49
CA GLY I 180 -71.81 87.99 -76.92
C GLY I 180 -70.84 87.92 -75.75
N GLU I 181 -71.21 88.54 -74.64
CA GLU I 181 -70.38 88.50 -73.45
C GLU I 181 -70.26 87.07 -72.93
N GLN I 182 -71.38 86.34 -72.92
CA GLN I 182 -71.36 84.93 -72.56
C GLN I 182 -70.47 84.14 -73.51
N ALA I 183 -70.54 84.44 -74.80
CA ALA I 183 -69.68 83.76 -75.75
C ALA I 183 -68.20 84.01 -75.43
N ALA I 184 -67.87 85.22 -75.04
CA ALA I 184 -66.49 85.53 -74.65
C ALA I 184 -66.07 84.71 -73.44
N ILE I 185 -66.94 84.59 -72.44
CA ILE I 185 -66.57 83.79 -71.27
C ILE I 185 -66.43 82.31 -71.64
N GLN I 186 -67.28 81.83 -72.55
CA GLN I 186 -67.10 80.49 -73.09
C GLN I 186 -65.74 80.31 -73.72
N ASN I 187 -65.31 81.31 -74.50
CA ASN I 187 -64.01 81.23 -75.13
C ASN I 187 -62.90 81.16 -74.10
N GLU I 188 -63.02 81.94 -73.04
CA GLU I 188 -62.02 81.87 -71.97
C GLU I 188 -62.01 80.51 -71.30
N THR I 189 -63.18 79.89 -71.15
CA THR I 189 -63.23 78.55 -70.57
C THR I 189 -62.48 77.56 -71.46
N THR I 190 -62.70 77.63 -72.76
CA THR I 190 -61.97 76.76 -73.68
C THR I 190 -60.48 77.01 -73.61
N LYS I 191 -60.08 78.28 -73.53
CA LYS I 191 -58.66 78.61 -73.43
C LYS I 191 -58.05 78.04 -72.17
N LEU I 192 -58.77 78.09 -71.05
CA LEU I 192 -58.25 77.52 -69.81
C LEU I 192 -58.10 76.02 -69.92
N GLN I 193 -59.05 75.34 -70.56
CA GLN I 193 -58.91 73.91 -70.78
C GLN I 193 -57.65 73.61 -71.59
N MET I 194 -57.42 74.41 -72.62
CA MET I 194 -56.27 74.22 -73.49
C MET I 194 -54.98 74.45 -72.71
N ILE I 195 -54.98 75.44 -71.82
CA ILE I 195 -53.79 75.73 -70.97
C ILE I 195 -53.53 74.54 -70.05
N ALA I 196 -54.59 73.95 -69.47
CA ALA I 196 -54.38 72.80 -68.59
C ALA I 196 -53.80 71.63 -69.36
N GLN I 197 -54.30 71.37 -70.57
CA GLN I 197 -53.72 70.30 -71.38
C GLN I 197 -52.27 70.57 -71.68
N LEU I 198 -51.93 71.82 -72.02
CA LEU I 198 -50.54 72.14 -72.29
C LEU I 198 -49.66 71.95 -71.07
N ARG I 199 -50.18 72.28 -69.89
CA ARG I 199 -49.44 72.07 -68.65
C ARG I 199 -49.12 70.60 -68.46
N GLN I 200 -50.11 69.75 -68.67
CA GLN I 200 -49.90 68.31 -68.55
C GLN I 200 -48.87 67.83 -69.56
N ALA I 201 -48.97 68.31 -70.80
CA ALA I 201 -48.02 67.90 -71.83
C ALA I 201 -46.60 68.34 -71.47
N GLU I 202 -46.45 69.54 -70.90
CA GLU I 202 -45.13 70.01 -70.50
C GLU I 202 -44.54 69.14 -69.41
N GLN I 203 -45.36 68.75 -68.44
CA GLN I 203 -44.84 67.87 -67.39
C GLN I 203 -44.41 66.52 -67.98
N ALA I 204 -45.20 65.99 -68.90
CA ALA I 204 -44.83 64.74 -69.56
C ALA I 204 -43.52 64.88 -70.32
N LEU I 205 -43.33 66.01 -71.00
CA LEU I 205 -42.10 66.21 -71.75
C LEU I 205 -40.90 66.33 -70.82
N ILE I 206 -41.06 66.98 -69.68
CA ILE I 206 -39.95 67.06 -68.73
C ILE I 206 -39.59 65.67 -68.23
N SER I 207 -40.60 64.84 -67.94
CA SER I 207 -40.32 63.47 -67.53
C SER I 207 -39.60 62.70 -68.63
N GLU I 208 -40.00 62.91 -69.89
CA GLU I 208 -39.34 62.25 -71.00
C GLU I 208 -37.87 62.65 -71.09
N GLN I 209 -37.58 63.93 -70.91
CA GLN I 209 -36.19 64.38 -70.93
C GLN I 209 -35.40 63.77 -69.78
N ARG I 210 -36.01 63.68 -68.59
CA ARG I 210 -35.33 63.03 -67.48
C ARG I 210 -34.97 61.60 -67.84
N ARG I 211 -35.90 60.88 -68.44
CA ARG I 211 -35.65 59.49 -68.75
C ARG I 211 -34.64 59.33 -69.88
N GLU I 212 -34.62 60.28 -70.81
CA GLU I 212 -33.58 60.26 -71.83
C GLU I 212 -32.20 60.43 -71.22
N ARG I 213 -32.06 61.36 -70.27
CA ARG I 213 -30.78 61.52 -69.59
C ARG I 213 -30.39 60.26 -68.83
N ASN I 214 -31.36 59.67 -68.13
CA ASN I 214 -31.09 58.45 -67.38
C ASN I 214 -30.63 57.34 -68.30
N MET I 215 -31.31 57.20 -69.45
CA MET I 215 -30.96 56.14 -70.43
C MET I 215 -29.55 56.40 -70.95
N ARG I 216 -29.21 57.67 -71.20
CA ARG I 216 -27.89 58.00 -71.74
C ARG I 216 -26.79 57.66 -70.75
N ILE I 217 -27.02 57.87 -69.46
CA ILE I 217 -26.00 57.53 -68.47
C ILE I 217 -25.82 56.02 -68.37
N LEU I 218 -26.92 55.28 -68.36
CA LEU I 218 -26.88 53.84 -68.11
C LEU I 218 -26.87 53.00 -69.37
N SER I 219 -26.68 53.61 -70.54
CA SER I 219 -26.75 52.87 -71.79
C SER I 219 -25.69 51.78 -71.85
N SER I 220 -26.09 50.61 -72.34
CA SER I 220 -25.16 49.51 -72.50
C SER I 220 -24.25 49.67 -73.71
N GLY I 221 -24.51 50.65 -74.56
CA GLY I 221 -23.62 50.92 -75.66
C GLY I 221 -22.38 51.69 -75.29
N ASN I 222 -22.30 52.17 -74.06
CA ASN I 222 -21.10 52.86 -73.60
C ASN I 222 -19.94 51.88 -73.53
N GLN I 223 -18.74 52.37 -73.85
CA GLN I 223 -17.57 51.51 -73.92
C GLN I 223 -16.42 51.98 -73.05
N GLY I 224 -16.56 53.08 -72.34
CA GLY I 224 -15.45 53.62 -71.59
C GLY I 224 -15.38 53.11 -70.17
N MET I 225 -14.21 53.29 -69.58
CA MET I 225 -13.98 53.01 -68.17
C MET I 225 -12.69 53.68 -67.75
N PRO I 226 -12.46 53.87 -66.45
CA PRO I 226 -11.21 54.48 -66.01
C PRO I 226 -10.01 53.63 -66.38
N THR I 227 -8.87 54.29 -66.59
CA THR I 227 -7.64 53.64 -66.98
C THR I 227 -6.66 53.67 -65.82
N ILE I 228 -5.97 52.55 -65.60
CA ILE I 228 -4.93 52.47 -64.59
C ILE I 228 -3.62 52.96 -65.21
N GLN I 229 -3.03 53.98 -64.60
CA GLN I 229 -1.78 54.54 -65.10
C GLN I 229 -0.89 55.00 -63.96
N ALA J 2 -34.42 56.17 -21.51
CA ALA J 2 -33.03 56.11 -21.94
C ALA J 2 -32.70 54.74 -22.48
N PHE J 3 -31.51 54.60 -23.05
CA PHE J 3 -31.06 53.34 -23.62
C PHE J 3 -30.33 52.56 -22.54
N GLU J 4 -30.94 51.48 -22.09
CA GLU J 4 -30.33 50.57 -21.13
C GLU J 4 -30.42 49.17 -21.68
N LEU J 5 -29.31 48.67 -22.19
CA LEU J 5 -29.29 47.30 -22.67
C LEU J 5 -28.17 46.49 -22.06
N PHE J 6 -27.00 47.08 -21.84
CA PHE J 6 -25.89 46.31 -21.32
C PHE J 6 -25.94 46.17 -19.81
N THR J 7 -26.48 47.15 -19.10
CA THR J 7 -26.68 46.99 -17.66
C THR J 7 -27.63 45.85 -17.34
N PRO J 8 -28.85 45.79 -17.90
CA PRO J 8 -29.71 44.63 -17.60
C PRO J 8 -29.11 43.30 -18.04
N LEU J 9 -28.45 43.27 -19.19
CA LEU J 9 -27.88 42.01 -19.67
C LEU J 9 -26.77 41.54 -18.76
N PHE J 10 -25.88 42.45 -18.37
CA PHE J 10 -24.79 42.07 -17.47
C PHE J 10 -25.33 41.63 -16.12
N ASN J 11 -26.35 42.31 -15.60
CA ASN J 11 -26.92 41.89 -14.33
C ASN J 11 -27.56 40.51 -14.44
N LYS J 12 -28.25 40.25 -15.54
CA LYS J 12 -28.86 38.93 -15.74
C LYS J 12 -27.80 37.84 -15.79
N ILE J 13 -26.74 38.07 -16.56
CA ILE J 13 -25.69 37.06 -16.68
C ILE J 13 -25.00 36.85 -15.34
N ASP J 14 -24.77 37.95 -14.63
CA ASP J 14 -24.12 37.86 -13.29
C ASP J 14 -25.00 37.01 -12.37
N GLN J 15 -26.32 37.21 -12.40
CA GLN J 15 -27.24 36.43 -11.56
C GLN J 15 -27.14 34.95 -11.93
N THR J 16 -27.11 34.65 -13.24
CA THR J 16 -27.05 33.24 -13.69
C THR J 16 -25.73 32.61 -13.22
N THR J 17 -24.62 33.34 -13.36
CA THR J 17 -23.29 32.82 -12.93
C THR J 17 -23.28 32.64 -11.41
N ALA J 18 -23.90 33.58 -10.67
CA ALA J 18 -23.91 33.50 -9.19
C ALA J 18 -24.72 32.27 -8.76
N THR J 19 -25.97 32.16 -9.23
CA THR J 19 -26.82 31.06 -8.78
C THR J 19 -26.27 29.70 -9.21
N TYR J 20 -25.61 29.62 -10.36
CA TYR J 20 -25.33 28.30 -10.92
C TYR J 20 -23.87 27.91 -11.01
N VAL J 21 -22.93 28.83 -10.76
CA VAL J 21 -21.52 28.49 -10.81
C VAL J 21 -20.79 28.89 -9.53
N THR J 22 -21.27 29.90 -8.82
CA THR J 22 -20.60 30.38 -7.62
C THR J 22 -21.25 29.85 -6.35
N ASP J 23 -22.58 29.91 -6.28
CA ASP J 23 -23.28 29.43 -5.10
C ASP J 23 -23.13 27.94 -4.93
N ILE J 24 -23.23 27.20 -6.04
CA ILE J 24 -23.17 25.71 -5.97
C ILE J 24 -21.78 25.33 -5.45
N SER J 25 -20.73 25.99 -5.95
CA SER J 25 -19.35 25.73 -5.47
C SER J 25 -19.24 26.08 -3.98
N SER J 26 -19.82 27.22 -3.57
CA SER J 26 -19.79 27.63 -2.14
C SER J 26 -20.54 26.60 -1.29
N ARG J 27 -21.68 26.12 -1.79
CA ARG J 27 -22.51 25.14 -1.03
C ARG J 27 -21.73 23.85 -0.84
N ALA J 28 -21.02 23.40 -1.87
CA ALA J 28 -20.27 22.13 -1.80
C ALA J 28 -19.08 22.28 -0.84
N ILE J 29 -18.33 23.38 -0.97
CA ILE J 29 -17.11 23.56 -0.13
C ILE J 29 -17.54 23.69 1.34
N ALA J 30 -18.59 24.47 1.61
CA ALA J 30 -19.03 24.70 3.01
C ALA J 30 -19.47 23.37 3.63
N ALA J 31 -20.17 22.54 2.87
CA ALA J 31 -20.65 21.23 3.38
C ALA J 31 -19.47 20.33 3.72
N ILE J 32 -18.41 20.33 2.90
CA ILE J 32 -17.28 19.38 3.13
C ILE J 32 -16.22 19.96 4.06
N THR J 33 -16.16 21.29 4.26
CA THR J 33 -15.09 21.85 5.07
C THR J 33 -14.99 21.26 6.47
N PRO J 34 -16.07 21.18 7.28
CA PRO J 34 -15.91 20.60 8.62
C PRO J 34 -15.51 19.14 8.60
N VAL J 35 -16.21 18.34 7.80
CA VAL J 35 -15.96 16.91 7.79
C VAL J 35 -14.57 16.61 7.27
N VAL J 36 -14.17 17.28 6.19
CA VAL J 36 -12.83 17.05 5.64
C VAL J 36 -11.77 17.54 6.61
N SER J 37 -12.05 18.64 7.30
CA SER J 37 -11.09 19.15 8.28
C SER J 37 -10.83 18.12 9.37
N VAL J 38 -11.91 17.61 9.98
CA VAL J 38 -11.74 16.65 11.07
C VAL J 38 -11.10 15.38 10.56
N GLY J 39 -11.52 14.92 9.38
CA GLY J 39 -10.95 13.71 8.82
C GLY J 39 -9.47 13.84 8.54
N LEU J 40 -9.04 14.99 8.01
CA LEU J 40 -7.63 15.20 7.74
C LEU J 40 -6.83 15.25 9.03
N THR J 41 -7.37 15.90 10.07
CA THR J 41 -6.66 15.95 11.35
C THR J 41 -6.52 14.56 11.95
N LEU J 42 -7.60 13.78 11.97
CA LEU J 42 -7.55 12.43 12.51
C LEU J 42 -6.62 11.55 11.69
N GLY J 43 -6.63 11.71 10.37
CA GLY J 43 -5.70 10.97 9.54
C GLY J 43 -4.25 11.34 9.83
N PHE J 44 -3.98 12.62 10.07
CA PHE J 44 -2.63 13.03 10.45
C PHE J 44 -2.20 12.31 11.71
N ILE J 45 -3.04 12.32 12.75
CA ILE J 45 -2.67 11.69 14.01
C ILE J 45 -2.44 10.19 13.81
N THR J 46 -3.39 9.53 13.15
CA THR J 46 -3.31 8.08 12.98
C THR J 46 -2.08 7.69 12.17
N TYR J 47 -1.82 8.40 11.08
CA TYR J 47 -0.68 8.07 10.24
C TYR J 47 0.62 8.31 10.98
N GLY J 48 0.70 9.37 11.78
CA GLY J 48 1.90 9.60 12.56
C GLY J 48 2.18 8.45 13.51
N TRP J 49 1.16 8.02 14.25
CA TRP J 49 1.38 6.89 15.16
C TRP J 49 1.75 5.62 14.40
N LEU J 50 1.08 5.34 13.29
CA LEU J 50 1.36 4.12 12.55
C LEU J 50 2.77 4.13 11.98
N ILE J 51 3.24 5.27 11.48
CA ILE J 51 4.57 5.31 10.88
C ILE J 51 5.65 5.25 11.96
N ILE J 52 5.38 5.79 13.15
CA ILE J 52 6.38 5.64 14.21
C ILE J 52 6.34 4.23 14.77
N ARG J 53 5.25 3.50 14.56
CA ARG J 53 5.15 2.11 14.99
C ARG J 53 4.95 1.15 13.80
N GLY J 54 5.72 1.34 12.73
CA GLY J 54 5.47 0.59 11.52
C GLY J 54 6.37 0.96 10.36
N ALA J 55 5.77 1.23 9.20
CA ALA J 55 6.55 1.50 7.98
C ALA J 55 7.52 2.64 8.20
N VAL J 56 8.71 2.51 7.62
CA VAL J 56 9.80 3.44 7.90
C VAL J 56 9.46 4.83 7.37
N GLU J 57 9.70 5.84 8.20
CA GLU J 57 9.52 7.23 7.82
C GLU J 57 10.47 8.07 8.65
N MET J 58 10.80 9.25 8.13
CA MET J 58 11.69 10.17 8.82
C MET J 58 10.86 11.22 9.53
N PRO J 59 10.52 11.03 10.80
CA PRO J 59 9.54 11.92 11.43
C PRO J 59 9.96 13.38 11.45
N VAL J 60 11.25 13.66 11.65
CA VAL J 60 11.67 15.05 11.85
C VAL J 60 11.51 15.85 10.57
N ALA J 61 11.77 15.23 9.41
CA ALA J 61 11.76 15.93 8.15
C ALA J 61 10.63 15.47 7.24
N GLU J 62 10.56 14.17 6.93
CA GLU J 62 9.61 13.71 5.95
C GLU J 62 8.18 13.97 6.38
N PHE J 63 7.82 13.52 7.59
CA PHE J 63 6.42 13.61 8.00
C PHE J 63 5.99 15.06 8.16
N LEU J 64 6.75 15.85 8.92
CA LEU J 64 6.37 17.24 9.13
C LEU J 64 6.34 18.02 7.81
N ASN J 65 7.34 17.83 6.96
CA ASN J 65 7.39 18.61 5.72
C ASN J 65 6.25 18.22 4.78
N ARG J 66 6.03 16.93 4.58
CA ARG J 66 4.96 16.50 3.68
C ARG J 66 3.59 16.89 4.23
N CYS J 67 3.40 16.75 5.54
CA CYS J 67 2.15 17.20 6.14
C CYS J 67 1.95 18.69 5.96
N LEU J 68 3.03 19.47 6.07
CA LEU J 68 2.91 20.91 5.84
C LEU J 68 2.51 21.20 4.41
N ARG J 69 3.09 20.49 3.44
CA ARG J 69 2.72 20.73 2.06
C ARG J 69 1.25 20.43 1.84
N ILE J 70 0.79 19.26 2.29
CA ILE J 70 -0.61 18.90 2.12
C ILE J 70 -1.51 19.92 2.81
N GLY J 71 -1.12 20.36 4.00
CA GLY J 71 -1.92 21.28 4.76
C GLY J 71 -2.05 22.63 4.09
N ILE J 72 -0.95 23.17 3.58
CA ILE J 72 -1.01 24.46 2.90
C ILE J 72 -1.86 24.35 1.64
N ILE J 73 -1.68 23.28 0.87
CA ILE J 73 -2.46 23.14 -0.36
C ILE J 73 -3.93 23.03 -0.05
N VAL J 74 -4.28 22.23 0.97
CA VAL J 74 -5.69 22.07 1.33
C VAL J 74 -6.26 23.37 1.88
N SER J 75 -5.46 24.11 2.65
CA SER J 75 -5.92 25.37 3.19
C SER J 75 -6.23 26.36 2.08
N ILE J 76 -5.35 26.47 1.08
CA ILE J 76 -5.62 27.34 -0.04
C ILE J 76 -6.86 26.87 -0.80
N ALA J 77 -6.94 25.57 -1.05
CA ALA J 77 -8.05 25.04 -1.85
C ALA J 77 -9.39 25.30 -1.17
N LEU J 78 -9.46 25.08 0.14
CA LEU J 78 -10.69 25.35 0.88
C LEU J 78 -10.93 26.84 1.13
N ALA J 79 -9.89 27.66 1.05
CA ALA J 79 -10.11 29.10 1.10
C ALA J 79 -10.80 29.61 -0.15
N GLY J 80 -10.89 28.80 -1.19
CA GLY J 80 -11.73 29.14 -2.33
C GLY J 80 -13.21 29.20 -1.98
N GLY J 81 -13.58 28.72 -0.79
CA GLY J 81 -14.95 28.85 -0.34
C GLY J 81 -15.39 30.29 -0.16
N LEU J 82 -14.43 31.22 -0.18
CA LEU J 82 -14.71 32.65 -0.26
C LEU J 82 -14.92 33.07 -1.72
N TYR J 83 -15.90 32.43 -2.37
CA TYR J 83 -16.13 32.68 -3.79
C TYR J 83 -16.74 34.05 -4.04
N GLN J 84 -17.59 34.50 -3.11
CA GLN J 84 -18.29 35.77 -3.33
C GLN J 84 -17.31 36.93 -3.43
N GLY J 85 -16.28 36.92 -2.59
CA GLY J 85 -15.26 37.94 -2.71
C GLY J 85 -14.63 37.98 -4.08
N GLU J 86 -14.30 36.81 -4.63
CA GLU J 86 -13.62 36.78 -5.92
C GLU J 86 -14.55 37.18 -7.05
N ILE J 87 -15.82 36.76 -6.98
CA ILE J 87 -16.75 37.12 -8.04
C ILE J 87 -17.01 38.63 -8.03
N ALA J 88 -17.09 39.20 -6.82
CA ALA J 88 -17.30 40.66 -6.69
C ALA J 88 -15.98 41.36 -7.07
N ASN J 89 -14.84 40.71 -6.82
CA ASN J 89 -13.54 41.30 -7.24
C ASN J 89 -13.53 41.38 -8.77
N ALA J 90 -13.98 40.32 -9.45
CA ALA J 90 -14.08 40.36 -10.93
C ALA J 90 -15.13 41.41 -11.34
N ILE J 91 -16.24 41.47 -10.61
CA ILE J 91 -17.33 42.44 -10.93
C ILE J 91 -16.79 43.87 -10.75
N THR J 92 -16.04 44.14 -9.70
CA THR J 92 -15.41 45.48 -9.49
C THR J 92 -14.32 45.74 -10.52
N THR J 93 -13.54 44.71 -10.90
CA THR J 93 -12.41 44.91 -11.84
C THR J 93 -12.87 45.60 -13.12
N VAL J 94 -13.84 45.01 -13.84
CA VAL J 94 -14.27 45.58 -15.12
C VAL J 94 -14.52 47.08 -15.06
N PRO J 95 -15.39 47.60 -14.17
CA PRO J 95 -15.71 49.03 -14.23
C PRO J 95 -14.58 49.93 -13.77
N ASP J 96 -13.85 49.54 -12.74
CA ASP J 96 -12.81 50.43 -12.21
C ASP J 96 -11.80 50.77 -13.29
N GLU J 97 -11.39 49.77 -14.06
CA GLU J 97 -10.43 50.00 -15.13
C GLU J 97 -11.09 50.69 -16.32
N LEU J 98 -12.30 50.27 -16.71
CA LEU J 98 -12.87 50.87 -17.91
C LEU J 98 -13.24 52.33 -17.69
N ALA J 99 -13.46 52.75 -16.44
CA ALA J 99 -13.96 54.09 -16.19
C ALA J 99 -12.89 55.15 -16.46
N SER J 100 -11.68 54.95 -15.94
CA SER J 100 -10.70 56.03 -16.03
C SER J 100 -9.27 55.58 -16.29
N ALA J 101 -9.00 54.30 -16.58
CA ALA J 101 -7.62 53.87 -16.75
C ALA J 101 -6.97 54.55 -17.96
N LEU J 102 -7.69 54.60 -19.07
CA LEU J 102 -7.19 55.27 -20.27
C LEU J 102 -8.12 56.35 -20.81
N LEU J 103 -9.33 56.49 -20.25
CA LEU J 103 -10.23 57.53 -20.71
C LEU J 103 -9.70 58.92 -20.33
N GLY J 104 -9.22 59.08 -19.11
CA GLY J 104 -8.85 60.39 -18.63
C GLY J 104 -10.01 61.26 -18.19
N ASN J 105 -11.21 60.70 -18.10
CA ASN J 105 -12.40 61.43 -17.69
C ASN J 105 -12.98 60.80 -16.43
N PRO J 106 -12.97 61.49 -15.30
CA PRO J 106 -13.43 60.87 -14.05
C PRO J 106 -14.93 61.06 -13.80
N SER J 111 -20.12 52.06 -14.55
CA SER J 111 -19.72 50.72 -14.93
C SER J 111 -19.42 50.68 -16.42
N ALA J 112 -18.71 49.61 -16.83
CA ALA J 112 -18.28 49.46 -18.24
C ALA J 112 -19.49 49.14 -19.12
N ALA J 113 -20.55 48.58 -18.54
CA ALA J 113 -21.79 48.36 -19.29
C ALA J 113 -22.43 49.72 -19.51
N ALA J 114 -21.60 50.76 -19.69
CA ALA J 114 -22.11 52.12 -19.80
C ALA J 114 -21.49 52.85 -20.97
N LEU J 115 -20.17 52.80 -21.10
CA LEU J 115 -19.50 53.52 -22.17
C LEU J 115 -19.87 52.96 -23.54
N VAL J 116 -19.93 51.64 -23.65
CA VAL J 116 -20.35 51.05 -24.91
C VAL J 116 -21.76 51.48 -25.25
N ASP J 117 -22.64 51.52 -24.25
CA ASP J 117 -24.02 51.94 -24.48
C ASP J 117 -24.09 53.38 -24.94
N GLN J 118 -23.29 54.27 -24.34
CA GLN J 118 -23.32 55.67 -24.76
C GLN J 118 -22.84 55.86 -26.19
N SER J 119 -21.72 55.23 -26.54
CA SER J 119 -21.22 55.36 -27.90
C SER J 119 -22.21 54.77 -28.91
N ALA J 120 -22.76 53.61 -28.60
CA ALA J 120 -23.76 53.02 -29.48
C ALA J 120 -25.01 53.87 -29.55
N GLN J 121 -25.35 54.57 -28.47
CA GLN J 121 -26.49 55.47 -28.50
C GLN J 121 -26.25 56.61 -29.47
N GLN J 122 -25.04 57.17 -29.48
CA GLN J 122 -24.75 58.23 -30.44
C GLN J 122 -24.87 57.71 -31.87
N GLY J 123 -24.31 56.53 -32.14
CA GLY J 123 -24.43 55.97 -33.48
C GLY J 123 -25.86 55.70 -33.89
N PHE J 124 -26.64 55.10 -32.99
CA PHE J 124 -28.02 54.77 -33.32
C PHE J 124 -28.89 56.01 -33.40
N ASP J 125 -28.53 57.07 -32.70
CA ASP J 125 -29.23 58.34 -32.88
C ASP J 125 -29.00 58.89 -34.27
N ARG J 126 -27.77 58.80 -34.78
CA ARG J 126 -27.53 59.21 -36.15
C ARG J 126 -28.33 58.36 -37.13
N ALA J 127 -28.39 57.05 -36.88
CA ALA J 127 -29.19 56.19 -37.74
C ALA J 127 -30.66 56.56 -37.69
N SER J 128 -31.16 56.90 -36.50
CA SER J 128 -32.56 57.30 -36.36
C SER J 128 -32.85 58.59 -37.09
N GLU J 129 -31.91 59.54 -37.05
CA GLU J 129 -32.08 60.76 -37.82
C GLU J 129 -32.12 60.48 -39.31
N ALA J 130 -31.28 59.55 -39.78
CA ALA J 130 -31.33 59.15 -41.18
C ALA J 130 -32.69 58.54 -41.52
N PHE J 131 -33.22 57.70 -40.64
CA PHE J 131 -34.53 57.11 -40.88
C PHE J 131 -35.61 58.17 -40.93
N GLU J 132 -35.51 59.17 -40.07
CA GLU J 132 -36.48 60.26 -40.08
C GLU J 132 -36.41 61.04 -41.39
N GLU J 133 -35.21 61.32 -41.87
CA GLU J 133 -35.07 61.97 -43.17
C GLU J 133 -35.66 61.12 -44.27
N ALA J 134 -35.49 59.80 -44.18
CA ALA J 134 -36.13 58.91 -45.14
C ALA J 134 -37.64 59.04 -45.07
N GLY J 135 -38.17 59.18 -43.86
CA GLY J 135 -39.61 59.37 -43.72
C GLY J 135 -40.09 60.66 -44.33
N PHE J 136 -39.28 61.72 -44.26
CA PHE J 136 -39.68 63.00 -44.83
C PHE J 136 -39.87 62.89 -46.34
N PHE J 137 -38.88 62.39 -47.05
CA PHE J 137 -38.98 62.18 -48.49
C PHE J 137 -39.67 60.85 -48.72
N SER J 138 -40.95 60.89 -49.07
CA SER J 138 -41.73 59.66 -49.23
C SER J 138 -41.08 58.74 -50.25
N SER J 139 -41.07 59.15 -51.50
CA SER J 139 -40.16 58.58 -52.48
C SER J 139 -38.91 59.44 -52.53
N ASP J 140 -37.86 58.91 -53.17
CA ASP J 140 -36.54 59.53 -53.12
C ASP J 140 -36.06 59.67 -51.68
N GLY J 141 -36.44 58.72 -50.83
CA GLY J 141 -36.06 58.78 -49.44
C GLY J 141 -35.41 57.51 -48.96
N LEU J 142 -35.52 56.44 -49.73
CA LEU J 142 -34.91 55.18 -49.32
C LEU J 142 -33.40 55.24 -49.36
N LEU J 143 -32.82 56.24 -50.02
CA LEU J 143 -31.39 56.47 -49.90
C LEU J 143 -31.01 56.75 -48.46
N TYR J 144 -31.80 57.58 -47.78
CA TYR J 144 -31.57 57.83 -46.37
C TYR J 144 -31.82 56.59 -45.54
N GLY J 145 -32.74 55.73 -45.96
CA GLY J 145 -32.90 54.45 -45.29
C GLY J 145 -31.65 53.60 -45.39
N LEU J 146 -31.04 53.56 -46.57
CA LEU J 146 -29.79 52.82 -46.73
C LEU J 146 -28.67 53.42 -45.90
N PHE J 147 -28.60 54.74 -45.83
CA PHE J 147 -27.63 55.40 -44.95
C PHE J 147 -27.83 54.97 -43.51
N GLY J 148 -29.09 54.97 -43.06
CA GLY J 148 -29.37 54.56 -41.70
C GLY J 148 -29.01 53.11 -41.44
N ILE J 149 -29.28 52.24 -42.41
CA ILE J 149 -28.93 50.83 -42.27
C ILE J 149 -27.41 50.68 -42.15
N ILE J 150 -26.65 51.40 -42.96
CA ILE J 150 -25.20 51.31 -42.90
C ILE J 150 -24.69 51.78 -41.54
N ILE J 151 -25.20 52.92 -41.07
CA ILE J 151 -24.78 53.43 -39.76
C ILE J 151 -25.11 52.44 -38.67
N LEU J 152 -26.34 51.90 -38.72
CA LEU J 152 -26.79 50.95 -37.72
C LEU J 152 -25.92 49.72 -37.70
N LEU J 153 -25.62 49.18 -38.89
CA LEU J 153 -24.81 47.97 -38.95
C LEU J 153 -23.39 48.21 -38.46
N ALA J 154 -22.79 49.34 -38.84
CA ALA J 154 -21.44 49.62 -38.38
C ALA J 154 -21.38 49.74 -36.86
N THR J 155 -22.23 50.58 -36.29
CA THR J 155 -22.22 50.77 -34.85
C THR J 155 -22.54 49.47 -34.13
N GLY J 156 -23.55 48.75 -34.60
CA GLY J 156 -23.94 47.52 -33.95
C GLY J 156 -22.87 46.46 -34.00
N LEU J 157 -22.19 46.32 -35.13
CA LEU J 157 -21.24 45.23 -35.24
C LEU J 157 -20.00 45.53 -34.41
N LEU J 158 -19.55 46.79 -34.42
CA LEU J 158 -18.42 47.14 -33.55
C LEU J 158 -18.75 46.88 -32.08
N ALA J 159 -19.88 47.42 -31.61
CA ALA J 159 -20.25 47.25 -30.22
C ALA J 159 -20.42 45.77 -29.88
N ALA J 160 -21.05 45.01 -30.78
CA ALA J 160 -21.32 43.61 -30.51
C ALA J 160 -20.05 42.80 -30.38
N ILE J 161 -19.10 43.01 -31.30
CA ILE J 161 -17.83 42.29 -31.20
C ILE J 161 -17.14 42.59 -29.87
N GLY J 162 -17.00 43.88 -29.56
CA GLY J 162 -16.26 44.22 -28.34
C GLY J 162 -16.94 43.69 -27.09
N GLY J 163 -18.25 43.91 -26.98
CA GLY J 163 -18.97 43.46 -25.81
C GLY J 163 -19.01 41.96 -25.68
N ALA J 164 -19.06 41.25 -26.81
CA ALA J 164 -19.13 39.80 -26.73
C ALA J 164 -17.80 39.22 -26.29
N PHE J 165 -16.69 39.81 -26.73
CA PHE J 165 -15.42 39.33 -26.20
C PHE J 165 -15.24 39.68 -24.73
N LEU J 166 -15.75 40.84 -24.29
CA LEU J 166 -15.75 41.12 -22.87
C LEU J 166 -16.57 40.10 -22.09
N LEU J 167 -17.73 39.72 -22.63
CA LEU J 167 -18.57 38.72 -21.99
C LEU J 167 -17.86 37.38 -21.92
N LEU J 168 -17.17 36.99 -22.99
CA LEU J 168 -16.42 35.74 -22.98
C LEU J 168 -15.36 35.77 -21.89
N ALA J 169 -14.63 36.87 -21.78
CA ALA J 169 -13.61 36.97 -20.75
C ALA J 169 -14.22 36.85 -19.36
N LYS J 170 -15.33 37.54 -19.11
CA LYS J 170 -15.93 37.51 -17.78
C LYS J 170 -16.46 36.12 -17.44
N ILE J 171 -17.15 35.47 -18.39
CA ILE J 171 -17.68 34.14 -18.14
C ILE J 171 -16.55 33.15 -17.89
N ALA J 172 -15.50 33.21 -18.70
CA ALA J 172 -14.39 32.28 -18.55
C ALA J 172 -13.69 32.49 -17.21
N LEU J 173 -13.45 33.74 -16.82
CA LEU J 173 -12.80 34.00 -15.55
C LEU J 173 -13.66 33.53 -14.39
N ALA J 174 -14.98 33.72 -14.50
CA ALA J 174 -15.87 33.25 -13.44
C ALA J 174 -15.83 31.74 -13.32
N LEU J 175 -15.88 31.03 -14.44
CA LEU J 175 -15.85 29.57 -14.39
C LEU J 175 -14.52 29.07 -13.84
N LEU J 176 -13.42 29.69 -14.25
CA LEU J 176 -12.12 29.28 -13.74
C LEU J 176 -12.00 29.55 -12.24
N ALA J 177 -12.49 30.70 -11.78
CA ALA J 177 -12.45 30.99 -10.36
C ALA J 177 -13.29 30.00 -9.57
N GLY J 178 -14.44 29.61 -10.13
CA GLY J 178 -15.26 28.61 -9.46
C GLY J 178 -14.56 27.26 -9.38
N LEU J 179 -13.94 26.82 -10.47
CA LEU J 179 -13.29 25.52 -10.49
C LEU J 179 -11.89 25.55 -9.88
N GLY J 180 -11.43 26.71 -9.44
CA GLY J 180 -10.12 26.87 -8.85
C GLY J 180 -9.70 25.81 -7.86
N PRO J 181 -10.44 25.67 -6.74
CA PRO J 181 -9.95 24.81 -5.66
C PRO J 181 -9.61 23.40 -6.09
N LEU J 182 -10.38 22.84 -7.04
CA LEU J 182 -10.04 21.51 -7.54
C LEU J 182 -8.66 21.50 -8.18
N PHE J 183 -8.21 22.65 -8.68
CA PHE J 183 -6.91 22.72 -9.33
C PHE J 183 -5.79 23.21 -8.43
N ILE J 184 -6.09 24.03 -7.44
CA ILE J 184 -5.09 24.26 -6.40
C ILE J 184 -4.81 22.99 -5.62
N LEU J 185 -5.82 22.14 -5.41
CA LEU J 185 -5.58 20.87 -4.76
C LEU J 185 -4.68 19.96 -5.59
N ALA J 186 -4.51 20.25 -6.87
CA ALA J 186 -3.69 19.40 -7.73
C ALA J 186 -2.21 19.53 -7.44
N LEU J 187 -1.80 20.56 -6.69
CA LEU J 187 -0.38 20.67 -6.32
C LEU J 187 0.03 19.57 -5.35
N ILE J 188 -0.92 18.91 -4.70
CA ILE J 188 -0.59 17.93 -3.69
C ILE J 188 0.19 16.76 -4.30
N TRP J 189 -0.27 16.25 -5.43
CA TRP J 189 0.31 15.08 -6.06
C TRP J 189 1.07 15.46 -7.31
N GLN J 190 2.27 14.91 -7.47
CA GLN J 190 3.09 15.24 -8.63
C GLN J 190 2.44 14.95 -9.98
N PRO J 191 1.77 13.81 -10.19
CA PRO J 191 1.19 13.57 -11.52
C PRO J 191 0.14 14.60 -11.93
N THR J 192 -0.55 15.21 -10.98
CA THR J 192 -1.62 16.15 -11.28
C THR J 192 -1.15 17.60 -11.30
N HIS J 193 0.16 17.84 -11.28
CA HIS J 193 0.67 19.20 -11.34
C HIS J 193 0.36 19.86 -12.69
N ARG J 194 0.30 19.06 -13.75
CA ARG J 194 0.03 19.62 -15.07
C ARG J 194 -1.35 20.25 -15.13
N PHE J 195 -2.29 19.75 -14.34
CA PHE J 195 -3.62 20.34 -14.33
C PHE J 195 -3.58 21.75 -13.77
N PHE J 196 -2.83 21.96 -12.70
CA PHE J 196 -2.69 23.30 -12.17
C PHE J 196 -1.96 24.20 -13.15
N ASP J 197 -0.94 23.67 -13.83
CA ASP J 197 -0.23 24.47 -14.82
C ASP J 197 -1.18 24.94 -15.91
N GLN J 198 -2.02 24.04 -16.40
CA GLN J 198 -2.96 24.39 -17.46
C GLN J 198 -4.01 25.38 -16.98
N TRP J 199 -4.53 25.18 -15.77
CA TRP J 199 -5.50 26.11 -15.21
C TRP J 199 -4.89 27.51 -15.07
N ALA J 200 -3.66 27.58 -14.57
CA ALA J 200 -3.00 28.87 -14.42
C ALA J 200 -2.79 29.52 -15.78
N GLN J 201 -2.41 28.74 -16.78
CA GLN J 201 -2.21 29.31 -18.11
C GLN J 201 -3.50 29.89 -18.65
N GLN J 202 -4.62 29.18 -18.47
CA GLN J 202 -5.89 29.71 -18.96
C GLN J 202 -6.32 30.95 -18.19
N VAL J 203 -6.07 30.97 -16.88
CA VAL J 203 -6.39 32.16 -16.09
C VAL J 203 -5.61 33.35 -16.61
N LEU J 204 -4.32 33.15 -16.87
CA LEU J 204 -3.51 34.23 -17.42
C LEU J 204 -4.00 34.66 -18.79
N ASN J 205 -4.40 33.69 -19.61
CA ASN J 205 -4.92 33.99 -20.94
C ASN J 205 -6.12 34.91 -20.85
N TYR J 206 -7.11 34.55 -20.05
CA TYR J 206 -8.32 35.35 -20.03
C TYR J 206 -8.15 36.65 -19.27
N GLY J 207 -7.23 36.71 -18.30
CA GLY J 207 -6.93 37.99 -17.68
C GLY J 207 -6.29 38.96 -18.66
N LEU J 208 -5.32 38.49 -19.44
CA LEU J 208 -4.73 39.36 -20.45
C LEU J 208 -5.78 39.76 -21.48
N LEU J 209 -6.64 38.82 -21.86
CA LEU J 209 -7.74 39.15 -22.77
C LEU J 209 -8.58 40.28 -22.23
N ILE J 210 -8.96 40.20 -20.96
CA ILE J 210 -9.89 41.17 -20.40
C ILE J 210 -9.23 42.53 -20.30
N VAL J 211 -7.95 42.56 -19.94
CA VAL J 211 -7.23 43.84 -19.88
C VAL J 211 -7.15 44.48 -21.26
N LEU J 212 -6.73 43.70 -22.26
CA LEU J 212 -6.55 44.24 -23.60
C LEU J 212 -7.87 44.73 -24.18
N PHE J 213 -8.93 43.92 -24.09
CA PHE J 213 -10.23 44.36 -24.58
C PHE J 213 -10.74 45.59 -23.84
N ALA J 214 -10.72 45.59 -22.52
CA ALA J 214 -11.21 46.77 -21.83
C ALA J 214 -10.49 48.02 -22.30
N ALA J 215 -9.16 48.00 -22.27
CA ALA J 215 -8.40 49.19 -22.63
C ALA J 215 -8.65 49.62 -24.07
N VAL J 216 -8.29 48.74 -25.02
CA VAL J 216 -8.34 49.12 -26.42
C VAL J 216 -9.77 49.36 -26.88
N PHE J 217 -10.71 48.51 -26.47
CA PHE J 217 -12.10 48.67 -26.84
C PHE J 217 -12.67 49.97 -26.29
N GLY J 218 -12.34 50.33 -25.05
CA GLY J 218 -12.80 51.60 -24.53
C GLY J 218 -12.30 52.75 -25.36
N LEU J 219 -11.00 52.73 -25.70
CA LEU J 219 -10.45 53.81 -26.50
C LEU J 219 -11.13 53.90 -27.85
N LEU J 220 -11.24 52.77 -28.54
CA LEU J 220 -11.80 52.76 -29.89
C LEU J 220 -13.28 53.14 -29.89
N MET J 221 -14.02 52.64 -28.92
CA MET J 221 -15.45 52.90 -28.87
C MET J 221 -15.72 54.36 -28.50
N GLN J 222 -14.88 54.94 -27.64
CA GLN J 222 -15.02 56.35 -27.34
C GLN J 222 -14.71 57.20 -28.57
N ILE J 223 -13.68 56.83 -29.33
CA ILE J 223 -13.36 57.58 -30.56
C ILE J 223 -14.54 57.51 -31.53
N PHE J 224 -15.08 56.31 -31.73
CA PHE J 224 -16.21 56.14 -32.64
C PHE J 224 -17.42 56.91 -32.15
N GLY J 225 -17.68 56.89 -30.85
CA GLY J 225 -18.81 57.61 -30.32
C GLY J 225 -18.71 59.11 -30.54
N SER J 226 -17.51 59.67 -30.31
CA SER J 226 -17.32 61.10 -30.56
C SER J 226 -17.53 61.43 -32.02
N TYR J 227 -16.94 60.62 -32.91
CA TYR J 227 -17.09 60.87 -34.34
C TYR J 227 -18.55 60.85 -34.75
N MET J 228 -19.30 59.86 -34.28
CA MET J 228 -20.71 59.78 -34.65
C MET J 228 -21.51 60.90 -34.00
N ALA J 229 -21.12 61.33 -32.81
CA ALA J 229 -21.81 62.44 -32.17
C ALA J 229 -21.62 63.73 -32.93
N ASP J 230 -20.56 63.85 -33.71
CA ASP J 230 -20.39 65.04 -34.54
C ASP J 230 -21.10 64.94 -35.89
N LEU J 231 -21.57 63.75 -36.28
CA LEU J 231 -22.18 63.56 -37.57
C LEU J 231 -23.54 64.26 -37.65
N ARG J 232 -23.75 65.00 -38.74
CA ARG J 232 -25.01 65.78 -38.91
C ARG J 232 -25.43 65.79 -40.38
N PHE J 233 -26.72 65.56 -40.66
CA PHE J 233 -27.26 65.64 -42.01
C PHE J 233 -27.71 67.05 -42.36
N ASP J 234 -26.83 68.03 -42.17
CA ASP J 234 -27.13 69.39 -42.55
C ASP J 234 -26.65 69.63 -43.98
N GLY J 235 -26.75 70.87 -44.43
CA GLY J 235 -26.26 71.17 -45.75
C GLY J 235 -24.78 71.43 -45.83
N ALA J 236 -24.06 71.41 -44.71
CA ALA J 236 -22.67 71.78 -44.68
C ALA J 236 -21.72 70.59 -44.54
N GLN J 237 -22.22 69.39 -44.36
CA GLN J 237 -21.40 68.20 -44.21
C GLN J 237 -21.68 67.25 -45.37
N ASN J 238 -20.60 66.72 -45.94
CA ASN J 238 -20.74 65.83 -47.08
C ASN J 238 -21.15 64.46 -46.58
N VAL J 239 -22.29 63.97 -47.06
CA VAL J 239 -22.84 62.71 -46.54
C VAL J 239 -21.90 61.56 -46.82
N ALA J 240 -21.33 61.51 -48.03
CA ALA J 240 -20.43 60.42 -48.36
C ALA J 240 -19.23 60.39 -47.44
N TYR J 241 -18.64 61.55 -47.15
CA TYR J 241 -17.49 61.61 -46.26
C TYR J 241 -17.85 61.09 -44.88
N ALA J 242 -19.00 61.50 -44.35
CA ALA J 242 -19.40 61.10 -43.00
C ALA J 242 -19.65 59.59 -42.92
N ILE J 243 -20.43 59.05 -43.85
CA ILE J 243 -20.73 57.63 -43.81
C ILE J 243 -19.46 56.81 -44.04
N GLY J 244 -18.59 57.28 -44.94
CA GLY J 244 -17.34 56.57 -45.17
C GLY J 244 -16.43 56.58 -43.95
N GLY J 245 -16.34 57.71 -43.28
CA GLY J 245 -15.58 57.74 -42.04
C GLY J 245 -16.16 56.81 -41.00
N SER J 246 -17.48 56.74 -40.92
CA SER J 246 -18.12 55.82 -39.99
C SER J 246 -17.72 54.39 -40.29
N VAL J 247 -17.82 53.97 -41.54
CA VAL J 247 -17.52 52.58 -41.88
C VAL J 247 -16.04 52.29 -41.71
N ILE J 248 -15.18 53.26 -42.04
CA ILE J 248 -13.74 53.04 -41.88
C ILE J 248 -13.39 52.90 -40.40
N LEU J 249 -13.93 53.76 -39.55
CA LEU J 249 -13.65 53.63 -38.12
C LEU J 249 -14.16 52.31 -37.58
N SER J 250 -15.37 51.93 -37.97
CA SER J 250 -15.92 50.66 -37.53
C SER J 250 -15.00 49.50 -37.91
N ILE J 251 -14.63 49.42 -39.18
CA ILE J 251 -13.87 48.28 -39.66
C ILE J 251 -12.46 48.26 -39.07
N VAL J 252 -11.84 49.43 -38.95
CA VAL J 252 -10.52 49.52 -38.34
C VAL J 252 -10.57 48.97 -36.93
N SER J 253 -11.53 49.44 -36.13
CA SER J 253 -11.65 48.96 -34.77
C SER J 253 -11.92 47.46 -34.74
N ILE J 254 -12.74 46.98 -35.67
CA ILE J 254 -13.11 45.57 -35.67
C ILE J 254 -11.89 44.69 -35.89
N VAL J 255 -11.08 45.01 -36.90
CA VAL J 255 -9.94 44.14 -37.18
C VAL J 255 -8.87 44.28 -36.10
N LEU J 256 -8.65 45.49 -35.59
CA LEU J 256 -7.74 45.64 -34.45
C LEU J 256 -8.18 44.74 -33.31
N LEU J 257 -9.48 44.71 -33.01
CA LEU J 257 -9.95 43.86 -31.93
C LEU J 257 -9.80 42.38 -32.27
N MET J 258 -9.96 42.03 -33.55
CA MET J 258 -9.74 40.65 -33.98
C MET J 258 -8.33 40.16 -33.70
N GLN J 259 -7.32 41.02 -33.88
CA GLN J 259 -5.98 40.53 -33.60
C GLN J 259 -5.75 40.26 -32.11
N LEU J 260 -6.52 40.90 -31.23
CA LEU J 260 -6.21 40.84 -29.81
C LEU J 260 -6.33 39.45 -29.17
N PRO J 261 -7.35 38.63 -29.45
CA PRO J 261 -7.40 37.30 -28.82
C PRO J 261 -6.17 36.47 -29.09
N SER J 262 -5.67 36.50 -30.33
CA SER J 262 -4.45 35.78 -30.66
C SER J 262 -3.29 36.29 -29.84
N ILE J 263 -3.22 37.61 -29.65
CA ILE J 263 -2.16 38.19 -28.84
C ILE J 263 -2.23 37.69 -27.41
N ALA J 264 -3.43 37.69 -26.83
CA ALA J 264 -3.56 37.25 -25.44
C ALA J 264 -3.17 35.79 -25.29
N SER J 265 -3.65 34.93 -26.18
CA SER J 265 -3.29 33.52 -26.12
C SER J 265 -1.80 33.32 -26.34
N GLY J 266 -1.19 34.07 -27.24
CA GLY J 266 0.22 33.98 -27.50
C GLY J 266 1.09 34.38 -26.34
N LEU J 267 0.77 35.49 -25.67
CA LEU J 267 1.51 35.85 -24.46
C LEU J 267 1.31 34.83 -23.36
N ALA J 268 0.09 34.32 -23.18
CA ALA J 268 -0.13 33.30 -22.17
C ALA J 268 0.73 32.08 -22.45
N GLY J 269 0.81 31.66 -23.71
CA GLY J 269 1.68 30.56 -24.06
C GLY J 269 3.16 30.89 -23.90
N GLY J 270 3.52 32.15 -24.19
CA GLY J 270 4.92 32.54 -24.10
C GLY J 270 5.44 32.48 -22.68
N ILE J 271 4.64 32.95 -21.72
CA ILE J 271 5.00 32.70 -20.33
C ILE J 271 4.96 31.21 -20.09
N GLY J 272 6.01 30.67 -19.51
CA GLY J 272 6.18 29.22 -19.40
C GLY J 272 5.02 28.49 -18.74
N LEU J 273 4.83 28.73 -17.44
CA LEU J 273 3.76 28.09 -16.67
C LEU J 273 3.74 26.57 -16.85
N ALA K 2 -47.16 28.81 -35.70
CA ALA K 2 -45.99 29.22 -34.93
C ALA K 2 -44.72 28.84 -35.65
N PHE K 3 -43.58 29.28 -35.12
CA PHE K 3 -42.28 28.96 -35.70
C PHE K 3 -41.78 27.67 -35.08
N GLU K 4 -41.72 26.62 -35.88
CA GLU K 4 -41.26 25.31 -35.44
C GLU K 4 -40.29 24.78 -36.49
N LEU K 5 -39.00 25.00 -36.25
CA LEU K 5 -37.98 24.51 -37.16
C LEU K 5 -36.98 23.58 -36.50
N PHE K 6 -36.54 23.88 -35.29
CA PHE K 6 -35.53 23.04 -34.65
C PHE K 6 -36.13 21.76 -34.10
N THR K 7 -37.38 21.78 -33.65
CA THR K 7 -38.02 20.54 -33.23
C THR K 7 -38.13 19.53 -34.38
N PRO K 8 -38.70 19.87 -35.55
CA PRO K 8 -38.75 18.87 -36.62
C PRO K 8 -37.38 18.45 -37.11
N LEU K 9 -36.43 19.37 -37.20
CA LEU K 9 -35.09 19.02 -37.66
C LEU K 9 -34.41 18.06 -36.69
N PHE K 10 -34.51 18.34 -35.39
CA PHE K 10 -33.90 17.45 -34.41
C PHE K 10 -34.57 16.09 -34.42
N ASN K 11 -35.89 16.05 -34.57
CA ASN K 11 -36.56 14.76 -34.63
C ASN K 11 -36.15 13.98 -35.87
N LYS K 12 -36.00 14.67 -37.00
CA LYS K 12 -35.55 14.01 -38.23
C LYS K 12 -34.17 13.42 -38.05
N ILE K 13 -33.24 14.21 -37.51
CA ILE K 13 -31.88 13.72 -37.32
C ILE K 13 -31.86 12.58 -36.31
N ASP K 14 -32.69 12.67 -35.27
CA ASP K 14 -32.76 11.60 -34.28
C ASP K 14 -33.30 10.31 -34.88
N GLN K 15 -34.34 10.41 -35.70
CA GLN K 15 -34.85 9.20 -36.35
C GLN K 15 -33.81 8.60 -37.28
N THR K 16 -33.13 9.43 -38.06
CA THR K 16 -32.10 8.92 -38.96
C THR K 16 -30.99 8.23 -38.18
N THR K 17 -30.46 8.91 -37.17
CA THR K 17 -29.36 8.34 -36.41
C THR K 17 -29.79 7.09 -35.66
N ALA K 18 -31.01 7.05 -35.13
CA ALA K 18 -31.50 5.82 -34.55
C ALA K 18 -31.52 4.71 -35.59
N THR K 19 -32.37 4.85 -36.60
CA THR K 19 -32.63 3.77 -37.54
C THR K 19 -31.36 3.24 -38.16
N TYR K 20 -30.37 4.09 -38.39
CA TYR K 20 -29.15 3.48 -38.92
C TYR K 20 -28.15 3.16 -37.82
N VAL K 21 -27.59 4.18 -37.16
CA VAL K 21 -26.44 3.96 -36.30
C VAL K 21 -26.81 3.08 -35.11
N THR K 22 -27.93 3.37 -34.46
CA THR K 22 -28.22 2.70 -33.21
C THR K 22 -28.87 1.35 -33.46
N ASP K 23 -29.79 1.29 -34.42
CA ASP K 23 -30.50 0.04 -34.67
C ASP K 23 -29.60 -1.00 -35.29
N ILE K 24 -28.70 -0.61 -36.20
CA ILE K 24 -27.78 -1.59 -36.77
C ILE K 24 -26.92 -2.19 -35.68
N SER K 25 -26.39 -1.36 -34.78
CA SER K 25 -25.54 -1.87 -33.71
C SER K 25 -26.32 -2.78 -32.78
N SER K 26 -27.56 -2.40 -32.46
CA SER K 26 -28.42 -3.21 -31.55
C SER K 26 -28.65 -4.59 -32.15
N ARG K 27 -29.17 -4.66 -33.37
CA ARG K 27 -29.51 -5.97 -34.00
C ARG K 27 -28.25 -6.82 -34.18
N ALA K 28 -27.15 -6.21 -34.61
CA ALA K 28 -25.91 -6.98 -34.86
C ALA K 28 -25.42 -7.58 -33.54
N ILE K 29 -25.44 -6.80 -32.46
CA ILE K 29 -25.01 -7.32 -31.13
C ILE K 29 -25.98 -8.43 -30.71
N ALA K 30 -27.28 -8.22 -30.91
CA ALA K 30 -28.29 -9.22 -30.47
C ALA K 30 -28.08 -10.53 -31.24
N ALA K 31 -27.78 -10.45 -32.53
CA ALA K 31 -27.60 -11.67 -33.36
C ALA K 31 -26.41 -12.47 -32.85
N ILE K 32 -25.32 -11.80 -32.47
CA ILE K 32 -24.08 -12.54 -32.08
C ILE K 32 -24.07 -12.87 -30.58
N THR K 33 -24.87 -12.19 -29.76
CA THR K 33 -24.77 -12.43 -28.32
C THR K 33 -24.91 -13.90 -27.92
N PRO K 34 -25.94 -14.65 -28.35
CA PRO K 34 -26.00 -16.06 -27.95
C PRO K 34 -24.84 -16.88 -28.47
N VAL K 35 -24.47 -16.68 -29.74
CA VAL K 35 -23.40 -17.46 -30.35
C VAL K 35 -22.09 -17.19 -29.63
N VAL K 36 -21.77 -15.92 -29.40
CA VAL K 36 -20.52 -15.59 -28.73
C VAL K 36 -20.55 -16.08 -27.30
N SER K 37 -21.71 -16.02 -26.64
CA SER K 37 -21.80 -16.51 -25.27
C SER K 37 -21.42 -17.99 -25.19
N VAL K 38 -22.08 -18.80 -26.01
CA VAL K 38 -21.81 -20.23 -25.97
C VAL K 38 -20.38 -20.53 -26.41
N GLY K 39 -19.90 -19.81 -27.43
CA GLY K 39 -18.55 -20.04 -27.91
C GLY K 39 -17.50 -19.72 -26.88
N LEU K 40 -17.66 -18.59 -26.18
CA LEU K 40 -16.73 -18.23 -25.12
C LEU K 40 -16.77 -19.24 -23.98
N THR K 41 -17.98 -19.69 -23.60
CA THR K 41 -18.07 -20.69 -22.53
C THR K 41 -17.36 -21.98 -22.91
N LEU K 42 -17.65 -22.50 -24.11
CA LEU K 42 -17.01 -23.74 -24.54
C LEU K 42 -15.52 -23.58 -24.74
N GLY K 43 -15.08 -22.42 -25.21
CA GLY K 43 -13.65 -22.18 -25.34
C GLY K 43 -12.95 -22.12 -24.00
N PHE K 44 -13.61 -21.53 -23.00
CA PHE K 44 -13.05 -21.53 -21.65
C PHE K 44 -12.91 -22.95 -21.13
N ILE K 45 -13.94 -23.78 -21.32
CA ILE K 45 -13.86 -25.17 -20.88
C ILE K 45 -12.72 -25.89 -21.60
N THR K 46 -12.64 -25.72 -22.92
CA THR K 46 -11.61 -26.39 -23.71
C THR K 46 -10.22 -25.99 -23.25
N TYR K 47 -9.97 -24.69 -23.15
CA TYR K 47 -8.63 -24.25 -22.77
C TYR K 47 -8.29 -24.68 -21.36
N GLY K 48 -9.28 -24.73 -20.46
CA GLY K 48 -9.02 -25.23 -19.12
C GLY K 48 -8.56 -26.67 -19.14
N TRP K 49 -9.28 -27.52 -19.89
CA TRP K 49 -8.86 -28.92 -19.98
C TRP K 49 -7.48 -29.05 -20.60
N LEU K 50 -7.20 -28.32 -21.68
CA LEU K 50 -5.90 -28.43 -22.33
C LEU K 50 -4.77 -27.98 -21.42
N ILE K 51 -4.97 -26.89 -20.66
CA ILE K 51 -3.90 -26.42 -19.79
C ILE K 51 -3.68 -27.38 -18.64
N ILE K 52 -4.76 -27.94 -18.08
CA ILE K 52 -4.57 -28.88 -16.98
C ILE K 52 -4.05 -30.23 -17.48
N ARG K 53 -4.11 -30.49 -18.79
CA ARG K 53 -3.55 -31.71 -19.36
C ARG K 53 -2.70 -31.35 -20.58
N GLY K 54 -1.43 -31.00 -20.33
CA GLY K 54 -0.48 -30.89 -21.41
C GLY K 54 0.11 -29.51 -21.69
N ALA K 55 -0.71 -28.46 -21.65
CA ALA K 55 -0.22 -27.15 -22.01
C ALA K 55 0.42 -26.44 -20.83
N VAL K 56 1.14 -25.35 -21.11
CA VAL K 56 1.73 -24.55 -20.06
C VAL K 56 0.64 -23.77 -19.34
N GLU K 57 0.61 -23.84 -18.01
CA GLU K 57 -0.48 -23.28 -17.25
C GLU K 57 0.00 -22.77 -15.90
N MET K 58 -0.62 -21.68 -15.44
CA MET K 58 -0.60 -21.31 -14.03
C MET K 58 -2.02 -21.50 -13.53
N PRO K 59 -2.30 -22.57 -12.82
CA PRO K 59 -3.68 -23.07 -12.74
C PRO K 59 -4.68 -22.12 -12.12
N VAL K 60 -4.40 -21.64 -10.90
CA VAL K 60 -5.40 -20.95 -10.12
C VAL K 60 -5.26 -19.42 -10.22
N ALA K 61 -4.05 -18.89 -10.30
CA ALA K 61 -3.91 -17.43 -10.34
C ALA K 61 -4.09 -16.89 -11.75
N GLU K 62 -3.21 -17.29 -12.67
CA GLU K 62 -3.17 -16.65 -13.98
C GLU K 62 -4.40 -17.01 -14.80
N PHE K 63 -4.76 -18.29 -14.85
CA PHE K 63 -5.88 -18.67 -15.70
C PHE K 63 -7.18 -18.05 -15.21
N LEU K 64 -7.47 -18.15 -13.91
CA LEU K 64 -8.69 -17.57 -13.40
C LEU K 64 -8.70 -16.06 -13.56
N ASN K 65 -7.58 -15.39 -13.28
CA ASN K 65 -7.54 -13.94 -13.40
C ASN K 65 -7.74 -13.50 -14.85
N ARG K 66 -7.08 -14.17 -15.80
CA ARG K 66 -7.23 -13.80 -17.19
C ARG K 66 -8.64 -14.08 -17.69
N CYS K 67 -9.22 -15.20 -17.27
CA CYS K 67 -10.61 -15.47 -17.63
C CYS K 67 -11.52 -14.39 -17.08
N LEU K 68 -11.26 -13.93 -15.85
CA LEU K 68 -12.08 -12.87 -15.28
C LEU K 68 -11.94 -11.58 -16.07
N ARG K 69 -10.72 -11.23 -16.47
CA ARG K 69 -10.55 -10.01 -17.26
C ARG K 69 -11.31 -10.09 -18.57
N ILE K 70 -11.16 -11.22 -19.28
CA ILE K 70 -11.86 -11.38 -20.54
C ILE K 70 -13.36 -11.32 -20.33
N GLY K 71 -13.85 -11.96 -19.28
CA GLY K 71 -15.28 -11.99 -19.04
C GLY K 71 -15.85 -10.63 -18.73
N ILE K 72 -15.16 -9.87 -17.88
CA ILE K 72 -15.65 -8.54 -17.55
C ILE K 72 -15.63 -7.63 -18.76
N ILE K 73 -14.55 -7.67 -19.55
CA ILE K 73 -14.51 -6.84 -20.74
C ILE K 73 -15.61 -7.22 -21.73
N VAL K 74 -15.82 -8.51 -21.95
CA VAL K 74 -16.86 -8.93 -22.88
C VAL K 74 -18.23 -8.57 -22.35
N SER K 75 -18.46 -8.70 -21.05
CA SER K 75 -19.76 -8.34 -20.49
C SER K 75 -20.04 -6.86 -20.67
N ILE K 76 -19.04 -6.01 -20.41
CA ILE K 76 -19.24 -4.57 -20.61
C ILE K 76 -19.50 -4.29 -22.08
N ALA K 77 -18.71 -4.90 -22.98
CA ALA K 77 -18.88 -4.63 -24.40
C ALA K 77 -20.23 -5.09 -24.91
N LEU K 78 -20.75 -6.19 -24.37
CA LEU K 78 -22.06 -6.69 -24.71
C LEU K 78 -23.17 -5.91 -24.03
N ALA K 79 -22.87 -5.17 -22.97
CA ALA K 79 -23.83 -4.25 -22.40
C ALA K 79 -24.16 -3.12 -23.35
N GLY K 80 -23.38 -2.94 -24.42
CA GLY K 80 -23.76 -2.04 -25.48
C GLY K 80 -25.05 -2.44 -26.15
N GLY K 81 -25.49 -3.68 -25.97
CA GLY K 81 -26.76 -4.10 -26.55
C GLY K 81 -27.95 -3.32 -25.99
N LEU K 82 -27.72 -2.55 -24.94
CA LEU K 82 -28.73 -1.65 -24.39
C LEU K 82 -28.57 -0.24 -24.98
N TYR K 83 -28.54 -0.18 -26.33
CA TYR K 83 -28.24 1.08 -27.00
C TYR K 83 -29.32 2.12 -26.81
N GLN K 84 -30.58 1.70 -26.84
CA GLN K 84 -31.69 2.66 -26.74
C GLN K 84 -31.59 3.45 -25.45
N GLY K 85 -31.12 2.80 -24.38
CA GLY K 85 -30.92 3.53 -23.13
C GLY K 85 -30.00 4.72 -23.30
N GLU K 86 -28.86 4.53 -23.95
CA GLU K 86 -27.90 5.62 -24.06
C GLU K 86 -28.35 6.66 -25.08
N ILE K 87 -29.04 6.24 -26.14
CA ILE K 87 -29.52 7.23 -27.11
C ILE K 87 -30.56 8.14 -26.46
N ALA K 88 -31.48 7.55 -25.67
CA ALA K 88 -32.41 8.36 -24.91
C ALA K 88 -31.68 9.20 -23.87
N ASN K 89 -30.60 8.67 -23.30
CA ASN K 89 -29.83 9.42 -22.33
C ASN K 89 -29.30 10.71 -22.94
N ALA K 90 -28.76 10.64 -24.15
CA ALA K 90 -28.24 11.86 -24.80
C ALA K 90 -29.37 12.82 -25.15
N ILE K 91 -30.43 12.29 -25.79
CA ILE K 91 -31.53 13.13 -26.25
C ILE K 91 -32.26 13.78 -25.08
N THR K 92 -32.12 13.23 -23.87
CA THR K 92 -32.68 13.88 -22.70
C THR K 92 -31.65 14.69 -21.91
N THR K 93 -30.35 14.42 -22.11
CA THR K 93 -29.33 15.23 -21.48
C THR K 93 -29.36 16.64 -22.03
N VAL K 94 -29.62 16.79 -23.34
CA VAL K 94 -29.69 18.13 -23.92
C VAL K 94 -30.78 18.97 -23.27
N PRO K 95 -32.05 18.54 -23.23
CA PRO K 95 -33.10 19.44 -22.72
C PRO K 95 -33.02 19.69 -21.23
N ASP K 96 -32.70 18.67 -20.44
CA ASP K 96 -32.64 18.85 -19.00
C ASP K 96 -31.64 19.93 -18.63
N GLU K 97 -30.48 19.91 -19.28
CA GLU K 97 -29.46 20.91 -18.96
C GLU K 97 -29.82 22.27 -19.52
N LEU K 98 -30.30 22.31 -20.77
CA LEU K 98 -30.54 23.63 -21.35
C LEU K 98 -31.76 24.31 -20.75
N ALA K 99 -32.63 23.54 -20.08
CA ALA K 99 -33.90 24.07 -19.61
C ALA K 99 -33.75 25.06 -18.47
N SER K 100 -33.22 24.62 -17.33
CA SER K 100 -33.21 25.44 -16.12
C SER K 100 -31.92 25.34 -15.33
N ALA K 101 -30.86 24.76 -15.90
CA ALA K 101 -29.61 24.63 -15.16
C ALA K 101 -29.00 26.00 -14.88
N LEU K 102 -29.01 26.89 -15.88
CA LEU K 102 -28.48 28.24 -15.71
C LEU K 102 -29.51 29.33 -15.96
N LEU K 103 -30.64 29.02 -16.58
CA LEU K 103 -31.66 30.03 -16.82
C LEU K 103 -32.27 30.52 -15.51
N GLY K 104 -32.51 29.61 -14.57
CA GLY K 104 -33.13 29.97 -13.32
C GLY K 104 -34.61 30.28 -13.41
N ASN K 105 -35.29 29.77 -14.43
CA ASN K 105 -36.71 29.97 -14.60
C ASN K 105 -37.43 28.63 -14.52
N PRO K 106 -38.60 28.57 -13.89
CA PRO K 106 -39.32 27.29 -13.81
C PRO K 106 -39.64 26.77 -15.19
N THR K 107 -39.50 25.45 -15.37
CA THR K 107 -39.62 24.81 -16.67
C THR K 107 -40.82 23.89 -16.68
N GLN K 108 -41.67 24.02 -17.71
CA GLN K 108 -42.80 23.12 -17.85
C GLN K 108 -42.35 21.76 -18.36
N GLY K 109 -41.12 21.66 -18.85
CA GLY K 109 -40.61 20.42 -19.40
C GLY K 109 -40.30 20.50 -20.87
N ALA K 110 -39.90 21.69 -21.34
CA ALA K 110 -39.62 21.91 -22.74
C ALA K 110 -38.27 21.30 -23.09
N SER K 111 -37.88 21.46 -24.37
CA SER K 111 -36.61 20.86 -24.87
C SER K 111 -35.76 21.90 -25.59
N ALA K 112 -34.86 21.44 -26.47
CA ALA K 112 -33.94 22.37 -27.19
C ALA K 112 -34.63 22.94 -28.43
N ALA K 113 -34.99 22.08 -29.39
CA ALA K 113 -35.61 22.54 -30.63
C ALA K 113 -36.83 23.38 -30.34
N ALA K 114 -37.58 23.03 -29.30
CA ALA K 114 -38.77 23.80 -28.95
C ALA K 114 -38.41 25.24 -28.58
N LEU K 115 -37.43 25.41 -27.70
CA LEU K 115 -37.06 26.76 -27.26
C LEU K 115 -36.47 27.57 -28.41
N VAL K 116 -35.64 26.94 -29.23
CA VAL K 116 -35.10 27.66 -30.39
C VAL K 116 -36.25 28.10 -31.29
N ASP K 117 -37.23 27.22 -31.49
CA ASP K 117 -38.37 27.56 -32.33
C ASP K 117 -39.16 28.73 -31.75
N GLN K 118 -39.39 28.73 -30.44
CA GLN K 118 -40.17 29.83 -29.86
C GLN K 118 -39.45 31.16 -29.99
N SER K 119 -38.15 31.20 -29.69
CA SER K 119 -37.44 32.46 -29.79
C SER K 119 -37.35 32.93 -31.25
N ALA K 120 -37.06 32.01 -32.17
CA ALA K 120 -37.05 32.38 -33.58
C ALA K 120 -38.42 32.83 -34.04
N GLN K 121 -39.48 32.28 -33.46
CA GLN K 121 -40.83 32.71 -33.79
C GLN K 121 -41.05 34.15 -33.35
N GLN K 122 -40.55 34.51 -32.17
CA GLN K 122 -40.66 35.90 -31.74
C GLN K 122 -39.97 36.83 -32.73
N GLY K 123 -38.74 36.48 -33.11
CA GLY K 123 -38.02 37.30 -34.07
C GLY K 123 -38.74 37.43 -35.40
N PHE K 124 -39.23 36.30 -35.91
CA PHE K 124 -39.87 36.31 -37.21
C PHE K 124 -41.24 36.98 -37.15
N ASP K 125 -41.90 36.96 -36.00
CA ASP K 125 -43.13 37.73 -35.85
C ASP K 125 -42.85 39.22 -35.91
N ARG K 126 -41.75 39.66 -35.31
CA ARG K 126 -41.37 41.09 -35.39
C ARG K 126 -41.06 41.45 -36.84
N ALA K 127 -40.38 40.54 -37.56
CA ALA K 127 -40.10 40.78 -38.98
C ALA K 127 -41.39 40.83 -39.79
N SER K 128 -42.35 39.98 -39.46
CA SER K 128 -43.62 39.97 -40.18
C SER K 128 -44.40 41.26 -39.93
N GLU K 129 -44.35 41.78 -38.71
CA GLU K 129 -44.99 43.06 -38.45
C GLU K 129 -44.31 44.18 -39.23
N ALA K 130 -42.99 44.13 -39.35
CA ALA K 130 -42.30 45.10 -40.19
C ALA K 130 -42.75 45.00 -41.64
N PHE K 131 -42.90 43.78 -42.14
CA PHE K 131 -43.38 43.59 -43.50
C PHE K 131 -44.79 44.13 -43.67
N GLU K 132 -45.63 43.94 -42.66
CA GLU K 132 -46.99 44.47 -42.71
C GLU K 132 -46.98 45.99 -42.79
N GLU K 133 -46.13 46.62 -41.98
CA GLU K 133 -46.00 48.07 -42.06
C GLU K 133 -45.50 48.50 -43.43
N ALA K 134 -44.59 47.74 -44.01
CA ALA K 134 -44.13 48.03 -45.36
C ALA K 134 -45.29 47.95 -46.35
N GLY K 135 -46.18 46.97 -46.16
CA GLY K 135 -47.34 46.87 -47.01
C GLY K 135 -48.29 48.04 -46.86
N PHE K 136 -48.41 48.58 -45.64
CA PHE K 136 -49.29 49.71 -45.42
C PHE K 136 -48.84 50.93 -46.22
N PHE K 137 -47.58 51.32 -46.07
CA PHE K 137 -47.03 52.43 -46.83
C PHE K 137 -46.59 51.89 -48.19
N SER K 138 -47.39 52.12 -49.22
CA SER K 138 -47.11 51.57 -50.54
C SER K 138 -45.73 52.01 -51.01
N SER K 139 -45.57 53.30 -51.27
CA SER K 139 -44.24 53.88 -51.32
C SER K 139 -43.89 54.44 -49.95
N ASP K 140 -42.62 54.76 -49.77
CA ASP K 140 -42.11 55.11 -48.44
C ASP K 140 -42.36 53.99 -47.44
N GLY K 141 -42.31 52.75 -47.92
CA GLY K 141 -42.56 51.63 -47.06
C GLY K 141 -41.46 50.59 -47.12
N LEU K 142 -40.59 50.69 -48.13
CA LEU K 142 -39.52 49.72 -48.25
C LEU K 142 -38.48 49.87 -47.15
N LEU K 143 -38.49 50.99 -46.43
CA LEU K 143 -37.67 51.09 -45.23
C LEU K 143 -38.09 50.03 -44.22
N TYR K 144 -39.40 49.83 -44.05
CA TYR K 144 -39.87 48.78 -43.17
C TYR K 144 -39.54 47.40 -43.72
N GLY K 145 -39.49 47.25 -45.04
CA GLY K 145 -39.03 46.00 -45.61
C GLY K 145 -37.58 45.72 -45.25
N LEU K 146 -36.73 46.75 -45.31
CA LEU K 146 -35.33 46.57 -44.90
C LEU K 146 -35.23 46.25 -43.43
N PHE K 147 -36.05 46.89 -42.59
CA PHE K 147 -36.08 46.54 -41.17
C PHE K 147 -36.43 45.07 -40.98
N GLY K 148 -37.46 44.61 -41.69
CA GLY K 148 -37.85 43.22 -41.58
C GLY K 148 -36.77 42.27 -42.06
N ILE K 149 -36.09 42.62 -43.14
CA ILE K 149 -35.00 41.78 -43.63
C ILE K 149 -33.89 41.70 -42.60
N ILE K 150 -33.55 42.82 -41.96
CA ILE K 150 -32.50 42.81 -40.94
C ILE K 150 -32.90 41.92 -39.77
N ILE K 151 -34.13 42.09 -39.29
CA ILE K 151 -34.61 41.29 -38.17
C ILE K 151 -34.58 39.81 -38.52
N LEU K 152 -35.09 39.49 -39.72
CA LEU K 152 -35.14 38.11 -40.17
C LEU K 152 -33.76 37.50 -40.26
N LEU K 153 -32.81 38.24 -40.84
CA LEU K 153 -31.47 37.71 -41.00
C LEU K 153 -30.79 37.50 -39.65
N ALA K 154 -30.92 38.45 -38.73
CA ALA K 154 -30.31 38.29 -37.42
C ALA K 154 -30.85 37.07 -36.70
N THR K 155 -32.19 36.99 -36.60
CA THR K 155 -32.81 35.86 -35.92
C THR K 155 -32.42 34.55 -36.57
N GLY K 156 -32.53 34.49 -37.89
CA GLY K 156 -32.25 33.26 -38.60
C GLY K 156 -30.81 32.81 -38.45
N LEU K 157 -29.87 33.76 -38.48
CA LEU K 157 -28.48 33.36 -38.48
C LEU K 157 -28.09 32.88 -37.08
N LEU K 158 -28.57 33.56 -36.04
CA LEU K 158 -28.31 33.07 -34.69
C LEU K 158 -28.87 31.68 -34.48
N ALA K 159 -30.15 31.49 -34.80
CA ALA K 159 -30.78 30.19 -34.63
C ALA K 159 -30.07 29.13 -35.45
N ALA K 160 -29.66 29.47 -36.67
CA ALA K 160 -29.04 28.50 -37.55
C ALA K 160 -27.69 28.05 -37.02
N ILE K 161 -26.85 28.98 -36.60
CA ILE K 161 -25.55 28.60 -36.06
C ILE K 161 -25.72 27.67 -34.86
N GLY K 162 -26.56 28.08 -33.90
CA GLY K 162 -26.71 27.26 -32.71
C GLY K 162 -27.28 25.88 -33.02
N GLY K 163 -28.37 25.84 -33.78
CA GLY K 163 -28.99 24.57 -34.08
C GLY K 163 -28.12 23.67 -34.91
N ALA K 164 -27.31 24.24 -35.78
CA ALA K 164 -26.44 23.42 -36.61
C ALA K 164 -25.33 22.79 -35.80
N PHE K 165 -24.79 23.51 -34.82
CA PHE K 165 -23.81 22.86 -33.97
C PHE K 165 -24.44 21.82 -33.06
N LEU K 166 -25.67 22.04 -32.61
CA LEU K 166 -26.37 20.97 -31.89
C LEU K 166 -26.55 19.74 -32.77
N LEU K 167 -26.92 19.94 -34.02
CA LEU K 167 -27.08 18.83 -34.94
C LEU K 167 -25.77 18.10 -35.17
N LEU K 168 -24.68 18.85 -35.34
CA LEU K 168 -23.37 18.22 -35.52
C LEU K 168 -23.01 17.36 -34.33
N ALA K 169 -23.23 17.88 -33.12
CA ALA K 169 -22.94 17.11 -31.93
C ALA K 169 -23.76 15.83 -31.88
N LYS K 170 -25.06 15.93 -32.18
CA LYS K 170 -25.92 14.75 -32.10
C LYS K 170 -25.52 13.70 -33.13
N ILE K 171 -25.26 14.13 -34.37
CA ILE K 171 -24.87 13.19 -35.41
C ILE K 171 -23.55 12.52 -35.07
N ALA K 172 -22.57 13.32 -34.62
CA ALA K 172 -21.28 12.76 -34.28
C ALA K 172 -21.39 11.76 -33.14
N LEU K 173 -22.19 12.08 -32.13
CA LEU K 173 -22.36 11.15 -31.01
C LEU K 173 -23.05 9.87 -31.47
N ALA K 174 -24.02 9.99 -32.38
CA ALA K 174 -24.67 8.78 -32.88
C ALA K 174 -23.70 7.89 -33.63
N LEU K 175 -22.89 8.47 -34.51
CA LEU K 175 -21.90 7.67 -35.23
C LEU K 175 -20.89 7.04 -34.29
N LEU K 176 -20.40 7.80 -33.30
CA LEU K 176 -19.43 7.25 -32.38
C LEU K 176 -20.03 6.13 -31.55
N ALA K 177 -21.26 6.30 -31.06
CA ALA K 177 -21.89 5.24 -30.31
C ALA K 177 -22.09 4.00 -31.17
N GLY K 178 -22.46 4.19 -32.43
CA GLY K 178 -22.63 3.05 -33.32
C GLY K 178 -21.34 2.29 -33.55
N LEU K 179 -20.25 3.01 -33.74
CA LEU K 179 -18.95 2.39 -33.99
C LEU K 179 -18.20 2.05 -32.71
N GLY K 180 -18.80 2.29 -31.56
CA GLY K 180 -18.17 2.01 -30.29
C GLY K 180 -17.62 0.63 -30.08
N PRO K 181 -18.40 -0.42 -30.38
CA PRO K 181 -17.89 -1.78 -30.16
C PRO K 181 -16.60 -2.10 -30.89
N LEU K 182 -16.43 -1.59 -32.11
CA LEU K 182 -15.21 -1.88 -32.85
C LEU K 182 -14.00 -1.30 -32.14
N PHE K 183 -14.19 -0.19 -31.43
CA PHE K 183 -13.08 0.45 -30.73
C PHE K 183 -12.92 -0.03 -29.30
N ILE K 184 -13.98 -0.61 -28.72
CA ILE K 184 -13.84 -1.26 -27.43
C ILE K 184 -13.19 -2.62 -27.55
N LEU K 185 -13.39 -3.33 -28.65
CA LEU K 185 -12.61 -4.51 -28.96
C LEU K 185 -11.16 -4.19 -29.25
N ALA K 186 -10.82 -2.93 -29.44
CA ALA K 186 -9.46 -2.53 -29.75
C ALA K 186 -8.55 -2.50 -28.54
N LEU K 187 -9.10 -2.70 -27.35
CA LEU K 187 -8.30 -2.79 -26.14
C LEU K 187 -7.70 -4.18 -25.95
N ILE K 188 -8.10 -5.15 -26.77
CA ILE K 188 -7.59 -6.51 -26.64
C ILE K 188 -6.11 -6.56 -26.96
N TRP K 189 -5.70 -5.89 -28.03
CA TRP K 189 -4.32 -5.94 -28.50
C TRP K 189 -3.64 -4.59 -28.27
N GLN K 190 -2.36 -4.65 -27.88
CA GLN K 190 -1.63 -3.41 -27.61
C GLN K 190 -1.52 -2.48 -28.81
N PRO K 191 -1.21 -2.93 -30.03
CA PRO K 191 -1.11 -1.98 -31.14
C PRO K 191 -2.38 -1.21 -31.42
N THR K 192 -3.55 -1.82 -31.17
CA THR K 192 -4.82 -1.17 -31.46
C THR K 192 -5.35 -0.34 -30.30
N HIS K 193 -4.54 -0.13 -29.26
CA HIS K 193 -4.97 0.67 -28.12
C HIS K 193 -5.19 2.13 -28.51
N ARG K 194 -4.35 2.64 -29.42
CA ARG K 194 -4.46 4.04 -29.81
C ARG K 194 -5.79 4.33 -30.47
N PHE K 195 -6.39 3.33 -31.11
CA PHE K 195 -7.70 3.53 -31.71
C PHE K 195 -8.73 3.83 -30.65
N PHE K 196 -8.72 3.08 -29.55
CA PHE K 196 -9.66 3.35 -28.47
C PHE K 196 -9.37 4.70 -27.83
N ASP K 197 -8.10 5.05 -27.70
CA ASP K 197 -7.77 6.35 -27.13
C ASP K 197 -8.35 7.48 -27.97
N GLN K 198 -8.19 7.39 -29.29
CA GLN K 198 -8.72 8.43 -30.17
C GLN K 198 -10.24 8.46 -30.17
N TRP K 199 -10.88 7.29 -30.16
CA TRP K 199 -12.33 7.24 -30.09
C TRP K 199 -12.84 7.87 -28.82
N ALA K 200 -12.20 7.58 -27.69
CA ALA K 200 -12.60 8.19 -26.43
C ALA K 200 -12.40 9.70 -26.45
N GLN K 201 -11.30 10.16 -27.04
CA GLN K 201 -11.07 11.59 -27.10
C GLN K 201 -12.15 12.29 -27.92
N GLN K 202 -12.56 11.68 -29.03
CA GLN K 202 -13.61 12.30 -29.84
C GLN K 202 -14.95 12.26 -29.13
N VAL K 203 -15.23 11.18 -28.41
CA VAL K 203 -16.46 11.12 -27.63
C VAL K 203 -16.49 12.24 -26.60
N LEU K 204 -15.38 12.45 -25.90
CA LEU K 204 -15.31 13.53 -24.94
C LEU K 204 -15.47 14.88 -25.61
N ASN K 205 -14.84 15.05 -26.77
CA ASN K 205 -14.94 16.31 -27.51
C ASN K 205 -16.41 16.65 -27.80
N TYR K 206 -17.13 15.71 -28.40
CA TYR K 206 -18.48 16.03 -28.81
C TYR K 206 -19.45 16.07 -27.64
N GLY K 207 -19.17 15.32 -26.57
CA GLY K 207 -19.97 15.47 -25.36
C GLY K 207 -19.82 16.85 -24.75
N LEU K 208 -18.58 17.34 -24.66
CA LEU K 208 -18.38 18.69 -24.15
C LEU K 208 -19.02 19.71 -25.05
N LEU K 209 -18.94 19.50 -26.37
CA LEU K 209 -19.60 20.39 -27.31
C LEU K 209 -21.09 20.44 -27.06
N ILE K 210 -21.73 19.28 -26.88
CA ILE K 210 -23.17 19.26 -26.73
C ILE K 210 -23.59 19.90 -25.42
N VAL K 211 -22.81 19.67 -24.36
CA VAL K 211 -23.08 20.31 -23.07
C VAL K 211 -22.99 21.82 -23.19
N LEU K 212 -21.88 22.32 -23.73
CA LEU K 212 -21.67 23.76 -23.80
C LEU K 212 -22.71 24.42 -24.68
N PHE K 213 -23.00 23.84 -25.84
CA PHE K 213 -23.96 24.46 -26.74
C PHE K 213 -25.36 24.41 -26.15
N ALA K 214 -25.76 23.27 -25.59
CA ALA K 214 -27.04 23.23 -24.91
C ALA K 214 -27.18 24.39 -23.94
N ALA K 215 -26.27 24.48 -22.96
CA ALA K 215 -26.41 25.49 -21.92
C ALA K 215 -26.37 26.90 -22.49
N VAL K 216 -25.26 27.25 -23.15
CA VAL K 216 -25.05 28.64 -23.55
C VAL K 216 -26.06 29.05 -24.61
N PHE K 217 -26.32 28.18 -25.59
CA PHE K 217 -27.28 28.49 -26.63
C PHE K 217 -28.67 28.68 -26.05
N GLY K 218 -29.07 27.84 -25.10
CA GLY K 218 -30.36 28.05 -24.48
C GLY K 218 -30.46 29.40 -23.81
N LEU K 219 -29.44 29.75 -23.03
CA LEU K 219 -29.47 31.04 -22.34
C LEU K 219 -29.53 32.19 -23.33
N LEU K 220 -28.64 32.19 -24.31
CA LEU K 220 -28.56 33.30 -25.26
C LEU K 220 -29.82 33.41 -26.09
N MET K 221 -30.35 32.28 -26.53
CA MET K 221 -31.51 32.31 -27.41
C MET K 221 -32.75 32.72 -26.64
N GLN K 222 -32.85 32.35 -25.36
CA GLN K 222 -33.95 32.84 -24.53
C GLN K 222 -33.86 34.35 -24.33
N ILE K 223 -32.65 34.86 -24.10
CA ILE K 223 -32.48 36.31 -23.94
C ILE K 223 -32.90 37.03 -25.21
N PHE K 224 -32.45 36.53 -26.36
CA PHE K 224 -32.81 37.13 -27.64
C PHE K 224 -34.31 37.06 -27.88
N GLY K 225 -34.93 35.94 -27.54
CA GLY K 225 -36.36 35.80 -27.72
C GLY K 225 -37.15 36.78 -26.87
N SER K 226 -36.75 36.96 -25.61
CA SER K 226 -37.44 37.92 -24.76
C SER K 226 -37.28 39.34 -25.31
N TYR K 227 -36.06 39.70 -25.71
CA TYR K 227 -35.84 41.03 -26.25
C TYR K 227 -36.70 41.28 -27.47
N MET K 228 -36.75 40.31 -28.39
CA MET K 228 -37.55 40.50 -29.59
C MET K 228 -39.04 40.47 -29.28
N ALA K 229 -39.44 39.74 -28.24
CA ALA K 229 -40.84 39.73 -27.84
C ALA K 229 -41.28 41.06 -27.29
N ASP K 230 -40.35 41.86 -26.75
CA ASP K 230 -40.69 43.19 -26.29
C ASP K 230 -40.74 44.22 -27.42
N LEU K 231 -40.15 43.93 -28.58
CA LEU K 231 -40.04 44.90 -29.65
C LEU K 231 -41.40 45.26 -30.24
N ARG K 232 -41.59 46.55 -30.52
CA ARG K 232 -42.85 47.05 -31.04
C ARG K 232 -42.59 48.23 -31.95
N PHE K 233 -43.35 48.32 -33.04
CA PHE K 233 -43.31 49.49 -33.92
C PHE K 233 -44.39 50.49 -33.56
N ASP K 234 -44.46 50.86 -32.29
CA ASP K 234 -45.39 51.89 -31.85
C ASP K 234 -44.70 53.25 -31.92
N GLY K 235 -45.40 54.28 -31.49
CA GLY K 235 -44.78 55.58 -31.49
C GLY K 235 -43.88 55.85 -30.32
N ALA K 236 -43.71 54.89 -29.42
CA ALA K 236 -43.00 55.11 -28.17
C ALA K 236 -41.60 54.52 -28.14
N GLN K 237 -41.27 53.61 -29.05
CA GLN K 237 -39.94 53.03 -29.10
C GLN K 237 -39.18 53.54 -30.30
N ASN K 238 -37.88 53.78 -30.11
CA ASN K 238 -37.02 54.19 -31.19
C ASN K 238 -36.72 52.99 -32.07
N VAL K 239 -37.04 53.10 -33.36
CA VAL K 239 -36.80 52.00 -34.27
C VAL K 239 -35.32 51.69 -34.36
N ALA K 240 -34.49 52.72 -34.43
CA ALA K 240 -33.05 52.52 -34.51
C ALA K 240 -32.53 51.79 -33.27
N TYR K 241 -32.98 52.20 -32.10
CA TYR K 241 -32.54 51.54 -30.86
C TYR K 241 -32.91 50.07 -30.87
N ALA K 242 -34.15 49.75 -31.26
CA ALA K 242 -34.61 48.38 -31.22
C ALA K 242 -33.87 47.50 -32.22
N ILE K 243 -33.75 47.96 -33.47
CA ILE K 243 -33.06 47.17 -34.47
C ILE K 243 -31.59 47.01 -34.11
N GLY K 244 -30.97 48.07 -33.59
CA GLY K 244 -29.58 47.97 -33.19
C GLY K 244 -29.38 47.00 -32.04
N GLY K 245 -30.27 47.02 -31.06
CA GLY K 245 -30.19 46.04 -30.00
C GLY K 245 -30.35 44.63 -30.52
N SER K 246 -31.24 44.44 -31.49
CA SER K 246 -31.41 43.13 -32.10
C SER K 246 -30.12 42.65 -32.74
N VAL K 247 -29.51 43.49 -33.56
CA VAL K 247 -28.30 43.05 -34.28
C VAL K 247 -27.14 42.87 -33.30
N ILE K 248 -27.06 43.71 -32.27
CA ILE K 248 -25.98 43.55 -31.29
C ILE K 248 -26.14 42.24 -30.53
N LEU K 249 -27.36 41.93 -30.09
CA LEU K 249 -27.57 40.67 -29.40
C LEU K 249 -27.25 39.49 -30.30
N SER K 250 -27.70 39.56 -31.56
CA SER K 250 -27.42 38.48 -32.49
C SER K 250 -25.93 38.25 -32.65
N ILE K 251 -25.20 39.31 -33.03
CA ILE K 251 -23.74 39.16 -33.29
C ILE K 251 -23.03 38.72 -32.00
N VAL K 252 -23.45 39.27 -30.85
CA VAL K 252 -22.78 38.91 -29.56
C VAL K 252 -22.95 37.41 -29.36
N SER K 253 -24.17 36.90 -29.58
CA SER K 253 -24.44 35.45 -29.41
C SER K 253 -23.65 34.64 -30.45
N ILE K 254 -23.60 35.11 -31.70
CA ILE K 254 -22.93 34.33 -32.78
C ILE K 254 -21.46 34.15 -32.45
N VAL K 255 -20.77 35.22 -32.02
CA VAL K 255 -19.30 35.09 -31.81
C VAL K 255 -19.04 34.29 -30.52
N LEU K 256 -19.79 34.55 -29.44
CA LEU K 256 -19.63 33.72 -28.26
C LEU K 256 -19.77 32.24 -28.60
N LEU K 257 -20.78 31.89 -29.39
CA LEU K 257 -20.96 30.49 -29.76
C LEU K 257 -19.81 30.01 -30.62
N MET K 258 -19.29 30.87 -31.49
CA MET K 258 -18.18 30.47 -32.35
C MET K 258 -16.94 30.12 -31.53
N GLN K 259 -16.75 30.76 -30.39
CA GLN K 259 -15.61 30.39 -29.56
C GLN K 259 -15.75 28.99 -28.97
N LEU K 260 -16.98 28.50 -28.82
CA LEU K 260 -17.20 27.26 -28.08
C LEU K 260 -16.58 26.01 -28.70
N PRO K 261 -16.65 25.77 -30.01
CA PRO K 261 -16.05 24.54 -30.55
C PRO K 261 -14.57 24.42 -30.24
N SER K 262 -13.83 25.52 -30.33
CA SER K 262 -12.42 25.51 -30.00
C SER K 262 -12.22 25.16 -28.53
N ILE K 263 -13.07 25.69 -27.66
CA ILE K 263 -12.95 25.39 -26.24
C ILE K 263 -13.18 23.91 -25.98
N ALA K 264 -14.20 23.33 -26.61
CA ALA K 264 -14.49 21.92 -26.40
C ALA K 264 -13.34 21.05 -26.89
N SER K 265 -12.85 21.33 -28.10
CA SER K 265 -11.74 20.55 -28.63
C SER K 265 -10.49 20.70 -27.77
N GLY K 266 -10.23 21.91 -27.29
CA GLY K 266 -9.08 22.14 -26.45
C GLY K 266 -9.17 21.41 -25.13
N LEU K 267 -10.34 21.39 -24.50
CA LEU K 267 -10.48 20.65 -23.26
C LEU K 267 -10.30 19.15 -23.49
N ALA K 268 -10.87 18.63 -24.57
CA ALA K 268 -10.70 17.21 -24.86
C ALA K 268 -9.24 16.88 -25.09
N GLY K 269 -8.52 17.76 -25.79
CA GLY K 269 -7.09 17.54 -25.95
C GLY K 269 -6.31 17.68 -24.66
N GLY K 270 -6.75 18.59 -23.79
CA GLY K 270 -6.06 18.80 -22.53
C GLY K 270 -6.15 17.59 -21.61
N ILE K 271 -7.33 16.99 -21.52
CA ILE K 271 -7.41 15.70 -20.87
C ILE K 271 -6.59 14.71 -21.67
N GLY K 272 -5.69 13.99 -21.00
CA GLY K 272 -4.71 13.16 -21.68
C GLY K 272 -5.29 12.15 -22.64
N LEU K 273 -6.00 11.15 -22.11
CA LEU K 273 -6.61 10.10 -22.92
C LEU K 273 -5.63 9.45 -23.89
N MET L 1 34.23 -15.69 16.20
CA MET L 1 35.18 -16.10 15.16
C MET L 1 34.66 -15.72 13.78
N LYS L 2 35.20 -16.34 12.74
CA LYS L 2 34.83 -16.07 11.36
C LYS L 2 34.54 -17.37 10.62
N PRO L 3 33.35 -17.93 10.79
CA PRO L 3 32.89 -19.02 9.92
C PRO L 3 32.82 -18.54 8.48
N PRO L 4 32.60 -19.44 7.49
CA PRO L 4 32.68 -19.05 6.08
C PRO L 4 32.00 -17.72 5.76
N GLN L 5 32.69 -16.90 4.98
CA GLN L 5 32.28 -15.53 4.66
C GLN L 5 32.05 -15.42 3.16
N GLN L 6 31.88 -14.20 2.68
CA GLN L 6 31.64 -13.95 1.27
C GLN L 6 32.85 -13.32 0.61
N GLN L 7 33.01 -13.61 -0.68
CA GLN L 7 34.01 -12.98 -1.52
C GLN L 7 33.44 -12.64 -2.89
N HIS L 8 32.19 -12.17 -2.92
CA HIS L 8 31.40 -11.85 -4.11
C HIS L 8 30.99 -13.10 -4.90
N GLU L 9 31.37 -14.30 -4.44
CA GLU L 9 30.90 -15.52 -5.06
C GLU L 9 29.54 -15.98 -4.53
N ALA L 10 28.93 -15.20 -3.64
CA ALA L 10 27.70 -15.62 -2.99
C ALA L 10 26.60 -15.83 -4.01
N PHE L 11 25.76 -16.81 -3.75
CA PHE L 11 24.69 -17.15 -4.67
C PHE L 11 23.72 -15.98 -4.75
N PRO L 12 23.40 -15.50 -5.94
CA PRO L 12 22.58 -14.28 -6.04
C PRO L 12 21.23 -14.47 -5.39
N LEU L 13 20.78 -13.45 -4.68
CA LEU L 13 19.42 -13.40 -4.16
C LEU L 13 18.72 -12.21 -4.79
N PHE L 14 17.66 -12.47 -5.53
CA PHE L 14 16.96 -11.43 -6.24
C PHE L 14 15.83 -10.91 -5.38
N LYS L 15 15.49 -9.63 -5.61
CA LYS L 15 14.48 -8.97 -4.79
C LYS L 15 13.07 -9.14 -5.34
N GLY L 16 12.82 -10.25 -6.03
CA GLY L 16 11.48 -10.73 -6.27
C GLY L 16 10.86 -11.39 -5.06
N ALA L 17 11.55 -11.36 -3.93
CA ALA L 17 10.99 -11.83 -2.67
C ALA L 17 9.87 -10.91 -2.23
N THR L 18 8.76 -11.51 -1.79
CA THR L 18 7.58 -10.83 -1.26
C THR L 18 7.10 -9.69 -2.16
N ARG L 19 7.44 -9.76 -3.45
CA ARG L 19 6.77 -8.92 -4.46
C ARG L 19 5.41 -9.56 -4.73
N LEU L 20 4.49 -9.34 -3.79
CA LEU L 20 3.24 -10.07 -3.79
C LEU L 20 2.44 -9.77 -5.07
N PRO L 21 1.59 -10.68 -5.51
CA PRO L 21 0.68 -10.35 -6.61
C PRO L 21 -0.15 -9.13 -6.23
N THR L 22 0.12 -8.01 -6.91
CA THR L 22 -0.50 -6.75 -6.59
C THR L 22 -1.10 -6.12 -7.82
N ILE L 23 -2.28 -5.54 -7.67
CA ILE L 23 -2.90 -4.70 -8.69
C ILE L 23 -2.85 -3.27 -8.18
N TRP L 24 -2.40 -2.35 -9.04
CA TRP L 24 -2.13 -0.96 -8.64
C TRP L 24 -1.07 -0.86 -7.55
N GLY L 25 -0.39 -1.96 -7.27
CA GLY L 25 0.57 -2.01 -6.18
C GLY L 25 0.01 -2.44 -4.85
N VAL L 26 -1.16 -3.06 -4.82
CA VAL L 26 -1.79 -3.50 -3.57
C VAL L 26 -2.24 -4.96 -3.73
N PRO L 27 -2.05 -5.81 -2.72
CA PRO L 27 -2.40 -7.22 -2.87
C PRO L 27 -3.90 -7.42 -3.04
N MET L 28 -4.26 -8.54 -3.67
CA MET L 28 -5.65 -8.83 -3.99
C MET L 28 -6.50 -8.95 -2.73
N ILE L 29 -6.08 -9.79 -1.79
CA ILE L 29 -6.94 -10.12 -0.65
C ILE L 29 -7.31 -8.90 0.18
N PRO L 30 -6.37 -8.03 0.60
CA PRO L 30 -6.80 -6.86 1.38
C PRO L 30 -7.60 -5.87 0.57
N LEU L 31 -7.24 -5.66 -0.69
CA LEU L 31 -8.02 -4.75 -1.53
C LEU L 31 -9.44 -5.25 -1.72
N MET L 32 -9.62 -6.57 -1.82
CA MET L 32 -10.98 -7.11 -1.87
C MET L 32 -11.70 -6.87 -0.55
N ALA L 33 -10.98 -6.92 0.57
CA ALA L 33 -11.60 -6.60 1.85
C ALA L 33 -12.09 -5.17 1.86
N MET L 34 -11.27 -4.25 1.35
CA MET L 34 -11.68 -2.86 1.27
C MET L 34 -12.87 -2.68 0.33
N VAL L 35 -12.87 -3.38 -0.80
CA VAL L 35 -13.99 -3.29 -1.72
C VAL L 35 -15.26 -3.75 -1.04
N MET L 36 -15.20 -4.87 -0.31
CA MET L 36 -16.37 -5.34 0.41
C MET L 36 -16.83 -4.34 1.47
N GLY L 37 -15.89 -3.77 2.22
CA GLY L 37 -16.27 -2.80 3.24
C GLY L 37 -16.91 -1.55 2.67
N VAL L 38 -16.30 -0.99 1.63
CA VAL L 38 -16.85 0.22 1.03
C VAL L 38 -18.18 -0.07 0.36
N ALA L 39 -18.34 -1.27 -0.23
CA ALA L 39 -19.62 -1.63 -0.80
C ALA L 39 -20.68 -1.73 0.29
N VAL L 40 -20.31 -2.27 1.45
CA VAL L 40 -21.24 -2.32 2.57
C VAL L 40 -21.66 -0.92 2.97
N ILE L 41 -20.69 -0.02 3.09
CA ILE L 41 -21.01 1.36 3.46
C ILE L 41 -21.93 1.99 2.42
N ALA L 42 -21.63 1.79 1.14
CA ALA L 42 -22.43 2.39 0.07
C ALA L 42 -23.86 1.86 0.09
N LEU L 43 -24.02 0.56 0.33
CA LEU L 43 -25.35 -0.02 0.34
C LEU L 43 -26.08 0.31 1.63
N THR L 44 -25.35 0.66 2.69
CA THR L 44 -25.99 0.86 3.98
C THR L 44 -26.49 2.30 4.14
N VAL L 45 -25.58 3.26 4.12
CA VAL L 45 -25.97 4.63 4.47
C VAL L 45 -26.33 5.41 3.21
N SER L 46 -25.37 5.58 2.30
CA SER L 46 -25.58 6.45 1.15
C SER L 46 -24.75 5.94 -0.01
N ILE L 47 -25.14 6.38 -1.21
CA ILE L 47 -24.51 5.90 -2.45
C ILE L 47 -23.37 6.82 -2.90
N TRP L 48 -23.28 8.02 -2.36
CA TRP L 48 -22.15 8.92 -2.61
C TRP L 48 -20.84 8.42 -1.99
N TRP L 49 -20.81 7.22 -1.42
CA TRP L 49 -19.73 6.78 -0.56
C TRP L 49 -18.73 5.86 -1.25
N TRP L 50 -18.77 5.73 -2.57
CA TRP L 50 -17.57 5.22 -3.24
C TRP L 50 -16.50 6.28 -3.42
N ALA L 51 -16.61 7.42 -2.76
CA ALA L 51 -15.47 8.31 -2.58
C ALA L 51 -14.63 7.93 -1.37
N LEU L 52 -15.12 7.00 -0.55
CA LEU L 52 -14.31 6.49 0.54
C LEU L 52 -13.21 5.56 0.02
N VAL L 53 -13.27 5.19 -1.24
CA VAL L 53 -12.26 4.28 -1.79
C VAL L 53 -10.90 4.95 -1.90
N PRO L 54 -10.70 6.01 -2.67
CA PRO L 54 -9.33 6.50 -2.93
C PRO L 54 -8.53 6.82 -1.68
N PRO L 55 -9.12 7.41 -0.60
CA PRO L 55 -8.25 7.72 0.55
C PRO L 55 -7.62 6.48 1.18
N LEU L 56 -8.46 5.55 1.59
CA LEU L 56 -7.94 4.35 2.25
C LEU L 56 -7.17 3.48 1.27
N TRP L 57 -7.55 3.49 -0.01
CA TRP L 57 -6.76 2.73 -0.96
C TRP L 57 -5.35 3.29 -1.08
N PHE L 58 -5.21 4.62 -1.11
CA PHE L 58 -3.87 5.20 -1.16
C PHE L 58 -3.10 4.93 0.12
N ILE L 59 -3.77 5.00 1.28
CA ILE L 59 -3.05 4.71 2.51
C ILE L 59 -2.60 3.26 2.53
N MET L 60 -3.41 2.36 1.95
CA MET L 60 -3.00 0.96 1.88
C MET L 60 -1.85 0.76 0.90
N ALA L 61 -1.82 1.52 -0.19
CA ALA L 61 -0.66 1.45 -1.08
C ALA L 61 0.60 1.89 -0.38
N GLN L 62 0.53 2.98 0.40
CA GLN L 62 1.70 3.44 1.12
C GLN L 62 2.12 2.45 2.20
N ILE L 63 1.15 1.78 2.84
CA ILE L 63 1.48 0.77 3.85
C ILE L 63 2.16 -0.44 3.20
N THR L 64 1.59 -0.93 2.10
CA THR L 64 2.15 -2.10 1.46
C THR L 64 3.52 -1.85 0.88
N LYS L 65 3.73 -0.68 0.27
CA LYS L 65 5.03 -0.42 -0.35
C LYS L 65 6.14 -0.41 0.70
N ASN L 66 5.86 0.17 1.86
CA ASN L 66 6.87 0.23 2.92
C ASN L 66 7.15 -1.15 3.48
N ASP L 67 6.10 -1.90 3.83
CA ASP L 67 6.21 -3.16 4.55
C ASP L 67 5.24 -4.17 3.91
N ASP L 68 5.75 -4.93 2.94
CA ASP L 68 4.95 -5.64 1.95
C ASP L 68 3.90 -6.57 2.53
N LYS L 69 4.15 -7.12 3.71
CA LYS L 69 3.27 -8.14 4.27
C LYS L 69 2.68 -7.75 5.62
N ALA L 70 2.22 -6.50 5.75
CA ALA L 70 1.60 -6.08 7.00
C ALA L 70 0.27 -6.78 7.21
N PHE L 71 -0.48 -7.02 6.13
CA PHE L 71 -1.85 -7.49 6.28
C PHE L 71 -1.90 -8.93 6.74
N ARG L 72 -0.93 -9.75 6.35
CA ARG L 72 -0.91 -11.13 6.84
C ARG L 72 -0.69 -11.17 8.35
N ILE L 73 0.22 -10.34 8.85
CA ILE L 73 0.44 -10.22 10.28
C ILE L 73 -0.82 -9.74 10.97
N TRP L 74 -1.48 -8.74 10.39
CA TRP L 74 -2.73 -8.22 10.96
C TRP L 74 -3.76 -9.32 11.09
N TRP L 75 -3.97 -10.09 10.02
CA TRP L 75 -4.99 -11.13 10.06
C TRP L 75 -4.62 -12.23 11.05
N LEU L 76 -3.34 -12.60 11.11
CA LEU L 76 -2.94 -13.63 12.07
C LEU L 76 -3.23 -13.18 13.49
N TRP L 77 -2.86 -11.94 13.82
CA TRP L 77 -3.14 -11.44 15.16
C TRP L 77 -4.63 -11.46 15.44
N ILE L 78 -5.42 -10.91 14.51
CA ILE L 78 -6.86 -10.81 14.69
C ILE L 78 -7.47 -12.18 14.91
N ASP L 79 -7.02 -13.17 14.15
CA ASP L 79 -7.61 -14.49 14.24
C ASP L 79 -7.24 -15.19 15.55
N THR L 80 -6.00 -15.03 15.99
CA THR L 80 -5.61 -15.88 17.11
C THR L 80 -5.60 -15.16 18.46
N LYS L 81 -4.83 -14.08 18.58
CA LYS L 81 -4.65 -13.50 19.92
C LYS L 81 -5.79 -12.55 20.26
N PHE L 82 -6.64 -12.26 19.28
CA PHE L 82 -7.79 -11.39 19.54
C PHE L 82 -9.02 -12.21 19.87
N ARG L 83 -9.12 -13.42 19.33
CA ARG L 83 -10.27 -14.27 19.60
C ARG L 83 -10.20 -14.91 20.97
N ASN L 84 -9.01 -15.29 21.43
CA ASN L 84 -8.87 -16.07 22.65
C ASN L 84 -9.56 -15.37 23.82
N ARG L 85 -10.52 -16.06 24.42
CA ARG L 85 -11.46 -15.41 25.33
C ARG L 85 -10.78 -14.98 26.63
N ASN L 86 -10.26 -15.93 27.39
CA ASN L 86 -9.74 -15.64 28.73
C ASN L 86 -8.32 -15.06 28.67
N LYS L 87 -8.22 -13.88 28.07
CA LYS L 87 -6.98 -13.12 28.16
C LYS L 87 -6.84 -12.44 29.51
N GLY L 88 -7.95 -11.96 30.07
CA GLY L 88 -7.87 -11.20 31.31
C GLY L 88 -7.62 -12.07 32.52
N PHE L 89 -8.27 -13.23 32.58
CA PHE L 89 -8.19 -14.07 33.77
C PHE L 89 -6.76 -14.57 34.00
N TRP L 90 -6.10 -15.02 32.95
CA TRP L 90 -4.77 -15.59 33.09
C TRP L 90 -3.66 -14.57 33.13
N GLY L 91 -3.94 -13.31 32.79
CA GLY L 91 -2.89 -12.35 32.59
C GLY L 91 -2.17 -12.51 31.27
N ALA L 92 -2.54 -13.51 30.47
CA ALA L 92 -1.95 -13.75 29.16
C ALA L 92 -2.86 -14.74 28.44
N SER L 93 -2.70 -14.80 27.13
CA SER L 93 -3.52 -15.68 26.31
C SER L 93 -2.98 -17.10 26.42
N SER L 94 -3.82 -18.04 26.86
CA SER L 94 -3.37 -19.40 27.12
C SER L 94 -4.38 -20.39 26.59
N TYR L 95 -3.87 -21.55 26.17
CA TYR L 95 -4.69 -22.63 25.65
C TYR L 95 -4.47 -23.88 26.50
N SER L 96 -5.56 -24.46 26.98
CA SER L 96 -5.46 -25.57 27.91
C SER L 96 -4.83 -26.78 27.22
N PRO L 97 -3.83 -27.43 27.85
CA PRO L 97 -3.24 -28.62 27.21
C PRO L 97 -4.22 -29.77 27.11
N ALA L 98 -4.84 -30.15 28.22
CA ALA L 98 -5.85 -31.21 28.18
C ALA L 98 -7.02 -30.78 27.32
N ASN L 99 -7.48 -31.68 26.46
CA ASN L 99 -8.47 -31.32 25.45
C ASN L 99 -9.85 -31.37 26.11
N TYR L 100 -10.27 -30.22 26.62
CA TYR L 100 -11.62 -30.07 27.15
C TYR L 100 -12.51 -29.58 26.02
N ARG L 101 -13.06 -30.52 25.25
CA ARG L 101 -13.95 -30.19 24.15
C ARG L 101 -15.41 -30.12 24.58
N LYS L 102 -15.68 -29.79 25.84
CA LYS L 102 -17.00 -29.64 26.44
C LYS L 102 -17.73 -30.98 26.57
N ARG L 103 -17.03 -32.10 26.37
CA ARG L 103 -17.65 -33.42 26.40
C ARG L 103 -17.51 -34.00 27.80
N ARG L 104 -18.62 -34.05 28.53
CA ARG L 104 -18.70 -34.67 29.86
C ARG L 104 -17.69 -34.06 30.83
N ALA M 2 -35.95 23.68 -67.91
CA ALA M 2 -35.65 23.27 -66.55
C ALA M 2 -34.30 23.80 -66.11
N PHE M 3 -34.00 23.68 -64.82
CA PHE M 3 -32.74 24.14 -64.27
C PHE M 3 -31.73 23.02 -64.38
N GLU M 4 -30.71 23.20 -65.21
CA GLU M 4 -29.65 22.22 -65.41
C GLU M 4 -28.33 22.99 -65.40
N LEU M 5 -27.68 23.03 -64.24
CA LEU M 5 -26.38 23.66 -64.11
C LEU M 5 -25.29 22.72 -63.64
N PHE M 6 -25.58 21.87 -62.66
CA PHE M 6 -24.54 20.99 -62.14
C PHE M 6 -24.25 19.82 -63.06
N THR M 7 -25.24 19.31 -63.77
CA THR M 7 -24.98 18.26 -64.75
C THR M 7 -24.03 18.73 -65.85
N PRO M 8 -24.28 19.85 -66.54
CA PRO M 8 -23.31 20.27 -67.56
C PRO M 8 -21.95 20.62 -67.00
N LEU M 9 -21.90 21.24 -65.82
CA LEU M 9 -20.63 21.61 -65.24
C LEU M 9 -19.82 20.38 -64.87
N PHE M 10 -20.46 19.39 -64.27
CA PHE M 10 -19.77 18.17 -63.92
C PHE M 10 -19.30 17.44 -65.16
N ASN M 11 -20.12 17.42 -66.22
CA ASN M 11 -19.69 16.78 -67.46
C ASN M 11 -18.50 17.51 -68.06
N LYS M 12 -18.50 18.84 -68.02
CA LYS M 12 -17.38 19.61 -68.53
C LYS M 12 -16.11 19.29 -67.77
N ILE M 13 -16.18 19.31 -66.44
CA ILE M 13 -14.99 19.04 -65.63
C ILE M 13 -14.52 17.61 -65.84
N ASP M 14 -15.46 16.67 -66.02
CA ASP M 14 -15.08 15.29 -66.24
C ASP M 14 -14.40 15.11 -67.59
N GLN M 15 -14.91 15.76 -68.64
CA GLN M 15 -14.25 15.67 -69.94
C GLN M 15 -12.87 16.28 -69.89
N THR M 16 -12.73 17.43 -69.25
CA THR M 16 -11.42 18.06 -69.14
C THR M 16 -10.45 17.15 -68.39
N THR M 17 -10.89 16.62 -67.24
CA THR M 17 -10.03 15.77 -66.43
C THR M 17 -9.65 14.51 -67.18
N ALA M 18 -10.61 13.89 -67.87
CA ALA M 18 -10.28 12.75 -68.71
C ALA M 18 -9.18 13.12 -69.70
N THR M 19 -9.50 14.03 -70.63
CA THR M 19 -8.62 14.31 -71.76
C THR M 19 -7.23 14.73 -71.30
N TYR M 20 -7.11 15.36 -70.14
CA TYR M 20 -5.80 15.86 -69.72
C TYR M 20 -5.12 14.93 -68.71
N VAL M 21 -5.75 14.69 -67.57
CA VAL M 21 -5.10 13.88 -66.55
C VAL M 21 -5.10 12.40 -66.94
N THR M 22 -6.25 11.87 -67.35
CA THR M 22 -6.38 10.42 -67.42
C THR M 22 -5.81 9.87 -68.73
N ASP M 23 -6.15 10.50 -69.85
CA ASP M 23 -5.71 9.98 -71.13
C ASP M 23 -4.20 10.06 -71.28
N ILE M 24 -3.59 11.15 -70.80
CA ILE M 24 -2.14 11.25 -70.87
C ILE M 24 -1.48 10.14 -70.09
N SER M 25 -1.97 9.86 -68.88
CA SER M 25 -1.38 8.79 -68.08
C SER M 25 -1.55 7.44 -68.75
N SER M 26 -2.75 7.17 -69.28
CA SER M 26 -2.97 5.90 -69.94
C SER M 26 -2.06 5.74 -71.14
N ARG M 27 -1.92 6.78 -71.95
CA ARG M 27 -1.07 6.69 -73.12
C ARG M 27 0.39 6.51 -72.74
N ALA M 28 0.84 7.22 -71.71
CA ALA M 28 2.24 7.10 -71.30
C ALA M 28 2.54 5.69 -70.82
N ILE M 29 1.69 5.15 -69.96
CA ILE M 29 1.93 3.80 -69.44
C ILE M 29 1.84 2.78 -70.56
N ALA M 30 0.89 2.94 -71.47
CA ALA M 30 0.76 2.01 -72.58
C ALA M 30 1.97 2.07 -73.49
N ALA M 31 2.54 3.27 -73.66
CA ALA M 31 3.75 3.40 -74.51
C ALA M 31 4.94 2.73 -73.83
N LEU M 82 -4.70 0.82 -66.52
CA LEU M 82 -6.15 0.67 -66.82
C LEU M 82 -6.86 1.77 -66.03
N TYR M 83 -6.54 3.05 -66.29
CA TYR M 83 -7.11 4.21 -65.56
C TYR M 83 -8.56 4.47 -65.91
N GLN M 84 -8.98 4.22 -67.14
CA GLN M 84 -10.35 4.61 -67.54
C GLN M 84 -11.35 3.96 -66.57
N GLY M 85 -11.13 2.71 -66.20
CA GLY M 85 -12.02 2.08 -65.21
C GLY M 85 -11.97 2.77 -63.87
N GLU M 86 -10.80 3.13 -63.37
CA GLU M 86 -10.66 3.72 -62.02
C GLU M 86 -11.28 5.12 -62.02
N ILE M 87 -11.31 5.78 -63.16
CA ILE M 87 -11.91 7.10 -63.30
C ILE M 87 -13.43 7.00 -63.37
N ALA M 88 -13.94 6.04 -64.14
CA ALA M 88 -15.39 5.83 -64.17
C ALA M 88 -15.90 5.43 -62.79
N ASN M 89 -15.15 4.60 -62.07
CA ASN M 89 -15.56 4.21 -60.73
C ASN M 89 -15.61 5.42 -59.80
N ALA M 90 -14.62 6.31 -59.89
CA ALA M 90 -14.62 7.50 -59.06
C ALA M 90 -15.81 8.39 -59.37
N ILE M 91 -16.13 8.55 -60.65
CA ILE M 91 -17.29 9.36 -61.02
C ILE M 91 -18.58 8.73 -60.50
N THR M 92 -18.72 7.41 -60.64
CA THR M 92 -19.97 6.76 -60.28
C THR M 92 -20.12 6.52 -58.79
N THR M 93 -19.05 6.69 -58.01
CA THR M 93 -19.18 6.54 -56.57
C THR M 93 -20.15 7.57 -55.99
N VAL M 94 -20.11 8.79 -56.51
CA VAL M 94 -20.96 9.84 -55.98
C VAL M 94 -22.44 9.56 -56.20
N PRO M 95 -22.94 9.30 -57.43
CA PRO M 95 -24.32 8.95 -57.65
C PRO M 95 -24.86 7.85 -56.74
N ASP M 96 -24.12 6.76 -56.59
CA ASP M 96 -24.66 5.62 -55.83
C ASP M 96 -24.98 6.05 -54.42
N GLU M 97 -24.08 6.77 -53.77
CA GLU M 97 -24.29 7.14 -52.34
C GLU M 97 -25.42 8.13 -52.20
N LEU M 98 -25.47 9.13 -53.06
CA LEU M 98 -26.48 10.20 -52.91
C LEU M 98 -27.88 9.66 -53.14
N ALA M 99 -28.06 8.76 -54.10
CA ALA M 99 -29.43 8.37 -54.46
C ALA M 99 -30.23 7.80 -53.29
N SER M 100 -29.67 6.90 -52.47
CA SER M 100 -30.52 6.36 -51.39
C SER M 100 -29.74 5.92 -50.14
N ALA M 101 -28.42 6.15 -50.08
CA ALA M 101 -27.66 5.61 -48.92
C ALA M 101 -28.12 6.23 -47.60
N LEU M 102 -28.27 7.55 -47.55
CA LEU M 102 -28.76 8.22 -46.33
C LEU M 102 -30.03 8.99 -46.70
N LEU M 103 -30.30 9.08 -48.01
CA LEU M 103 -31.47 9.86 -48.48
C LEU M 103 -32.75 9.16 -48.00
N GLY M 104 -32.73 7.83 -47.89
CA GLY M 104 -33.90 7.15 -47.38
C GLY M 104 -35.02 7.02 -48.38
N ASN M 105 -35.43 8.13 -48.98
CA ASN M 105 -36.44 8.08 -50.03
C ASN M 105 -35.90 7.28 -51.21
N PRO M 106 -36.61 6.26 -51.68
CA PRO M 106 -36.06 5.41 -52.75
C PRO M 106 -36.15 6.06 -54.13
N THR M 107 -35.21 6.97 -54.40
CA THR M 107 -35.12 7.55 -55.74
C THR M 107 -34.78 6.45 -56.75
N GLN M 108 -35.42 6.53 -57.91
CA GLN M 108 -35.25 5.48 -58.92
C GLN M 108 -33.81 5.40 -59.41
N GLY M 109 -33.35 6.46 -60.06
CA GLY M 109 -31.98 6.50 -60.54
C GLY M 109 -31.61 7.89 -61.03
N ALA M 110 -30.49 8.41 -60.56
CA ALA M 110 -30.07 9.77 -60.87
C ALA M 110 -28.60 9.91 -60.48
N SER M 111 -28.09 11.13 -60.55
CA SER M 111 -26.72 11.44 -60.19
C SER M 111 -26.73 12.57 -59.17
N ALA M 112 -25.55 12.85 -58.61
CA ALA M 112 -25.47 13.92 -57.62
C ALA M 112 -25.88 15.26 -58.22
N ALA M 113 -25.36 15.56 -59.40
CA ALA M 113 -25.73 16.78 -60.08
C ALA M 113 -27.23 16.86 -60.29
N ALA M 114 -27.86 15.73 -60.57
CA ALA M 114 -29.30 15.71 -60.79
C ALA M 114 -30.05 16.17 -59.54
N LEU M 115 -29.76 15.57 -58.39
CA LEU M 115 -30.48 15.94 -57.17
C LEU M 115 -30.21 17.38 -56.79
N VAL M 116 -28.96 17.82 -56.89
CA VAL M 116 -28.66 19.21 -56.56
C VAL M 116 -29.44 20.14 -57.48
N ASP M 117 -29.51 19.80 -58.77
CA ASP M 117 -30.24 20.62 -59.72
C ASP M 117 -31.72 20.68 -59.39
N GLN M 118 -32.32 19.56 -59.03
CA GLN M 118 -33.75 19.57 -58.73
C GLN M 118 -34.06 20.41 -57.51
N SER M 119 -33.28 20.26 -56.44
CA SER M 119 -33.56 21.04 -55.24
C SER M 119 -33.30 22.53 -55.47
N ALA M 120 -32.21 22.86 -56.17
CA ALA M 120 -31.96 24.25 -56.52
C ALA M 120 -33.04 24.79 -57.42
N GLN M 121 -33.63 23.94 -58.27
CA GLN M 121 -34.73 24.39 -59.10
C GLN M 121 -35.95 24.74 -58.26
N GLN M 122 -36.23 23.94 -57.23
CA GLN M 122 -37.32 24.31 -56.32
C GLN M 122 -37.08 25.68 -55.71
N GLY M 123 -35.88 25.89 -55.19
CA GLY M 123 -35.58 27.18 -54.58
C GLY M 123 -35.69 28.34 -55.55
N PHE M 124 -35.12 28.16 -56.75
CA PHE M 124 -35.12 29.23 -57.73
C PHE M 124 -36.52 29.47 -58.29
N ASP M 125 -37.36 28.44 -58.34
CA ASP M 125 -38.74 28.65 -58.73
C ASP M 125 -39.48 29.51 -57.72
N ARG M 126 -39.23 29.26 -56.42
CA ARG M 126 -39.84 30.14 -55.42
C ARG M 126 -39.34 31.57 -55.57
N ALA M 127 -38.04 31.74 -55.83
CA ALA M 127 -37.51 33.07 -56.05
C ALA M 127 -38.16 33.74 -57.26
N SER M 128 -38.39 32.96 -58.33
CA SER M 128 -39.01 33.51 -59.52
C SER M 128 -40.46 33.91 -59.25
N GLU M 129 -41.17 33.13 -58.43
CA GLU M 129 -42.52 33.52 -58.05
C GLU M 129 -42.50 34.81 -57.25
N ALA M 130 -41.51 34.97 -56.37
CA ALA M 130 -41.38 36.24 -55.66
C ALA M 130 -41.13 37.39 -56.62
N PHE M 131 -40.29 37.17 -57.63
CA PHE M 131 -40.04 38.20 -58.63
C PHE M 131 -41.30 38.55 -59.40
N GLU M 132 -42.10 37.55 -59.72
CA GLU M 132 -43.35 37.78 -60.43
C GLU M 132 -44.30 38.62 -59.58
N GLU M 133 -44.40 38.31 -58.29
CA GLU M 133 -45.22 39.12 -57.40
C GLU M 133 -44.69 40.54 -57.32
N ALA M 134 -43.37 40.70 -57.32
CA ALA M 134 -42.78 42.04 -57.34
C ALA M 134 -43.17 42.78 -58.61
N GLY M 135 -43.22 42.06 -59.73
CA GLY M 135 -43.65 42.68 -60.98
C GLY M 135 -45.09 43.11 -60.95
N PHE M 136 -45.95 42.33 -60.28
CA PHE M 136 -47.37 42.69 -60.20
C PHE M 136 -47.56 44.01 -59.47
N PHE M 137 -46.99 44.14 -58.28
CA PHE M 137 -47.04 45.38 -57.52
C PHE M 137 -45.93 46.29 -58.04
N SER M 138 -46.30 47.24 -58.91
CA SER M 138 -45.29 48.10 -59.53
C SER M 138 -44.46 48.82 -58.48
N SER M 139 -45.09 49.71 -57.72
CA SER M 139 -44.53 50.15 -56.46
C SER M 139 -45.12 49.30 -55.34
N ASP M 140 -44.50 49.39 -54.16
CA ASP M 140 -44.82 48.49 -53.06
C ASP M 140 -44.62 47.04 -53.47
N GLY M 141 -43.65 46.80 -54.34
CA GLY M 141 -43.41 45.46 -54.84
C GLY M 141 -41.97 45.04 -54.67
N LEU M 142 -41.08 46.00 -54.41
CA LEU M 142 -39.68 45.66 -54.25
C LEU M 142 -39.42 44.85 -52.99
N LEU M 143 -40.37 44.84 -52.05
CA LEU M 143 -40.27 43.92 -50.93
C LEU M 143 -40.23 42.47 -51.42
N TYR M 144 -41.07 42.15 -52.40
CA TYR M 144 -41.04 40.82 -52.99
C TYR M 144 -39.75 40.58 -53.76
N GLY M 145 -39.17 41.63 -54.34
CA GLY M 145 -37.86 41.49 -54.95
C GLY M 145 -36.79 41.13 -53.94
N LEU M 146 -36.83 41.77 -52.77
CA LEU M 146 -35.88 41.43 -51.71
C LEU M 146 -36.10 40.00 -51.22
N PHE M 147 -37.36 39.58 -51.11
CA PHE M 147 -37.64 38.19 -50.77
C PHE M 147 -37.02 37.24 -51.78
N GLY M 148 -37.18 37.56 -53.06
CA GLY M 148 -36.59 36.73 -54.10
C GLY M 148 -35.08 36.70 -54.04
N ILE M 149 -34.46 37.84 -53.74
CA ILE M 149 -33.00 37.88 -53.62
C ILE M 149 -32.56 37.01 -52.45
N ILE M 150 -33.26 37.08 -51.33
CA ILE M 150 -32.89 36.26 -50.17
C ILE M 150 -33.01 34.78 -50.51
N ILE M 151 -34.12 34.38 -51.12
CA ILE M 151 -34.33 32.97 -51.46
C ILE M 151 -33.25 32.51 -52.43
N LEU M 152 -32.99 33.32 -53.45
CA LEU M 152 -32.01 32.97 -54.47
C LEU M 152 -30.63 32.83 -53.88
N LEU M 153 -30.23 33.77 -53.02
CA LEU M 153 -28.89 33.70 -52.42
C LEU M 153 -28.76 32.51 -51.50
N ALA M 154 -29.78 32.20 -50.71
CA ALA M 154 -29.71 31.04 -49.82
C ALA M 154 -29.53 29.76 -50.63
N THR M 155 -30.40 29.56 -51.63
CA THR M 155 -30.32 28.35 -52.44
C THR M 155 -28.98 28.26 -53.16
N GLY M 156 -28.53 29.37 -53.73
CA GLY M 156 -27.29 29.35 -54.47
C GLY M 156 -26.08 29.09 -53.58
N LEU M 157 -26.05 29.71 -52.41
CA LEU M 157 -24.88 29.55 -51.50
C LEU M 157 -24.76 28.08 -51.10
N LEU M 158 -25.83 27.48 -50.58
CA LEU M 158 -25.77 26.08 -50.09
C LEU M 158 -25.44 25.12 -51.25
N ALA M 159 -26.09 25.29 -52.40
CA ALA M 159 -25.86 24.36 -53.52
C ALA M 159 -24.41 24.48 -53.98
N ALA M 160 -23.91 25.72 -54.07
CA ALA M 160 -22.52 25.93 -54.54
C ALA M 160 -21.52 25.31 -53.56
N ILE M 161 -21.73 25.47 -52.25
CA ILE M 161 -20.71 24.97 -51.28
C ILE M 161 -20.59 23.45 -51.43
N GLY M 162 -21.72 22.75 -51.46
CA GLY M 162 -21.70 21.28 -51.57
C GLY M 162 -21.16 20.83 -52.92
N GLY M 163 -21.61 21.48 -54.00
CA GLY M 163 -21.17 21.09 -55.36
C GLY M 163 -19.69 21.33 -55.56
N ALA M 164 -19.16 22.45 -55.06
CA ALA M 164 -17.72 22.77 -55.20
C ALA M 164 -16.88 21.74 -54.44
N PHE M 165 -17.31 21.36 -53.24
CA PHE M 165 -16.57 20.36 -52.45
C PHE M 165 -16.64 19.01 -53.17
N LEU M 166 -17.79 18.71 -53.81
CA LEU M 166 -17.84 17.50 -54.61
C LEU M 166 -16.89 17.60 -55.80
N LEU M 167 -16.85 18.74 -56.47
CA LEU M 167 -15.96 18.93 -57.60
C LEU M 167 -14.51 18.83 -57.18
N LEU M 168 -14.15 19.42 -56.04
CA LEU M 168 -12.78 19.33 -55.54
C LEU M 168 -12.40 17.89 -55.29
N ALA M 169 -13.31 17.12 -54.66
CA ALA M 169 -13.03 15.72 -54.41
C ALA M 169 -12.81 14.96 -55.71
N LYS M 170 -13.67 15.17 -56.71
CA LYS M 170 -13.55 14.44 -57.96
C LYS M 170 -12.25 14.79 -58.68
N ILE M 171 -11.92 16.08 -58.76
CA ILE M 171 -10.70 16.51 -59.44
C ILE M 171 -9.48 15.95 -58.73
N ALA M 172 -9.44 16.05 -57.41
CA ALA M 172 -8.29 15.55 -56.67
C ALA M 172 -8.14 14.05 -56.84
N LEU M 173 -9.24 13.31 -56.77
CA LEU M 173 -9.16 11.87 -56.91
C LEU M 173 -8.68 11.48 -58.31
N ALA M 174 -9.14 12.19 -59.33
CA ALA M 174 -8.69 11.88 -60.68
C ALA M 174 -7.21 12.19 -60.86
N LEU M 175 -6.75 13.31 -60.32
CA LEU M 175 -5.34 13.65 -60.44
C LEU M 175 -4.47 12.64 -59.69
N LEU M 176 -4.90 12.23 -58.49
CA LEU M 176 -4.16 11.22 -57.75
C LEU M 176 -4.14 9.89 -58.48
N ALA M 177 -5.28 9.49 -59.06
CA ALA M 177 -5.30 8.24 -59.81
C ALA M 177 -4.36 8.31 -61.02
N GLY M 178 -4.31 9.45 -61.68
CA GLY M 178 -3.38 9.60 -62.79
C GLY M 178 -1.94 9.50 -62.35
N LEU M 179 -1.60 10.13 -61.23
CA LEU M 179 -0.22 10.10 -60.75
C LEU M 179 0.08 8.86 -59.94
N GLY M 180 -0.87 7.95 -59.80
CA GLY M 180 -0.70 6.74 -59.02
C GLY M 180 0.53 5.91 -59.30
N PRO M 181 0.76 5.53 -60.56
CA PRO M 181 1.90 4.64 -60.84
C PRO M 181 3.24 5.19 -60.38
N LEU M 182 3.46 6.50 -60.49
CA LEU M 182 4.72 7.06 -60.06
C LEU M 182 4.96 6.83 -58.58
N PHE M 183 3.88 6.77 -57.80
CA PHE M 183 4.01 6.56 -56.37
C PHE M 183 3.91 5.10 -55.98
N ILE M 184 3.30 4.26 -56.82
CA ILE M 184 3.38 2.83 -56.61
C ILE M 184 4.79 2.32 -56.85
N LEU M 185 5.47 2.85 -57.86
CA LEU M 185 6.87 2.51 -58.07
C LEU M 185 7.75 2.98 -56.93
N ALA M 186 7.26 3.89 -56.08
CA ALA M 186 8.09 4.41 -55.01
C ALA M 186 8.38 3.36 -53.95
N LEU M 187 7.58 2.29 -53.91
CA LEU M 187 7.83 1.22 -52.97
C LEU M 187 9.05 0.38 -53.32
N ILE M 188 9.62 0.56 -54.51
CA ILE M 188 10.80 -0.21 -54.89
C ILE M 188 11.98 0.13 -54.00
N TRP M 189 12.20 1.41 -53.73
CA TRP M 189 13.34 1.88 -52.96
C TRP M 189 12.88 2.38 -51.60
N GLN M 190 13.66 2.05 -50.57
CA GLN M 190 13.29 2.45 -49.21
C GLN M 190 13.19 3.96 -49.01
N PRO M 191 14.13 4.78 -49.48
CA PRO M 191 14.01 6.22 -49.21
C PRO M 191 12.77 6.86 -49.80
N THR M 192 12.20 6.28 -50.86
CA THR M 192 11.03 6.82 -51.53
C THR M 192 9.72 6.24 -51.01
N HIS M 193 9.77 5.47 -49.93
CA HIS M 193 8.54 4.93 -49.36
C HIS M 193 7.63 6.02 -48.81
N ARG M 194 8.21 7.12 -48.34
CA ARG M 194 7.40 8.18 -47.76
C ARG M 194 6.50 8.82 -48.80
N PHE M 195 6.93 8.84 -50.07
CA PHE M 195 6.08 9.38 -51.11
C PHE M 195 4.82 8.55 -51.26
N PHE M 196 4.96 7.23 -51.25
CA PHE M 196 3.77 6.39 -51.32
C PHE M 196 2.89 6.58 -50.09
N ASP M 197 3.51 6.71 -48.92
CA ASP M 197 2.71 6.92 -47.72
C ASP M 197 1.88 8.19 -47.83
N GLN M 198 2.50 9.27 -48.31
CA GLN M 198 1.78 10.54 -48.44
C GLN M 198 0.70 10.45 -49.49
N TRP M 199 0.98 9.80 -50.62
CA TRP M 199 -0.02 9.65 -51.66
C TRP M 199 -1.21 8.85 -51.16
N ALA M 200 -0.96 7.78 -50.43
CA ALA M 200 -2.04 6.97 -49.88
C ALA M 200 -2.86 7.78 -48.88
N GLN M 201 -2.19 8.58 -48.04
CA GLN M 201 -2.92 9.38 -47.08
C GLN M 201 -3.83 10.38 -47.76
N GLN M 202 -3.35 11.01 -48.84
CA GLN M 202 -4.19 11.97 -49.54
C GLN M 202 -5.33 11.29 -50.28
N VAL M 203 -5.09 10.09 -50.82
CA VAL M 203 -6.16 9.34 -51.46
C VAL M 203 -7.25 9.03 -50.45
N LEU M 204 -6.85 8.58 -49.26
CA LEU M 204 -7.82 8.30 -48.21
C LEU M 204 -8.57 9.57 -47.82
N ASN M 205 -7.84 10.69 -47.71
CA ASN M 205 -8.47 11.96 -47.37
C ASN M 205 -9.58 12.30 -48.34
N TYR M 206 -9.28 12.28 -49.63
CA TYR M 206 -10.28 12.73 -50.59
C TYR M 206 -11.38 11.70 -50.81
N GLY M 207 -11.10 10.41 -50.62
CA GLY M 207 -12.17 9.43 -50.64
C GLY M 207 -13.14 9.60 -49.50
N LEU M 208 -12.64 9.80 -48.29
CA LEU M 208 -13.52 10.10 -47.17
C LEU M 208 -14.29 11.39 -47.42
N LEU M 209 -13.61 12.38 -48.00
CA LEU M 209 -14.26 13.64 -48.33
C LEU M 209 -15.45 13.40 -49.24
N ILE M 210 -15.25 12.64 -50.30
CA ILE M 210 -16.30 12.46 -51.30
C ILE M 210 -17.45 11.66 -50.71
N VAL M 211 -17.15 10.66 -49.86
CA VAL M 211 -18.21 9.89 -49.23
C VAL M 211 -19.04 10.79 -48.31
N LEU M 212 -18.39 11.57 -47.47
CA LEU M 212 -19.09 12.42 -46.52
C LEU M 212 -19.95 13.45 -47.23
N PHE M 213 -19.40 14.17 -48.20
CA PHE M 213 -20.22 15.14 -48.92
C PHE M 213 -21.35 14.47 -49.68
N ALA M 214 -21.09 13.38 -50.38
CA ALA M 214 -22.19 12.67 -51.02
C ALA M 214 -23.34 12.49 -50.04
N ALA M 215 -23.10 11.74 -48.96
CA ALA M 215 -24.18 11.39 -48.06
C ALA M 215 -24.84 12.62 -47.45
N VAL M 216 -24.06 13.42 -46.71
CA VAL M 216 -24.64 14.50 -45.93
C VAL M 216 -25.23 15.56 -46.84
N PHE M 217 -24.51 15.95 -47.90
CA PHE M 217 -25.01 16.97 -48.79
C PHE M 217 -26.30 16.53 -49.46
N GLY M 218 -26.41 15.26 -49.86
CA GLY M 218 -27.65 14.82 -50.46
C GLY M 218 -28.80 14.89 -49.50
N LEU M 219 -28.60 14.41 -48.27
CA LEU M 219 -29.67 14.48 -47.29
C LEU M 219 -30.12 15.92 -47.05
N LEU M 220 -29.15 16.81 -46.81
CA LEU M 220 -29.48 18.21 -46.51
C LEU M 220 -30.14 18.89 -47.70
N MET M 221 -29.64 18.62 -48.89
CA MET M 221 -30.12 19.33 -50.07
C MET M 221 -31.52 18.86 -50.42
N GLN M 222 -31.81 17.57 -50.20
CA GLN M 222 -33.17 17.08 -50.41
C GLN M 222 -34.14 17.64 -49.38
N ILE M 223 -33.69 17.79 -48.13
CA ILE M 223 -34.54 18.40 -47.11
C ILE M 223 -34.87 19.83 -47.51
N PHE M 224 -33.85 20.58 -47.93
CA PHE M 224 -34.04 21.97 -48.36
C PHE M 224 -34.96 22.03 -49.57
N GLY M 225 -34.80 21.11 -50.51
CA GLY M 225 -35.64 21.10 -51.68
C GLY M 225 -37.10 20.85 -51.36
N SER M 226 -37.37 19.88 -50.47
CA SER M 226 -38.74 19.63 -50.08
C SER M 226 -39.35 20.84 -49.39
N TYR M 227 -38.59 21.45 -48.47
CA TYR M 227 -39.09 22.60 -47.76
C TYR M 227 -39.43 23.73 -48.72
N MET M 228 -38.54 24.02 -49.67
CA MET M 228 -38.83 25.09 -50.62
C MET M 228 -39.96 24.71 -51.56
N ALA M 229 -40.09 23.43 -51.89
CA ALA M 229 -41.17 22.99 -52.75
C ALA M 229 -42.52 23.16 -52.09
N ASP M 230 -42.58 23.19 -50.76
CA ASP M 230 -43.83 23.46 -50.08
C ASP M 230 -44.11 24.95 -49.89
N LEU M 231 -43.15 25.82 -50.18
CA LEU M 231 -43.31 27.25 -49.95
C LEU M 231 -44.25 27.88 -50.97
N ARG M 232 -45.18 28.69 -50.46
CA ARG M 232 -46.18 29.35 -51.34
C ARG M 232 -46.44 30.77 -50.87
N PHE M 233 -46.64 31.70 -51.78
CA PHE M 233 -47.02 33.07 -51.44
C PHE M 233 -48.53 33.25 -51.46
N ASP M 234 -49.25 32.38 -50.78
CA ASP M 234 -50.69 32.51 -50.68
C ASP M 234 -51.05 33.33 -49.45
N GLY M 235 -52.34 33.42 -49.17
CA GLY M 235 -52.74 34.13 -47.98
C GLY M 235 -52.75 33.33 -46.71
N ALA M 236 -52.40 32.04 -46.77
CA ALA M 236 -52.46 31.16 -45.63
C ALA M 236 -51.11 30.92 -44.97
N GLN M 237 -50.03 31.38 -45.58
CA GLN M 237 -48.68 31.11 -45.13
C GLN M 237 -47.96 32.40 -44.77
N ASN M 238 -47.32 32.40 -43.61
CA ASN M 238 -46.60 33.58 -43.15
C ASN M 238 -45.31 33.72 -43.92
N VAL M 239 -45.13 34.87 -44.59
CA VAL M 239 -43.96 35.07 -45.42
C VAL M 239 -42.70 35.09 -44.56
N ALA M 240 -42.77 35.75 -43.41
CA ALA M 240 -41.60 35.80 -42.53
C ALA M 240 -41.19 34.41 -42.07
N TYR M 241 -42.16 33.58 -41.69
CA TYR M 241 -41.85 32.22 -41.26
C TYR M 241 -41.18 31.43 -42.37
N ALA M 242 -41.70 31.56 -43.59
CA ALA M 242 -41.18 30.79 -44.71
C ALA M 242 -39.76 31.22 -45.05
N ILE M 243 -39.52 32.52 -45.19
CA ILE M 243 -38.18 33.00 -45.54
C ILE M 243 -37.20 32.69 -44.42
N GLY M 244 -37.65 32.80 -43.17
CA GLY M 244 -36.78 32.47 -42.06
C GLY M 244 -36.41 31.01 -42.04
N GLY M 245 -37.38 30.12 -42.29
CA GLY M 245 -37.06 28.72 -42.38
C GLY M 245 -36.07 28.45 -43.51
N SER M 246 -36.24 29.13 -44.63
CA SER M 246 -35.32 28.95 -45.75
C SER M 246 -33.90 29.33 -45.34
N VAL M 247 -33.73 30.51 -44.73
CA VAL M 247 -32.39 30.96 -44.40
C VAL M 247 -31.78 30.09 -43.29
N ILE M 248 -32.61 29.65 -42.33
CA ILE M 248 -32.10 28.80 -41.27
C ILE M 248 -31.63 27.47 -41.83
N LEU M 249 -32.44 26.85 -42.70
CA LEU M 249 -32.02 25.60 -43.30
C LEU M 249 -30.74 25.77 -44.11
N SER M 250 -30.68 26.84 -44.90
CA SER M 250 -29.49 27.08 -45.71
C SER M 250 -28.25 27.21 -44.86
N ILE M 251 -28.31 28.06 -43.82
CA ILE M 251 -27.12 28.31 -43.02
C ILE M 251 -26.73 27.08 -42.22
N VAL M 252 -27.71 26.35 -41.69
CA VAL M 252 -27.43 25.13 -40.95
C VAL M 252 -26.69 24.15 -41.83
N SER M 253 -27.20 23.95 -43.05
CA SER M 253 -26.54 23.02 -43.96
C SER M 253 -25.14 23.50 -44.32
N ILE M 254 -24.97 24.80 -44.53
CA ILE M 254 -23.67 25.31 -44.94
C ILE M 254 -22.63 25.07 -43.85
N VAL M 255 -22.95 25.44 -42.61
CA VAL M 255 -21.89 25.31 -41.55
C VAL M 255 -21.61 23.82 -41.30
N LEU M 256 -22.62 22.96 -41.43
CA LEU M 256 -22.37 21.51 -41.28
C LEU M 256 -21.41 21.05 -42.38
N LEU M 257 -21.61 21.52 -43.61
CA LEU M 257 -20.71 21.17 -44.75
C LEU M 257 -19.31 21.72 -44.47
N MET M 258 -19.22 22.90 -43.85
CA MET M 258 -17.89 23.53 -43.56
C MET M 258 -17.09 22.63 -42.62
N GLN M 259 -17.75 21.98 -41.65
CA GLN M 259 -17.02 21.14 -40.67
C GLN M 259 -16.53 19.83 -41.31
N LEU M 260 -17.16 19.39 -42.42
CA LEU M 260 -16.79 18.10 -43.00
C LEU M 260 -15.35 17.99 -43.49
N PRO M 261 -14.78 18.96 -44.23
CA PRO M 261 -13.41 18.77 -44.71
C PRO M 261 -12.40 18.56 -43.60
N SER M 262 -12.53 19.28 -42.49
CA SER M 262 -11.63 19.09 -41.37
C SER M 262 -11.77 17.69 -40.80
N ILE M 263 -13.00 17.18 -40.74
CA ILE M 263 -13.22 15.82 -40.26
C ILE M 263 -12.54 14.81 -41.17
N ALA M 264 -12.67 14.99 -42.48
CA ALA M 264 -12.04 14.05 -43.42
C ALA M 264 -10.53 14.07 -43.28
N SER M 265 -9.93 15.26 -43.25
CA SER M 265 -8.48 15.35 -43.12
C SER M 265 -8.02 14.78 -41.78
N GLY M 266 -8.77 15.03 -40.72
CA GLY M 266 -8.41 14.51 -39.42
C GLY M 266 -8.46 13.00 -39.36
N LEU M 267 -9.49 12.40 -39.96
CA LEU M 267 -9.57 10.95 -39.99
C LEU M 267 -8.42 10.36 -40.81
N ALA M 268 -8.10 10.97 -41.94
CA ALA M 268 -6.99 10.49 -42.75
C ALA M 268 -5.69 10.55 -41.96
N GLY M 269 -5.47 11.65 -41.23
CA GLY M 269 -4.30 11.74 -40.39
C GLY M 269 -4.32 10.75 -39.24
N GLY M 270 -5.51 10.47 -38.71
CA GLY M 270 -5.62 9.54 -37.60
C GLY M 270 -5.21 8.14 -37.99
N ILE M 271 -5.67 7.67 -39.16
CA ILE M 271 -5.12 6.44 -39.69
C ILE M 271 -3.64 6.67 -39.98
N GLY M 272 -2.80 5.78 -39.47
CA GLY M 272 -1.37 5.99 -39.51
C GLY M 272 -0.79 6.26 -40.88
N LEU M 273 -0.81 5.24 -41.75
CA LEU M 273 -0.30 5.36 -43.12
C LEU M 273 1.12 5.94 -43.15
N MET N 1 -21.10 -19.19 40.73
CA MET N 1 -20.49 -18.47 41.84
C MET N 1 -19.16 -19.08 42.24
N GLY N 2 -18.94 -19.24 43.54
CA GLY N 2 -17.69 -19.76 44.04
C GLY N 2 -17.54 -21.26 44.01
N ALA N 3 -18.54 -21.98 43.49
CA ALA N 3 -18.46 -23.43 43.43
C ALA N 3 -18.46 -23.93 41.99
N ILE N 4 -19.38 -23.42 41.17
CA ILE N 4 -19.60 -23.99 39.84
C ILE N 4 -18.63 -23.39 38.83
N GLU N 5 -18.01 -22.26 39.16
CA GLU N 5 -17.21 -21.52 38.19
C GLU N 5 -16.05 -22.31 37.62
N SER N 6 -15.58 -23.35 38.32
CA SER N 6 -14.48 -24.16 37.79
C SER N 6 -14.86 -24.79 36.46
N ARG N 7 -16.00 -25.47 36.40
CA ARG N 7 -16.43 -26.09 35.16
C ARG N 7 -16.76 -25.05 34.11
N LYS N 8 -17.37 -23.94 34.52
CA LYS N 8 -17.75 -22.89 33.57
C LYS N 8 -16.53 -22.32 32.86
N LEU N 9 -15.45 -22.07 33.61
CA LEU N 9 -14.21 -21.62 32.99
C LEU N 9 -13.52 -22.75 32.24
N LEU N 10 -13.65 -23.97 32.72
CA LEU N 10 -13.02 -25.11 32.07
C LEU N 10 -13.51 -25.28 30.65
N ALA N 11 -14.82 -25.49 30.49
CA ALA N 11 -15.35 -25.88 29.20
C ALA N 11 -15.22 -24.79 28.14
N SER N 12 -14.91 -23.56 28.54
CA SER N 12 -14.88 -22.43 27.62
C SER N 12 -13.48 -22.11 27.14
N GLU N 13 -12.64 -23.11 26.91
CA GLU N 13 -11.26 -22.91 26.51
C GLU N 13 -11.01 -23.52 25.13
N THR N 14 -10.01 -22.96 24.44
CA THR N 14 -9.58 -23.51 23.16
C THR N 14 -8.39 -24.42 23.41
N PRO N 15 -8.53 -25.73 23.32
CA PRO N 15 -7.40 -26.61 23.60
C PRO N 15 -6.31 -26.47 22.55
N VAL N 16 -5.09 -26.88 22.92
CA VAL N 16 -3.96 -26.78 22.01
C VAL N 16 -4.11 -27.66 20.79
N GLY N 17 -5.02 -28.64 20.82
CA GLY N 17 -5.24 -29.49 19.68
C GLY N 17 -5.66 -28.76 18.43
N GLN N 18 -6.32 -27.61 18.57
CA GLN N 18 -6.70 -26.83 17.40
C GLN N 18 -5.50 -26.38 16.60
N PHE N 19 -4.32 -26.35 17.23
CA PHE N 19 -3.14 -25.76 16.62
C PHE N 19 -2.06 -26.77 16.30
N ILE N 20 -2.23 -28.04 16.67
CA ILE N 20 -1.25 -29.09 16.47
C ILE N 20 -1.78 -30.01 15.37
N PRO N 21 -1.20 -29.99 14.18
CA PRO N 21 -1.73 -30.77 13.05
C PRO N 21 -1.12 -32.16 12.90
N TYR N 22 -1.43 -33.08 13.83
CA TYR N 22 -0.87 -34.43 13.77
C TYR N 22 -1.90 -35.44 14.17
N SER N 23 -1.63 -36.69 13.79
CA SER N 23 -2.50 -37.83 14.09
C SER N 23 -1.71 -39.12 14.00
N HIS N 24 -2.42 -40.24 13.91
CA HIS N 24 -1.83 -41.57 14.01
C HIS N 24 -0.57 -41.71 13.16
N HIS N 25 0.42 -42.42 13.68
CA HIS N 25 1.45 -42.99 12.81
C HIS N 25 0.78 -43.89 11.78
N VAL N 26 1.11 -43.69 10.51
CA VAL N 26 0.56 -44.53 9.45
C VAL N 26 1.63 -45.52 9.02
N THR N 27 2.86 -45.05 8.91
CA THR N 27 4.02 -45.92 8.74
C THR N 27 4.97 -45.67 9.90
N ASP N 28 5.85 -46.63 10.16
CA ASP N 28 6.72 -46.55 11.34
C ASP N 28 7.63 -45.33 11.28
N THR N 29 7.71 -44.66 10.13
CA THR N 29 8.55 -43.48 10.00
C THR N 29 7.77 -42.23 9.58
N ILE N 30 6.47 -42.34 9.35
CA ILE N 30 5.69 -41.27 8.74
C ILE N 30 4.44 -41.01 9.57
N ILE N 31 4.16 -39.73 9.83
CA ILE N 31 3.06 -39.31 10.68
C ILE N 31 1.97 -38.68 9.81
N SER N 32 0.72 -39.03 10.08
CA SER N 32 -0.39 -38.48 9.34
C SER N 32 -0.68 -37.04 9.80
N THR N 33 -1.82 -36.53 9.35
CA THR N 33 -2.28 -35.20 9.72
C THR N 33 -3.76 -35.12 9.37
N LYS N 34 -4.50 -34.28 10.12
CA LYS N 34 -5.94 -34.19 9.87
C LYS N 34 -6.24 -33.79 8.44
N ASN N 35 -5.33 -33.08 7.77
CA ASN N 35 -5.49 -32.78 6.36
C ASN N 35 -4.82 -33.82 5.47
N ALA N 36 -4.39 -34.94 6.03
CA ALA N 36 -3.75 -36.02 5.28
C ALA N 36 -2.49 -35.53 4.58
N GLU N 37 -1.54 -35.07 5.37
CA GLU N 37 -0.25 -34.57 4.88
C GLU N 37 0.85 -35.31 5.63
N TYR N 38 1.34 -36.38 5.03
CA TYR N 38 2.27 -37.29 5.68
C TYR N 38 3.69 -36.71 5.66
N LEU N 39 4.39 -36.86 6.78
CA LEU N 39 5.73 -36.29 6.91
C LEU N 39 6.64 -37.26 7.64
N SER N 40 7.95 -37.03 7.53
CA SER N 40 8.96 -37.82 8.20
C SER N 40 10.04 -36.91 8.74
N VAL N 41 10.69 -37.32 9.83
CA VAL N 41 11.68 -36.50 10.53
C VAL N 41 13.07 -37.08 10.29
N TRP N 42 14.05 -36.21 10.07
CA TRP N 42 15.41 -36.62 9.71
C TRP N 42 16.42 -36.04 10.68
N LYS N 43 16.83 -36.81 11.69
CA LYS N 43 17.88 -36.38 12.60
C LYS N 43 19.20 -36.39 11.85
N ILE N 44 19.93 -35.28 11.91
CA ILE N 44 21.14 -35.08 11.12
C ILE N 44 22.29 -34.72 12.04
N ASP N 45 23.42 -35.38 11.84
CA ASP N 45 24.67 -35.04 12.52
C ASP N 45 25.47 -34.13 11.60
N GLY N 46 25.15 -32.84 11.64
CA GLY N 46 25.70 -31.92 10.65
C GLY N 46 27.21 -32.00 10.57
N ARG N 47 27.70 -31.99 9.34
CA ARG N 47 29.14 -32.13 9.12
C ARG N 47 29.86 -30.87 9.55
N SER N 48 31.13 -31.00 9.91
CA SER N 48 31.88 -29.90 10.45
C SER N 48 32.06 -28.81 9.41
N HIS N 49 32.25 -27.58 9.87
CA HIS N 49 32.39 -26.45 8.98
C HIS N 49 33.71 -25.73 9.21
N GLN N 50 34.21 -25.77 10.44
CA GLN N 50 35.45 -25.07 10.77
C GLN N 50 36.61 -25.59 9.94
N SER N 51 36.70 -26.92 9.80
CA SER N 51 37.87 -27.54 9.18
C SER N 51 37.58 -27.85 7.71
N ALA N 52 37.46 -26.78 6.93
CA ALA N 52 37.28 -26.94 5.49
C ALA N 52 37.64 -25.63 4.79
N SER N 53 38.17 -25.76 3.59
CA SER N 53 38.43 -24.58 2.78
C SER N 53 37.12 -23.90 2.42
N GLU N 54 37.20 -22.60 2.16
CA GLU N 54 35.99 -21.84 1.85
C GLU N 54 35.34 -22.37 0.58
N ALA N 55 36.13 -22.69 -0.45
CA ALA N 55 35.55 -23.21 -1.68
C ALA N 55 34.87 -24.56 -1.45
N ASP N 56 35.29 -25.31 -0.45
CA ASP N 56 34.76 -26.66 -0.31
C ASP N 56 33.36 -26.64 0.28
N VAL N 57 33.01 -25.61 1.06
CA VAL N 57 31.62 -25.50 1.51
C VAL N 57 30.73 -25.15 0.33
N PHE N 58 31.24 -24.32 -0.58
CA PHE N 58 30.56 -24.13 -1.86
C PHE N 58 30.32 -25.46 -2.54
N GLN N 59 31.33 -26.32 -2.59
CA GLN N 59 31.16 -27.60 -3.25
C GLN N 59 30.12 -28.47 -2.53
N TRP N 60 30.10 -28.41 -1.20
CA TRP N 60 29.10 -29.15 -0.45
C TRP N 60 27.70 -28.67 -0.81
N ILE N 61 27.51 -27.35 -0.87
CA ILE N 61 26.21 -26.80 -1.25
C ILE N 61 25.86 -27.22 -2.67
N ARG N 62 26.85 -27.27 -3.55
CA ARG N 62 26.59 -27.69 -4.93
C ARG N 62 26.08 -29.12 -4.97
N GLU N 63 26.75 -30.03 -4.28
CA GLU N 63 26.31 -31.42 -4.25
C GLU N 63 24.91 -31.52 -3.62
N LEU N 64 24.68 -30.78 -2.54
CA LEU N 64 23.41 -30.87 -1.84
C LEU N 64 22.27 -30.37 -2.71
N ASN N 65 22.49 -29.24 -3.40
CA ASN N 65 21.49 -28.70 -4.30
C ASN N 65 21.28 -29.64 -5.49
N ASN N 66 22.34 -30.26 -5.99
CA ASN N 66 22.20 -31.16 -7.11
C ASN N 66 21.34 -32.36 -6.74
N THR N 67 21.52 -32.91 -5.53
CA THR N 67 20.66 -34.00 -5.11
C THR N 67 19.23 -33.52 -4.88
N LEU N 68 19.06 -32.31 -4.32
CA LEU N 68 17.71 -31.82 -4.06
C LEU N 68 16.93 -31.62 -5.35
N ARG N 69 17.56 -31.01 -6.36
CA ARG N 69 16.80 -30.57 -7.53
C ARG N 69 16.25 -31.74 -8.33
N GLY N 70 16.74 -32.96 -8.06
CA GLY N 70 16.15 -34.12 -8.70
C GLY N 70 14.78 -34.45 -8.14
N ILE N 71 14.63 -34.36 -6.81
CA ILE N 71 13.43 -34.84 -6.15
C ILE N 71 12.50 -33.74 -5.68
N SER N 72 12.85 -32.48 -5.93
CA SER N 72 12.05 -31.39 -5.38
C SER N 72 10.72 -31.28 -6.10
N SER N 73 9.80 -32.17 -5.79
CA SER N 73 8.47 -32.10 -6.38
C SER N 73 7.78 -30.82 -5.95
N ALA N 74 6.88 -30.34 -6.79
CA ALA N 74 6.11 -29.15 -6.45
C ALA N 74 5.26 -29.36 -5.20
N ASN N 75 5.23 -30.57 -4.65
CA ASN N 75 4.39 -30.91 -3.52
C ASN N 75 5.16 -31.04 -2.22
N LEU N 76 6.43 -30.66 -2.21
CA LEU N 76 7.32 -30.96 -1.09
C LEU N 76 7.25 -29.85 -0.04
N SER N 77 8.15 -29.89 0.94
CA SER N 77 8.34 -28.86 1.94
C SER N 77 9.50 -29.30 2.82
N LEU N 78 10.14 -28.34 3.48
CA LEU N 78 11.23 -28.64 4.38
C LEU N 78 11.11 -27.77 5.61
N TRP N 79 11.33 -28.35 6.78
CA TRP N 79 11.47 -27.62 8.04
C TRP N 79 12.77 -28.05 8.70
N THR N 80 13.83 -27.28 8.51
CA THR N 80 15.01 -27.50 9.31
C THR N 80 14.73 -27.04 10.74
N HIS N 81 15.51 -27.55 11.68
CA HIS N 81 15.28 -27.27 13.09
C HIS N 81 16.59 -27.53 13.83
N ILE N 82 17.32 -26.47 14.14
CA ILE N 82 18.57 -26.61 14.89
C ILE N 82 18.27 -26.20 16.33
N VAL N 83 17.89 -27.20 17.14
CA VAL N 83 17.47 -26.97 18.52
C VAL N 83 18.70 -27.01 19.42
N ARG N 84 19.32 -25.85 19.59
CA ARG N 84 20.38 -25.70 20.58
C ARG N 84 19.81 -26.03 21.96
N ARG N 85 20.52 -26.85 22.71
CA ARG N 85 20.03 -27.27 24.02
C ARG N 85 21.21 -27.55 24.94
N ARG N 86 20.96 -27.44 26.24
CA ARG N 86 21.98 -27.75 27.23
C ARG N 86 21.80 -29.18 27.73
N VAL N 87 22.91 -29.78 28.14
CA VAL N 87 22.95 -31.20 28.46
C VAL N 87 22.60 -31.40 29.92
N TYR N 88 21.42 -31.96 30.17
CA TYR N 88 21.07 -32.44 31.50
C TYR N 88 21.29 -33.93 31.66
N GLU N 89 21.55 -34.65 30.56
CA GLU N 89 21.72 -36.10 30.58
C GLU N 89 23.22 -36.42 30.47
N TYR N 90 23.88 -36.42 31.62
CA TYR N 90 25.26 -36.87 31.72
C TYR N 90 25.52 -37.21 33.18
N PRO N 91 25.23 -38.45 33.59
CA PRO N 91 25.23 -38.75 35.03
C PRO N 91 26.63 -38.67 35.61
N ASP N 92 26.71 -38.19 36.85
CA ASP N 92 27.95 -38.27 37.59
C ASP N 92 28.30 -39.73 37.84
N ALA N 93 29.58 -40.06 37.69
CA ALA N 93 30.02 -41.45 37.69
C ALA N 93 30.57 -41.84 39.05
N GLU N 94 30.15 -43.01 39.52
CA GLU N 94 30.73 -43.59 40.72
C GLU N 94 32.16 -44.05 40.43
N PHE N 95 32.96 -44.18 41.49
CA PHE N 95 34.34 -44.55 41.32
C PHE N 95 34.85 -45.27 42.57
N ASP N 96 35.97 -45.94 42.40
CA ASP N 96 36.64 -46.67 43.48
C ASP N 96 38.06 -46.18 43.71
N ASN N 97 38.81 -45.91 42.65
CA ASN N 97 40.17 -45.42 42.79
C ASN N 97 40.15 -44.01 43.36
N VAL N 98 41.02 -43.76 44.34
CA VAL N 98 41.14 -42.41 44.90
C VAL N 98 41.74 -41.46 43.88
N PHE N 99 42.75 -41.92 43.14
CA PHE N 99 43.38 -41.05 42.15
C PHE N 99 42.42 -40.67 41.04
N CYS N 100 41.64 -41.65 40.55
CA CYS N 100 40.63 -41.35 39.56
C CYS N 100 39.56 -40.41 40.10
N ARG N 101 39.11 -40.64 41.34
CA ARG N 101 38.08 -39.78 41.91
C ARG N 101 38.58 -38.34 42.01
N GLN N 102 39.81 -38.16 42.49
CA GLN N 102 40.38 -36.81 42.54
C GLN N 102 40.47 -36.20 41.16
N LEU N 103 40.93 -36.97 40.18
CA LEU N 103 41.09 -36.43 38.83
C LEU N 103 39.75 -35.97 38.28
N ASP N 104 38.70 -36.78 38.46
CA ASP N 104 37.40 -36.42 37.91
C ASP N 104 36.77 -35.25 38.66
N GLU N 105 36.93 -35.19 39.98
CA GLU N 105 36.41 -34.04 40.71
C GLU N 105 37.10 -32.75 40.25
N LYS N 106 38.43 -32.80 40.09
CA LYS N 106 39.14 -31.63 39.58
C LYS N 106 38.69 -31.27 38.18
N TYR N 107 38.53 -32.27 37.31
CA TYR N 107 38.16 -31.99 35.92
C TYR N 107 36.78 -31.35 35.83
N ARG N 108 35.79 -31.95 36.48
CA ARG N 108 34.46 -31.34 36.51
C ARG N 108 34.45 -30.01 37.24
N GLU N 109 35.41 -29.77 38.12
CA GLU N 109 35.57 -28.43 38.69
C GLU N 109 36.08 -27.45 37.66
N SER N 110 36.88 -27.92 36.70
CA SER N 110 37.42 -27.03 35.67
C SER N 110 36.38 -26.54 34.68
N PHE N 111 35.15 -27.01 34.77
CA PHE N 111 34.09 -26.62 33.83
C PHE N 111 33.13 -25.59 34.38
N THR N 112 33.45 -24.97 35.52
CA THR N 112 32.60 -23.93 36.07
C THR N 112 32.63 -22.70 35.17
N GLY N 113 31.53 -22.42 34.49
CA GLY N 113 31.45 -21.29 33.59
C GLY N 113 31.81 -21.63 32.17
N TYR N 114 31.21 -22.69 31.63
CA TYR N 114 31.47 -23.12 30.27
C TYR N 114 30.17 -23.48 29.58
N ASN N 115 30.09 -23.15 28.30
CA ASN N 115 28.91 -23.45 27.50
C ASN N 115 28.82 -24.97 27.34
N LEU N 116 27.91 -25.60 28.09
CA LEU N 116 27.76 -27.05 28.08
C LEU N 116 26.63 -27.49 27.16
N MET N 117 26.46 -26.83 26.03
CA MET N 117 25.27 -26.95 25.20
C MET N 117 25.61 -27.65 23.89
N VAL N 118 24.68 -28.48 23.40
CA VAL N 118 24.89 -29.28 22.20
C VAL N 118 23.84 -28.91 21.16
N ASN N 119 24.29 -28.68 19.94
CA ASN N 119 23.43 -28.44 18.78
C ASN N 119 22.72 -29.74 18.43
N ASP N 120 21.47 -29.64 18.00
CA ASP N 120 20.74 -30.80 17.49
C ASP N 120 19.97 -30.37 16.26
N LEU N 121 20.44 -30.80 15.09
CA LEU N 121 19.79 -30.45 13.84
C LEU N 121 18.68 -31.44 13.53
N TYR N 122 17.87 -31.10 12.53
CA TYR N 122 16.71 -31.90 12.16
C TYR N 122 16.32 -31.53 10.74
N LEU N 123 15.34 -32.25 10.21
CA LEU N 123 14.75 -31.96 8.90
C LEU N 123 13.48 -32.78 8.79
N THR N 124 12.38 -32.14 8.40
CA THR N 124 11.11 -32.85 8.25
C THR N 124 10.58 -32.58 6.85
N VAL N 125 10.82 -33.51 5.93
CA VAL N 125 10.37 -33.37 4.56
C VAL N 125 8.91 -33.81 4.47
N VAL N 126 8.03 -32.86 4.16
CA VAL N 126 6.60 -33.06 4.23
C VAL N 126 6.08 -33.26 2.82
N TYR N 127 4.87 -33.82 2.69
CA TYR N 127 4.32 -34.13 1.36
C TYR N 127 2.82 -33.87 1.37
N ARG N 128 2.40 -32.73 0.84
CA ARG N 128 0.99 -32.49 0.58
C ARG N 128 0.56 -33.24 -0.69
N PRO N 129 -0.56 -33.96 -0.67
CA PRO N 129 -1.01 -34.60 -1.91
C PRO N 129 -1.26 -33.63 -3.05
N VAL N 130 -1.78 -32.44 -2.77
CA VAL N 130 -2.15 -31.47 -3.79
C VAL N 130 -1.42 -30.17 -3.54
N SER N 131 -0.96 -29.54 -4.62
CA SER N 131 -0.15 -28.34 -4.50
C SER N 131 -0.98 -27.06 -4.51
N ASP N 132 -1.75 -26.86 -5.58
CA ASP N 132 -2.46 -25.61 -5.78
C ASP N 132 -3.52 -25.41 -4.70
N LYS N 133 -3.51 -24.23 -4.07
CA LYS N 133 -4.45 -23.95 -3.00
C LYS N 133 -5.87 -23.77 -3.52
N VAL N 134 -6.03 -23.36 -4.78
CA VAL N 134 -7.36 -23.03 -5.28
C VAL N 134 -8.22 -24.28 -5.39
N LEU N 135 -7.68 -25.35 -5.96
CA LEU N 135 -8.44 -26.61 -6.03
C LEU N 135 -8.56 -27.25 -4.65
N SER N 136 -7.53 -27.11 -3.81
CA SER N 136 -7.62 -27.62 -2.45
C SER N 136 -8.70 -26.91 -1.66
N PHE N 137 -9.06 -25.69 -2.05
CA PHE N 137 -10.18 -25.00 -1.42
C PHE N 137 -11.47 -25.79 -1.58
N PHE N 138 -11.67 -26.40 -2.76
CA PHE N 138 -12.78 -27.34 -2.92
C PHE N 138 -12.51 -28.65 -2.21
N ALA N 139 -11.28 -29.16 -2.33
CA ALA N 139 -10.96 -30.49 -1.82
C ALA N 139 -11.17 -30.59 -0.32
N LYS N 140 -11.05 -29.47 0.40
CA LYS N 140 -11.33 -29.46 1.83
C LYS N 140 -12.81 -29.68 2.14
N ARG N 141 -13.69 -29.62 1.13
CA ARG N 141 -15.12 -29.72 1.34
C ARG N 141 -15.73 -31.02 0.80
N GLU N 142 -15.10 -31.65 -0.18
CA GLU N 142 -15.70 -32.82 -0.83
C GLU N 142 -15.71 -34.02 0.12
N ARG N 143 -16.41 -35.07 -0.31
CA ARG N 143 -16.47 -36.35 0.38
C ARG N 143 -15.90 -37.43 -0.54
N GLU N 144 -15.02 -38.25 0.00
CA GLU N 144 -14.35 -39.28 -0.77
C GLU N 144 -14.61 -40.65 -0.16
N THR N 145 -14.89 -41.62 -1.02
CA THR N 145 -15.09 -42.98 -0.57
C THR N 145 -13.81 -43.52 0.06
N PRO N 146 -13.94 -44.43 1.02
CA PRO N 146 -12.74 -44.91 1.73
C PRO N 146 -11.69 -45.55 0.84
N ASP N 147 -12.09 -46.23 -0.23
CA ASP N 147 -11.09 -46.91 -1.07
C ASP N 147 -10.17 -45.91 -1.74
N GLN N 148 -10.71 -44.78 -2.20
CA GLN N 148 -9.85 -43.77 -2.81
C GLN N 148 -9.05 -43.01 -1.78
N LYS N 149 -9.57 -42.89 -0.55
CA LYS N 149 -8.73 -42.41 0.54
C LYS N 149 -7.53 -43.31 0.74
N LYS N 150 -7.75 -44.62 0.70
CA LYS N 150 -6.63 -45.55 0.76
C LYS N 150 -5.69 -45.35 -0.43
N HIS N 151 -6.23 -45.13 -1.63
CA HIS N 151 -5.38 -44.93 -2.80
C HIS N 151 -4.46 -43.73 -2.61
N ARG N 152 -5.01 -42.60 -2.17
CA ARG N 152 -4.17 -41.47 -1.82
C ARG N 152 -3.17 -41.86 -0.75
N GLN N 153 -3.58 -42.73 0.18
CA GLN N 153 -2.68 -43.14 1.25
C GLN N 153 -1.43 -43.82 0.72
N GLU N 154 -1.59 -44.88 -0.08
CA GLU N 154 -0.37 -45.52 -0.59
C GLU N 154 0.39 -44.63 -1.55
N SER N 155 -0.30 -43.79 -2.33
CA SER N 155 0.45 -42.91 -3.22
C SER N 155 1.37 -41.99 -2.43
N CYS N 156 0.84 -41.35 -1.39
CA CYS N 156 1.66 -40.46 -0.57
C CYS N 156 2.75 -41.21 0.17
N ILE N 157 2.44 -42.39 0.72
CA ILE N 157 3.47 -43.13 1.45
C ILE N 157 4.60 -43.53 0.53
N LYS N 158 4.30 -44.04 -0.66
CA LYS N 158 5.36 -44.42 -1.57
C LYS N 158 6.19 -43.21 -2.00
N ALA N 159 5.52 -42.10 -2.31
CA ALA N 159 6.25 -40.91 -2.72
C ALA N 159 7.20 -40.44 -1.62
N LEU N 160 6.68 -40.34 -0.40
CA LEU N 160 7.52 -39.86 0.70
C LEU N 160 8.61 -40.86 1.04
N GLU N 161 8.36 -42.16 0.85
CA GLU N 161 9.39 -43.14 1.16
C GLU N 161 10.53 -43.05 0.15
N ASP N 162 10.20 -42.81 -1.13
CA ASP N 162 11.25 -42.53 -2.10
C ASP N 162 12.02 -41.28 -1.73
N ILE N 163 11.33 -40.24 -1.27
CA ILE N 163 12.03 -39.04 -0.84
C ILE N 163 12.98 -39.35 0.30
N ASN N 164 12.54 -40.16 1.25
CA ASN N 164 13.39 -40.52 2.38
C ASN N 164 14.61 -41.29 1.93
N ARG N 165 14.44 -42.25 1.03
CA ARG N 165 15.60 -42.99 0.52
C ARG N 165 16.58 -42.06 -0.17
N THR N 166 16.07 -41.15 -1.00
CA THR N 166 16.97 -40.25 -1.71
C THR N 166 17.72 -39.34 -0.75
N LEU N 167 17.03 -38.80 0.26
CA LEU N 167 17.72 -37.95 1.23
C LEU N 167 18.75 -38.74 2.02
N GLY N 168 18.42 -39.96 2.41
CA GLY N 168 19.40 -40.78 3.11
C GLY N 168 20.64 -41.01 2.27
N GLN N 169 20.45 -41.34 0.99
CA GLN N 169 21.59 -41.53 0.12
C GLN N 169 22.34 -40.23 -0.15
N SER N 170 21.67 -39.09 -0.03
CA SER N 170 22.32 -37.81 -0.25
C SER N 170 23.00 -37.25 0.98
N PHE N 171 22.71 -37.79 2.17
CA PHE N 171 23.33 -37.35 3.42
C PHE N 171 24.37 -38.35 3.90
N LYS N 172 25.14 -38.95 2.99
CA LYS N 172 26.10 -39.96 3.40
C LYS N 172 27.17 -39.37 4.31
N ARG N 173 27.65 -38.18 3.98
CA ARG N 173 28.67 -37.52 4.78
C ARG N 173 28.08 -36.63 5.86
N TYR N 174 26.76 -36.60 6.01
CA TYR N 174 26.09 -35.80 7.02
C TYR N 174 25.63 -36.63 8.21
N GLY N 175 25.88 -37.94 8.21
CA GLY N 175 25.53 -38.76 9.35
C GLY N 175 24.07 -38.70 9.72
N ALA N 176 23.19 -38.71 8.73
CA ALA N 176 21.77 -38.58 9.00
C ALA N 176 21.20 -39.89 9.54
N GLU N 177 20.07 -39.76 10.24
CA GLU N 177 19.38 -40.92 10.80
C GLU N 177 17.89 -40.63 10.79
N LEU N 178 17.14 -41.43 10.05
CA LEU N 178 15.69 -41.26 10.04
C LEU N 178 15.12 -41.77 11.36
N LEU N 179 14.29 -40.96 12.00
CA LEU N 179 13.73 -41.31 13.30
C LEU N 179 12.47 -42.15 13.11
N SER N 180 12.36 -43.21 13.91
CA SER N 180 11.26 -44.14 13.72
C SER N 180 10.89 -44.78 15.05
N VAL N 181 9.71 -45.42 15.06
CA VAL N 181 9.14 -45.96 16.28
C VAL N 181 10.10 -46.95 16.95
N TYR N 182 10.22 -46.83 18.27
CA TYR N 182 10.98 -47.78 19.07
C TYR N 182 10.14 -48.19 20.26
N GLU N 183 10.29 -49.44 20.68
CA GLU N 183 9.41 -50.03 21.70
C GLU N 183 10.12 -50.07 23.04
N LYS N 184 9.40 -49.66 24.09
CA LYS N 184 9.92 -49.72 25.45
C LYS N 184 8.85 -50.32 26.36
N GLY N 185 9.15 -51.47 26.96
CA GLY N 185 8.25 -52.08 27.91
C GLY N 185 6.93 -52.53 27.34
N GLY N 186 6.96 -53.19 26.18
CA GLY N 186 5.73 -53.69 25.59
C GLY N 186 4.75 -52.60 25.19
N HIS N 187 5.26 -51.48 24.71
CA HIS N 187 4.44 -50.35 24.29
C HIS N 187 5.21 -49.57 23.25
N ALA N 188 4.50 -48.86 22.39
CA ALA N 188 5.11 -48.17 21.27
C ALA N 188 5.42 -46.73 21.64
N PHE N 189 6.70 -46.37 21.55
CA PHE N 189 7.15 -45.00 21.80
C PHE N 189 7.64 -44.39 20.50
N SER N 190 7.09 -43.23 20.15
CA SER N 190 7.44 -42.60 18.89
C SER N 190 8.70 -41.79 19.02
N ALA N 191 9.59 -41.92 18.04
CA ALA N 191 10.81 -41.12 18.01
C ALA N 191 10.57 -39.72 17.44
N PRO N 192 9.80 -39.55 16.36
CA PRO N 192 9.56 -38.18 15.90
C PRO N 192 8.71 -37.38 16.87
N LEU N 193 7.68 -38.00 17.44
CA LEU N 193 6.77 -37.29 18.33
C LEU N 193 7.50 -36.63 19.48
N GLU N 194 8.61 -37.22 19.94
CA GLU N 194 9.37 -36.57 20.99
C GLU N 194 9.96 -35.26 20.50
N PHE N 195 10.42 -35.22 19.26
CA PHE N 195 11.00 -33.98 18.73
C PHE N 195 9.93 -32.92 18.53
N LEU N 196 8.82 -33.28 17.90
CA LEU N 196 7.76 -32.30 17.69
C LEU N 196 7.15 -31.85 19.01
N ALA N 197 7.09 -32.75 20.00
CA ALA N 197 6.66 -32.35 21.32
C ALA N 197 7.65 -31.38 21.96
N ARG N 198 8.95 -31.62 21.77
CA ARG N 198 9.92 -30.64 22.24
C ARG N 198 9.67 -29.29 21.60
N LEU N 199 9.25 -29.30 20.33
CA LEU N 199 8.85 -28.05 19.70
C LEU N 199 7.66 -27.43 20.41
N VAL N 200 6.67 -28.25 20.79
CA VAL N 200 5.48 -27.71 21.46
C VAL N 200 5.76 -27.38 22.92
N ASN N 201 6.34 -28.33 23.66
CA ASN N 201 6.45 -28.22 25.10
C ASN N 201 7.63 -27.37 25.55
N GLY N 202 8.76 -27.48 24.87
CA GLY N 202 10.00 -26.92 25.37
C GLY N 202 10.82 -27.88 26.19
N GLU N 203 10.30 -29.06 26.49
CA GLU N 203 11.00 -30.12 27.20
C GLU N 203 11.11 -31.34 26.30
N HIS N 204 11.65 -32.43 26.85
CA HIS N 204 11.73 -33.70 26.16
C HIS N 204 10.92 -34.70 26.95
N ILE N 205 9.62 -34.79 26.65
CA ILE N 205 8.72 -35.72 27.31
C ILE N 205 8.59 -36.95 26.42
N PRO N 206 8.93 -38.14 26.90
CA PRO N 206 8.80 -39.34 26.07
C PRO N 206 7.36 -39.61 25.70
N MET N 207 7.03 -39.49 24.42
CA MET N 207 5.65 -39.56 23.97
C MET N 207 5.30 -40.99 23.59
N PRO N 208 4.40 -41.66 24.30
CA PRO N 208 3.98 -43.00 23.88
C PRO N 208 2.93 -42.94 22.79
N ILE N 209 2.64 -44.10 22.22
CA ILE N 209 1.62 -44.24 21.19
C ILE N 209 0.37 -44.78 21.88
N CYS N 210 -0.52 -43.89 22.28
CA CYS N 210 -1.76 -44.31 22.90
C CYS N 210 -2.84 -44.45 21.82
N ARG N 211 -4.09 -44.58 22.23
CA ARG N 211 -5.19 -44.91 21.34
C ARG N 211 -6.03 -43.68 20.96
N ASP N 212 -5.39 -42.52 20.82
CA ASP N 212 -6.08 -41.32 20.38
C ASP N 212 -5.31 -40.68 19.24
N ARG N 213 -5.87 -39.60 18.72
CA ARG N 213 -5.09 -38.72 17.85
C ARG N 213 -4.00 -38.05 18.66
N PHE N 214 -2.83 -37.89 18.06
CA PHE N 214 -1.73 -37.26 18.79
C PHE N 214 -2.07 -35.83 19.18
N SER N 215 -2.88 -35.16 18.37
CA SER N 215 -3.25 -33.77 18.66
C SER N 215 -3.93 -33.65 20.01
N ASP N 216 -4.56 -34.74 20.47
CA ASP N 216 -5.30 -34.67 21.72
C ASP N 216 -4.39 -34.65 22.93
N TYR N 217 -3.30 -35.42 22.92
CA TYR N 217 -2.53 -35.67 24.13
C TYR N 217 -1.04 -35.40 23.96
N MET N 218 -0.67 -34.61 22.97
CA MET N 218 0.74 -34.37 22.67
C MET N 218 1.27 -33.11 23.34
N ALA N 219 0.44 -32.35 24.05
CA ALA N 219 0.88 -31.17 24.76
C ALA N 219 0.64 -31.36 26.25
N VAL N 220 1.70 -31.32 27.04
CA VAL N 220 1.62 -31.49 28.48
C VAL N 220 2.05 -30.21 29.21
N ASN N 221 2.24 -29.11 28.48
CA ASN N 221 2.64 -27.84 29.06
C ASN N 221 1.69 -26.77 28.59
N ARG N 222 1.04 -26.10 29.54
CA ARG N 222 0.13 -25.01 29.22
C ARG N 222 0.90 -23.76 28.83
N PRO N 223 0.93 -23.39 27.57
CA PRO N 223 1.64 -22.19 27.16
C PRO N 223 0.84 -20.94 27.49
N MET N 224 1.55 -19.81 27.57
CA MET N 224 0.92 -18.53 27.83
C MET N 224 1.63 -17.48 27.01
N PHE N 225 0.88 -16.79 26.16
CA PHE N 225 1.43 -15.75 25.30
C PHE N 225 0.96 -14.38 25.77
N SER N 226 1.87 -13.41 25.75
CA SER N 226 1.55 -12.06 26.20
C SER N 226 0.59 -11.38 25.24
N LYS N 227 -0.26 -10.52 25.79
CA LYS N 227 -1.21 -9.78 24.95
C LYS N 227 -0.49 -8.82 24.03
N TRP N 228 0.45 -8.04 24.57
CA TRP N 228 1.21 -7.05 23.81
C TRP N 228 2.68 -7.31 24.09
N GLY N 229 3.34 -8.09 23.24
CA GLY N 229 4.75 -8.35 23.48
C GLY N 229 5.30 -9.36 22.50
N GLU N 230 6.53 -9.80 22.79
CA GLU N 230 7.22 -10.80 22.00
C GLU N 230 7.57 -12.04 22.79
N VAL N 231 7.35 -12.06 24.10
CA VAL N 231 7.79 -13.15 24.95
C VAL N 231 6.57 -13.86 25.52
N GLY N 232 6.77 -15.12 25.88
CA GLY N 232 5.69 -15.93 26.41
C GLY N 232 6.13 -16.68 27.65
N GLU N 233 5.41 -17.73 28.01
CA GLU N 233 5.72 -18.45 29.23
C GLU N 233 5.06 -19.82 29.23
N LEU N 234 5.83 -20.87 29.51
CA LEU N 234 5.33 -22.23 29.51
C LEU N 234 5.24 -22.74 30.95
N ARG N 235 4.02 -22.96 31.42
CA ARG N 235 3.78 -23.36 32.81
C ARG N 235 3.83 -24.88 32.89
N SER N 236 4.97 -25.42 33.32
CA SER N 236 5.18 -26.85 33.40
C SER N 236 5.42 -27.26 34.84
N LEU N 237 5.47 -28.58 35.05
CA LEU N 237 5.79 -29.10 36.38
C LEU N 237 7.23 -28.78 36.76
N THR N 238 8.18 -29.06 35.87
CA THR N 238 9.59 -28.93 36.20
C THR N 238 10.04 -27.48 36.27
N GLY N 239 9.22 -26.52 35.88
CA GLY N 239 9.57 -25.11 35.97
C GLY N 239 9.18 -24.30 34.76
N LEU N 240 9.00 -23.00 34.97
CA LEU N 240 8.64 -22.10 33.89
C LEU N 240 9.79 -21.92 32.93
N ARG N 241 9.45 -21.76 31.64
CA ARG N 241 10.41 -21.44 30.61
C ARG N 241 9.83 -20.31 29.78
N ARG N 242 10.52 -19.16 29.75
CA ARG N 242 10.06 -18.00 29.01
C ARG N 242 10.78 -17.94 27.68
N PHE N 243 10.02 -17.82 26.61
CA PHE N 243 10.54 -17.89 25.25
C PHE N 243 10.23 -16.60 24.51
N GLY N 244 11.20 -16.08 23.78
CA GLY N 244 10.99 -14.88 23.01
C GLY N 244 11.33 -15.08 21.57
N MET N 245 10.34 -15.04 20.69
CA MET N 245 10.52 -15.35 19.28
C MET N 245 11.20 -14.19 18.57
N LEU N 246 11.60 -14.44 17.33
CA LEU N 246 12.27 -13.44 16.51
C LEU N 246 12.07 -13.84 15.06
N GLU N 247 12.33 -12.93 14.14
CA GLU N 247 11.95 -13.14 12.75
C GLU N 247 12.91 -12.40 11.82
N ILE N 248 13.15 -13.01 10.66
CA ILE N 248 13.97 -12.41 9.60
C ILE N 248 13.03 -11.85 8.53
N ARG N 249 13.30 -10.62 8.09
CA ARG N 249 12.46 -10.01 7.07
C ARG N 249 13.20 -9.23 5.99
N GLU N 250 14.52 -9.11 6.04
CA GLU N 250 15.23 -8.28 5.07
C GLU N 250 16.54 -8.97 4.71
N TYR N 251 16.61 -9.53 3.51
CA TYR N 251 17.81 -10.16 3.02
C TYR N 251 18.76 -9.08 2.48
N ASP N 252 19.79 -9.50 1.77
CA ASP N 252 20.68 -8.57 1.10
C ASP N 252 21.12 -9.11 -0.25
N ASP N 253 22.12 -8.48 -0.86
CA ASP N 253 22.64 -8.91 -2.16
C ASP N 253 23.69 -10.00 -1.98
N ALA N 254 23.30 -11.05 -1.26
CA ALA N 254 24.22 -12.13 -0.95
C ALA N 254 23.51 -13.35 -0.38
N THR N 255 24.06 -14.54 -0.63
CA THR N 255 23.66 -15.76 0.04
C THR N 255 24.91 -16.53 0.45
N GLU N 256 25.85 -15.82 1.09
CA GLU N 256 27.11 -16.42 1.48
C GLU N 256 26.88 -17.71 2.26
N PRO N 257 27.67 -18.74 2.02
CA PRO N 257 27.37 -20.05 2.59
C PRO N 257 27.50 -20.05 4.10
N GLY N 258 26.51 -20.63 4.76
CA GLY N 258 26.55 -20.72 6.20
C GLY N 258 26.65 -19.37 6.90
N GLN N 259 25.85 -18.40 6.49
CA GLN N 259 25.89 -17.10 7.15
C GLN N 259 25.23 -17.15 8.52
N LEU N 260 24.38 -18.14 8.75
CA LEU N 260 23.77 -18.32 10.05
C LEU N 260 24.57 -19.27 10.94
N ASN N 261 25.89 -19.33 10.75
CA ASN N 261 26.73 -20.10 11.65
C ASN N 261 26.89 -19.43 13.01
N VAL N 262 26.74 -18.11 13.08
CA VAL N 262 27.06 -17.39 14.31
C VAL N 262 26.14 -17.79 15.44
N LEU N 263 24.96 -18.30 15.13
CA LEU N 263 24.04 -18.71 16.17
C LEU N 263 24.30 -20.12 16.67
N LEU N 264 25.30 -20.81 16.11
CA LEU N 264 25.77 -22.07 16.63
C LEU N 264 26.60 -21.90 17.89
N GLU N 265 27.34 -20.79 18.00
CA GLU N 265 28.25 -20.51 19.10
C GLU N 265 27.55 -19.77 20.23
N SER N 266 26.22 -19.89 20.30
CA SER N 266 25.43 -19.03 21.17
C SER N 266 25.63 -19.39 22.63
N ASP N 267 25.41 -18.39 23.48
CA ASP N 267 25.35 -18.57 24.91
C ASP N 267 23.93 -18.75 25.40
N TYR N 268 22.96 -18.75 24.49
CA TYR N 268 21.54 -18.76 24.82
C TYR N 268 20.87 -19.93 24.12
N GLU N 269 20.13 -20.72 24.89
CA GLU N 269 19.50 -21.92 24.35
C GLU N 269 18.22 -21.57 23.62
N PHE N 270 18.12 -21.98 22.36
CA PHE N 270 17.07 -21.50 21.47
C PHE N 270 16.57 -22.65 20.60
N VAL N 271 15.74 -22.31 19.62
CA VAL N 271 15.30 -23.21 18.56
C VAL N 271 15.17 -22.42 17.27
N LEU N 272 16.08 -22.61 16.32
CA LEU N 272 15.90 -21.97 15.03
C LEU N 272 14.86 -22.72 14.22
N THR N 273 14.42 -22.14 13.11
CA THR N 273 13.42 -22.79 12.27
C THR N 273 13.57 -22.27 10.86
N HIS N 274 13.09 -23.08 9.90
CA HIS N 274 13.06 -22.66 8.52
C HIS N 274 11.82 -23.25 7.88
N SER N 275 11.68 -23.05 6.58
CA SER N 275 10.60 -23.59 5.80
C SER N 275 10.90 -23.34 4.35
N PHE N 276 10.66 -24.32 3.51
CA PHE N 276 10.89 -24.16 2.09
C PHE N 276 9.77 -24.88 1.36
N SER N 277 8.66 -24.18 1.17
CA SER N 277 7.51 -24.76 0.46
C SER N 277 7.82 -24.68 -1.02
N VAL N 278 8.41 -25.76 -1.52
CA VAL N 278 8.88 -25.83 -2.90
C VAL N 278 7.74 -25.43 -3.82
N LEU N 279 8.05 -24.78 -4.93
CA LEU N 279 7.08 -24.03 -5.70
C LEU N 279 7.23 -24.39 -7.17
N SER N 280 6.10 -24.36 -7.89
CA SER N 280 6.07 -24.85 -9.25
C SER N 280 6.94 -24.00 -10.17
N ARG N 281 7.50 -24.65 -11.20
CA ARG N 281 8.31 -23.92 -12.17
C ARG N 281 7.54 -22.82 -12.87
N PRO N 282 6.29 -22.98 -13.32
CA PRO N 282 5.57 -21.82 -13.85
C PRO N 282 5.39 -20.71 -12.84
N ALA N 283 5.02 -21.03 -11.60
CA ALA N 283 4.82 -19.99 -10.59
C ALA N 283 6.14 -19.30 -10.25
N ALA N 284 7.21 -20.08 -10.13
CA ALA N 284 8.51 -19.47 -9.85
C ALA N 284 8.97 -18.59 -11.00
N LYS N 285 8.79 -19.07 -12.24
CA LYS N 285 9.12 -18.24 -13.39
C LYS N 285 8.27 -16.99 -13.42
N GLU N 286 7.03 -17.05 -12.96
CA GLU N 286 6.20 -15.86 -12.93
C GLU N 286 6.70 -14.88 -11.87
N TYR N 287 7.10 -15.38 -10.71
CA TYR N 287 7.66 -14.50 -9.68
C TYR N 287 8.92 -13.81 -10.19
N LEU N 288 9.79 -14.57 -10.86
CA LEU N 288 11.01 -13.97 -11.38
C LEU N 288 10.73 -13.03 -12.54
N GLN N 289 9.72 -13.32 -13.36
CA GLN N 289 9.28 -12.39 -14.39
C GLN N 289 8.75 -11.11 -13.77
N ARG N 290 8.06 -11.22 -12.64
CA ARG N 290 7.59 -10.03 -11.94
C ARG N 290 8.75 -9.17 -11.46
N HIS N 291 9.77 -9.80 -10.87
CA HIS N 291 10.94 -9.04 -10.46
C HIS N 291 11.61 -8.39 -11.67
N GLN N 292 11.74 -9.13 -12.77
CA GLN N 292 12.33 -8.59 -13.98
C GLN N 292 11.55 -7.37 -14.47
N LYS N 293 10.22 -7.49 -14.51
CA LYS N 293 9.39 -6.40 -14.99
C LYS N 293 9.52 -5.17 -14.11
N ASN N 294 9.46 -5.36 -12.80
CA ASN N 294 9.59 -4.23 -11.89
C ASN N 294 10.94 -3.56 -12.06
N LEU N 295 12.01 -4.35 -12.19
CA LEU N 295 13.33 -3.78 -12.32
C LEU N 295 13.48 -3.03 -13.63
N ILE N 296 12.94 -3.58 -14.72
CA ILE N 296 13.15 -3.04 -16.05
C ILE N 296 12.22 -1.86 -16.30
N ASP N 297 11.26 -1.67 -15.40
CA ASP N 297 10.45 -0.45 -15.43
C ASP N 297 11.13 0.68 -14.67
N ALA N 298 12.38 0.98 -15.01
CA ALA N 298 13.17 1.95 -14.26
C ALA N 298 14.37 2.36 -15.10
N ARG N 299 15.28 3.10 -14.46
CA ARG N 299 16.53 3.46 -15.11
C ARG N 299 17.38 2.22 -15.35
N ASP N 300 18.15 2.25 -16.44
CA ASP N 300 18.94 1.10 -16.86
C ASP N 300 20.23 1.04 -16.04
N VAL N 301 20.18 0.33 -14.91
CA VAL N 301 21.41 0.00 -14.21
C VAL N 301 22.24 -0.91 -15.11
N ALA N 302 23.57 -0.73 -15.07
CA ALA N 302 24.42 -1.35 -16.08
C ALA N 302 24.40 -2.87 -15.99
N THR N 303 24.63 -3.42 -14.81
CA THR N 303 24.82 -4.86 -14.69
C THR N 303 23.85 -5.54 -13.72
N ASP N 304 23.58 -4.92 -12.57
CA ASP N 304 22.61 -5.49 -11.64
C ASP N 304 21.26 -5.72 -12.31
N GLN N 305 20.86 -4.78 -13.16
CA GLN N 305 19.62 -4.86 -13.90
C GLN N 305 19.52 -6.05 -14.84
N ILE N 306 20.35 -6.09 -15.87
CA ILE N 306 20.00 -6.85 -17.06
C ILE N 306 20.54 -8.27 -17.02
N GLU N 307 21.86 -8.42 -17.03
CA GLU N 307 22.45 -9.73 -17.23
C GLU N 307 22.18 -10.65 -16.06
N GLU N 308 22.08 -10.10 -14.85
CA GLU N 308 21.83 -10.94 -13.69
C GLU N 308 20.50 -11.65 -13.81
N ILE N 309 19.44 -10.92 -14.16
CA ILE N 309 18.16 -11.59 -14.29
C ILE N 309 18.11 -12.40 -15.58
N ASP N 310 18.90 -12.04 -16.58
CA ASP N 310 19.03 -12.90 -17.75
C ASP N 310 19.47 -14.30 -17.33
N GLU N 311 20.57 -14.38 -16.59
CA GLU N 311 21.07 -15.69 -16.18
C GLU N 311 20.15 -16.32 -15.16
N ALA N 312 19.52 -15.54 -14.29
CA ALA N 312 18.59 -16.12 -13.33
C ALA N 312 17.46 -16.85 -14.03
N LEU N 313 16.79 -16.18 -14.96
CA LEU N 313 15.69 -16.82 -15.66
C LEU N 313 16.18 -17.98 -16.50
N ASN N 314 17.34 -17.83 -17.15
CA ASN N 314 17.84 -18.91 -17.99
C ASN N 314 18.17 -20.16 -17.16
N GLN N 315 18.76 -19.99 -15.98
CA GLN N 315 18.95 -21.13 -15.08
C GLN N 315 17.62 -21.75 -14.68
N LEU N 316 16.66 -20.91 -14.29
CA LEU N 316 15.40 -21.45 -13.79
C LEU N 316 14.72 -22.30 -14.85
N ILE N 317 14.74 -21.86 -16.10
CA ILE N 317 14.20 -22.70 -17.17
C ILE N 317 15.06 -23.93 -17.38
N SER N 318 16.38 -23.76 -17.39
CA SER N 318 17.31 -24.86 -17.60
C SER N 318 17.46 -25.76 -16.38
N GLY N 319 16.61 -25.59 -15.36
CA GLY N 319 16.60 -26.51 -14.23
C GLY N 319 17.86 -26.54 -13.41
N HIS N 320 18.18 -25.45 -12.73
CA HIS N 320 19.33 -25.41 -11.84
C HIS N 320 18.97 -24.93 -10.44
N PHE N 321 17.75 -24.46 -10.23
CA PHE N 321 17.26 -24.20 -8.90
C PHE N 321 15.74 -24.19 -8.91
N VAL N 322 15.14 -24.29 -7.73
CA VAL N 322 13.68 -24.35 -7.60
C VAL N 322 13.27 -23.39 -6.49
N MET N 323 12.53 -22.35 -6.84
CA MET N 323 12.12 -21.35 -5.88
C MET N 323 11.15 -21.94 -4.85
N GLY N 324 11.04 -21.25 -3.71
CA GLY N 324 10.11 -21.71 -2.68
C GLY N 324 9.87 -20.63 -1.64
N GLU N 325 8.80 -20.83 -0.87
CA GLU N 325 8.37 -19.89 0.16
C GLU N 325 9.00 -20.24 1.50
N HIS N 326 9.61 -19.25 2.14
CA HIS N 326 10.56 -19.48 3.23
C HIS N 326 10.29 -18.53 4.40
N HIS N 327 10.56 -19.00 5.61
CA HIS N 327 10.43 -18.14 6.79
C HIS N 327 11.26 -18.73 7.92
N CYS N 328 12.00 -17.88 8.63
CA CYS N 328 12.91 -18.32 9.68
C CYS N 328 12.58 -17.61 10.99
N THR N 329 12.33 -18.39 12.04
CA THR N 329 11.88 -17.85 13.33
C THR N 329 12.74 -18.39 14.47
N LEU N 330 13.83 -17.69 14.76
CA LEU N 330 14.62 -17.99 15.95
C LEU N 330 13.81 -17.69 17.20
N THR N 331 13.70 -18.68 18.09
CA THR N 331 13.02 -18.49 19.37
C THR N 331 13.99 -18.83 20.49
N VAL N 332 14.31 -17.85 21.32
CA VAL N 332 15.25 -18.07 22.41
C VAL N 332 14.48 -18.46 23.66
N TYR N 333 15.00 -19.47 24.38
CA TYR N 333 14.41 -19.91 25.64
C TYR N 333 15.21 -19.32 26.79
N GLY N 334 14.51 -19.02 27.88
CA GLY N 334 15.14 -18.43 29.05
C GLY N 334 14.26 -18.58 30.26
N GLU N 335 14.78 -18.15 31.40
CA GLU N 335 14.09 -18.35 32.67
C GLU N 335 13.38 -17.11 33.18
N THR N 336 13.83 -15.91 32.84
CA THR N 336 13.16 -14.69 33.24
C THR N 336 13.03 -13.75 32.05
N VAL N 337 12.00 -12.90 32.10
CA VAL N 337 11.62 -12.11 30.94
C VAL N 337 12.71 -11.13 30.54
N GLN N 338 13.42 -10.59 31.52
CA GLN N 338 14.54 -9.71 31.20
C GLN N 338 15.62 -10.48 30.44
N GLN N 339 15.93 -11.70 30.89
CA GLN N 339 17.02 -12.46 30.29
C GLN N 339 16.68 -12.88 28.87
N VAL N 340 15.43 -13.27 28.62
CA VAL N 340 15.06 -13.67 27.26
C VAL N 340 15.11 -12.48 26.32
N ARG N 341 14.76 -11.28 26.80
CA ARG N 341 14.91 -10.09 25.97
C ARG N 341 16.38 -9.80 25.72
N ASP N 342 17.24 -10.01 26.72
CA ASP N 342 18.67 -9.82 26.50
C ASP N 342 19.20 -10.76 25.44
N ASN N 343 18.79 -12.03 25.51
CA ASN N 343 19.20 -12.99 24.51
C ASN N 343 18.63 -12.63 23.14
N LEU N 344 17.42 -12.09 23.10
CA LEU N 344 16.85 -11.67 21.83
C LEU N 344 17.65 -10.54 21.21
N ALA N 345 18.05 -9.56 22.02
CA ALA N 345 18.88 -8.49 21.50
C ALA N 345 20.22 -9.02 21.01
N HIS N 346 20.78 -10.00 21.73
CA HIS N 346 22.02 -10.62 21.29
C HIS N 346 21.85 -11.32 19.95
N ALA N 347 20.74 -12.05 19.78
CA ALA N 347 20.50 -12.75 18.52
C ALA N 347 20.28 -11.76 17.38
N SER N 348 19.62 -10.64 17.67
CA SER N 348 19.44 -9.61 16.66
C SER N 348 20.78 -9.02 16.24
N ALA N 349 21.67 -8.77 17.21
CA ALA N 349 23.01 -8.31 16.87
C ALA N 349 23.73 -9.33 16.02
N ALA N 350 23.59 -10.61 16.36
CA ALA N 350 24.27 -11.67 15.61
C ALA N 350 23.77 -11.73 14.18
N MET N 351 22.45 -11.69 13.98
CA MET N 351 21.91 -11.71 12.62
C MET N 351 22.31 -10.46 11.84
N LEU N 352 22.27 -9.29 12.47
CA LEU N 352 22.70 -8.09 11.78
C LEU N 352 24.18 -8.14 11.40
N ASP N 353 24.99 -8.85 12.17
CA ASP N 353 26.39 -9.01 11.82
C ASP N 353 26.57 -9.71 10.47
N VAL N 354 25.66 -10.58 10.09
CA VAL N 354 25.77 -11.32 8.84
C VAL N 354 24.78 -10.81 7.79
N ALA N 355 24.32 -9.57 7.93
CA ALA N 355 23.55 -8.88 6.89
C ALA N 355 22.25 -9.60 6.56
N VAL N 356 21.46 -9.90 7.58
CA VAL N 356 20.06 -10.26 7.40
C VAL N 356 19.23 -9.52 8.45
N LEU N 357 18.66 -8.39 8.07
CA LEU N 357 18.06 -7.49 9.05
C LEU N 357 16.89 -8.16 9.74
N PRO N 358 16.98 -8.47 11.03
CA PRO N 358 15.85 -9.10 11.72
C PRO N 358 14.99 -8.09 12.45
N LYS N 359 13.69 -8.38 12.57
CA LYS N 359 12.78 -7.54 13.33
C LYS N 359 12.00 -8.45 14.26
N PRO N 360 12.03 -8.24 15.57
CA PRO N 360 11.36 -9.15 16.50
C PRO N 360 9.88 -9.23 16.20
N VAL N 361 9.35 -10.45 16.24
CA VAL N 361 7.94 -10.65 15.97
C VAL N 361 7.16 -10.26 17.22
N ASP N 362 6.17 -9.37 17.05
CA ASP N 362 5.44 -8.80 18.16
C ASP N 362 3.95 -9.11 18.10
N LEU N 363 3.28 -8.80 16.98
CA LEU N 363 1.87 -9.13 16.86
C LEU N 363 1.62 -10.60 16.58
N ALA N 364 2.48 -11.24 15.79
CA ALA N 364 2.29 -12.63 15.42
C ALA N 364 3.20 -13.56 16.21
N LEU N 365 3.38 -13.30 17.51
CA LEU N 365 4.14 -14.23 18.34
C LEU N 365 3.48 -15.61 18.36
N GLU N 366 2.18 -15.65 18.58
CA GLU N 366 1.50 -16.93 18.66
C GLU N 366 1.44 -17.62 17.31
N ALA N 367 1.25 -16.84 16.24
CA ALA N 367 1.24 -17.43 14.91
C ALA N 367 2.60 -18.02 14.55
N GLY N 368 3.66 -17.30 14.87
CA GLY N 368 4.99 -17.85 14.65
C GLY N 368 5.23 -19.10 15.47
N TYR N 369 4.86 -19.06 16.75
CA TYR N 369 5.11 -20.21 17.61
C TYR N 369 4.32 -21.43 17.15
N TRP N 370 3.16 -21.23 16.54
CA TRP N 370 2.45 -22.34 15.92
C TRP N 370 2.90 -22.60 14.49
N ALA N 371 3.83 -21.81 13.97
CA ALA N 371 4.37 -22.02 12.65
C ALA N 371 5.63 -22.87 12.65
N GLN N 372 6.08 -23.29 13.82
CA GLN N 372 7.27 -24.14 13.91
C GLN N 372 6.95 -25.60 13.67
N LEU N 373 5.80 -26.07 14.12
CA LEU N 373 5.44 -27.45 13.94
C LEU N 373 5.35 -27.76 12.45
N PRO N 374 6.03 -28.78 11.95
CA PRO N 374 5.96 -29.08 10.52
C PRO N 374 4.53 -29.35 10.08
N ALA N 375 4.26 -29.04 8.81
CA ALA N 375 2.93 -29.11 8.22
C ALA N 375 2.01 -28.00 8.72
N ASN N 376 2.55 -26.79 8.89
CA ASN N 376 1.76 -25.61 9.24
C ASN N 376 2.18 -24.44 8.34
N TRP N 377 1.54 -24.33 7.17
CA TRP N 377 1.75 -23.16 6.34
C TRP N 377 0.78 -22.04 6.69
N GLN N 378 -0.39 -22.39 7.21
CA GLN N 378 -1.42 -21.40 7.47
C GLN N 378 -1.04 -20.47 8.61
N TRP N 379 0.03 -20.79 9.34
CA TRP N 379 0.43 -20.03 10.51
C TRP N 379 1.76 -19.28 10.32
N ARG N 380 2.36 -19.37 9.14
CA ARG N 380 3.65 -18.71 8.94
C ARG N 380 3.44 -17.20 8.84
N PRO N 381 4.19 -16.40 9.58
CA PRO N 381 4.07 -14.95 9.46
C PRO N 381 4.48 -14.38 8.11
N ARG N 382 5.72 -14.61 7.66
CA ARG N 382 6.28 -13.90 6.51
C ARG N 382 6.94 -14.87 5.54
N PRO N 383 6.16 -15.57 4.71
CA PRO N 383 6.74 -16.42 3.66
C PRO N 383 7.15 -15.60 2.45
N ALA N 384 8.45 -15.59 2.17
CA ALA N 384 9.01 -14.79 1.08
C ALA N 384 9.80 -15.68 0.14
N PRO N 385 9.43 -15.77 -1.15
CA PRO N 385 10.12 -16.70 -2.06
C PRO N 385 11.59 -16.36 -2.25
N ILE N 386 12.41 -17.41 -2.35
CA ILE N 386 13.85 -17.29 -2.56
C ILE N 386 14.33 -18.44 -3.44
N THR N 387 15.54 -18.29 -3.95
CA THR N 387 16.18 -19.35 -4.72
C THR N 387 16.48 -20.53 -3.81
N SER N 388 16.48 -21.74 -4.37
CA SER N 388 16.73 -22.93 -3.56
C SER N 388 18.16 -22.99 -3.08
N LEU N 389 19.11 -22.60 -3.93
CA LEU N 389 20.51 -22.49 -3.52
C LEU N 389 20.56 -21.64 -2.26
N ASN N 390 19.76 -20.58 -2.25
CA ASN N 390 19.77 -19.68 -1.12
C ASN N 390 19.24 -20.34 0.13
N PHE N 391 18.17 -21.13 0.02
CA PHE N 391 17.69 -21.82 1.21
C PHE N 391 18.72 -22.80 1.75
N LEU N 392 19.35 -23.57 0.86
CA LEU N 392 20.38 -24.46 1.34
C LEU N 392 21.59 -23.70 1.85
N SER N 393 21.69 -22.40 1.56
CA SER N 393 22.67 -21.54 2.19
C SER N 393 22.20 -20.95 3.52
N PHE N 394 20.90 -20.93 3.79
CA PHE N 394 20.41 -20.66 5.14
C PHE N 394 20.34 -21.89 6.03
N SER N 395 20.64 -23.07 5.50
CA SER N 395 20.69 -24.25 6.34
C SER N 395 21.61 -25.30 5.72
N PRO N 396 22.93 -25.06 5.72
CA PRO N 396 23.85 -26.02 5.10
C PRO N 396 24.08 -27.26 5.94
N PHE N 397 23.38 -27.39 7.06
CA PHE N 397 23.58 -28.47 8.01
C PHE N 397 25.03 -28.53 8.49
N HIS N 398 25.59 -27.34 8.73
CA HIS N 398 26.82 -27.23 9.49
C HIS N 398 26.54 -27.44 10.97
N ASN N 399 27.56 -27.88 11.68
CA ASN N 399 27.45 -28.16 13.11
C ASN N 399 28.84 -28.38 13.66
N PHE N 400 29.07 -27.89 14.87
CA PHE N 400 30.28 -28.24 15.58
C PHE N 400 30.18 -29.68 16.03
N MET N 401 31.30 -30.40 15.98
CA MET N 401 31.31 -31.77 16.45
C MET N 401 31.07 -31.79 17.96
N SER N 402 30.16 -32.67 18.39
CA SER N 402 29.77 -32.70 19.79
C SER N 402 29.77 -34.12 20.35
N GLY N 403 29.58 -35.11 19.49
CA GLY N 403 29.49 -36.47 19.96
C GLY N 403 28.16 -36.73 20.65
N LYS N 404 27.99 -37.95 21.12
CA LYS N 404 26.75 -38.37 21.74
C LYS N 404 26.96 -38.56 23.23
N PRO N 405 26.33 -37.76 24.10
CA PRO N 405 26.53 -37.95 25.54
C PRO N 405 26.05 -39.29 26.05
N THR N 406 24.78 -39.63 25.83
CA THR N 406 24.22 -40.89 26.29
C THR N 406 23.83 -41.75 25.10
N GLY N 407 23.26 -42.91 25.40
CA GLY N 407 22.84 -43.83 24.37
C GLY N 407 23.95 -44.65 23.75
N ASN N 408 25.19 -44.47 24.20
CA ASN N 408 26.31 -45.19 23.63
C ASN N 408 26.23 -46.67 23.98
N PRO N 409 26.95 -47.52 23.24
CA PRO N 409 26.93 -48.96 23.57
C PRO N 409 27.35 -49.24 25.00
N TRP N 410 28.32 -48.49 25.52
CA TRP N 410 28.76 -48.73 26.89
C TRP N 410 27.91 -47.96 27.89
N GLY N 411 27.41 -46.79 27.50
CA GLY N 411 26.60 -45.98 28.39
C GLY N 411 26.87 -44.50 28.20
N PRO N 412 27.22 -43.82 29.28
CA PRO N 412 27.58 -42.41 29.17
C PRO N 412 28.91 -42.22 28.47
N ALA N 413 29.12 -41.02 27.95
CA ALA N 413 30.37 -40.70 27.28
C ALA N 413 31.53 -40.76 28.26
N VAL N 414 32.71 -41.10 27.74
CA VAL N 414 33.85 -41.34 28.62
C VAL N 414 34.36 -40.03 29.21
N THR N 415 34.67 -39.05 28.39
CA THR N 415 35.15 -37.76 28.89
C THR N 415 34.49 -36.65 28.10
N ILE N 416 34.68 -35.44 28.59
CA ILE N 416 34.27 -34.22 27.90
C ILE N 416 35.50 -33.34 27.74
N LEU N 417 35.76 -32.91 26.52
CA LEU N 417 37.00 -32.23 26.20
C LEU N 417 36.72 -30.79 25.78
N LYS N 418 37.61 -29.88 26.17
CA LYS N 418 37.53 -28.52 25.67
C LYS N 418 37.76 -28.51 24.17
N THR N 419 37.04 -27.65 23.47
CA THR N 419 37.24 -27.47 22.04
C THR N 419 37.61 -26.02 21.78
N VAL N 420 38.55 -25.79 20.87
CA VAL N 420 38.96 -24.43 20.54
C VAL N 420 37.78 -23.61 20.04
N SER N 421 36.83 -24.27 19.37
CA SER N 421 35.62 -23.57 18.97
C SER N 421 34.86 -23.05 20.17
N GLY N 422 34.78 -23.84 21.23
CA GLY N 422 34.08 -23.44 22.44
C GLY N 422 33.02 -24.44 22.84
N THR N 423 32.33 -24.98 21.86
CA THR N 423 31.31 -25.99 22.13
C THR N 423 31.98 -27.28 22.60
N PRO N 424 31.56 -27.85 23.73
CA PRO N 424 32.29 -29.00 24.28
C PRO N 424 32.02 -30.26 23.48
N LEU N 425 33.04 -31.11 23.40
CA LEU N 425 32.96 -32.38 22.72
C LEU N 425 32.80 -33.48 23.76
N TYR N 426 31.83 -34.37 23.54
CA TYR N 426 31.54 -35.45 24.49
C TYR N 426 32.25 -36.69 23.97
N PHE N 427 33.51 -36.84 24.33
CA PHE N 427 34.35 -37.87 23.74
C PHE N 427 33.84 -39.25 24.12
N ASN N 428 34.02 -40.19 23.19
CA ASN N 428 33.70 -41.60 23.40
C ASN N 428 34.34 -42.42 22.29
N PHE N 429 34.81 -43.61 22.64
CA PHE N 429 35.54 -44.42 21.66
C PHE N 429 34.63 -44.88 20.53
N HIS N 430 33.43 -45.32 20.87
CA HIS N 430 32.57 -45.93 19.87
C HIS N 430 32.04 -44.90 18.89
N ALA N 431 32.58 -44.93 17.67
CA ALA N 431 32.12 -44.06 16.59
C ALA N 431 31.06 -44.80 15.79
N SER N 432 30.50 -44.10 14.81
CA SER N 432 29.36 -44.61 14.07
C SER N 432 29.80 -45.08 12.69
N LYS N 433 29.96 -46.39 12.54
CA LYS N 433 30.03 -47.04 11.22
C LYS N 433 31.19 -46.51 10.38
N ARG N 442 28.49 -54.50 16.15
CA ARG N 442 28.86 -53.74 17.33
C ARG N 442 29.72 -52.56 16.88
N LEU N 443 29.43 -51.39 17.41
CA LEU N 443 30.08 -50.17 16.93
C LEU N 443 31.59 -50.29 17.03
N LEU N 444 32.27 -49.94 15.95
CA LEU N 444 33.73 -49.97 15.94
C LEU N 444 34.26 -49.02 17.01
N GLY N 445 35.17 -49.51 17.83
CA GLY N 445 35.60 -48.75 18.99
C GLY N 445 37.08 -48.47 19.08
N ASN N 446 37.83 -48.74 18.01
CA ASN N 446 39.27 -48.54 18.07
C ASN N 446 39.59 -47.06 18.19
N THR N 447 40.89 -46.77 18.25
CA THR N 447 41.39 -45.42 18.37
C THR N 447 42.87 -45.41 18.02
N MET N 448 43.32 -44.41 17.28
CA MET N 448 44.72 -44.33 16.89
C MET N 448 45.24 -42.94 17.16
N LEU N 449 46.01 -42.78 18.24
CA LEU N 449 46.71 -41.54 18.52
C LEU N 449 48.03 -41.55 17.76
N ILE N 450 48.28 -40.51 16.98
CA ILE N 450 49.53 -40.41 16.25
C ILE N 450 50.11 -39.02 16.45
N GLY N 451 51.44 -38.94 16.56
CA GLY N 451 52.09 -37.66 16.73
C GLY N 451 53.34 -37.82 17.57
N GLN N 452 54.29 -36.92 17.32
CA GLN N 452 55.58 -36.99 18.01
C GLN N 452 55.38 -36.79 19.51
N SER N 453 56.02 -37.63 20.30
CA SER N 453 55.74 -37.73 21.73
C SER N 453 56.24 -36.50 22.48
N SER N 454 56.04 -36.52 23.80
CA SER N 454 56.29 -35.45 24.76
C SER N 454 55.31 -34.30 24.56
N SER N 455 54.48 -34.36 23.52
CA SER N 455 53.41 -33.39 23.30
C SER N 455 52.14 -33.77 24.02
N GLY N 456 52.23 -34.62 25.05
CA GLY N 456 51.08 -35.03 25.80
C GLY N 456 50.46 -36.35 25.40
N LYS N 457 51.11 -37.12 24.52
CA LYS N 457 50.52 -38.39 24.10
C LYS N 457 50.35 -39.33 25.29
N THR N 458 51.39 -39.48 26.10
CA THR N 458 51.25 -40.27 27.32
C THR N 458 50.32 -39.60 28.31
N VAL N 459 50.37 -38.28 28.39
CA VAL N 459 49.43 -37.55 29.24
C VAL N 459 48.00 -37.82 28.78
N LEU N 460 47.77 -37.73 27.47
CA LEU N 460 46.43 -37.95 26.93
C LEU N 460 45.95 -39.37 27.21
N LEU N 461 46.77 -40.36 26.86
CA LEU N 461 46.32 -41.74 27.02
C LEU N 461 46.13 -42.09 28.49
N GLY N 462 46.99 -41.58 29.36
CA GLY N 462 46.75 -41.74 30.78
C GLY N 462 45.46 -41.10 31.23
N PHE N 463 45.14 -39.93 30.66
CA PHE N 463 43.91 -39.24 31.05
C PHE N 463 42.69 -40.06 30.66
N LEU N 464 42.64 -40.53 29.41
CA LEU N 464 41.51 -41.35 29.01
C LEU N 464 41.43 -42.64 29.81
N LEU N 465 42.56 -43.31 30.01
CA LEU N 465 42.53 -44.58 30.73
C LEU N 465 42.25 -44.37 32.21
N ALA N 466 42.44 -43.14 32.69
CA ALA N 466 42.13 -42.84 34.08
C ALA N 466 40.67 -42.49 34.26
N GLN N 467 40.07 -41.84 33.27
CA GLN N 467 38.66 -41.48 33.39
C GLN N 467 37.72 -42.59 32.93
N ALA N 468 38.22 -43.58 32.21
CA ALA N 468 37.36 -44.63 31.66
C ALA N 468 36.90 -45.66 32.68
N GLN N 469 37.24 -45.50 33.96
CA GLN N 469 36.90 -46.51 34.95
C GLN N 469 35.44 -46.46 35.39
N LYS N 470 34.66 -45.50 34.91
CA LYS N 470 33.23 -45.53 35.20
C LYS N 470 32.57 -46.74 34.55
N PHE N 471 33.22 -47.33 33.56
CA PHE N 471 32.75 -48.55 32.91
C PHE N 471 33.21 -49.82 33.61
N LYS N 472 34.13 -49.71 34.58
CA LYS N 472 34.84 -50.83 35.17
C LYS N 472 35.48 -51.70 34.10
N PRO N 473 36.33 -51.14 33.24
CA PRO N 473 36.88 -51.93 32.13
C PRO N 473 38.21 -52.57 32.43
N THR N 474 38.39 -53.81 31.99
CA THR N 474 39.70 -54.43 31.99
C THR N 474 40.61 -53.67 31.03
N ILE N 475 41.89 -53.59 31.38
CA ILE N 475 42.87 -52.88 30.57
C ILE N 475 44.15 -53.70 30.55
N VAL N 476 44.81 -53.75 29.40
CA VAL N 476 46.10 -54.42 29.25
C VAL N 476 46.98 -53.47 28.46
N ALA N 477 47.99 -52.91 29.11
CA ALA N 477 48.73 -51.79 28.56
C ALA N 477 50.15 -52.20 28.22
N PHE N 478 50.44 -52.29 26.92
CA PHE N 478 51.80 -52.47 26.43
C PHE N 478 52.37 -51.07 26.19
N ASP N 479 53.22 -50.62 27.09
CA ASP N 479 53.74 -49.27 27.02
C ASP N 479 55.21 -49.28 26.62
N LYS N 480 55.79 -48.10 26.53
CA LYS N 480 57.20 -47.94 26.19
C LYS N 480 57.80 -46.87 27.08
N ASP N 481 59.03 -47.10 27.52
CA ASP N 481 59.83 -46.23 28.37
C ASP N 481 59.19 -45.99 29.74
N ARG N 482 58.53 -46.99 30.32
CA ARG N 482 58.08 -46.99 31.71
C ARG N 482 57.13 -45.85 32.05
N GLY N 483 56.59 -45.16 31.04
CA GLY N 483 55.75 -44.01 31.32
C GLY N 483 54.48 -44.36 32.05
N MET N 484 53.85 -45.46 31.68
CA MET N 484 52.52 -45.76 32.22
C MET N 484 52.59 -46.48 33.55
N GLU N 485 53.79 -46.75 34.07
CA GLU N 485 53.89 -47.50 35.32
C GLU N 485 53.20 -46.77 36.46
N ILE N 486 53.45 -45.47 36.58
CA ILE N 486 52.91 -44.69 37.69
C ILE N 486 51.39 -44.71 37.63
N SER N 487 50.83 -44.48 36.45
CA SER N 487 49.38 -44.48 36.32
C SER N 487 48.79 -45.85 36.62
N ILE N 488 49.33 -46.89 35.99
CA ILE N 488 48.77 -48.23 36.15
C ILE N 488 48.83 -48.67 37.61
N ARG N 489 49.91 -48.31 38.31
CA ARG N 489 49.94 -48.54 39.74
C ARG N 489 48.86 -47.73 40.44
N ALA N 490 48.66 -46.48 40.02
CA ALA N 490 47.66 -45.64 40.67
C ALA N 490 46.25 -46.19 40.46
N MET N 491 46.00 -46.85 39.34
CA MET N 491 44.71 -47.48 39.08
C MET N 491 44.59 -48.84 39.76
N GLY N 492 45.52 -49.19 40.64
CA GLY N 492 45.39 -50.38 41.45
C GLY N 492 45.38 -51.69 40.69
N GLY N 493 46.32 -51.85 39.76
CA GLY N 493 46.50 -53.10 39.07
C GLY N 493 47.96 -53.47 38.98
N ARG N 494 48.23 -54.73 38.64
CA ARG N 494 49.58 -55.21 38.49
C ARG N 494 50.22 -54.52 37.29
N TYR N 495 51.43 -54.03 37.47
CA TYR N 495 52.26 -53.56 36.36
C TYR N 495 53.58 -54.32 36.44
N LEU N 496 53.89 -55.07 35.40
CA LEU N 496 55.13 -55.81 35.38
C LEU N 496 56.21 -55.00 34.69
N PRO N 497 57.22 -54.56 35.40
CA PRO N 497 58.27 -53.81 34.75
C PRO N 497 59.38 -54.69 34.19
N LEU N 498 59.10 -55.31 33.06
CA LEU N 498 60.06 -56.22 32.44
C LEU N 498 61.36 -55.48 32.15
N LYS N 499 62.48 -56.12 32.51
CA LYS N 499 63.79 -55.54 32.26
C LYS N 499 64.80 -56.67 32.10
N THR N 500 65.86 -56.38 31.37
CA THR N 500 66.92 -57.37 31.19
C THR N 500 67.68 -57.58 32.49
N GLY N 501 68.17 -58.80 32.68
CA GLY N 501 68.98 -59.14 33.83
C GLY N 501 68.22 -59.56 35.06
N GLU N 502 66.93 -59.29 35.14
CA GLU N 502 66.12 -59.71 36.27
C GLU N 502 65.21 -60.85 35.84
N PRO N 503 64.92 -61.81 36.70
CA PRO N 503 64.11 -62.97 36.28
C PRO N 503 62.76 -62.53 35.74
N SER N 504 62.27 -63.28 34.74
CA SER N 504 61.09 -62.85 33.99
C SER N 504 59.87 -62.73 34.89
N GLY N 505 59.65 -63.70 35.78
CA GLY N 505 58.54 -63.65 36.69
C GLY N 505 57.32 -64.43 36.26
N PHE N 506 57.12 -64.65 34.96
CA PHE N 506 56.04 -65.47 34.46
C PHE N 506 56.56 -66.43 33.39
N ASN N 507 56.07 -67.65 33.42
CA ASN N 507 56.49 -68.70 32.50
C ASN N 507 55.35 -69.68 32.29
N PRO N 508 55.34 -70.38 31.16
CA PRO N 508 54.23 -71.30 30.83
C PRO N 508 54.30 -72.67 31.49
N PHE N 509 55.07 -72.83 32.57
CA PHE N 509 55.30 -74.17 33.14
C PHE N 509 54.01 -74.81 33.63
N GLN N 510 53.13 -74.01 34.25
CA GLN N 510 51.93 -74.55 34.89
C GLN N 510 50.69 -74.43 34.01
N LEU N 511 50.84 -74.44 32.69
CA LEU N 511 49.71 -74.20 31.81
C LEU N 511 48.70 -75.34 31.89
N PRO N 512 47.42 -75.07 31.61
CA PRO N 512 46.43 -76.15 31.61
C PRO N 512 46.69 -77.12 30.48
N PRO N 513 46.32 -78.40 30.65
CA PRO N 513 46.75 -79.44 29.71
C PRO N 513 45.77 -79.79 28.60
N THR N 514 44.69 -79.02 28.43
CA THR N 514 43.71 -79.36 27.41
C THR N 514 44.34 -79.33 26.01
N HIS N 515 43.69 -80.00 25.06
CA HIS N 515 44.30 -80.21 23.75
C HIS N 515 44.48 -78.89 23.01
N ALA N 516 43.57 -77.93 23.22
CA ALA N 516 43.77 -76.60 22.63
C ALA N 516 44.98 -75.90 23.25
N ASN N 517 45.14 -76.01 24.57
CA ASN N 517 46.31 -75.43 25.21
C ASN N 517 47.58 -76.15 24.77
N LEU N 518 47.49 -77.46 24.53
CA LEU N 518 48.62 -78.16 23.96
C LEU N 518 48.95 -77.63 22.57
N ILE N 519 47.91 -77.33 21.77
CA ILE N 519 48.14 -76.72 20.47
C ILE N 519 48.91 -75.42 20.61
N PHE N 520 48.46 -74.55 21.53
CA PHE N 520 49.16 -73.29 21.71
C PHE N 520 50.60 -73.49 22.15
N LEU N 521 50.84 -74.38 23.11
CA LEU N 521 52.19 -74.49 23.65
C LEU N 521 53.12 -75.12 22.62
N LYS N 522 52.61 -76.06 21.82
CA LYS N 522 53.38 -76.57 20.70
C LYS N 522 53.72 -75.45 19.73
N GLN N 523 52.75 -74.59 19.43
CA GLN N 523 53.01 -73.47 18.54
C GLN N 523 54.09 -72.56 19.12
N PHE N 524 54.02 -72.28 20.42
CA PHE N 524 54.99 -71.38 21.04
C PHE N 524 56.40 -71.95 20.94
N VAL N 525 56.58 -73.21 21.34
CA VAL N 525 57.92 -73.77 21.30
C VAL N 525 58.40 -73.89 19.86
N LYS N 526 57.46 -74.01 18.91
CA LYS N 526 57.87 -73.97 17.50
C LYS N 526 58.24 -72.56 17.08
N LYS N 527 57.77 -71.55 17.80
CA LYS N 527 58.15 -70.17 17.49
C LYS N 527 59.35 -69.72 18.30
N LEU N 528 59.44 -70.15 19.56
CA LEU N 528 60.64 -69.87 20.35
C LEU N 528 61.89 -70.38 19.65
N ALA N 529 61.80 -71.57 19.06
CA ALA N 529 62.92 -72.10 18.30
C ALA N 529 63.19 -71.24 17.08
N ALA N 530 64.23 -70.41 17.15
CA ALA N 530 64.56 -69.48 16.03
C ALA N 530 66.05 -69.15 16.12
N ALA N 531 66.67 -68.73 15.00
CA ALA N 531 68.12 -68.39 14.94
C ALA N 531 69.00 -69.64 15.06
N GLY N 532 68.78 -70.46 16.09
CA GLY N 532 69.15 -71.89 16.09
C GLY N 532 69.05 -72.49 14.70
N GLY N 533 68.00 -72.14 13.94
CA GLY N 533 67.91 -72.63 12.58
C GLY N 533 66.52 -73.06 12.19
N GLU N 534 66.29 -73.58 10.90
CA GLU N 534 64.99 -74.00 10.35
C GLU N 534 64.48 -75.23 11.07
N VAL N 535 63.14 -75.19 11.43
CA VAL N 535 62.49 -76.32 12.08
C VAL N 535 61.98 -77.29 11.02
N THR N 536 62.44 -78.65 10.95
CA THR N 536 62.04 -79.69 10.02
C THR N 536 60.83 -80.46 10.54
N HIS N 537 60.28 -81.30 9.68
CA HIS N 537 59.17 -82.17 10.06
C HIS N 537 59.56 -83.08 11.23
N ARG N 538 60.76 -83.59 11.15
CA ARG N 538 61.26 -84.43 12.24
C ARG N 538 61.31 -83.67 13.56
N ASP N 539 61.83 -82.42 13.56
CA ASP N 539 61.85 -81.55 14.73
C ASP N 539 60.46 -81.39 15.32
N GLU N 540 59.50 -81.24 14.45
CA GLU N 540 58.12 -81.02 14.88
C GLU N 540 57.57 -82.24 15.62
N GLU N 541 57.84 -83.40 15.06
CA GLU N 541 57.39 -84.64 15.69
C GLU N 541 58.01 -84.84 17.07
N GLU N 542 59.33 -84.47 17.13
CA GLU N 542 60.04 -84.60 18.38
C GLU N 542 59.49 -83.65 19.44
N ILE N 543 59.26 -82.43 19.06
CA ILE N 543 58.72 -81.41 19.96
C ILE N 543 57.33 -81.84 20.43
N ASP N 544 56.52 -82.36 19.55
CA ASP N 544 55.17 -82.79 19.89
C ASP N 544 55.18 -83.92 20.91
N GLN N 545 55.98 -84.92 20.66
CA GLN N 545 56.07 -86.06 21.56
C GLN N 545 56.58 -85.64 22.93
N ALA N 546 57.57 -84.72 22.89
CA ALA N 546 58.17 -84.26 24.14
C ALA N 546 57.17 -83.48 24.98
N ILE N 547 56.40 -82.60 24.37
CA ILE N 547 55.43 -81.78 25.09
C ILE N 547 54.31 -82.65 25.63
N THR N 548 53.86 -83.61 24.82
CA THR N 548 52.79 -84.52 25.24
C THR N 548 53.23 -85.34 26.44
N ALA N 549 54.44 -85.80 26.35
CA ALA N 549 54.97 -86.62 27.45
C ALA N 549 55.12 -85.80 28.72
N MET N 550 55.63 -84.58 28.59
CA MET N 550 55.86 -83.73 29.74
C MET N 550 54.55 -83.31 30.39
N MET N 551 53.52 -83.07 29.51
CA MET N 551 52.25 -82.53 30.00
C MET N 551 51.30 -83.65 30.42
N SER N 552 51.80 -84.94 30.48
CA SER N 552 50.99 -86.07 30.90
C SER N 552 50.68 -86.00 32.40
N ASP N 553 49.69 -86.73 32.87
CA ASP N 553 49.24 -86.73 34.26
C ASP N 553 50.32 -87.29 35.19
N SER N 554 51.32 -87.88 34.64
CA SER N 554 52.34 -88.56 35.43
C SER N 554 53.42 -87.58 35.89
N ILE N 555 53.48 -86.45 35.31
CA ILE N 555 54.48 -85.46 35.68
C ILE N 555 53.83 -84.33 36.48
N ASP N 556 54.40 -84.06 37.64
CA ASP N 556 53.87 -83.03 38.53
C ASP N 556 54.07 -81.64 37.92
N LYS N 557 53.00 -80.79 38.02
CA LYS N 557 53.00 -79.43 37.49
C LYS N 557 54.22 -78.64 37.97
N SER N 558 54.66 -78.82 39.19
CA SER N 558 55.74 -78.06 39.81
C SER N 558 57.08 -78.39 39.17
N LEU N 559 57.09 -79.54 38.49
CA LEU N 559 58.36 -79.97 37.90
C LEU N 559 58.46 -79.53 36.44
N ARG N 560 57.40 -79.12 35.90
CA ARG N 560 57.34 -78.81 34.48
C ARG N 560 58.04 -77.49 34.18
N ARG N 561 59.16 -77.58 33.43
CA ARG N 561 59.94 -76.45 32.97
C ARG N 561 60.63 -76.76 31.64
N LEU N 562 61.08 -75.63 31.06
CA LEU N 562 61.75 -75.83 29.78
C LEU N 562 62.93 -76.78 29.92
N SER N 563 63.66 -76.72 30.98
CA SER N 563 64.81 -77.57 31.25
C SER N 563 64.40 -79.04 31.34
N LEU N 564 63.25 -79.27 31.92
CA LEU N 564 62.74 -80.64 31.98
C LEU N 564 62.37 -81.15 30.60
N LEU N 565 61.85 -80.30 29.82
CA LEU N 565 61.46 -80.65 28.46
C LEU N 565 62.65 -81.23 27.69
N LEU N 566 63.88 -80.75 28.01
CA LEU N 566 65.08 -81.18 27.32
C LEU N 566 65.33 -82.68 27.54
N GLN N 567 64.82 -83.23 28.62
CA GLN N 567 65.04 -84.63 28.97
C GLN N 567 64.22 -85.56 28.08
N PHE N 568 63.29 -84.91 27.43
CA PHE N 568 62.40 -85.68 26.58
C PHE N 568 62.81 -85.56 25.11
N VAL N 583 67.13 -80.35 18.34
CA VAL N 583 66.19 -79.47 19.04
C VAL N 583 66.67 -79.24 20.47
N HIS N 584 67.19 -80.30 21.10
CA HIS N 584 67.76 -80.21 22.44
C HIS N 584 68.84 -79.15 22.52
N ALA N 585 69.82 -79.24 21.63
CA ALA N 585 70.97 -78.34 21.61
C ALA N 585 70.54 -76.90 21.39
N ARG N 586 69.56 -76.67 20.62
CA ARG N 586 69.10 -75.33 20.26
C ARG N 586 68.31 -74.71 21.40
N LEU N 587 67.59 -75.49 22.24
CA LEU N 587 66.74 -74.99 23.32
C LEU N 587 67.56 -74.71 24.59
N VAL N 588 68.85 -75.20 24.61
CA VAL N 588 69.72 -75.05 25.77
C VAL N 588 69.88 -73.58 26.12
N LYS N 589 69.97 -72.74 25.15
CA LYS N 589 70.18 -71.31 25.37
C LYS N 589 68.99 -70.70 26.12
N TRP N 590 67.76 -71.27 26.07
CA TRP N 590 66.57 -70.76 26.71
C TRP N 590 66.39 -71.36 28.11
N CYS N 591 67.29 -72.26 28.49
CA CYS N 591 67.22 -72.91 29.79
C CYS N 591 68.15 -72.21 30.78
N GLU N 592 67.88 -72.55 32.08
CA GLU N 592 68.70 -71.99 33.14
C GLU N 592 70.19 -72.13 32.80
N GLY N 593 71.01 -71.02 32.88
CA GLY N 593 72.43 -71.04 32.58
C GLY N 593 72.73 -70.64 31.15
N GLY N 594 71.64 -70.59 30.30
CA GLY N 594 71.74 -70.12 28.92
C GLY N 594 71.53 -68.62 28.78
N ASP N 595 71.68 -68.04 27.56
CA ASP N 595 71.60 -66.60 27.32
C ASP N 595 70.21 -66.07 27.67
N TYR N 596 69.13 -66.90 27.46
CA TYR N 596 67.76 -66.46 27.68
C TYR N 596 67.08 -67.30 28.75
N GLY N 597 67.83 -67.99 29.60
CA GLY N 597 67.32 -68.88 30.64
C GLY N 597 66.48 -68.17 31.68
N TRP N 598 66.60 -66.85 31.79
CA TRP N 598 65.88 -66.02 32.75
C TRP N 598 64.45 -65.78 32.31
N LEU N 599 63.95 -66.10 31.10
CA LEU N 599 62.69 -65.68 30.51
C LEU N 599 61.59 -66.71 30.80
N PHE N 600 61.78 -68.07 30.27
CA PHE N 600 60.65 -68.99 30.27
C PHE N 600 60.96 -70.23 31.10
N ASP N 601 62.17 -70.41 31.69
CA ASP N 601 62.56 -71.60 32.42
C ASP N 601 62.51 -71.35 33.93
N ASN N 602 61.53 -70.48 34.36
CA ASN N 602 61.40 -70.17 35.78
C ASN N 602 60.71 -71.30 36.54
N PRO N 603 61.04 -71.52 37.86
CA PRO N 603 60.49 -72.62 38.66
C PRO N 603 58.96 -72.54 38.77
N THR N 604 58.46 -71.31 38.91
CA THR N 604 57.02 -71.07 39.01
C THR N 604 56.59 -69.98 38.03
N ASP N 605 55.30 -70.03 37.65
CA ASP N 605 54.71 -68.91 36.86
C ASP N 605 54.09 -67.97 37.89
N ALA N 606 54.90 -67.14 38.57
CA ALA N 606 54.38 -66.29 39.67
C ALA N 606 53.13 -65.51 39.24
N LEU N 607 52.10 -65.57 40.11
CA LEU N 607 51.04 -64.56 40.36
C LEU N 607 49.76 -64.89 39.57
N ASP N 608 48.63 -65.03 40.26
CA ASP N 608 47.33 -65.33 39.59
C ASP N 608 46.99 -64.15 38.68
N LEU N 609 46.72 -64.43 37.40
CA LEU N 609 46.45 -63.35 36.45
C LEU N 609 45.04 -62.80 36.58
N SER N 610 44.18 -63.46 37.37
CA SER N 610 42.79 -63.03 37.49
C SER N 610 42.61 -62.06 38.65
N THR N 611 43.70 -61.65 39.29
CA THR N 611 43.58 -60.85 40.51
C THR N 611 42.97 -59.48 40.24
N HIS N 612 43.67 -58.65 39.48
CA HIS N 612 43.32 -57.25 39.35
C HIS N 612 42.54 -56.99 38.07
N GLN N 613 42.29 -55.73 37.79
CA GLN N 613 41.57 -55.30 36.60
C GLN N 613 42.46 -54.62 35.57
N ILE N 614 43.25 -53.64 35.97
CA ILE N 614 44.04 -52.87 35.01
C ILE N 614 45.48 -53.33 35.04
N TYR N 615 45.87 -54.13 34.05
CA TYR N 615 47.22 -54.65 33.99
C TYR N 615 48.13 -53.75 33.17
N GLY N 616 49.42 -53.91 33.35
CA GLY N 616 50.40 -53.25 32.51
C GLY N 616 51.59 -54.15 32.29
N PHE N 617 52.18 -54.04 31.11
CA PHE N 617 53.40 -54.75 30.79
C PHE N 617 54.32 -53.83 30.02
N ASP N 618 55.60 -53.85 30.37
CA ASP N 618 56.58 -53.00 29.71
C ASP N 618 57.40 -53.85 28.75
N ILE N 619 57.52 -53.35 27.52
CA ILE N 619 58.24 -54.04 26.45
C ILE N 619 59.29 -53.11 25.86
N THR N 620 59.81 -52.20 26.68
CA THR N 620 60.70 -51.16 26.19
C THR N 620 61.97 -51.73 25.60
N GLU N 621 62.57 -52.73 26.25
CA GLU N 621 63.85 -53.26 25.79
C GLU N 621 63.68 -54.17 24.59
N PHE N 622 62.43 -54.44 24.20
CA PHE N 622 62.20 -55.36 23.09
C PHE N 622 62.17 -54.67 21.74
N LEU N 623 62.31 -53.34 21.69
CA LEU N 623 62.36 -52.66 20.41
C LEU N 623 63.62 -53.02 19.63
N ASP N 624 64.70 -53.32 20.34
CA ASP N 624 65.94 -53.74 19.72
C ASP N 624 66.02 -55.25 19.52
N ASN N 625 64.98 -55.99 19.92
CA ASN N 625 65.03 -57.44 19.92
C ASN N 625 64.22 -57.98 18.75
N PRO N 626 64.86 -58.59 17.76
CA PRO N 626 64.10 -59.21 16.67
C PRO N 626 63.41 -60.49 17.11
N GLU N 627 64.14 -61.35 17.84
CA GLU N 627 63.63 -62.68 18.14
C GLU N 627 62.56 -62.66 19.22
N ALA N 628 62.75 -61.87 20.28
CA ALA N 628 61.97 -62.06 21.50
C ALA N 628 60.60 -61.41 21.42
N ARG N 629 60.39 -60.49 20.48
CA ARG N 629 59.09 -59.83 20.39
C ARG N 629 57.99 -60.84 20.13
N THR N 630 58.23 -61.79 19.23
CA THR N 630 57.20 -62.80 18.94
C THR N 630 56.85 -63.63 20.17
N PRO N 631 57.80 -64.21 20.93
CA PRO N 631 57.38 -64.95 22.13
C PRO N 631 56.69 -64.09 23.16
N VAL N 632 57.24 -62.91 23.47
CA VAL N 632 56.64 -62.09 24.53
C VAL N 632 55.22 -61.71 24.17
N MET N 633 55.01 -61.17 22.97
CA MET N 633 53.68 -60.75 22.60
C MET N 633 52.75 -61.95 22.44
N MET N 634 53.26 -63.06 21.92
CA MET N 634 52.46 -64.26 21.78
C MET N 634 51.90 -64.69 23.14
N TYR N 635 52.78 -64.83 24.13
CA TYR N 635 52.34 -65.30 25.44
C TYR N 635 51.39 -64.31 26.10
N LEU N 636 51.75 -63.02 26.08
CA LEU N 636 50.92 -62.01 26.74
C LEU N 636 49.53 -61.95 26.10
N LEU N 637 49.49 -61.94 24.77
CA LEU N 637 48.21 -61.88 24.07
C LEU N 637 47.40 -63.15 24.28
N TYR N 638 48.05 -64.31 24.32
CA TYR N 638 47.27 -65.52 24.58
C TYR N 638 46.65 -65.48 25.96
N ARG N 639 47.42 -65.04 26.96
CA ARG N 639 46.85 -64.96 28.30
C ARG N 639 45.69 -63.98 28.35
N THR N 640 45.80 -62.86 27.62
CA THR N 640 44.70 -61.90 27.63
C THR N 640 43.52 -62.38 26.79
N GLU N 641 43.75 -63.30 25.86
CA GLU N 641 42.65 -63.78 25.00
C GLU N 641 41.58 -64.48 25.82
N SER N 642 41.99 -65.26 26.82
CA SER N 642 41.02 -65.96 27.66
C SER N 642 40.22 -64.98 28.51
N MET N 643 40.71 -63.74 28.64
CA MET N 643 40.01 -62.77 29.47
C MET N 643 38.71 -62.32 28.84
N ILE N 644 38.64 -62.24 27.52
CA ILE N 644 37.53 -61.59 26.83
C ILE N 644 36.36 -62.55 26.71
N ASP N 645 35.48 -62.56 27.71
CA ASP N 645 34.32 -63.43 27.73
C ASP N 645 33.04 -62.59 27.78
N GLY N 646 33.11 -61.33 27.36
CA GLY N 646 31.98 -60.43 27.39
C GLY N 646 32.17 -59.22 28.30
N ARG N 647 33.08 -59.30 29.26
CA ARG N 647 33.35 -58.16 30.11
C ARG N 647 33.96 -57.03 29.30
N ARG N 648 33.67 -55.79 29.70
CA ARG N 648 34.21 -54.63 29.01
C ARG N 648 35.73 -54.68 29.04
N PHE N 649 36.33 -54.90 27.87
CA PHE N 649 37.77 -55.09 27.77
C PHE N 649 38.35 -54.00 26.89
N MET N 650 39.46 -53.42 27.33
CA MET N 650 40.10 -52.31 26.61
C MET N 650 41.60 -52.59 26.48
N TYR N 651 41.97 -53.29 25.41
CA TYR N 651 43.36 -53.31 24.99
C TYR N 651 43.82 -51.89 24.75
N VAL N 652 45.04 -51.56 25.18
CA VAL N 652 45.68 -50.35 24.71
C VAL N 652 47.10 -50.72 24.31
N PHE N 653 47.84 -49.78 23.74
CA PHE N 653 49.16 -50.08 23.22
C PHE N 653 49.99 -48.81 23.29
N ASP N 654 51.18 -48.85 22.68
CA ASP N 654 52.02 -47.67 22.52
C ASP N 654 53.10 -48.00 21.51
N GLU N 655 53.31 -47.07 20.57
CA GLU N 655 54.19 -47.31 19.42
C GLU N 655 53.92 -48.68 18.83
N PHE N 656 52.71 -48.84 18.29
CA PHE N 656 52.14 -50.16 18.07
C PHE N 656 52.96 -51.02 17.12
N TRP N 657 53.51 -50.44 16.05
CA TRP N 657 53.94 -51.27 14.93
C TRP N 657 55.04 -52.24 15.35
N LYS N 658 56.01 -51.76 16.14
CA LYS N 658 57.12 -52.64 16.52
C LYS N 658 56.65 -53.84 17.32
N PRO N 659 55.79 -53.72 18.34
CA PRO N 659 55.16 -54.93 18.89
C PRO N 659 54.41 -55.74 17.86
N LEU N 660 53.81 -55.09 16.87
CA LEU N 660 53.01 -55.76 15.87
C LEU N 660 53.80 -56.10 14.61
N GLN N 661 55.10 -55.79 14.58
CA GLN N 661 55.94 -56.07 13.42
C GLN N 661 56.40 -57.53 13.49
N ASP N 662 55.44 -58.43 13.36
CA ASP N 662 55.68 -59.86 13.50
C ASP N 662 54.89 -60.59 12.44
N GLU N 663 55.56 -61.50 11.74
CA GLU N 663 54.92 -62.26 10.69
C GLU N 663 53.90 -63.26 11.22
N TYR N 664 54.03 -63.68 12.47
CA TYR N 664 53.13 -64.69 13.00
C TYR N 664 51.68 -64.23 13.03
N PHE N 665 51.37 -63.25 13.87
CA PHE N 665 50.00 -63.09 14.32
C PHE N 665 49.25 -61.95 13.64
N GLU N 666 49.64 -61.54 12.43
CA GLU N 666 48.80 -60.58 11.72
C GLU N 666 47.46 -61.19 11.33
N ASP N 667 47.46 -62.44 10.83
CA ASP N 667 46.21 -63.08 10.46
C ASP N 667 45.38 -63.43 11.69
N LEU N 668 46.03 -63.97 12.73
CA LEU N 668 45.32 -64.21 13.98
C LEU N 668 44.79 -62.92 14.55
N ALA N 669 45.53 -61.82 14.41
CA ALA N 669 45.06 -60.54 14.90
C ALA N 669 43.80 -60.09 14.17
N LYS N 670 43.78 -60.17 12.84
CA LYS N 670 42.59 -59.71 12.12
C LYS N 670 41.39 -60.61 12.44
N ASN N 671 41.59 -61.93 12.48
CA ASN N 671 40.48 -62.81 12.74
C ASN N 671 39.94 -62.65 14.16
N LYS N 672 40.83 -62.69 15.16
CA LYS N 672 40.40 -62.48 16.52
C LYS N 672 39.89 -61.06 16.74
N GLN N 673 40.30 -60.12 15.91
CA GLN N 673 39.74 -58.78 15.97
C GLN N 673 38.27 -58.79 15.59
N LYS N 674 37.96 -59.43 14.47
CA LYS N 674 36.56 -59.58 14.08
C LYS N 674 35.78 -60.36 15.13
N THR N 675 36.40 -61.33 15.79
CA THR N 675 35.72 -62.08 16.84
C THR N 675 35.47 -61.21 18.07
N ILE N 676 36.52 -60.54 18.55
CA ILE N 676 36.47 -59.79 19.81
C ILE N 676 35.52 -58.61 19.70
N ARG N 677 35.53 -57.91 18.57
CA ARG N 677 34.71 -56.72 18.39
C ARG N 677 33.25 -56.97 18.81
N LYS N 678 32.81 -58.23 18.79
CA LYS N 678 31.45 -58.53 19.18
C LYS N 678 31.23 -58.37 20.67
N GLN N 679 32.04 -59.02 21.49
CA GLN N 679 31.80 -59.04 22.94
C GLN N 679 32.54 -57.90 23.66
N ASN N 680 32.31 -56.67 23.19
CA ASN N 680 32.80 -55.47 23.84
C ASN N 680 34.33 -55.47 23.94
N GLY N 681 34.98 -55.46 22.78
CA GLY N 681 36.42 -55.36 22.68
C GLY N 681 36.80 -54.03 22.08
N ILE N 682 37.96 -53.50 22.49
CA ILE N 682 38.46 -52.21 22.03
C ILE N 682 39.96 -52.31 21.89
N PHE N 683 40.50 -51.71 20.85
CA PHE N 683 41.93 -51.50 20.66
C PHE N 683 42.18 -50.01 20.70
N VAL N 684 43.05 -49.55 21.59
CA VAL N 684 43.42 -48.14 21.66
C VAL N 684 44.90 -48.06 21.30
N PHE N 685 45.19 -47.83 20.02
CA PHE N 685 46.55 -47.83 19.54
C PHE N 685 47.26 -46.54 19.95
N ALA N 686 48.48 -46.36 19.47
CA ALA N 686 49.25 -45.15 19.69
C ALA N 686 50.42 -45.18 18.72
N THR N 687 51.15 -44.06 18.65
CA THR N 687 52.28 -43.95 17.74
C THR N 687 53.06 -42.69 18.05
N GLN N 688 54.38 -42.77 17.91
CA GLN N 688 55.22 -41.58 17.97
C GLN N 688 55.63 -41.07 16.60
N GLU N 689 55.89 -41.96 15.65
CA GLU N 689 56.33 -41.58 14.31
C GLU N 689 55.41 -42.23 13.28
N PRO N 690 54.33 -41.56 12.90
CA PRO N 690 53.35 -42.19 12.00
C PRO N 690 53.93 -42.49 10.64
N SER N 691 55.04 -41.81 10.30
CA SER N 691 55.73 -42.12 9.06
C SER N 691 56.32 -43.52 9.09
N ASP N 692 56.88 -43.90 10.23
CA ASP N 692 57.50 -45.20 10.40
C ASP N 692 56.49 -46.35 10.39
N ALA N 693 55.21 -46.06 10.62
CA ALA N 693 54.22 -47.11 10.78
C ALA N 693 53.53 -47.44 9.46
N LEU N 694 53.09 -46.42 8.72
CA LEU N 694 52.29 -46.66 7.53
C LEU N 694 53.05 -47.46 6.49
N GLU N 695 54.39 -47.50 6.58
CA GLU N 695 55.19 -48.23 5.60
C GLU N 695 54.89 -49.73 5.63
N SER N 696 54.81 -50.32 6.82
CA SER N 696 54.69 -51.76 6.92
C SER N 696 53.29 -52.23 6.53
N ASN N 697 53.19 -53.51 6.16
CA ASN N 697 51.91 -54.08 5.79
C ASN N 697 50.96 -54.12 7.00
N ILE N 698 51.46 -54.55 8.16
CA ILE N 698 50.58 -54.83 9.29
C ILE N 698 49.87 -53.57 9.75
N ALA N 699 50.56 -52.44 9.73
CA ALA N 699 49.97 -51.21 10.24
C ALA N 699 48.85 -50.71 9.35
N LYS N 700 48.83 -51.12 8.08
CA LYS N 700 47.84 -50.61 7.14
C LYS N 700 46.42 -51.00 7.53
N THR N 701 46.21 -52.29 7.79
CA THR N 701 44.87 -52.75 8.16
C THR N 701 44.41 -52.11 9.46
N LEU N 702 45.35 -51.84 10.37
CA LEU N 702 45.00 -51.27 11.66
C LEU N 702 44.72 -49.78 11.57
N ILE N 703 45.41 -49.07 10.68
CA ILE N 703 45.05 -47.69 10.41
C ILE N 703 43.67 -47.61 9.79
N GLN N 704 43.38 -48.51 8.85
CA GLN N 704 42.06 -48.48 8.23
C GLN N 704 40.98 -49.08 9.12
N GLN N 705 41.34 -49.72 10.22
CA GLN N 705 40.38 -50.37 11.11
C GLN N 705 40.19 -49.61 12.43
N CYS N 706 40.52 -48.33 12.48
CA CYS N 706 40.32 -47.51 13.67
C CYS N 706 39.29 -46.44 13.34
N ALA N 707 38.24 -46.37 14.16
CA ALA N 707 37.19 -45.39 13.93
C ALA N 707 37.61 -44.00 14.41
N THR N 708 38.07 -43.91 15.64
CA THR N 708 38.31 -42.63 16.30
C THR N 708 39.78 -42.27 16.20
N TYR N 709 40.16 -41.57 15.13
CA TYR N 709 41.51 -41.05 15.07
C TYR N 709 41.68 -39.93 16.08
N ILE N 710 42.90 -39.80 16.59
CA ILE N 710 43.27 -38.65 17.41
C ILE N 710 44.66 -38.19 16.99
N PHE N 711 44.73 -37.18 16.15
CA PHE N 711 46.02 -36.73 15.64
C PHE N 711 46.66 -35.76 16.61
N LEU N 712 47.98 -35.77 16.69
CA LEU N 712 48.73 -34.83 17.50
C LEU N 712 49.68 -34.04 16.61
N ALA N 713 50.28 -33.00 17.18
CA ALA N 713 51.07 -32.05 16.41
C ALA N 713 52.50 -32.53 16.22
N ASN N 714 53.15 -31.98 15.19
CA ASN N 714 54.54 -32.31 14.92
C ASN N 714 55.19 -31.15 14.17
N PRO N 715 56.40 -30.73 14.56
CA PRO N 715 57.10 -29.72 13.76
C PRO N 715 57.44 -30.18 12.36
N LYS N 716 57.45 -31.48 12.11
CA LYS N 716 57.75 -32.03 10.80
C LYS N 716 56.56 -32.85 10.33
N ALA N 717 56.05 -32.53 9.13
CA ALA N 717 54.89 -33.21 8.59
C ALA N 717 55.12 -33.49 7.12
N ASP N 718 54.41 -34.50 6.61
CA ASP N 718 54.54 -34.92 5.22
C ASP N 718 53.14 -35.12 4.66
N TYR N 719 52.90 -34.59 3.46
CA TYR N 719 51.58 -34.67 2.84
C TYR N 719 51.18 -36.13 2.61
N GLU N 720 52.12 -36.94 2.11
CA GLU N 720 51.80 -38.28 1.64
C GLU N 720 51.18 -39.13 2.75
N ASP N 721 51.86 -39.23 3.89
CA ASP N 721 51.39 -40.11 4.94
C ASP N 721 50.01 -39.69 5.44
N TYR N 722 49.88 -38.42 5.83
CA TYR N 722 48.65 -37.97 6.46
C TYR N 722 47.46 -38.03 5.51
N THR N 723 47.64 -37.69 4.24
CA THR N 723 46.49 -37.76 3.35
C THR N 723 46.22 -39.18 2.87
N GLN N 724 47.22 -39.83 2.26
CA GLN N 724 47.00 -41.14 1.67
C GLN N 724 46.61 -42.18 2.71
N GLY N 725 47.35 -42.25 3.82
CA GLY N 725 47.11 -43.33 4.76
C GLY N 725 45.93 -43.10 5.68
N PHE N 726 45.79 -41.88 6.20
CA PHE N 726 44.90 -41.62 7.32
C PHE N 726 43.59 -40.96 6.91
N LYS N 727 43.27 -40.92 5.62
CA LYS N 727 42.02 -40.33 5.11
C LYS N 727 41.76 -38.93 5.71
N LEU N 728 42.79 -38.09 5.65
CA LEU N 728 42.74 -36.74 6.19
C LEU N 728 42.82 -35.75 5.04
N THR N 729 41.90 -34.78 5.01
CA THR N 729 41.77 -33.87 3.89
C THR N 729 42.91 -32.85 3.87
N ASP N 730 42.97 -32.06 2.80
CA ASP N 730 44.06 -31.12 2.63
C ASP N 730 43.96 -29.95 3.60
N SER N 731 42.76 -29.39 3.76
CA SER N 731 42.57 -28.32 4.73
C SER N 731 42.89 -28.79 6.13
N GLU N 732 42.41 -29.99 6.49
CA GLU N 732 42.68 -30.51 7.82
C GLU N 732 44.17 -30.79 8.01
N PHE N 733 44.85 -31.25 6.96
CA PHE N 733 46.28 -31.47 7.09
C PHE N 733 47.02 -30.16 7.31
N GLU N 734 46.65 -29.11 6.57
CA GLU N 734 47.28 -27.81 6.81
C GLU N 734 46.97 -27.31 8.21
N LEU N 735 45.77 -27.62 8.71
CA LEU N 735 45.43 -27.29 10.09
C LEU N 735 46.36 -27.99 11.07
N VAL N 736 46.61 -29.28 10.83
CA VAL N 736 47.49 -30.05 11.71
C VAL N 736 48.91 -29.50 11.66
N ARG N 737 49.40 -29.17 10.47
CA ARG N 737 50.72 -28.56 10.36
C ARG N 737 50.77 -27.24 11.11
N GLY N 738 49.70 -26.45 11.02
CA GLY N 738 49.68 -25.14 11.66
C GLY N 738 49.73 -25.19 13.17
N LEU N 739 49.54 -26.36 13.77
CA LEU N 739 49.57 -26.48 15.21
C LEU N 739 50.94 -26.10 15.77
N GLY N 740 50.94 -25.64 17.01
CA GLY N 740 52.17 -25.28 17.67
C GLY N 740 53.01 -26.50 18.00
N GLU N 741 54.29 -26.23 18.31
CA GLU N 741 55.22 -27.31 18.57
C GLU N 741 54.82 -28.11 19.81
N PHE N 742 54.58 -27.43 20.93
CA PHE N 742 54.21 -28.07 22.18
C PHE N 742 52.87 -27.59 22.73
N SER N 743 52.10 -26.84 21.93
CA SER N 743 50.77 -26.47 22.38
C SER N 743 49.85 -27.68 22.37
N ARG N 744 49.11 -27.86 23.46
CA ARG N 744 48.23 -29.01 23.62
C ARG N 744 47.01 -28.80 22.74
N ARG N 745 46.97 -29.52 21.62
CA ARG N 745 45.91 -29.37 20.63
C ARG N 745 45.90 -30.62 19.76
N PHE N 746 44.83 -31.40 19.82
CA PHE N 746 44.80 -32.65 19.07
C PHE N 746 43.50 -32.78 18.30
N LEU N 747 43.61 -33.14 17.02
CA LEU N 747 42.48 -33.15 16.11
C LEU N 747 41.76 -34.50 16.17
N ILE N 748 40.67 -34.57 16.92
CA ILE N 748 39.84 -35.77 16.91
C ILE N 748 39.13 -35.89 15.56
N LYS N 749 38.95 -37.12 15.10
CA LYS N 749 38.33 -37.31 13.79
C LYS N 749 37.36 -38.50 13.77
N GLN N 750 36.44 -38.58 14.73
CA GLN N 750 35.51 -39.71 14.77
C GLN N 750 34.64 -39.69 13.53
N GLY N 751 34.86 -40.62 12.62
CA GLY N 751 34.09 -40.61 11.40
C GLY N 751 34.52 -39.48 10.48
N ASP N 752 33.57 -39.03 9.66
CA ASP N 752 33.85 -37.91 8.76
C ASP N 752 33.98 -36.60 9.53
N GLN N 753 33.23 -36.45 10.62
CA GLN N 753 33.29 -35.22 11.38
C GLN N 753 34.66 -35.01 11.99
N SER N 754 35.05 -33.75 12.14
CA SER N 754 36.34 -33.38 12.72
C SER N 754 36.16 -32.26 13.72
N ALA N 755 37.10 -32.15 14.64
CA ALA N 755 37.07 -31.08 15.62
C ALA N 755 38.44 -30.93 16.29
N LEU N 756 39.04 -29.75 16.18
CA LEU N 756 40.36 -29.52 16.78
C LEU N 756 40.14 -29.25 18.26
N ALA N 757 40.01 -30.33 19.02
CA ALA N 757 39.82 -30.25 20.45
C ALA N 757 41.14 -30.03 21.16
N GLU N 758 41.06 -29.78 22.46
CA GLU N 758 42.26 -29.67 23.28
C GLU N 758 41.86 -29.88 24.74
N MET N 759 42.24 -31.00 25.33
CA MET N 759 42.21 -31.11 26.77
C MET N 759 43.38 -30.30 27.31
N ASN N 760 43.11 -29.45 28.31
CA ASN N 760 44.13 -28.55 28.81
C ASN N 760 44.17 -28.62 30.33
N LEU N 761 45.37 -28.43 30.87
CA LEU N 761 45.65 -28.57 32.30
C LEU N 761 46.31 -27.31 32.82
N GLY N 762 45.74 -26.16 32.49
CA GLY N 762 46.29 -24.88 32.88
C GLY N 762 45.69 -24.34 34.17
N LYS N 763 46.25 -23.22 34.61
CA LYS N 763 45.81 -22.59 35.85
C LYS N 763 44.44 -21.94 35.65
N PHE N 764 43.62 -21.99 36.69
CA PHE N 764 42.26 -21.47 36.62
C PHE N 764 41.70 -21.22 38.00
N ARG N 765 40.50 -20.65 38.04
CA ARG N 765 39.83 -20.27 39.28
C ARG N 765 38.57 -21.08 39.49
N THR N 766 38.21 -21.26 40.76
CA THR N 766 37.06 -22.05 41.16
C THR N 766 36.06 -21.19 41.90
N ILE N 767 34.78 -21.29 41.51
CA ILE N 767 33.72 -20.55 42.18
C ILE N 767 33.12 -21.39 43.30
N VAL N 768 33.75 -21.37 44.47
CA VAL N 768 33.23 -22.03 45.66
C VAL N 768 33.35 -21.07 46.84
N ASP N 769 32.26 -20.93 47.60
CA ASP N 769 32.20 -20.10 48.80
C ASP N 769 32.74 -18.69 48.56
N GLY N 770 32.67 -18.20 47.32
CA GLY N 770 33.30 -16.94 47.00
C GLY N 770 34.81 -16.98 47.09
N GLU N 771 35.40 -18.17 47.04
CA GLU N 771 36.83 -18.35 47.19
C GLU N 771 37.40 -18.88 45.89
N THR N 772 38.37 -18.17 45.31
CA THR N 772 39.08 -18.63 44.12
C THR N 772 40.19 -19.57 44.57
N VAL N 773 39.79 -20.79 44.92
CA VAL N 773 40.73 -21.80 45.41
C VAL N 773 41.59 -22.24 44.23
N GLU N 774 42.84 -21.78 44.21
CA GLU N 774 43.75 -22.14 43.14
C GLU N 774 43.90 -23.66 43.08
N ARG N 775 43.48 -24.24 41.96
CA ARG N 775 43.56 -25.68 41.78
C ARG N 775 44.42 -25.97 40.58
N ASP N 776 45.39 -26.87 40.76
CA ASP N 776 46.37 -27.18 39.74
C ASP N 776 46.36 -28.68 39.46
N PHE N 777 46.49 -29.04 38.19
CA PHE N 777 46.52 -30.43 37.80
C PHE N 777 47.91 -31.03 37.77
N ASP N 778 48.94 -30.30 38.24
CA ASP N 778 50.29 -30.83 38.16
C ASP N 778 50.50 -32.00 39.12
N ASP N 779 49.78 -31.99 40.25
CA ASP N 779 49.85 -33.12 41.17
C ASP N 779 49.40 -34.42 40.53
N GLU N 780 48.62 -34.34 39.45
CA GLU N 780 48.27 -35.49 38.65
C GLU N 780 49.05 -35.56 37.33
N LEU N 781 49.65 -34.46 36.90
CA LEU N 781 50.52 -34.51 35.74
C LEU N 781 51.78 -35.31 36.02
N LEU N 782 52.44 -35.00 37.14
CA LEU N 782 53.65 -35.73 37.51
C LEU N 782 53.35 -37.18 37.83
N VAL N 783 52.08 -37.55 38.00
CA VAL N 783 51.69 -38.95 38.11
C VAL N 783 51.46 -39.54 36.73
N LEU N 784 50.65 -38.88 35.92
CA LEU N 784 50.28 -39.45 34.63
C LEU N 784 51.40 -39.32 33.61
N SER N 785 52.13 -38.21 33.64
CA SER N 785 53.16 -37.98 32.63
C SER N 785 54.26 -39.03 32.72
N GLY N 786 54.77 -39.43 31.57
CA GLY N 786 55.80 -40.44 31.50
C GLY N 786 57.16 -39.90 31.84
N THR N 787 57.81 -40.46 32.84
CA THR N 787 59.16 -40.04 33.23
C THR N 787 59.88 -41.24 33.83
N PRO N 788 60.89 -41.79 33.16
CA PRO N 788 61.68 -42.86 33.80
C PRO N 788 62.32 -42.41 35.09
N ASP N 789 62.75 -41.14 35.17
CA ASP N 789 63.33 -40.64 36.41
C ASP N 789 62.32 -40.66 37.54
N ASN N 790 61.14 -40.08 37.33
CA ASN N 790 60.12 -40.09 38.37
C ASN N 790 59.71 -41.52 38.72
N ALA N 791 59.71 -42.40 37.72
CA ALA N 791 59.31 -43.79 37.97
C ALA N 791 60.35 -44.53 38.79
N GLU N 792 61.63 -44.19 38.63
CA GLU N 792 62.68 -44.89 39.36
C GLU N 792 62.73 -44.51 40.83
N ILE N 793 62.10 -43.41 41.23
CA ILE N 793 61.92 -43.10 42.64
C ILE N 793 60.53 -43.48 43.14
N ALA N 794 59.53 -43.48 42.25
CA ALA N 794 58.25 -44.07 42.60
C ALA N 794 58.42 -45.54 42.96
N GLU N 795 59.23 -46.27 42.19
CA GLU N 795 59.51 -47.66 42.52
C GLU N 795 60.21 -47.79 43.86
N SER N 796 61.12 -46.87 44.18
CA SER N 796 61.79 -46.90 45.48
C SER N 796 60.79 -46.71 46.61
N ILE N 797 59.89 -45.74 46.47
CA ILE N 797 58.95 -45.46 47.56
C ILE N 797 57.91 -46.58 47.69
N ILE N 798 57.55 -47.21 46.57
CA ILE N 798 56.67 -48.38 46.65
C ILE N 798 57.39 -49.55 47.29
N ALA N 799 58.67 -49.70 47.00
CA ALA N 799 59.44 -50.77 47.62
C ALA N 799 59.51 -50.60 49.13
N GLU N 800 59.70 -49.36 49.58
CA GLU N 800 59.71 -49.11 51.03
C GLU N 800 58.35 -49.38 51.65
N VAL N 801 57.27 -48.98 50.99
CA VAL N 801 55.91 -49.21 51.47
C VAL N 801 55.07 -49.61 50.27
N GLY N 802 54.70 -50.89 50.19
CA GLY N 802 53.93 -51.36 49.05
C GLY N 802 52.53 -51.81 49.43
N ASP N 803 52.00 -51.24 50.51
CA ASP N 803 50.71 -51.65 51.06
C ASP N 803 49.57 -51.63 50.04
N ASP N 804 49.26 -50.45 49.51
CA ASP N 804 48.13 -50.27 48.60
C ASP N 804 48.21 -48.91 47.92
N PRO N 805 47.89 -48.84 46.62
CA PRO N 805 47.93 -47.54 45.92
C PRO N 805 47.03 -46.49 46.54
N ALA N 806 45.90 -46.88 47.13
CA ALA N 806 45.08 -45.92 47.86
C ALA N 806 45.80 -45.42 49.10
N VAL N 807 46.73 -46.22 49.63
CA VAL N 807 47.43 -45.85 50.86
C VAL N 807 48.73 -45.13 50.54
N TRP N 808 49.51 -45.64 49.57
CA TRP N 808 50.86 -45.08 49.37
C TRP N 808 50.83 -43.84 48.48
N LEU N 809 49.67 -43.48 47.95
CA LEU N 809 49.58 -42.28 47.11
C LEU N 809 49.96 -40.99 47.84
N PRO N 810 49.46 -40.71 49.06
CA PRO N 810 49.90 -39.49 49.74
C PRO N 810 51.40 -39.45 49.98
N ILE N 811 52.02 -40.57 50.34
CA ILE N 811 53.44 -40.53 50.64
C ILE N 811 54.27 -40.47 49.37
N PHE N 812 53.76 -41.01 48.26
CA PHE N 812 54.41 -40.80 46.97
C PHE N 812 54.38 -39.33 46.59
N LEU N 813 53.23 -38.67 46.80
CA LEU N 813 53.18 -37.23 46.59
C LEU N 813 54.12 -36.49 47.53
N ASP N 814 54.27 -37.01 48.75
CA ASP N 814 55.20 -36.41 49.71
C ASP N 814 56.62 -36.46 49.21
N ARG N 815 57.07 -37.63 48.75
CA ARG N 815 58.43 -37.72 48.22
C ARG N 815 58.58 -36.91 46.94
N VAL N 816 57.51 -36.75 46.18
CA VAL N 816 57.53 -35.86 45.01
C VAL N 816 57.80 -34.43 45.46
N LYS N 817 57.09 -33.98 46.50
CA LYS N 817 57.34 -32.65 47.05
C LYS N 817 58.72 -32.55 47.66
N ALA N 818 59.31 -33.68 48.05
CA ALA N 818 60.64 -33.67 48.64
C ALA N 818 61.72 -33.45 47.58
N GLU N 819 61.54 -34.00 46.39
CA GLU N 819 62.49 -33.80 45.30
C GLU N 819 62.21 -32.54 44.50
N ARG N 820 60.99 -32.00 44.57
CA ARG N 820 60.60 -30.90 43.69
C ARG N 820 61.37 -29.63 44.02
N SER N 821 62.15 -29.64 45.08
CA SER N 821 63.19 -28.64 45.32
C SER N 821 64.46 -29.27 45.88
N ALA O 2 -13.92 48.99 -74.46
CA ALA O 2 -13.85 47.64 -73.94
C ALA O 2 -13.44 47.65 -72.48
N PHE O 3 -13.55 46.49 -71.82
CA PHE O 3 -13.17 46.36 -70.42
C PHE O 3 -11.72 45.92 -70.35
N GLU O 4 -10.86 46.80 -69.86
CA GLU O 4 -9.44 46.55 -69.73
C GLU O 4 -9.01 46.97 -68.32
N LEU O 5 -8.99 46.03 -67.40
CA LEU O 5 -8.55 46.30 -66.04
C LEU O 5 -7.35 45.48 -65.62
N PHE O 6 -7.35 44.18 -65.91
CA PHE O 6 -6.26 43.34 -65.46
C PHE O 6 -5.00 43.52 -66.29
N THR O 7 -5.13 43.81 -67.58
CA THR O 7 -3.94 44.12 -68.37
C THR O 7 -3.21 45.34 -67.86
N PRO O 8 -3.86 46.51 -67.66
CA PRO O 8 -3.11 47.66 -67.13
C PRO O 8 -2.57 47.42 -65.72
N LEU O 9 -3.34 46.76 -64.86
CA LEU O 9 -2.87 46.52 -63.51
C LEU O 9 -1.66 45.61 -63.49
N PHE O 10 -1.70 44.54 -64.29
CA PHE O 10 -0.56 43.64 -64.37
C PHE O 10 0.65 44.35 -64.94
N ASN O 11 0.47 45.18 -65.97
CA ASN O 11 1.60 45.93 -66.51
C ASN O 11 2.17 46.88 -65.48
N LYS O 12 1.31 47.54 -64.71
CA LYS O 12 1.77 48.46 -63.67
C LYS O 12 2.60 47.71 -62.62
N ILE O 13 2.08 46.58 -62.14
CA ILE O 13 2.80 45.82 -61.12
C ILE O 13 4.10 45.28 -61.68
N ASP O 14 4.09 44.80 -62.92
CA ASP O 14 5.29 44.28 -63.53
C ASP O 14 6.35 45.36 -63.70
N GLN O 15 5.96 46.55 -64.14
CA GLN O 15 6.96 47.60 -64.31
C GLN O 15 7.46 48.09 -62.97
N THR O 16 6.60 48.16 -61.95
CA THR O 16 7.07 48.53 -60.63
C THR O 16 8.09 47.53 -60.11
N THR O 17 7.78 46.25 -60.25
CA THR O 17 8.71 45.18 -59.86
C THR O 17 10.01 45.28 -60.63
N ALA O 18 9.94 45.49 -61.94
CA ALA O 18 11.14 45.56 -62.75
C ALA O 18 12.02 46.73 -62.34
N THR O 19 11.44 47.92 -62.17
CA THR O 19 12.25 49.06 -61.79
C THR O 19 12.85 48.88 -60.42
N TYR O 20 12.13 48.28 -59.48
CA TYR O 20 12.75 48.22 -58.17
C TYR O 20 13.52 46.94 -57.92
N VAL O 21 12.85 45.79 -57.80
CA VAL O 21 13.57 44.62 -57.30
C VAL O 21 14.53 44.08 -58.36
N THR O 22 14.04 43.88 -59.58
CA THR O 22 14.87 43.29 -60.62
C THR O 22 16.01 44.22 -61.01
N ASP O 23 15.72 45.51 -61.20
CA ASP O 23 16.76 46.43 -61.64
C ASP O 23 17.81 46.64 -60.56
N ILE O 24 17.40 46.79 -59.29
CA ILE O 24 18.39 46.94 -58.24
C ILE O 24 19.26 45.70 -58.14
N SER O 25 18.66 44.51 -58.18
CA SER O 25 19.46 43.30 -58.09
C SER O 25 20.43 43.19 -59.25
N SER O 26 19.96 43.54 -60.46
CA SER O 26 20.83 43.48 -61.67
C SER O 26 21.99 44.46 -61.53
N ARG O 27 21.71 45.75 -61.27
CA ARG O 27 22.79 46.76 -61.24
C ARG O 27 23.80 46.44 -60.12
N TYR O 83 18.87 38.66 -64.46
CA TYR O 83 17.54 38.59 -63.87
C TYR O 83 16.44 38.71 -64.91
N GLN O 84 16.61 39.61 -65.88
CA GLN O 84 15.53 39.90 -66.83
C GLN O 84 15.05 38.63 -67.50
N GLY O 85 15.95 37.68 -67.72
CA GLY O 85 15.54 36.41 -68.29
C GLY O 85 14.50 35.71 -67.43
N GLU O 86 14.76 35.59 -66.13
CA GLU O 86 13.83 34.87 -65.27
C GLU O 86 12.56 35.67 -65.04
N ILE O 87 12.67 37.01 -65.01
CA ILE O 87 11.47 37.83 -64.86
C ILE O 87 10.54 37.63 -66.05
N ALA O 88 11.08 37.70 -67.26
CA ALA O 88 10.28 37.40 -68.44
C ALA O 88 9.79 35.96 -68.41
N ASN O 89 10.58 35.06 -67.83
CA ASN O 89 10.17 33.67 -67.74
C ASN O 89 8.89 33.52 -66.93
N ALA O 90 8.81 34.22 -65.79
CA ALA O 90 7.58 34.15 -64.99
C ALA O 90 6.42 34.82 -65.72
N ILE O 91 6.66 36.02 -66.24
CA ILE O 91 5.62 36.80 -66.91
C ILE O 91 5.07 36.08 -68.13
N THR O 92 5.86 35.17 -68.72
CA THR O 92 5.37 34.35 -69.82
C THR O 92 4.90 32.97 -69.38
N THR O 93 5.31 32.51 -68.21
CA THR O 93 4.79 31.25 -67.69
C THR O 93 3.31 31.37 -67.37
N VAL O 94 2.89 32.53 -66.89
CA VAL O 94 1.46 32.73 -66.62
C VAL O 94 0.61 32.56 -67.87
N PRO O 95 0.85 33.30 -68.97
CA PRO O 95 -0.07 33.22 -70.11
C PRO O 95 0.00 31.90 -70.86
N ASP O 96 1.20 31.37 -71.09
CA ASP O 96 1.31 30.13 -71.85
C ASP O 96 0.51 29.03 -71.19
N GLU O 97 0.58 28.94 -69.86
CA GLU O 97 -0.17 27.91 -69.17
C GLU O 97 -1.66 28.20 -69.17
N LEU O 98 -2.05 29.44 -68.87
CA LEU O 98 -3.48 29.70 -68.75
C LEU O 98 -4.18 29.61 -70.09
N ALA O 99 -3.44 29.78 -71.19
CA ALA O 99 -4.07 29.87 -72.50
C ALA O 99 -4.67 28.54 -72.93
N SER O 100 -3.90 27.45 -72.83
CA SER O 100 -4.30 26.21 -73.46
C SER O 100 -4.04 24.94 -72.64
N ALA O 101 -3.57 25.05 -71.40
CA ALA O 101 -3.27 23.86 -70.62
C ALA O 101 -4.52 23.03 -70.34
N LEU O 102 -5.61 23.69 -69.94
CA LEU O 102 -6.84 23.01 -69.57
C LEU O 102 -8.06 23.51 -70.33
N LEU O 103 -7.93 24.52 -71.18
CA LEU O 103 -9.10 25.07 -71.86
C LEU O 103 -9.64 24.11 -72.92
N GLY O 104 -8.75 23.41 -73.62
CA GLY O 104 -9.17 22.51 -74.67
C GLY O 104 -9.32 23.19 -76.02
N ASN O 105 -10.19 24.18 -76.10
CA ASN O 105 -10.36 24.94 -77.33
C ASN O 105 -9.09 25.75 -77.60
N PRO O 106 -8.48 25.63 -78.78
CA PRO O 106 -7.19 26.29 -79.02
C PRO O 106 -7.37 27.78 -79.27
N THR O 107 -7.00 28.59 -78.29
CA THR O 107 -6.98 30.04 -78.48
C THR O 107 -5.76 30.43 -79.30
N GLN O 108 -5.92 31.47 -80.13
CA GLN O 108 -4.83 31.90 -80.99
C GLN O 108 -3.65 32.41 -80.17
N GLY O 109 -3.91 33.37 -79.27
CA GLY O 109 -2.87 33.90 -78.41
C GLY O 109 -3.35 35.05 -77.56
N ALA O 110 -3.02 35.03 -76.28
CA ALA O 110 -3.46 36.05 -75.33
C ALA O 110 -2.65 35.88 -74.06
N SER O 111 -3.02 36.60 -73.02
CA SER O 111 -2.40 36.52 -71.71
C SER O 111 -3.47 36.21 -70.67
N ALA O 112 -3.04 35.88 -69.47
CA ALA O 112 -3.98 35.59 -68.40
C ALA O 112 -4.90 36.77 -68.15
N ALA O 113 -4.32 37.97 -68.06
CA ALA O 113 -5.11 39.17 -67.85
C ALA O 113 -6.13 39.34 -68.96
N ALA O 114 -5.76 38.98 -70.19
CA ALA O 114 -6.69 39.12 -71.30
C ALA O 114 -7.93 38.27 -71.11
N LEU O 115 -7.75 36.98 -70.79
CA LEU O 115 -8.91 36.10 -70.63
C LEU O 115 -9.76 36.52 -69.44
N VAL O 116 -9.11 36.88 -68.32
CA VAL O 116 -9.88 37.35 -67.18
C VAL O 116 -10.69 38.59 -67.55
N ASP O 117 -10.09 39.48 -68.34
CA ASP O 117 -10.78 40.69 -68.76
C ASP O 117 -11.97 40.37 -69.64
N GLN O 118 -11.83 39.43 -70.57
CA GLN O 118 -12.95 39.10 -71.44
C GLN O 118 -14.11 38.48 -70.65
N SER O 119 -13.81 37.55 -69.74
CA SER O 119 -14.89 36.96 -68.95
C SER O 119 -15.57 37.99 -68.07
N ALA O 120 -14.77 38.83 -67.40
CA ALA O 120 -15.36 39.89 -66.59
C ALA O 120 -16.16 40.86 -67.44
N GLN O 121 -15.73 41.08 -68.68
CA GLN O 121 -16.49 41.95 -69.57
C GLN O 121 -17.85 41.37 -69.89
N GLN O 122 -17.92 40.06 -70.12
CA GLN O 122 -19.22 39.44 -70.35
C GLN O 122 -20.13 39.62 -69.15
N GLY O 123 -19.60 39.34 -67.96
CA GLY O 123 -20.40 39.51 -66.73
C GLY O 123 -20.87 40.94 -66.56
N PHE O 124 -19.96 41.91 -66.66
CA PHE O 124 -20.30 43.35 -66.48
C PHE O 124 -21.29 43.81 -67.56
N ASP O 125 -21.14 43.30 -68.79
CA ASP O 125 -22.09 43.67 -69.88
C ASP O 125 -23.51 43.23 -69.49
N ARG O 126 -23.65 42.03 -68.90
CA ARG O 126 -24.99 41.56 -68.44
C ARG O 126 -25.50 42.49 -67.34
N ALA O 127 -24.62 42.92 -66.43
CA ALA O 127 -25.02 43.86 -65.36
C ALA O 127 -25.47 45.18 -65.99
N SER O 128 -24.77 45.65 -67.03
CA SER O 128 -25.13 46.90 -67.74
C SER O 128 -26.52 46.74 -68.40
N GLU O 129 -26.79 45.57 -68.99
CA GLU O 129 -28.12 45.31 -69.60
C GLU O 129 -29.18 45.36 -68.51
N ALA O 130 -28.88 44.79 -67.34
CA ALA O 130 -29.84 44.82 -66.20
C ALA O 130 -30.04 46.27 -65.76
N PHE O 131 -28.97 47.08 -65.73
CA PHE O 131 -29.10 48.48 -65.36
C PHE O 131 -29.94 49.23 -66.39
N GLU O 132 -29.75 48.92 -67.67
CA GLU O 132 -30.55 49.56 -68.71
C GLU O 132 -32.02 49.22 -68.55
N GLU O 133 -32.33 47.96 -68.26
CA GLU O 133 -33.71 47.59 -68.02
C GLU O 133 -34.27 48.30 -66.79
N ALA O 134 -33.44 48.49 -65.77
CA ALA O 134 -33.86 49.26 -64.60
C ALA O 134 -34.17 50.69 -64.99
N GLY O 135 -33.38 51.25 -65.90
CA GLY O 135 -33.65 52.60 -66.37
C GLY O 135 -34.95 52.70 -67.15
N PHE O 136 -35.29 51.66 -67.91
CA PHE O 136 -36.52 51.69 -68.68
C PHE O 136 -37.74 51.77 -67.78
N PHE O 137 -37.85 50.87 -66.81
CA PHE O 137 -38.93 50.90 -65.83
C PHE O 137 -38.54 51.89 -64.74
N SER O 138 -39.09 53.10 -64.80
CA SER O 138 -38.71 54.13 -63.84
C SER O 138 -38.95 53.67 -62.41
N SER O 139 -40.20 53.47 -62.05
CA SER O 139 -40.54 52.70 -60.87
C SER O 139 -40.81 51.26 -61.30
N ASP O 140 -40.83 50.36 -60.32
CA ASP O 140 -40.85 48.92 -60.60
C ASP O 140 -39.64 48.52 -61.45
N GLY O 141 -38.52 49.20 -61.24
CA GLY O 141 -37.35 48.93 -62.03
C GLY O 141 -36.12 48.65 -61.19
N LEU O 142 -36.20 48.96 -59.89
CA LEU O 142 -35.05 48.71 -59.03
C LEU O 142 -34.78 47.23 -58.83
N LEU O 143 -35.75 46.37 -59.14
CA LEU O 143 -35.48 44.94 -59.15
C LEU O 143 -34.38 44.61 -60.15
N TYR O 144 -34.41 45.23 -61.33
CA TYR O 144 -33.34 45.02 -62.30
C TYR O 144 -32.04 45.61 -61.81
N GLY O 145 -32.10 46.70 -61.04
CA GLY O 145 -30.89 47.21 -60.41
C GLY O 145 -30.29 46.22 -59.46
N LEU O 146 -31.11 45.55 -58.66
CA LEU O 146 -30.60 44.52 -57.75
C LEU O 146 -30.02 43.35 -58.53
N PHE O 147 -30.66 42.96 -59.62
CA PHE O 147 -30.11 41.92 -60.48
C PHE O 147 -28.73 42.31 -60.98
N GLY O 148 -28.60 43.56 -61.44
CA GLY O 148 -27.32 44.04 -61.91
C GLY O 148 -26.27 44.06 -60.82
N ILE O 149 -26.66 44.47 -59.61
CA ILE O 149 -25.72 44.48 -58.49
C ILE O 149 -25.23 43.07 -58.19
N ILE O 150 -26.15 42.09 -58.20
CA ILE O 150 -25.75 40.71 -57.93
C ILE O 150 -24.79 40.21 -58.99
N ILE O 151 -25.13 40.45 -60.26
CA ILE O 151 -24.26 40.00 -61.35
C ILE O 151 -22.88 40.64 -61.22
N LEU O 152 -22.86 41.95 -60.99
CA LEU O 152 -21.62 42.70 -60.88
C LEU O 152 -20.77 42.17 -59.74
N LEU O 153 -21.39 41.95 -58.58
CA LEU O 153 -20.64 41.49 -57.41
C LEU O 153 -20.09 40.09 -57.63
N ALA O 154 -20.88 39.19 -58.21
CA ALA O 154 -20.38 37.84 -58.45
C ALA O 154 -19.19 37.86 -59.40
N THR O 155 -19.34 38.55 -60.54
CA THR O 155 -18.25 38.62 -61.50
C THR O 155 -17.01 39.25 -60.89
N GLY O 156 -17.19 40.37 -60.20
CA GLY O 156 -16.06 41.07 -59.65
C GLY O 156 -15.34 40.27 -58.58
N LEU O 157 -16.09 39.59 -57.72
CA LEU O 157 -15.46 38.83 -56.65
C LEU O 157 -14.66 37.66 -57.21
N LEU O 158 -15.23 36.95 -58.18
CA LEU O 158 -14.49 35.84 -58.78
C LEU O 158 -13.21 36.33 -59.45
N ALA O 159 -13.35 37.34 -60.32
CA ALA O 159 -12.18 37.85 -61.04
C ALA O 159 -11.15 38.39 -60.07
N ALA O 160 -11.60 39.06 -59.01
CA ALA O 160 -10.67 39.67 -58.08
C ALA O 160 -9.88 38.62 -57.31
N ILE O 161 -10.56 37.59 -56.81
CA ILE O 161 -9.85 36.54 -56.07
C ILE O 161 -8.78 35.90 -56.97
N GLY O 162 -9.19 35.50 -58.17
CA GLY O 162 -8.24 34.83 -59.05
C GLY O 162 -7.07 35.73 -59.43
N GLY O 163 -7.37 36.93 -59.92
CA GLY O 163 -6.31 37.82 -60.35
C GLY O 163 -5.40 38.24 -59.21
N ALA O 164 -5.94 38.34 -58.00
CA ALA O 164 -5.13 38.76 -56.88
C ALA O 164 -4.17 37.67 -56.45
N PHE O 165 -4.61 36.41 -56.50
CA PHE O 165 -3.64 35.36 -56.20
C PHE O 165 -2.60 35.24 -57.30
N LEU O 166 -2.98 35.49 -58.55
CA LEU O 166 -1.97 35.55 -59.62
C LEU O 166 -0.96 36.66 -59.35
N LEU O 167 -1.45 37.83 -58.93
CA LEU O 167 -0.55 38.94 -58.63
C LEU O 167 0.39 38.60 -57.48
N LEU O 168 -0.14 37.96 -56.44
CA LEU O 168 0.70 37.59 -55.31
C LEU O 168 1.79 36.62 -55.75
N ALA O 169 1.42 35.64 -56.58
CA ALA O 169 2.41 34.69 -57.07
C ALA O 169 3.49 35.40 -57.87
N LYS O 170 3.10 36.31 -58.76
CA LYS O 170 4.07 37.00 -59.60
C LYS O 170 5.01 37.87 -58.77
N ILE O 171 4.45 38.63 -57.83
CA ILE O 171 5.26 39.52 -57.00
C ILE O 171 6.23 38.71 -56.15
N ALA O 172 5.73 37.62 -55.54
CA ALA O 172 6.58 36.80 -54.69
C ALA O 172 7.69 36.16 -55.50
N LEU O 173 7.38 35.64 -56.69
CA LEU O 173 8.41 35.02 -57.50
C LEU O 173 9.46 36.03 -57.94
N ALA O 174 9.02 37.24 -58.28
CA ALA O 174 9.98 38.27 -58.68
C ALA O 174 10.88 38.65 -57.52
N LEU O 175 10.32 38.80 -56.33
CA LEU O 175 11.13 39.16 -55.17
C LEU O 175 12.12 38.05 -54.83
N LEU O 176 11.67 36.80 -54.91
CA LEU O 176 12.57 35.67 -54.65
C LEU O 176 13.67 35.60 -55.69
N ALA O 177 13.35 35.81 -56.96
CA ALA O 177 14.38 35.79 -57.99
C ALA O 177 15.39 36.91 -57.77
N GLY O 178 14.92 38.08 -57.35
CA GLY O 178 15.83 39.16 -57.05
C GLY O 178 16.76 38.83 -55.89
N LEU O 179 16.22 38.26 -54.82
CA LEU O 179 17.04 37.93 -53.65
C LEU O 179 17.77 36.62 -53.80
N GLY O 180 17.60 35.93 -54.92
CA GLY O 180 18.24 34.65 -55.17
C GLY O 180 19.72 34.56 -54.88
N PRO O 181 20.53 35.43 -55.48
CA PRO O 181 22.00 35.27 -55.35
C PRO O 181 22.51 35.20 -53.94
N LEU O 182 21.90 35.94 -53.00
CA LEU O 182 22.33 35.81 -51.61
C LEU O 182 22.14 34.39 -51.10
N PHE O 183 20.99 33.80 -51.39
CA PHE O 183 20.70 32.46 -50.91
C PHE O 183 21.41 31.38 -51.70
N ILE O 184 21.85 31.68 -52.92
CA ILE O 184 22.77 30.77 -53.60
C ILE O 184 24.13 30.82 -52.94
N LEU O 185 24.63 32.01 -52.61
CA LEU O 185 25.86 32.13 -51.85
C LEU O 185 25.74 31.51 -50.46
N ALA O 186 24.53 31.32 -49.96
CA ALA O 186 24.37 30.71 -48.66
C ALA O 186 24.92 29.29 -48.64
N LEU O 187 25.07 28.66 -49.81
CA LEU O 187 25.59 27.31 -49.87
C LEU O 187 27.09 27.22 -49.63
N ILE O 188 27.79 28.35 -49.58
CA ILE O 188 29.24 28.31 -49.29
C ILE O 188 29.50 27.70 -47.93
N TRP O 189 28.78 28.14 -46.91
CA TRP O 189 29.06 27.77 -45.54
C TRP O 189 27.98 26.83 -45.01
N GLN O 190 28.39 25.79 -44.31
CA GLN O 190 27.44 24.82 -43.77
C GLN O 190 26.39 25.43 -42.85
N PRO O 191 26.71 26.35 -41.93
CA PRO O 191 25.65 26.90 -41.08
C PRO O 191 24.54 27.61 -41.84
N THR O 192 24.86 28.24 -42.97
CA THR O 192 23.88 28.98 -43.74
C THR O 192 23.20 28.15 -44.82
N HIS O 193 23.24 26.82 -44.72
CA HIS O 193 22.56 25.98 -45.68
C HIS O 193 21.05 26.09 -45.56
N ARG O 194 20.57 26.26 -44.32
CA ARG O 194 19.13 26.29 -44.10
C ARG O 194 18.49 27.47 -44.80
N PHE O 195 19.24 28.55 -45.00
CA PHE O 195 18.70 29.70 -45.71
C PHE O 195 18.36 29.34 -47.15
N PHE O 196 19.27 28.64 -47.82
CA PHE O 196 18.99 28.19 -49.16
C PHE O 196 17.84 27.19 -49.17
N ASP O 197 17.79 26.32 -48.17
CA ASP O 197 16.68 25.36 -48.12
C ASP O 197 15.34 26.08 -48.05
N GLN O 198 15.22 27.08 -47.17
CA GLN O 198 13.97 27.81 -47.05
C GLN O 198 13.65 28.60 -48.31
N TRP O 199 14.65 29.22 -48.92
CA TRP O 199 14.42 29.97 -50.15
C TRP O 199 13.91 29.05 -51.25
N ALA O 200 14.52 27.87 -51.39
CA ALA O 200 14.06 26.92 -52.39
C ALA O 200 12.64 26.46 -52.10
N GLN O 201 12.32 26.25 -50.82
CA GLN O 201 10.97 25.82 -50.49
C GLN O 201 9.95 26.88 -50.87
N GLN O 202 10.24 28.15 -50.59
CA GLN O 202 9.32 29.22 -50.97
C GLN O 202 9.20 29.35 -52.48
N VAL O 203 10.31 29.19 -53.20
CA VAL O 203 10.26 29.26 -54.65
C VAL O 203 9.35 28.17 -55.19
N LEU O 204 9.50 26.95 -54.68
CA LEU O 204 8.64 25.87 -55.11
C LEU O 204 7.19 26.14 -54.75
N ASN O 205 6.95 26.68 -53.57
CA ASN O 205 5.60 27.01 -53.14
C ASN O 205 4.92 27.95 -54.13
N TYR O 206 5.58 29.06 -54.45
CA TYR O 206 4.93 30.04 -55.29
C TYR O 206 4.90 29.62 -56.75
N GLY O 207 5.84 28.79 -57.20
CA GLY O 207 5.73 28.22 -58.52
C GLY O 207 4.53 27.29 -58.66
N LEU O 208 4.33 26.41 -57.68
CA LEU O 208 3.16 25.56 -57.69
C LEU O 208 1.89 26.39 -57.61
N LEU O 209 1.93 27.45 -56.81
CA LEU O 209 0.80 28.37 -56.72
C LEU O 209 0.44 28.93 -58.08
N ILE O 210 1.44 29.43 -58.80
CA ILE O 210 1.17 30.11 -60.05
C ILE O 210 0.68 29.11 -61.10
N VAL O 211 1.23 27.90 -61.09
CA VAL O 211 0.77 26.86 -62.01
C VAL O 211 -0.69 26.53 -61.76
N LEU O 212 -1.04 26.27 -60.49
CA LEU O 212 -2.39 25.86 -60.16
C LEU O 212 -3.40 26.95 -60.48
N PHE O 213 -3.12 28.20 -60.06
CA PHE O 213 -4.06 29.27 -60.39
C PHE O 213 -4.15 29.51 -61.88
N ALA O 214 -3.02 29.55 -62.58
CA ALA O 214 -3.11 29.69 -64.04
C ALA O 214 -4.10 28.70 -64.61
N ALA O 215 -3.85 27.40 -64.40
CA ALA O 215 -4.68 26.38 -65.03
C ALA O 215 -6.13 26.47 -64.57
N VAL O 216 -6.36 26.29 -63.27
CA VAL O 216 -7.72 26.16 -62.77
C VAL O 216 -8.50 27.46 -62.95
N PHE O 217 -7.89 28.60 -62.65
CA PHE O 217 -8.55 29.88 -62.80
C PHE O 217 -8.90 30.14 -64.26
N GLY O 218 -8.00 29.84 -65.18
CA GLY O 218 -8.35 30.01 -66.59
C GLY O 218 -9.54 29.18 -66.98
N LEU O 219 -9.57 27.91 -66.58
CA LEU O 219 -10.69 27.06 -66.92
C LEU O 219 -11.99 27.61 -66.34
N LEU O 220 -11.99 27.92 -65.04
CA LEU O 220 -13.20 28.33 -64.37
C LEU O 220 -13.69 29.67 -64.90
N MET O 221 -12.79 30.61 -65.15
CA MET O 221 -13.18 31.91 -65.66
C MET O 221 -13.70 31.81 -67.09
N GLN O 222 -13.14 30.92 -67.91
CA GLN O 222 -13.69 30.73 -69.24
C GLN O 222 -15.11 30.14 -69.17
N ILE O 223 -15.32 29.19 -68.25
CA ILE O 223 -16.66 28.63 -68.09
C ILE O 223 -17.65 29.72 -67.68
N PHE O 224 -17.26 30.52 -66.69
CA PHE O 224 -18.13 31.59 -66.22
C PHE O 224 -18.40 32.60 -67.32
N GLY O 225 -17.38 32.94 -68.11
CA GLY O 225 -17.57 33.88 -69.19
C GLY O 225 -18.53 33.37 -70.24
N SER O 226 -18.42 32.10 -70.61
CA SER O 226 -19.35 31.53 -71.57
C SER O 226 -20.78 31.55 -71.03
N TYR O 227 -20.95 31.14 -69.78
CA TYR O 227 -22.28 31.12 -69.19
C TYR O 227 -22.89 32.51 -69.20
N MET O 228 -22.13 33.52 -68.76
CA MET O 228 -22.67 34.87 -68.74
C MET O 228 -22.89 35.41 -70.14
N ALA O 229 -22.05 35.02 -71.10
CA ALA O 229 -22.24 35.46 -72.46
C ALA O 229 -23.52 34.91 -73.07
N ASP O 230 -24.02 33.79 -72.57
CA ASP O 230 -25.29 33.29 -73.07
C ASP O 230 -26.50 33.81 -72.29
N LEU O 231 -26.30 34.66 -71.29
CA LEU O 231 -27.40 35.17 -70.48
C LEU O 231 -28.12 36.30 -71.19
N ARG O 232 -29.45 36.29 -71.11
CA ARG O 232 -30.26 37.28 -71.80
C ARG O 232 -31.52 37.58 -70.99
N PHE O 233 -31.92 38.84 -70.97
CA PHE O 233 -33.17 39.26 -70.35
C PHE O 233 -34.32 39.31 -71.35
N ASP O 234 -34.51 38.22 -72.08
CA ASP O 234 -35.59 38.14 -73.03
C ASP O 234 -36.80 37.50 -72.35
N GLY O 235 -37.84 37.25 -73.14
CA GLY O 235 -38.99 36.59 -72.57
C GLY O 235 -38.89 35.09 -72.47
N ALA O 236 -37.76 34.51 -72.85
CA ALA O 236 -37.61 33.07 -72.95
C ALA O 236 -36.77 32.45 -71.85
N GLN O 237 -35.97 33.24 -71.15
CA GLN O 237 -35.10 32.73 -70.10
C GLN O 237 -35.66 33.13 -68.74
N ASN O 238 -35.60 32.19 -67.79
CA ASN O 238 -36.04 32.49 -66.44
C ASN O 238 -34.96 33.29 -65.73
N VAL O 239 -35.34 34.49 -65.26
CA VAL O 239 -34.36 35.36 -64.62
C VAL O 239 -33.79 34.71 -63.37
N ALA O 240 -34.65 34.08 -62.57
CA ALA O 240 -34.17 33.42 -61.36
C ALA O 240 -33.16 32.33 -61.68
N TYR O 241 -33.45 31.51 -62.69
CA TYR O 241 -32.53 30.45 -63.08
C TYR O 241 -31.18 31.02 -63.49
N ALA O 242 -31.20 32.08 -64.30
CA ALA O 242 -29.95 32.65 -64.81
C ALA O 242 -29.12 33.26 -63.70
N ILE O 243 -29.73 34.08 -62.85
CA ILE O 243 -28.99 34.72 -61.77
C ILE O 243 -28.49 33.67 -60.78
N GLY O 244 -29.30 32.64 -60.52
CA GLY O 244 -28.87 31.58 -59.63
C GLY O 244 -27.70 30.81 -60.20
N GLY O 245 -27.72 30.51 -61.48
CA GLY O 245 -26.58 29.88 -62.10
C GLY O 245 -25.33 30.73 -62.00
N SER O 246 -25.50 32.04 -62.20
CA SER O 246 -24.37 32.96 -62.07
C SER O 246 -23.76 32.89 -60.68
N VAL O 247 -24.60 33.00 -59.65
CA VAL O 247 -24.06 33.02 -58.29
C VAL O 247 -23.46 31.67 -57.92
N ILE O 248 -24.09 30.57 -58.35
CA ILE O 248 -23.55 29.26 -58.05
C ILE O 248 -22.18 29.08 -58.69
N LEU O 249 -22.05 29.45 -59.96
CA LEU O 249 -20.76 29.33 -60.62
C LEU O 249 -19.69 30.18 -59.94
N SER O 250 -20.03 31.43 -59.63
CA SER O 250 -19.06 32.31 -59.00
C SER O 250 -18.60 31.74 -57.67
N ILE O 251 -19.56 31.37 -56.82
CA ILE O 251 -19.20 30.85 -55.46
C ILE O 251 -18.41 29.56 -55.61
N VAL O 252 -18.83 28.67 -56.51
CA VAL O 252 -18.13 27.36 -56.65
C VAL O 252 -16.68 27.66 -57.03
N SER O 253 -16.48 28.56 -57.98
CA SER O 253 -15.10 28.89 -58.44
C SER O 253 -14.29 29.53 -57.31
N ILE O 254 -14.89 30.48 -56.57
CA ILE O 254 -14.12 31.20 -55.51
C ILE O 254 -13.70 30.22 -54.40
N VAL O 255 -14.63 29.37 -53.94
CA VAL O 255 -14.31 28.42 -52.85
C VAL O 255 -13.29 27.38 -53.34
N LEU O 256 -13.42 26.95 -54.60
CA LEU O 256 -12.42 26.00 -55.17
C LEU O 256 -11.05 26.70 -55.17
N LEU O 257 -11.02 27.97 -55.61
CA LEU O 257 -9.74 28.74 -55.63
C LEU O 257 -9.23 28.91 -54.20
N MET O 258 -10.13 29.13 -53.24
CA MET O 258 -9.73 29.34 -51.82
C MET O 258 -8.99 28.09 -51.32
N GLN O 259 -9.31 26.91 -51.86
CA GLN O 259 -8.59 25.70 -51.44
C GLN O 259 -7.21 25.60 -52.09
N LEU O 260 -7.03 26.11 -53.30
CA LEU O 260 -5.73 25.96 -53.97
C LEU O 260 -4.51 26.41 -53.16
N PRO O 261 -4.47 27.58 -52.51
CA PRO O 261 -3.21 27.99 -51.85
C PRO O 261 -2.72 27.01 -50.80
N SER O 262 -3.64 26.46 -50.01
CA SER O 262 -3.24 25.48 -49.01
C SER O 262 -2.65 24.24 -49.67
N ILE O 263 -3.21 23.85 -50.81
CA ILE O 263 -2.65 22.73 -51.56
C ILE O 263 -1.23 23.03 -52.00
N ALA O 264 -0.99 24.22 -52.54
CA ALA O 264 0.35 24.55 -53.00
C ALA O 264 1.35 24.54 -51.85
N SER O 265 0.98 25.15 -50.72
CA SER O 265 1.87 25.17 -49.57
C SER O 265 2.11 23.76 -49.04
N GLY O 266 1.07 22.92 -49.06
CA GLY O 266 1.22 21.56 -48.57
C GLY O 266 2.15 20.73 -49.41
N LEU O 267 2.04 20.83 -50.74
CA LEU O 267 2.97 20.13 -51.61
C LEU O 267 4.39 20.64 -51.42
N ALA O 268 4.57 21.95 -51.31
CA ALA O 268 5.90 22.49 -51.09
C ALA O 268 6.50 21.95 -49.81
N GLY O 269 5.71 21.89 -48.74
CA GLY O 269 6.18 21.30 -47.50
C GLY O 269 6.43 19.81 -47.61
N GLY O 270 5.60 19.11 -48.38
CA GLY O 270 5.75 17.67 -48.52
C GLY O 270 7.05 17.28 -49.18
N ILE O 271 7.42 17.99 -50.25
CA ILE O 271 8.77 17.81 -50.78
C ILE O 271 9.76 18.28 -49.73
N GLY O 272 10.73 17.42 -49.43
CA GLY O 272 11.62 17.66 -48.30
C GLY O 272 12.32 19.00 -48.30
N LEU O 273 13.24 19.20 -49.23
CA LEU O 273 14.01 20.44 -49.35
C LEU O 273 14.65 20.84 -48.03
N PRO P 15 -22.41 -23.89 52.41
CA PRO P 15 -20.96 -23.77 52.59
C PRO P 15 -20.18 -24.80 51.77
N VAL P 16 -20.09 -26.03 52.28
CA VAL P 16 -19.37 -27.10 51.59
C VAL P 16 -20.29 -28.28 51.27
N GLY P 17 -21.38 -28.48 52.01
CA GLY P 17 -22.32 -29.55 51.72
C GLY P 17 -22.89 -29.54 50.32
N GLN P 18 -22.59 -28.51 49.51
CA GLN P 18 -23.07 -28.45 48.14
C GLN P 18 -22.42 -29.49 47.24
N PHE P 19 -21.39 -30.18 47.70
CA PHE P 19 -20.74 -31.21 46.91
C PHE P 19 -20.84 -32.61 47.49
N ILE P 20 -21.14 -32.75 48.76
CA ILE P 20 -21.16 -34.04 49.44
C ILE P 20 -22.56 -34.66 49.41
N PRO P 21 -22.74 -35.83 48.80
CA PRO P 21 -24.09 -36.36 48.61
C PRO P 21 -24.68 -37.19 49.74
N TYR P 22 -23.93 -37.40 50.83
CA TYR P 22 -24.33 -38.42 51.78
C TYR P 22 -25.36 -37.88 52.75
N SER P 23 -26.36 -38.71 53.07
CA SER P 23 -27.47 -38.27 53.91
C SER P 23 -27.55 -39.03 55.23
N HIS P 24 -27.71 -40.34 55.20
CA HIS P 24 -28.01 -41.10 56.41
C HIS P 24 -27.94 -42.58 56.07
N HIS P 25 -28.10 -43.42 57.09
CA HIS P 25 -28.11 -44.86 56.92
C HIS P 25 -29.51 -45.34 56.56
N VAL P 26 -29.57 -46.45 55.82
CA VAL P 26 -30.82 -47.13 55.52
C VAL P 26 -30.87 -48.51 56.15
N THR P 27 -29.74 -49.20 56.21
CA THR P 27 -29.57 -50.42 56.98
C THR P 27 -28.15 -50.35 57.54
N ASP P 28 -27.80 -51.33 58.39
CA ASP P 28 -26.54 -51.24 59.12
C ASP P 28 -25.35 -51.06 58.20
N THR P 29 -25.42 -51.59 56.98
CA THR P 29 -24.26 -51.60 56.08
C THR P 29 -24.49 -50.82 54.79
N ILE P 30 -25.55 -50.01 54.71
CA ILE P 30 -25.79 -49.26 53.47
C ILE P 30 -26.14 -47.81 53.76
N ILE P 31 -25.15 -46.92 53.60
CA ILE P 31 -25.43 -45.49 53.66
C ILE P 31 -26.28 -45.09 52.47
N SER P 32 -27.19 -44.14 52.70
CA SER P 32 -28.05 -43.61 51.65
C SER P 32 -27.37 -42.43 50.97
N THR P 33 -28.12 -41.71 50.14
CA THR P 33 -27.61 -40.55 49.45
C THR P 33 -28.73 -39.52 49.38
N LYS P 34 -28.36 -38.26 49.15
CA LYS P 34 -29.38 -37.22 49.06
C LYS P 34 -30.37 -37.52 47.94
N ASN P 35 -29.88 -37.92 46.77
CA ASN P 35 -30.74 -38.20 45.63
C ASN P 35 -31.20 -39.65 45.59
N ALA P 36 -31.24 -40.32 46.74
CA ALA P 36 -31.64 -41.73 46.84
C ALA P 36 -30.74 -42.62 45.99
N GLU P 37 -29.44 -42.63 46.30
CA GLU P 37 -28.47 -43.51 45.66
C GLU P 37 -27.77 -44.32 46.73
N TYR P 38 -28.34 -45.47 47.09
CA TYR P 38 -27.82 -46.27 48.18
C TYR P 38 -26.40 -46.73 47.91
N LEU P 39 -25.63 -46.87 48.98
CA LEU P 39 -24.19 -47.03 48.86
C LEU P 39 -23.71 -48.09 49.85
N SER P 40 -22.53 -48.62 49.59
CA SER P 40 -21.88 -49.53 50.53
C SER P 40 -20.38 -49.34 50.42
N VAL P 41 -19.68 -49.65 51.50
CA VAL P 41 -18.23 -49.51 51.56
C VAL P 41 -17.63 -50.84 51.98
N TRP P 42 -16.58 -51.26 51.30
CA TRP P 42 -15.84 -52.47 51.63
C TRP P 42 -14.38 -52.12 51.89
N LYS P 43 -13.79 -52.76 52.90
CA LYS P 43 -12.40 -52.57 53.25
C LYS P 43 -11.61 -53.76 52.73
N ILE P 44 -10.93 -53.58 51.59
CA ILE P 44 -10.23 -54.65 50.91
C ILE P 44 -8.77 -54.62 51.33
N ASP P 45 -8.30 -55.71 51.94
CA ASP P 45 -6.89 -55.80 52.27
C ASP P 45 -6.03 -55.97 51.03
N GLY P 46 -6.52 -56.74 50.07
CA GLY P 46 -5.79 -56.98 48.84
C GLY P 46 -4.86 -58.18 48.97
N ARG P 47 -4.57 -58.80 47.83
CA ARG P 47 -3.70 -59.96 47.78
C ARG P 47 -2.32 -59.51 47.35
N SER P 48 -1.29 -60.17 47.88
CA SER P 48 0.07 -59.77 47.57
C SER P 48 0.44 -60.18 46.16
N HIS P 49 1.03 -59.24 45.42
CA HIS P 49 1.43 -59.48 44.05
C HIS P 49 2.87 -59.96 43.93
N GLN P 50 3.57 -60.12 45.05
CA GLN P 50 4.90 -60.69 45.07
C GLN P 50 4.92 -62.16 45.43
N SER P 51 3.98 -62.61 46.26
CA SER P 51 3.96 -64.01 46.67
C SER P 51 3.71 -64.94 45.50
N ALA P 52 2.79 -64.57 44.61
CA ALA P 52 2.42 -65.40 43.47
C ALA P 52 3.07 -64.87 42.21
N SER P 53 3.48 -65.78 41.33
CA SER P 53 4.17 -65.40 40.11
C SER P 53 3.20 -64.71 39.15
N GLU P 54 3.70 -64.39 37.96
CA GLU P 54 2.87 -63.75 36.95
C GLU P 54 1.78 -64.66 36.41
N ALA P 55 1.83 -65.95 36.72
CA ALA P 55 0.85 -66.88 36.17
C ALA P 55 -0.53 -66.67 36.80
N ASP P 56 -0.58 -66.48 38.12
CA ASP P 56 -1.86 -66.41 38.82
C ASP P 56 -2.49 -65.02 38.82
N VAL P 57 -1.72 -63.99 38.45
CA VAL P 57 -2.28 -62.64 38.42
C VAL P 57 -3.37 -62.54 37.36
N PHE P 58 -3.13 -63.13 36.19
CA PHE P 58 -4.15 -63.16 35.14
C PHE P 58 -5.41 -63.87 35.62
N GLN P 59 -5.24 -64.98 36.35
CA GLN P 59 -6.40 -65.70 36.85
C GLN P 59 -7.18 -64.86 37.85
N TRP P 60 -6.47 -64.11 38.70
CA TRP P 60 -7.15 -63.19 39.61
C TRP P 60 -7.99 -62.18 38.83
N ILE P 61 -7.39 -61.56 37.83
CA ILE P 61 -8.12 -60.56 37.04
C ILE P 61 -9.35 -61.20 36.40
N ARG P 62 -9.20 -62.41 35.88
CA ARG P 62 -10.30 -63.08 35.21
C ARG P 62 -11.43 -63.39 36.18
N GLU P 63 -11.11 -63.84 37.39
CA GLU P 63 -12.18 -64.13 38.35
C GLU P 63 -12.89 -62.86 38.80
N LEU P 64 -12.14 -61.77 38.97
CA LEU P 64 -12.79 -60.49 39.30
C LEU P 64 -13.71 -60.04 38.16
N ASN P 65 -13.27 -60.21 36.92
CA ASN P 65 -14.11 -59.90 35.77
C ASN P 65 -15.38 -60.75 35.78
N ASN P 66 -15.23 -62.04 36.03
CA ASN P 66 -16.37 -62.94 36.08
C ASN P 66 -17.37 -62.48 37.12
N THR P 67 -16.91 -62.22 38.35
CA THR P 67 -17.83 -61.84 39.40
C THR P 67 -18.40 -60.45 39.22
N LEU P 68 -17.73 -59.58 38.45
CA LEU P 68 -18.29 -58.28 38.17
C LEU P 68 -19.39 -58.37 37.12
N ARG P 69 -19.08 -58.98 35.98
CA ARG P 69 -20.08 -59.14 34.94
C ARG P 69 -21.23 -60.04 35.38
N GLY P 70 -21.03 -60.82 36.44
CA GLY P 70 -22.13 -61.58 37.00
C GLY P 70 -23.23 -60.68 37.53
N ILE P 71 -22.85 -59.61 38.23
CA ILE P 71 -23.81 -58.66 38.78
C ILE P 71 -23.86 -57.38 37.94
N SER P 72 -23.46 -57.45 36.68
CA SER P 72 -23.48 -56.27 35.83
C SER P 72 -24.91 -55.79 35.62
N SER P 73 -25.11 -54.49 35.83
CA SER P 73 -26.39 -53.83 35.59
C SER P 73 -26.10 -52.36 35.39
N ALA P 74 -27.04 -51.66 34.76
CA ALA P 74 -26.83 -50.23 34.55
C ALA P 74 -26.94 -49.43 35.84
N ASN P 75 -27.44 -50.04 36.92
CA ASN P 75 -27.61 -49.34 38.18
C ASN P 75 -26.30 -49.17 38.93
N LEU P 76 -25.40 -50.14 38.78
CA LEU P 76 -24.22 -50.27 39.62
C LEU P 76 -23.21 -49.17 39.32
N SER P 77 -22.14 -49.14 40.12
CA SER P 77 -20.98 -48.29 39.91
C SER P 77 -19.95 -48.72 40.94
N LEU P 78 -18.71 -48.24 40.77
CA LEU P 78 -17.65 -48.63 41.68
C LEU P 78 -16.58 -47.53 41.70
N TRP P 79 -16.22 -47.07 42.90
CA TRP P 79 -15.02 -46.29 43.12
C TRP P 79 -13.95 -47.15 43.78
N THR P 80 -12.69 -46.80 43.54
CA THR P 80 -11.56 -47.54 44.09
C THR P 80 -10.46 -46.57 44.49
N HIS P 81 -9.99 -46.69 45.72
CA HIS P 81 -9.02 -45.76 46.28
C HIS P 81 -7.84 -46.49 46.88
N ILE P 82 -6.64 -46.03 46.58
CA ILE P 82 -5.43 -46.53 47.20
C ILE P 82 -4.84 -45.42 48.06
N VAL P 83 -5.24 -45.36 49.32
CA VAL P 83 -4.82 -44.29 50.22
C VAL P 83 -3.56 -44.72 50.94
N ARG P 84 -2.54 -43.88 50.91
CA ARG P 84 -1.26 -44.12 51.57
C ARG P 84 -1.15 -43.19 52.78
N ARG P 85 -0.70 -43.75 53.90
CA ARG P 85 -0.63 -43.00 55.15
C ARG P 85 0.77 -43.04 55.72
N ARG P 86 1.14 -41.97 56.42
CA ARG P 86 2.28 -42.00 57.33
C ARG P 86 1.70 -42.34 58.70
N VAL P 87 1.70 -43.63 59.02
CA VAL P 87 0.92 -44.13 60.14
C VAL P 87 1.49 -43.63 61.46
N TYR P 88 0.62 -43.02 62.28
CA TYR P 88 0.99 -42.57 63.61
C TYR P 88 0.26 -43.34 64.71
N GLU P 89 -0.78 -44.09 64.37
CA GLU P 89 -1.58 -44.80 65.36
C GLU P 89 -0.85 -45.97 65.99
N TYR P 90 0.39 -46.25 65.60
CA TYR P 90 1.22 -47.29 66.20
C TYR P 90 1.99 -46.68 67.37
N PRO P 91 1.60 -46.96 68.60
CA PRO P 91 2.16 -46.22 69.74
C PRO P 91 3.35 -46.90 70.39
N ASP P 92 4.23 -46.09 70.97
CA ASP P 92 5.35 -46.61 71.76
C ASP P 92 4.83 -47.17 73.08
N ALA P 93 5.47 -48.22 73.57
CA ALA P 93 5.05 -48.87 74.81
C ALA P 93 6.24 -48.98 75.76
N GLU P 94 5.95 -48.78 77.05
CA GLU P 94 6.97 -48.83 78.09
C GLU P 94 6.83 -50.14 78.85
N PHE P 95 7.92 -50.90 78.95
CA PHE P 95 7.91 -52.16 79.67
C PHE P 95 8.13 -51.93 81.15
N ASP P 96 8.38 -53.02 81.88
CA ASP P 96 8.81 -52.96 83.27
C ASP P 96 10.09 -53.76 83.47
N ASN P 97 10.97 -53.75 82.47
CA ASN P 97 12.26 -54.44 82.55
C ASN P 97 13.24 -53.73 81.65
N VAL P 98 14.48 -53.55 82.13
CA VAL P 98 15.43 -52.70 81.42
C VAL P 98 15.94 -53.38 80.16
N PHE P 99 16.06 -54.71 80.17
CA PHE P 99 16.59 -55.40 79.00
C PHE P 99 15.65 -55.24 77.80
N CYS P 100 14.36 -55.50 78.01
CA CYS P 100 13.39 -55.33 76.93
C CYS P 100 13.33 -53.88 76.47
N ARG P 101 13.44 -52.93 77.39
CA ARG P 101 13.46 -51.52 77.00
C ARG P 101 14.66 -51.20 76.12
N GLN P 102 15.83 -51.76 76.47
CA GLN P 102 17.00 -51.58 75.63
C GLN P 102 16.75 -52.15 74.23
N LEU P 103 16.22 -53.37 74.17
CA LEU P 103 15.98 -54.00 72.88
C LEU P 103 15.03 -53.14 72.04
N ASP P 104 13.94 -52.68 72.66
CA ASP P 104 12.95 -51.87 71.95
C ASP P 104 13.58 -50.56 71.47
N GLU P 105 14.37 -49.91 72.31
CA GLU P 105 14.89 -48.60 71.94
C GLU P 105 15.87 -48.70 70.78
N LYS P 106 16.81 -49.65 70.84
CA LYS P 106 17.70 -49.81 69.68
C LYS P 106 16.95 -50.26 68.43
N TYR P 107 15.97 -51.16 68.56
CA TYR P 107 15.31 -51.62 67.35
C TYR P 107 14.49 -50.51 66.71
N ARG P 108 13.91 -49.63 67.53
CA ARG P 108 13.22 -48.46 66.99
C ARG P 108 14.20 -47.47 66.37
N GLU P 109 15.37 -47.29 66.98
CA GLU P 109 16.35 -46.41 66.37
C GLU P 109 16.90 -46.96 65.07
N SER P 110 16.74 -48.25 64.80
CA SER P 110 17.12 -48.81 63.52
C SER P 110 16.28 -48.31 62.35
N PHE P 111 15.33 -47.39 62.58
CA PHE P 111 14.35 -47.02 61.57
C PHE P 111 14.46 -45.58 61.08
N THR P 112 15.45 -44.83 61.54
CA THR P 112 15.56 -43.43 61.14
C THR P 112 15.86 -43.31 59.64
N GLY P 113 14.89 -42.82 58.89
CA GLY P 113 15.05 -42.63 57.47
C GLY P 113 14.29 -43.60 56.60
N TYR P 114 13.46 -44.46 57.18
CA TYR P 114 12.79 -45.50 56.40
C TYR P 114 11.46 -44.94 55.89
N ASN P 115 10.69 -45.80 55.20
CA ASN P 115 9.45 -45.32 54.59
C ASN P 115 8.35 -45.12 55.61
N LEU P 116 7.97 -46.18 56.33
CA LEU P 116 6.93 -46.12 57.36
C LEU P 116 5.59 -45.69 56.78
N MET P 117 5.19 -46.29 55.67
CA MET P 117 3.92 -45.98 55.02
C MET P 117 3.12 -47.25 54.79
N VAL P 118 1.82 -47.17 55.00
CA VAL P 118 0.93 -48.29 54.80
C VAL P 118 -0.04 -47.95 53.67
N ASN P 119 -0.47 -48.97 52.94
CA ASN P 119 -1.50 -48.82 51.92
C ASN P 119 -2.81 -49.43 52.40
N ASP P 120 -3.89 -48.72 52.14
CA ASP P 120 -5.23 -49.23 52.39
C ASP P 120 -6.04 -49.13 51.11
N LEU P 121 -6.78 -50.19 50.81
CA LEU P 121 -7.55 -50.25 49.57
C LEU P 121 -9.03 -50.34 49.92
N TYR P 122 -9.82 -49.44 49.35
CA TYR P 122 -11.24 -49.34 49.65
C TYR P 122 -12.03 -49.45 48.35
N LEU P 123 -13.01 -50.35 48.33
CA LEU P 123 -13.96 -50.45 47.23
C LEU P 123 -15.34 -50.12 47.76
N THR P 124 -16.04 -49.24 47.04
CA THR P 124 -17.40 -48.84 47.38
C THR P 124 -18.32 -49.17 46.22
N VAL P 125 -19.47 -49.76 46.53
CA VAL P 125 -20.47 -50.11 45.54
C VAL P 125 -21.71 -49.26 45.78
N VAL P 126 -22.11 -48.50 44.76
CA VAL P 126 -23.27 -47.63 44.83
C VAL P 126 -24.29 -48.10 43.80
N TYR P 127 -25.55 -48.20 44.22
CA TYR P 127 -26.62 -48.80 43.42
C TYR P 127 -27.75 -47.78 43.30
N ARG P 128 -27.73 -47.00 42.23
CA ARG P 128 -28.71 -45.94 42.04
C ARG P 128 -29.84 -46.42 41.16
N PRO P 129 -31.07 -46.49 41.65
CA PRO P 129 -32.18 -46.86 40.77
C PRO P 129 -32.43 -45.81 39.71
N VAL P 130 -32.92 -46.27 38.56
CA VAL P 130 -33.22 -45.37 37.44
C VAL P 130 -34.72 -45.15 37.35
N ASP P 147 -49.41 -49.42 47.81
CA ASP P 147 -48.21 -49.52 48.63
C ASP P 147 -47.00 -49.85 47.77
N GLN P 148 -46.88 -49.18 46.61
CA GLN P 148 -45.79 -49.46 45.71
C GLN P 148 -44.48 -48.83 46.16
N LYS P 149 -44.53 -47.63 46.76
CA LYS P 149 -43.30 -46.93 47.10
C LYS P 149 -42.50 -47.66 48.16
N LYS P 150 -43.18 -48.15 49.22
CA LYS P 150 -42.47 -48.88 50.26
C LYS P 150 -41.88 -50.17 49.71
N HIS P 151 -42.63 -50.88 48.88
CA HIS P 151 -42.10 -52.11 48.29
C HIS P 151 -40.92 -51.83 47.37
N ARG P 152 -40.89 -50.66 46.72
CA ARG P 152 -39.72 -50.30 45.92
C ARG P 152 -38.52 -49.93 46.78
N GLN P 153 -38.74 -49.26 47.91
CA GLN P 153 -37.67 -49.05 48.87
C GLN P 153 -37.06 -50.38 49.30
N GLU P 154 -37.92 -51.33 49.68
CA GLU P 154 -37.46 -52.65 50.08
C GLU P 154 -36.74 -53.35 48.94
N SER P 155 -37.25 -53.21 47.72
CA SER P 155 -36.61 -53.83 46.56
C SER P 155 -35.22 -53.27 46.34
N CYS P 156 -35.06 -51.95 46.50
CA CYS P 156 -33.74 -51.35 46.32
C CYS P 156 -32.75 -51.86 47.35
N ILE P 157 -33.14 -51.88 48.62
CA ILE P 157 -32.20 -52.32 49.64
C ILE P 157 -31.89 -53.81 49.50
N LYS P 158 -32.89 -54.61 49.11
CA LYS P 158 -32.65 -56.03 48.92
C LYS P 158 -31.71 -56.30 47.75
N ALA P 159 -31.88 -55.55 46.66
CA ALA P 159 -30.97 -55.69 45.53
C ALA P 159 -29.55 -55.36 45.96
N LEU P 160 -29.38 -54.29 46.73
CA LEU P 160 -28.02 -53.93 47.12
C LEU P 160 -27.43 -54.96 48.08
N GLU P 161 -28.23 -55.52 48.98
CA GLU P 161 -27.67 -56.52 49.90
C GLU P 161 -27.31 -57.80 49.15
N ASP P 162 -28.08 -58.19 48.14
CA ASP P 162 -27.71 -59.35 47.35
C ASP P 162 -26.43 -59.07 46.56
N ILE P 163 -26.27 -57.85 46.06
CA ILE P 163 -25.02 -57.47 45.41
C ILE P 163 -23.85 -57.60 46.38
N ASN P 164 -24.06 -57.16 47.63
CA ASN P 164 -23.02 -57.29 48.64
C ASN P 164 -22.68 -58.74 48.92
N ARG P 165 -23.68 -59.61 49.00
CA ARG P 165 -23.41 -61.02 49.24
C ARG P 165 -22.57 -61.62 48.13
N THR P 166 -22.91 -61.31 46.87
CA THR P 166 -22.12 -61.83 45.76
C THR P 166 -20.69 -61.31 45.79
N LEU P 167 -20.53 -60.01 46.06
CA LEU P 167 -19.18 -59.45 46.11
C LEU P 167 -18.36 -60.10 47.23
N GLY P 168 -19.00 -60.37 48.36
CA GLY P 168 -18.31 -61.03 49.45
C GLY P 168 -17.89 -62.45 49.13
N GLN P 169 -18.79 -63.20 48.48
CA GLN P 169 -18.39 -64.51 47.96
C GLN P 169 -17.18 -64.38 47.06
N SER P 170 -17.12 -63.32 46.26
CA SER P 170 -16.01 -63.17 45.33
C SER P 170 -14.70 -62.88 46.04
N PHE P 171 -14.72 -61.97 47.01
CA PHE P 171 -13.49 -61.44 47.59
C PHE P 171 -12.94 -62.29 48.73
N LYS P 172 -13.28 -63.58 48.80
CA LYS P 172 -12.84 -64.40 49.92
C LYS P 172 -11.33 -64.45 50.03
N ARG P 173 -10.64 -64.66 48.91
CA ARG P 173 -9.19 -64.68 48.93
C ARG P 173 -8.58 -63.34 49.33
N TYR P 174 -9.22 -62.23 48.96
CA TYR P 174 -8.63 -60.92 49.20
C TYR P 174 -8.75 -60.52 50.67
N GLY P 175 -9.76 -61.02 51.36
CA GLY P 175 -9.91 -60.80 52.78
C GLY P 175 -10.63 -59.54 53.18
N ALA P 176 -11.58 -59.07 52.37
CA ALA P 176 -12.27 -57.83 52.68
C ALA P 176 -13.27 -58.04 53.81
N GLU P 177 -13.62 -56.94 54.47
CA GLU P 177 -14.61 -56.94 55.53
C GLU P 177 -15.66 -55.88 55.23
N LEU P 178 -16.91 -56.18 55.55
CA LEU P 178 -18.02 -55.29 55.27
C LEU P 178 -18.12 -54.23 56.35
N LEU P 179 -17.93 -52.96 55.98
CA LEU P 179 -18.01 -51.89 56.95
C LEU P 179 -19.45 -51.73 57.43
N SER P 180 -19.63 -51.75 58.75
CA SER P 180 -20.95 -51.72 59.34
C SER P 180 -20.88 -50.97 60.67
N VAL P 181 -22.06 -50.60 61.18
CA VAL P 181 -22.11 -49.82 62.41
C VAL P 181 -21.51 -50.60 63.56
N TYR P 182 -20.98 -49.88 64.55
CA TYR P 182 -20.39 -50.47 65.74
C TYR P 182 -20.73 -49.60 66.93
N GLU P 183 -21.53 -50.13 67.85
CA GLU P 183 -21.91 -49.39 69.04
C GLU P 183 -20.69 -49.20 69.94
N LYS P 184 -20.50 -47.98 70.43
CA LYS P 184 -19.44 -47.69 71.39
C LYS P 184 -20.08 -47.03 72.62
N GLY P 185 -20.50 -47.85 73.56
CA GLY P 185 -20.99 -47.37 74.84
C GLY P 185 -22.23 -46.50 74.76
N GLY P 186 -23.23 -46.94 73.99
CA GLY P 186 -24.48 -46.21 73.86
C GLY P 186 -24.49 -45.15 72.79
N HIS P 187 -23.34 -44.75 72.28
CA HIS P 187 -23.25 -43.84 71.14
C HIS P 187 -23.01 -44.68 69.91
N ALA P 188 -24.09 -44.99 69.19
CA ALA P 188 -23.93 -45.73 67.94
C ALA P 188 -23.07 -44.94 66.96
N PHE P 189 -22.18 -45.64 66.27
CA PHE P 189 -21.30 -45.04 65.27
C PHE P 189 -21.60 -45.70 63.93
N SER P 190 -20.80 -45.37 62.92
CA SER P 190 -21.01 -45.90 61.58
C SER P 190 -19.67 -45.98 60.89
N ALA P 191 -19.19 -47.20 60.67
CA ALA P 191 -17.89 -47.40 60.03
C ALA P 191 -17.79 -46.80 58.64
N PRO P 192 -18.78 -46.93 57.74
CA PRO P 192 -18.58 -46.40 56.39
C PRO P 192 -18.30 -44.90 56.35
N LEU P 193 -18.83 -44.13 57.30
CA LEU P 193 -18.58 -42.69 57.30
C LEU P 193 -17.09 -42.38 57.44
N GLU P 194 -16.32 -43.28 58.06
CA GLU P 194 -14.92 -42.97 58.32
C GLU P 194 -14.11 -42.89 57.02
N PHE P 195 -14.33 -43.82 56.10
CA PHE P 195 -13.61 -43.79 54.83
C PHE P 195 -13.99 -42.56 54.02
N LEU P 196 -15.30 -42.30 53.90
CA LEU P 196 -15.76 -41.14 53.15
C LEU P 196 -15.27 -39.86 53.80
N ALA P 197 -15.05 -39.87 55.12
CA ALA P 197 -14.44 -38.74 55.79
C ALA P 197 -12.99 -38.58 55.37
N ARG P 198 -12.22 -39.67 55.43
CA ARG P 198 -10.81 -39.58 55.07
C ARG P 198 -10.63 -39.10 53.64
N LEU P 199 -11.60 -39.37 52.77
CA LEU P 199 -11.53 -38.87 51.40
C LEU P 199 -11.50 -37.35 51.38
N VAL P 200 -12.37 -36.70 52.15
CA VAL P 200 -12.45 -35.25 52.15
C VAL P 200 -11.59 -34.64 53.25
N ASN P 201 -11.69 -35.16 54.47
CA ASN P 201 -10.96 -34.56 55.58
C ASN P 201 -9.46 -34.72 55.42
N GLY P 202 -9.02 -35.86 54.87
CA GLY P 202 -7.61 -36.14 54.73
C GLY P 202 -6.95 -36.67 55.96
N GLU P 203 -7.63 -36.67 57.10
CA GLU P 203 -7.14 -37.26 58.34
C GLU P 203 -8.29 -38.03 58.98
N HIS P 204 -8.00 -39.19 59.53
CA HIS P 204 -9.06 -40.06 60.04
C HIS P 204 -9.69 -39.43 61.26
N ILE P 205 -10.83 -38.78 61.08
CA ILE P 205 -11.59 -38.14 62.15
C ILE P 205 -12.87 -38.94 62.36
N PRO P 206 -13.01 -39.66 63.46
CA PRO P 206 -14.22 -40.48 63.68
C PRO P 206 -15.45 -39.60 63.76
N MET P 207 -16.56 -40.13 63.24
CA MET P 207 -17.82 -39.39 63.33
C MET P 207 -18.92 -40.30 63.83
N PRO P 208 -19.87 -39.74 64.57
CA PRO P 208 -21.03 -40.51 64.99
C PRO P 208 -22.16 -40.42 63.97
N ILE P 209 -23.01 -41.43 63.98
CA ILE P 209 -24.26 -41.37 63.23
C ILE P 209 -25.26 -40.59 64.05
N CYS P 210 -25.85 -39.56 63.47
CA CYS P 210 -26.79 -38.70 64.18
C CYS P 210 -27.88 -38.26 63.22
N ARG P 211 -28.84 -37.50 63.75
CA ARG P 211 -30.09 -37.25 63.03
C ARG P 211 -29.95 -36.25 61.88
N ASP P 212 -28.85 -35.52 61.78
CA ASP P 212 -28.66 -34.65 60.63
C ASP P 212 -28.50 -35.46 59.35
N ARG P 213 -28.33 -34.77 58.23
CA ARG P 213 -27.77 -35.38 57.04
C ARG P 213 -26.26 -35.22 57.13
N PHE P 214 -25.54 -36.32 56.90
CA PHE P 214 -24.10 -36.32 57.18
C PHE P 214 -23.35 -35.31 56.33
N SER P 215 -23.96 -34.81 55.26
CA SER P 215 -23.28 -33.83 54.42
C SER P 215 -22.96 -32.56 55.20
N ASP P 216 -23.81 -32.20 56.18
CA ASP P 216 -23.59 -30.95 56.92
C ASP P 216 -22.31 -31.00 57.73
N TYR P 217 -22.02 -32.12 58.39
CA TYR P 217 -20.89 -32.16 59.30
C TYR P 217 -19.87 -33.23 58.97
N MET P 218 -20.01 -33.94 57.85
CA MET P 218 -19.01 -34.96 57.55
C MET P 218 -17.65 -34.32 57.31
N ALA P 219 -17.64 -33.13 56.72
CA ALA P 219 -16.41 -32.37 56.58
C ALA P 219 -16.12 -31.63 57.88
N VAL P 220 -14.85 -31.69 58.30
CA VAL P 220 -14.41 -30.93 59.47
C VAL P 220 -13.27 -30.01 59.06
N ASN P 221 -12.35 -30.54 58.26
CA ASN P 221 -11.21 -29.79 57.77
C ASN P 221 -11.40 -29.55 56.26
N ARG P 222 -12.01 -28.42 55.92
CA ARG P 222 -12.45 -28.22 54.55
C ARG P 222 -11.34 -27.70 53.67
N PRO P 223 -11.09 -28.35 52.53
CA PRO P 223 -10.01 -27.90 51.63
C PRO P 223 -10.28 -26.52 51.06
N MET P 224 -9.21 -25.84 50.68
CA MET P 224 -9.27 -24.48 50.14
C MET P 224 -8.44 -24.44 48.87
N PHE P 225 -9.07 -24.70 47.72
CA PHE P 225 -8.38 -24.76 46.45
C PHE P 225 -8.06 -23.36 45.98
N SER P 226 -6.81 -23.14 45.56
CA SER P 226 -6.46 -21.89 44.92
C SER P 226 -7.32 -21.68 43.69
N LYS P 227 -7.80 -20.44 43.49
CA LYS P 227 -8.75 -20.19 42.42
C LYS P 227 -8.17 -20.51 41.05
N TRP P 228 -6.85 -20.42 40.87
CA TRP P 228 -6.26 -20.88 39.61
C TRP P 228 -6.22 -22.39 39.53
N GLY P 229 -6.14 -23.07 40.66
CA GLY P 229 -6.35 -24.50 40.71
C GLY P 229 -5.14 -25.38 40.51
N GLU P 230 -3.92 -24.84 40.64
CA GLU P 230 -2.75 -25.70 40.49
C GLU P 230 -2.58 -26.61 41.69
N VAL P 231 -2.78 -26.08 42.91
CA VAL P 231 -2.58 -26.82 44.15
C VAL P 231 -3.76 -26.54 45.08
N GLY P 232 -3.67 -27.08 46.29
CA GLY P 232 -4.73 -26.92 47.27
C GLY P 232 -4.25 -26.66 48.68
N GLU P 233 -5.14 -26.84 49.65
CA GLU P 233 -4.81 -26.67 51.07
C GLU P 233 -5.69 -27.58 51.90
N LEU P 234 -5.34 -27.70 53.18
CA LEU P 234 -6.16 -28.48 54.16
C LEU P 234 -6.19 -27.61 55.42
N ARG P 235 -7.19 -27.78 56.30
CA ARG P 235 -7.30 -26.87 57.48
C ARG P 235 -7.55 -27.66 58.77
N SER P 236 -6.50 -28.21 59.38
CA SER P 236 -6.69 -29.09 60.57
C SER P 236 -6.44 -28.36 61.90
N LEU P 237 -6.94 -28.91 63.00
CA LEU P 237 -6.74 -28.35 64.34
C LEU P 237 -5.25 -28.40 64.72
N THR P 238 -4.55 -29.35 64.17
CA THR P 238 -3.21 -29.70 64.63
C THR P 238 -2.17 -29.26 63.59
N GLY P 239 -2.60 -29.00 62.35
CA GLY P 239 -1.65 -28.64 61.26
C GLY P 239 -2.31 -28.38 59.91
N LEU P 240 -1.59 -28.59 58.78
CA LEU P 240 -2.12 -28.33 57.41
C LEU P 240 -1.26 -29.04 56.34
N ARG P 241 -1.59 -28.90 55.04
CA ARG P 241 -0.84 -29.60 53.94
C ARG P 241 -1.18 -29.05 52.56
N ARG P 242 -0.40 -29.39 51.50
CA ARG P 242 -0.70 -28.98 50.15
C ARG P 242 -0.76 -30.20 49.23
N PHE P 243 -1.63 -30.14 48.24
CA PHE P 243 -1.84 -31.30 47.38
C PHE P 243 -2.14 -30.85 45.96
N GLY P 244 -1.38 -31.38 45.01
CA GLY P 244 -1.67 -31.19 43.60
C GLY P 244 -2.08 -32.50 42.99
N MET P 245 -2.70 -32.48 41.81
CA MET P 245 -3.29 -33.69 41.26
C MET P 245 -2.68 -34.03 39.92
N LEU P 246 -2.99 -35.24 39.46
CA LEU P 246 -2.67 -35.73 38.13
C LEU P 246 -3.86 -36.50 37.63
N GLU P 247 -4.17 -36.40 36.34
CA GLU P 247 -5.25 -37.18 35.76
C GLU P 247 -4.65 -38.21 34.82
N ILE P 248 -4.93 -39.48 35.10
CA ILE P 248 -4.31 -40.59 34.38
C ILE P 248 -5.37 -41.09 33.41
N ARG P 249 -5.41 -40.51 32.23
CA ARG P 249 -6.38 -40.89 31.21
C ARG P 249 -5.68 -41.81 30.23
N GLU P 250 -5.99 -43.11 30.33
CA GLU P 250 -5.37 -44.11 29.47
C GLU P 250 -6.44 -44.97 28.83
N TYR P 251 -6.24 -45.29 27.55
CA TYR P 251 -7.15 -46.10 26.76
C TYR P 251 -6.58 -47.45 26.38
N ASP P 252 -5.29 -47.49 26.06
CA ASP P 252 -4.66 -48.74 25.64
C ASP P 252 -4.81 -49.82 26.70
N ASP P 253 -5.03 -51.05 26.24
CA ASP P 253 -5.08 -52.18 27.15
C ASP P 253 -3.76 -52.28 27.91
N ALA P 254 -3.86 -52.53 29.21
CA ALA P 254 -2.67 -52.56 30.04
C ALA P 254 -1.76 -53.71 29.64
N THR P 255 -0.45 -53.50 29.84
CA THR P 255 0.51 -54.56 29.59
C THR P 255 0.51 -55.56 30.75
N GLU P 256 0.84 -55.11 31.93
CA GLU P 256 0.75 -55.94 33.11
C GLU P 256 -0.69 -55.92 33.64
N PRO P 257 -1.15 -57.01 34.25
CA PRO P 257 -2.47 -56.96 34.91
C PRO P 257 -2.52 -55.96 36.04
N GLY P 258 -1.38 -55.59 36.60
CA GLY P 258 -1.31 -54.39 37.40
C GLY P 258 -0.26 -53.47 36.80
N GLN P 259 -0.67 -52.36 36.20
CA GLN P 259 0.26 -51.56 35.42
C GLN P 259 0.98 -50.53 36.28
N LEU P 260 0.22 -49.60 36.87
CA LEU P 260 0.79 -48.48 37.60
C LEU P 260 1.02 -48.79 39.08
N ASN P 261 1.25 -50.06 39.41
CA ASN P 261 1.56 -50.47 40.78
C ASN P 261 2.93 -50.01 41.24
N VAL P 262 3.69 -49.29 40.41
CA VAL P 262 4.93 -48.69 40.89
C VAL P 262 4.64 -47.62 41.93
N LEU P 263 3.42 -47.08 41.94
CA LEU P 263 3.05 -46.06 42.92
C LEU P 263 2.83 -46.64 44.30
N LEU P 264 2.60 -47.94 44.42
CA LEU P 264 2.41 -48.55 45.72
C LEU P 264 3.63 -48.40 46.61
N GLU P 265 4.80 -48.18 46.02
CA GLU P 265 6.03 -47.91 46.77
C GLU P 265 6.57 -46.57 46.32
N SER P 266 6.33 -45.53 47.12
CA SER P 266 6.86 -44.20 46.83
C SER P 266 6.93 -43.43 48.12
N ASP P 267 7.69 -42.33 48.08
CA ASP P 267 7.97 -41.54 49.28
C ASP P 267 6.93 -40.46 49.55
N TYR P 268 5.82 -40.45 48.83
CA TYR P 268 4.79 -39.44 48.99
C TYR P 268 3.43 -40.10 49.22
N GLU P 269 2.55 -39.42 49.93
CA GLU P 269 1.20 -39.89 50.14
C GLU P 269 0.33 -39.52 48.95
N PHE P 270 -0.75 -40.27 48.75
CA PHE P 270 -1.71 -39.94 47.71
C PHE P 270 -3.02 -40.67 47.97
N VAL P 271 -4.02 -40.36 47.16
CA VAL P 271 -5.26 -41.13 47.10
C VAL P 271 -5.60 -41.35 45.63
N LEU P 272 -5.21 -42.49 45.08
CA LEU P 272 -5.41 -42.77 43.67
C LEU P 272 -6.83 -43.29 43.47
N THR P 273 -7.59 -42.65 42.58
CA THR P 273 -9.02 -42.87 42.47
C THR P 273 -9.39 -43.32 41.07
N HIS P 274 -10.23 -44.36 40.99
CA HIS P 274 -10.83 -44.82 39.75
C HIS P 274 -12.32 -44.98 39.98
N SER P 275 -13.11 -44.68 38.96
CA SER P 275 -14.54 -44.91 39.01
C SER P 275 -14.96 -45.77 37.83
N PHE P 276 -15.96 -46.62 38.06
CA PHE P 276 -16.50 -47.44 36.97
C PHE P 276 -18.02 -47.29 36.98
N SER P 277 -18.50 -46.22 36.34
CA SER P 277 -19.92 -46.05 36.12
C SER P 277 -20.29 -46.85 34.89
N VAL P 278 -20.90 -48.01 35.11
CA VAL P 278 -21.15 -48.94 34.03
C VAL P 278 -22.07 -48.31 32.99
N LEU P 279 -22.00 -48.83 31.77
CA LEU P 279 -22.93 -48.49 30.70
C LEU P 279 -23.75 -49.73 30.38
N SER P 280 -25.05 -49.55 30.24
CA SER P 280 -25.89 -50.64 29.77
C SER P 280 -25.42 -51.10 28.40
N ARG P 281 -25.54 -52.40 28.17
CA ARG P 281 -24.98 -53.02 26.98
C ARG P 281 -25.34 -52.32 25.67
N PRO P 282 -26.61 -51.97 25.41
CA PRO P 282 -26.89 -51.17 24.21
C PRO P 282 -26.16 -49.84 24.19
N ALA P 283 -25.95 -49.21 25.35
CA ALA P 283 -25.23 -47.95 25.36
C ALA P 283 -23.78 -48.14 24.96
N ALA P 284 -23.15 -49.22 25.42
CA ALA P 284 -21.78 -49.50 25.01
C ALA P 284 -21.70 -49.77 23.51
N LYS P 285 -22.64 -50.55 22.98
CA LYS P 285 -22.67 -50.81 21.55
C LYS P 285 -22.79 -49.50 20.77
N GLU P 286 -23.69 -48.63 21.19
CA GLU P 286 -23.88 -47.36 20.49
C GLU P 286 -22.63 -46.51 20.57
N TYR P 287 -21.96 -46.47 21.72
CA TYR P 287 -20.75 -45.66 21.81
C TYR P 287 -19.67 -46.17 20.88
N LEU P 288 -19.47 -47.49 20.85
CA LEU P 288 -18.45 -48.04 19.97
C LEU P 288 -18.78 -47.76 18.52
N GLN P 289 -20.06 -47.86 18.15
CA GLN P 289 -20.46 -47.57 16.78
C GLN P 289 -20.19 -46.11 16.42
N ARG P 290 -20.54 -45.19 17.31
CA ARG P 290 -20.29 -43.78 17.01
C ARG P 290 -18.81 -43.48 16.92
N HIS P 291 -18.00 -44.09 17.79
CA HIS P 291 -16.55 -43.87 17.73
C HIS P 291 -15.98 -44.38 16.42
N GLN P 292 -16.40 -45.58 15.99
CA GLN P 292 -15.91 -46.11 14.73
C GLN P 292 -16.33 -45.22 13.57
N LYS P 293 -17.55 -44.69 13.62
CA LYS P 293 -18.03 -43.83 12.52
C LYS P 293 -17.22 -42.54 12.45
N ASN P 294 -16.99 -41.91 13.60
CA ASN P 294 -16.26 -40.65 13.61
C ASN P 294 -14.78 -40.85 13.29
N LEU P 295 -14.25 -42.05 13.54
CA LEU P 295 -12.89 -42.33 13.08
C LEU P 295 -12.84 -42.61 11.59
N ILE P 296 -13.89 -43.23 11.03
CA ILE P 296 -13.93 -43.47 9.60
C ILE P 296 -14.04 -42.14 8.85
N ASP P 297 -14.96 -41.29 9.26
CA ASP P 297 -15.28 -40.08 8.50
C ASP P 297 -14.24 -38.99 8.78
N ALA P 298 -13.00 -39.29 8.40
CA ALA P 298 -11.88 -38.37 8.55
C ALA P 298 -11.06 -38.37 7.26
N ARG P 299 -10.14 -37.42 7.15
CA ARG P 299 -9.37 -37.25 5.94
C ARG P 299 -8.15 -38.14 5.86
N ASP P 300 -7.74 -38.77 6.96
CA ASP P 300 -6.61 -39.69 6.96
C ASP P 300 -7.09 -41.07 7.38
N VAL P 301 -6.62 -42.09 6.67
CA VAL P 301 -6.99 -43.46 6.97
C VAL P 301 -5.88 -44.08 7.81
N ALA P 302 -6.28 -44.73 8.90
CA ALA P 302 -5.36 -45.40 9.81
C ALA P 302 -5.92 -46.79 10.07
N THR P 303 -5.44 -47.77 9.31
CA THR P 303 -5.95 -49.12 9.43
C THR P 303 -5.40 -49.86 10.64
N ASP P 304 -4.57 -49.19 11.44
CA ASP P 304 -4.15 -49.76 12.71
C ASP P 304 -5.18 -49.53 13.82
N GLN P 305 -6.18 -48.70 13.56
CA GLN P 305 -7.20 -48.32 14.54
C GLN P 305 -8.58 -48.85 14.22
N ILE P 306 -9.03 -48.69 12.97
CA ILE P 306 -10.39 -49.02 12.60
C ILE P 306 -10.65 -50.51 12.77
N GLU P 307 -9.71 -51.35 12.31
CA GLU P 307 -9.92 -52.79 12.41
C GLU P 307 -9.89 -53.24 13.86
N GLU P 308 -9.02 -52.65 14.68
CA GLU P 308 -8.99 -53.00 16.09
C GLU P 308 -10.30 -52.66 16.78
N ILE P 309 -10.84 -51.47 16.53
CA ILE P 309 -12.09 -51.09 17.16
C ILE P 309 -13.22 -51.99 16.69
N ASP P 310 -13.26 -52.28 15.38
CA ASP P 310 -14.30 -53.18 14.87
C ASP P 310 -14.16 -54.59 15.42
N GLU P 311 -12.95 -55.02 15.74
CA GLU P 311 -12.78 -56.28 16.44
C GLU P 311 -13.37 -56.20 17.83
N ALA P 312 -13.10 -55.12 18.54
CA ALA P 312 -13.59 -55.00 19.91
C ALA P 312 -15.10 -54.90 19.96
N LEU P 313 -15.73 -54.35 18.92
CA LEU P 313 -17.17 -54.11 18.96
C LEU P 313 -17.95 -55.42 19.09
N ASN P 314 -17.56 -56.45 18.35
CA ASN P 314 -18.15 -57.77 18.52
C ASN P 314 -17.28 -58.69 19.36
N GLN P 315 -16.20 -58.17 19.93
CA GLN P 315 -15.62 -58.82 21.09
C GLN P 315 -16.48 -58.57 22.33
N LEU P 316 -17.14 -57.42 22.37
CA LEU P 316 -17.94 -57.05 23.52
C LEU P 316 -19.09 -58.03 23.74
N ILE P 317 -19.77 -58.40 22.66
CA ILE P 317 -20.89 -59.34 22.77
C ILE P 317 -20.38 -60.72 23.17
N SER P 318 -19.26 -61.14 22.57
CA SER P 318 -18.82 -62.52 22.71
C SER P 318 -17.73 -62.67 23.77
N GLY P 319 -16.96 -61.61 24.02
CA GLY P 319 -15.98 -61.66 25.08
C GLY P 319 -16.54 -61.51 26.47
N HIS P 320 -17.79 -61.05 26.58
CA HIS P 320 -18.47 -60.90 27.86
C HIS P 320 -17.64 -60.09 28.86
N PHE P 321 -17.43 -58.83 28.54
CA PHE P 321 -17.02 -57.84 29.52
C PHE P 321 -17.82 -56.57 29.25
N VAL P 322 -18.33 -55.95 30.31
CA VAL P 322 -19.23 -54.82 30.16
C VAL P 322 -18.45 -53.53 30.41
N MET P 323 -18.67 -52.53 29.55
CA MET P 323 -17.91 -51.30 29.58
C MET P 323 -18.48 -50.35 30.63
N GLY P 324 -17.87 -49.18 30.73
CA GLY P 324 -18.35 -48.15 31.64
C GLY P 324 -17.44 -46.96 31.62
N GLU P 325 -17.90 -45.89 32.28
CA GLU P 325 -17.12 -44.67 32.40
C GLU P 325 -15.99 -44.87 33.40
N HIS P 326 -14.94 -44.06 33.25
CA HIS P 326 -13.74 -44.25 34.08
C HIS P 326 -12.88 -43.00 34.04
N HIS P 327 -12.69 -42.35 35.17
CA HIS P 327 -11.68 -41.30 35.29
C HIS P 327 -10.70 -41.73 36.36
N CYS P 328 -9.43 -41.40 36.17
CA CYS P 328 -8.39 -41.72 37.13
C CYS P 328 -7.68 -40.45 37.57
N THR P 329 -7.53 -40.27 38.88
CA THR P 329 -6.91 -39.07 39.43
C THR P 329 -6.02 -39.46 40.59
N LEU P 330 -4.82 -38.88 40.61
CA LEU P 330 -3.85 -39.10 41.67
C LEU P 330 -3.64 -37.79 42.40
N THR P 331 -3.87 -37.79 43.72
CA THR P 331 -3.81 -36.58 44.53
C THR P 331 -2.69 -36.70 45.56
N VAL P 332 -1.48 -36.35 45.16
CA VAL P 332 -0.33 -36.45 46.05
C VAL P 332 -0.40 -35.34 47.08
N TYR P 333 -0.04 -35.66 48.32
CA TYR P 333 0.00 -34.68 49.40
C TYR P 333 1.44 -34.27 49.67
N GLY P 334 1.59 -33.18 50.40
CA GLY P 334 2.90 -32.68 50.72
C GLY P 334 2.84 -31.62 51.80
N GLU P 335 3.99 -30.99 52.04
CA GLU P 335 4.10 -29.90 53.00
C GLU P 335 4.41 -28.58 52.31
N THR P 336 5.48 -28.52 51.54
CA THR P 336 5.80 -27.33 50.76
C THR P 336 5.26 -27.49 49.35
N VAL P 337 4.83 -26.38 48.74
CA VAL P 337 4.23 -26.45 47.42
C VAL P 337 5.25 -26.89 46.38
N GLN P 338 6.50 -26.44 46.53
CA GLN P 338 7.55 -26.94 45.64
C GLN P 338 7.76 -28.43 45.85
N GLN P 339 7.63 -28.90 47.09
CA GLN P 339 7.73 -30.33 47.36
C GLN P 339 6.61 -31.09 46.66
N VAL P 340 5.41 -30.52 46.60
CA VAL P 340 4.32 -31.16 45.88
C VAL P 340 4.64 -31.25 44.40
N ARG P 341 5.24 -30.21 43.83
CA ARG P 341 5.62 -30.27 42.42
C ARG P 341 6.72 -31.29 42.17
N ASP P 342 7.66 -31.42 43.11
CA ASP P 342 8.68 -32.47 42.97
C ASP P 342 8.04 -33.85 43.05
N ASN P 343 7.07 -34.03 43.93
CA ASN P 343 6.34 -35.29 44.00
C ASN P 343 5.64 -35.58 42.68
N LEU P 344 5.01 -34.55 42.09
CA LEU P 344 4.32 -34.74 40.83
C LEU P 344 5.29 -35.11 39.71
N ALA P 345 6.45 -34.45 39.66
CA ALA P 345 7.44 -34.79 38.63
C ALA P 345 7.94 -36.21 38.80
N HIS P 346 8.21 -36.62 40.05
CA HIS P 346 8.63 -37.99 40.31
C HIS P 346 7.55 -38.98 39.89
N ALA P 347 6.29 -38.70 40.20
CA ALA P 347 5.22 -39.61 39.81
C ALA P 347 5.05 -39.65 38.30
N SER P 348 5.18 -38.51 37.63
CA SER P 348 5.08 -38.49 36.18
C SER P 348 6.17 -39.32 35.54
N ALA P 349 7.40 -39.22 36.05
CA ALA P 349 8.48 -40.03 35.52
C ALA P 349 8.23 -41.51 35.79
N ALA P 350 7.90 -41.85 37.04
CA ALA P 350 7.70 -43.24 37.42
C ALA P 350 6.48 -43.85 36.77
N MET P 351 5.61 -43.06 36.15
CA MET P 351 4.50 -43.61 35.38
C MET P 351 4.73 -43.57 33.87
N LEU P 352 5.56 -42.65 33.38
CA LEU P 352 6.05 -42.78 32.01
C LEU P 352 6.92 -44.02 31.86
N ASP P 353 7.54 -44.47 32.95
CA ASP P 353 8.28 -45.72 32.90
C ASP P 353 7.37 -46.91 32.63
N VAL P 354 6.06 -46.77 32.81
CA VAL P 354 5.14 -47.89 32.65
C VAL P 354 4.16 -47.54 31.53
N ALA P 355 4.62 -46.75 30.57
CA ALA P 355 3.93 -46.50 29.30
C ALA P 355 2.62 -45.73 29.46
N VAL P 356 2.42 -45.01 30.57
CA VAL P 356 1.26 -44.16 30.72
C VAL P 356 1.74 -42.73 30.90
N LEU P 357 1.05 -41.79 30.27
CA LEU P 357 1.45 -40.39 30.26
C LEU P 357 0.54 -39.58 31.16
N PRO P 358 1.04 -39.05 32.28
CA PRO P 358 0.18 -38.28 33.18
C PRO P 358 -0.03 -36.88 32.64
N LYS P 359 -1.28 -36.43 32.65
CA LYS P 359 -1.58 -35.07 32.25
C LYS P 359 -1.84 -34.23 33.49
N PRO P 360 -1.02 -33.23 33.76
CA PRO P 360 -1.23 -32.42 34.97
C PRO P 360 -2.55 -31.68 34.92
N VAL P 361 -3.10 -31.43 36.10
CA VAL P 361 -4.36 -30.74 36.28
C VAL P 361 -4.07 -29.31 36.70
N ASP P 362 -4.66 -28.35 36.00
CA ASP P 362 -4.40 -26.93 36.21
C ASP P 362 -5.62 -26.15 36.67
N LEU P 363 -6.75 -26.32 35.99
CA LEU P 363 -7.98 -25.62 36.37
C LEU P 363 -9.08 -26.55 36.85
N ALA P 364 -8.93 -27.85 36.65
CA ALA P 364 -9.97 -28.81 37.01
C ALA P 364 -9.79 -29.36 38.40
N LEU P 365 -8.88 -28.81 39.19
CA LEU P 365 -8.52 -29.44 40.45
C LEU P 365 -9.71 -29.49 41.40
N GLU P 366 -10.51 -28.43 41.45
CA GLU P 366 -11.68 -28.45 42.32
C GLU P 366 -12.65 -29.55 41.92
N ALA P 367 -12.92 -29.68 40.62
CA ALA P 367 -13.79 -30.73 40.13
C ALA P 367 -13.19 -32.10 40.40
N GLY P 368 -11.88 -32.24 40.19
CA GLY P 368 -11.24 -33.51 40.44
C GLY P 368 -11.35 -33.95 41.89
N TYR P 369 -11.04 -33.04 42.81
CA TYR P 369 -11.09 -33.39 44.22
C TYR P 369 -12.51 -33.67 44.69
N TRP P 370 -13.47 -32.85 44.27
CA TRP P 370 -14.83 -33.15 44.69
C TRP P 370 -15.40 -34.34 43.94
N ALA P 371 -14.70 -34.85 42.94
CA ALA P 371 -15.11 -36.08 42.26
C ALA P 371 -14.63 -37.33 42.97
N GLN P 372 -13.80 -37.19 44.00
CA GLN P 372 -13.30 -38.38 44.70
C GLN P 372 -14.38 -39.02 45.56
N LEU P 373 -15.27 -38.21 46.10
CA LEU P 373 -16.33 -38.76 46.93
C LEU P 373 -17.16 -39.72 46.10
N PRO P 374 -17.43 -40.93 46.57
CA PRO P 374 -18.36 -41.80 45.86
C PRO P 374 -19.72 -41.15 45.72
N ALA P 375 -20.37 -41.42 44.58
CA ALA P 375 -21.64 -40.86 44.16
C ALA P 375 -21.52 -39.41 43.68
N ASN P 376 -20.31 -38.92 43.47
CA ASN P 376 -20.12 -37.64 42.79
C ASN P 376 -19.80 -37.85 41.32
N TRP P 377 -20.77 -38.42 40.59
CA TRP P 377 -20.63 -38.56 39.15
C TRP P 377 -20.49 -37.21 38.48
N GLN P 378 -21.18 -36.20 39.01
CA GLN P 378 -21.32 -34.92 38.32
C GLN P 378 -19.98 -34.22 38.13
N TRP P 379 -19.05 -34.41 39.05
CA TRP P 379 -17.84 -33.60 39.10
C TRP P 379 -16.63 -34.29 38.46
N ARG P 380 -16.84 -35.39 37.76
CA ARG P 380 -15.75 -36.03 37.05
C ARG P 380 -15.25 -35.10 35.95
N PRO P 381 -13.94 -34.90 35.81
CA PRO P 381 -13.44 -33.95 34.80
C PRO P 381 -13.80 -34.34 33.38
N ARG P 382 -13.34 -35.50 32.92
CA ARG P 382 -13.56 -35.91 31.53
C ARG P 382 -13.50 -37.42 31.41
N PRO P 383 -14.51 -38.13 31.90
CA PRO P 383 -14.49 -39.59 31.80
C PRO P 383 -14.63 -40.07 30.37
N ALA P 384 -14.02 -41.21 30.09
CA ALA P 384 -14.09 -41.84 28.79
C ALA P 384 -14.22 -43.34 28.96
N PRO P 385 -15.06 -43.99 28.16
CA PRO P 385 -15.39 -45.40 28.40
C PRO P 385 -14.16 -46.31 28.34
N ILE P 386 -14.12 -47.28 29.25
CA ILE P 386 -13.01 -48.21 29.42
C ILE P 386 -13.57 -49.61 29.59
N THR P 387 -12.93 -50.58 28.95
CA THR P 387 -13.36 -51.97 29.07
C THR P 387 -13.21 -52.45 30.50
N SER P 388 -14.03 -53.43 30.88
CA SER P 388 -14.01 -53.92 32.25
C SER P 388 -12.66 -54.54 32.60
N LEU P 389 -12.07 -55.28 31.66
CA LEU P 389 -10.74 -55.84 31.89
C LEU P 389 -9.75 -54.74 32.23
N ASN P 390 -9.84 -53.61 31.55
CA ASN P 390 -8.87 -52.54 31.79
C ASN P 390 -9.13 -51.80 33.10
N PHE P 391 -10.37 -51.70 33.56
CA PHE P 391 -10.57 -51.16 34.89
C PHE P 391 -10.01 -52.10 35.95
N LEU P 392 -10.36 -53.38 35.88
CA LEU P 392 -9.82 -54.33 36.85
C LEU P 392 -8.33 -54.54 36.71
N SER P 393 -7.74 -54.14 35.57
CA SER P 393 -6.30 -54.19 35.41
C SER P 393 -5.60 -52.88 35.69
N PHE P 394 -6.35 -51.80 35.92
CA PHE P 394 -5.74 -50.58 36.43
C PHE P 394 -5.80 -50.53 37.96
N SER P 395 -6.86 -51.07 38.54
CA SER P 395 -7.00 -51.19 39.99
C SER P 395 -7.29 -52.65 40.34
N PRO P 396 -6.28 -53.52 40.36
CA PRO P 396 -6.52 -54.95 40.62
C PRO P 396 -6.43 -55.34 42.10
N PHE P 397 -6.28 -54.38 43.00
CA PHE P 397 -6.20 -54.64 44.43
C PHE P 397 -4.95 -55.43 44.79
N HIS P 398 -3.81 -54.92 44.34
CA HIS P 398 -2.49 -55.42 44.73
C HIS P 398 -1.90 -54.46 45.75
N ASN P 399 -1.37 -55.00 46.84
CA ASN P 399 -0.60 -54.20 47.78
C ASN P 399 0.39 -55.09 48.49
N PHE P 400 1.53 -54.51 48.86
CA PHE P 400 2.49 -55.23 49.67
C PHE P 400 1.88 -55.48 51.04
N MET P 401 1.91 -56.72 51.49
CA MET P 401 1.22 -57.06 52.73
C MET P 401 1.84 -56.32 53.89
N SER P 402 0.98 -55.72 54.73
CA SER P 402 1.48 -54.89 55.81
C SER P 402 0.80 -55.10 57.16
N GLY P 403 -0.26 -55.88 57.25
CA GLY P 403 -0.84 -56.16 58.55
C GLY P 403 -1.49 -54.94 59.17
N LYS P 404 -1.94 -55.13 60.41
CA LYS P 404 -2.69 -54.10 61.10
C LYS P 404 -1.76 -53.33 62.02
N PRO P 405 -1.54 -52.04 61.81
CA PRO P 405 -0.71 -51.27 62.75
C PRO P 405 -1.26 -51.24 64.16
N THR P 406 -2.57 -51.19 64.32
CA THR P 406 -3.18 -51.17 65.65
C THR P 406 -4.63 -51.62 65.53
N GLY P 407 -5.34 -51.56 66.65
CA GLY P 407 -6.70 -52.06 66.71
C GLY P 407 -6.83 -53.54 66.97
N ASN P 408 -5.73 -54.22 67.26
CA ASN P 408 -5.74 -55.66 67.48
C ASN P 408 -6.39 -55.98 68.83
N PRO P 409 -6.82 -57.24 69.01
CA PRO P 409 -7.40 -57.63 70.30
C PRO P 409 -6.41 -57.59 71.46
N TRP P 410 -5.14 -57.32 71.20
CA TRP P 410 -4.09 -57.34 72.22
C TRP P 410 -3.25 -56.09 72.13
N GLY P 411 -3.90 -54.93 72.03
CA GLY P 411 -3.18 -53.69 71.87
C GLY P 411 -2.58 -53.59 70.48
N PRO P 412 -1.53 -52.79 70.35
CA PRO P 412 -0.95 -52.57 69.02
C PRO P 412 -0.20 -53.79 68.49
N ALA P 413 0.36 -53.67 67.29
CA ALA P 413 1.16 -54.75 66.74
C ALA P 413 2.44 -54.90 67.55
N VAL P 414 2.88 -56.16 67.71
CA VAL P 414 4.00 -56.43 68.62
C VAL P 414 5.28 -55.76 68.13
N THR P 415 5.52 -55.78 66.83
CA THR P 415 6.73 -55.18 66.29
C THR P 415 6.56 -54.99 64.79
N ILE P 416 7.47 -54.24 64.22
CA ILE P 416 7.32 -53.71 62.87
C ILE P 416 8.48 -54.25 62.03
N LEU P 417 8.25 -55.39 61.39
CA LEU P 417 9.29 -56.02 60.59
C LEU P 417 9.47 -55.27 59.27
N LYS P 418 10.71 -55.23 58.81
CA LYS P 418 11.00 -54.71 57.49
C LYS P 418 10.53 -55.71 56.43
N THR P 419 10.63 -55.32 55.17
CA THR P 419 10.26 -56.21 54.08
C THR P 419 11.07 -55.86 52.85
N VAL P 420 11.30 -56.87 52.00
CA VAL P 420 11.87 -56.59 50.68
C VAL P 420 10.96 -55.63 49.96
N SER P 421 11.56 -54.69 49.22
CA SER P 421 10.93 -53.59 48.50
C SER P 421 10.53 -52.46 49.45
N GLY P 422 10.90 -52.53 50.72
CA GLY P 422 10.72 -51.41 51.63
C GLY P 422 9.30 -51.06 51.97
N THR P 423 8.61 -51.94 52.72
CA THR P 423 7.31 -51.64 53.26
C THR P 423 7.27 -52.25 54.66
N PRO P 424 6.76 -51.52 55.66
CA PRO P 424 6.81 -52.03 57.04
C PRO P 424 5.69 -53.00 57.31
N LEU P 425 6.04 -54.27 57.48
CA LEU P 425 5.13 -55.27 58.00
C LEU P 425 4.96 -55.10 59.50
N TYR P 426 3.72 -54.91 59.94
CA TYR P 426 3.39 -54.76 61.35
C TYR P 426 2.95 -56.12 61.86
N PHE P 427 3.91 -56.90 62.34
CA PHE P 427 3.67 -58.27 62.75
C PHE P 427 2.70 -58.34 63.92
N ASN P 428 1.91 -59.40 63.96
CA ASN P 428 1.03 -59.71 65.08
C ASN P 428 0.46 -61.12 64.91
N PHE P 429 0.09 -61.76 66.02
CA PHE P 429 -0.45 -63.14 65.95
C PHE P 429 -1.95 -63.10 65.72
N HIS P 430 -2.54 -61.90 65.66
CA HIS P 430 -4.01 -61.76 65.51
C HIS P 430 -4.52 -62.36 64.21
N ALA P 431 -3.89 -62.02 63.07
CA ALA P 431 -4.35 -62.50 61.73
C ALA P 431 -5.86 -62.24 61.56
N SER P 432 -6.58 -63.15 60.88
CA SER P 432 -8.01 -63.00 60.65
C SER P 432 -8.58 -64.28 60.06
N LYS P 433 -9.21 -65.09 60.90
CA LYS P 433 -10.11 -66.16 60.46
C LYS P 433 -9.40 -67.18 59.56
N GLU P 434 -8.49 -67.95 60.15
CA GLU P 434 -7.90 -69.04 59.40
C GLU P 434 -8.84 -70.25 59.35
N ARG P 442 -12.68 -67.22 69.61
CA ARG P 442 -12.64 -65.81 69.14
C ARG P 442 -11.52 -65.66 68.11
N LEU P 443 -10.80 -64.53 68.15
CA LEU P 443 -9.69 -64.28 67.18
C LEU P 443 -8.63 -65.38 67.32
N LEU P 444 -8.39 -66.12 66.23
CA LEU P 444 -7.35 -67.19 66.25
C LEU P 444 -5.97 -66.54 66.43
N GLY P 445 -5.14 -67.08 67.33
CA GLY P 445 -3.83 -66.53 67.58
C GLY P 445 -2.69 -67.52 67.52
N ASN P 446 -3.00 -68.81 67.44
CA ASN P 446 -1.96 -69.82 67.41
C ASN P 446 -1.02 -69.58 66.25
N THR P 447 0.28 -69.70 66.52
CA THR P 447 1.31 -69.33 65.56
C THR P 447 2.33 -70.46 65.48
N MET P 448 2.87 -70.69 64.29
CA MET P 448 3.89 -71.70 64.08
C MET P 448 5.11 -71.10 63.39
N LEU P 449 6.28 -71.56 63.81
CA LEU P 449 7.56 -71.02 63.36
C LEU P 449 8.40 -72.19 62.86
N ILE P 450 8.26 -72.53 61.59
CA ILE P 450 8.91 -73.71 61.02
C ILE P 450 10.21 -73.30 60.37
N GLY P 451 11.32 -73.86 60.87
CA GLY P 451 12.64 -73.57 60.35
C GLY P 451 13.74 -74.12 61.24
N GLN P 452 14.97 -74.12 60.74
CA GLN P 452 16.09 -74.68 61.50
C GLN P 452 16.40 -73.83 62.73
N SER P 453 16.70 -74.50 63.84
CA SER P 453 16.99 -73.80 65.09
C SER P 453 18.26 -72.98 64.97
N SER P 454 19.27 -73.51 64.28
CA SER P 454 20.52 -72.77 64.11
C SER P 454 20.30 -71.50 63.29
N SER P 455 19.43 -71.56 62.28
CA SER P 455 19.22 -70.43 61.38
C SER P 455 18.17 -69.46 61.92
N GLY P 456 18.50 -68.87 63.08
CA GLY P 456 17.76 -67.72 63.57
C GLY P 456 16.39 -68.00 64.15
N LYS P 457 16.03 -69.26 64.40
CA LYS P 457 14.74 -69.53 65.02
C LYS P 457 14.70 -69.01 66.45
N THR P 458 15.71 -69.35 67.24
CA THR P 458 15.71 -68.95 68.64
C THR P 458 15.87 -67.44 68.79
N VAL P 459 16.69 -66.83 67.93
CA VAL P 459 16.83 -65.37 67.96
C VAL P 459 15.50 -64.71 67.67
N LEU P 460 14.79 -65.21 66.66
CA LEU P 460 13.49 -64.64 66.31
C LEU P 460 12.51 -64.79 67.46
N LEU P 461 12.45 -65.97 68.08
CA LEU P 461 11.50 -66.18 69.16
C LEU P 461 11.83 -65.27 70.34
N GLY P 462 13.11 -65.17 70.70
CA GLY P 462 13.49 -64.29 71.78
C GLY P 462 13.14 -62.85 71.49
N PHE P 463 13.39 -62.40 70.26
CA PHE P 463 13.08 -61.03 69.89
C PHE P 463 11.59 -60.77 69.98
N LEU P 464 10.79 -61.68 69.43
CA LEU P 464 9.34 -61.47 69.45
C LEU P 464 8.80 -61.43 70.85
N LEU P 465 9.25 -62.36 71.71
CA LEU P 465 8.75 -62.37 73.09
C LEU P 465 9.22 -61.13 73.85
N ALA P 466 10.48 -60.72 73.64
CA ALA P 466 10.99 -59.55 74.33
C ALA P 466 10.24 -58.30 73.95
N GLN P 467 9.95 -58.11 72.65
CA GLN P 467 9.25 -56.91 72.25
C GLN P 467 7.75 -57.01 72.45
N ALA P 468 7.22 -58.21 72.64
CA ALA P 468 5.83 -58.40 73.02
C ALA P 468 5.65 -58.46 74.52
N GLN P 469 6.71 -58.24 75.28
CA GLN P 469 6.57 -58.06 76.73
C GLN P 469 5.74 -56.83 77.07
N LYS P 470 5.54 -55.92 76.12
CA LYS P 470 4.72 -54.73 76.36
C LYS P 470 3.31 -55.07 76.79
N PHE P 471 2.84 -56.27 76.47
CA PHE P 471 1.48 -56.67 76.79
C PHE P 471 1.35 -57.08 78.24
N LYS P 472 2.48 -57.29 78.91
CA LYS P 472 2.55 -57.97 80.20
C LYS P 472 1.69 -59.24 80.26
N PRO P 473 1.88 -60.19 79.34
CA PRO P 473 1.19 -61.47 79.47
C PRO P 473 2.07 -62.52 80.12
N THR P 474 1.47 -63.55 80.69
CA THR P 474 2.25 -64.67 81.20
C THR P 474 2.75 -65.50 80.02
N ILE P 475 4.03 -65.84 80.04
CA ILE P 475 4.64 -66.69 79.01
C ILE P 475 5.09 -67.97 79.68
N VAL P 476 4.60 -69.10 79.19
CA VAL P 476 4.99 -70.40 79.73
C VAL P 476 5.92 -71.06 78.73
N ALA P 477 7.21 -70.82 78.86
CA ALA P 477 8.18 -71.23 77.85
C ALA P 477 8.55 -72.69 78.01
N PHE P 478 8.65 -73.39 76.88
CA PHE P 478 9.25 -74.71 76.82
C PHE P 478 10.39 -74.67 75.83
N ASP P 479 11.44 -75.44 76.09
CA ASP P 479 12.70 -75.23 75.39
C ASP P 479 13.27 -76.55 74.90
N LYS P 480 14.15 -76.43 73.91
CA LYS P 480 14.94 -77.55 73.41
C LYS P 480 16.40 -77.10 73.33
N ASP P 481 17.28 -77.89 73.94
CA ASP P 481 18.72 -77.60 74.02
C ASP P 481 19.00 -76.23 74.61
N ARG P 482 18.30 -75.86 75.68
CA ARG P 482 18.55 -74.63 76.43
C ARG P 482 18.51 -73.40 75.52
N GLY P 483 17.54 -73.36 74.61
CA GLY P 483 17.52 -72.28 73.63
C GLY P 483 17.24 -70.92 74.24
N MET P 484 16.34 -70.85 75.22
CA MET P 484 15.86 -69.57 75.72
C MET P 484 16.19 -69.30 77.18
N GLU P 485 17.14 -70.01 77.78
CA GLU P 485 17.40 -69.84 79.21
C GLU P 485 17.84 -68.42 79.51
N ILE P 486 18.87 -67.94 78.80
CA ILE P 486 19.40 -66.60 79.07
C ILE P 486 18.34 -65.54 78.78
N SER P 487 17.59 -65.71 77.68
CA SER P 487 16.57 -64.73 77.34
C SER P 487 15.50 -64.65 78.42
N ILE P 488 15.01 -65.79 78.90
CA ILE P 488 13.99 -65.78 79.92
C ILE P 488 14.53 -65.19 81.21
N ARG P 489 15.73 -65.63 81.64
CA ARG P 489 16.28 -65.13 82.89
C ARG P 489 16.55 -63.62 82.81
N ALA P 490 16.80 -63.11 81.61
CA ALA P 490 16.91 -61.66 81.46
C ALA P 490 15.56 -60.99 81.61
N MET P 491 14.49 -61.63 81.14
CA MET P 491 13.15 -61.08 81.19
C MET P 491 12.45 -61.31 82.52
N GLY P 492 13.21 -61.62 83.57
CA GLY P 492 12.63 -61.74 84.90
C GLY P 492 11.68 -62.91 85.07
N GLY P 493 12.01 -64.07 84.47
CA GLY P 493 11.28 -65.29 84.71
C GLY P 493 11.91 -66.12 85.81
N ARG P 494 11.44 -67.37 85.93
CA ARG P 494 12.05 -68.36 86.81
C ARG P 494 12.21 -69.66 86.01
N TYR P 495 12.75 -69.54 84.80
CA TYR P 495 13.14 -70.69 83.99
C TYR P 495 13.78 -71.76 84.87
N LEU P 496 13.23 -72.98 84.82
CA LEU P 496 13.74 -74.04 85.66
C LEU P 496 14.54 -75.04 84.83
N PRO P 497 15.85 -74.92 84.78
CA PRO P 497 16.65 -75.93 84.07
C PRO P 497 16.51 -77.28 84.73
N LEU P 498 16.41 -78.32 83.91
CA LEU P 498 16.25 -79.68 84.41
C LEU P 498 17.53 -80.49 84.20
N LYS P 499 17.32 -81.50 85.08
CA LYS P 499 18.48 -82.33 84.81
C LYS P 499 18.30 -83.74 85.33
N THR P 500 18.69 -84.67 84.46
CA THR P 500 18.59 -86.07 84.85
C THR P 500 19.45 -86.36 86.06
N GLY P 501 18.80 -86.96 87.08
CA GLY P 501 19.56 -87.41 88.24
C GLY P 501 19.64 -86.37 89.33
N GLU P 502 19.27 -85.11 89.04
CA GLU P 502 19.18 -84.04 90.04
C GLU P 502 17.74 -83.85 90.51
N PRO P 503 17.60 -83.68 91.84
CA PRO P 503 16.22 -83.50 92.33
C PRO P 503 15.47 -82.40 91.57
N SER P 504 14.34 -82.80 90.99
CA SER P 504 13.53 -81.89 90.20
C SER P 504 12.82 -80.88 91.09
N GLY P 505 12.59 -81.32 92.30
CA GLY P 505 11.81 -80.50 93.22
C GLY P 505 10.31 -80.70 93.05
N PHE P 506 9.87 -81.55 92.18
CA PHE P 506 8.46 -81.81 91.93
C PHE P 506 7.89 -82.78 92.96
N ASN P 507 6.76 -82.36 93.45
CA ASN P 507 5.97 -83.22 94.33
C ASN P 507 4.48 -82.99 94.15
N PRO P 508 3.84 -83.76 93.21
CA PRO P 508 2.43 -83.55 92.88
C PRO P 508 1.49 -83.83 94.05
N PHE P 509 1.92 -84.50 95.08
CA PHE P 509 1.04 -84.94 96.16
C PHE P 509 0.86 -83.83 97.20
N GLN P 510 1.54 -82.78 96.99
CA GLN P 510 1.36 -81.64 97.88
C GLN P 510 0.36 -80.65 97.31
N LEU P 511 -0.27 -80.97 96.18
CA LEU P 511 -1.39 -80.19 95.65
C LEU P 511 -2.58 -80.24 96.61
N PRO P 512 -3.32 -79.09 96.64
CA PRO P 512 -4.51 -79.14 97.48
C PRO P 512 -5.52 -80.19 97.05
N PRO P 513 -6.06 -80.92 98.03
CA PRO P 513 -6.96 -82.02 97.70
C PRO P 513 -8.29 -81.55 97.14
N THR P 514 -8.37 -80.85 95.98
CA THR P 514 -9.58 -80.50 95.24
C THR P 514 -10.02 -81.66 94.34
N HIS P 515 -11.25 -81.69 93.96
CA HIS P 515 -11.76 -82.75 93.09
C HIS P 515 -10.92 -82.88 91.83
N ALA P 516 -10.55 -81.82 91.21
CA ALA P 516 -9.75 -81.79 89.97
C ALA P 516 -8.36 -82.35 90.21
N ASN P 517 -7.73 -82.00 91.32
CA ASN P 517 -6.37 -82.46 91.64
C ASN P 517 -6.35 -83.95 91.95
N LEU P 518 -7.37 -84.39 92.56
CA LEU P 518 -7.46 -85.81 92.89
C LEU P 518 -7.58 -86.66 91.63
N ILE P 519 -8.40 -86.17 90.73
CA ILE P 519 -8.56 -86.86 89.46
C ILE P 519 -7.23 -86.91 88.71
N PHE P 520 -6.57 -85.80 88.76
CA PHE P 520 -5.28 -85.71 88.10
C PHE P 520 -4.29 -86.69 88.72
N LEU P 521 -4.17 -86.67 90.05
CA LEU P 521 -3.21 -87.51 90.76
C LEU P 521 -3.47 -88.99 90.47
N LYS P 522 -4.75 -89.33 90.42
CA LYS P 522 -5.12 -90.71 90.10
C LYS P 522 -4.63 -91.10 88.71
N GLN P 523 -4.85 -90.23 87.79
CA GLN P 523 -4.41 -90.48 86.42
C GLN P 523 -2.89 -90.48 86.33
N PHE P 524 -2.32 -89.56 87.09
CA PHE P 524 -0.87 -89.40 87.12
C PHE P 524 -0.19 -90.66 87.64
N VAL P 525 -0.68 -91.24 88.75
CA VAL P 525 -0.10 -92.42 89.38
C VAL P 525 -0.33 -93.64 88.50
N LYS P 526 -1.47 -93.70 87.83
CA LYS P 526 -1.74 -94.78 86.89
C LYS P 526 -0.69 -94.81 85.78
N LYS P 527 -0.42 -93.61 85.36
CA LYS P 527 0.58 -93.52 84.29
C LYS P 527 1.96 -93.96 84.78
N LEU P 528 2.33 -93.62 85.97
CA LEU P 528 3.60 -94.05 86.53
C LEU P 528 3.65 -95.57 86.68
N ALA P 529 2.53 -96.13 87.11
CA ALA P 529 2.45 -97.57 87.32
C ALA P 529 2.51 -98.32 85.99
N ALA P 530 2.10 -97.75 84.94
CA ALA P 530 2.03 -98.36 83.62
C ALA P 530 3.43 -98.59 83.05
N ALA P 531 4.42 -97.84 83.66
CA ALA P 531 5.80 -98.02 83.20
C ALA P 531 6.29 -99.44 83.48
N GLY P 532 5.67 -100.19 84.38
CA GLY P 532 6.04 -101.52 84.83
C GLY P 532 5.09 -102.60 84.35
N HIS P 537 -8.27 -103.15 86.27
CA HIS P 537 -9.33 -102.53 87.06
C HIS P 537 -9.01 -102.58 88.55
N ARG P 538 -8.47 -103.70 88.97
CA ARG P 538 -8.07 -103.83 90.37
C ARG P 538 -7.00 -102.81 90.73
N ASP P 539 -5.97 -102.62 89.90
CA ASP P 539 -4.93 -101.62 90.08
C ASP P 539 -5.54 -100.23 90.26
N GLU P 540 -6.55 -99.95 89.46
CA GLU P 540 -7.19 -98.65 89.48
C GLU P 540 -7.89 -98.40 90.82
N GLU P 541 -8.57 -99.41 91.30
CA GLU P 541 -9.27 -99.30 92.58
C GLU P 541 -8.30 -99.06 93.72
N GLU P 542 -7.15 -99.81 93.62
CA GLU P 542 -6.12 -99.69 94.65
C GLU P 542 -5.51 -98.29 94.64
N ILE P 543 -5.19 -97.80 93.49
CA ILE P 543 -4.60 -96.47 93.35
C ILE P 543 -5.59 -95.42 93.86
N ASP P 544 -6.84 -95.56 93.55
CA ASP P 544 -7.88 -94.61 93.96
C ASP P 544 -7.98 -94.56 95.48
N GLN P 545 -8.08 -95.71 96.09
CA GLN P 545 -8.21 -95.79 97.54
C GLN P 545 -6.98 -95.21 98.24
N ALA P 546 -5.81 -95.52 97.64
CA ALA P 546 -4.56 -95.07 98.22
C ALA P 546 -4.45 -93.54 98.17
N ILE P 547 -4.80 -92.94 97.05
CA ILE P 547 -4.70 -91.49 96.87
C ILE P 547 -5.70 -90.79 97.77
N THR P 548 -6.92 -91.35 97.86
CA THR P 548 -7.95 -90.77 98.70
C THR P 548 -7.53 -90.77 100.17
N ALA P 549 -6.97 -91.88 100.55
CA ALA P 549 -6.53 -92.03 101.93
C ALA P 549 -5.38 -91.08 102.24
N MET P 550 -4.43 -90.96 101.33
CA MET P 550 -3.26 -90.12 101.54
C MET P 550 -3.66 -88.64 101.57
N LYS P 557 0.19 -82.24 104.92
CA LYS P 557 0.67 -81.92 103.58
C LYS P 557 2.17 -82.18 103.46
N SER P 558 2.96 -81.91 104.47
CA SER P 558 4.41 -81.99 104.44
C SER P 558 4.88 -83.44 104.35
N LEU P 559 3.94 -84.33 104.70
CA LEU P 559 4.33 -85.74 104.72
C LEU P 559 3.95 -86.41 103.39
N ARG P 560 3.17 -85.78 102.63
CA ARG P 560 2.63 -86.37 101.42
C ARG P 560 3.70 -86.45 100.33
N ARG P 561 4.07 -87.70 99.98
CA ARG P 561 5.02 -88.00 98.92
C ARG P 561 4.71 -89.35 98.28
N LEU P 562 5.36 -89.49 97.11
CA LEU P 562 5.13 -90.75 96.42
C LEU P 562 5.50 -91.93 97.30
N SER P 563 6.54 -91.84 98.05
CA SER P 563 7.01 -92.89 98.94
C SER P 563 5.99 -93.19 100.03
N LEU P 564 5.32 -92.17 100.49
CA LEU P 564 4.26 -92.38 101.47
C LEU P 564 3.07 -93.11 100.84
N LEU P 565 2.80 -92.79 99.65
CA LEU P 565 1.71 -93.42 98.93
C LEU P 565 1.87 -94.94 98.92
N LEU P 566 3.14 -95.41 98.90
CA LEU P 566 3.42 -96.85 98.82
C LEU P 566 2.90 -97.57 100.07
N GLN P 567 2.75 -96.85 101.18
CA GLN P 567 2.31 -97.44 102.43
C GLN P 567 0.82 -97.76 102.42
N PHE P 568 0.21 -97.17 101.41
CA PHE P 568 -1.23 -97.35 101.30
C PHE P 568 -1.57 -98.39 100.24
N VAL P 583 1.10 -102.84 92.18
CA VAL P 583 1.24 -101.40 91.96
C VAL P 583 2.37 -100.86 92.83
N HIS P 584 2.47 -101.35 94.07
CA HIS P 584 3.54 -100.97 94.98
C HIS P 584 4.91 -101.22 94.36
N ALA P 585 5.12 -102.45 93.90
CA ALA P 585 6.40 -102.87 93.36
C ALA P 585 6.77 -102.04 92.12
N ARG P 586 5.85 -101.68 91.34
CA ARG P 586 6.09 -100.95 90.09
C ARG P 586 6.40 -99.48 90.37
N LEU P 587 5.87 -98.86 91.45
CA LEU P 587 6.06 -97.44 91.77
C LEU P 587 7.37 -97.21 92.51
N VAL P 588 8.02 -98.32 92.99
CA VAL P 588 9.25 -98.24 93.77
C VAL P 588 10.33 -97.52 92.96
N LYS P 589 10.37 -97.74 91.70
CA LYS P 589 11.40 -97.13 90.86
C LYS P 589 11.25 -95.61 90.82
N TRP P 590 10.06 -95.02 91.11
CA TRP P 590 9.79 -93.59 91.08
C TRP P 590 10.01 -92.96 92.46
N CYS P 591 10.32 -93.80 93.43
CA CYS P 591 10.54 -93.32 94.79
C CYS P 591 12.03 -93.12 95.07
N GLU P 592 12.25 -92.37 96.19
CA GLU P 592 13.64 -92.13 96.60
C GLU P 592 14.45 -93.43 96.59
N GLY P 593 15.65 -93.46 95.92
CA GLY P 593 16.49 -94.65 95.86
C GLY P 593 16.26 -95.47 94.59
N GLY P 594 15.12 -95.14 93.88
CA GLY P 594 14.79 -95.75 92.60
C GLY P 594 15.39 -95.02 91.41
N ASP P 595 15.24 -95.53 90.16
CA ASP P 595 15.84 -94.97 88.95
C ASP P 595 15.33 -93.55 88.70
N TYR P 596 14.02 -93.28 89.06
CA TYR P 596 13.40 -91.99 88.77
C TYR P 596 12.97 -91.29 90.06
N GLY P 597 13.52 -91.66 91.21
CA GLY P 597 13.17 -91.13 92.52
C GLY P 597 13.45 -89.65 92.66
N TRP P 598 14.30 -89.09 91.80
CA TRP P 598 14.70 -87.68 91.82
C TRP P 598 13.61 -86.81 91.21
N LEU P 599 12.53 -87.26 90.56
CA LEU P 599 11.59 -86.50 89.74
C LEU P 599 10.41 -86.02 90.58
N PHE P 600 9.56 -87.05 91.21
CA PHE P 600 8.27 -86.66 91.77
C PHE P 600 8.21 -86.97 93.26
N ASP P 601 9.23 -87.58 93.90
CA ASP P 601 9.21 -87.99 95.30
C ASP P 601 10.01 -87.01 96.16
N ASN P 602 10.01 -85.70 95.75
CA ASN P 602 10.74 -84.69 96.50
C ASN P 602 10.01 -84.30 97.78
N PRO P 603 10.74 -83.91 98.87
CA PRO P 603 10.13 -83.56 100.16
C PRO P 603 9.16 -82.39 100.05
N THR P 604 9.48 -81.41 99.19
CA THR P 604 8.63 -80.19 99.08
C THR P 604 8.36 -79.86 97.61
N ASP P 605 7.46 -78.90 97.35
CA ASP P 605 7.14 -78.47 95.97
C ASP P 605 6.60 -77.05 95.99
N ALA P 606 7.45 -76.07 96.31
CA ALA P 606 7.02 -74.64 96.30
C ALA P 606 7.04 -74.12 94.86
N LEU P 607 5.97 -74.35 94.11
CA LEU P 607 5.97 -74.15 92.64
C LEU P 607 4.58 -73.72 92.16
N ASP P 608 4.18 -72.48 92.44
CA ASP P 608 2.90 -71.98 91.96
C ASP P 608 3.16 -70.71 91.15
N LEU P 609 2.26 -70.41 90.22
CA LEU P 609 2.58 -69.44 89.18
C LEU P 609 2.34 -68.01 89.65
N SER P 610 1.92 -67.82 90.90
CA SER P 610 1.54 -66.48 91.35
C SER P 610 2.75 -65.56 91.52
N THR P 611 3.92 -66.13 91.86
CA THR P 611 5.06 -65.28 92.21
C THR P 611 5.58 -64.50 91.00
N HIS P 612 5.82 -65.19 89.88
CA HIS P 612 6.27 -64.53 88.67
C HIS P 612 5.14 -64.48 87.65
N GLN P 613 5.39 -63.73 86.58
CA GLN P 613 4.53 -63.70 85.40
C GLN P 613 5.00 -64.73 84.39
N ILE P 614 6.30 -64.75 84.11
CA ILE P 614 6.87 -65.69 83.15
C ILE P 614 7.39 -66.92 83.89
N TYR P 615 7.23 -68.08 83.27
CA TYR P 615 7.94 -69.29 83.65
C TYR P 615 8.36 -70.04 82.40
N GLY P 616 9.48 -70.72 82.52
CA GLY P 616 9.96 -71.58 81.45
C GLY P 616 10.40 -72.90 82.02
N PHE P 617 9.96 -73.97 81.37
CA PHE P 617 10.29 -75.32 81.79
C PHE P 617 11.12 -75.95 80.69
N ASP P 618 12.31 -76.44 81.05
CA ASP P 618 13.19 -77.09 80.09
C ASP P 618 13.04 -78.60 80.23
N ILE P 619 12.60 -79.24 79.15
CA ILE P 619 12.55 -80.70 79.11
C ILE P 619 13.43 -81.29 78.03
N THR P 620 14.44 -80.54 77.57
CA THR P 620 15.38 -81.09 76.58
C THR P 620 16.13 -82.29 77.15
N GLU P 621 16.31 -82.33 78.47
CA GLU P 621 16.79 -83.54 79.11
C GLU P 621 15.78 -84.67 78.96
N PHE P 622 14.50 -84.35 79.11
CA PHE P 622 13.44 -85.35 79.14
C PHE P 622 12.67 -85.37 77.82
N LEU P 623 13.35 -85.22 76.70
CA LEU P 623 12.66 -85.07 75.42
C LEU P 623 12.38 -86.40 74.76
N ASP P 624 13.43 -87.15 74.41
CA ASP P 624 13.29 -88.45 73.75
C ASP P 624 13.46 -89.61 74.73
N ASN P 625 12.55 -89.73 75.69
CA ASN P 625 12.60 -90.82 76.65
C ASN P 625 11.18 -91.29 76.92
N PRO P 626 10.65 -92.22 76.12
CA PRO P 626 9.20 -92.40 76.02
C PRO P 626 8.51 -92.85 77.29
N GLU P 627 9.24 -92.96 78.39
CA GLU P 627 8.64 -93.48 79.62
C GLU P 627 7.63 -92.50 80.20
N ALA P 628 7.99 -91.22 80.29
CA ALA P 628 7.13 -90.32 81.06
C ALA P 628 6.99 -88.92 80.47
N ARG P 629 7.25 -88.73 79.17
CA ARG P 629 6.92 -87.42 78.59
C ARG P 629 5.46 -87.11 78.79
N THR P 630 4.61 -88.10 78.57
CA THR P 630 3.17 -87.88 78.74
C THR P 630 2.84 -87.51 80.18
N PRO P 631 3.35 -88.20 81.21
CA PRO P 631 3.12 -87.72 82.58
C PRO P 631 3.59 -86.31 82.84
N VAL P 632 4.85 -85.99 82.52
CA VAL P 632 5.37 -84.69 82.87
C VAL P 632 4.60 -83.60 82.12
N MET P 633 4.18 -83.88 80.89
CA MET P 633 3.43 -82.90 80.14
C MET P 633 2.03 -82.73 80.70
N MET P 634 1.38 -83.83 81.14
CA MET P 634 0.08 -83.64 81.77
C MET P 634 0.22 -82.76 83.01
N TYR P 635 1.27 -83.00 83.81
CA TYR P 635 1.40 -82.25 85.05
C TYR P 635 1.62 -80.76 84.77
N LEU P 636 2.57 -80.45 83.88
CA LEU P 636 2.82 -79.05 83.58
C LEU P 636 1.58 -78.38 82.98
N LEU P 637 0.94 -79.05 82.02
CA LEU P 637 -0.24 -78.46 81.39
C LEU P 637 -1.38 -78.28 82.39
N TYR P 638 -1.62 -79.25 83.25
CA TYR P 638 -2.70 -79.15 84.22
C TYR P 638 -2.46 -78.01 85.21
N ARG P 639 -1.24 -77.92 85.75
CA ARG P 639 -0.98 -76.85 86.71
C ARG P 639 -1.06 -75.49 86.05
N THR P 640 -0.52 -75.35 84.83
CA THR P 640 -0.60 -74.08 84.12
C THR P 640 -2.05 -73.73 83.78
N GLU P 641 -2.83 -74.72 83.36
CA GLU P 641 -4.22 -74.52 83.00
C GLU P 641 -5.04 -74.07 84.20
N SER P 642 -4.70 -74.57 85.39
CA SER P 642 -5.38 -74.11 86.60
C SER P 642 -5.21 -72.61 86.78
N MET P 643 -4.15 -72.03 86.22
CA MET P 643 -3.84 -70.62 86.37
C MET P 643 -4.53 -69.77 85.30
N ILE P 644 -5.16 -70.41 84.31
CA ILE P 644 -5.71 -69.73 83.15
C ILE P 644 -7.09 -69.13 83.43
N ASP P 645 -7.14 -67.91 83.94
CA ASP P 645 -8.40 -67.21 84.15
C ASP P 645 -8.15 -65.70 84.09
N GLY P 646 -8.79 -65.04 83.14
CA GLY P 646 -8.75 -63.59 83.05
C GLY P 646 -7.45 -63.02 82.50
N ARG P 647 -6.33 -63.52 83.02
CA ARG P 647 -5.02 -63.02 82.61
C ARG P 647 -4.78 -63.26 81.12
N ARG P 648 -4.27 -62.24 80.44
CA ARG P 648 -3.84 -62.42 79.07
C ARG P 648 -2.76 -63.48 79.02
N PHE P 649 -2.95 -64.48 78.15
CA PHE P 649 -2.28 -65.75 78.34
C PHE P 649 -1.55 -66.18 77.06
N MET P 650 -0.54 -67.03 77.25
CA MET P 650 0.31 -67.48 76.15
C MET P 650 0.98 -68.79 76.51
N TYR P 651 1.25 -69.59 75.48
CA TYR P 651 2.18 -70.71 75.53
C TYR P 651 3.27 -70.51 74.49
N VAL P 652 4.41 -71.16 74.73
CA VAL P 652 5.46 -71.29 73.74
C VAL P 652 5.94 -72.73 73.75
N PHE P 653 5.90 -73.38 72.59
CA PHE P 653 6.41 -74.74 72.43
C PHE P 653 7.52 -74.70 71.39
N ASP P 654 8.75 -74.94 71.83
CA ASP P 654 9.86 -74.99 70.89
C ASP P 654 9.71 -76.15 69.92
N GLU P 655 9.36 -77.33 70.45
CA GLU P 655 9.10 -78.50 69.62
C GLU P 655 7.99 -79.31 70.28
N PHE P 656 6.95 -79.62 69.52
CA PHE P 656 5.73 -80.18 70.08
C PHE P 656 5.37 -81.56 69.55
N TRP P 657 6.02 -82.03 68.48
CA TRP P 657 5.59 -83.28 67.87
C TRP P 657 5.88 -84.48 68.76
N LYS P 658 6.92 -84.39 69.60
CA LYS P 658 7.12 -85.45 70.59
C LYS P 658 5.98 -85.50 71.60
N PRO P 659 5.59 -84.40 72.27
CA PRO P 659 4.39 -84.48 73.12
C PRO P 659 3.11 -84.68 72.32
N LEU P 660 3.15 -84.46 71.01
CA LEU P 660 1.93 -84.56 70.21
C LEU P 660 1.46 -86.00 70.05
N GLN P 661 2.41 -86.94 69.91
CA GLN P 661 2.03 -88.34 69.72
C GLN P 661 1.52 -88.97 71.00
N ASP P 662 1.34 -88.19 72.07
CA ASP P 662 0.76 -88.71 73.30
C ASP P 662 -0.72 -89.00 73.07
N GLU P 663 -1.16 -90.20 73.44
CA GLU P 663 -2.55 -90.56 73.24
C GLU P 663 -3.47 -89.78 74.18
N TYR P 664 -3.14 -89.74 75.47
CA TYR P 664 -4.03 -89.14 76.46
C TYR P 664 -3.99 -87.62 76.39
N PHE P 665 -2.81 -87.06 76.13
CA PHE P 665 -2.62 -85.61 76.23
C PHE P 665 -3.22 -84.87 75.03
N GLU P 666 -3.25 -85.50 73.86
CA GLU P 666 -3.68 -84.80 72.66
C GLU P 666 -5.17 -84.44 72.70
N ASP P 667 -6.01 -85.35 73.18
CA ASP P 667 -7.43 -85.06 73.29
C ASP P 667 -7.69 -83.93 74.27
N LEU P 668 -6.99 -83.95 75.40
CA LEU P 668 -7.10 -82.86 76.36
C LEU P 668 -6.66 -81.54 75.75
N ALA P 669 -5.57 -81.57 74.97
CA ALA P 669 -5.10 -80.34 74.33
C ALA P 669 -6.14 -79.79 73.37
N LYS P 670 -6.77 -80.67 72.58
CA LYS P 670 -7.75 -80.20 71.60
C LYS P 670 -8.99 -79.64 72.29
N ASN P 671 -9.50 -80.33 73.32
CA ASN P 671 -10.65 -79.83 74.06
C ASN P 671 -10.34 -78.51 74.76
N LYS P 672 -9.16 -78.41 75.39
CA LYS P 672 -8.77 -77.16 76.02
C LYS P 672 -8.59 -76.05 75.00
N GLN P 673 -8.14 -76.38 73.78
CA GLN P 673 -8.08 -75.42 72.70
C GLN P 673 -9.47 -74.88 72.36
N LYS P 674 -10.44 -75.78 72.19
CA LYS P 674 -11.80 -75.34 71.90
C LYS P 674 -12.32 -74.44 73.03
N THR P 675 -11.98 -74.76 74.28
CA THR P 675 -12.43 -73.93 75.39
C THR P 675 -11.71 -72.58 75.42
N ILE P 676 -10.42 -72.57 75.08
CA ILE P 676 -9.58 -71.40 75.31
C ILE P 676 -9.66 -70.38 74.18
N ARG P 677 -10.05 -70.79 72.96
CA ARG P 677 -9.98 -69.89 71.81
C ARG P 677 -10.63 -68.54 72.10
N LYS P 678 -11.62 -68.49 72.99
CA LYS P 678 -12.25 -67.25 73.40
C LYS P 678 -11.66 -66.67 74.68
N GLN P 679 -10.58 -67.26 75.21
CA GLN P 679 -10.01 -66.82 76.48
C GLN P 679 -8.59 -66.30 76.32
N ASN P 680 -8.34 -65.50 75.28
CA ASN P 680 -7.06 -64.81 75.06
C ASN P 680 -5.90 -65.80 75.04
N GLY P 681 -6.12 -66.93 74.40
CA GLY P 681 -5.12 -67.97 74.30
C GLY P 681 -4.29 -67.80 73.03
N ILE P 682 -2.97 -67.78 73.20
CA ILE P 682 -2.05 -67.66 72.09
C ILE P 682 -0.98 -68.74 72.20
N PHE P 683 -1.18 -69.85 71.52
CA PHE P 683 -0.10 -70.82 71.40
C PHE P 683 0.93 -70.27 70.41
N VAL P 684 2.20 -70.56 70.66
CA VAL P 684 3.27 -70.21 69.72
C VAL P 684 4.05 -71.49 69.46
N PHE P 685 3.64 -72.24 68.45
CA PHE P 685 4.32 -73.48 68.14
C PHE P 685 5.58 -73.22 67.31
N ALA P 686 6.46 -74.22 67.26
CA ALA P 686 7.67 -74.13 66.47
C ALA P 686 8.16 -75.53 66.19
N THR P 687 9.00 -75.65 65.17
CA THR P 687 9.55 -76.94 64.77
C THR P 687 10.84 -76.71 64.00
N GLN P 688 11.83 -77.56 64.27
CA GLN P 688 13.12 -77.43 63.60
C GLN P 688 13.04 -77.77 62.12
N GLU P 689 12.17 -78.71 61.74
CA GLU P 689 11.99 -79.10 60.36
C GLU P 689 10.60 -79.69 60.21
N PRO P 690 9.83 -79.26 59.21
CA PRO P 690 8.42 -79.70 59.11
C PRO P 690 8.26 -81.20 58.99
N SER P 691 9.18 -81.90 58.32
CA SER P 691 9.05 -83.35 58.17
C SER P 691 8.99 -84.05 59.53
N ASP P 692 9.56 -83.41 60.55
CA ASP P 692 9.42 -83.94 61.91
C ASP P 692 7.98 -83.84 62.38
N ALA P 693 7.28 -82.77 62.01
CA ALA P 693 5.91 -82.57 62.46
C ALA P 693 4.94 -83.45 61.67
N LEU P 694 5.00 -83.38 60.34
CA LEU P 694 4.05 -84.10 59.51
C LEU P 694 4.22 -85.61 59.57
N GLU P 695 5.29 -86.09 60.19
CA GLU P 695 5.41 -87.53 60.43
C GLU P 695 4.24 -88.04 61.27
N SER P 696 3.71 -87.19 62.14
CA SER P 696 2.57 -87.55 62.99
C SER P 696 1.29 -87.02 62.36
N ASN P 697 0.24 -87.84 62.41
CA ASN P 697 -1.01 -87.47 61.74
C ASN P 697 -1.75 -86.38 62.50
N ILE P 698 -1.79 -86.46 63.84
CA ILE P 698 -2.51 -85.49 64.63
C ILE P 698 -1.89 -84.10 64.47
N ALA P 699 -0.60 -84.06 64.15
CA ALA P 699 0.06 -82.78 63.91
C ALA P 699 -0.60 -82.02 62.78
N LYS P 700 -1.04 -82.72 61.74
CA LYS P 700 -1.79 -82.07 60.68
C LYS P 700 -3.08 -81.45 61.20
N THR P 701 -3.79 -82.18 62.07
CA THR P 701 -5.02 -81.64 62.66
C THR P 701 -4.76 -80.38 63.45
N LEU P 702 -3.68 -80.37 64.24
CA LEU P 702 -3.36 -79.16 65.00
C LEU P 702 -2.88 -78.04 64.09
N ILE P 703 -2.20 -78.39 63.00
CA ILE P 703 -1.67 -77.37 62.09
C ILE P 703 -2.80 -76.69 61.32
N GLN P 704 -3.86 -77.43 61.03
CA GLN P 704 -5.01 -76.81 60.38
C GLN P 704 -5.58 -75.66 61.21
N GLN P 705 -5.46 -75.73 62.54
CA GLN P 705 -5.90 -74.66 63.42
C GLN P 705 -4.70 -73.80 63.84
N CYS P 706 -4.27 -72.96 62.90
CA CYS P 706 -3.20 -72.00 63.15
C CYS P 706 -3.53 -70.71 62.41
N ALA P 707 -3.05 -69.60 62.95
CA ALA P 707 -3.39 -68.28 62.41
C ALA P 707 -2.31 -67.71 61.50
N THR P 708 -1.10 -67.54 62.02
CA THR P 708 0.00 -66.96 61.26
C THR P 708 1.14 -67.97 61.19
N TYR P 709 1.61 -68.25 59.98
CA TYR P 709 2.75 -69.12 59.78
C TYR P 709 3.96 -68.27 59.42
N ILE P 710 5.08 -68.50 60.09
CA ILE P 710 6.35 -67.87 59.75
C ILE P 710 7.27 -68.97 59.23
N PHE P 711 7.95 -68.71 58.12
CA PHE P 711 8.72 -69.74 57.44
C PHE P 711 10.17 -69.29 57.32
N LEU P 712 11.03 -69.91 58.11
CA LEU P 712 12.47 -69.63 58.05
C LEU P 712 13.06 -70.23 56.78
N ALA P 713 14.37 -70.12 56.63
CA ALA P 713 15.08 -70.62 55.45
C ALA P 713 15.52 -72.04 55.71
N ASN P 714 14.89 -73.00 55.04
CA ASN P 714 15.24 -74.42 55.13
C ASN P 714 15.38 -74.96 53.71
N PRO P 715 16.58 -74.89 53.13
CA PRO P 715 16.78 -75.47 51.80
C PRO P 715 16.38 -76.92 51.70
N LYS P 716 16.57 -77.71 52.75
CA LYS P 716 16.27 -79.15 52.73
C LYS P 716 14.80 -79.41 53.04
N ALA P 717 13.91 -78.77 52.29
CA ALA P 717 12.48 -78.80 52.55
C ALA P 717 11.79 -79.75 51.58
N ASP P 718 11.03 -80.69 52.11
CA ASP P 718 10.32 -81.67 51.30
C ASP P 718 9.22 -80.97 50.50
N TYR P 719 9.05 -81.38 49.25
CA TYR P 719 8.08 -80.76 48.36
C TYR P 719 6.66 -80.96 48.87
N GLU P 720 6.31 -82.19 49.24
CA GLU P 720 4.95 -82.50 49.66
C GLU P 720 4.55 -81.70 50.90
N ASP P 721 5.46 -81.61 51.87
CA ASP P 721 5.14 -80.98 53.14
C ASP P 721 4.64 -79.56 52.94
N TYR P 722 5.50 -78.68 52.40
CA TYR P 722 5.07 -77.31 52.16
C TYR P 722 3.92 -77.23 51.16
N THR P 723 3.96 -78.03 50.10
CA THR P 723 2.95 -77.87 49.05
C THR P 723 1.54 -78.16 49.54
N GLN P 724 1.26 -79.38 50.03
CA GLN P 724 -0.13 -79.67 50.39
C GLN P 724 -0.31 -79.80 51.90
N GLY P 725 0.76 -80.08 52.63
CA GLY P 725 0.63 -80.20 54.08
C GLY P 725 0.27 -78.89 54.75
N PHE P 726 0.90 -77.80 54.34
CA PHE P 726 0.74 -76.50 54.98
C PHE P 726 -0.14 -75.53 54.19
N LYS P 727 -0.78 -75.98 53.12
CA LYS P 727 -1.60 -75.15 52.26
C LYS P 727 -0.83 -73.98 51.66
N LEU P 728 0.46 -74.16 51.41
CA LEU P 728 1.25 -73.12 50.76
C LEU P 728 1.10 -73.18 49.25
N THR P 729 1.53 -72.13 48.59
CA THR P 729 1.54 -72.09 47.13
C THR P 729 2.86 -72.63 46.61
N ASP P 730 2.86 -73.01 45.32
CA ASP P 730 4.11 -73.42 44.68
C ASP P 730 5.07 -72.25 44.60
N SER P 731 4.58 -71.05 44.28
CA SER P 731 5.45 -69.88 44.22
C SER P 731 6.04 -69.56 45.59
N GLU P 732 5.24 -69.68 46.64
CA GLU P 732 5.79 -69.48 47.98
C GLU P 732 6.85 -70.53 48.30
N PHE P 733 6.66 -71.76 47.81
CA PHE P 733 7.69 -72.78 47.99
C PHE P 733 8.97 -72.40 47.27
N GLU P 734 8.84 -71.75 46.10
CA GLU P 734 10.03 -71.23 45.42
C GLU P 734 10.70 -70.13 46.26
N LEU P 735 9.91 -69.23 46.83
CA LEU P 735 10.49 -68.14 47.62
C LEU P 735 11.18 -68.67 48.86
N VAL P 736 10.69 -69.76 49.43
CA VAL P 736 11.35 -70.34 50.61
C VAL P 736 12.75 -70.82 50.25
N ARG P 737 12.88 -71.49 49.10
CA ARG P 737 14.19 -72.01 48.68
C ARG P 737 15.10 -70.89 48.18
N GLY P 738 14.51 -69.80 47.68
CA GLY P 738 15.32 -68.71 47.17
C GLY P 738 16.23 -68.10 48.22
N LEU P 739 15.77 -68.10 49.47
CA LEU P 739 16.60 -67.61 50.57
C LEU P 739 17.82 -68.51 50.75
N GLY P 740 18.95 -67.88 51.04
CA GLY P 740 20.17 -68.64 51.25
C GLY P 740 20.11 -69.50 52.49
N GLU P 741 21.26 -70.11 52.81
CA GLU P 741 21.33 -70.93 54.01
C GLU P 741 21.17 -70.10 55.27
N PHE P 742 21.72 -68.89 55.28
CA PHE P 742 21.69 -68.01 56.45
C PHE P 742 21.29 -66.60 56.00
N SER P 743 20.20 -66.54 55.22
CA SER P 743 19.79 -65.28 54.61
C SER P 743 19.33 -64.26 55.66
N ARG P 744 18.73 -64.73 56.75
CA ARG P 744 18.10 -63.93 57.81
C ARG P 744 16.81 -63.28 57.34
N ARG P 745 16.21 -63.76 56.26
CA ARG P 745 14.86 -63.39 55.86
C ARG P 745 13.92 -64.56 56.10
N PHE P 746 12.63 -64.27 56.05
CA PHE P 746 11.65 -65.34 56.23
C PHE P 746 10.32 -64.88 55.66
N LEU P 747 9.60 -65.82 55.05
CA LEU P 747 8.33 -65.53 54.39
C LEU P 747 7.21 -65.76 55.39
N ILE P 748 6.49 -64.70 55.74
CA ILE P 748 5.41 -64.76 56.71
C ILE P 748 4.09 -64.86 55.94
N LYS P 749 3.54 -66.06 55.85
CA LYS P 749 2.19 -66.21 55.31
C LYS P 749 1.21 -65.84 56.42
N GLN P 750 0.67 -64.62 56.35
CA GLN P 750 -0.25 -64.11 57.35
C GLN P 750 -1.64 -64.13 56.76
N GLY P 751 -2.46 -65.08 57.18
CA GLY P 751 -3.79 -65.20 56.62
C GLY P 751 -3.74 -65.81 55.24
N ASP P 752 -3.98 -65.00 54.21
CA ASP P 752 -3.92 -65.43 52.82
C ASP P 752 -3.04 -64.54 51.97
N GLN P 753 -2.15 -63.77 52.60
CA GLN P 753 -1.17 -62.94 51.94
C GLN P 753 0.16 -63.05 52.69
N SER P 754 1.26 -62.79 51.98
CA SER P 754 2.58 -63.05 52.54
C SER P 754 3.61 -62.07 52.00
N ALA P 755 4.71 -61.95 52.74
CA ALA P 755 5.84 -61.11 52.34
C ALA P 755 7.08 -61.58 53.08
N LEU P 756 8.24 -61.18 52.56
CA LEU P 756 9.54 -61.58 53.08
C LEU P 756 9.97 -60.57 54.13
N ALA P 757 9.63 -60.85 55.38
CA ALA P 757 9.95 -59.96 56.49
C ALA P 757 11.43 -60.09 56.82
N GLU P 758 12.27 -59.29 56.16
CA GLU P 758 13.70 -59.33 56.35
C GLU P 758 14.05 -58.54 57.61
N MET P 759 14.27 -59.27 58.71
CA MET P 759 14.62 -58.66 59.97
C MET P 759 16.12 -58.36 60.02
N ASN P 760 17.32 -57.67 60.18
CA ASN P 760 18.78 -57.57 60.23
C ASN P 760 19.24 -56.76 61.44
N LEU P 761 19.75 -57.49 62.47
CA LEU P 761 20.19 -56.83 63.70
C LEU P 761 21.70 -56.61 63.67
N GLY P 762 22.25 -56.19 62.47
CA GLY P 762 23.64 -55.80 62.33
C GLY P 762 23.88 -54.35 62.64
N LYS P 763 24.98 -53.72 62.12
CA LYS P 763 25.32 -52.32 62.38
C LYS P 763 24.34 -51.38 61.69
N PHE P 764 23.93 -50.34 62.44
CA PHE P 764 23.09 -49.32 61.82
C PHE P 764 23.52 -47.93 62.27
N ARG P 765 23.20 -46.92 61.33
CA ARG P 765 23.57 -45.52 61.60
C ARG P 765 22.37 -44.73 62.12
N THR P 766 22.62 -43.97 63.17
CA THR P 766 21.58 -43.11 63.73
C THR P 766 22.14 -41.73 64.07
N ILE P 767 21.29 -40.74 64.10
CA ILE P 767 21.70 -39.36 64.39
C ILE P 767 21.44 -39.05 65.86
N VAL P 768 22.48 -38.84 66.58
CA VAL P 768 22.41 -38.43 67.98
C VAL P 768 23.07 -37.07 68.15
N ASP P 769 22.24 -36.02 68.46
CA ASP P 769 22.73 -34.67 68.67
C ASP P 769 23.34 -34.10 67.40
N GLY P 770 22.82 -34.43 66.19
CA GLY P 770 23.24 -33.86 64.92
C GLY P 770 24.43 -34.57 64.31
N GLU P 771 25.00 -35.68 65.02
CA GLU P 771 26.12 -36.46 64.51
C GLU P 771 25.69 -37.89 64.20
N THR P 772 26.17 -38.37 63.06
CA THR P 772 25.93 -39.75 62.65
C THR P 772 26.77 -40.72 63.47
N VAL P 773 26.08 -41.52 64.32
CA VAL P 773 26.74 -42.52 65.15
C VAL P 773 26.37 -43.92 64.66
N GLU P 774 27.37 -44.80 64.69
CA GLU P 774 27.15 -46.20 64.35
C GLU P 774 26.84 -47.03 65.58
N ARG P 775 25.79 -47.88 65.50
CA ARG P 775 25.40 -48.77 66.63
C ARG P 775 25.15 -50.19 66.09
N ASP P 776 24.56 -51.10 66.89
CA ASP P 776 24.31 -52.50 66.47
C ASP P 776 23.33 -53.21 67.43
N PHE P 777 22.89 -54.44 67.07
CA PHE P 777 22.18 -55.38 68.00
C PHE P 777 23.00 -56.66 68.14
N ASP P 778 24.18 -56.74 67.52
CA ASP P 778 25.15 -57.81 67.71
C ASP P 778 25.25 -58.21 69.18
N ASP P 779 25.34 -57.22 70.06
CA ASP P 779 25.37 -57.48 71.49
C ASP P 779 24.08 -58.15 71.95
N GLU P 780 22.94 -57.66 71.46
CA GLU P 780 21.66 -58.22 71.90
C GLU P 780 21.50 -59.67 71.47
N LEU P 781 21.83 -59.99 70.21
CA LEU P 781 21.75 -61.38 69.78
C LEU P 781 22.81 -62.23 70.47
N LEU P 782 23.93 -61.62 70.87
CA LEU P 782 24.92 -62.33 71.66
C LEU P 782 24.35 -62.72 73.03
N VAL P 783 23.54 -61.85 73.61
CA VAL P 783 22.91 -62.19 74.89
C VAL P 783 21.58 -62.90 74.65
N LEU P 784 20.98 -62.74 73.46
CA LEU P 784 19.67 -63.33 73.21
C LEU P 784 19.74 -64.85 73.07
N SER P 785 20.71 -65.35 72.30
CA SER P 785 20.76 -66.78 72.05
C SER P 785 21.38 -67.51 73.25
N GLY P 786 21.12 -68.81 73.32
CA GLY P 786 21.58 -69.61 74.44
C GLY P 786 22.42 -70.82 74.04
N THR P 787 23.61 -70.93 74.61
CA THR P 787 24.52 -72.03 74.40
C THR P 787 24.91 -72.64 75.75
N PRO P 788 25.30 -73.92 75.78
CA PRO P 788 25.64 -74.53 77.07
C PRO P 788 26.73 -73.81 77.85
N ASP P 789 27.76 -73.28 77.18
CA ASP P 789 28.74 -72.46 77.88
C ASP P 789 28.13 -71.17 78.38
N ASN P 790 27.31 -70.53 77.54
CA ASN P 790 26.52 -69.39 77.99
C ASN P 790 25.65 -69.77 79.18
N ALA P 791 25.01 -70.94 79.12
CA ALA P 791 24.15 -71.36 80.21
C ALA P 791 24.94 -71.56 81.50
N GLU P 792 26.13 -72.15 81.43
CA GLU P 792 26.89 -72.39 82.65
C GLU P 792 27.39 -71.08 83.24
N ILE P 793 27.81 -70.14 82.39
CA ILE P 793 28.22 -68.84 82.91
C ILE P 793 27.04 -68.15 83.59
N ALA P 794 25.87 -68.19 82.95
CA ALA P 794 24.69 -67.56 83.53
C ALA P 794 24.33 -68.21 84.85
N GLU P 795 24.39 -69.54 84.91
CA GLU P 795 24.07 -70.24 86.15
C GLU P 795 25.04 -69.89 87.26
N SER P 796 26.35 -69.84 86.96
CA SER P 796 27.33 -69.48 87.97
C SER P 796 27.07 -68.08 88.51
N ILE P 797 26.86 -67.12 87.60
CA ILE P 797 26.61 -65.75 88.04
C ILE P 797 25.35 -65.70 88.90
N ILE P 798 24.25 -66.29 88.41
CA ILE P 798 22.98 -66.23 89.11
C ILE P 798 23.11 -66.88 90.49
N ALA P 799 23.87 -67.96 90.58
CA ALA P 799 24.10 -68.61 91.87
C ALA P 799 24.84 -67.69 92.83
N GLU P 800 25.84 -66.95 92.32
CA GLU P 800 26.67 -66.19 93.25
C GLU P 800 26.11 -64.79 93.52
N VAL P 801 25.56 -64.12 92.49
CA VAL P 801 25.18 -62.73 92.68
C VAL P 801 23.83 -62.62 93.37
N GLY P 802 22.85 -63.41 92.94
CA GLY P 802 21.50 -63.33 93.49
C GLY P 802 20.44 -63.54 92.43
N ASP P 803 19.31 -62.86 92.62
CA ASP P 803 18.10 -63.11 91.83
C ASP P 803 17.73 -61.99 90.87
N ASP P 804 17.98 -60.73 91.23
CA ASP P 804 17.40 -59.61 90.50
C ASP P 804 17.85 -59.64 89.04
N PRO P 805 17.00 -59.24 88.09
CA PRO P 805 17.34 -59.46 86.68
C PRO P 805 18.48 -58.59 86.16
N ALA P 806 18.51 -57.30 86.49
CA ALA P 806 19.44 -56.36 85.90
C ALA P 806 20.73 -56.19 86.70
N VAL P 807 20.81 -56.73 87.91
CA VAL P 807 22.01 -56.59 88.70
C VAL P 807 23.15 -57.40 88.09
N TRP P 808 22.84 -58.58 87.56
CA TRP P 808 23.89 -59.46 87.05
C TRP P 808 24.23 -59.21 85.59
N LEU P 809 23.32 -58.62 84.81
CA LEU P 809 23.52 -58.51 83.36
C LEU P 809 24.82 -57.82 82.95
N PRO P 810 25.25 -56.72 83.59
CA PRO P 810 26.60 -56.20 83.27
C PRO P 810 27.71 -57.19 83.54
N ILE P 811 27.62 -57.96 84.63
CA ILE P 811 28.63 -58.97 84.93
C ILE P 811 28.63 -60.02 83.83
N PHE P 812 27.44 -60.42 83.38
CA PHE P 812 27.33 -61.36 82.27
C PHE P 812 27.96 -60.80 81.00
N LEU P 813 27.72 -59.52 80.73
CA LEU P 813 28.33 -58.88 79.57
C LEU P 813 29.85 -58.96 79.65
N ASP P 814 30.39 -58.66 80.83
CA ASP P 814 31.85 -58.70 80.98
C ASP P 814 32.40 -60.09 80.77
N ARG P 815 31.76 -61.10 81.37
CA ARG P 815 32.26 -62.46 81.24
C ARG P 815 32.17 -62.96 79.80
N VAL P 816 31.07 -62.65 79.11
CA VAL P 816 30.92 -63.07 77.73
C VAL P 816 31.91 -62.34 76.83
N LYS P 817 32.18 -61.07 77.11
CA LYS P 817 33.20 -60.34 76.36
C LYS P 817 34.56 -60.98 76.56
N ALA P 818 34.87 -61.40 77.79
CA ALA P 818 36.13 -62.09 78.04
C ALA P 818 36.20 -63.40 77.27
N GLU P 819 35.08 -64.14 77.22
CA GLU P 819 35.04 -65.37 76.43
C GLU P 819 35.29 -65.08 74.96
N ARG P 820 34.64 -64.05 74.42
CA ARG P 820 34.84 -63.69 73.01
C ARG P 820 36.25 -63.16 72.78
N SER P 821 36.78 -62.40 73.73
CA SER P 821 38.12 -61.81 73.63
C SER P 821 38.26 -60.97 72.37
N ALA Q 2 -11.93 70.98 -46.31
CA ALA Q 2 -11.18 69.89 -46.92
C ALA Q 2 -11.40 68.60 -46.15
N PHE Q 3 -10.93 67.50 -46.72
CA PHE Q 3 -11.04 66.19 -46.09
C PHE Q 3 -9.82 65.96 -45.22
N GLU Q 4 -10.04 65.91 -43.92
CA GLU Q 4 -8.97 65.66 -42.94
C GLU Q 4 -9.48 64.60 -41.98
N LEU Q 5 -9.13 63.35 -42.23
CA LEU Q 5 -9.49 62.26 -41.34
C LEU Q 5 -8.28 61.52 -40.79
N PHE Q 6 -7.31 61.19 -41.64
CA PHE Q 6 -6.18 60.41 -41.17
C PHE Q 6 -5.19 61.24 -40.36
N THR Q 7 -5.05 62.53 -40.66
CA THR Q 7 -4.19 63.37 -39.82
C THR Q 7 -4.71 63.47 -38.40
N PRO Q 8 -5.97 63.85 -38.14
CA PRO Q 8 -6.43 63.87 -36.74
C PRO Q 8 -6.40 62.52 -36.07
N LEU Q 9 -6.74 61.46 -36.79
CA LEU Q 9 -6.74 60.13 -36.18
C LEU Q 9 -5.34 59.71 -35.80
N PHE Q 10 -4.37 59.93 -36.68
CA PHE Q 10 -2.99 59.56 -36.37
C PHE Q 10 -2.47 60.39 -35.22
N ASN Q 11 -2.78 61.69 -35.19
CA ASN Q 11 -2.33 62.52 -34.08
C ASN Q 11 -2.95 62.06 -32.77
N LYS Q 12 -4.23 61.68 -32.79
CA LYS Q 12 -4.88 61.21 -31.57
C LYS Q 12 -4.23 59.93 -31.07
N ILE Q 13 -3.99 58.98 -31.97
CA ILE Q 13 -3.39 57.71 -31.55
C ILE Q 13 -1.97 57.93 -31.07
N ASP Q 14 -1.24 58.83 -31.72
CA ASP Q 14 0.12 59.12 -31.29
C ASP Q 14 0.14 59.79 -29.92
N GLN Q 15 -0.79 60.71 -29.68
CA GLN Q 15 -0.87 61.31 -28.35
C GLN Q 15 -1.21 60.27 -27.30
N THR Q 16 -2.16 59.38 -27.60
CA THR Q 16 -2.51 58.33 -26.66
C THR Q 16 -1.33 57.45 -26.33
N THR Q 17 -0.62 56.98 -27.36
CA THR Q 17 0.50 56.10 -27.12
C THR Q 17 1.64 56.82 -26.41
N ALA Q 18 1.85 58.09 -26.73
CA ALA Q 18 2.89 58.86 -26.04
C ALA Q 18 2.57 58.99 -24.57
N THR Q 19 1.32 59.30 -24.23
CA THR Q 19 0.97 59.50 -22.84
C THR Q 19 0.99 58.20 -22.04
N TYR Q 20 0.61 57.09 -22.67
CA TYR Q 20 0.38 55.87 -21.89
C TYR Q 20 1.51 54.86 -21.97
N VAL Q 21 2.20 54.73 -23.10
CA VAL Q 21 3.31 53.79 -23.17
C VAL Q 21 4.64 54.52 -23.00
N THR Q 22 4.91 55.48 -23.89
CA THR Q 22 6.22 56.10 -23.95
C THR Q 22 6.52 56.89 -22.68
N ASP Q 23 5.60 57.73 -22.24
CA ASP Q 23 5.86 58.57 -21.08
C ASP Q 23 6.01 57.75 -19.82
N ILE Q 24 5.18 56.71 -19.67
CA ILE Q 24 5.29 55.87 -18.48
C ILE Q 24 6.63 55.14 -18.47
N SER Q 25 7.06 54.61 -19.62
CA SER Q 25 8.34 53.93 -19.66
C SER Q 25 9.48 54.88 -19.34
N SER Q 26 9.41 56.10 -19.92
CA SER Q 26 10.45 57.13 -19.67
C SER Q 26 10.48 57.45 -18.16
N ARG Q 27 9.31 57.69 -17.58
CA ARG Q 27 9.24 58.06 -16.13
C ARG Q 27 9.78 56.90 -15.28
N ALA Q 28 9.41 55.67 -15.62
CA ALA Q 28 9.86 54.49 -14.83
C ALA Q 28 11.38 54.37 -14.91
N ILE Q 29 11.95 54.52 -16.10
CA ILE Q 29 13.44 54.44 -16.25
C ILE Q 29 14.08 55.60 -15.47
N ALA Q 30 13.51 56.81 -15.58
CA ALA Q 30 14.08 57.99 -14.90
C ALA Q 30 14.06 57.74 -13.39
N ALA Q 31 12.98 57.13 -12.90
CA ALA Q 31 12.84 56.86 -11.45
C ALA Q 31 13.88 55.83 -10.98
N ILE Q 32 14.28 54.88 -11.84
CA ILE Q 32 15.18 53.85 -11.35
C ILE Q 32 16.63 54.13 -11.69
N THR Q 33 16.92 55.00 -12.66
CA THR Q 33 18.28 55.16 -13.14
C THR Q 33 19.28 55.56 -12.05
N PRO Q 34 19.04 56.61 -11.24
CA PRO Q 34 20.04 56.97 -10.23
C PRO Q 34 20.24 55.90 -9.18
N VAL Q 35 19.13 55.39 -8.62
CA VAL Q 35 19.22 54.42 -7.55
C VAL Q 35 19.87 53.13 -8.04
N VAL Q 36 19.45 52.64 -9.20
CA VAL Q 36 20.03 51.42 -9.73
C VAL Q 36 21.50 51.64 -10.05
N SER Q 37 21.83 52.82 -10.59
CA SER Q 37 23.25 53.13 -10.93
C SER Q 37 24.12 53.01 -9.66
N VAL Q 38 23.76 53.71 -8.59
CA VAL Q 38 24.56 53.69 -7.33
C VAL Q 38 24.55 52.27 -6.76
N GLY Q 39 23.39 51.60 -6.78
CA GLY Q 39 23.29 50.23 -6.25
C GLY Q 39 24.15 49.26 -7.04
N LEU Q 40 24.15 49.38 -8.37
CA LEU Q 40 24.98 48.50 -9.25
C LEU Q 40 26.45 48.75 -8.93
N THR Q 41 26.83 50.01 -8.77
CA THR Q 41 28.25 50.36 -8.49
C THR Q 41 28.65 49.78 -7.13
N LEU Q 42 27.85 50.03 -6.10
CA LEU Q 42 28.21 49.57 -4.76
C LEU Q 42 28.24 48.05 -4.69
N GLY Q 43 27.32 47.39 -5.39
CA GLY Q 43 27.32 45.94 -5.44
C GLY Q 43 28.56 45.39 -6.12
N PHE Q 44 28.99 46.04 -7.22
CA PHE Q 44 30.23 45.63 -7.85
C PHE Q 44 31.41 45.75 -6.89
N ILE Q 45 31.50 46.87 -6.18
CA ILE Q 45 32.60 47.06 -5.23
C ILE Q 45 32.56 45.98 -4.16
N THR Q 46 31.38 45.73 -3.59
CA THR Q 46 31.25 44.75 -2.54
C THR Q 46 31.64 43.36 -3.01
N TYR Q 47 31.14 42.95 -4.19
CA TYR Q 47 31.44 41.62 -4.67
C TYR Q 47 32.92 41.49 -4.98
N GLY Q 48 33.55 42.55 -5.48
CA GLY Q 48 34.99 42.50 -5.69
C GLY Q 48 35.75 42.27 -4.41
N TRP Q 49 35.41 43.01 -3.36
CA TRP Q 49 36.09 42.81 -2.08
C TRP Q 49 35.87 41.40 -1.55
N LEU Q 50 34.63 40.90 -1.61
CA LEU Q 50 34.36 39.55 -1.11
C LEU Q 50 35.11 38.49 -1.90
N ILE Q 51 35.16 38.60 -3.24
CA ILE Q 51 35.83 37.56 -4.01
C ILE Q 51 37.33 37.60 -3.77
N ILE Q 52 37.90 38.79 -3.58
CA ILE Q 52 39.33 38.83 -3.27
C ILE Q 52 39.59 38.46 -1.81
N ARG Q 53 38.54 38.40 -0.99
CA ARG Q 53 38.69 38.09 0.43
C ARG Q 53 37.85 36.88 0.87
N GLY Q 54 37.88 35.79 0.09
CA GLY Q 54 37.31 34.56 0.57
C GLY Q 54 36.44 33.79 -0.40
N ALA Q 55 35.71 34.47 -1.27
CA ALA Q 55 34.83 33.77 -2.18
C ALA Q 55 35.62 33.18 -3.35
N VAL Q 56 34.97 32.28 -4.10
CA VAL Q 56 35.59 31.71 -5.28
C VAL Q 56 35.65 32.76 -6.38
N GLU Q 57 36.84 32.97 -6.95
CA GLU Q 57 37.04 34.06 -7.89
C GLU Q 57 38.06 33.69 -8.96
N MET Q 58 37.83 34.19 -10.17
CA MET Q 58 38.86 34.28 -11.19
C MET Q 58 39.17 35.76 -11.37
N PRO Q 59 40.25 36.26 -10.81
CA PRO Q 59 40.34 37.69 -10.49
C PRO Q 59 40.25 38.61 -11.70
N VAL Q 60 41.09 38.41 -12.70
CA VAL Q 60 41.25 39.38 -13.77
C VAL Q 60 40.47 39.02 -15.03
N ALA Q 61 40.33 37.73 -15.35
CA ALA Q 61 39.63 37.37 -16.57
C ALA Q 61 38.12 37.33 -16.37
N GLU Q 62 37.65 36.43 -15.51
CA GLU Q 62 36.22 36.20 -15.42
C GLU Q 62 35.51 37.36 -14.77
N PHE Q 63 36.09 37.96 -13.74
CA PHE Q 63 35.41 39.07 -13.07
C PHE Q 63 35.26 40.25 -14.00
N LEU Q 64 36.35 40.65 -14.67
CA LEU Q 64 36.27 41.77 -15.59
C LEU Q 64 35.30 41.46 -16.74
N ASN Q 65 35.36 40.25 -17.29
CA ASN Q 65 34.49 39.92 -18.42
C ASN Q 65 33.02 39.96 -18.02
N ARG Q 66 32.68 39.32 -16.90
CA ARG Q 66 31.28 39.29 -16.46
C ARG Q 66 30.81 40.69 -16.10
N CYS Q 67 31.64 41.46 -15.41
CA CYS Q 67 31.26 42.83 -15.06
C CYS Q 67 31.02 43.66 -16.31
N LEU Q 68 31.87 43.52 -17.33
CA LEU Q 68 31.68 44.27 -18.56
C LEU Q 68 30.40 43.86 -19.26
N ARG Q 69 30.10 42.56 -19.30
CA ARG Q 69 28.85 42.14 -19.90
C ARG Q 69 27.66 42.79 -19.21
N ILE Q 70 27.60 42.67 -17.88
CA ILE Q 70 26.47 43.24 -17.15
C ILE Q 70 26.40 44.74 -17.37
N GLY Q 71 27.54 45.42 -17.34
CA GLY Q 71 27.56 46.85 -17.50
C GLY Q 71 27.08 47.31 -18.85
N ILE Q 72 27.54 46.66 -19.92
CA ILE Q 72 27.13 47.06 -21.26
C ILE Q 72 25.64 46.82 -21.44
N ILE Q 73 25.15 45.67 -20.99
CA ILE Q 73 23.73 45.36 -21.18
C ILE Q 73 22.86 46.32 -20.40
N VAL Q 74 23.25 46.62 -19.16
CA VAL Q 74 22.48 47.56 -18.35
C VAL Q 74 22.55 48.95 -18.94
N SER Q 75 23.70 49.32 -19.49
CA SER Q 75 23.82 50.64 -20.11
C SER Q 75 22.88 50.77 -21.30
N ILE Q 76 22.70 49.70 -22.07
CA ILE Q 76 21.83 49.84 -23.26
C ILE Q 76 20.38 49.91 -22.76
N ALA Q 77 20.00 49.06 -21.82
CA ALA Q 77 18.59 49.02 -21.37
C ALA Q 77 18.20 50.33 -20.72
N LEU Q 78 19.05 50.84 -19.85
CA LEU Q 78 18.76 52.13 -19.18
C LEU Q 78 18.76 53.25 -20.24
N ALA Q 79 19.59 53.14 -21.28
CA ALA Q 79 19.64 54.14 -22.37
C ALA Q 79 18.35 54.09 -23.18
N GLY Q 80 17.60 53.00 -23.09
CA GLY Q 80 16.28 52.91 -23.75
C GLY Q 80 15.36 53.92 -23.11
N GLY Q 81 15.78 54.53 -21.99
CA GLY Q 81 15.04 55.60 -21.31
C GLY Q 81 14.88 56.81 -22.19
N LEU Q 82 15.72 57.00 -23.21
CA LEU Q 82 15.50 58.09 -24.18
C LEU Q 82 14.46 57.59 -25.18
N TYR Q 83 13.25 57.25 -24.72
CA TYR Q 83 12.16 56.71 -25.59
C TYR Q 83 11.62 57.77 -26.55
N GLN Q 84 11.60 59.04 -26.13
CA GLN Q 84 10.99 60.10 -26.96
C GLN Q 84 11.69 60.15 -28.31
N GLY Q 85 13.00 59.95 -28.36
CA GLY Q 85 13.69 59.89 -29.65
C GLY Q 85 13.19 58.74 -30.52
N GLU Q 86 12.96 57.57 -29.94
CA GLU Q 86 12.60 56.39 -30.76
C GLU Q 86 11.16 56.49 -31.26
N ILE Q 87 10.26 57.09 -30.48
CA ILE Q 87 8.87 57.28 -30.90
C ILE Q 87 8.80 58.31 -32.02
N ALA Q 88 9.55 59.41 -31.89
CA ALA Q 88 9.61 60.37 -32.98
C ALA Q 88 10.22 59.75 -34.22
N ASN Q 89 11.18 58.85 -34.03
CA ASN Q 89 11.81 58.20 -35.18
C ASN Q 89 10.82 57.38 -35.97
N ALA Q 90 9.94 56.65 -35.29
CA ALA Q 90 8.92 55.88 -36.00
C ALA Q 90 7.93 56.80 -36.70
N ILE Q 91 7.43 57.81 -35.97
CA ILE Q 91 6.45 58.73 -36.52
C ILE Q 91 7.00 59.49 -37.70
N THR Q 92 8.32 59.64 -37.79
CA THR Q 92 8.93 60.26 -38.95
C THR Q 92 9.40 59.26 -40.00
N THR Q 93 9.57 57.99 -39.62
CA THR Q 93 9.93 56.98 -40.60
C THR Q 93 8.78 56.73 -41.56
N VAL Q 94 7.55 56.80 -41.06
CA VAL Q 94 6.40 56.63 -41.96
C VAL Q 94 6.37 57.68 -43.07
N PRO Q 95 6.42 58.98 -42.79
CA PRO Q 95 6.25 59.96 -43.88
C PRO Q 95 7.44 60.06 -44.81
N ASP Q 96 8.65 59.92 -44.28
CA ASP Q 96 9.82 60.02 -45.16
C ASP Q 96 9.79 58.96 -46.23
N GLU Q 97 9.44 57.74 -45.86
CA GLU Q 97 9.35 56.67 -46.84
C GLU Q 97 8.17 56.87 -47.77
N LEU Q 98 6.99 57.16 -47.23
CA LEU Q 98 5.81 57.18 -48.09
C LEU Q 98 5.82 58.39 -49.01
N ALA Q 99 6.56 59.44 -48.66
CA ALA Q 99 6.47 60.70 -49.39
C ALA Q 99 7.08 60.60 -50.78
N SER Q 100 8.31 60.07 -50.88
CA SER Q 100 8.96 60.09 -52.18
C SER Q 100 9.81 58.86 -52.49
N ALA Q 101 9.82 57.82 -51.64
CA ALA Q 101 10.71 56.69 -51.88
C ALA Q 101 10.36 55.96 -53.16
N LEU Q 102 9.08 55.74 -53.43
CA LEU Q 102 8.63 55.05 -54.62
C LEU Q 102 7.67 55.84 -55.47
N LEU Q 103 7.20 57.01 -55.01
CA LEU Q 103 6.26 57.79 -55.80
C LEU Q 103 6.92 58.32 -57.06
N GLY Q 104 8.20 58.68 -56.99
CA GLY Q 104 8.89 59.20 -58.15
C GLY Q 104 8.58 60.66 -58.39
N ASN Q 105 7.30 60.99 -58.53
CA ASN Q 105 6.91 62.39 -58.65
C ASN Q 105 7.28 63.12 -57.37
N PRO Q 106 8.03 64.23 -57.45
CA PRO Q 106 8.50 64.88 -56.24
C PRO Q 106 7.36 65.52 -55.45
N THR Q 107 7.35 65.27 -54.15
CA THR Q 107 6.43 65.93 -53.22
C THR Q 107 7.27 66.83 -52.32
N GLN Q 108 6.83 68.07 -52.15
CA GLN Q 108 7.61 69.04 -51.39
C GLN Q 108 7.81 68.58 -49.96
N GLY Q 109 6.72 68.26 -49.27
CA GLY Q 109 6.80 67.74 -47.92
C GLY Q 109 5.42 67.50 -47.33
N ALA Q 110 5.22 66.34 -46.73
CA ALA Q 110 3.92 65.95 -46.20
C ALA Q 110 4.12 64.68 -45.38
N SER Q 111 2.99 64.05 -44.99
CA SER Q 111 3.02 62.85 -44.11
C SER Q 111 2.77 61.54 -44.86
N ALA Q 112 2.05 60.59 -44.25
CA ALA Q 112 1.86 59.25 -44.86
C ALA Q 112 0.38 58.87 -44.97
N ALA Q 113 -0.33 58.71 -43.84
CA ALA Q 113 -1.80 58.49 -43.82
C ALA Q 113 -2.43 59.46 -44.80
N ALA Q 114 -1.91 60.67 -44.93
CA ALA Q 114 -2.26 61.65 -45.95
C ALA Q 114 -2.66 60.98 -47.25
N LEU Q 115 -1.84 60.03 -47.73
CA LEU Q 115 -2.14 59.40 -49.02
C LEU Q 115 -3.38 58.52 -48.92
N VAL Q 116 -3.55 57.81 -47.81
CA VAL Q 116 -4.77 57.04 -47.64
C VAL Q 116 -5.97 57.96 -47.67
N ASP Q 117 -5.85 59.13 -47.03
CA ASP Q 117 -6.94 60.08 -47.02
C ASP Q 117 -7.25 60.61 -48.41
N GLN Q 118 -6.23 60.89 -49.21
CA GLN Q 118 -6.49 61.40 -50.56
C GLN Q 118 -7.20 60.37 -51.43
N SER Q 119 -6.72 59.12 -51.41
CA SER Q 119 -7.38 58.10 -52.21
C SER Q 119 -8.81 57.84 -51.74
N ALA Q 120 -9.00 57.76 -50.43
CA ALA Q 120 -10.34 57.59 -49.90
C ALA Q 120 -11.23 58.77 -50.26
N GLN Q 121 -10.66 59.97 -50.32
CA GLN Q 121 -11.42 61.13 -50.72
C GLN Q 121 -11.88 61.01 -52.17
N GLN Q 122 -11.02 60.50 -53.05
CA GLN Q 122 -11.44 60.31 -54.43
C GLN Q 122 -12.60 59.33 -54.51
N GLY Q 123 -12.48 58.20 -53.80
CA GLY Q 123 -13.57 57.24 -53.81
C GLY Q 123 -14.87 57.81 -53.26
N PHE Q 124 -14.76 58.51 -52.13
CA PHE Q 124 -15.96 59.05 -51.50
C PHE Q 124 -16.56 60.19 -52.30
N ASP Q 125 -15.74 60.92 -53.07
CA ASP Q 125 -16.27 61.92 -53.96
C ASP Q 125 -17.07 61.28 -55.08
N ARG Q 126 -16.59 60.17 -55.62
CA ARG Q 126 -17.39 59.46 -56.62
C ARG Q 126 -18.70 58.97 -56.02
N ALA Q 127 -18.65 58.45 -54.79
CA ALA Q 127 -19.88 58.03 -54.13
C ALA Q 127 -20.83 59.20 -53.92
N SER Q 128 -20.29 60.36 -53.56
CA SER Q 128 -21.11 61.54 -53.36
C SER Q 128 -21.76 61.99 -54.66
N GLU Q 129 -21.03 61.90 -55.77
CA GLU Q 129 -21.63 62.22 -57.06
C GLU Q 129 -22.74 61.25 -57.40
N ALA Q 130 -22.55 59.98 -57.07
CA ALA Q 130 -23.63 59.01 -57.28
C ALA Q 130 -24.85 59.36 -56.46
N PHE Q 131 -24.63 59.77 -55.20
CA PHE Q 131 -25.76 60.18 -54.35
C PHE Q 131 -26.46 61.41 -54.92
N GLU Q 132 -25.69 62.34 -55.47
CA GLU Q 132 -26.27 63.52 -56.09
C GLU Q 132 -27.14 63.13 -57.28
N GLU Q 133 -26.67 62.20 -58.10
CA GLU Q 133 -27.48 61.72 -59.21
C GLU Q 133 -28.74 61.04 -58.70
N ALA Q 134 -28.62 60.29 -57.61
CA ALA Q 134 -29.80 59.69 -57.00
C ALA Q 134 -30.79 60.76 -56.55
N GLY Q 135 -30.28 61.86 -56.04
CA GLY Q 135 -31.16 62.97 -55.66
C GLY Q 135 -31.86 63.59 -56.85
N PHE Q 136 -31.16 63.66 -57.99
CA PHE Q 136 -31.76 64.26 -59.18
C PHE Q 136 -32.99 63.46 -59.63
N PHE Q 137 -32.83 62.16 -59.82
CA PHE Q 137 -33.94 61.28 -60.18
C PHE Q 137 -34.67 60.90 -58.91
N SER Q 138 -35.81 61.53 -58.64
CA SER Q 138 -36.53 61.28 -57.40
C SER Q 138 -36.87 59.80 -57.26
N SER Q 139 -37.74 59.31 -58.12
CA SER Q 139 -37.85 57.88 -58.33
C SER Q 139 -36.97 57.49 -59.51
N ASP Q 140 -36.73 56.19 -59.67
CA ASP Q 140 -35.74 55.69 -60.62
C ASP Q 140 -34.37 56.28 -60.33
N GLY Q 141 -34.09 56.52 -59.05
CA GLY Q 141 -32.83 57.11 -58.66
C GLY Q 141 -32.11 56.32 -57.61
N LEU Q 142 -32.82 55.37 -56.98
CA LEU Q 142 -32.17 54.57 -55.95
C LEU Q 142 -31.13 53.62 -56.54
N LEU Q 143 -31.16 53.40 -57.84
CA LEU Q 143 -30.05 52.68 -58.48
C LEU Q 143 -28.74 53.41 -58.28
N TYR Q 144 -28.76 54.73 -58.44
CA TYR Q 144 -27.56 55.51 -58.16
C TYR Q 144 -27.20 55.49 -56.69
N GLY Q 145 -28.19 55.38 -55.82
CA GLY Q 145 -27.90 55.21 -54.41
C GLY Q 145 -27.16 53.92 -54.14
N LEU Q 146 -27.59 52.83 -54.78
CA LEU Q 146 -26.89 51.56 -54.62
C LEU Q 146 -25.47 51.63 -55.19
N PHE Q 147 -25.31 52.33 -56.32
CA PHE Q 147 -23.96 52.54 -56.86
C PHE Q 147 -23.08 53.26 -55.85
N GLY Q 148 -23.62 54.32 -55.24
CA GLY Q 148 -22.86 55.06 -54.25
C GLY Q 148 -22.53 54.23 -53.04
N ILE Q 149 -23.47 53.38 -52.62
CA ILE Q 149 -23.23 52.48 -51.45
C ILE Q 149 -22.05 51.56 -51.80
N ILE Q 150 -22.08 50.94 -52.99
CA ILE Q 150 -21.01 49.97 -53.36
C ILE Q 150 -19.66 50.68 -53.43
N ILE Q 151 -19.61 51.88 -54.02
CA ILE Q 151 -18.35 52.65 -54.11
C ILE Q 151 -17.88 52.95 -52.69
N LEU Q 152 -18.78 53.47 -51.84
CA LEU Q 152 -18.42 53.83 -50.48
C LEU Q 152 -17.90 52.62 -49.71
N LEU Q 153 -18.57 51.48 -49.85
CA LEU Q 153 -18.13 50.29 -49.13
C LEU Q 153 -16.79 49.80 -49.64
N ALA Q 154 -16.58 49.77 -50.96
CA ALA Q 154 -15.29 49.32 -51.48
C ALA Q 154 -14.16 50.19 -50.96
N THR Q 155 -14.31 51.50 -51.09
CA THR Q 155 -13.28 52.42 -50.62
C THR Q 155 -13.04 52.27 -49.12
N GLY Q 156 -14.13 52.21 -48.34
CA GLY Q 156 -13.99 52.15 -46.91
C GLY Q 156 -13.35 50.86 -46.42
N LEU Q 157 -13.78 49.72 -46.97
CA LEU Q 157 -13.15 48.46 -46.62
C LEU Q 157 -11.66 48.47 -46.92
N LEU Q 158 -11.27 48.90 -48.13
CA LEU Q 158 -9.85 48.87 -48.44
C LEU Q 158 -9.05 49.77 -47.51
N ALA Q 159 -9.49 51.02 -47.36
CA ALA Q 159 -8.76 51.97 -46.53
C ALA Q 159 -8.72 51.50 -45.08
N ALA Q 160 -9.83 50.99 -44.57
CA ALA Q 160 -9.90 50.60 -43.17
C ALA Q 160 -8.97 49.42 -42.90
N ILE Q 161 -8.99 48.43 -43.81
CA ILE Q 161 -8.13 47.23 -43.67
C ILE Q 161 -6.66 47.67 -43.60
N GLY Q 162 -6.21 48.51 -44.54
CA GLY Q 162 -4.81 48.90 -44.58
C GLY Q 162 -4.42 49.78 -43.39
N GLY Q 163 -5.22 50.79 -43.11
CA GLY Q 163 -4.91 51.69 -42.02
C GLY Q 163 -4.93 50.99 -40.68
N ALA Q 164 -5.80 50.01 -40.51
CA ALA Q 164 -5.88 49.32 -39.24
C ALA Q 164 -4.66 48.45 -39.02
N PHE Q 165 -4.16 47.80 -40.08
CA PHE Q 165 -2.92 47.05 -39.87
C PHE Q 165 -1.73 47.97 -39.64
N LEU Q 166 -1.71 49.14 -40.28
CA LEU Q 166 -0.67 50.13 -39.95
C LEU Q 166 -0.76 50.55 -38.49
N LEU Q 167 -1.98 50.78 -38.00
CA LEU Q 167 -2.16 51.16 -36.60
C LEU Q 167 -1.70 50.05 -35.67
N LEU Q 168 -2.01 48.80 -35.99
CA LEU Q 168 -1.58 47.69 -35.16
C LEU Q 168 -0.06 47.63 -35.10
N ALA Q 169 0.60 47.80 -36.25
CA ALA Q 169 2.05 47.79 -36.26
C ALA Q 169 2.62 48.91 -35.40
N LYS Q 170 2.07 50.12 -35.52
CA LYS Q 170 2.60 51.24 -34.77
C LYS Q 170 2.40 51.06 -33.27
N ILE Q 171 1.20 50.62 -32.86
CA ILE Q 171 0.93 50.42 -31.45
C ILE Q 171 1.84 49.33 -30.87
N ALA Q 172 1.97 48.23 -31.60
CA ALA Q 172 2.82 47.14 -31.11
C ALA Q 172 4.26 47.59 -31.00
N LEU Q 173 4.75 48.34 -31.98
CA LEU Q 173 6.14 48.80 -31.91
C LEU Q 173 6.34 49.78 -30.76
N ALA Q 174 5.35 50.63 -30.49
CA ALA Q 174 5.45 51.53 -29.36
C ALA Q 174 5.51 50.76 -28.05
N LEU Q 175 4.64 49.77 -27.90
CA LEU Q 175 4.62 48.99 -26.67
C LEU Q 175 5.92 48.21 -26.49
N LEU Q 176 6.44 47.62 -27.56
CA LEU Q 176 7.69 46.88 -27.47
C LEU Q 176 8.86 47.80 -27.15
N ALA Q 177 8.91 48.97 -27.78
CA ALA Q 177 9.99 49.91 -27.48
C ALA Q 177 9.91 50.36 -26.04
N GLY Q 178 8.70 50.55 -25.51
CA GLY Q 178 8.57 50.92 -24.12
C GLY Q 178 9.04 49.83 -23.18
N LEU Q 179 8.68 48.58 -23.47
CA LEU Q 179 9.07 47.47 -22.61
C LEU Q 179 10.47 46.97 -22.89
N GLY Q 180 11.16 47.55 -23.87
CA GLY Q 180 12.50 47.16 -24.24
C GLY Q 180 13.48 46.92 -23.10
N PRO Q 181 13.68 47.93 -22.24
CA PRO Q 181 14.75 47.80 -21.23
C PRO Q 181 14.63 46.58 -20.34
N LEU Q 182 13.41 46.16 -19.99
CA LEU Q 182 13.28 44.96 -19.19
C LEU Q 182 13.85 43.75 -19.91
N PHE Q 183 13.55 43.60 -21.18
CA PHE Q 183 14.04 42.44 -21.93
C PHE Q 183 15.50 42.59 -22.34
N ILE Q 184 16.03 43.82 -22.32
CA ILE Q 184 17.49 43.97 -22.56
C ILE Q 184 18.18 43.43 -21.31
N LEU Q 185 17.58 43.65 -20.13
CA LEU Q 185 18.14 43.12 -18.86
C LEU Q 185 18.10 41.59 -18.85
N ALA Q 186 17.18 40.99 -19.62
CA ALA Q 186 17.05 39.51 -19.68
C ALA Q 186 18.34 38.90 -20.22
N LEU Q 187 19.11 39.66 -21.00
CA LEU Q 187 20.40 39.19 -21.56
C LEU Q 187 21.34 38.85 -20.38
N ILE Q 188 21.28 39.63 -19.29
CA ILE Q 188 22.19 39.42 -18.13
C ILE Q 188 21.97 38.02 -17.56
N TRP Q 189 20.72 37.57 -17.44
CA TRP Q 189 20.46 36.26 -16.79
C TRP Q 189 20.31 35.15 -17.84
N GLN Q 190 21.12 34.09 -17.71
CA GLN Q 190 21.01 32.93 -18.63
C GLN Q 190 19.58 32.36 -18.60
N PRO Q 191 18.93 32.05 -17.43
CA PRO Q 191 17.55 31.55 -17.48
C PRO Q 191 16.59 32.46 -18.20
N THR Q 192 16.87 33.77 -18.22
CA THR Q 192 15.97 34.76 -18.79
C THR Q 192 16.40 35.23 -20.18
N HIS Q 193 17.23 34.45 -20.88
CA HIS Q 193 17.60 34.82 -22.24
C HIS Q 193 16.46 34.61 -23.22
N ARG Q 194 15.59 33.64 -22.95
CA ARG Q 194 14.50 33.36 -23.87
C ARG Q 194 13.54 34.53 -23.96
N PHE Q 195 13.42 35.32 -22.89
CA PHE Q 195 12.57 36.49 -22.95
C PHE Q 195 13.09 37.49 -23.96
N PHE Q 196 14.39 37.73 -23.96
CA PHE Q 196 14.96 38.64 -24.95
C PHE Q 196 14.81 38.07 -26.35
N ASP Q 197 14.98 36.76 -26.50
CA ASP Q 197 14.82 36.17 -27.83
C ASP Q 197 13.40 36.38 -28.36
N GLN Q 198 12.40 36.16 -27.51
CA GLN Q 198 11.02 36.33 -27.94
C GLN Q 198 10.69 37.79 -28.22
N TRP Q 199 11.20 38.70 -27.38
CA TRP Q 199 10.98 40.12 -27.61
C TRP Q 199 11.59 40.55 -28.94
N ALA Q 200 12.80 40.10 -29.23
CA ALA Q 200 13.44 40.43 -30.50
C ALA Q 200 12.64 39.87 -31.67
N GLN Q 201 12.12 38.65 -31.52
CA GLN Q 201 11.35 38.08 -32.62
C GLN Q 201 10.09 38.87 -32.89
N GLN Q 202 9.39 39.29 -31.84
CA GLN Q 202 8.20 40.12 -32.04
C GLN Q 202 8.55 41.47 -32.64
N VAL Q 203 9.66 42.07 -32.21
CA VAL Q 203 10.07 43.34 -32.78
C VAL Q 203 10.32 43.19 -34.27
N LEU Q 204 11.03 42.13 -34.66
CA LEU Q 204 11.28 41.88 -36.07
C LEU Q 204 9.98 41.63 -36.82
N ASN Q 205 9.06 40.88 -36.20
CA ASN Q 205 7.77 40.61 -36.82
C ASN Q 205 7.06 41.90 -37.16
N TYR Q 206 6.92 42.79 -36.19
CA TYR Q 206 6.14 43.99 -36.43
C TYR Q 206 6.88 45.01 -37.28
N GLY Q 207 8.22 45.02 -37.25
CA GLY Q 207 8.96 45.87 -38.16
C GLY Q 207 8.81 45.44 -39.62
N LEU Q 208 8.93 44.14 -39.88
CA LEU Q 208 8.65 43.65 -41.22
C LEU Q 208 7.20 43.94 -41.59
N LEU Q 209 6.30 43.82 -40.61
CA LEU Q 209 4.89 44.06 -40.85
C LEU Q 209 4.69 45.47 -41.37
N ILE Q 210 5.28 46.44 -40.67
CA ILE Q 210 5.09 47.84 -41.01
C ILE Q 210 5.74 48.17 -42.34
N VAL Q 211 6.91 47.58 -42.62
CA VAL Q 211 7.56 47.83 -43.90
C VAL Q 211 6.68 47.35 -45.05
N LEU Q 212 6.19 46.12 -44.94
CA LEU Q 212 5.37 45.55 -46.01
C LEU Q 212 4.09 46.34 -46.23
N PHE Q 213 3.37 46.67 -45.15
CA PHE Q 213 2.16 47.46 -45.35
C PHE Q 213 2.44 48.85 -45.87
N ALA Q 214 3.42 49.55 -45.31
CA ALA Q 214 3.77 50.85 -45.87
C ALA Q 214 3.91 50.75 -47.38
N ALA Q 215 4.82 49.90 -47.85
CA ALA Q 215 5.10 49.84 -49.28
C ALA Q 215 3.88 49.40 -50.09
N VAL Q 216 3.40 48.18 -49.85
CA VAL Q 216 2.37 47.60 -50.69
C VAL Q 216 1.07 48.39 -50.59
N PHE Q 217 0.68 48.76 -49.37
CA PHE Q 217 -0.53 49.53 -49.17
C PHE Q 217 -0.46 50.87 -49.88
N GLY Q 218 0.68 51.56 -49.79
CA GLY Q 218 0.79 52.81 -50.52
C GLY Q 218 0.60 52.62 -52.01
N LEU Q 219 1.26 51.60 -52.57
CA LEU Q 219 1.13 51.36 -54.00
C LEU Q 219 -0.32 51.06 -54.38
N LEU Q 220 -0.96 50.15 -53.66
CA LEU Q 220 -2.30 49.72 -54.02
C LEU Q 220 -3.31 50.84 -53.83
N MET Q 221 -3.18 51.60 -52.75
CA MET Q 221 -4.12 52.68 -52.51
C MET Q 221 -3.92 53.82 -53.49
N GLN Q 222 -2.70 54.08 -53.93
CA GLN Q 222 -2.50 55.08 -54.96
C GLN Q 222 -3.11 54.63 -56.28
N ILE Q 223 -2.98 53.35 -56.62
CA ILE Q 223 -3.61 52.84 -57.84
C ILE Q 223 -5.13 53.00 -57.76
N PHE Q 224 -5.70 52.61 -56.62
CA PHE Q 224 -7.14 52.72 -56.44
C PHE Q 224 -7.59 54.17 -56.49
N GLY Q 225 -6.82 55.07 -55.89
CA GLY Q 225 -7.16 56.47 -55.93
C GLY Q 225 -7.16 57.03 -57.33
N SER Q 226 -6.16 56.69 -58.13
CA SER Q 226 -6.11 57.16 -59.51
C SER Q 226 -7.31 56.62 -60.29
N TYR Q 227 -7.60 55.33 -60.14
CA TYR Q 227 -8.73 54.75 -60.86
C TYR Q 227 -10.03 55.44 -60.51
N MET Q 228 -10.28 55.65 -59.21
CA MET Q 228 -11.51 56.33 -58.82
C MET Q 228 -11.51 57.78 -59.27
N ALA Q 229 -10.35 58.43 -59.27
CA ALA Q 229 -10.29 59.81 -59.71
C ALA Q 229 -10.60 59.95 -61.18
N ASP Q 230 -10.46 58.88 -61.96
CA ASP Q 230 -10.83 58.95 -63.36
C ASP Q 230 -12.27 58.50 -63.62
N LEU Q 231 -13.02 58.13 -62.58
CA LEU Q 231 -14.39 57.65 -62.76
C LEU Q 231 -15.36 58.81 -62.92
N ARG Q 232 -16.30 58.65 -63.85
CA ARG Q 232 -17.26 59.70 -64.17
C ARG Q 232 -18.59 59.08 -64.57
N PHE Q 233 -19.68 59.71 -64.13
CA PHE Q 233 -21.02 59.32 -64.56
C PHE Q 233 -21.49 60.13 -65.76
N ASP Q 234 -20.67 60.19 -66.80
CA ASP Q 234 -21.05 60.88 -68.02
C ASP Q 234 -21.71 59.90 -68.97
N GLY Q 235 -22.02 60.36 -70.17
CA GLY Q 235 -22.61 59.48 -71.13
C GLY Q 235 -21.65 58.60 -71.90
N ALA Q 236 -20.36 58.69 -71.60
CA ALA Q 236 -19.34 57.99 -72.36
C ALA Q 236 -18.69 56.83 -71.62
N GLN Q 237 -18.94 56.70 -70.31
CA GLN Q 237 -18.35 55.65 -69.51
C GLN Q 237 -19.42 54.65 -69.11
N ASN Q 238 -19.13 53.36 -69.29
CA ASN Q 238 -20.06 52.33 -68.88
C ASN Q 238 -20.06 52.22 -67.38
N VAL Q 239 -21.23 52.42 -66.77
CA VAL Q 239 -21.33 52.41 -65.31
C VAL Q 239 -20.95 51.04 -64.77
N ALA Q 240 -21.42 49.99 -65.42
CA ALA Q 240 -21.10 48.64 -64.97
C ALA Q 240 -19.60 48.39 -65.00
N TYR Q 241 -18.94 48.79 -66.09
CA TYR Q 241 -17.49 48.60 -66.18
C TYR Q 241 -16.77 49.32 -65.07
N ALA Q 242 -17.16 50.57 -64.79
CA ALA Q 242 -16.47 51.37 -63.80
C ALA Q 242 -16.67 50.80 -62.39
N ILE Q 243 -17.92 50.49 -62.03
CA ILE Q 243 -18.17 49.94 -60.70
C ILE Q 243 -17.51 48.59 -60.54
N GLY Q 244 -17.51 47.78 -61.60
CA GLY Q 244 -16.84 46.49 -61.53
C GLY Q 244 -15.35 46.64 -61.35
N GLY Q 245 -14.73 47.58 -62.07
CA GLY Q 245 -13.32 47.83 -61.85
C GLY Q 245 -13.03 48.28 -60.44
N SER Q 246 -13.90 49.11 -59.88
CA SER Q 246 -13.71 49.55 -58.50
C SER Q 246 -13.75 48.37 -57.54
N VAL Q 247 -14.76 47.50 -57.66
CA VAL Q 247 -14.88 46.40 -56.72
C VAL Q 247 -13.74 45.40 -56.92
N ILE Q 248 -13.33 45.18 -58.17
CA ILE Q 248 -12.22 44.25 -58.43
C ILE Q 248 -10.94 44.77 -57.81
N LEU Q 249 -10.63 46.06 -58.01
CA LEU Q 249 -9.43 46.62 -57.42
C LEU Q 249 -9.49 46.54 -55.90
N SER Q 250 -10.64 46.88 -55.31
CA SER Q 250 -10.77 46.83 -53.87
C SER Q 250 -10.52 45.44 -53.34
N ILE Q 251 -11.16 44.43 -53.93
CA ILE Q 251 -11.04 43.08 -53.40
C ILE Q 251 -9.64 42.52 -53.62
N VAL Q 252 -9.03 42.82 -54.78
CA VAL Q 252 -7.66 42.37 -55.03
C VAL Q 252 -6.72 42.93 -53.97
N SER Q 253 -6.82 44.23 -53.72
CA SER Q 253 -5.96 44.85 -52.72
C SER Q 253 -6.21 44.25 -51.35
N ILE Q 254 -7.48 44.01 -51.00
CA ILE Q 254 -7.80 43.50 -49.68
C ILE Q 254 -7.20 42.11 -49.48
N VAL Q 255 -7.34 41.24 -50.47
CA VAL Q 255 -6.84 39.87 -50.25
C VAL Q 255 -5.32 39.85 -50.22
N LEU Q 256 -4.65 40.66 -51.06
CA LEU Q 256 -3.20 40.75 -50.94
C LEU Q 256 -2.80 41.20 -49.54
N LEU Q 257 -3.39 42.29 -49.07
CA LEU Q 257 -3.05 42.81 -47.76
C LEU Q 257 -3.34 41.81 -46.65
N MET Q 258 -4.35 40.96 -46.84
CA MET Q 258 -4.60 39.90 -45.89
C MET Q 258 -3.58 38.79 -45.93
N GLN Q 259 -2.92 38.58 -47.06
CA GLN Q 259 -1.82 37.63 -47.05
C GLN Q 259 -0.54 38.18 -46.45
N LEU Q 260 -0.33 39.50 -46.47
CA LEU Q 260 0.92 40.03 -45.91
C LEU Q 260 1.20 39.68 -44.44
N PRO Q 261 0.27 39.75 -43.50
CA PRO Q 261 0.65 39.50 -42.09
C PRO Q 261 1.25 38.12 -41.86
N SER Q 262 0.70 37.11 -42.52
CA SER Q 262 1.26 35.77 -42.39
C SER Q 262 2.68 35.73 -42.93
N ILE Q 263 2.94 36.45 -44.02
CA ILE Q 263 4.30 36.51 -44.56
C ILE Q 263 5.25 37.14 -43.54
N ALA Q 264 4.82 38.24 -42.91
CA ALA Q 264 5.70 38.87 -41.93
C ALA Q 264 6.00 37.96 -40.75
N SER Q 265 4.96 37.32 -40.21
CA SER Q 265 5.16 36.42 -39.08
C SER Q 265 6.03 35.23 -39.48
N GLY Q 266 5.84 34.71 -40.68
CA GLY Q 266 6.63 33.60 -41.14
C GLY Q 266 8.09 33.95 -41.33
N LEU Q 267 8.37 35.15 -41.85
CA LEU Q 267 9.76 35.58 -41.97
C LEU Q 267 10.40 35.74 -40.61
N ALA Q 268 9.67 36.34 -39.67
CA ALA Q 268 10.21 36.50 -38.33
C ALA Q 268 10.52 35.16 -37.69
N GLY Q 269 9.63 34.18 -37.88
CA GLY Q 269 9.91 32.84 -37.40
C GLY Q 269 11.05 32.17 -38.12
N GLY Q 270 11.19 32.43 -39.42
CA GLY Q 270 12.26 31.81 -40.18
C GLY Q 270 13.62 32.26 -39.73
N ILE Q 271 13.79 33.56 -39.48
CA ILE Q 271 15.02 34.00 -38.84
C ILE Q 271 15.07 33.40 -37.43
N GLY Q 272 16.19 32.78 -37.10
CA GLY Q 272 16.29 31.99 -35.89
C GLY Q 272 15.92 32.71 -34.61
N LEU Q 273 16.73 33.69 -34.22
CA LEU Q 273 16.51 34.48 -33.01
C LEU Q 273 16.25 33.61 -31.78
N GLN R 13 -34.53 -50.27 25.37
CA GLN R 13 -33.79 -49.57 26.42
C GLN R 13 -33.51 -48.13 26.01
N LEU R 14 -32.70 -47.44 26.80
CA LEU R 14 -32.34 -46.06 26.48
C LEU R 14 -31.59 -45.99 25.16
N LYS R 15 -30.60 -46.88 24.98
CA LYS R 15 -29.91 -47.06 23.70
C LYS R 15 -29.33 -45.76 23.17
N SER R 16 -28.75 -44.95 24.07
CA SER R 16 -28.13 -43.71 23.64
C SER R 16 -27.05 -43.36 24.64
N TYR R 17 -25.79 -43.42 24.20
CA TYR R 17 -24.67 -43.14 25.09
C TYR R 17 -24.77 -41.74 25.68
N TYR R 18 -25.20 -40.77 24.88
CA TYR R 18 -25.49 -39.45 25.43
C TYR R 18 -26.56 -39.54 26.50
N GLU R 19 -27.61 -40.33 26.27
CA GLU R 19 -28.69 -40.41 27.24
C GLU R 19 -28.22 -40.98 28.57
N GLU R 20 -27.42 -42.05 28.53
CA GLU R 20 -26.94 -42.63 29.78
C GLU R 20 -25.94 -41.73 30.47
N SER R 21 -25.02 -41.12 29.72
CA SER R 21 -24.06 -40.22 30.34
C SER R 21 -24.77 -39.05 31.01
N ARG R 22 -25.74 -38.44 30.32
CA ARG R 22 -26.47 -37.33 30.90
C ARG R 22 -27.38 -37.78 32.03
N GLY R 23 -27.84 -39.03 32.02
CA GLY R 23 -28.57 -39.53 33.17
C GLY R 23 -27.69 -39.62 34.40
N LEU R 24 -26.46 -40.09 34.23
CA LEU R 24 -25.52 -40.12 35.35
C LEU R 24 -25.19 -38.71 35.82
N GLU R 25 -24.98 -37.79 34.90
CA GLU R 25 -24.59 -36.41 35.19
C GLU R 25 -25.72 -35.58 35.81
N ARG R 26 -26.88 -36.14 36.14
CA ARG R 26 -28.04 -35.36 36.56
C ARG R 26 -28.51 -35.80 37.94
N ASP R 27 -28.94 -34.83 38.74
CA ASP R 27 -29.43 -35.09 40.09
C ASP R 27 -30.89 -34.70 40.23
N LEU R 28 -31.64 -35.51 40.99
CA LEU R 28 -33.08 -35.32 41.10
C LEU R 28 -33.42 -34.02 41.82
N ILE R 29 -32.73 -33.72 42.92
CA ILE R 29 -33.11 -32.58 43.76
C ILE R 29 -33.01 -31.29 42.96
N GLY R 30 -31.89 -31.09 42.26
CA GLY R 30 -31.72 -29.87 41.50
C GLY R 30 -32.69 -29.76 40.34
N GLU R 31 -32.96 -30.90 39.67
CA GLU R 31 -33.92 -30.89 38.57
C GLU R 31 -35.30 -30.46 39.05
N PHE R 32 -35.73 -30.96 40.21
CA PHE R 32 -37.06 -30.62 40.69
C PHE R 32 -37.12 -29.20 41.24
N VAL R 33 -36.03 -28.72 41.85
CA VAL R 33 -35.98 -27.32 42.25
C VAL R 33 -36.14 -26.42 41.03
N LYS R 34 -35.40 -26.73 39.96
CA LYS R 34 -35.51 -25.96 38.74
C LYS R 34 -36.92 -26.04 38.15
N SER R 35 -37.52 -27.23 38.19
CA SER R 35 -38.86 -27.41 37.64
C SER R 35 -39.87 -26.52 38.36
N ARG R 36 -39.89 -26.56 39.69
CA ARG R 36 -40.86 -25.75 40.41
C ARG R 36 -40.54 -24.26 40.28
N LYS R 37 -39.26 -23.89 40.20
CA LYS R 37 -38.92 -22.48 39.99
C LYS R 37 -39.45 -21.99 38.65
N THR R 38 -39.30 -22.79 37.60
CA THR R 38 -39.80 -22.40 36.29
C THR R 38 -41.34 -22.35 36.27
N ALA R 39 -41.98 -23.29 36.96
CA ALA R 39 -43.44 -23.25 37.05
C ALA R 39 -43.92 -21.98 37.73
N TRP R 40 -43.26 -21.58 38.82
CA TRP R 40 -43.66 -20.35 39.50
C TRP R 40 -43.35 -19.12 38.65
N ARG R 41 -42.24 -19.14 37.91
CA ARG R 41 -41.93 -18.02 37.02
C ARG R 41 -43.02 -17.86 35.96
N VAL R 42 -43.47 -18.97 35.37
CA VAL R 42 -44.52 -18.90 34.36
C VAL R 42 -45.84 -18.44 34.99
N ALA R 43 -46.14 -18.91 36.19
CA ALA R 43 -47.35 -18.46 36.87
C ALA R 43 -47.31 -16.96 37.13
N THR R 44 -46.17 -16.45 37.55
CA THR R 44 -46.03 -15.01 37.78
C THR R 44 -46.17 -14.23 36.48
N ALA R 45 -45.60 -14.74 35.39
CA ALA R 45 -45.75 -14.07 34.10
C ALA R 45 -47.22 -14.01 33.69
N SER R 46 -47.95 -15.11 33.86
CA SER R 46 -49.37 -15.12 33.53
C SER R 46 -50.16 -14.16 34.43
N GLY R 47 -49.83 -14.12 35.72
CA GLY R 47 -50.53 -13.20 36.61
C GLY R 47 -50.30 -11.74 36.24
N LEU R 48 -49.05 -11.39 35.96
CA LEU R 48 -48.75 -10.02 35.51
C LEU R 48 -49.44 -9.71 34.19
N PHE R 49 -49.51 -10.69 33.29
CA PHE R 49 -50.24 -10.51 32.04
C PHE R 49 -51.71 -10.21 32.31
N GLY R 50 -52.30 -10.93 33.27
CA GLY R 50 -53.68 -10.65 33.63
C GLY R 50 -53.88 -9.26 34.21
N LEU R 51 -52.95 -8.83 35.06
CA LEU R 51 -53.02 -7.45 35.57
C LEU R 51 -52.93 -6.45 34.42
N LEU R 52 -52.05 -6.71 33.46
CA LEU R 52 -51.93 -5.82 32.29
C LEU R 52 -53.25 -5.76 31.54
N GLY R 53 -53.90 -6.91 31.35
CA GLY R 53 -55.18 -6.91 30.66
C GLY R 53 -56.25 -6.14 31.41
N MET R 54 -56.31 -6.31 32.73
CA MET R 54 -57.31 -5.60 33.51
C MET R 54 -57.07 -4.09 33.48
N VAL R 55 -55.81 -3.67 33.56
CA VAL R 55 -55.50 -2.25 33.40
C VAL R 55 -55.98 -1.77 32.04
N CYS R 56 -55.73 -2.57 30.98
CA CYS R 56 -56.19 -2.19 29.66
C CYS R 56 -57.69 -1.98 29.63
N GLY R 57 -58.45 -2.88 30.26
CA GLY R 57 -59.90 -2.73 30.28
C GLY R 57 -60.36 -1.50 31.03
N ILE R 58 -59.79 -1.28 32.22
CA ILE R 58 -60.21 -0.13 33.03
C ILE R 58 -59.85 1.17 32.35
N VAL R 59 -58.79 1.18 31.55
CA VAL R 59 -58.56 2.31 30.66
C VAL R 59 -59.63 2.35 29.59
N GLY R 60 -59.96 1.18 29.04
CA GLY R 60 -60.87 1.11 27.91
C GLY R 60 -62.21 1.76 28.16
N PHE R 61 -62.65 1.73 29.42
CA PHE R 61 -63.94 2.38 29.79
C PHE R 61 -63.77 3.89 29.72
N SER R 62 -62.78 4.45 30.43
CA SER R 62 -62.47 5.91 30.43
C SER R 62 -63.52 6.74 31.19
N GLN R 63 -64.72 6.19 31.40
CA GLN R 63 -65.95 6.94 31.80
C GLN R 63 -66.30 8.01 30.75
N PRO R 64 -65.34 8.84 30.31
CA PRO R 64 -65.62 9.83 29.25
C PRO R 64 -66.08 9.20 27.93
N ALA R 65 -67.18 9.71 27.36
CA ALA R 65 -67.71 9.17 26.09
C ALA R 65 -68.00 10.33 25.12
N PRO R 66 -67.93 10.11 23.79
CA PRO R 66 -68.12 11.21 22.84
C PRO R 66 -69.36 11.01 21.95
N ALA R 67 -70.20 12.04 21.82
CA ALA R 67 -71.43 11.93 21.00
C ALA R 67 -71.14 12.41 19.56
N PRO R 68 -72.13 12.32 18.63
CA PRO R 68 -71.86 12.69 17.23
C PRO R 68 -72.47 14.04 16.81
N LEU R 69 -71.76 14.78 15.95
CA LEU R 69 -72.32 16.05 15.42
C LEU R 69 -73.57 15.66 14.63
N VAL R 70 -74.68 16.35 14.84
CA VAL R 70 -75.89 15.85 14.10
C VAL R 70 -75.80 16.41 12.69
N LEU R 71 -76.42 15.73 11.73
CA LEU R 71 -76.42 16.30 10.39
C LEU R 71 -77.71 17.06 10.12
N ARG R 72 -77.57 18.27 9.74
CA ARG R 72 -78.69 19.11 9.32
C ARG R 72 -78.89 19.05 7.80
N VAL R 73 -80.18 18.68 7.45
CA VAL R 73 -80.49 18.59 6.02
C VAL R 73 -81.42 19.74 5.63
N ASP R 74 -80.86 20.57 4.77
CA ASP R 74 -81.66 21.65 4.20
C ASP R 74 -82.73 21.10 3.27
N ASN R 75 -84.06 21.24 3.54
CA ASN R 75 -85.23 20.70 2.85
C ASN R 75 -85.39 21.31 1.46
N ALA R 76 -84.71 22.49 1.27
CA ALA R 76 -84.81 23.22 0.01
C ALA R 76 -83.63 22.90 -0.90
N THR R 77 -82.46 22.55 -0.39
CA THR R 77 -81.25 22.38 -1.19
C THR R 77 -80.69 20.96 -1.02
N GLY R 78 -81.26 20.26 -0.09
CA GLY R 78 -80.74 18.94 0.16
C GLY R 78 -79.33 18.95 0.72
N ALA R 79 -78.73 20.10 1.00
CA ALA R 79 -77.40 20.29 1.56
C ALA R 79 -77.34 19.84 3.02
N VAL R 80 -76.38 18.99 3.28
CA VAL R 80 -76.16 18.39 4.60
C VAL R 80 -75.07 19.17 5.34
N ASP R 81 -75.45 19.77 6.45
CA ASP R 81 -74.50 20.48 7.30
C ASP R 81 -74.31 19.75 8.63
N VAL R 82 -73.00 19.60 9.04
CA VAL R 82 -72.68 18.97 10.31
C VAL R 82 -72.82 19.98 11.45
N VAL R 83 -73.83 19.67 12.32
CA VAL R 83 -73.98 20.48 13.52
C VAL R 83 -73.00 20.00 14.59
N VAL R 97 -57.80 31.89 10.77
CA VAL R 97 -57.32 33.12 10.09
C VAL R 97 -57.49 32.90 8.59
N ASP R 98 -57.17 31.69 8.11
CA ASP R 98 -57.37 31.37 6.72
C ASP R 98 -58.82 31.53 6.30
N THR R 99 -59.78 31.14 7.16
CA THR R 99 -61.19 31.23 6.80
C THR R 99 -61.58 32.69 6.62
N TYR R 100 -61.02 33.60 7.42
CA TYR R 100 -61.27 35.01 7.20
C TYR R 100 -60.87 35.44 5.81
N TRP R 101 -59.63 35.13 5.42
CA TRP R 101 -59.16 35.57 4.12
C TRP R 101 -59.96 34.98 2.97
N LEU R 102 -60.31 33.71 3.11
CA LEU R 102 -61.09 33.00 2.10
C LEU R 102 -62.47 33.65 1.97
N ASN R 103 -63.08 34.02 3.11
CA ASN R 103 -64.36 34.73 3.12
C ASN R 103 -64.26 36.07 2.44
N GLN R 104 -63.30 36.88 2.86
CA GLN R 104 -63.21 38.21 2.31
C GLN R 104 -62.91 38.14 0.82
N TYR R 105 -62.08 37.16 0.41
CA TYR R 105 -61.76 37.00 -0.99
C TYR R 105 -63.00 36.70 -1.82
N VAL R 106 -63.76 35.68 -1.40
CA VAL R 106 -64.95 35.27 -2.16
C VAL R 106 -65.99 36.37 -2.17
N LEU R 107 -66.26 36.97 -1.02
CA LEU R 107 -67.27 37.99 -0.98
C LEU R 107 -66.92 39.11 -1.93
N ASN R 108 -65.71 39.66 -1.82
CA ASN R 108 -65.34 40.78 -2.67
C ASN R 108 -65.24 40.42 -4.15
N ARG R 109 -64.71 39.21 -4.44
CA ARG R 109 -64.56 38.75 -5.80
C ARG R 109 -65.89 38.58 -6.52
N GLU R 110 -66.82 37.88 -5.86
CA GLU R 110 -68.11 37.52 -6.44
C GLU R 110 -69.14 38.67 -6.41
N ALA R 111 -69.06 39.54 -5.41
CA ALA R 111 -69.99 40.66 -5.22
C ALA R 111 -69.74 41.79 -6.21
N TYR R 112 -70.74 42.67 -6.37
CA TYR R 112 -70.62 43.82 -7.25
C TYR R 112 -71.53 44.99 -6.88
N ASP R 113 -70.95 46.16 -6.84
CA ASP R 113 -71.67 47.40 -6.63
C ASP R 113 -70.86 48.51 -7.26
N TYR R 114 -71.42 49.16 -8.24
CA TYR R 114 -70.80 50.24 -9.01
C TYR R 114 -70.07 51.21 -8.08
N ASN R 115 -70.68 51.47 -6.93
CA ASN R 115 -70.23 52.42 -5.94
C ASN R 115 -69.02 51.99 -5.09
N THR R 116 -68.80 50.68 -4.91
CA THR R 116 -67.72 50.21 -4.04
C THR R 116 -66.72 49.27 -4.74
N ILE R 117 -67.08 48.81 -5.95
CA ILE R 117 -66.30 47.84 -6.71
C ILE R 117 -64.86 48.24 -6.91
N GLN R 118 -64.51 49.51 -7.01
CA GLN R 118 -63.09 49.78 -7.20
C GLN R 118 -62.26 49.20 -6.06
N MET R 119 -62.79 49.23 -4.82
CA MET R 119 -62.01 48.71 -3.71
C MET R 119 -62.04 47.21 -3.71
N ASN R 120 -63.19 46.62 -4.05
CA ASN R 120 -63.29 45.16 -4.04
C ASN R 120 -62.43 44.56 -5.14
N TYR R 121 -62.38 45.26 -6.27
CA TYR R 121 -61.63 44.90 -7.45
C TYR R 121 -60.13 44.87 -7.15
N ASP R 122 -59.63 45.99 -6.60
CA ASP R 122 -58.22 46.08 -6.25
C ASP R 122 -57.87 45.12 -5.12
N THR R 123 -58.79 44.94 -4.15
CA THR R 123 -58.56 44.02 -3.06
C THR R 123 -58.46 42.60 -3.61
N THR R 124 -59.37 42.23 -4.49
CA THR R 124 -59.32 40.89 -5.04
C THR R 124 -57.97 40.70 -5.69
N ALA R 125 -57.53 41.66 -6.52
CA ALA R 125 -56.24 41.51 -7.17
C ALA R 125 -55.10 41.39 -6.15
N LEU R 126 -55.17 42.18 -5.08
CA LEU R 126 -54.19 42.15 -4.01
C LEU R 126 -54.08 40.82 -3.30
N LEU R 127 -55.17 40.04 -3.32
CA LEU R 127 -55.25 38.75 -2.67
C LEU R 127 -55.21 37.63 -3.72
N SER R 128 -54.70 37.93 -4.93
CA SER R 128 -54.64 36.96 -6.02
C SER R 128 -53.26 36.85 -6.71
N ALA R 129 -52.88 35.62 -7.05
CA ALA R 129 -51.69 35.36 -7.85
C ALA R 129 -51.95 35.96 -9.22
N PRO R 130 -50.96 36.47 -9.97
CA PRO R 130 -51.16 37.05 -11.30
C PRO R 130 -52.06 36.21 -12.21
N ALA R 131 -51.94 34.88 -12.19
CA ALA R 131 -52.81 34.04 -13.01
C ALA R 131 -54.30 34.26 -12.66
N VAL R 132 -54.54 34.35 -11.35
CA VAL R 132 -55.85 34.51 -10.77
C VAL R 132 -56.34 35.92 -11.03
N GLN R 133 -55.42 36.90 -10.87
CA GLN R 133 -55.76 38.29 -11.10
C GLN R 133 -56.28 38.48 -12.51
N GLN R 134 -55.61 37.85 -13.48
CA GLN R 134 -56.00 37.96 -14.87
C GLN R 134 -57.38 37.35 -15.09
N ASP R 135 -57.64 36.17 -14.49
CA ASP R 135 -58.94 35.55 -14.66
C ASP R 135 -60.03 36.51 -14.18
N TYR R 136 -59.77 37.13 -13.02
CA TYR R 136 -60.67 38.09 -12.43
C TYR R 136 -60.85 39.35 -13.29
N TYR R 137 -59.75 39.94 -13.77
CA TYR R 137 -59.80 41.17 -14.55
C TYR R 137 -60.67 40.98 -15.79
N LYS R 138 -60.54 39.81 -16.41
CA LYS R 138 -61.27 39.45 -17.62
C LYS R 138 -62.79 39.46 -17.45
N LEU R 139 -63.29 39.40 -16.21
CA LEU R 139 -64.72 39.36 -15.94
C LEU R 139 -65.33 40.73 -16.17
N PHE R 140 -64.48 41.73 -16.29
CA PHE R 140 -64.90 43.09 -16.48
C PHE R 140 -64.58 43.53 -17.92
N ASP R 141 -64.22 42.56 -18.78
CA ASP R 141 -63.89 42.89 -20.16
C ASP R 141 -64.97 42.47 -21.16
N GLY R 142 -64.95 43.10 -22.32
CA GLY R 142 -65.84 42.77 -23.43
C GLY R 142 -67.28 43.25 -23.23
N SER R 143 -68.15 42.90 -24.17
CA SER R 143 -69.55 43.32 -24.15
C SER R 143 -70.37 42.70 -23.01
N ASN R 144 -69.86 41.61 -22.45
CA ASN R 144 -70.52 40.88 -21.37
C ASN R 144 -69.87 41.18 -20.03
N ALA R 145 -69.08 42.25 -19.98
CA ALA R 145 -68.38 42.70 -18.79
C ALA R 145 -69.33 42.96 -17.66
N ARG R 146 -68.91 42.64 -16.44
CA ARG R 146 -69.77 42.92 -15.27
C ARG R 146 -70.12 44.42 -15.23
N ASP R 147 -69.16 45.24 -15.62
CA ASP R 147 -69.28 46.71 -15.71
C ASP R 147 -70.36 47.18 -16.71
N ARG R 148 -70.75 46.33 -17.66
CA ARG R 148 -71.75 46.68 -18.66
C ARG R 148 -73.08 45.96 -18.39
N VAL R 149 -72.99 44.73 -17.88
CA VAL R 149 -74.15 43.89 -17.59
C VAL R 149 -74.88 44.37 -16.34
N LEU R 150 -74.12 44.61 -15.29
CA LEU R 150 -74.66 45.11 -14.05
C LEU R 150 -74.56 46.63 -14.08
N GLY R 151 -73.37 47.14 -14.45
CA GLY R 151 -73.18 48.58 -14.56
C GLY R 151 -73.70 49.25 -13.31
N ASN R 152 -74.59 50.23 -13.50
CA ASN R 152 -75.20 50.95 -12.39
C ASN R 152 -76.71 50.73 -12.44
N LYS R 153 -77.13 49.58 -12.98
CA LYS R 153 -78.53 49.18 -13.10
C LYS R 153 -78.87 48.04 -12.16
N ALA R 154 -77.88 47.17 -11.90
CA ALA R 154 -78.07 46.02 -11.02
C ALA R 154 -76.81 45.79 -10.19
N ARG R 155 -77.01 45.16 -9.04
CA ARG R 155 -75.94 44.87 -8.08
C ARG R 155 -75.98 43.45 -7.53
N ILE R 156 -74.82 42.95 -7.13
CA ILE R 156 -74.72 41.61 -6.54
C ILE R 156 -74.29 41.61 -5.07
N THR R 157 -75.10 40.94 -4.26
CA THR R 157 -74.84 40.79 -2.83
C THR R 157 -74.37 39.38 -2.55
N VAL R 158 -73.22 39.27 -1.87
CA VAL R 158 -72.63 37.97 -1.54
C VAL R 158 -72.36 37.83 -0.05
N ARG R 159 -72.69 36.65 0.47
CA ARG R 159 -72.47 36.31 1.87
C ARG R 159 -71.98 34.87 1.99
N VAL R 160 -71.00 34.65 2.85
CA VAL R 160 -70.45 33.31 3.08
C VAL R 160 -71.09 32.66 4.31
N ARG R 161 -71.53 31.42 4.13
CA ARG R 161 -72.18 30.68 5.19
C ARG R 161 -71.19 29.89 6.04
N SER R 162 -70.23 29.24 5.37
CA SER R 162 -69.25 28.41 6.07
C SER R 162 -68.00 28.09 5.26
N ILE R 163 -66.84 28.14 5.92
CA ILE R 163 -65.59 27.76 5.28
C ILE R 163 -64.88 26.69 6.07
N GLN R 164 -64.50 25.61 5.39
CA GLN R 164 -63.76 24.54 6.03
C GLN R 164 -62.50 24.15 5.23
N PRO R 165 -61.29 24.44 5.75
CA PRO R 165 -60.00 24.06 5.18
C PRO R 165 -59.91 22.55 5.03
N ASN R 166 -59.28 22.09 3.96
CA ASN R 166 -59.16 20.66 3.71
C ASN R 166 -57.81 20.31 3.12
N GLY R 167 -56.77 20.41 3.94
CA GLY R 167 -55.41 20.19 3.47
C GLY R 167 -54.57 21.45 3.57
N ARG R 168 -53.45 21.48 2.87
CA ARG R 168 -52.20 22.05 2.41
C ARG R 168 -52.45 23.15 1.37
N GLY R 169 -52.88 24.32 1.83
CA GLY R 169 -53.22 25.42 0.91
C GLY R 169 -54.55 25.26 0.19
N GLN R 170 -55.52 24.56 0.80
CA GLN R 170 -56.79 24.38 0.12
C GLN R 170 -57.98 24.40 1.07
N ALA R 171 -59.05 25.07 0.63
CA ALA R 171 -60.27 25.15 1.43
C ALA R 171 -61.55 25.22 0.60
N THR R 172 -62.65 24.80 1.23
CA THR R 172 -63.97 24.86 0.60
C THR R 172 -64.84 25.97 1.20
N VAL R 173 -65.36 26.84 0.34
CA VAL R 173 -66.21 27.95 0.77
C VAL R 173 -67.65 27.79 0.30
N ARG R 174 -68.58 27.72 1.25
CA ARG R 174 -69.99 27.59 0.91
C ARG R 174 -70.65 28.95 1.09
N PHE R 175 -71.25 29.46 0.03
CA PHE R 175 -71.79 30.81 0.07
C PHE R 175 -73.01 31.00 -0.81
N THR R 176 -73.67 32.15 -0.65
CA THR R 176 -74.82 32.47 -1.49
C THR R 176 -74.62 33.81 -2.18
N THR R 177 -75.45 34.02 -3.19
CA THR R 177 -75.43 35.25 -3.97
C THR R 177 -76.80 35.64 -4.52
N GLN R 178 -77.06 36.92 -4.59
CA GLN R 178 -78.34 37.41 -5.13
C GLN R 178 -78.23 38.73 -5.88
N GLN R 179 -79.12 38.93 -6.86
CA GLN R 179 -79.12 40.17 -7.64
C GLN R 179 -80.29 41.11 -7.33
N HIS R 180 -79.93 42.35 -7.07
CA HIS R 180 -80.83 43.47 -6.75
C HIS R 180 -80.78 44.50 -7.86
N ASN R 181 -81.84 45.29 -8.05
CA ASN R 181 -81.72 46.31 -9.09
C ASN R 181 -82.43 47.65 -8.84
N GLN R 190 -79.10 32.42 -5.22
CA GLN R 190 -78.47 31.21 -5.69
C GLN R 190 -77.47 30.72 -4.66
N HIS R 191 -77.16 29.44 -4.71
CA HIS R 191 -76.18 28.86 -3.81
C HIS R 191 -75.00 28.39 -4.64
N GLN R 192 -73.78 28.68 -4.17
CA GLN R 192 -72.53 28.34 -4.86
C GLN R 192 -71.44 27.83 -3.91
N ILE R 193 -70.52 27.02 -4.45
CA ILE R 193 -69.39 26.57 -3.65
C ILE R 193 -68.06 26.85 -4.34
N ALA R 194 -67.17 27.54 -3.63
CA ALA R 194 -65.86 27.84 -4.20
C ALA R 194 -64.80 26.93 -3.64
N THR R 195 -63.85 26.59 -4.50
CA THR R 195 -62.69 25.84 -4.09
C THR R 195 -61.52 26.77 -4.25
N ILE R 196 -60.80 26.99 -3.18
CA ILE R 196 -59.70 27.92 -3.25
C ILE R 196 -58.36 27.32 -2.92
N GLY R 197 -57.43 27.47 -3.85
CA GLY R 197 -56.06 27.04 -3.64
C GLY R 197 -55.36 28.31 -3.18
N TYR R 198 -54.53 28.23 -2.15
CA TYR R 198 -53.90 29.46 -1.67
C TYR R 198 -52.60 29.30 -0.91
N THR R 199 -51.92 30.42 -0.79
CA THR R 199 -50.72 30.55 -0.01
C THR R 199 -50.66 31.95 0.56
N TYR R 200 -49.51 32.28 1.15
CA TYR R 200 -49.26 33.60 1.66
C TYR R 200 -47.88 34.01 1.15
N ILE R 201 -47.74 35.27 0.76
CA ILE R 201 -46.47 35.77 0.23
C ILE R 201 -45.75 36.71 1.19
N GLY R 202 -46.26 36.78 2.40
CA GLY R 202 -45.68 37.62 3.44
C GLY R 202 -46.13 39.06 3.30
N ALA R 203 -45.69 39.90 4.22
CA ALA R 203 -46.12 41.28 4.17
C ALA R 203 -45.67 41.96 2.87
N PRO R 204 -46.54 42.79 2.24
CA PRO R 204 -46.27 43.58 1.04
C PRO R 204 -45.45 44.80 1.43
N MET R 205 -44.79 45.47 0.47
CA MET R 205 -44.01 46.66 0.82
C MET R 205 -44.46 47.96 0.14
N ARG R 206 -45.74 48.26 0.31
CA ARG R 206 -46.38 49.48 -0.17
C ARG R 206 -47.51 49.83 0.80
N SER R 207 -47.70 51.10 1.15
CA SER R 207 -48.77 51.44 2.09
C SER R 207 -50.17 51.06 1.58
N SER R 208 -50.35 51.16 0.27
CA SER R 208 -51.62 50.84 -0.37
C SER R 208 -51.95 49.35 -0.38
N ASP R 209 -50.95 48.50 -0.08
CA ASP R 209 -51.17 47.07 -0.03
C ASP R 209 -51.22 46.57 1.41
N ARG R 210 -50.36 47.10 2.28
CA ARG R 210 -50.28 46.60 3.65
C ARG R 210 -51.53 46.96 4.44
N LEU R 211 -52.20 48.04 4.06
CA LEU R 211 -53.39 48.44 4.78
C LEU R 211 -54.62 47.64 4.31
N LEU R 212 -54.44 46.75 3.32
CA LEU R 212 -55.51 45.90 2.79
C LEU R 212 -55.22 44.38 3.00
N ASN R 213 -53.95 43.94 2.86
CA ASN R 213 -53.57 42.52 2.93
C ASN R 213 -52.20 42.29 3.61
N PRO R 214 -52.01 42.70 4.88
CA PRO R 214 -50.73 42.67 5.63
C PRO R 214 -50.12 41.30 5.80
N LEU R 215 -50.98 40.30 5.77
CA LEU R 215 -50.66 38.90 5.92
C LEU R 215 -50.05 38.28 4.69
N GLY R 216 -50.34 38.89 3.53
CA GLY R 216 -49.90 38.39 2.24
C GLY R 216 -50.78 37.30 1.63
N PHE R 217 -52.07 37.24 1.98
CA PHE R 217 -52.92 36.17 1.43
C PHE R 217 -52.92 36.19 -0.07
N GLN R 218 -52.79 35.03 -0.68
CA GLN R 218 -52.83 34.98 -2.13
C GLN R 218 -53.49 33.71 -2.68
N VAL R 219 -54.48 33.92 -3.54
CA VAL R 219 -55.14 32.81 -4.20
C VAL R 219 -54.32 32.37 -5.39
N THR R 220 -54.06 31.08 -5.50
CA THR R 220 -53.23 30.58 -6.59
C THR R 220 -54.07 29.81 -7.60
N SER R 221 -55.27 29.44 -7.18
CA SER R 221 -56.22 28.70 -8.01
C SER R 221 -57.63 29.00 -7.51
N TYR R 222 -58.58 29.19 -8.42
CA TYR R 222 -59.94 29.47 -8.00
C TYR R 222 -61.00 28.97 -8.94
N ARG R 223 -62.01 28.28 -8.40
CA ARG R 223 -63.11 27.74 -9.23
C ARG R 223 -64.38 27.65 -8.37
N ALA R 224 -65.40 28.46 -8.70
CA ALA R 224 -66.68 28.42 -7.96
C ALA R 224 -67.76 27.84 -8.87
N ASP R 225 -68.47 26.81 -8.42
CA ASP R 225 -69.50 26.16 -9.29
C ASP R 225 -70.89 26.34 -8.66
N PRO R 226 -71.87 26.88 -9.42
CA PRO R 226 -73.24 26.98 -8.90
C PRO R 226 -73.95 25.62 -8.97
N GLU R 227 -75.01 25.42 -8.19
CA GLU R 227 -75.79 24.16 -8.25
C GLU R 227 -76.44 24.03 -9.63
N ILE R 228 -76.91 22.83 -10.00
CA ILE R 228 -77.44 22.64 -11.39
C ILE R 228 -78.96 22.88 -11.34
N LEU R 229 -79.53 23.50 -12.37
CA LEU R 229 -80.97 23.84 -12.33
C LEU R 229 -81.20 24.77 -11.13
N ASN R 230 -82.12 24.39 -10.22
CA ASN R 230 -82.41 25.21 -9.02
C ASN R 230 -81.14 25.34 -8.16
N ASN R 231 -80.40 24.24 -8.02
CA ASN R 231 -79.12 24.28 -7.25
C ASN R 231 -79.09 23.13 -6.23
N MET S 1 57.86 11.61 3.60
CA MET S 1 57.86 10.30 2.95
C MET S 1 56.57 10.09 2.18
N LYS S 2 56.27 8.83 1.87
CA LYS S 2 55.08 8.46 1.10
C LYS S 2 54.32 7.34 1.81
N PRO S 3 53.53 7.65 2.82
CA PRO S 3 52.58 6.69 3.37
C PRO S 3 51.59 6.28 2.30
N PRO S 4 50.74 5.25 2.54
CA PRO S 4 49.87 4.72 1.48
C PRO S 4 49.19 5.79 0.64
N GLN S 5 49.20 5.58 -0.67
CA GLN S 5 48.73 6.54 -1.67
C GLN S 5 47.56 5.93 -2.43
N GLN S 6 47.15 6.60 -3.50
CA GLN S 6 46.04 6.14 -4.31
C GLN S 6 46.52 5.59 -5.64
N GLN S 7 45.77 4.63 -6.17
CA GLN S 7 45.98 4.10 -7.52
C GLN S 7 44.64 3.88 -8.22
N HIS S 8 43.71 4.82 -8.03
CA HIS S 8 42.34 4.80 -8.54
C HIS S 8 41.47 3.75 -7.86
N GLU S 9 42.02 2.98 -6.91
CA GLU S 9 41.22 2.05 -6.12
C GLU S 9 40.54 2.71 -4.93
N ALA S 10 40.71 4.02 -4.77
CA ALA S 10 40.22 4.72 -3.59
C ALA S 10 38.71 4.58 -3.49
N PHE S 11 38.23 4.48 -2.25
CA PHE S 11 36.81 4.30 -2.01
C PHE S 11 36.07 5.54 -2.50
N PRO S 12 35.04 5.39 -3.33
CA PRO S 12 34.42 6.58 -3.92
C PRO S 12 33.83 7.47 -2.85
N LEU S 13 33.99 8.78 -3.04
CA LEU S 13 33.33 9.78 -2.22
C LEU S 13 32.43 10.61 -3.11
N PHE S 14 31.14 10.56 -2.85
CA PHE S 14 30.18 11.24 -3.68
C PHE S 14 29.92 12.63 -3.12
N LYS S 15 29.55 13.55 -4.02
CA LYS S 15 29.36 14.94 -3.66
C LYS S 15 27.94 15.24 -3.21
N GLY S 16 27.27 14.25 -2.63
CA GLY S 16 26.09 14.47 -1.81
C GLY S 16 26.41 14.99 -0.44
N ALA S 17 27.68 15.25 -0.17
CA ALA S 17 28.09 15.89 1.07
C ALA S 17 27.57 17.32 1.11
N THR S 18 27.03 17.70 2.27
CA THR S 18 26.51 19.05 2.56
C THR S 18 25.60 19.58 1.46
N ARG S 19 24.99 18.68 0.69
CA ARG S 19 23.85 19.04 -0.15
C ARG S 19 22.63 19.15 0.77
N LEU S 20 22.58 20.26 1.49
CA LEU S 20 21.62 20.41 2.58
C LEU S 20 20.20 20.33 2.04
N PRO S 21 19.23 19.90 2.85
CA PRO S 21 17.83 20.01 2.44
C PRO S 21 17.50 21.45 2.08
N THR S 22 17.28 21.71 0.80
CA THR S 22 17.07 23.06 0.31
C THR S 22 15.81 23.12 -0.54
N ILE S 23 15.06 24.20 -0.37
CA ILE S 23 13.94 24.53 -1.24
C ILE S 23 14.37 25.75 -2.05
N TRP S 24 14.16 25.69 -3.37
CA TRP S 24 14.66 26.70 -4.30
C TRP S 24 16.18 26.82 -4.27
N GLY S 25 16.85 25.87 -3.61
CA GLY S 25 18.28 25.93 -3.43
C GLY S 25 18.75 26.65 -2.18
N VAL S 26 17.87 26.83 -1.19
CA VAL S 26 18.22 27.51 0.05
C VAL S 26 17.74 26.67 1.23
N PRO S 27 18.53 26.54 2.30
CA PRO S 27 18.12 25.68 3.42
C PRO S 27 16.89 26.21 4.13
N MET S 28 16.17 25.29 4.78
CA MET S 28 14.90 25.63 5.43
C MET S 28 15.10 26.66 6.54
N ILE S 29 16.02 26.38 7.46
CA ILE S 29 16.13 27.19 8.67
C ILE S 29 16.45 28.65 8.38
N PRO S 30 17.45 28.99 7.55
CA PRO S 30 17.69 30.42 7.28
C PRO S 30 16.58 31.06 6.49
N LEU S 31 16.01 30.35 5.52
CA LEU S 31 14.91 30.91 4.75
C LEU S 31 13.70 31.19 5.64
N MET S 32 13.46 30.33 6.63
CA MET S 32 12.40 30.62 7.59
C MET S 32 12.74 31.85 8.42
N ALA S 33 14.02 32.05 8.73
CA ALA S 33 14.43 33.27 9.43
C ALA S 33 14.12 34.49 8.59
N MET S 34 14.42 34.42 7.29
CA MET S 34 14.10 35.54 6.41
C MET S 34 12.59 35.75 6.31
N VAL S 35 11.82 34.68 6.23
CA VAL S 35 10.37 34.81 6.17
C VAL S 35 9.87 35.51 7.43
N MET S 36 10.37 35.11 8.59
CA MET S 36 9.96 35.76 9.83
C MET S 36 10.34 37.23 9.83
N GLY S 37 11.56 37.55 9.40
CA GLY S 37 12.00 38.94 9.40
C GLY S 37 11.18 39.81 8.46
N VAL S 38 10.95 39.32 7.23
CA VAL S 38 10.18 40.10 6.27
C VAL S 38 8.73 40.22 6.73
N ALA S 39 8.19 39.18 7.36
CA ALA S 39 6.84 39.27 7.89
C ALA S 39 6.78 40.33 8.99
N VAL S 40 7.81 40.40 9.83
CA VAL S 40 7.86 41.43 10.86
C VAL S 40 7.86 42.80 10.22
N ILE S 41 8.68 42.99 9.19
CA ILE S 41 8.73 44.28 8.51
C ILE S 41 7.37 44.62 7.90
N ALA S 42 6.74 43.65 7.26
CA ALA S 42 5.45 43.88 6.62
C ALA S 42 4.39 44.25 7.64
N LEU S 43 4.38 43.57 8.78
CA LEU S 43 3.37 43.87 9.79
C LEU S 43 3.70 45.16 10.54
N THR S 44 4.97 45.57 10.52
CA THR S 44 5.36 46.74 11.31
C THR S 44 5.14 48.04 10.57
N VAL S 45 5.83 48.23 9.44
CA VAL S 45 5.81 49.54 8.79
C VAL S 45 4.72 49.58 7.72
N SER S 46 4.85 48.73 6.70
CA SER S 46 3.95 48.80 5.57
C SER S 46 3.77 47.42 4.97
N ILE S 47 2.70 47.27 4.18
CA ILE S 47 2.33 45.98 3.62
C ILE S 47 2.90 45.77 2.22
N TRP S 48 3.37 46.83 1.57
CA TRP S 48 4.07 46.73 0.29
C TRP S 48 5.44 46.05 0.41
N TRP S 49 5.80 45.54 1.59
CA TRP S 49 7.17 45.15 1.88
C TRP S 49 7.43 43.66 1.77
N TRP S 50 6.52 42.89 1.18
CA TRP S 50 6.94 41.58 0.69
C TRP S 50 7.66 41.66 -0.65
N ALA S 51 8.06 42.84 -1.09
CA ALA S 51 9.04 42.96 -2.15
C ALA S 51 10.46 42.93 -1.61
N LEU S 52 10.61 42.98 -0.29
CA LEU S 52 11.94 42.80 0.31
C LEU S 52 12.38 41.35 0.24
N VAL S 53 11.47 40.45 -0.11
CA VAL S 53 11.84 39.03 -0.18
C VAL S 53 12.81 38.74 -1.32
N PRO S 54 12.47 38.95 -2.59
CA PRO S 54 13.32 38.45 -3.67
C PRO S 54 14.76 38.93 -3.61
N PRO S 55 15.08 40.19 -3.22
CA PRO S 55 16.50 40.59 -3.23
C PRO S 55 17.34 39.77 -2.28
N LEU S 56 16.96 39.78 -1.00
CA LEU S 56 17.75 39.05 0.00
C LEU S 56 17.65 37.55 -0.21
N TRP S 57 16.52 37.07 -0.72
CA TRP S 57 16.44 35.64 -1.01
C TRP S 57 17.43 35.25 -2.09
N PHE S 58 17.56 36.06 -3.15
CA PHE S 58 18.54 35.75 -4.18
C PHE S 58 19.96 35.86 -3.64
N ILE S 59 20.23 36.86 -2.81
CA ILE S 59 21.59 36.97 -2.27
C ILE S 59 21.87 35.76 -1.38
N MET S 60 20.87 35.25 -0.67
CA MET S 60 21.08 34.05 0.14
C MET S 60 21.28 32.83 -0.72
N ALA S 61 20.60 32.74 -1.87
CA ALA S 61 20.87 31.63 -2.77
C ALA S 61 22.30 31.66 -3.29
N GLN S 62 22.78 32.86 -3.64
CA GLN S 62 24.16 32.97 -4.12
C GLN S 62 25.16 32.66 -3.01
N ILE S 63 24.84 33.03 -1.77
CA ILE S 63 25.73 32.72 -0.66
C ILE S 63 25.76 31.22 -0.39
N THR S 64 24.60 30.58 -0.36
CA THR S 64 24.54 29.16 -0.07
C THR S 64 25.19 28.33 -1.16
N LYS S 65 24.97 28.69 -2.43
CA LYS S 65 25.54 27.88 -3.50
C LYS S 65 27.06 27.89 -3.44
N ASN S 66 27.65 29.05 -3.15
CA ASN S 66 29.11 29.13 -3.08
C ASN S 66 29.65 28.36 -1.89
N ASP S 67 29.07 28.57 -0.71
CA ASP S 67 29.61 28.04 0.56
C ASP S 67 28.43 27.51 1.38
N ASP S 68 28.14 26.22 1.21
CA ASP S 68 26.85 25.61 1.56
C ASP S 68 26.43 25.82 3.01
N LYS S 69 27.39 25.95 3.93
CA LYS S 69 27.08 26.00 5.35
C LYS S 69 27.55 27.29 6.01
N ALA S 70 27.33 28.44 5.36
CA ALA S 70 27.72 29.69 5.98
C ALA S 70 26.83 30.02 7.18
N PHE S 71 25.56 29.64 7.11
CA PHE S 71 24.61 30.10 8.12
C PHE S 71 24.85 29.40 9.46
N ARG S 72 25.28 28.15 9.44
CA ARG S 72 25.59 27.46 10.69
C ARG S 72 26.75 28.14 11.40
N ILE S 73 27.78 28.50 10.66
CA ILE S 73 28.91 29.23 11.22
C ILE S 73 28.45 30.57 11.78
N TRP S 74 27.59 31.27 11.03
CA TRP S 74 27.06 32.55 11.48
C TRP S 74 26.35 32.39 12.82
N TRP S 75 25.46 31.40 12.92
CA TRP S 75 24.69 31.24 14.15
C TRP S 75 25.59 30.83 15.30
N LEU S 76 26.57 29.98 15.05
CA LEU S 76 27.47 29.59 16.13
C LEU S 76 28.23 30.80 16.67
N TRP S 77 28.77 31.62 15.77
CA TRP S 77 29.47 32.82 16.23
C TRP S 77 28.53 33.72 17.03
N ILE S 78 27.34 33.98 16.49
CA ILE S 78 26.40 34.88 17.13
C ILE S 78 26.05 34.38 18.52
N ASP S 79 25.84 33.06 18.65
CA ASP S 79 25.42 32.53 19.94
C ASP S 79 26.54 32.57 20.96
N THR S 80 27.77 32.28 20.54
CA THR S 80 28.79 32.11 21.57
C THR S 80 29.71 33.31 21.73
N LYS S 81 30.40 33.72 20.67
CA LYS S 81 31.44 34.73 20.86
C LYS S 81 30.84 36.13 20.85
N PHE S 82 29.57 36.25 20.49
CA PHE S 82 28.92 37.54 20.48
C PHE S 82 28.19 37.79 21.80
N ARG S 83 27.72 36.72 22.44
CA ARG S 83 27.02 36.87 23.72
C ARG S 83 27.97 37.14 24.87
N ASN S 84 29.15 36.53 24.87
CA ASN S 84 30.04 36.58 26.01
C ASN S 84 30.33 38.03 26.40
N ARG S 85 29.98 38.36 27.65
CA ARG S 85 29.91 39.77 28.04
C ARG S 85 31.30 40.41 28.10
N ASN S 86 32.17 39.90 28.97
CA ASN S 86 33.45 40.56 29.24
C ASN S 86 34.48 40.20 28.16
N LYS S 87 34.20 40.64 26.93
CA LYS S 87 35.21 40.56 25.88
C LYS S 87 36.23 41.67 26.03
N GLY S 88 35.79 42.86 26.45
CA GLY S 88 36.69 44.00 26.50
C GLY S 88 37.67 43.93 27.66
N PHE S 89 37.19 43.51 28.83
CA PHE S 89 38.02 43.52 30.02
C PHE S 89 39.22 42.60 29.90
N TRP S 90 39.00 41.39 29.39
CA TRP S 90 40.07 40.41 29.31
C TRP S 90 40.95 40.57 28.09
N GLY S 91 40.55 41.38 27.12
CA GLY S 91 41.23 41.39 25.85
C GLY S 91 40.88 40.21 24.96
N ALA S 92 40.05 39.30 25.45
CA ALA S 92 39.60 38.14 24.68
C ALA S 92 38.42 37.54 25.42
N SER S 93 37.65 36.72 24.72
CA SER S 93 36.48 36.10 25.31
C SER S 93 36.92 34.92 26.17
N SER S 94 36.55 34.94 27.45
CA SER S 94 37.02 33.94 28.39
C SER S 94 35.88 33.49 29.27
N TYR S 95 35.94 32.22 29.70
CA TYR S 95 34.95 31.62 30.58
C TYR S 95 35.64 31.13 31.84
N SER S 96 35.13 31.54 32.99
CA SER S 96 35.80 31.22 34.25
C SER S 96 35.78 29.72 34.50
N PRO S 97 36.91 29.11 34.87
CA PRO S 97 36.89 27.67 35.15
C PRO S 97 36.07 27.33 36.37
N ALA S 98 36.32 27.97 37.50
CA ALA S 98 35.52 27.75 38.70
C ALA S 98 34.08 28.17 38.44
N ASN S 99 33.14 27.33 38.85
CA ASN S 99 31.74 27.55 38.50
C ASN S 99 31.15 28.55 39.47
N TYR S 100 31.22 29.82 39.08
CA TYR S 100 30.57 30.88 39.84
C TYR S 100 29.17 31.07 39.28
N ARG S 101 28.21 30.29 39.80
CA ARG S 101 26.82 30.38 39.38
C ARG S 101 26.03 31.39 40.19
N LYS S 102 26.69 32.42 40.71
CA LYS S 102 26.10 33.51 41.49
C LYS S 102 25.60 33.04 42.86
N ARG S 103 25.95 31.84 43.28
CA ARG S 103 25.48 31.27 44.54
C ARG S 103 26.49 31.55 45.64
N ARG S 104 26.15 32.46 46.53
CA ARG S 104 26.96 32.79 47.70
C ARG S 104 28.38 33.21 47.32
N GLN T 5 -25.54 -29.73 64.74
CA GLN T 5 -24.50 -30.73 64.93
C GLN T 5 -24.56 -31.31 66.34
N PRO T 6 -25.49 -32.22 66.58
CA PRO T 6 -25.67 -32.79 67.92
C PRO T 6 -24.83 -34.04 68.14
N LYS T 7 -24.94 -34.56 69.36
CA LYS T 7 -24.25 -35.76 69.82
C LYS T 7 -24.73 -36.99 69.05
N PRO T 8 -24.09 -38.15 69.24
CA PRO T 8 -24.54 -39.37 68.56
C PRO T 8 -26.02 -39.68 68.80
N VAL T 9 -26.53 -40.60 67.98
CA VAL T 9 -27.92 -41.02 68.03
C VAL T 9 -28.10 -42.00 69.18
N LYS T 10 -29.35 -42.24 69.58
CA LYS T 10 -29.63 -43.23 70.61
C LYS T 10 -29.39 -44.63 70.05
N ALA T 11 -28.44 -45.35 70.63
CA ALA T 11 -28.07 -46.67 70.13
C ALA T 11 -29.06 -47.75 70.54
N GLU T 12 -29.91 -47.50 71.53
CA GLU T 12 -30.87 -48.51 71.96
C GLU T 12 -31.82 -48.91 70.84
N GLN T 13 -32.04 -48.03 69.87
CA GLN T 13 -32.93 -48.30 68.74
C GLN T 13 -32.18 -48.00 67.45
N LEU T 14 -31.42 -48.98 66.96
CA LEU T 14 -30.91 -48.90 65.59
C LEU T 14 -32.06 -49.00 64.60
N LYS T 15 -32.93 -50.00 64.76
CA LYS T 15 -33.96 -50.26 63.76
C LYS T 15 -34.89 -49.07 63.60
N SER T 16 -35.28 -48.45 64.72
CA SER T 16 -36.21 -47.33 64.65
C SER T 16 -35.63 -46.17 63.87
N TYR T 17 -34.34 -45.87 64.08
CA TYR T 17 -33.73 -44.71 63.44
C TYR T 17 -33.80 -44.80 61.93
N TYR T 18 -33.13 -45.78 61.35
CA TYR T 18 -33.16 -45.87 59.89
C TYR T 18 -34.46 -46.42 59.32
N GLU T 19 -35.34 -47.01 60.14
CA GLU T 19 -36.70 -47.27 59.68
C GLU T 19 -37.43 -45.96 59.42
N GLU T 20 -37.44 -45.05 60.40
CA GLU T 20 -38.06 -43.77 60.17
C GLU T 20 -37.30 -42.98 59.13
N SER T 21 -36.00 -43.24 58.95
CA SER T 21 -35.24 -42.53 57.93
C SER T 21 -35.69 -42.93 56.53
N ARG T 22 -35.87 -44.22 56.27
CA ARG T 22 -36.39 -44.62 54.97
C ARG T 22 -37.82 -44.11 54.78
N GLY T 23 -38.62 -44.15 55.85
CA GLY T 23 -39.96 -43.59 55.75
C GLY T 23 -39.94 -42.13 55.36
N LEU T 24 -39.09 -41.35 56.02
CA LEU T 24 -38.98 -39.92 55.72
C LEU T 24 -38.49 -39.68 54.31
N GLU T 25 -37.54 -40.49 53.84
CA GLU T 25 -37.05 -40.29 52.49
C GLU T 25 -38.15 -40.52 51.47
N ARG T 26 -38.90 -41.61 51.63
CA ARG T 26 -39.99 -41.87 50.69
C ARG T 26 -41.05 -40.78 50.76
N ASP T 27 -41.42 -40.35 51.96
CA ASP T 27 -42.44 -39.32 52.11
C ASP T 27 -41.98 -37.99 51.54
N LEU T 28 -40.71 -37.64 51.72
CA LEU T 28 -40.17 -36.41 51.15
C LEU T 28 -40.22 -36.44 49.63
N ILE T 29 -39.79 -37.56 49.04
CA ILE T 29 -39.82 -37.64 47.57
C ILE T 29 -41.26 -37.54 47.06
N GLY T 30 -42.18 -38.24 47.72
CA GLY T 30 -43.58 -38.15 47.31
C GLY T 30 -44.14 -36.75 47.43
N GLU T 31 -43.82 -36.07 48.54
CA GLU T 31 -44.37 -34.73 48.71
C GLU T 31 -43.73 -33.75 47.74
N PHE T 32 -42.49 -33.98 47.33
CA PHE T 32 -41.88 -33.05 46.41
C PHE T 32 -42.45 -33.23 45.00
N VAL T 33 -42.70 -34.48 44.59
CA VAL T 33 -43.32 -34.68 43.29
C VAL T 33 -44.76 -34.15 43.29
N LYS T 34 -45.47 -34.33 44.41
CA LYS T 34 -46.82 -33.78 44.49
C LYS T 34 -46.81 -32.26 44.45
N SER T 35 -45.82 -31.63 45.09
CA SER T 35 -45.70 -30.19 45.01
C SER T 35 -45.43 -29.73 43.60
N ARG T 36 -44.60 -30.46 42.84
CA ARG T 36 -44.40 -30.13 41.44
C ARG T 36 -45.70 -30.23 40.65
N LYS T 37 -46.48 -31.27 40.91
CA LYS T 37 -47.78 -31.42 40.25
C LYS T 37 -48.66 -30.19 40.52
N THR T 38 -48.78 -29.80 41.79
CA THR T 38 -49.60 -28.62 42.11
C THR T 38 -49.00 -27.35 41.50
N ALA T 39 -47.68 -27.31 41.34
CA ALA T 39 -47.06 -26.14 40.72
C ALA T 39 -47.51 -25.97 39.28
N TRP T 40 -47.42 -27.03 38.47
CA TRP T 40 -47.96 -26.89 37.13
C TRP T 40 -49.47 -26.70 37.09
N ARG T 41 -50.20 -27.27 38.05
CA ARG T 41 -51.64 -27.03 38.07
C ARG T 41 -51.95 -25.57 38.31
N VAL T 42 -51.25 -24.94 39.26
CA VAL T 42 -51.43 -23.52 39.51
C VAL T 42 -50.96 -22.70 38.32
N ALA T 43 -49.91 -23.13 37.64
CA ALA T 43 -49.48 -22.41 36.45
C ALA T 43 -50.56 -22.41 35.38
N THR T 44 -51.20 -23.57 35.16
CA THR T 44 -52.29 -23.63 34.19
C THR T 44 -53.46 -22.73 34.60
N ALA T 45 -53.84 -22.77 35.89
CA ALA T 45 -54.95 -21.92 36.34
C ALA T 45 -54.61 -20.44 36.19
N SER T 46 -53.36 -20.07 36.48
CA SER T 46 -52.94 -18.69 36.32
C SER T 46 -52.97 -18.27 34.86
N GLY T 47 -52.54 -19.16 33.96
CA GLY T 47 -52.66 -18.86 32.54
C GLY T 47 -54.10 -18.67 32.13
N LEU T 48 -55.01 -19.49 32.65
CA LEU T 48 -56.41 -19.39 32.25
C LEU T 48 -57.03 -18.08 32.70
N PHE T 49 -56.84 -17.68 33.96
CA PHE T 49 -57.32 -16.36 34.37
C PHE T 49 -56.57 -15.24 33.66
N GLY T 50 -55.29 -15.41 33.37
CA GLY T 50 -54.58 -14.37 32.65
C GLY T 50 -55.21 -14.11 31.29
N LEU T 51 -55.51 -15.17 30.55
CA LEU T 51 -56.12 -14.97 29.25
C LEU T 51 -57.58 -14.55 29.33
N LEU T 52 -58.32 -14.96 30.36
CA LEU T 52 -59.67 -14.41 30.53
C LEU T 52 -59.59 -12.91 30.75
N GLY T 53 -58.69 -12.47 31.63
CA GLY T 53 -58.53 -11.05 31.86
C GLY T 53 -58.11 -10.30 30.62
N MET T 54 -57.18 -10.86 29.84
CA MET T 54 -56.72 -10.22 28.62
C MET T 54 -57.83 -10.14 27.57
N VAL T 55 -58.58 -11.23 27.39
CA VAL T 55 -59.65 -11.22 26.38
C VAL T 55 -60.70 -10.19 26.74
N CYS T 56 -61.14 -10.17 28.00
CA CYS T 56 -62.14 -9.16 28.37
C CYS T 56 -61.56 -7.76 28.30
N GLY T 57 -60.29 -7.58 28.66
CA GLY T 57 -59.68 -6.27 28.56
C GLY T 57 -59.63 -5.75 27.13
N ILE T 58 -59.28 -6.61 26.19
CA ILE T 58 -59.27 -6.19 24.79
C ILE T 58 -60.68 -5.92 24.29
N VAL T 59 -61.60 -6.84 24.53
CA VAL T 59 -62.96 -6.66 24.02
C VAL T 59 -63.63 -5.42 24.59
N GLY T 60 -63.31 -5.04 25.82
CA GLY T 60 -63.86 -3.82 26.37
C GLY T 60 -63.12 -2.55 26.02
N PHE T 61 -62.16 -2.64 25.08
CA PHE T 61 -61.35 -1.44 24.70
C PHE T 61 -62.24 -0.38 24.05
N SER T 62 -61.75 0.87 23.96
CA SER T 62 -62.56 1.98 23.40
C SER T 62 -62.60 1.95 21.87
N GLN T 63 -62.20 0.84 21.25
CA GLN T 63 -62.29 0.70 19.77
C GLN T 63 -63.76 0.62 19.37
N PRO T 64 -64.14 1.01 18.12
CA PRO T 64 -65.54 1.03 17.68
C PRO T 64 -66.49 1.75 18.65
N ALA T 65 -66.51 3.08 18.60
CA ALA T 65 -67.36 3.88 19.52
C ALA T 65 -68.82 3.90 19.04
N PRO T 66 -69.74 4.58 19.74
CA PRO T 66 -71.11 4.68 19.25
C PRO T 66 -71.09 5.11 17.78
N ALA T 67 -71.84 4.41 16.93
CA ALA T 67 -71.83 4.73 15.48
C ALA T 67 -72.32 6.17 15.32
N PRO T 68 -71.74 6.97 14.40
CA PRO T 68 -72.14 8.38 14.33
C PRO T 68 -73.65 8.46 14.05
N LEU T 69 -74.36 9.31 14.80
CA LEU T 69 -75.83 9.40 14.65
C LEU T 69 -76.17 10.75 14.02
N VAL T 70 -76.94 10.74 12.93
CA VAL T 70 -77.36 12.02 12.29
C VAL T 70 -78.77 12.34 12.76
N LEU T 71 -78.92 13.46 13.49
CA LEU T 71 -80.28 13.88 13.90
C LEU T 71 -80.86 14.74 12.78
N ARG T 72 -81.33 14.11 11.70
CA ARG T 72 -81.81 14.86 10.56
C ARG T 72 -82.79 15.96 10.98
N VAL T 73 -82.43 17.19 10.51
CA VAL T 73 -83.29 18.32 10.85
C VAL T 73 -84.01 18.81 9.60
N ASP T 74 -85.36 18.79 9.68
CA ASP T 74 -86.19 19.34 8.61
C ASP T 74 -86.11 20.87 8.57
N ASN T 75 -85.70 21.46 7.46
CA ASN T 75 -85.46 22.88 7.24
C ASN T 75 -86.76 23.69 7.24
N ALA T 76 -87.93 23.01 7.03
CA ALA T 76 -89.23 23.64 6.91
C ALA T 76 -90.01 23.57 8.22
N THR T 77 -89.79 22.50 8.96
CA THR T 77 -90.59 22.26 10.16
C THR T 77 -89.70 22.28 11.40
N GLY T 78 -88.41 22.04 11.23
CA GLY T 78 -87.48 22.01 12.38
C GLY T 78 -87.58 20.69 13.14
N ALA T 79 -88.29 19.71 12.58
CA ALA T 79 -88.45 18.38 13.23
C ALA T 79 -87.09 17.69 13.30
N VAL T 80 -86.81 16.98 14.39
CA VAL T 80 -85.46 16.34 14.56
C VAL T 80 -85.60 14.82 14.43
N ASP T 81 -84.86 14.21 13.49
CA ASP T 81 -84.87 12.74 13.31
C ASP T 81 -83.76 12.12 14.16
N VAL T 82 -83.57 10.80 14.05
CA VAL T 82 -82.56 10.10 14.91
C VAL T 82 -81.79 9.07 14.09
N VAL T 83 -80.82 8.39 14.70
CA VAL T 83 -80.11 7.29 13.99
C VAL T 83 -81.17 6.27 13.56
N THR T 84 -80.91 5.50 12.50
CA THR T 84 -81.96 4.60 11.97
C THR T 84 -81.34 3.36 11.30
N THR T 85 -82.17 2.54 10.66
CA THR T 85 -81.68 1.33 9.94
C THR T 85 -81.18 1.78 8.57
N LEU T 86 -81.16 3.10 8.32
CA LEU T 86 -80.68 3.67 7.04
C LEU T 86 -79.20 3.30 6.83
N ARG T 87 -78.45 3.04 7.90
CA ARG T 87 -77.04 2.59 7.73
C ARG T 87 -77.05 1.27 6.93
N GLU T 88 -77.96 0.34 7.27
CA GLU T 88 -78.06 -0.96 6.54
C GLU T 88 -79.06 -0.79 5.39
N HIS T 89 -79.17 0.42 4.86
CA HIS T 89 -80.12 0.72 3.74
C HIS T 89 -79.52 1.91 2.99
N GLU T 90 -80.32 2.65 2.22
CA GLU T 90 -79.76 3.87 1.58
C GLU T 90 -79.84 5.00 2.61
N SER T 91 -78.71 5.33 3.24
CA SER T 91 -78.69 6.38 4.29
C SER T 91 -79.07 7.73 3.69
N SER T 92 -78.55 8.04 2.50
CA SER T 92 -78.96 9.31 1.82
C SER T 92 -80.46 9.20 1.51
N TYR T 93 -81.22 10.24 1.84
CA TYR T 93 -82.70 10.18 1.64
C TYR T 93 -83.19 11.51 1.06
N GLY T 94 -84.23 11.47 0.24
CA GLY T 94 -84.81 12.71 -0.31
C GLY T 94 -84.14 13.13 -1.61
N GLU T 95 -84.91 13.26 -2.69
CA GLU T 95 -84.38 13.75 -3.99
C GLU T 95 -83.38 14.90 -3.75
N VAL T 96 -83.79 15.94 -3.03
CA VAL T 96 -82.92 17.08 -2.79
C VAL T 96 -81.54 16.67 -2.28
N VAL T 97 -81.52 15.81 -1.29
CA VAL T 97 -80.27 15.36 -0.72
C VAL T 97 -79.50 14.46 -1.68
N ASP T 98 -80.18 13.50 -2.32
CA ASP T 98 -79.46 12.61 -3.20
C ASP T 98 -78.87 13.35 -4.39
N THR T 99 -79.59 14.32 -4.97
CA THR T 99 -79.08 15.04 -6.13
C THR T 99 -77.84 15.84 -5.75
N TYR T 100 -77.79 16.38 -4.54
CA TYR T 100 -76.58 17.04 -4.09
C TYR T 100 -75.39 16.12 -4.12
N TRP T 101 -75.53 14.94 -3.52
CA TRP T 101 -74.39 14.03 -3.46
C TRP T 101 -73.95 13.55 -4.82
N LEU T 102 -74.92 13.29 -5.69
CA LEU T 102 -74.66 12.84 -7.04
C LEU T 102 -73.91 13.93 -7.82
N ASN T 103 -74.31 15.20 -7.62
CA ASN T 103 -73.62 16.34 -8.22
C ASN T 103 -72.20 16.46 -7.74
N GLN T 104 -72.02 16.47 -6.42
CA GLN T 104 -70.69 16.67 -5.89
C GLN T 104 -69.79 15.51 -6.30
N TYR T 105 -70.35 14.29 -6.35
CA TYR T 105 -69.58 13.14 -6.75
C TYR T 105 -69.07 13.29 -8.18
N VAL T 106 -69.98 13.57 -9.11
CA VAL T 106 -69.61 13.68 -10.52
C VAL T 106 -68.66 14.81 -10.75
N LEU T 107 -68.95 15.98 -10.18
CA LEU T 107 -68.09 17.12 -10.40
C LEU T 107 -66.68 16.80 -9.94
N ASN T 108 -66.52 16.33 -8.70
CA ASN T 108 -65.19 16.09 -8.19
C ASN T 108 -64.49 14.93 -8.90
N ARG T 109 -65.24 13.88 -9.23
CA ARG T 109 -64.68 12.71 -9.90
C ARG T 109 -64.14 13.04 -11.29
N GLU T 110 -64.97 13.73 -12.10
CA GLU T 110 -64.67 14.03 -13.49
C GLU T 110 -63.70 15.21 -13.66
N ALA T 111 -63.74 16.19 -12.75
CA ALA T 111 -62.93 17.40 -12.80
C ALA T 111 -61.46 17.13 -12.44
N TYR T 112 -60.59 18.06 -12.80
CA TYR T 112 -59.17 17.97 -12.46
C TYR T 112 -58.45 19.30 -12.41
N ASP T 113 -57.69 19.48 -11.34
CA ASP T 113 -56.82 20.62 -11.18
C ASP T 113 -55.72 20.22 -10.25
N TYR T 114 -54.49 20.26 -10.73
CA TYR T 114 -53.29 19.87 -10.02
C TYR T 114 -53.30 20.42 -8.59
N ASN T 115 -53.79 21.65 -8.45
CA ASN T 115 -53.82 22.41 -7.22
C ASN T 115 -54.87 21.96 -6.18
N THR T 116 -55.99 21.34 -6.62
CA THR T 116 -57.07 20.99 -5.69
C THR T 116 -57.41 19.49 -5.71
N ILE T 117 -56.90 18.76 -6.70
CA ILE T 117 -57.20 17.35 -6.92
C ILE T 117 -56.98 16.48 -5.70
N GLN T 118 -56.03 16.78 -4.83
CA GLN T 118 -55.91 15.86 -3.70
C GLN T 118 -57.21 15.79 -2.90
N MET T 119 -57.94 16.91 -2.77
CA MET T 119 -59.17 16.87 -2.00
C MET T 119 -60.27 16.21 -2.81
N ASN T 120 -60.30 16.47 -4.11
CA ASN T 120 -61.37 15.89 -4.94
C ASN T 120 -61.18 14.38 -5.04
N TYR T 121 -59.92 13.96 -5.09
CA TYR T 121 -59.51 12.57 -5.19
C TYR T 121 -59.93 11.80 -3.95
N ASP T 122 -59.55 12.32 -2.78
CA ASP T 122 -59.92 11.69 -1.52
C ASP T 122 -61.42 11.73 -1.29
N THR T 123 -62.07 12.83 -1.69
CA THR T 123 -63.51 12.96 -1.54
C THR T 123 -64.19 11.92 -2.42
N THR T 124 -63.75 11.78 -3.66
CA THR T 124 -64.37 10.81 -4.53
C THR T 124 -64.25 9.44 -3.87
N ALA T 125 -63.06 9.08 -3.39
CA ALA T 125 -62.91 7.78 -2.74
C ALA T 125 -63.84 7.65 -1.53
N LEU T 126 -63.97 8.70 -0.74
CA LEU T 126 -64.84 8.74 0.42
C LEU T 126 -66.32 8.51 0.09
N LEU T 127 -66.71 8.85 -1.13
CA LEU T 127 -68.07 8.73 -1.60
C LEU T 127 -68.19 7.54 -2.57
N SER T 128 -67.24 6.59 -2.52
CA SER T 128 -67.24 5.43 -3.42
C SER T 128 -67.04 4.07 -2.71
N ALA T 129 -67.76 3.07 -3.18
CA ALA T 129 -67.59 1.68 -2.74
C ALA T 129 -66.19 1.27 -3.18
N PRO T 130 -65.45 0.40 -2.47
CA PRO T 130 -64.11 -0.05 -2.86
C PRO T 130 -63.99 -0.41 -4.34
N ALA T 131 -64.99 -1.07 -4.92
CA ALA T 131 -64.94 -1.40 -6.35
C ALA T 131 -64.81 -0.15 -7.21
N VAL T 132 -65.58 0.87 -6.83
CA VAL T 132 -65.67 2.14 -7.51
C VAL T 132 -64.40 2.92 -7.24
N GLN T 133 -63.91 2.87 -5.99
CA GLN T 133 -62.71 3.58 -5.62
C GLN T 133 -61.55 3.11 -6.48
N GLN T 134 -61.45 1.79 -6.69
CA GLN T 134 -60.39 1.24 -7.50
C GLN T 134 -60.49 1.69 -8.95
N ASP T 135 -61.72 1.71 -9.51
CA ASP T 135 -61.88 2.16 -10.87
C ASP T 135 -61.35 3.58 -11.00
N TYR T 136 -61.71 4.42 -10.03
CA TYR T 136 -61.27 5.80 -9.97
C TYR T 136 -59.75 5.94 -9.81
N TYR T 137 -59.16 5.20 -8.87
CA TYR T 137 -57.73 5.31 -8.59
C TYR T 137 -56.92 5.00 -9.84
N LYS T 138 -57.37 4.00 -10.60
CA LYS T 138 -56.73 3.55 -11.83
C LYS T 138 -56.62 4.64 -12.90
N LEU T 139 -57.44 5.70 -12.82
CA LEU T 139 -57.44 6.76 -13.81
C LEU T 139 -56.19 7.62 -13.66
N PHE T 140 -55.50 7.45 -12.55
CA PHE T 140 -54.32 8.21 -12.23
C PHE T 140 -53.09 7.31 -12.36
N ASP T 141 -53.27 6.10 -12.93
CA ASP T 141 -52.15 5.19 -13.06
C ASP T 141 -51.64 5.06 -14.50
N GLY T 142 -50.41 4.61 -14.63
CA GLY T 142 -49.78 4.33 -15.92
C GLY T 142 -49.37 5.60 -16.68
N SER T 143 -48.87 5.40 -17.91
CA SER T 143 -48.38 6.49 -18.74
C SER T 143 -49.48 7.45 -19.22
N ASN T 144 -50.72 6.99 -19.17
CA ASN T 144 -51.88 7.76 -19.60
C ASN T 144 -52.66 8.32 -18.42
N ALA T 145 -52.01 8.32 -17.25
CA ALA T 145 -52.58 8.82 -16.01
C ALA T 145 -53.02 10.25 -16.14
N ARG T 146 -54.12 10.61 -15.50
CA ARG T 146 -54.58 12.00 -15.53
C ARG T 146 -53.47 12.93 -15.00
N ASP T 147 -52.73 12.44 -14.01
CA ASP T 147 -51.59 13.12 -13.39
C ASP T 147 -50.43 13.41 -14.36
N ARG T 148 -50.36 12.67 -15.48
CA ARG T 148 -49.30 12.84 -16.47
C ARG T 148 -49.81 13.53 -17.73
N VAL T 149 -51.07 13.24 -18.09
CA VAL T 149 -51.72 13.79 -19.28
C VAL T 149 -52.09 15.25 -19.08
N LEU T 150 -52.73 15.54 -17.95
CA LEU T 150 -53.12 16.88 -17.61
C LEU T 150 -52.00 17.48 -16.76
N GLY T 151 -51.56 16.72 -15.74
CA GLY T 151 -50.45 17.18 -14.92
C GLY T 151 -50.71 18.59 -14.46
N ASN T 152 -49.75 19.48 -14.70
CA ASN T 152 -49.89 20.89 -14.35
C ASN T 152 -49.81 21.73 -15.63
N LYS T 153 -50.22 21.13 -16.74
CA LYS T 153 -50.24 21.78 -18.06
C LYS T 153 -51.66 22.07 -18.52
N ALA T 154 -52.61 21.21 -18.12
CA ALA T 154 -54.00 21.34 -18.50
C ALA T 154 -54.90 20.96 -17.33
N ARG T 155 -56.11 21.52 -17.34
CA ARG T 155 -57.10 21.31 -16.30
C ARG T 155 -58.51 21.04 -16.83
N ILE T 156 -59.31 20.32 -16.05
CA ILE T 156 -60.69 20.03 -16.43
C ILE T 156 -61.72 20.67 -15.50
N THR T 157 -62.64 21.39 -16.13
CA THR T 157 -63.75 22.05 -15.44
C THR T 157 -65.04 21.29 -15.69
N VAL T 158 -65.74 20.93 -14.60
CA VAL T 158 -66.99 20.17 -14.69
C VAL T 158 -68.12 20.86 -13.96
N ARG T 159 -69.28 20.88 -14.61
CA ARG T 159 -70.50 21.46 -14.05
C ARG T 159 -71.69 20.57 -14.37
N VAL T 160 -72.57 20.37 -13.39
CA VAL T 160 -73.78 19.57 -13.57
C VAL T 160 -74.98 20.44 -13.90
N ARG T 161 -75.71 20.06 -14.94
CA ARG T 161 -76.87 20.81 -15.39
C ARG T 161 -78.15 20.36 -14.70
N SER T 162 -78.32 19.03 -14.58
CA SER T 162 -79.52 18.46 -13.99
C SER T 162 -79.39 17.02 -13.52
N ILE T 163 -79.96 16.71 -12.35
CA ILE T 163 -79.98 15.33 -11.87
C ILE T 163 -81.39 14.89 -11.55
N GLN T 164 -81.77 13.74 -12.10
CA GLN T 164 -83.09 13.19 -11.83
C GLN T 164 -83.01 11.71 -11.40
N PRO T 165 -83.32 11.38 -10.12
CA PRO T 165 -83.39 10.04 -9.57
C PRO T 165 -84.40 9.21 -10.35
N ASN T 166 -84.12 7.93 -10.53
CA ASN T 166 -85.01 7.06 -11.29
C ASN T 166 -85.06 5.67 -10.68
N GLY T 167 -85.68 5.57 -9.50
CA GLY T 167 -85.71 4.29 -8.79
C GLY T 167 -84.98 4.40 -7.46
N ARG T 168 -84.63 3.26 -6.88
CA ARG T 168 -84.09 2.43 -5.83
C ARG T 168 -82.57 2.43 -5.87
N GLY T 169 -81.95 3.53 -5.41
CA GLY T 169 -80.49 3.65 -5.47
C GLY T 169 -79.95 3.99 -6.85
N GLN T 170 -80.73 4.67 -7.70
CA GLN T 170 -80.22 4.98 -9.02
C GLN T 170 -80.68 6.33 -9.53
N ALA T 171 -79.75 7.06 -10.17
CA ALA T 171 -80.05 8.37 -10.74
C ALA T 171 -79.27 8.70 -11.99
N THR T 172 -79.84 9.61 -12.80
CA THR T 172 -79.19 10.08 -14.02
C THR T 172 -78.67 11.51 -13.86
N VAL T 173 -77.38 11.70 -14.16
CA VAL T 173 -76.74 13.01 -14.06
C VAL T 173 -76.34 13.56 -15.42
N ARG T 174 -76.90 14.71 -15.78
CA ARG T 174 -76.58 15.35 -17.04
C ARG T 174 -75.61 16.49 -16.77
N PHE T 175 -74.44 16.44 -17.39
CA PHE T 175 -73.41 17.42 -17.09
C PHE T 175 -72.50 17.75 -18.27
N THR T 176 -71.68 18.78 -18.11
CA THR T 176 -70.73 19.13 -19.16
C THR T 176 -69.32 19.18 -18.61
N THR T 177 -68.37 19.16 -19.52
CA THR T 177 -66.95 19.24 -19.19
C THR T 177 -66.12 19.93 -20.26
N GLN T 178 -65.08 20.63 -19.82
CA GLN T 178 -64.20 21.33 -20.75
C GLN T 178 -62.74 21.38 -20.30
N GLN T 179 -61.82 21.43 -21.26
CA GLN T 179 -60.39 21.51 -20.94
C GLN T 179 -59.75 22.86 -21.22
N HIS T 180 -59.07 23.36 -20.19
CA HIS T 180 -58.34 24.63 -20.18
C HIS T 180 -56.86 24.37 -20.06
N ASN T 181 -56.00 25.29 -20.53
CA ASN T 181 -54.58 25.03 -20.32
C ASN T 181 -53.66 26.23 -20.08
N SER T 182 -52.38 25.93 -19.89
CA SER T 182 -51.31 26.87 -19.57
C SER T 182 -51.00 27.88 -20.67
N ASN T 183 -51.51 27.67 -21.87
CA ASN T 183 -51.25 28.59 -22.97
C ASN T 183 -52.43 29.54 -23.08
N GLY T 184 -53.38 29.42 -22.15
CA GLY T 184 -54.55 30.26 -22.13
C GLY T 184 -55.62 29.84 -23.11
N THR T 185 -55.60 28.59 -23.61
CA THR T 185 -56.62 28.23 -24.57
C THR T 185 -57.67 27.39 -23.88
N VAL T 186 -58.82 27.23 -24.55
CA VAL T 186 -59.91 26.41 -24.06
C VAL T 186 -60.44 25.52 -25.20
N GLU T 187 -60.60 24.23 -24.92
CA GLU T 187 -61.14 23.27 -25.87
C GLU T 187 -62.65 23.36 -25.88
N ALA T 188 -63.28 22.98 -26.99
CA ALA T 188 -64.73 23.01 -27.04
C ALA T 188 -65.29 22.11 -25.93
N PRO T 189 -66.37 22.53 -25.23
CA PRO T 189 -67.01 21.78 -24.17
C PRO T 189 -67.68 20.55 -24.73
N GLN T 190 -67.68 19.50 -23.93
CA GLN T 190 -68.33 18.26 -24.26
C GLN T 190 -69.51 18.05 -23.35
N HIS T 191 -70.47 17.26 -23.79
CA HIS T 191 -71.63 16.92 -22.98
C HIS T 191 -71.58 15.44 -22.66
N GLN T 192 -71.84 15.08 -21.40
CA GLN T 192 -71.80 13.70 -20.90
C GLN T 192 -72.96 13.37 -19.97
N ILE T 193 -73.32 12.09 -19.90
CA ILE T 193 -74.34 11.68 -18.95
C ILE T 193 -73.86 10.52 -18.09
N ALA T 194 -73.96 10.69 -16.77
CA ALA T 194 -73.54 9.64 -15.86
C ALA T 194 -74.72 8.89 -15.29
N THR T 195 -74.53 7.60 -15.10
CA THR T 195 -75.52 6.78 -14.43
C THR T 195 -74.88 6.34 -13.14
N ILE T 196 -75.56 6.65 -12.04
CA ILE T 196 -74.98 6.33 -10.76
C ILE T 196 -75.82 5.40 -9.94
N GLY T 197 -75.21 4.29 -9.53
CA GLY T 197 -75.87 3.36 -8.62
C GLY T 197 -75.35 3.77 -7.25
N TYR T 198 -76.22 3.86 -6.25
CA TYR T 198 -75.72 4.30 -4.96
C TYR T 198 -76.52 3.88 -3.74
N THR T 199 -75.88 4.02 -2.60
CA THR T 199 -76.47 3.80 -1.31
C THR T 199 -75.85 4.74 -0.32
N TYR T 200 -76.16 4.53 0.95
CA TYR T 200 -75.57 5.28 2.04
C TYR T 200 -75.12 4.27 3.09
N ILE T 201 -73.96 4.49 3.68
CA ILE T 201 -73.42 3.58 4.68
C ILE T 201 -73.47 4.15 6.11
N GLY T 202 -74.17 5.26 6.25
CA GLY T 202 -74.32 5.92 7.53
C GLY T 202 -73.12 6.76 7.87
N ALA T 203 -73.17 7.43 9.01
CA ALA T 203 -72.08 8.30 9.38
C ALA T 203 -70.77 7.51 9.54
N PRO T 204 -69.62 8.03 9.06
CA PRO T 204 -68.28 7.47 9.17
C PRO T 204 -67.77 7.75 10.58
N MET T 205 -66.74 7.02 11.04
CA MET T 205 -66.20 7.27 12.39
C MET T 205 -64.74 7.72 12.43
N ARG T 206 -64.45 8.78 11.70
CA ARG T 206 -63.15 9.45 11.65
C ARG T 206 -63.39 10.93 11.35
N SER T 207 -62.67 11.84 12.02
CA SER T 207 -62.91 13.26 11.75
C SER T 207 -62.65 13.67 10.30
N SER T 208 -61.67 13.01 9.68
CA SER T 208 -61.29 13.28 8.30
C SER T 208 -62.33 12.82 7.27
N ASP T 209 -63.28 11.98 7.71
CA ASP T 209 -64.34 11.50 6.85
C ASP T 209 -65.66 12.21 7.12
N ARG T 210 -65.98 12.45 8.39
CA ARG T 210 -67.27 13.03 8.74
C ARG T 210 -67.37 14.47 8.31
N LEU T 211 -66.22 15.15 8.21
CA LEU T 211 -66.25 16.54 7.80
C LEU T 211 -66.35 16.68 6.27
N LEU T 212 -66.35 15.55 5.55
CA LEU T 212 -66.48 15.51 4.09
C LEU T 212 -67.77 14.78 3.60
N ASN T 213 -68.16 13.68 4.28
CA ASN T 213 -69.31 12.84 3.88
C ASN T 213 -70.11 12.29 5.07
N PRO T 214 -70.70 13.14 5.94
CA PRO T 214 -71.39 12.78 7.18
C PRO T 214 -72.60 11.87 7.02
N LEU T 215 -73.19 11.96 5.85
CA LEU T 215 -74.35 11.22 5.42
C LEU T 215 -74.07 9.78 5.07
N GLY T 216 -72.81 9.51 4.70
CA GLY T 216 -72.37 8.20 4.24
C GLY T 216 -72.64 7.90 2.77
N PHE T 217 -72.73 8.91 1.91
CA PHE T 217 -73.03 8.63 0.50
C PHE T 217 -72.01 7.70 -0.10
N GLN T 218 -72.47 6.71 -0.85
CA GLN T 218 -71.53 5.82 -1.48
C GLN T 218 -71.99 5.33 -2.85
N VAL T 219 -71.14 5.52 -3.85
CA VAL T 219 -71.41 5.03 -5.19
C VAL T 219 -71.04 3.55 -5.26
N THR T 220 -71.95 2.74 -5.78
CA THR T 220 -71.70 1.31 -5.86
C THR T 220 -71.47 0.87 -7.29
N SER T 221 -71.86 1.72 -8.23
CA SER T 221 -71.71 1.48 -9.65
C SER T 221 -71.63 2.83 -10.36
N TYR T 222 -70.75 2.95 -11.35
CA TYR T 222 -70.64 4.22 -12.06
C TYR T 222 -70.22 4.08 -13.51
N ARG T 223 -70.89 4.81 -14.38
CA ARG T 223 -70.49 4.93 -15.77
C ARG T 223 -70.87 6.29 -16.31
N ALA T 224 -70.11 6.81 -17.27
CA ALA T 224 -70.50 8.05 -17.91
C ALA T 224 -70.10 8.00 -19.38
N ASP T 225 -71.10 8.23 -20.22
CA ASP T 225 -70.96 8.17 -21.66
C ASP T 225 -71.13 9.56 -22.28
N PRO T 226 -70.56 9.83 -23.46
CA PRO T 226 -70.78 11.06 -24.22
C PRO T 226 -72.25 11.21 -24.56
N GLU T 227 -72.74 12.45 -24.51
CA GLU T 227 -74.10 12.75 -24.91
C GLU T 227 -74.08 13.07 -26.39
N MET U 1 32.88 50.30 43.03
CA MET U 1 34.10 51.09 42.83
C MET U 1 35.34 50.20 42.89
N GLY U 2 36.37 50.68 43.59
CA GLY U 2 37.61 49.96 43.69
C GLY U 2 37.65 48.85 44.71
N ALA U 3 36.54 48.60 45.41
CA ALA U 3 36.52 47.54 46.42
C ALA U 3 35.54 46.43 46.03
N ILE U 4 34.33 46.80 45.62
CA ILE U 4 33.27 45.82 45.45
C ILE U 4 33.33 45.19 44.06
N GLU U 5 34.05 45.82 43.12
CA GLU U 5 34.02 45.41 41.73
C GLU U 5 34.48 43.97 41.51
N SER U 6 35.26 43.40 42.43
CA SER U 6 35.70 42.03 42.28
C SER U 6 34.52 41.08 42.21
N ARG U 7 33.61 41.16 43.17
CA ARG U 7 32.44 40.29 43.18
C ARG U 7 31.52 40.60 42.00
N LYS U 8 31.38 41.89 41.66
CA LYS U 8 30.49 42.27 40.57
C LYS U 8 30.95 41.66 39.25
N LEU U 9 32.26 41.70 38.99
CA LEU U 9 32.78 41.04 37.79
C LEU U 9 32.76 39.53 37.92
N LEU U 10 32.96 39.02 39.14
CA LEU U 10 32.96 37.58 39.37
C LEU U 10 31.64 36.96 38.96
N ALA U 11 30.54 37.39 39.60
CA ALA U 11 29.28 36.70 39.45
C ALA U 11 28.70 36.82 38.05
N SER U 12 29.23 37.70 37.20
CA SER U 12 28.67 37.96 35.88
C SER U 12 29.42 37.22 34.79
N GLU U 13 29.87 35.99 35.04
CA GLU U 13 30.63 35.22 34.08
C GLU U 13 29.88 33.95 33.71
N THR U 14 30.17 33.44 32.50
CA THR U 14 29.63 32.16 32.06
C THR U 14 30.65 31.09 32.33
N PRO U 15 30.45 30.21 33.31
CA PRO U 15 31.45 29.20 33.61
C PRO U 15 31.56 28.18 32.49
N VAL U 16 32.70 27.49 32.45
CA VAL U 16 32.95 26.50 31.41
C VAL U 16 32.00 25.32 31.49
N GLY U 17 31.31 25.15 32.62
CA GLY U 17 30.36 24.06 32.75
C GLY U 17 29.24 24.10 31.74
N GLN U 18 28.88 25.29 31.25
CA GLN U 18 27.83 25.39 30.24
C GLN U 18 28.21 24.66 28.97
N PHE U 19 29.50 24.42 28.77
CA PHE U 19 30.00 23.90 27.51
C PHE U 19 30.55 22.49 27.60
N ILE U 20 30.64 21.92 28.81
CA ILE U 20 31.21 20.61 29.04
C ILE U 20 30.06 19.66 29.38
N PRO U 21 29.69 18.75 28.49
CA PRO U 21 28.52 17.88 28.71
C PRO U 21 28.83 16.55 29.39
N TYR U 22 29.20 16.58 30.67
CA TYR U 22 29.53 15.35 31.39
C TYR U 22 29.00 15.40 32.81
N SER U 23 28.90 14.22 33.40
CA SER U 23 28.43 14.04 34.77
C SER U 23 28.92 12.72 35.32
N HIS U 24 28.29 12.27 36.41
CA HIS U 24 28.76 11.12 37.18
C HIS U 24 29.12 9.94 36.29
N HIS U 25 30.19 9.24 36.65
CA HIS U 25 30.35 7.87 36.17
C HIS U 25 29.15 7.04 36.59
N VAL U 26 28.56 6.34 35.64
CA VAL U 26 27.41 5.48 35.95
C VAL U 26 27.89 4.04 35.98
N THR U 27 28.74 3.67 35.04
CA THR U 27 29.48 2.41 35.09
C THR U 27 30.97 2.72 35.09
N ASP U 28 31.77 1.75 35.55
CA ASP U 28 33.19 2.01 35.73
C ASP U 28 33.87 2.34 34.40
N THR U 29 33.19 2.14 33.28
CA THR U 29 33.75 2.45 31.97
C THR U 29 32.94 3.45 31.18
N ILE U 30 31.81 3.92 31.71
CA ILE U 30 30.85 4.72 30.95
C ILE U 30 30.49 5.97 31.73
N ILE U 31 30.49 7.11 31.05
CA ILE U 31 30.26 8.42 31.66
C ILE U 31 28.88 8.92 31.23
N SER U 32 28.12 9.46 32.18
CA SER U 32 26.81 10.00 31.85
C SER U 32 26.94 11.36 31.18
N THR U 33 25.82 12.05 31.06
CA THR U 33 25.75 13.37 30.47
C THR U 33 24.42 14.00 30.87
N LYS U 34 24.39 15.33 30.97
CA LYS U 34 23.16 16.00 31.39
C LYS U 34 21.99 15.65 30.49
N ASN U 35 22.24 15.31 29.24
CA ASN U 35 21.21 14.84 28.34
C ASN U 35 21.08 13.33 28.34
N ALA U 36 21.74 12.65 29.29
CA ALA U 36 21.68 11.19 29.41
C ALA U 36 22.17 10.51 28.13
N GLU U 37 23.42 10.77 27.79
CA GLU U 37 24.06 10.19 26.62
C GLU U 37 25.36 9.53 27.06
N TYR U 38 25.29 8.23 27.32
CA TYR U 38 26.39 7.50 27.91
C TYR U 38 27.44 7.17 26.87
N LEU U 39 28.72 7.31 27.25
CA LEU U 39 29.82 7.09 26.32
C LEU U 39 30.95 6.36 27.02
N SER U 40 31.86 5.80 26.21
CA SER U 40 33.04 5.11 26.71
C SER U 40 34.24 5.47 25.85
N VAL U 41 35.43 5.44 26.44
CA VAL U 41 36.66 5.87 25.76
C VAL U 41 37.51 4.65 25.47
N TRP U 42 38.12 4.63 24.28
CA TRP U 42 38.88 3.47 23.80
C TRP U 42 40.31 3.88 23.44
N LYS U 43 41.25 3.68 24.36
CA LYS U 43 42.66 3.92 24.06
C LYS U 43 43.14 2.85 23.10
N ILE U 44 43.76 3.28 22.00
CA ILE U 44 44.14 2.38 20.92
C ILE U 44 45.63 2.53 20.62
N ASP U 45 46.31 1.40 20.50
CA ASP U 45 47.70 1.36 20.08
C ASP U 45 47.71 1.09 18.58
N GLY U 46 47.54 2.15 17.79
CA GLY U 46 47.32 1.96 16.36
C GLY U 46 48.39 1.09 15.72
N ARG U 47 47.94 0.19 14.85
CA ARG U 47 48.86 -0.73 14.22
C ARG U 47 49.72 -0.01 13.20
N SER U 48 50.90 -0.56 12.95
CA SER U 48 51.86 0.10 12.07
C SER U 48 51.33 0.19 10.66
N HIS U 49 51.81 1.18 9.91
CA HIS U 49 51.36 1.40 8.55
C HIS U 49 52.51 1.34 7.57
N GLN U 50 53.71 1.72 8.03
CA GLN U 50 54.86 1.74 7.15
C GLN U 50 55.16 0.36 6.59
N SER U 51 55.11 -0.66 7.44
CA SER U 51 55.54 -2.00 7.08
C SER U 51 54.34 -2.86 6.66
N ALA U 52 53.76 -2.50 5.52
CA ALA U 52 52.66 -3.27 4.97
C ALA U 52 52.50 -2.93 3.50
N SER U 53 52.09 -3.93 2.73
CA SER U 53 51.78 -3.70 1.32
C SER U 53 50.58 -2.77 1.21
N GLU U 54 50.52 -2.06 0.08
CA GLU U 54 49.42 -1.11 -0.10
C GLU U 54 48.08 -1.82 -0.10
N ALA U 55 47.98 -2.99 -0.73
CA ALA U 55 46.71 -3.70 -0.74
C ALA U 55 46.30 -4.15 0.66
N ASP U 56 47.27 -4.34 1.55
CA ASP U 56 46.92 -4.91 2.85
C ASP U 56 46.27 -3.87 3.75
N VAL U 57 46.57 -2.58 3.55
CA VAL U 57 45.83 -1.57 4.31
C VAL U 57 44.39 -1.50 3.82
N PHE U 58 44.19 -1.69 2.52
CA PHE U 58 42.84 -1.89 2.01
C PHE U 58 42.16 -3.03 2.74
N GLN U 59 42.86 -4.16 2.91
CA GLN U 59 42.26 -5.30 3.58
C GLN U 59 41.94 -4.97 5.03
N TRP U 60 42.82 -4.22 5.70
CA TRP U 60 42.54 -3.80 7.07
C TRP U 60 41.27 -2.97 7.14
N ILE U 61 41.13 -2.01 6.22
CA ILE U 61 39.93 -1.19 6.19
C ILE U 61 38.71 -2.04 5.91
N ARG U 62 38.86 -3.05 5.05
CA ARG U 62 37.73 -3.94 4.76
C ARG U 62 37.28 -4.68 6.01
N GLU U 63 38.22 -5.27 6.74
CA GLU U 63 37.86 -5.96 7.98
C GLU U 63 37.23 -5.00 8.98
N LEU U 64 37.80 -3.80 9.10
CA LEU U 64 37.32 -2.84 10.09
C LEU U 64 35.91 -2.39 9.75
N ASN U 65 35.65 -2.10 8.48
CA ASN U 65 34.32 -1.73 8.05
C ASN U 65 33.33 -2.88 8.21
N ASN U 66 33.78 -4.10 7.94
CA ASN U 66 32.90 -5.25 8.09
C ASN U 66 32.47 -5.42 9.53
N THR U 67 33.39 -5.23 10.48
CA THR U 67 33.00 -5.31 11.88
C THR U 67 32.10 -4.14 12.27
N LEU U 68 32.38 -2.94 11.75
CA LEU U 68 31.57 -1.80 12.11
C LEU U 68 30.14 -1.95 11.63
N ARG U 69 29.95 -2.40 10.39
CA ARG U 69 28.62 -2.34 9.78
C ARG U 69 27.65 -3.28 10.48
N GLY U 70 28.14 -4.21 11.29
CA GLY U 70 27.25 -5.04 12.07
C GLY U 70 26.60 -4.28 13.20
N ILE U 71 27.37 -3.43 13.89
CA ILE U 71 26.90 -2.79 15.11
C ILE U 71 26.54 -1.32 14.95
N SER U 72 26.68 -0.77 13.74
CA SER U 72 26.49 0.66 13.57
C SER U 72 25.01 1.01 13.69
N SER U 73 24.50 1.04 14.91
CA SER U 73 23.13 1.44 15.14
C SER U 73 22.94 2.90 14.72
N ALA U 74 21.72 3.23 14.31
CA ALA U 74 21.42 4.61 13.96
C ALA U 74 21.60 5.56 15.13
N ASN U 75 21.92 5.05 16.32
CA ASN U 75 22.03 5.85 17.54
C ASN U 75 23.47 6.06 17.96
N LEU U 76 24.44 5.69 17.14
CA LEU U 76 25.83 5.64 17.55
C LEU U 76 26.51 6.98 17.31
N SER U 77 27.83 7.02 17.46
CA SER U 77 28.68 8.16 17.14
C SER U 77 30.12 7.73 17.42
N LEU U 78 31.05 8.43 16.78
CA LEU U 78 32.46 8.15 16.99
C LEU U 78 33.22 9.46 17.04
N TRP U 79 34.15 9.57 17.99
CA TRP U 79 35.10 10.67 18.05
C TRP U 79 36.51 10.08 18.13
N THR U 80 37.18 9.97 17.00
CA THR U 80 38.60 9.65 17.07
C THR U 80 39.36 10.86 17.60
N HIS U 81 40.56 10.62 18.12
CA HIS U 81 41.32 11.69 18.76
C HIS U 81 42.78 11.25 18.76
N ILE U 82 43.56 11.75 17.82
CA ILE U 82 44.99 11.43 17.78
C ILE U 82 45.74 12.62 18.35
N VAL U 83 45.98 12.57 19.66
CA VAL U 83 46.58 13.68 20.40
C VAL U 83 48.10 13.51 20.36
N ARG U 84 48.71 14.08 19.32
CA ARG U 84 50.16 14.17 19.28
C ARG U 84 50.65 14.98 20.48
N ARG U 85 51.66 14.45 21.17
CA ARG U 85 52.15 15.11 22.37
C ARG U 85 53.64 14.82 22.54
N ARG U 86 54.32 15.71 23.24
CA ARG U 86 55.72 15.53 23.54
C ARG U 86 55.88 14.92 24.93
N VAL U 87 56.96 14.16 25.10
CA VAL U 87 57.16 13.35 26.29
C VAL U 87 57.86 14.17 27.35
N TYR U 88 57.14 14.53 28.41
CA TYR U 88 57.74 15.09 29.60
C TYR U 88 57.97 14.05 30.68
N GLU U 89 57.41 12.84 30.53
CA GLU U 89 57.52 11.79 31.53
C GLU U 89 58.54 10.76 31.06
N TYR U 90 59.79 11.04 31.37
CA TYR U 90 60.88 10.09 31.15
C TYR U 90 62.03 10.50 32.04
N PRO U 91 62.06 10.03 33.28
CA PRO U 91 63.01 10.59 34.26
C PRO U 91 64.45 10.25 33.90
N ASP U 92 65.35 11.20 34.15
CA ASP U 92 66.76 10.91 34.06
C ASP U 92 67.14 9.87 35.11
N ALA U 93 67.98 8.93 34.71
CA ALA U 93 68.27 7.77 35.54
C ALA U 93 69.58 7.95 36.30
N GLU U 94 69.55 7.62 37.58
CA GLU U 94 70.76 7.57 38.38
C GLU U 94 71.61 6.38 37.95
N PHE U 95 72.91 6.46 38.25
CA PHE U 95 73.82 5.41 37.83
C PHE U 95 75.00 5.34 38.78
N ASP U 96 75.71 4.22 38.71
CA ASP U 96 76.90 3.97 39.50
C ASP U 96 78.13 3.71 38.65
N ASN U 97 77.99 2.95 37.57
CA ASN U 97 79.12 2.67 36.70
C ASN U 97 79.52 3.95 35.97
N VAL U 98 80.83 4.19 35.90
CA VAL U 98 81.32 5.34 35.16
C VAL U 98 81.12 5.14 33.66
N PHE U 99 81.38 3.93 33.18
CA PHE U 99 81.21 3.66 31.75
C PHE U 99 79.77 3.82 31.32
N CYS U 100 78.83 3.29 32.12
CA CYS U 100 77.41 3.47 31.82
C CYS U 100 77.01 4.94 31.89
N ARG U 101 77.50 5.67 32.89
CA ARG U 101 77.14 7.08 33.00
C ARG U 101 77.62 7.85 31.78
N GLN U 102 78.86 7.61 31.35
CA GLN U 102 79.36 8.26 30.15
C GLN U 102 78.51 7.90 28.95
N LEU U 103 78.19 6.62 28.80
CA LEU U 103 77.43 6.18 27.63
C LEU U 103 76.08 6.87 27.59
N ASP U 104 75.40 6.97 28.74
CA ASP U 104 74.07 7.56 28.75
C ASP U 104 74.13 9.07 28.56
N GLU U 105 75.13 9.74 29.13
CA GLU U 105 75.26 11.17 28.88
C GLU U 105 75.52 11.45 27.41
N LYS U 106 76.39 10.66 26.78
CA LYS U 106 76.62 10.83 25.35
C LYS U 106 75.36 10.54 24.55
N TYR U 107 74.63 9.48 24.90
CA TYR U 107 73.45 9.12 24.14
C TYR U 107 72.38 10.21 24.21
N ARG U 108 72.05 10.65 25.42
CA ARG U 108 71.09 11.73 25.57
C ARG U 108 71.60 13.04 24.97
N GLU U 109 72.92 13.18 24.84
CA GLU U 109 73.46 14.32 24.09
C GLU U 109 73.18 14.18 22.60
N SER U 110 73.13 12.94 22.10
CA SER U 110 72.88 12.71 20.68
C SER U 110 71.46 13.05 20.25
N PHE U 111 70.57 13.41 21.18
CA PHE U 111 69.18 13.69 20.87
C PHE U 111 68.87 15.17 20.81
N THR U 112 69.88 16.04 20.82
CA THR U 112 69.64 17.47 20.70
C THR U 112 69.10 17.82 19.32
N GLY U 113 67.83 18.19 19.25
CA GLY U 113 67.21 18.52 17.98
C GLY U 113 66.52 17.34 17.32
N TYR U 114 65.68 16.64 18.09
CA TYR U 114 64.96 15.49 17.58
C TYR U 114 63.52 15.54 18.06
N ASN U 115 62.61 15.11 17.19
CA ASN U 115 61.19 15.08 17.51
C ASN U 115 60.98 14.02 18.57
N LEU U 116 60.78 14.45 19.82
CA LEU U 116 60.61 13.54 20.95
C LEU U 116 59.15 13.32 21.29
N MET U 117 58.28 13.24 20.29
CA MET U 117 56.84 13.32 20.46
C MET U 117 56.20 11.98 20.14
N VAL U 118 55.17 11.62 20.90
CA VAL U 118 54.49 10.34 20.78
C VAL U 118 53.03 10.55 20.43
N ASN U 119 52.55 9.84 19.42
CA ASN U 119 51.15 9.82 19.03
C ASN U 119 50.35 9.10 20.10
N ASP U 120 49.14 9.56 20.35
CA ASP U 120 48.21 8.89 21.26
C ASP U 120 46.83 8.89 20.64
N LEU U 121 46.39 7.75 20.13
CA LEU U 121 45.09 7.64 19.51
C LEU U 121 44.02 7.38 20.56
N TYR U 122 42.77 7.48 20.14
CA TYR U 122 41.63 7.33 21.04
C TYR U 122 40.41 7.01 20.21
N LEU U 123 39.31 6.73 20.88
CA LEU U 123 38.00 6.53 20.25
C LEU U 123 36.95 6.56 21.35
N THR U 124 35.88 7.34 21.15
CA THR U 124 34.82 7.43 22.14
C THR U 124 33.49 7.12 21.45
N VAL U 125 33.04 5.88 21.55
CA VAL U 125 31.79 5.47 20.92
C VAL U 125 30.63 5.86 21.84
N VAL U 126 29.81 6.79 21.37
CA VAL U 126 28.78 7.41 22.18
C VAL U 126 27.44 6.78 21.81
N TYR U 127 26.44 6.95 22.68
CA TYR U 127 25.14 6.31 22.45
C TYR U 127 24.03 7.24 22.93
N ARG U 128 23.40 7.94 21.98
CA ARG U 128 22.17 8.68 22.30
C ARG U 128 21.00 7.72 22.38
N PRO U 129 20.16 7.81 23.40
CA PRO U 129 18.97 6.94 23.43
C PRO U 129 18.05 7.10 22.23
N VAL U 130 17.89 8.32 21.72
CA VAL U 130 16.95 8.62 20.65
C VAL U 130 17.71 9.27 19.50
N SER U 131 17.35 8.89 18.27
CA SER U 131 18.09 9.36 17.10
C SER U 131 17.49 10.63 16.52
N ASP U 132 16.21 10.59 16.16
CA ASP U 132 15.59 11.69 15.44
C ASP U 132 15.52 12.94 16.32
N LYS U 133 15.98 14.07 15.78
CA LYS U 133 16.01 15.31 16.53
C LYS U 133 14.61 15.87 16.75
N VAL U 134 13.66 15.56 15.86
CA VAL U 134 12.34 16.18 15.93
C VAL U 134 11.59 15.72 17.18
N LEU U 135 11.58 14.40 17.43
CA LEU U 135 10.94 13.90 18.65
C LEU U 135 11.74 14.26 19.88
N SER U 136 13.08 14.28 19.77
CA SER U 136 13.89 14.71 20.89
C SER U 136 13.63 16.17 21.26
N PHE U 137 13.14 16.96 20.32
CA PHE U 137 12.76 18.33 20.62
C PHE U 137 11.67 18.37 21.68
N PHE U 138 10.71 17.43 21.60
CA PHE U 138 9.75 17.26 22.69
C PHE U 138 10.39 16.61 23.91
N ALA U 139 11.20 15.58 23.69
CA ALA U 139 11.75 14.79 24.79
C ALA U 139 12.58 15.64 25.73
N LYS U 140 13.18 16.71 25.23
CA LYS U 140 13.93 17.63 26.09
C LYS U 140 13.02 18.39 27.05
N ARG U 141 11.71 18.33 26.87
CA ARG U 141 10.77 19.09 27.68
C ARG U 141 9.93 18.25 28.61
N GLU U 142 9.71 16.96 28.30
CA GLU U 142 8.80 16.14 29.07
C GLU U 142 9.39 15.83 30.45
N ARG U 143 8.54 15.25 31.31
CA ARG U 143 8.93 14.77 32.63
C ARG U 143 8.70 13.28 32.71
N GLU U 144 9.70 12.56 33.21
CA GLU U 144 9.65 11.10 33.26
C GLU U 144 9.82 10.63 34.70
N THR U 145 9.01 9.66 35.09
CA THR U 145 9.12 9.08 36.42
C THR U 145 10.48 8.40 36.58
N PRO U 146 11.00 8.36 37.80
CA PRO U 146 12.35 7.81 38.00
C PRO U 146 12.53 6.37 37.55
N ASP U 147 11.49 5.54 37.67
CA ASP U 147 11.64 4.14 37.30
C ASP U 147 11.92 3.98 35.81
N GLN U 148 11.24 4.78 34.97
CA GLN U 148 11.50 4.70 33.54
C GLN U 148 12.81 5.37 33.17
N LYS U 149 13.25 6.35 33.96
CA LYS U 149 14.61 6.86 33.79
C LYS U 149 15.62 5.74 34.04
N LYS U 150 15.38 4.93 35.08
CA LYS U 150 16.23 3.77 35.31
C LYS U 150 16.15 2.80 34.13
N HIS U 151 14.95 2.59 33.58
CA HIS U 151 14.81 1.65 32.45
C HIS U 151 15.66 2.10 31.27
N ARG U 152 15.57 3.39 30.92
CA ARG U 152 16.47 3.93 29.90
C ARG U 152 17.92 3.72 30.30
N GLN U 153 18.20 3.83 31.60
CA GLN U 153 19.58 3.67 32.07
C GLN U 153 20.13 2.29 31.75
N GLU U 154 19.45 1.23 32.17
CA GLU U 154 19.99 -0.09 31.86
C GLU U 154 19.96 -0.37 30.37
N SER U 155 18.94 0.11 29.65
CA SER U 155 18.93 -0.14 28.21
C SER U 155 20.17 0.45 27.55
N CYS U 156 20.49 1.71 27.85
CA CYS U 156 21.67 2.33 27.27
C CYS U 156 22.96 1.66 27.73
N ILE U 157 23.06 1.31 29.01
CA ILE U 157 24.29 0.69 29.49
C ILE U 157 24.51 -0.66 28.81
N LYS U 158 23.47 -1.48 28.70
CA LYS U 158 23.64 -2.77 28.04
C LYS U 158 24.01 -2.59 26.57
N ALA U 159 23.34 -1.66 25.88
CA ALA U 159 23.65 -1.45 24.48
C ALA U 159 25.10 -1.02 24.29
N LEU U 160 25.54 -0.04 25.07
CA LEU U 160 26.90 0.44 24.94
C LEU U 160 27.92 -0.59 25.37
N GLU U 161 27.57 -1.45 26.33
CA GLU U 161 28.50 -2.48 26.76
C GLU U 161 28.68 -3.53 25.68
N ASP U 162 27.60 -3.87 24.98
CA ASP U 162 27.73 -4.74 23.82
C ASP U 162 28.60 -4.08 22.75
N ILE U 163 28.42 -2.79 22.53
CA ILE U 163 29.26 -2.09 21.55
C ILE U 163 30.73 -2.18 21.96
N ASN U 164 31.00 -2.00 23.26
CA ASN U 164 32.38 -2.06 23.74
C ASN U 164 32.98 -3.45 23.54
N ARG U 165 32.21 -4.49 23.85
CA ARG U 165 32.71 -5.85 23.63
C ARG U 165 33.01 -6.09 22.16
N THR U 166 32.11 -5.66 21.28
CA THR U 166 32.33 -5.88 19.86
C THR U 166 33.56 -5.13 19.36
N LEU U 167 33.73 -3.87 19.80
CA LEU U 167 34.92 -3.13 19.38
C LEU U 167 36.19 -3.75 19.91
N GLY U 168 36.17 -4.22 21.15
CA GLY U 168 37.33 -4.90 21.69
C GLY U 168 37.69 -6.12 20.88
N GLN U 169 36.69 -6.93 20.54
CA GLN U 169 36.95 -8.11 19.73
C GLN U 169 37.37 -7.75 18.31
N SER U 170 36.98 -6.57 17.82
CA SER U 170 37.36 -6.14 16.48
C SER U 170 38.71 -5.45 16.42
N PHE U 171 39.26 -5.03 17.56
CA PHE U 171 40.57 -4.39 17.62
C PHE U 171 41.64 -5.33 18.15
N LYS U 172 41.59 -6.60 17.79
CA LYS U 172 42.54 -7.56 18.33
C LYS U 172 43.96 -7.22 17.89
N ARG U 173 44.14 -6.82 16.64
CA ARG U 173 45.45 -6.46 16.12
C ARG U 173 45.76 -4.98 16.29
N TYR U 174 44.87 -4.23 16.93
CA TYR U 174 45.08 -2.80 17.16
C TYR U 174 45.51 -2.50 18.58
N GLY U 175 45.65 -3.51 19.42
CA GLY U 175 46.13 -3.28 20.78
C GLY U 175 45.28 -2.31 21.57
N ALA U 176 43.97 -2.39 21.44
CA ALA U 176 43.09 -1.45 22.11
C ALA U 176 42.99 -1.76 23.59
N GLU U 177 42.62 -0.74 24.36
CA GLU U 177 42.45 -0.87 25.80
C GLU U 177 41.34 0.07 26.23
N LEU U 178 40.25 -0.47 26.75
CA LEU U 178 39.18 0.35 27.26
C LEU U 178 39.61 1.01 28.57
N LEU U 179 39.45 2.32 28.66
CA LEU U 179 39.89 3.06 29.85
C LEU U 179 38.79 3.03 30.91
N SER U 180 39.20 2.80 32.16
CA SER U 180 38.23 2.61 33.23
C SER U 180 38.83 3.08 34.54
N VAL U 181 37.95 3.25 35.54
CA VAL U 181 38.32 3.82 36.82
C VAL U 181 39.44 3.03 37.47
N TYR U 182 40.41 3.75 38.02
CA TYR U 182 41.49 3.14 38.79
C TYR U 182 41.63 3.92 40.09
N GLU U 183 41.99 3.23 41.16
CA GLU U 183 42.00 3.81 42.50
C GLU U 183 43.42 4.15 42.93
N LYS U 184 43.60 5.35 43.48
CA LYS U 184 44.89 5.78 44.01
C LYS U 184 44.68 6.39 45.39
N GLY U 185 45.27 5.78 46.41
CA GLY U 185 45.21 6.33 47.75
C GLY U 185 43.83 6.39 48.35
N GLY U 186 43.06 5.31 48.23
CA GLY U 186 41.74 5.28 48.82
C GLY U 186 40.77 6.29 48.24
N HIS U 187 40.87 6.54 46.94
CA HIS U 187 40.01 7.50 46.26
C HIS U 187 39.92 7.07 44.81
N ALA U 188 38.84 7.47 44.14
CA ALA U 188 38.56 7.02 42.79
C ALA U 188 39.10 8.04 41.79
N PHE U 189 39.99 7.60 40.92
CA PHE U 189 40.55 8.42 39.85
C PHE U 189 40.05 7.90 38.52
N SER U 190 39.44 8.77 37.72
CA SER U 190 38.88 8.36 36.44
C SER U 190 39.94 8.33 35.36
N ALA U 191 39.94 7.27 34.56
CA ALA U 191 40.86 7.18 33.42
C ALA U 191 40.34 7.95 32.21
N PRO U 192 39.05 7.88 31.85
CA PRO U 192 38.60 8.69 30.71
C PRO U 192 38.64 10.18 31.00
N LEU U 193 38.23 10.58 32.21
CA LEU U 193 38.17 11.99 32.54
C LEU U 193 39.51 12.67 32.34
N GLU U 194 40.61 11.96 32.52
CA GLU U 194 41.92 12.58 32.27
C GLU U 194 42.06 12.92 30.79
N PHE U 195 41.58 12.04 29.91
CA PHE U 195 41.69 12.31 28.47
C PHE U 195 40.80 13.46 28.06
N LEU U 196 39.53 13.44 28.47
CA LEU U 196 38.63 14.52 28.12
C LEU U 196 39.07 15.84 28.74
N ALA U 197 39.66 15.80 29.93
CA ALA U 197 40.23 17.00 30.52
C ALA U 197 41.42 17.49 29.71
N ARG U 198 42.26 16.57 29.23
CA ARG U 198 43.32 16.99 28.32
C ARG U 198 42.75 17.69 27.10
N LEU U 199 41.60 17.23 26.64
CA LEU U 199 40.91 17.94 25.56
C LEU U 199 40.52 19.33 25.99
N VAL U 200 40.02 19.49 27.22
CA VAL U 200 39.59 20.80 27.68
C VAL U 200 40.78 21.66 28.09
N ASN U 201 41.67 21.12 28.92
CA ASN U 201 42.72 21.93 29.54
C ASN U 201 43.92 22.13 28.63
N GLY U 202 44.31 21.13 27.87
CA GLY U 202 45.58 21.14 27.19
C GLY U 202 46.71 20.52 27.96
N GLU U 203 46.49 20.14 29.21
CA GLU U 203 47.45 19.45 30.05
C GLU U 203 46.90 18.08 30.42
N HIS U 204 47.64 17.37 31.28
CA HIS U 204 47.19 16.09 31.81
C HIS U 204 47.08 16.26 33.32
N ILE U 205 45.91 16.68 33.79
CA ILE U 205 45.65 16.87 35.21
C ILE U 205 44.93 15.62 35.71
N PRO U 206 45.47 14.89 36.69
CA PRO U 206 44.78 13.71 37.18
C PRO U 206 43.45 14.06 37.83
N MET U 207 42.36 13.62 37.21
CA MET U 207 41.03 14.03 37.64
C MET U 207 40.47 13.03 38.64
N PRO U 208 40.25 13.41 39.88
CA PRO U 208 39.63 12.50 40.84
C PRO U 208 38.12 12.49 40.68
N ILE U 209 37.48 11.54 41.36
CA ILE U 209 36.03 11.41 41.39
C ILE U 209 35.55 12.04 42.69
N CYS U 210 35.18 13.31 42.63
CA CYS U 210 34.64 13.98 43.79
C CYS U 210 33.12 13.86 43.79
N ARG U 211 32.47 14.62 44.66
CA ARG U 211 31.03 14.47 44.92
C ARG U 211 30.20 15.52 44.18
N ASP U 212 30.62 15.92 42.98
CA ASP U 212 29.85 16.85 42.17
C ASP U 212 29.67 16.28 40.77
N ARG U 213 28.96 17.02 39.94
CA ARG U 213 28.97 16.75 38.52
C ARG U 213 30.34 17.09 37.97
N PHE U 214 30.83 16.28 37.02
CA PHE U 214 32.14 16.54 36.46
C PHE U 214 32.20 17.89 35.76
N SER U 215 31.07 18.33 35.19
CA SER U 215 31.04 19.61 34.49
C SER U 215 31.44 20.76 35.40
N ASP U 216 31.24 20.59 36.71
CA ASP U 216 31.51 21.67 37.64
C ASP U 216 33.00 21.88 37.86
N TYR U 217 33.79 20.80 37.95
CA TYR U 217 35.16 20.88 38.43
C TYR U 217 36.16 20.21 37.49
N MET U 218 35.80 20.04 36.22
CA MET U 218 36.66 19.34 35.28
C MET U 218 37.55 20.28 34.46
N ALA U 219 37.42 21.59 34.64
CA ALA U 219 38.26 22.56 33.95
C ALA U 219 39.06 23.34 34.98
N VAL U 220 40.39 23.25 34.89
CA VAL U 220 41.27 23.95 35.80
C VAL U 220 42.12 24.99 35.06
N ASN U 221 41.81 25.25 33.80
CA ASN U 221 42.53 26.20 32.98
C ASN U 221 41.54 27.17 32.36
N ARG U 222 41.71 28.45 32.65
CA ARG U 222 40.85 29.49 32.08
C ARG U 222 41.21 29.73 30.62
N PRO U 223 40.39 29.30 29.68
CA PRO U 223 40.69 29.54 28.27
C PRO U 223 40.35 30.96 27.88
N MET U 224 40.97 31.40 26.79
CA MET U 224 40.71 32.73 26.25
C MET U 224 40.73 32.65 24.74
N PHE U 225 39.62 33.04 24.11
CA PHE U 225 39.49 33.01 22.67
C PHE U 225 39.49 34.43 22.11
N SER U 226 40.19 34.61 21.00
CA SER U 226 40.30 35.92 20.37
C SER U 226 38.95 36.36 19.79
N LYS U 227 38.71 37.67 19.82
CA LYS U 227 37.46 38.20 19.25
C LYS U 227 37.42 38.00 17.75
N TRP U 228 38.51 38.34 17.05
CA TRP U 228 38.60 38.22 15.60
C TRP U 228 39.88 37.45 15.30
N GLY U 229 39.77 36.14 15.15
CA GLY U 229 40.97 35.37 14.85
C GLY U 229 40.70 33.89 14.84
N GLU U 230 41.79 33.13 14.77
CA GLU U 230 41.74 31.68 14.80
C GLU U 230 42.51 31.07 15.97
N VAL U 231 43.21 31.88 16.75
CA VAL U 231 44.08 31.38 17.80
C VAL U 231 43.52 31.82 19.15
N GLY U 232 43.87 31.05 20.18
CA GLY U 232 43.40 31.33 21.52
C GLY U 232 44.53 31.25 22.53
N GLU U 233 44.20 31.10 23.80
CA GLU U 233 45.23 31.10 24.83
C GLU U 233 44.69 30.52 26.12
N LEU U 234 45.42 29.57 26.71
CA LEU U 234 45.01 28.89 27.93
C LEU U 234 45.88 29.36 29.08
N ARG U 235 45.28 30.08 30.03
CA ARG U 235 46.02 30.66 31.15
C ARG U 235 46.06 29.65 32.28
N SER U 236 47.18 28.95 32.41
CA SER U 236 47.35 27.92 33.40
C SER U 236 48.47 28.28 34.36
N LEU U 237 48.61 27.48 35.42
CA LEU U 237 49.72 27.68 36.34
C LEU U 237 51.06 27.37 35.68
N THR U 238 51.16 26.22 35.02
CA THR U 238 52.43 25.78 34.46
C THR U 238 52.87 26.57 33.25
N GLY U 239 52.02 27.43 32.70
CA GLY U 239 52.38 28.25 31.56
C GLY U 239 51.31 28.35 30.50
N LEU U 240 51.36 29.43 29.73
CA LEU U 240 50.39 29.65 28.67
C LEU U 240 50.61 28.67 27.53
N ARG U 241 49.51 28.27 26.90
CA ARG U 241 49.55 27.46 25.70
C ARG U 241 48.60 28.07 24.68
N ARG U 242 49.12 28.48 23.53
CA ARG U 242 48.32 29.11 22.50
C ARG U 242 47.98 28.07 21.44
N PHE U 243 46.70 27.96 21.13
CA PHE U 243 46.18 26.92 20.25
C PHE U 243 45.49 27.56 19.06
N GLY U 244 45.75 27.03 17.86
CA GLY U 244 45.11 27.54 16.68
C GLY U 244 44.40 26.46 15.93
N MET U 245 43.07 26.53 15.87
CA MET U 245 42.27 25.48 15.29
C MET U 245 42.33 25.53 13.77
N LEU U 246 41.80 24.50 13.13
CA LEU U 246 41.78 24.40 11.68
C LEU U 246 40.65 23.45 11.31
N GLU U 247 40.26 23.45 10.04
CA GLU U 247 39.05 22.75 9.64
C GLU U 247 39.16 22.27 8.20
N ILE U 248 38.55 21.12 7.94
CA ILE U 248 38.47 20.55 6.59
C ILE U 248 37.08 20.83 6.03
N ARG U 249 37.02 21.29 4.77
CA ARG U 249 35.73 21.58 4.17
C ARG U 249 35.59 21.17 2.71
N GLU U 250 36.61 20.60 2.07
CA GLU U 250 36.52 20.29 0.65
C GLU U 250 37.23 18.98 0.39
N TYR U 251 36.45 17.92 0.16
CA TYR U 251 37.02 16.61 -0.16
C TYR U 251 37.40 16.58 -1.64
N ASP U 252 37.68 15.39 -2.16
CA ASP U 252 37.93 15.22 -3.58
C ASP U 252 37.33 13.91 -4.08
N ASP U 253 37.69 13.51 -5.29
CA ASP U 253 37.20 12.26 -5.87
C ASP U 253 38.07 11.08 -5.43
N ALA U 254 38.22 10.96 -4.12
CA ALA U 254 39.08 9.92 -3.57
C ALA U 254 38.90 9.77 -2.07
N THR U 255 39.11 8.54 -1.57
CA THR U 255 39.21 8.27 -0.14
C THR U 255 40.40 7.34 0.10
N GLU U 256 41.54 7.68 -0.50
CA GLU U 256 42.73 6.85 -0.42
C GLU U 256 43.04 6.52 1.04
N PRO U 257 43.44 5.29 1.33
CA PRO U 257 43.55 4.86 2.72
C PRO U 257 44.65 5.60 3.44
N GLY U 258 44.34 6.05 4.65
CA GLY U 258 45.33 6.75 5.44
C GLY U 258 45.91 7.98 4.77
N GLN U 259 45.06 8.83 4.20
CA GLN U 259 45.57 10.04 3.57
C GLN U 259 46.00 11.06 4.61
N LEU U 260 45.48 10.95 5.83
CA LEU U 260 45.90 11.83 6.90
C LEU U 260 47.05 11.26 7.71
N ASN U 261 47.91 10.45 7.07
CA ASN U 261 49.12 9.99 7.74
C ASN U 261 50.15 11.09 7.89
N VAL U 262 50.14 12.09 7.02
CA VAL U 262 51.21 13.08 6.99
C VAL U 262 51.27 13.88 8.27
N LEU U 263 50.16 13.96 9.00
CA LEU U 263 50.15 14.70 10.26
C LEU U 263 50.64 13.88 11.43
N LEU U 264 50.99 12.61 11.20
CA LEU U 264 51.66 11.79 12.20
C LEU U 264 53.12 12.17 12.37
N GLU U 265 53.77 12.61 11.29
CA GLU U 265 55.19 12.93 11.26
C GLU U 265 55.45 14.38 11.62
N SER U 266 54.51 15.01 12.30
CA SER U 266 54.51 16.45 12.48
C SER U 266 55.63 16.89 13.42
N ASP U 267 56.05 18.14 13.22
CA ASP U 267 56.97 18.81 14.13
C ASP U 267 56.23 19.67 15.14
N TYR U 268 54.90 19.67 15.09
CA TYR U 268 54.05 20.55 15.88
C TYR U 268 53.06 19.72 16.66
N GLU U 269 52.99 19.96 17.96
CA GLU U 269 52.14 19.19 18.85
C GLU U 269 50.70 19.68 18.75
N PHE U 270 49.77 18.78 18.44
CA PHE U 270 48.42 19.16 18.09
C PHE U 270 47.43 18.18 18.70
N VAL U 271 46.17 18.30 18.30
CA VAL U 271 45.10 17.35 18.60
C VAL U 271 44.17 17.25 17.41
N LEU U 272 44.22 16.16 16.67
CA LEU U 272 43.25 16.00 15.59
C LEU U 272 41.90 15.58 16.18
N THR U 273 40.85 15.60 15.37
CA THR U 273 39.53 15.23 15.85
C THR U 273 38.71 14.74 14.67
N HIS U 274 37.71 13.92 14.96
CA HIS U 274 36.76 13.50 13.95
C HIS U 274 35.40 13.37 14.60
N SER U 275 34.44 12.88 13.82
CA SER U 275 33.09 12.65 14.30
C SER U 275 32.36 11.88 13.22
N PHE U 276 31.59 10.90 13.62
CA PHE U 276 30.82 10.13 12.65
C PHE U 276 29.47 9.82 13.30
N SER U 277 28.54 10.75 13.16
CA SER U 277 27.21 10.56 13.71
C SER U 277 26.44 9.67 12.75
N VAL U 278 26.51 8.37 13.03
CA VAL U 278 25.93 7.34 12.16
C VAL U 278 24.49 7.71 11.89
N LEU U 279 24.01 7.39 10.69
CA LEU U 279 22.80 7.98 10.17
C LEU U 279 21.91 6.88 9.60
N SER U 280 20.59 7.08 9.70
CA SER U 280 19.64 6.03 9.36
C SER U 280 19.71 5.68 7.88
N ARG U 281 19.43 4.42 7.58
CA ARG U 281 19.40 3.99 6.19
C ARG U 281 18.39 4.74 5.34
N PRO U 282 17.16 5.02 5.79
CA PRO U 282 16.30 5.89 4.96
C PRO U 282 16.87 7.28 4.76
N ALA U 283 17.42 7.91 5.79
CA ALA U 283 17.97 9.25 5.63
C ALA U 283 19.20 9.23 4.74
N ALA U 284 20.07 8.22 4.90
CA ALA U 284 21.23 8.13 4.03
C ALA U 284 20.83 7.88 2.59
N LYS U 285 19.86 6.99 2.36
CA LYS U 285 19.37 6.77 1.02
C LYS U 285 18.75 8.03 0.45
N GLU U 286 18.12 8.86 1.29
CA GLU U 286 17.56 10.10 0.78
C GLU U 286 18.67 11.09 0.40
N TYR U 287 19.73 11.16 1.19
CA TYR U 287 20.86 12.02 0.84
C TYR U 287 21.48 11.58 -0.49
N LEU U 288 21.65 10.27 -0.65
CA LEU U 288 22.24 9.78 -1.89
C LEU U 288 21.28 9.95 -3.06
N GLN U 289 19.98 9.82 -2.83
CA GLN U 289 19.00 10.12 -3.87
C GLN U 289 19.05 11.59 -4.25
N ARG U 290 19.28 12.46 -3.28
CA ARG U 290 19.43 13.88 -3.59
C ARG U 290 20.65 14.13 -4.47
N HIS U 291 21.78 13.51 -4.16
CA HIS U 291 22.94 13.65 -5.01
C HIS U 291 22.67 13.10 -6.41
N GLN U 292 22.00 11.95 -6.48
CA GLN U 292 21.65 11.38 -7.77
C GLN U 292 20.77 12.32 -8.58
N LYS U 293 19.76 12.90 -7.94
CA LYS U 293 18.85 13.80 -8.63
C LYS U 293 19.57 15.04 -9.14
N ASN U 294 20.40 15.65 -8.28
CA ASN U 294 21.14 16.83 -8.69
C ASN U 294 22.06 16.51 -9.86
N LEU U 295 22.73 15.36 -9.81
CA LEU U 295 23.65 15.01 -10.87
C LEU U 295 22.91 14.74 -12.18
N ILE U 296 21.76 14.06 -12.10
CA ILE U 296 21.05 13.61 -13.28
C ILE U 296 20.23 14.75 -13.88
N ASP U 297 20.11 15.85 -13.13
CA ASP U 297 19.53 17.07 -13.69
C ASP U 297 20.57 17.89 -14.42
N ALA U 298 21.29 17.28 -15.35
CA ALA U 298 22.41 17.94 -16.03
C ALA U 298 22.76 17.16 -17.28
N ARG U 299 23.88 17.54 -17.90
CA ARG U 299 24.39 16.81 -19.04
C ARG U 299 24.82 15.41 -18.63
N ASP U 300 24.67 14.46 -19.55
CA ASP U 300 24.96 13.06 -19.26
C ASP U 300 26.46 12.81 -19.35
N VAL U 301 27.15 12.96 -18.23
CA VAL U 301 28.53 12.49 -18.16
C VAL U 301 28.52 10.96 -18.32
N ALA U 302 29.53 10.45 -19.01
CA ALA U 302 29.49 9.05 -19.45
C ALA U 302 29.48 8.08 -18.28
N THR U 303 30.42 8.22 -17.36
CA THR U 303 30.60 7.21 -16.32
C THR U 303 30.50 7.76 -14.90
N ASP U 304 31.08 8.93 -14.63
CA ASP U 304 30.97 9.53 -13.30
C ASP U 304 29.51 9.70 -12.91
N GLN U 305 28.66 10.08 -13.87
CA GLN U 305 27.24 10.26 -13.65
C GLN U 305 26.51 9.00 -13.21
N ILE U 306 26.45 8.01 -14.09
CA ILE U 306 25.38 7.04 -14.00
C ILE U 306 25.75 5.82 -13.15
N GLU U 307 26.73 5.05 -13.64
CA GLU U 307 26.99 3.75 -13.03
C GLU U 307 27.54 3.89 -11.63
N GLU U 308 28.29 4.96 -11.37
CA GLU U 308 28.85 5.13 -10.04
C GLU U 308 27.76 5.25 -9.00
N ILE U 309 26.76 6.10 -9.25
CA ILE U 309 25.70 6.22 -8.26
C ILE U 309 24.78 5.02 -8.32
N ASP U 310 24.71 4.32 -9.46
CA ASP U 310 24.01 3.05 -9.48
C ASP U 310 24.57 2.10 -8.43
N GLU U 311 25.88 1.88 -8.47
CA GLU U 311 26.49 0.97 -7.51
C GLU U 311 26.46 1.54 -6.10
N ALA U 312 26.60 2.86 -5.96
CA ALA U 312 26.52 3.46 -4.63
C ALA U 312 25.19 3.15 -3.96
N LEU U 313 24.09 3.44 -4.65
CA LEU U 313 22.79 3.20 -4.06
C LEU U 313 22.55 1.72 -3.86
N ASN U 314 22.99 0.89 -4.82
CA ASN U 314 22.78 -0.55 -4.68
C ASN U 314 23.53 -1.11 -3.47
N GLN U 315 24.76 -0.67 -3.23
CA GLN U 315 25.47 -1.06 -2.01
C GLN U 315 24.73 -0.59 -0.78
N LEU U 316 24.29 0.67 -0.77
CA LEU U 316 23.68 1.20 0.44
C LEU U 316 22.44 0.41 0.81
N ILE U 317 21.63 0.03 -0.18
CA ILE U 317 20.49 -0.84 0.12
C ILE U 317 20.96 -2.23 0.54
N SER U 318 21.94 -2.77 -0.17
CA SER U 318 22.45 -4.11 0.13
C SER U 318 23.35 -4.14 1.37
N GLY U 319 23.41 -3.05 2.13
CA GLY U 319 24.12 -3.05 3.40
C GLY U 319 25.61 -3.29 3.30
N HIS U 320 26.34 -2.34 2.71
CA HIS U 320 27.79 -2.42 2.64
C HIS U 320 28.46 -1.18 3.18
N PHE U 321 27.71 -0.13 3.48
CA PHE U 321 28.25 1.02 4.20
C PHE U 321 27.09 1.78 4.83
N VAL U 322 27.44 2.64 5.79
CA VAL U 322 26.44 3.41 6.54
C VAL U 322 26.90 4.86 6.60
N MET U 323 26.14 5.76 5.96
CA MET U 323 26.51 7.16 5.91
C MET U 323 26.45 7.80 7.30
N GLY U 324 27.15 8.93 7.45
CA GLY U 324 27.13 9.65 8.71
C GLY U 324 27.67 11.05 8.56
N GLU U 325 27.39 11.87 9.58
CA GLU U 325 27.78 13.27 9.61
C GLU U 325 29.14 13.43 10.29
N HIS U 326 30.05 14.13 9.63
CA HIS U 326 31.47 14.08 9.96
C HIS U 326 32.07 15.48 9.99
N HIS U 327 33.07 15.68 10.84
CA HIS U 327 33.79 16.95 10.88
C HIS U 327 35.14 16.73 11.54
N CYS U 328 36.19 17.32 10.96
CA CYS U 328 37.55 17.13 11.43
C CYS U 328 38.20 18.47 11.73
N THR U 329 38.69 18.64 12.97
CA THR U 329 39.23 19.91 13.43
C THR U 329 40.62 19.72 14.05
N LEU U 330 41.65 19.80 13.21
CA LEU U 330 43.01 19.83 13.71
C LEU U 330 43.25 21.11 14.49
N THR U 331 43.73 20.98 15.72
CA THR U 331 44.09 22.13 16.55
C THR U 331 45.55 22.00 16.97
N VAL U 332 46.37 22.94 16.53
CA VAL U 332 47.79 22.92 16.85
C VAL U 332 48.04 23.70 18.13
N TYR U 333 48.87 23.15 19.01
CA TYR U 333 49.26 23.81 20.24
C TYR U 333 50.65 24.43 20.08
N GLY U 334 50.86 25.57 20.72
CA GLY U 334 52.13 26.27 20.61
C GLY U 334 52.27 27.26 21.74
N GLU U 335 53.43 27.90 21.80
CA GLU U 335 53.76 28.79 22.90
C GLU U 335 53.60 30.27 22.56
N THR U 336 53.75 30.66 21.30
CA THR U 336 53.56 32.04 20.91
C THR U 336 52.70 32.11 19.66
N VAL U 337 51.99 33.24 19.51
CA VAL U 337 50.95 33.34 18.50
C VAL U 337 51.53 33.24 17.09
N GLN U 338 52.73 33.77 16.89
CA GLN U 338 53.37 33.62 15.58
C GLN U 338 53.63 32.15 15.30
N GLN U 339 54.14 31.42 16.29
CA GLN U 339 54.53 30.03 16.06
C GLN U 339 53.32 29.16 15.79
N VAL U 340 52.20 29.40 16.48
CA VAL U 340 51.02 28.59 16.23
C VAL U 340 50.46 28.86 14.85
N ARG U 341 50.55 30.11 14.36
CA ARG U 341 50.15 30.40 12.99
C ARG U 341 51.08 29.71 12.00
N ASP U 342 52.38 29.67 12.30
CA ASP U 342 53.32 28.96 11.43
C ASP U 342 52.97 27.49 11.34
N ASN U 343 52.68 26.87 12.49
CA ASN U 343 52.28 25.47 12.49
C ASN U 343 50.97 25.28 11.76
N LEU U 344 50.04 26.23 11.88
CA LEU U 344 48.78 26.13 11.16
C LEU U 344 49.00 26.16 9.65
N ALA U 345 49.87 27.06 9.18
CA ALA U 345 50.17 27.08 7.75
C ALA U 345 50.84 25.79 7.31
N HIS U 346 51.70 25.22 8.17
CA HIS U 346 52.32 23.94 7.85
C HIS U 346 51.27 22.84 7.74
N ALA U 347 50.31 22.81 8.67
CA ALA U 347 49.28 21.78 8.63
C ALA U 347 48.38 21.96 7.41
N SER U 348 48.11 23.21 7.02
CA SER U 348 47.34 23.46 5.82
C SER U 348 48.08 22.96 4.58
N ALA U 349 49.39 23.19 4.52
CA ALA U 349 50.17 22.65 3.42
C ALA U 349 50.11 21.13 3.42
N ALA U 350 50.21 20.52 4.60
CA ALA U 350 50.17 19.06 4.69
C ALA U 350 48.84 18.51 4.20
N MET U 351 47.72 19.09 4.64
CA MET U 351 46.42 18.63 4.18
C MET U 351 46.24 18.85 2.69
N LEU U 352 46.66 20.01 2.17
CA LEU U 352 46.55 20.23 0.74
C LEU U 352 47.40 19.26 -0.06
N ASP U 353 48.50 18.77 0.51
CA ASP U 353 49.30 17.76 -0.17
C ASP U 353 48.53 16.47 -0.43
N VAL U 354 47.55 16.14 0.41
CA VAL U 354 46.78 14.92 0.25
C VAL U 354 45.36 15.21 -0.23
N ALA U 355 45.15 16.36 -0.88
CA ALA U 355 43.91 16.65 -1.59
C ALA U 355 42.70 16.65 -0.67
N VAL U 356 42.78 17.39 0.44
CA VAL U 356 41.60 17.75 1.22
C VAL U 356 41.71 19.24 1.58
N LEU U 357 41.07 20.09 0.79
CA LEU U 357 41.31 21.51 0.90
C LEU U 357 40.86 22.03 2.27
N PRO U 358 41.78 22.46 3.12
CA PRO U 358 41.39 22.98 4.44
C PRO U 358 41.25 24.49 4.45
N LYS U 359 40.37 25.00 5.29
CA LYS U 359 40.22 26.46 5.47
C LYS U 359 40.23 26.72 6.97
N PRO U 360 41.14 27.55 7.47
CA PRO U 360 41.22 27.76 8.91
C PRO U 360 39.92 28.30 9.47
N VAL U 361 39.51 27.76 10.61
CA VAL U 361 38.28 28.20 11.24
C VAL U 361 38.53 29.52 11.94
N ASP U 362 37.72 30.53 11.62
CA ASP U 362 37.93 31.89 12.10
C ASP U 362 36.76 32.38 12.94
N LEU U 363 35.54 32.34 12.44
CA LEU U 363 34.39 32.78 13.22
C LEU U 363 33.97 31.75 14.26
N ALA U 364 34.07 30.46 13.95
CA ALA U 364 33.64 29.40 14.86
C ALA U 364 34.81 28.74 15.57
N LEU U 365 35.83 29.51 15.97
CA LEU U 365 36.91 28.95 16.75
C LEU U 365 36.40 28.36 18.05
N GLU U 366 35.57 29.11 18.78
CA GLU U 366 35.09 28.63 20.06
C GLU U 366 34.11 27.46 19.88
N ALA U 367 33.29 27.52 18.84
CA ALA U 367 32.37 26.41 18.58
C ALA U 367 33.13 25.15 18.24
N GLY U 368 34.16 25.26 17.40
CA GLY U 368 34.98 24.10 17.12
C GLY U 368 35.67 23.56 18.36
N TYR U 369 36.25 24.46 19.16
CA TYR U 369 36.97 24.02 20.34
C TYR U 369 36.04 23.34 21.34
N TRP U 370 34.78 23.74 21.39
CA TRP U 370 33.81 23.01 22.19
C TRP U 370 33.18 21.85 21.44
N ALA U 371 33.55 21.65 20.18
CA ALA U 371 33.06 20.51 19.40
C ALA U 371 33.98 19.31 19.48
N GLN U 372 35.08 19.42 20.22
CA GLN U 372 35.98 18.29 20.37
C GLN U 372 35.55 17.32 21.45
N LEU U 373 34.99 17.83 22.54
CA LEU U 373 34.55 16.98 23.62
C LEU U 373 33.47 16.03 23.09
N PRO U 374 33.63 14.72 23.29
CA PRO U 374 32.61 13.80 22.79
C PRO U 374 31.25 14.09 23.40
N ALA U 375 30.21 13.76 22.62
CA ALA U 375 28.82 14.08 22.95
C ALA U 375 28.50 15.56 22.79
N ASN U 376 29.06 16.20 21.76
CA ASN U 376 28.73 17.58 21.41
C ASN U 376 28.48 17.67 19.90
N TRP U 377 27.23 17.47 19.50
CA TRP U 377 26.87 17.69 18.11
C TRP U 377 26.42 19.13 17.89
N GLN U 378 25.88 19.76 18.93
CA GLN U 378 25.31 21.10 18.78
C GLN U 378 26.39 22.14 18.55
N TRP U 379 27.66 21.77 18.68
CA TRP U 379 28.76 22.71 18.55
C TRP U 379 29.64 22.45 17.33
N ARG U 380 29.31 21.45 16.53
CA ARG U 380 30.15 21.15 15.38
C ARG U 380 29.98 22.21 14.31
N PRO U 381 31.05 22.78 13.77
CA PRO U 381 30.92 23.76 12.68
C PRO U 381 30.35 23.21 11.39
N ARG U 382 30.97 22.20 10.79
CA ARG U 382 30.63 21.78 9.42
C ARG U 382 30.45 20.26 9.35
N PRO U 383 29.30 19.75 9.76
CA PRO U 383 29.01 18.32 9.59
C PRO U 383 28.54 18.01 8.19
N ALA U 384 29.32 17.21 7.46
CA ALA U 384 29.02 16.90 6.06
C ALA U 384 28.96 15.38 5.88
N PRO U 385 27.83 14.83 5.45
CA PRO U 385 27.70 13.37 5.36
C PRO U 385 28.68 12.75 4.36
N ILE U 386 29.19 11.57 4.73
CA ILE U 386 30.13 10.81 3.90
C ILE U 386 29.86 9.32 4.08
N THR U 387 30.43 8.54 3.17
CA THR U 387 30.36 7.08 3.28
C THR U 387 31.17 6.62 4.49
N SER U 388 30.74 5.50 5.07
CA SER U 388 31.43 5.00 6.26
C SER U 388 32.83 4.49 5.93
N LEU U 389 32.98 3.82 4.79
CA LEU U 389 34.30 3.41 4.32
C LEU U 389 35.19 4.63 4.33
N ASN U 390 34.64 5.76 3.91
CA ASN U 390 35.43 6.97 3.82
C ASN U 390 35.85 7.45 5.19
N PHE U 391 34.96 7.39 6.18
CA PHE U 391 35.37 7.81 7.52
C PHE U 391 36.47 6.92 8.06
N LEU U 392 36.31 5.60 7.91
CA LEU U 392 37.38 4.73 8.35
C LEU U 392 38.64 4.91 7.52
N SER U 393 38.56 5.59 6.38
CA SER U 393 39.74 6.01 5.65
C SER U 393 40.29 7.35 6.11
N PHE U 394 39.51 8.17 6.82
CA PHE U 394 40.05 9.33 7.52
C PHE U 394 40.55 8.99 8.93
N SER U 395 40.39 7.76 9.38
CA SER U 395 40.95 7.38 10.66
C SER U 395 41.19 5.89 10.71
N PRO U 396 42.17 5.38 9.96
CA PRO U 396 42.43 3.93 9.95
C PRO U 396 43.12 3.43 11.19
N PHE U 397 43.33 4.29 12.17
CA PHE U 397 44.08 3.96 13.37
C PHE U 397 45.48 3.45 13.03
N HIS U 398 46.10 4.09 12.05
CA HIS U 398 47.52 3.96 11.82
C HIS U 398 48.29 4.74 12.87
N ASN U 399 49.52 4.32 13.11
CA ASN U 399 50.37 4.95 14.11
C ASN U 399 51.77 4.39 13.96
N PHE U 400 52.76 5.24 14.13
CA PHE U 400 54.13 4.77 14.23
C PHE U 400 54.32 4.08 15.57
N MET U 401 55.09 3.00 15.57
CA MET U 401 55.37 2.33 16.83
C MET U 401 56.19 3.25 17.72
N SER U 402 55.78 3.34 18.99
CA SER U 402 56.42 4.26 19.91
C SER U 402 56.75 3.60 21.24
N GLY U 403 56.01 2.56 21.61
CA GLY U 403 56.20 1.94 22.90
C GLY U 403 55.67 2.81 24.02
N LYS U 404 55.83 2.30 25.23
CA LYS U 404 55.30 2.99 26.40
C LYS U 404 56.44 3.55 27.23
N PRO U 405 56.58 4.87 27.36
CA PRO U 405 57.67 5.41 28.17
C PRO U 405 57.62 5.03 29.63
N THR U 406 56.52 5.30 30.32
CA THR U 406 56.37 4.98 31.74
C THR U 406 55.26 3.96 31.92
N GLY U 407 54.99 3.62 33.17
CA GLY U 407 53.97 2.66 33.49
C GLY U 407 54.36 1.21 33.29
N ASN U 408 55.59 0.95 32.85
CA ASN U 408 56.03 -0.40 32.59
C ASN U 408 56.15 -1.19 33.90
N PRO U 409 56.16 -2.52 33.82
CA PRO U 409 56.33 -3.31 35.06
C PRO U 409 57.58 -2.94 35.83
N TRP U 410 58.68 -2.65 35.13
CA TRP U 410 59.92 -2.30 35.82
C TRP U 410 59.97 -0.81 36.15
N GLY U 411 59.37 0.02 35.30
CA GLY U 411 59.39 1.45 35.51
C GLY U 411 59.50 2.22 34.22
N PRO U 412 60.50 3.08 34.13
CA PRO U 412 60.75 3.80 32.87
C PRO U 412 61.28 2.87 31.80
N ALA U 413 61.12 3.31 30.55
CA ALA U 413 61.61 2.53 29.43
C ALA U 413 63.14 2.43 29.47
N VAL U 414 63.65 1.32 28.94
CA VAL U 414 65.09 1.05 29.07
C VAL U 414 65.90 2.01 28.20
N THR U 415 65.61 2.08 26.91
CA THR U 415 66.34 2.97 26.03
C THR U 415 65.35 3.64 25.09
N ILE U 416 65.86 4.62 24.36
CA ILE U 416 65.13 5.29 23.29
C ILE U 416 65.96 5.18 22.02
N LEU U 417 65.36 4.68 20.96
CA LEU U 417 66.09 4.35 19.75
C LEU U 417 65.65 5.24 18.60
N LYS U 418 66.60 5.61 17.75
CA LYS U 418 66.25 6.31 16.53
C LYS U 418 65.42 5.40 15.64
N THR U 419 64.44 5.97 14.96
CA THR U 419 63.65 5.24 13.99
C THR U 419 63.79 5.89 12.63
N VAL U 420 63.89 5.08 11.57
CA VAL U 420 64.02 5.63 10.23
C VAL U 420 62.83 6.50 9.88
N SER U 421 61.65 6.18 10.43
CA SER U 421 60.50 7.05 10.23
C SER U 421 60.76 8.44 10.80
N GLY U 422 61.38 8.50 11.97
CA GLY U 422 61.68 9.77 12.60
C GLY U 422 61.13 9.84 14.01
N THR U 423 59.93 9.30 14.20
CA THR U 423 59.33 9.27 15.54
C THR U 423 60.10 8.31 16.43
N PRO U 424 60.53 8.74 17.62
CA PRO U 424 61.40 7.89 18.43
C PRO U 424 60.63 6.75 19.05
N LEU U 425 61.31 5.62 19.20
CA LEU U 425 60.75 4.43 19.82
C LEU U 425 61.30 4.32 21.23
N TYR U 426 60.41 4.09 22.19
CA TYR U 426 60.78 4.01 23.60
C TYR U 426 60.93 2.54 23.94
N PHE U 427 62.11 1.99 23.68
CA PHE U 427 62.31 0.56 23.77
C PHE U 427 62.14 0.07 25.20
N ASN U 428 61.63 -1.15 25.34
CA ASN U 428 61.48 -1.83 26.61
C ASN U 428 61.19 -3.30 26.36
N PHE U 429 61.75 -4.16 27.21
CA PHE U 429 61.62 -5.60 26.98
C PHE U 429 60.17 -6.05 27.12
N HIS U 430 59.49 -5.57 28.15
CA HIS U 430 58.16 -6.09 28.45
C HIS U 430 57.15 -5.64 27.42
N ALA U 431 56.73 -6.57 26.57
CA ALA U 431 55.69 -6.34 25.57
C ALA U 431 54.35 -6.73 26.15
N SER U 432 53.30 -6.50 25.38
CA SER U 432 51.94 -6.66 25.87
C SER U 432 51.33 -7.93 25.30
N LYS U 433 51.31 -9.00 26.11
CA LYS U 433 50.47 -10.17 25.87
C LYS U 433 50.79 -10.85 24.54
N GLU U 434 51.98 -11.45 24.46
CA GLU U 434 52.27 -12.26 23.28
C GLU U 434 51.61 -13.63 23.36
N GLU U 435 51.67 -14.27 24.54
CA GLU U 435 51.15 -15.63 24.67
C GLU U 435 49.62 -15.66 24.49
N GLU U 436 48.93 -14.67 25.05
CA GLU U 436 47.52 -14.43 24.77
C GLU U 436 46.63 -15.60 25.21
N ASP U 437 46.98 -16.22 26.35
CA ASP U 437 46.17 -17.30 26.89
C ASP U 437 45.45 -16.91 28.18
N ALA U 438 46.05 -16.05 28.99
CA ALA U 438 45.43 -15.57 30.22
C ALA U 438 45.79 -14.11 30.44
N THR U 439 44.83 -13.35 30.98
CA THR U 439 45.05 -11.92 31.18
C THR U 439 45.88 -11.64 32.43
N ASP U 440 45.59 -12.31 33.54
CA ASP U 440 46.32 -12.09 34.78
C ASP U 440 47.66 -12.81 34.73
N LYS U 441 48.76 -12.04 34.73
CA LYS U 441 50.09 -12.58 34.52
C LYS U 441 51.10 -11.47 34.77
N ARG U 442 52.37 -11.82 34.59
CA ARG U 442 53.47 -10.86 34.49
C ARG U 442 53.84 -10.74 33.02
N LEU U 443 54.01 -9.50 32.55
CA LEU U 443 54.21 -9.26 31.12
C LEU U 443 55.40 -10.05 30.61
N LEU U 444 55.20 -10.74 29.49
CA LEU U 444 56.28 -11.51 28.87
C LEU U 444 57.42 -10.56 28.50
N GLY U 445 58.64 -10.92 28.90
CA GLY U 445 59.75 -10.00 28.74
C GLY U 445 60.91 -10.51 27.95
N ASN U 446 60.75 -11.64 27.27
CA ASN U 446 61.87 -12.20 26.52
C ASN U 446 62.24 -11.30 25.35
N THR U 447 63.25 -11.72 24.61
CA THR U 447 63.75 -10.99 23.45
C THR U 447 64.62 -11.92 22.63
N MET U 448 64.49 -11.86 21.30
CA MET U 448 65.27 -12.73 20.43
C MET U 448 65.89 -11.90 19.33
N LEU U 449 67.18 -11.62 19.44
CA LEU U 449 67.93 -10.97 18.37
C LEU U 449 68.39 -12.05 17.41
N ILE U 450 68.11 -11.88 16.12
CA ILE U 450 68.55 -12.84 15.12
C ILE U 450 69.17 -12.09 13.96
N GLY U 451 70.22 -12.64 13.38
CA GLY U 451 70.86 -12.02 12.24
C GLY U 451 72.35 -12.30 12.25
N GLN U 452 72.92 -12.31 11.05
CA GLN U 452 74.34 -12.64 10.91
C GLN U 452 75.19 -11.60 11.61
N SER U 453 76.18 -12.07 12.37
CA SER U 453 76.90 -11.24 13.31
C SER U 453 77.81 -10.25 12.58
N SER U 454 78.55 -9.47 13.37
CA SER U 454 79.41 -8.35 12.97
C SER U 454 78.58 -7.18 12.45
N SER U 455 77.26 -7.35 12.31
CA SER U 455 76.35 -6.28 11.95
C SER U 455 75.87 -5.50 13.16
N GLY U 456 76.59 -5.59 14.27
CA GLY U 456 76.24 -4.88 15.48
C GLY U 456 75.47 -5.67 16.50
N LYS U 457 75.33 -6.99 16.33
CA LYS U 457 74.59 -7.78 17.30
C LYS U 457 75.21 -7.69 18.68
N THR U 458 76.54 -7.89 18.76
CA THR U 458 77.22 -7.72 20.04
C THR U 458 77.20 -6.26 20.46
N VAL U 459 77.33 -5.33 19.51
CA VAL U 459 77.21 -3.91 19.83
C VAL U 459 75.84 -3.62 20.41
N LEU U 460 74.79 -4.14 19.76
CA LEU U 460 73.43 -3.91 20.23
C LEU U 460 73.22 -4.48 21.62
N LEU U 461 73.56 -5.76 21.83
CA LEU U 461 73.30 -6.37 23.11
C LEU U 461 74.12 -5.73 24.22
N GLY U 462 75.35 -5.35 23.92
CA GLY U 462 76.12 -4.58 24.88
C GLY U 462 75.47 -3.24 25.19
N PHE U 463 74.90 -2.60 24.18
CA PHE U 463 74.26 -1.31 24.42
C PHE U 463 73.06 -1.45 25.35
N LEU U 464 72.19 -2.41 25.06
CA LEU U 464 71.04 -2.62 25.96
C LEU U 464 71.49 -3.01 27.35
N LEU U 465 72.44 -3.94 27.46
CA LEU U 465 72.86 -4.40 28.78
C LEU U 465 73.64 -3.32 29.51
N ALA U 466 74.14 -2.32 28.78
CA ALA U 466 74.85 -1.22 29.41
C ALA U 466 73.89 -0.15 29.89
N GLN U 467 72.80 0.06 29.15
CA GLN U 467 71.84 1.09 29.57
C GLN U 467 70.80 0.56 30.55
N ALA U 468 70.66 -0.76 30.69
CA ALA U 468 69.62 -1.32 31.54
C ALA U 468 69.93 -1.24 33.03
N GLN U 469 71.03 -0.62 33.44
CA GLN U 469 71.42 -0.60 34.84
C GLN U 469 70.63 0.39 35.67
N LYS U 470 69.75 1.19 35.06
CA LYS U 470 68.88 2.05 35.85
C LYS U 470 67.91 1.22 36.69
N PHE U 471 67.72 -0.05 36.34
CA PHE U 471 66.90 -0.98 37.09
C PHE U 471 67.67 -1.71 38.18
N LYS U 472 69.00 -1.57 38.20
CA LYS U 472 69.90 -2.36 39.03
C LYS U 472 69.64 -3.86 38.83
N PRO U 473 69.72 -4.38 37.59
CA PRO U 473 69.36 -5.77 37.36
C PRO U 473 70.53 -6.73 37.41
N THR U 474 70.33 -7.89 38.02
CA THR U 474 71.30 -8.97 37.89
C THR U 474 71.35 -9.43 36.45
N ILE U 475 72.55 -9.83 36.01
CA ILE U 475 72.75 -10.28 34.64
C ILE U 475 73.67 -11.50 34.68
N VAL U 476 73.39 -12.48 33.82
CA VAL U 476 74.22 -13.66 33.68
C VAL U 476 74.40 -13.88 32.18
N ALA U 477 75.59 -13.66 31.67
CA ALA U 477 75.82 -13.57 30.23
C ALA U 477 76.63 -14.76 29.75
N PHE U 478 75.98 -15.65 29.01
CA PHE U 478 76.66 -16.73 28.30
C PHE U 478 76.96 -16.19 26.91
N ASP U 479 78.21 -15.83 26.66
CA ASP U 479 78.59 -15.22 25.41
C ASP U 479 79.42 -16.19 24.57
N LYS U 480 79.83 -15.73 23.39
CA LYS U 480 80.65 -16.50 22.49
C LYS U 480 81.73 -15.61 21.91
N ASP U 481 82.94 -16.16 21.77
CA ASP U 481 84.13 -15.52 21.23
C ASP U 481 84.56 -14.31 22.04
N ARG U 482 84.43 -14.33 23.37
CA ARG U 482 85.03 -13.36 24.28
C ARG U 482 84.58 -11.93 24.03
N GLY U 483 83.53 -11.73 23.24
CA GLY U 483 83.12 -10.38 22.90
C GLY U 483 82.64 -9.58 24.09
N MET U 484 81.89 -10.20 24.99
CA MET U 484 81.25 -9.45 26.06
C MET U 484 82.18 -9.25 27.25
N GLU U 485 83.41 -9.76 27.20
CA GLU U 485 84.29 -9.66 28.36
C GLU U 485 84.56 -8.21 28.71
N ILE U 486 84.87 -7.39 27.71
CA ILE U 486 85.23 -6.00 27.96
C ILE U 486 84.06 -5.27 28.60
N SER U 487 82.85 -5.46 28.07
CA SER U 487 81.69 -4.80 28.63
C SER U 487 81.41 -5.28 30.04
N ILE U 488 81.36 -6.59 30.24
CA ILE U 488 81.00 -7.13 31.56
C ILE U 488 82.01 -6.67 32.61
N ARG U 489 83.28 -6.61 32.25
CA ARG U 489 84.26 -6.01 33.15
C ARG U 489 83.95 -4.54 33.39
N ALA U 490 83.57 -3.81 32.33
CA ALA U 490 83.27 -2.40 32.49
C ALA U 490 82.07 -2.17 33.39
N MET U 491 81.11 -3.09 33.41
CA MET U 491 79.97 -3.00 34.30
C MET U 491 80.27 -3.51 35.70
N GLY U 492 81.55 -3.75 36.01
CA GLY U 492 81.95 -4.04 37.37
C GLY U 492 81.40 -5.33 37.94
N GLY U 493 81.49 -6.42 37.16
CA GLY U 493 81.11 -7.72 37.65
C GLY U 493 82.14 -8.76 37.22
N ARG U 494 82.07 -9.92 37.87
CA ARG U 494 82.96 -11.02 37.55
C ARG U 494 82.66 -11.52 36.15
N TYR U 495 83.69 -11.70 35.34
CA TYR U 495 83.59 -12.39 34.06
C TYR U 495 84.60 -13.53 34.10
N LEU U 496 84.11 -14.75 33.96
CA LEU U 496 85.01 -15.90 33.96
C LEU U 496 85.37 -16.25 32.54
N PRO U 497 86.61 -16.09 32.14
CA PRO U 497 86.99 -16.45 30.79
C PRO U 497 87.41 -17.91 30.66
N LEU U 498 86.43 -18.79 30.66
CA LEU U 498 86.71 -20.22 30.58
C LEU U 498 87.50 -20.55 29.32
N LYS U 499 88.56 -21.34 29.48
CA LYS U 499 89.38 -21.76 28.36
C LYS U 499 89.99 -23.11 28.68
N THR U 500 90.31 -23.85 27.61
CA THR U 500 90.94 -25.15 27.78
C THR U 500 92.38 -24.98 28.28
N GLY U 501 92.83 -25.95 29.07
CA GLY U 501 94.19 -25.98 29.56
C GLY U 501 94.44 -25.22 30.84
N GLU U 502 93.52 -24.34 31.25
CA GLU U 502 93.67 -23.61 32.50
C GLU U 502 92.67 -24.16 33.51
N PRO U 503 93.00 -24.20 34.80
CA PRO U 503 92.08 -24.79 35.78
C PRO U 503 90.73 -24.10 35.76
N SER U 504 89.68 -24.90 36.00
CA SER U 504 88.31 -24.41 35.80
C SER U 504 87.99 -23.23 36.72
N GLY U 505 88.40 -23.31 37.99
CA GLY U 505 88.19 -22.23 38.92
C GLY U 505 86.96 -22.37 39.80
N PHE U 506 85.94 -23.11 39.36
CA PHE U 506 84.77 -23.39 40.18
C PHE U 506 84.42 -24.87 40.10
N ASN U 507 84.04 -25.44 41.24
CA ASN U 507 83.71 -26.85 41.34
C ASN U 507 82.69 -27.05 42.45
N PRO U 508 81.90 -28.13 42.38
CA PRO U 508 80.84 -28.36 43.37
C PRO U 508 81.29 -28.98 44.69
N PHE U 509 82.57 -28.90 45.03
CA PHE U 509 83.08 -29.62 46.19
C PHE U 509 82.43 -29.13 47.49
N GLN U 510 82.22 -27.82 47.62
CA GLN U 510 81.73 -27.24 48.85
C GLN U 510 80.22 -26.99 48.86
N LEU U 511 79.45 -27.78 48.11
CA LEU U 511 78.03 -27.52 47.97
C LEU U 511 77.29 -27.74 49.29
N PRO U 512 76.16 -27.06 49.51
CA PRO U 512 75.39 -27.30 50.72
C PRO U 512 74.80 -28.69 50.74
N PRO U 513 74.61 -29.28 51.93
CA PRO U 513 74.27 -30.70 52.01
C PRO U 513 72.79 -31.04 52.13
N THR U 514 71.89 -30.06 51.94
CA THR U 514 70.47 -30.34 52.08
C THR U 514 70.02 -31.38 51.05
N HIS U 515 68.88 -32.02 51.35
CA HIS U 515 68.45 -33.16 50.54
C HIS U 515 68.13 -32.76 49.11
N ALA U 516 67.62 -31.54 48.90
CA ALA U 516 67.42 -31.05 47.54
C ALA U 516 68.75 -30.85 46.83
N ASN U 517 69.74 -30.30 47.53
CA ASN U 517 71.06 -30.16 46.92
C ASN U 517 71.70 -31.53 46.67
N LEU U 518 71.43 -32.49 47.54
CA LEU U 518 71.87 -33.85 47.27
C LEU U 518 71.21 -34.40 46.01
N ILE U 519 69.91 -34.09 45.83
CA ILE U 519 69.22 -34.50 44.61
C ILE U 519 69.94 -33.93 43.39
N PHE U 520 70.24 -32.63 43.43
CA PHE U 520 70.92 -32.03 42.29
C PHE U 520 72.28 -32.65 42.03
N LEU U 521 73.07 -32.86 43.09
CA LEU U 521 74.44 -33.33 42.86
C LEU U 521 74.43 -34.78 42.38
N LYS U 522 73.48 -35.57 42.87
CA LYS U 522 73.30 -36.92 42.34
C LYS U 522 72.93 -36.86 40.86
N GLN U 523 72.03 -35.94 40.50
CA GLN U 523 71.67 -35.79 39.09
C GLN U 523 72.88 -35.40 38.26
N PHE U 524 73.71 -34.48 38.75
CA PHE U 524 74.87 -34.03 37.99
C PHE U 524 75.83 -35.18 37.75
N VAL U 525 76.20 -35.91 38.81
CA VAL U 525 77.16 -37.00 38.62
C VAL U 525 76.56 -38.09 37.74
N LYS U 526 75.23 -38.21 37.75
CA LYS U 526 74.58 -39.13 36.81
C LYS U 526 74.63 -38.59 35.38
N LYS U 527 74.78 -37.28 35.23
CA LYS U 527 74.89 -36.70 33.89
C LYS U 527 76.35 -36.57 33.45
N LEU U 528 77.25 -36.24 34.38
CA LEU U 528 78.67 -36.23 34.07
C LEU U 528 79.12 -37.59 33.53
N ALA U 529 78.62 -38.67 34.14
CA ALA U 529 78.94 -40.00 33.64
C ALA U 529 78.34 -40.20 32.26
N ALA U 530 79.20 -40.17 31.24
CA ALA U 530 78.76 -40.37 29.84
C ALA U 530 79.79 -41.25 29.14
N ALA U 531 81.02 -41.28 29.67
CA ALA U 531 82.08 -42.15 29.11
C ALA U 531 81.70 -43.61 29.36
N GLY U 532 81.23 -43.91 30.58
CA GLY U 532 80.38 -45.09 30.82
C GLY U 532 79.22 -45.11 29.84
N GLY U 533 79.26 -46.01 28.84
CA GLY U 533 78.21 -46.05 27.81
C GLY U 533 76.81 -45.88 28.37
N GLU U 534 76.46 -46.65 29.42
CA GLU U 534 75.14 -46.56 30.00
C GLU U 534 75.18 -46.76 31.51
N VAL U 535 74.43 -45.87 32.24
CA VAL U 535 74.34 -45.96 33.70
C VAL U 535 73.21 -46.92 34.08
N THR U 536 73.49 -48.11 34.84
CA THR U 536 72.53 -49.12 35.29
C THR U 536 71.96 -48.74 36.65
N HIS U 537 70.95 -49.50 37.08
CA HIS U 537 70.35 -49.31 38.39
C HIS U 537 71.38 -49.50 39.50
N ARG U 538 72.21 -50.50 39.31
CA ARG U 538 73.28 -50.75 40.28
C ARG U 538 74.22 -49.55 40.37
N ASP U 539 74.65 -48.97 39.24
CA ASP U 539 75.47 -47.77 39.19
C ASP U 539 74.84 -46.63 39.98
N GLU U 540 73.54 -46.51 39.85
CA GLU U 540 72.80 -45.44 40.51
C GLU U 540 72.86 -45.59 42.03
N GLU U 541 72.66 -46.81 42.48
CA GLU U 541 72.69 -47.09 43.91
C GLU U 541 74.07 -46.79 44.49
N GLU U 542 75.10 -47.18 43.69
CA GLU U 542 76.47 -46.97 44.12
C GLU U 542 76.79 -45.48 44.21
N ILE U 543 76.41 -44.73 43.22
CA ILE U 543 76.63 -43.30 43.18
C ILE U 543 75.91 -42.63 44.34
N ASP U 544 74.70 -43.04 44.62
CA ASP U 544 73.89 -42.47 45.70
C ASP U 544 74.55 -42.70 47.05
N GLN U 545 74.95 -43.91 47.31
CA GLN U 545 75.58 -44.25 48.58
C GLN U 545 76.89 -43.49 48.76
N ALA U 546 77.63 -43.39 47.64
CA ALA U 546 78.92 -42.72 47.68
C ALA U 546 78.76 -41.24 47.98
N ILE U 547 77.81 -40.57 47.37
CA ILE U 547 77.59 -39.14 47.54
C ILE U 547 77.09 -38.87 48.96
N THR U 548 76.18 -39.74 49.44
CA THR U 548 75.64 -39.59 50.78
C THR U 548 76.74 -39.72 51.82
N ALA U 549 77.57 -40.69 51.60
CA ALA U 549 78.66 -40.93 52.53
C ALA U 549 79.65 -39.77 52.53
N MET U 550 79.99 -39.28 51.34
CA MET U 550 80.95 -38.19 51.21
C MET U 550 80.41 -36.90 51.82
N MET U 551 79.06 -36.68 51.64
CA MET U 551 78.47 -35.41 52.04
C MET U 551 78.00 -35.47 53.49
N SER U 552 78.38 -36.56 54.26
CA SER U 552 78.02 -36.69 55.66
C SER U 552 78.78 -35.69 56.52
N ASP U 553 78.35 -35.44 57.74
CA ASP U 553 78.93 -34.47 58.65
C ASP U 553 80.34 -34.89 59.08
N SER U 554 80.70 -36.09 58.79
CA SER U 554 81.96 -36.65 59.25
C SER U 554 83.11 -36.29 58.30
N ILE U 555 82.80 -35.87 57.15
CA ILE U 555 83.83 -35.49 56.17
C ILE U 555 83.91 -33.98 56.05
N ASP U 556 85.12 -33.46 56.21
CA ASP U 556 85.34 -32.02 56.14
C ASP U 556 85.12 -31.50 54.70
N LYS U 557 84.42 -30.32 54.61
CA LYS U 557 84.11 -29.68 53.34
C LYS U 557 85.36 -29.52 52.48
N SER U 558 86.50 -29.22 53.06
CA SER U 558 87.73 -28.91 52.35
C SER U 558 88.31 -30.16 51.67
N LEU U 559 87.81 -31.30 52.15
CA LEU U 559 88.36 -32.55 51.62
C LEU U 559 87.48 -33.08 50.48
N ARG U 560 86.34 -32.55 50.37
CA ARG U 560 85.35 -33.07 49.42
C ARG U 560 85.72 -32.69 47.99
N ARG U 561 86.04 -33.73 47.19
CA ARG U 561 86.36 -33.60 45.76
C ARG U 561 85.97 -34.87 45.01
N LEU U 562 85.96 -34.65 43.69
CA LEU U 562 85.60 -35.79 42.87
C LEU U 562 86.54 -36.96 43.13
N SER U 563 87.79 -36.72 43.32
CA SER U 563 88.81 -37.74 43.58
C SER U 563 88.52 -38.47 44.89
N LEU U 564 88.04 -37.74 45.86
CA LEU U 564 87.66 -38.37 47.11
C LEU U 564 86.45 -39.28 46.94
N LEU U 565 85.56 -38.85 46.13
CA LEU U 565 84.36 -39.64 45.85
C LEU U 565 84.72 -41.03 45.35
N LEU U 566 85.85 -41.15 44.63
CA LEU U 566 86.28 -42.42 44.07
C LEU U 566 86.57 -43.45 45.16
N GLN U 567 86.89 -42.98 46.37
CA GLN U 567 87.25 -43.85 47.47
C GLN U 567 86.01 -44.54 48.05
N PHE U 568 84.91 -43.98 47.65
CA PHE U 568 83.65 -44.52 48.16
C PHE U 568 82.99 -45.43 47.14
N VAL U 583 81.84 -47.69 37.90
CA VAL U 583 81.64 -46.25 38.03
C VAL U 583 82.95 -45.57 38.38
N HIS U 584 83.74 -46.21 39.26
CA HIS U 584 85.05 -45.72 39.65
C HIS U 584 85.95 -45.50 38.44
N ALA U 585 86.07 -46.54 37.63
CA ALA U 585 86.95 -46.52 36.45
C ALA U 585 86.52 -45.44 35.46
N ARG U 586 85.29 -45.21 35.31
CA ARG U 586 84.75 -44.25 34.34
C ARG U 586 84.94 -42.82 34.83
N LEU U 587 84.94 -42.53 36.15
CA LEU U 587 85.04 -41.19 36.72
C LEU U 587 86.50 -40.75 36.81
N VAL U 588 87.46 -41.72 36.62
CA VAL U 588 88.89 -41.43 36.75
C VAL U 588 89.28 -40.34 35.76
N LYS U 589 88.73 -40.34 34.61
CA LYS U 589 89.08 -39.35 33.59
C LYS U 589 88.72 -37.94 34.03
N TRP U 590 87.76 -37.73 34.97
CA TRP U 590 87.29 -36.43 35.46
C TRP U 590 88.08 -35.99 36.68
N CYS U 591 88.96 -36.86 37.16
CA CYS U 591 89.76 -36.57 38.34
C CYS U 591 91.14 -36.03 37.95
N GLU U 592 91.80 -35.45 38.99
CA GLU U 592 93.14 -34.92 38.77
C GLU U 592 94.01 -35.93 38.04
N GLY U 593 94.70 -35.55 36.92
CA GLY U 593 95.55 -36.45 36.15
C GLY U 593 94.85 -37.09 34.98
N GLY U 594 93.46 -36.96 34.98
CA GLY U 594 92.64 -37.43 33.88
C GLY U 594 92.44 -36.39 32.80
N ASP U 595 91.75 -36.71 31.67
CA ASP U 595 91.57 -35.83 30.51
C ASP U 595 90.80 -34.58 30.91
N TYR U 596 89.82 -34.72 31.89
CA TYR U 596 88.97 -33.60 32.27
C TYR U 596 89.14 -33.26 33.75
N GLY U 597 90.24 -33.65 34.37
CA GLY U 597 90.53 -33.45 35.78
C GLY U 597 90.62 -31.98 36.17
N TRP U 598 90.83 -31.09 35.20
CA TRP U 598 90.96 -29.65 35.41
C TRP U 598 89.59 -29.00 35.63
N LEU U 599 88.42 -29.61 35.45
CA LEU U 599 87.09 -29.00 35.39
C LEU U 599 86.43 -28.98 36.76
N PHE U 600 86.19 -30.29 37.40
CA PHE U 600 85.31 -30.34 38.57
C PHE U 600 86.06 -30.89 39.78
N ASP U 601 87.34 -31.31 39.69
CA ASP U 601 88.10 -31.92 40.78
C ASP U 601 89.07 -30.92 41.41
N ASN U 602 88.65 -29.61 41.41
CA ASN U 602 89.51 -28.57 41.98
C ASN U 602 89.48 -28.59 43.51
N PRO U 603 90.59 -28.20 44.22
CA PRO U 603 90.66 -28.23 45.68
C PRO U 603 89.62 -27.35 46.34
N THR U 604 89.37 -26.19 45.72
CA THR U 604 88.36 -25.26 46.23
C THR U 604 87.43 -24.81 45.11
N ASP U 605 86.10 -24.75 45.58
CA ASP U 605 85.17 -24.18 44.62
C ASP U 605 85.32 -22.66 44.55
N ALA U 606 85.97 -22.10 43.54
CA ALA U 606 86.02 -20.61 43.40
C ALA U 606 86.22 -19.88 44.74
N LEU U 607 85.26 -19.02 45.07
CA LEU U 607 85.27 -18.19 46.32
C LEU U 607 83.82 -17.87 46.70
N ASP U 608 83.24 -16.84 46.07
CA ASP U 608 81.84 -16.43 46.40
C ASP U 608 81.10 -16.03 45.11
N LEU U 609 79.82 -16.40 45.00
CA LEU U 609 79.03 -16.04 43.83
C LEU U 609 78.08 -14.89 44.11
N SER U 610 77.94 -14.49 45.39
CA SER U 610 77.00 -13.43 45.74
C SER U 610 77.66 -12.05 45.70
N THR U 611 78.92 -11.98 45.25
CA THR U 611 79.66 -10.73 45.37
C THR U 611 79.07 -9.64 44.48
N HIS U 612 79.11 -9.84 43.16
CA HIS U 612 78.81 -8.78 42.23
C HIS U 612 77.38 -8.90 41.71
N GLN U 613 77.05 -8.06 40.73
CA GLN U 613 75.73 -8.04 40.12
C GLN U 613 75.72 -8.58 38.70
N ILE U 614 76.62 -8.11 37.84
CA ILE U 614 76.59 -8.49 36.44
C ILE U 614 77.67 -9.52 36.15
N TYR U 615 77.27 -10.77 36.06
CA TYR U 615 78.23 -11.85 35.83
C TYR U 615 78.38 -12.13 34.34
N GLY U 616 79.45 -12.81 33.99
CA GLY U 616 79.64 -13.29 32.64
C GLY U 616 80.36 -14.63 32.67
N PHE U 617 80.01 -15.48 31.72
CA PHE U 617 80.70 -16.74 31.55
C PHE U 617 80.89 -17.00 30.06
N ASP U 618 82.07 -17.48 29.70
CA ASP U 618 82.39 -17.75 28.31
C ASP U 618 82.34 -19.25 28.07
N ILE U 619 81.63 -19.63 27.01
CA ILE U 619 81.42 -21.03 26.66
C ILE U 619 81.84 -21.25 25.22
N THR U 620 82.80 -20.45 24.75
CA THR U 620 83.17 -20.46 23.33
C THR U 620 83.72 -21.81 22.89
N GLU U 621 84.56 -22.43 23.70
CA GLU U 621 85.19 -23.68 23.30
C GLU U 621 84.23 -24.86 23.41
N PHE U 622 83.03 -24.63 23.96
CA PHE U 622 82.09 -25.72 24.15
C PHE U 622 81.19 -25.96 22.95
N LEU U 623 81.31 -25.16 21.89
CA LEU U 623 80.51 -25.40 20.70
C LEU U 623 80.92 -26.71 20.02
N ASP U 624 82.18 -27.07 20.14
CA ASP U 624 82.68 -28.32 19.58
C ASP U 624 82.56 -29.48 20.55
N ASN U 625 82.04 -29.25 21.75
CA ASN U 625 82.03 -30.26 22.79
C ASN U 625 80.64 -30.84 22.94
N PRO U 626 80.43 -32.10 22.60
CA PRO U 626 79.12 -32.72 22.82
C PRO U 626 78.85 -33.00 24.29
N GLU U 627 79.86 -33.57 24.97
CA GLU U 627 79.65 -34.06 26.34
C GLU U 627 79.56 -32.92 27.35
N ALA U 628 80.44 -31.91 27.24
CA ALA U 628 80.66 -31.00 28.35
C ALA U 628 79.60 -29.91 28.43
N ARG U 629 78.85 -29.68 27.35
CA ARG U 629 77.84 -28.63 27.39
C ARG U 629 76.82 -28.88 28.47
N THR U 630 76.37 -30.14 28.60
CA THR U 630 75.39 -30.46 29.64
C THR U 630 75.92 -30.18 31.04
N PRO U 631 77.11 -30.65 31.45
CA PRO U 631 77.57 -30.30 32.80
C PRO U 631 77.78 -28.81 33.00
N VAL U 632 78.42 -28.13 32.06
CA VAL U 632 78.71 -26.72 32.27
C VAL U 632 77.43 -25.93 32.42
N MET U 633 76.49 -26.10 31.49
CA MET U 633 75.25 -25.34 31.57
C MET U 633 74.42 -25.76 32.77
N MET U 634 74.42 -27.05 33.10
CA MET U 634 73.69 -27.53 34.27
C MET U 634 74.17 -26.82 35.52
N TYR U 635 75.48 -26.82 35.76
CA TYR U 635 76.01 -26.22 36.98
C TYR U 635 75.78 -24.72 37.00
N LEU U 636 76.07 -24.04 35.88
CA LEU U 636 75.92 -22.59 35.85
C LEU U 636 74.47 -22.18 36.08
N LEU U 637 73.55 -22.86 35.39
CA LEU U 637 72.13 -22.55 35.54
C LEU U 637 71.63 -22.89 36.94
N TYR U 638 72.09 -23.98 37.54
CA TYR U 638 71.66 -24.27 38.89
C TYR U 638 72.13 -23.19 39.85
N ARG U 639 73.37 -22.75 39.70
CA ARG U 639 73.85 -21.69 40.60
C ARG U 639 73.04 -20.42 40.41
N THR U 640 72.68 -20.09 39.17
CA THR U 640 71.89 -18.88 38.95
C THR U 640 70.43 -19.07 39.38
N GLU U 641 69.95 -20.30 39.46
CA GLU U 641 68.55 -20.53 39.85
C GLU U 641 68.28 -20.02 41.25
N SER U 642 69.23 -20.23 42.16
CA SER U 642 69.04 -19.76 43.54
C SER U 642 69.04 -18.25 43.61
N MET U 643 69.53 -17.58 42.56
CA MET U 643 69.59 -16.12 42.58
C MET U 643 68.22 -15.49 42.49
N ILE U 644 67.29 -16.12 41.77
CA ILE U 644 66.02 -15.48 41.42
C ILE U 644 65.04 -15.61 42.57
N ASP U 645 65.06 -14.63 43.48
CA ASP U 645 64.17 -14.62 44.64
C ASP U 645 63.28 -13.39 44.61
N GLY U 646 63.09 -12.79 43.43
CA GLY U 646 62.30 -11.59 43.28
C GLY U 646 63.08 -10.39 42.78
N ARG U 647 64.39 -10.38 42.95
CA ARG U 647 65.20 -9.29 42.43
C ARG U 647 65.14 -9.27 40.91
N ARG U 648 65.23 -8.07 40.35
CA ARG U 648 65.21 -7.92 38.89
C ARG U 648 66.35 -8.71 38.28
N PHE U 649 66.02 -9.79 37.57
CA PHE U 649 67.02 -10.69 37.03
C PHE U 649 66.90 -10.72 35.52
N MET U 650 68.04 -10.65 34.83
CA MET U 650 68.07 -10.61 33.38
C MET U 650 69.09 -11.63 32.86
N TYR U 651 68.63 -12.85 32.66
CA TYR U 651 69.38 -13.80 31.85
C TYR U 651 69.62 -13.19 30.48
N VAL U 652 70.82 -13.36 29.93
CA VAL U 652 71.02 -13.12 28.51
C VAL U 652 71.79 -14.30 27.97
N PHE U 653 71.99 -14.34 26.65
CA PHE U 653 72.62 -15.49 26.02
C PHE U 653 73.33 -15.01 24.76
N ASP U 654 73.81 -15.96 23.96
CA ASP U 654 74.36 -15.67 22.64
C ASP U 654 74.49 -16.97 21.88
N GLU U 655 74.04 -16.96 20.62
CA GLU U 655 73.92 -18.17 19.82
C GLU U 655 73.29 -19.29 20.64
N PHE U 656 72.03 -19.07 21.00
CA PHE U 656 71.42 -19.79 22.10
C PHE U 656 71.36 -21.30 21.88
N TRP U 657 71.08 -21.76 20.66
CA TRP U 657 70.63 -23.14 20.50
C TRP U 657 71.69 -24.12 20.95
N LYS U 658 72.96 -23.86 20.59
CA LYS U 658 74.02 -24.82 20.95
C LYS U 658 74.16 -24.97 22.46
N PRO U 659 74.19 -23.90 23.26
CA PRO U 659 74.07 -24.12 24.72
C PRO U 659 72.80 -24.84 25.11
N LEU U 660 71.72 -24.62 24.37
CA LEU U 660 70.43 -25.20 24.70
C LEU U 660 70.17 -26.51 23.95
N GLN U 661 71.13 -26.96 23.14
CA GLN U 661 70.96 -28.20 22.38
C GLN U 661 71.32 -29.38 23.28
N ASP U 662 70.48 -29.58 24.29
CA ASP U 662 70.71 -30.60 25.31
C ASP U 662 69.39 -31.26 25.65
N GLU U 663 69.40 -32.59 25.65
CA GLU U 663 68.19 -33.36 25.94
C GLU U 663 67.76 -33.22 27.39
N TYR U 664 68.69 -32.90 28.30
CA TYR U 664 68.34 -32.85 29.71
C TYR U 664 67.29 -31.79 30.02
N PHE U 665 67.64 -30.52 29.88
CA PHE U 665 66.93 -29.47 30.57
C PHE U 665 65.95 -28.69 29.72
N GLU U 666 65.44 -29.25 28.63
CA GLU U 666 64.38 -28.57 27.91
C GLU U 666 63.10 -28.50 28.74
N ASP U 667 62.73 -29.62 29.39
CA ASP U 667 61.53 -29.63 30.22
C ASP U 667 61.72 -28.79 31.48
N LEU U 668 62.88 -28.92 32.13
CA LEU U 668 63.18 -28.06 33.26
C LEU U 668 63.20 -26.60 32.85
N ALA U 669 63.70 -26.31 31.65
CA ALA U 669 63.71 -24.94 31.16
C ALA U 669 62.30 -24.39 31.01
N LYS U 670 61.40 -25.14 30.37
CA LYS U 670 60.04 -24.63 30.18
C LYS U 670 59.33 -24.45 31.52
N ASN U 671 59.48 -25.43 32.43
CA ASN U 671 58.79 -25.33 33.71
C ASN U 671 59.35 -24.18 34.56
N LYS U 672 60.66 -24.13 34.71
CA LYS U 672 61.26 -23.04 35.47
C LYS U 672 61.07 -21.71 34.76
N GLN U 673 60.85 -21.73 33.45
CA GLN U 673 60.52 -20.49 32.75
C GLN U 673 59.17 -19.97 33.20
N LYS U 674 58.16 -20.84 33.22
CA LYS U 674 56.86 -20.44 33.74
C LYS U 674 56.95 -20.00 35.20
N THR U 675 57.83 -20.63 35.97
CA THR U 675 58.00 -20.23 37.37
C THR U 675 58.66 -18.86 37.48
N ILE U 676 59.77 -18.67 36.78
CA ILE U 676 60.60 -17.48 36.91
C ILE U 676 59.87 -16.26 36.40
N ARG U 677 59.14 -16.39 35.29
CA ARG U 677 58.44 -15.26 34.69
C ARG U 677 57.63 -14.47 35.72
N LYS U 678 57.25 -15.12 36.82
CA LYS U 678 56.47 -14.42 37.84
C LYS U 678 57.32 -13.40 38.60
N GLN U 679 58.45 -13.82 39.15
CA GLN U 679 59.24 -12.93 40.01
C GLN U 679 60.30 -12.15 39.23
N ASN U 680 59.86 -11.46 38.19
CA ASN U 680 60.69 -10.54 37.42
C ASN U 680 61.89 -11.27 36.82
N GLY U 681 61.60 -12.21 35.92
CA GLY U 681 62.62 -12.91 35.17
C GLY U 681 62.54 -12.53 33.70
N ILE U 682 63.69 -12.54 33.04
CA ILE U 682 63.80 -12.16 31.64
C ILE U 682 64.83 -13.06 30.97
N PHE U 683 64.54 -13.48 29.75
CA PHE U 683 65.49 -14.17 28.89
C PHE U 683 65.74 -13.25 27.70
N VAL U 684 67.01 -12.92 27.44
CA VAL U 684 67.37 -12.11 26.28
C VAL U 684 68.23 -12.99 25.39
N PHE U 685 67.61 -13.66 24.44
CA PHE U 685 68.30 -14.61 23.59
C PHE U 685 69.14 -13.87 22.55
N ALA U 686 69.73 -14.63 21.63
CA ALA U 686 70.49 -14.08 20.52
C ALA U 686 70.72 -15.20 19.53
N THR U 687 71.25 -14.85 18.36
CA THR U 687 71.48 -15.83 17.32
C THR U 687 72.31 -15.21 16.21
N GLN U 688 73.19 -16.01 15.61
CA GLN U 688 73.90 -15.60 14.41
C GLN U 688 73.31 -16.18 13.14
N GLU U 689 72.84 -17.43 13.19
CA GLU U 689 72.29 -18.11 12.02
C GLU U 689 70.90 -18.63 12.37
N PRO U 690 69.86 -17.83 12.14
CA PRO U 690 68.51 -18.24 12.56
C PRO U 690 68.03 -19.47 11.82
N SER U 691 68.64 -19.75 10.67
CA SER U 691 68.33 -20.98 9.93
C SER U 691 68.75 -22.20 10.74
N ASP U 692 69.91 -22.14 11.36
CA ASP U 692 70.44 -23.24 12.13
C ASP U 692 69.65 -23.51 13.41
N ALA U 693 68.87 -22.54 13.88
CA ALA U 693 68.19 -22.68 15.16
C ALA U 693 66.80 -23.26 15.03
N LEU U 694 66.01 -22.74 14.09
CA LEU U 694 64.61 -23.13 13.98
C LEU U 694 64.46 -24.62 13.69
N GLU U 695 65.51 -25.27 13.19
CA GLU U 695 65.43 -26.69 12.87
C GLU U 695 65.18 -27.54 14.12
N SER U 696 65.90 -27.27 15.20
CA SER U 696 65.83 -28.13 16.37
C SER U 696 64.52 -27.95 17.12
N ASN U 697 64.16 -28.95 17.92
CA ASN U 697 62.94 -28.89 18.70
C ASN U 697 63.04 -27.81 19.77
N ILE U 698 64.16 -27.72 20.47
CA ILE U 698 64.26 -26.87 21.65
C ILE U 698 64.07 -25.40 21.26
N ALA U 699 64.62 -25.00 20.13
CA ALA U 699 64.56 -23.59 19.74
C ALA U 699 63.14 -23.17 19.41
N LYS U 700 62.27 -24.11 19.06
CA LYS U 700 60.91 -23.77 18.62
C LYS U 700 60.11 -23.11 19.73
N THR U 701 60.07 -23.73 20.91
CA THR U 701 59.31 -23.17 22.02
C THR U 701 59.86 -21.80 22.42
N LEU U 702 61.17 -21.62 22.29
CA LEU U 702 61.79 -20.37 22.70
C LEU U 702 61.57 -19.26 21.68
N ILE U 703 61.51 -19.61 20.39
CA ILE U 703 61.10 -18.63 19.38
C ILE U 703 59.66 -18.22 19.61
N GLN U 704 58.79 -19.18 19.91
CA GLN U 704 57.40 -18.82 20.14
C GLN U 704 57.16 -18.20 21.51
N GLN U 705 58.15 -18.24 22.40
CA GLN U 705 58.01 -17.71 23.76
C GLN U 705 58.77 -16.40 23.98
N CYS U 706 59.09 -15.68 22.91
CA CYS U 706 59.75 -14.38 23.01
C CYS U 706 58.81 -13.31 22.51
N ALA U 707 58.56 -12.29 23.34
CA ALA U 707 57.66 -11.23 22.95
C ALA U 707 58.32 -10.24 22.00
N THR U 708 59.50 -9.75 22.37
CA THR U 708 60.16 -8.65 21.68
C THR U 708 61.20 -9.21 20.71
N TYR U 709 60.78 -9.49 19.48
CA TYR U 709 61.76 -9.85 18.48
C TYR U 709 62.61 -8.64 18.12
N ILE U 710 63.86 -8.89 17.74
CA ILE U 710 64.72 -7.87 17.17
C ILE U 710 65.48 -8.48 16.01
N PHE U 711 65.00 -8.28 14.78
CA PHE U 711 65.64 -8.90 13.64
C PHE U 711 66.79 -8.04 13.15
N LEU U 712 67.82 -8.69 12.63
CA LEU U 712 68.95 -7.99 12.03
C LEU U 712 69.09 -8.40 10.57
N ALA U 713 69.95 -7.70 9.85
CA ALA U 713 70.06 -7.86 8.40
C ALA U 713 70.98 -9.02 8.04
N ASN U 714 70.80 -9.52 6.81
CA ASN U 714 71.64 -10.59 6.30
C ASN U 714 71.66 -10.53 4.78
N PRO U 715 72.83 -10.65 4.15
CA PRO U 715 72.86 -10.75 2.68
C PRO U 715 72.16 -11.97 2.15
N LYS U 716 71.96 -13.00 2.97
CA LYS U 716 71.29 -14.22 2.55
C LYS U 716 70.07 -14.43 3.43
N ALA U 717 68.91 -14.59 2.81
CA ALA U 717 67.65 -14.75 3.52
C ALA U 717 66.83 -15.86 2.86
N ASP U 718 65.94 -16.46 3.65
CA ASP U 718 65.10 -17.55 3.17
C ASP U 718 63.67 -17.27 3.64
N TYR U 719 62.71 -17.43 2.73
CA TYR U 719 61.31 -17.16 3.05
C TYR U 719 60.82 -18.06 4.18
N GLU U 720 61.17 -19.35 4.10
CA GLU U 720 60.57 -20.34 4.99
C GLU U 720 60.82 -20.02 6.45
N ASP U 721 62.09 -19.83 6.82
CA ASP U 721 62.41 -19.62 8.22
C ASP U 721 61.73 -18.37 8.77
N TYR U 722 61.93 -17.23 8.09
CA TYR U 722 61.45 -15.96 8.62
C TYR U 722 59.93 -15.91 8.70
N THR U 723 59.22 -16.46 7.70
CA THR U 723 57.77 -16.40 7.80
C THR U 723 57.20 -17.48 8.71
N GLN U 724 57.52 -18.76 8.44
CA GLN U 724 56.93 -19.85 9.18
C GLN U 724 57.30 -19.79 10.66
N GLY U 725 58.58 -19.64 10.97
CA GLY U 725 59.01 -19.74 12.35
C GLY U 725 58.74 -18.49 13.18
N PHE U 726 59.02 -17.32 12.62
CA PHE U 726 59.11 -16.09 13.39
C PHE U 726 57.88 -15.20 13.26
N LYS U 727 56.78 -15.70 12.69
CA LYS U 727 55.54 -14.95 12.54
C LYS U 727 55.79 -13.55 11.95
N LEU U 728 56.53 -13.52 10.85
CA LEU U 728 56.90 -12.29 10.15
C LEU U 728 56.22 -12.29 8.80
N THR U 729 55.55 -11.17 8.47
CA THR U 729 54.74 -11.10 7.27
C THR U 729 55.60 -10.99 6.02
N ASP U 730 54.95 -11.05 4.86
CA ASP U 730 55.68 -11.06 3.59
C ASP U 730 56.28 -9.69 3.28
N SER U 731 55.51 -8.63 3.49
CA SER U 731 56.05 -7.29 3.28
C SER U 731 57.22 -7.02 4.22
N GLU U 732 57.06 -7.39 5.49
CA GLU U 732 58.13 -7.18 6.46
C GLU U 732 59.36 -8.01 6.11
N PHE U 733 59.15 -9.24 5.61
CA PHE U 733 60.29 -10.04 5.20
C PHE U 733 61.03 -9.40 4.04
N GLU U 734 60.29 -8.90 3.05
CA GLU U 734 60.96 -8.21 1.95
C GLU U 734 61.67 -6.95 2.44
N LEU U 735 61.11 -6.30 3.45
CA LEU U 735 61.79 -5.17 4.07
C LEU U 735 63.11 -5.59 4.69
N VAL U 736 63.10 -6.72 5.41
CA VAL U 736 64.31 -7.22 6.05
C VAL U 736 65.36 -7.58 5.00
N ARG U 737 64.94 -8.24 3.92
CA ARG U 737 65.87 -8.55 2.84
C ARG U 737 66.44 -7.28 2.23
N GLY U 738 65.61 -6.25 2.08
CA GLY U 738 66.07 -5.02 1.45
C GLY U 738 67.11 -4.26 2.26
N LEU U 739 67.33 -4.66 3.51
CA LEU U 739 68.31 -3.98 4.34
C LEU U 739 69.70 -4.11 3.75
N GLY U 740 70.55 -3.13 4.07
CA GLY U 740 71.92 -3.16 3.60
C GLY U 740 72.73 -4.24 4.30
N GLU U 741 73.89 -4.54 3.71
CA GLU U 741 74.74 -5.60 4.24
C GLU U 741 75.24 -5.28 5.64
N PHE U 742 75.82 -4.10 5.83
CA PHE U 742 76.36 -3.67 7.12
C PHE U 742 75.74 -2.38 7.62
N SER U 743 74.66 -1.91 7.00
CA SER U 743 73.98 -0.74 7.54
C SER U 743 73.25 -1.11 8.82
N ARG U 744 73.42 -0.27 9.85
CA ARG U 744 72.84 -0.51 11.15
C ARG U 744 71.35 -0.24 11.08
N ARG U 745 70.55 -1.31 11.03
CA ARG U 745 69.10 -1.19 10.88
C ARG U 745 68.48 -2.50 11.34
N PHE U 746 67.71 -2.46 12.42
CA PHE U 746 67.14 -3.69 12.96
C PHE U 746 65.65 -3.53 13.21
N LEU U 747 64.88 -4.51 12.76
CA LEU U 747 63.42 -4.44 12.80
C LEU U 747 62.88 -4.95 14.13
N ILE U 748 62.57 -4.05 15.04
CA ILE U 748 61.90 -4.45 16.29
C ILE U 748 60.48 -4.89 15.98
N LYS U 749 60.00 -5.88 16.72
CA LYS U 749 58.66 -6.41 16.46
C LYS U 749 57.89 -6.73 17.73
N GLN U 750 57.84 -5.81 18.69
CA GLN U 750 57.14 -6.07 19.95
C GLN U 750 55.66 -6.27 19.67
N GLY U 751 55.20 -7.52 19.79
CA GLY U 751 53.81 -7.77 19.48
C GLY U 751 53.55 -7.72 17.98
N ASP U 752 52.31 -7.36 17.64
CA ASP U 752 51.96 -7.22 16.23
C ASP U 752 52.60 -6.01 15.61
N GLN U 753 52.77 -4.94 16.39
CA GLN U 753 53.36 -3.71 15.87
C GLN U 753 54.80 -3.95 15.43
N SER U 754 55.23 -3.20 14.40
CA SER U 754 56.58 -3.30 13.88
C SER U 754 57.14 -1.91 13.65
N ALA U 755 58.47 -1.82 13.64
CA ALA U 755 59.14 -0.56 13.37
C ALA U 755 60.59 -0.80 13.01
N LEU U 756 61.01 -0.36 11.83
CA LEU U 756 62.39 -0.54 11.40
C LEU U 756 63.23 0.54 12.07
N ALA U 757 63.61 0.27 13.32
CA ALA U 757 64.42 1.19 14.08
C ALA U 757 65.89 1.06 13.70
N GLU U 758 66.70 1.96 14.24
CA GLU U 758 68.15 1.86 14.07
C GLU U 758 68.80 2.71 15.15
N MET U 759 69.46 2.06 16.11
CA MET U 759 70.38 2.78 16.95
C MET U 759 71.64 3.03 16.14
N ASN U 760 72.14 4.27 16.16
CA ASN U 760 73.25 4.64 15.31
C ASN U 760 74.30 5.38 16.12
N LEU U 761 75.55 5.19 15.74
CA LEU U 761 76.71 5.71 16.47
C LEU U 761 77.60 6.51 15.52
N GLY U 762 76.97 7.41 14.75
CA GLY U 762 77.69 8.21 13.78
C GLY U 762 78.11 9.56 14.32
N LYS U 763 78.86 10.27 13.48
CA LYS U 763 79.38 11.59 13.85
C LYS U 763 78.25 12.60 13.87
N PHE U 764 78.32 13.55 14.80
CA PHE U 764 77.26 14.55 14.97
C PHE U 764 77.79 15.74 15.75
N ARG U 765 76.94 16.76 15.88
CA ARG U 765 77.28 18.01 16.54
C ARG U 765 76.45 18.21 17.80
N THR U 766 77.02 18.95 18.74
CA THR U 766 76.42 19.20 20.04
C THR U 766 76.18 20.70 20.22
N ILE U 767 74.97 21.06 20.64
CA ILE U 767 74.66 22.46 20.91
C ILE U 767 74.93 22.79 22.37
N VAL U 768 76.18 23.11 22.70
CA VAL U 768 76.55 23.56 24.03
C VAL U 768 77.46 24.78 23.89
N ASP U 769 77.16 25.83 24.65
CA ASP U 769 77.94 27.06 24.70
C ASP U 769 78.22 27.62 23.30
N GLY U 770 77.36 27.33 22.33
CA GLY U 770 77.65 27.69 20.95
C GLY U 770 78.84 26.95 20.37
N GLU U 771 79.21 25.81 20.96
CA GLU U 771 80.37 25.05 20.54
C GLU U 771 79.91 23.70 20.02
N THR U 772 80.27 23.40 18.77
CA THR U 772 79.99 22.09 18.18
C THR U 772 81.09 21.13 18.63
N VAL U 773 80.98 20.69 19.87
CA VAL U 773 81.98 19.80 20.46
C VAL U 773 81.84 18.44 19.80
N GLU U 774 82.76 18.11 18.91
CA GLU U 774 82.71 16.83 18.21
C GLU U 774 82.73 15.69 19.22
N ARG U 775 81.66 14.91 19.26
CA ARG U 775 81.55 13.80 20.19
C ARG U 775 81.39 12.52 19.41
N ASP U 776 82.21 11.51 19.74
CA ASP U 776 82.24 10.26 19.01
C ASP U 776 82.01 9.12 19.97
N PHE U 777 81.25 8.12 19.51
CA PHE U 777 80.96 6.95 20.32
C PHE U 777 81.97 5.84 20.14
N ASP U 778 83.07 6.05 19.40
CA ASP U 778 84.01 4.97 19.15
C ASP U 778 84.76 4.59 20.43
N ASP U 779 84.98 5.56 21.31
CA ASP U 779 85.62 5.25 22.60
C ASP U 779 84.81 4.25 23.41
N GLU U 780 83.52 4.13 23.13
CA GLU U 780 82.68 3.09 23.72
C GLU U 780 82.38 1.96 22.75
N LEU U 781 82.59 2.16 21.45
CA LEU U 781 82.45 1.06 20.50
C LEU U 781 83.57 0.04 20.69
N LEU U 782 84.81 0.52 20.75
CA LEU U 782 85.93 -0.39 20.96
C LEU U 782 85.88 -1.05 22.33
N VAL U 783 85.02 -0.57 23.23
CA VAL U 783 84.77 -1.27 24.48
C VAL U 783 83.66 -2.30 24.31
N LEU U 784 82.52 -1.86 23.76
CA LEU U 784 81.37 -2.75 23.66
C LEU U 784 81.54 -3.77 22.54
N SER U 785 82.14 -3.39 21.42
CA SER U 785 82.25 -4.28 20.28
C SER U 785 83.10 -5.50 20.63
N GLY U 786 82.68 -6.64 20.10
CA GLY U 786 83.38 -7.88 20.36
C GLY U 786 84.64 -8.02 19.53
N THR U 787 85.78 -8.19 20.19
CA THR U 787 87.05 -8.39 19.50
C THR U 787 87.95 -9.24 20.38
N PRO U 788 88.24 -10.49 19.99
CA PRO U 788 89.22 -11.27 20.77
C PRO U 788 90.58 -10.60 20.82
N ASP U 789 90.98 -9.91 19.76
CA ASP U 789 92.25 -9.20 19.77
C ASP U 789 92.26 -8.10 20.83
N ASN U 790 91.26 -7.22 20.80
CA ASN U 790 91.20 -6.15 21.79
C ASN U 790 91.08 -6.73 23.20
N ALA U 791 90.39 -7.87 23.33
CA ALA U 791 90.21 -8.46 24.66
C ALA U 791 91.51 -9.05 25.18
N GLU U 792 92.36 -9.56 24.28
CA GLU U 792 93.61 -10.17 24.72
C GLU U 792 94.64 -9.16 25.18
N ILE U 793 94.47 -7.88 24.86
CA ILE U 793 95.29 -6.81 25.44
C ILE U 793 94.57 -6.12 26.58
N ALA U 794 93.23 -6.10 26.56
CA ALA U 794 92.49 -5.66 27.73
C ALA U 794 92.82 -6.54 28.93
N GLU U 795 92.90 -7.85 28.70
CA GLU U 795 93.27 -8.77 29.77
C GLU U 795 94.68 -8.49 30.26
N SER U 796 95.60 -8.15 29.36
CA SER U 796 96.96 -7.82 29.77
C SER U 796 96.97 -6.58 30.66
N ILE U 797 96.24 -5.54 30.26
CA ILE U 797 96.28 -4.29 31.03
C ILE U 797 95.55 -4.46 32.37
N ILE U 798 94.52 -5.31 32.41
CA ILE U 798 93.88 -5.60 33.69
C ILE U 798 94.81 -6.43 34.57
N ALA U 799 95.58 -7.34 33.97
CA ALA U 799 96.53 -8.12 34.75
C ALA U 799 97.58 -7.22 35.37
N GLU U 800 98.08 -6.23 34.62
CA GLU U 800 99.05 -5.30 35.17
C GLU U 800 98.44 -4.46 36.30
N VAL U 801 97.21 -4.00 36.13
CA VAL U 801 96.50 -3.21 37.14
C VAL U 801 95.06 -3.70 37.17
N GLY U 802 94.70 -4.43 38.23
CA GLY U 802 93.35 -4.97 38.32
C GLY U 802 92.55 -4.36 39.45
N ASP U 803 92.89 -3.13 39.84
CA ASP U 803 92.29 -2.46 40.99
C ASP U 803 90.76 -2.42 40.93
N ASP U 804 90.20 -1.74 39.92
CA ASP U 804 88.77 -1.54 39.81
C ASP U 804 88.42 -1.02 38.43
N PRO U 805 87.32 -1.51 37.83
CA PRO U 805 86.91 -1.01 36.51
C PRO U 805 86.69 0.48 36.44
N ALA U 806 86.23 1.10 37.53
CA ALA U 806 86.13 2.56 37.56
C ALA U 806 87.51 3.20 37.53
N VAL U 807 88.53 2.46 37.98
CA VAL U 807 89.88 3.01 38.04
C VAL U 807 90.66 2.68 36.77
N TRP U 808 90.58 1.42 36.31
CA TRP U 808 91.47 1.02 35.22
C TRP U 808 90.90 1.40 33.85
N LEU U 809 89.68 1.94 33.81
CA LEU U 809 89.09 2.35 32.54
C LEU U 809 89.90 3.43 31.81
N PRO U 810 90.35 4.52 32.45
CA PRO U 810 91.18 5.49 31.71
C PRO U 810 92.45 4.88 31.15
N ILE U 811 93.11 4.00 31.90
CA ILE U 811 94.37 3.47 31.41
C ILE U 811 94.14 2.41 30.33
N PHE U 812 93.01 1.72 30.38
CA PHE U 812 92.65 0.83 29.27
C PHE U 812 92.41 1.64 28.01
N LEU U 813 91.72 2.78 28.13
CA LEU U 813 91.58 3.67 26.99
C LEU U 813 92.93 4.20 26.53
N ASP U 814 93.84 4.44 27.47
CA ASP U 814 95.18 4.89 27.13
C ASP U 814 95.92 3.86 26.28
N ARG U 815 95.92 2.60 26.71
CA ARG U 815 96.57 1.56 25.91
C ARG U 815 95.85 1.36 24.58
N VAL U 816 94.54 1.59 24.54
CA VAL U 816 93.82 1.57 23.27
C VAL U 816 94.36 2.64 22.33
N LYS U 817 94.54 3.85 22.85
CA LYS U 817 95.12 4.93 22.05
C LYS U 817 96.57 4.62 21.69
N ALA U 818 97.23 3.77 22.48
CA ALA U 818 98.62 3.42 22.19
C ALA U 818 98.72 2.46 21.00
N GLU U 819 97.77 1.53 20.86
CA GLU U 819 97.75 0.60 19.75
C GLU U 819 97.06 1.18 18.52
N ARG U 820 96.21 2.19 18.69
CA ARG U 820 95.37 2.67 17.60
C ARG U 820 96.19 3.31 16.49
N SER U 821 97.50 3.48 16.72
CA SER U 821 98.45 3.76 15.66
C SER U 821 99.75 2.99 15.86
N ASP U 822 99.76 2.02 16.77
CA ASP U 822 100.96 1.25 17.13
C ASP U 822 102.09 2.17 17.59
N PRO V 8 -50.07 -25.29 79.48
CA PRO V 8 -49.40 -25.79 78.28
C PRO V 8 -50.10 -25.30 77.00
N VAL V 9 -50.35 -23.99 76.90
CA VAL V 9 -51.01 -23.42 75.69
C VAL V 9 -50.09 -23.62 74.48
N LYS V 10 -50.66 -23.97 73.32
CA LYS V 10 -49.86 -24.15 72.08
C LYS V 10 -48.74 -25.18 72.32
N ALA V 11 -49.03 -26.29 72.99
CA ALA V 11 -48.01 -27.35 73.13
C ALA V 11 -47.58 -27.77 71.72
N GLU V 12 -48.40 -27.46 70.71
CA GLU V 12 -48.07 -27.80 69.29
C GLU V 12 -46.81 -27.05 68.85
N GLN V 13 -46.64 -25.80 69.29
CA GLN V 13 -45.45 -25.00 68.91
C GLN V 13 -44.19 -25.68 69.43
N LEU V 14 -44.23 -26.22 70.66
CA LEU V 14 -43.07 -26.96 71.22
C LEU V 14 -42.80 -28.19 70.34
N LYS V 15 -43.85 -28.87 69.89
CA LYS V 15 -43.69 -30.06 69.00
C LYS V 15 -43.05 -29.61 67.68
N SER V 16 -43.45 -28.45 67.16
CA SER V 16 -42.89 -27.92 65.88
C SER V 16 -41.39 -27.64 66.03
N TYR V 17 -40.96 -27.16 67.20
CA TYR V 17 -39.53 -26.80 67.41
C TYR V 17 -38.65 -28.05 67.27
N TYR V 18 -39.12 -29.19 67.76
CA TYR V 18 -38.34 -30.45 67.65
C TYR V 18 -38.17 -30.81 66.17
N GLU V 19 -39.22 -30.63 65.37
CA GLU V 19 -39.13 -30.89 63.90
C GLU V 19 -38.14 -29.92 63.26
N GLU V 20 -38.14 -28.65 63.73
CA GLU V 20 -37.26 -27.61 63.11
C GLU V 20 -35.78 -28.00 63.25
N SER V 21 -35.38 -28.57 64.39
CA SER V 21 -33.98 -29.03 64.58
C SER V 21 -33.45 -29.67 63.28
N ARG V 22 -32.32 -29.18 62.78
CA ARG V 22 -31.72 -29.65 61.49
C ARG V 22 -31.77 -31.17 61.34
N GLY V 23 -32.27 -31.65 60.20
CA GLY V 23 -32.36 -33.10 59.93
C GLY V 23 -33.10 -33.34 58.63
N LEU V 24 -33.11 -34.58 58.14
CA LEU V 24 -33.90 -34.89 56.91
C LEU V 24 -35.38 -34.59 57.22
N GLU V 25 -35.78 -34.74 58.50
CA GLU V 25 -37.15 -34.48 58.90
C GLU V 25 -37.44 -33.00 58.94
N ARG V 26 -36.47 -32.20 59.38
CA ARG V 26 -36.63 -30.75 59.36
C ARG V 26 -36.81 -30.23 57.95
N ASP V 27 -36.04 -30.76 57.00
CA ASP V 27 -36.22 -30.36 55.60
C ASP V 27 -37.61 -30.70 55.11
N LEU V 28 -38.10 -31.89 55.45
CA LEU V 28 -39.45 -32.28 55.04
C LEU V 28 -40.50 -31.32 55.60
N ILE V 29 -40.41 -31.02 56.89
CA ILE V 29 -41.42 -30.18 57.53
C ILE V 29 -41.37 -28.77 56.96
N GLY V 30 -40.16 -28.21 56.85
CA GLY V 30 -40.03 -26.89 56.26
C GLY V 30 -40.54 -26.85 54.83
N GLU V 31 -40.33 -27.95 54.10
CA GLU V 31 -40.81 -28.00 52.73
C GLU V 31 -42.33 -27.94 52.68
N PHE V 32 -43.02 -28.72 53.53
CA PHE V 32 -44.46 -28.68 53.30
C PHE V 32 -45.04 -27.39 53.85
N VAL V 33 -44.42 -26.78 54.88
CA VAL V 33 -44.97 -25.52 55.35
C VAL V 33 -44.70 -24.41 54.33
N LYS V 34 -43.57 -24.46 53.62
CA LYS V 34 -43.39 -23.53 52.52
C LYS V 34 -44.45 -23.74 51.45
N SER V 35 -44.78 -24.99 51.14
CA SER V 35 -45.86 -25.24 50.20
C SER V 35 -47.18 -24.71 50.72
N ARG V 36 -47.44 -24.87 52.02
CA ARG V 36 -48.70 -24.38 52.59
C ARG V 36 -48.79 -22.87 52.50
N LYS V 37 -47.71 -22.15 52.78
CA LYS V 37 -47.82 -20.70 52.68
C LYS V 37 -47.85 -20.24 51.23
N THR V 38 -47.27 -20.99 50.30
CA THR V 38 -47.52 -20.71 48.89
C THR V 38 -48.99 -20.89 48.54
N ALA V 39 -49.62 -21.94 49.07
CA ALA V 39 -51.05 -22.14 48.84
C ALA V 39 -51.85 -20.99 49.41
N TRP V 40 -51.53 -20.55 50.62
CA TRP V 40 -52.23 -19.41 51.20
C TRP V 40 -52.03 -18.16 50.36
N ARG V 41 -50.81 -17.94 49.86
CA ARG V 41 -50.57 -16.77 49.03
C ARG V 41 -51.38 -16.80 47.75
N VAL V 42 -51.40 -17.94 47.06
CA VAL V 42 -52.12 -18.01 45.79
C VAL V 42 -53.63 -17.94 46.04
N ALA V 43 -54.13 -18.59 47.09
CA ALA V 43 -55.55 -18.48 47.41
C ALA V 43 -55.93 -17.05 47.75
N THR V 44 -55.07 -16.34 48.48
CA THR V 44 -55.38 -14.95 48.79
C THR V 44 -55.38 -14.10 47.54
N ALA V 45 -54.38 -14.28 46.67
CA ALA V 45 -54.33 -13.49 45.44
C ALA V 45 -55.53 -13.76 44.55
N SER V 46 -55.90 -15.04 44.41
CA SER V 46 -57.07 -15.37 43.61
C SER V 46 -58.35 -14.86 44.22
N GLY V 47 -58.51 -14.95 45.54
CA GLY V 47 -59.71 -14.43 46.17
C GLY V 47 -59.85 -12.93 45.98
N LEU V 48 -58.75 -12.20 46.20
CA LEU V 48 -58.79 -10.75 46.03
C LEU V 48 -59.00 -10.36 44.57
N PHE V 49 -58.38 -11.08 43.64
CA PHE V 49 -58.49 -10.71 42.23
C PHE V 49 -59.85 -11.10 41.65
N GLY V 50 -60.45 -12.20 42.12
CA GLY V 50 -61.81 -12.51 41.75
C GLY V 50 -62.81 -11.53 42.33
N LEU V 51 -62.63 -11.13 43.58
CA LEU V 51 -63.52 -10.11 44.10
C LEU V 51 -63.32 -8.78 43.36
N LEU V 52 -62.10 -8.51 42.90
CA LEU V 52 -61.87 -7.33 42.06
C LEU V 52 -62.61 -7.42 40.74
N GLY V 53 -62.56 -8.59 40.10
CA GLY V 53 -63.30 -8.76 38.86
C GLY V 53 -64.78 -8.56 39.07
N MET V 54 -65.31 -9.12 40.14
CA MET V 54 -66.72 -8.94 40.42
C MET V 54 -67.05 -7.49 40.67
N VAL V 55 -66.17 -6.75 41.33
CA VAL V 55 -66.51 -5.38 41.68
C VAL V 55 -66.44 -4.46 40.47
N CYS V 56 -65.48 -4.68 39.57
CA CYS V 56 -65.45 -3.89 38.35
C CYS V 56 -66.65 -4.21 37.47
N GLY V 57 -67.03 -5.48 37.42
CA GLY V 57 -68.26 -5.82 36.70
C GLY V 57 -69.48 -5.15 37.28
N ILE V 58 -69.67 -5.23 38.60
CA ILE V 58 -70.87 -4.65 39.21
C ILE V 58 -70.71 -3.15 39.36
N VAL V 59 -69.56 -2.63 38.93
CA VAL V 59 -69.43 -1.20 38.71
C VAL V 59 -69.92 -0.85 37.32
N GLY V 60 -69.61 -1.70 36.35
CA GLY V 60 -70.15 -1.51 35.01
C GLY V 60 -71.65 -1.61 34.96
N PHE V 61 -72.22 -2.65 35.57
CA PHE V 61 -73.62 -2.98 35.39
C PHE V 61 -74.53 -1.80 35.67
N SER V 62 -74.02 -0.82 36.42
CA SER V 62 -74.81 0.39 36.78
C SER V 62 -74.10 1.59 36.15
N GLN V 63 -74.09 1.65 34.81
CA GLN V 63 -73.41 2.76 34.10
C GLN V 63 -73.95 4.09 34.62
N PRO V 64 -73.10 5.13 34.77
CA PRO V 64 -73.58 6.45 35.21
C PRO V 64 -74.84 6.88 34.44
N ALA V 65 -75.78 7.54 35.14
CA ALA V 65 -77.05 8.00 34.51
C ALA V 65 -76.73 8.59 33.13
N PRO V 66 -77.48 8.20 32.07
CA PRO V 66 -77.25 8.80 30.75
C PRO V 66 -77.14 10.31 30.89
N ALA V 67 -76.06 10.90 30.38
CA ALA V 67 -75.86 12.35 30.53
C ALA V 67 -77.04 13.05 29.85
N PRO V 68 -77.60 14.13 30.44
CA PRO V 68 -78.80 14.72 29.82
C PRO V 68 -78.45 15.18 28.40
N LEU V 69 -79.31 14.82 27.44
CA LEU V 69 -79.04 15.18 26.02
C LEU V 69 -80.12 16.16 25.58
N VAL V 70 -79.72 17.32 25.06
CA VAL V 70 -80.70 18.36 24.63
C VAL V 70 -80.09 19.15 23.47
N LEU V 71 -80.92 19.53 22.49
CA LEU V 71 -80.45 20.32 21.34
C LEU V 71 -81.49 21.40 20.97
N ARG V 72 -81.06 22.51 20.37
CA ARG V 72 -81.99 23.58 19.95
C ARG V 72 -81.88 23.78 18.44
N VAL V 73 -83.00 23.85 17.72
CA VAL V 73 -82.98 23.96 16.23
C VAL V 73 -83.59 25.29 15.80
N ASP V 74 -82.82 26.16 15.14
CA ASP V 74 -83.34 27.43 14.64
C ASP V 74 -84.18 27.22 13.39
N ASN V 75 -85.51 27.45 13.46
CA ASN V 75 -86.50 27.20 12.42
C ASN V 75 -86.32 28.14 11.24
N ALA V 76 -85.53 29.22 11.40
CA ALA V 76 -85.30 30.25 10.40
C ALA V 76 -83.99 30.01 9.66
N THR V 77 -82.99 29.46 10.31
CA THR V 77 -81.66 29.27 9.73
C THR V 77 -81.31 27.80 9.63
N GLY V 78 -82.24 26.96 10.21
CA GLY V 78 -81.94 25.54 10.19
C GLY V 78 -80.69 25.19 10.96
N ALA V 79 -80.13 26.18 11.71
CA ALA V 79 -78.95 26.00 12.55
C ALA V 79 -79.28 25.15 13.78
N VAL V 80 -78.54 24.05 13.91
CA VAL V 80 -78.73 23.12 15.02
C VAL V 80 -77.58 23.26 16.02
N ASP V 81 -77.91 23.43 17.30
CA ASP V 81 -76.85 23.68 18.31
C ASP V 81 -77.06 22.83 19.56
N VAL V 82 -76.00 22.17 20.04
CA VAL V 82 -76.09 21.34 21.28
C VAL V 82 -76.23 22.24 22.50
N GLU V 95 -48.25 41.02 18.01
CA GLU V 95 -48.19 42.48 18.29
C GLU V 95 -48.96 43.27 17.23
N VAL V 96 -48.77 42.92 15.95
CA VAL V 96 -49.43 43.71 14.85
C VAL V 96 -50.81 43.10 14.54
N VAL V 97 -51.72 43.06 15.50
CA VAL V 97 -53.10 42.58 15.23
C VAL V 97 -54.10 43.70 15.56
N ASP V 98 -53.79 44.50 16.59
CA ASP V 98 -54.72 45.57 17.04
C ASP V 98 -54.86 46.65 15.96
N THR V 99 -53.76 47.02 15.30
CA THR V 99 -53.81 48.13 14.30
C THR V 99 -54.72 47.76 13.12
N TYR V 100 -54.60 46.53 12.62
CA TYR V 100 -55.40 46.12 11.43
C TYR V 100 -56.89 46.13 11.79
N TRP V 101 -57.23 45.59 12.96
CA TRP V 101 -58.66 45.55 13.41
C TRP V 101 -59.17 46.98 13.60
N LEU V 102 -58.35 47.85 14.21
CA LEU V 102 -58.78 49.24 14.50
C LEU V 102 -59.05 49.97 13.17
N ASN V 103 -58.19 49.79 12.17
CA ASN V 103 -58.36 50.50 10.88
C ASN V 103 -59.66 50.05 10.21
N GLN V 104 -59.93 48.74 10.21
CA GLN V 104 -61.17 48.21 9.58
C GLN V 104 -62.38 48.74 10.36
N TYR V 105 -62.30 48.73 11.69
CA TYR V 105 -63.43 49.18 12.54
C TYR V 105 -63.70 50.67 12.28
N VAL V 106 -62.64 51.47 12.16
CA VAL V 106 -62.81 52.94 11.96
C VAL V 106 -63.54 53.20 10.63
N LEU V 107 -63.15 52.49 9.57
CA LEU V 107 -63.76 52.72 8.24
C LEU V 107 -65.24 52.33 8.30
N ASN V 108 -65.57 51.20 8.91
CA ASN V 108 -66.98 50.76 9.05
C ASN V 108 -67.75 51.72 9.96
N ARG V 109 -67.11 52.20 11.03
CA ARG V 109 -67.80 53.07 12.02
C ARG V 109 -68.22 54.40 11.40
N GLU V 110 -67.27 55.23 10.96
CA GLU V 110 -67.64 56.55 10.47
C GLU V 110 -68.52 56.52 9.22
N ALA V 111 -68.36 55.50 8.36
CA ALA V 111 -69.10 55.36 7.11
C ALA V 111 -70.55 54.95 7.34
N TYR V 112 -71.39 55.14 6.31
CA TYR V 112 -72.79 54.73 6.37
C TYR V 112 -73.42 54.48 5.01
N ASP V 113 -74.10 53.35 4.92
CA ASP V 113 -74.88 53.00 3.75
C ASP V 113 -75.96 52.05 4.20
N TYR V 114 -77.20 52.45 4.03
CA TYR V 114 -78.38 51.72 4.43
C TYR V 114 -78.27 50.23 4.06
N ASN V 115 -77.69 49.99 2.89
CA ASN V 115 -77.53 48.67 2.30
C ASN V 115 -76.46 47.76 2.92
N THR V 116 -75.42 48.33 3.54
CA THR V 116 -74.31 47.53 4.08
C THR V 116 -74.06 47.75 5.58
N ILE V 117 -74.69 48.79 6.16
CA ILE V 117 -74.49 49.18 7.55
C ILE V 117 -74.70 48.06 8.54
N GLN V 118 -75.59 47.11 8.30
CA GLN V 118 -75.71 46.09 9.33
C GLN V 118 -74.36 45.39 9.58
N MET V 119 -73.56 45.18 8.52
CA MET V 119 -72.28 44.50 8.73
C MET V 119 -71.28 45.44 9.36
N ASN V 120 -71.31 46.70 8.93
CA ASN V 120 -70.33 47.66 9.48
C ASN V 120 -70.62 47.92 10.95
N TYR V 121 -71.90 47.95 11.28
CA TYR V 121 -72.43 48.19 12.62
C TYR V 121 -71.98 47.08 13.56
N ASP V 122 -72.26 45.83 13.17
CA ASP V 122 -71.86 44.68 13.97
C ASP V 122 -70.35 44.54 14.05
N THR V 123 -69.65 44.84 12.94
CA THR V 123 -68.21 44.78 12.92
C THR V 123 -67.64 45.80 13.89
N THR V 124 -68.16 47.02 13.85
CA THR V 124 -67.66 48.04 14.74
C THR V 124 -67.82 47.54 16.17
N ALA V 125 -69.01 47.04 16.51
CA ALA V 125 -69.21 46.54 17.87
C ALA V 125 -68.23 45.41 18.21
N LEU V 126 -67.99 44.51 17.26
CA LEU V 126 -67.05 43.40 17.42
C LEU V 126 -65.62 43.85 17.70
N LEU V 127 -65.27 45.05 17.24
CA LEU V 127 -63.95 45.61 17.39
C LEU V 127 -63.96 46.72 18.46
N SER V 128 -64.97 46.73 19.33
CA SER V 128 -65.11 47.75 20.38
C SER V 128 -65.35 47.19 21.80
N ALA V 129 -64.71 47.83 22.78
CA ALA V 129 -64.96 47.54 24.19
C ALA V 129 -66.41 47.95 24.46
N PRO V 130 -67.16 47.30 25.36
CA PRO V 130 -68.55 47.66 25.68
C PRO V 130 -68.77 49.16 25.86
N ALA V 131 -67.84 49.88 26.51
CA ALA V 131 -68.00 51.33 26.65
C ALA V 131 -68.10 52.03 25.29
N VAL V 132 -67.24 51.58 24.38
CA VAL V 132 -67.11 52.11 23.04
C VAL V 132 -68.30 51.66 22.22
N GLN V 133 -68.72 50.41 22.40
CA GLN V 133 -69.85 49.88 21.66
C GLN V 133 -71.08 50.71 21.95
N GLN V 134 -71.29 51.07 23.23
CA GLN V 134 -72.43 51.87 23.63
C GLN V 134 -72.37 53.26 23.00
N ASP V 135 -71.19 53.88 22.99
CA ASP V 135 -71.06 55.20 22.39
C ASP V 135 -71.50 55.13 20.92
N TYR V 136 -71.03 54.09 20.24
CA TYR V 136 -71.37 53.84 18.85
C TYR V 136 -72.88 53.56 18.64
N TYR V 137 -73.46 52.67 19.45
CA TYR V 137 -74.86 52.30 19.30
C TYR V 137 -75.76 53.53 19.40
N LYS V 138 -75.41 54.43 20.32
CA LYS V 138 -76.15 55.66 20.57
C LYS V 138 -76.24 56.59 19.36
N LEU V 139 -75.36 56.42 18.38
CA LEU V 139 -75.34 57.30 17.20
C LEU V 139 -76.52 56.96 16.29
N PHE V 140 -77.15 55.83 16.55
CA PHE V 140 -78.27 55.37 15.76
C PHE V 140 -79.55 55.51 16.58
N ARG V 146 -78.47 58.29 12.98
CA ARG V 146 -77.93 58.19 11.62
C ARG V 146 -78.94 57.49 10.70
N ASP V 147 -79.66 56.51 11.26
CA ASP V 147 -80.71 55.74 10.60
C ASP V 147 -81.90 56.60 10.13
N ARG V 148 -82.09 57.79 10.71
CA ARG V 148 -83.18 58.69 10.36
C ARG V 148 -82.69 59.89 9.55
N VAL V 149 -81.48 60.36 9.87
CA VAL V 149 -80.87 61.51 9.22
C VAL V 149 -80.38 61.17 7.83
N LEU V 150 -79.66 60.05 7.72
CA LEU V 150 -79.17 59.59 6.44
C LEU V 150 -80.20 58.61 5.90
N GLY V 151 -80.64 57.66 6.74
CA GLY V 151 -81.66 56.71 6.33
C GLY V 151 -81.28 56.10 5.00
N ASN V 152 -82.19 56.18 4.03
CA ASN V 152 -81.93 55.67 2.69
C ASN V 152 -82.03 56.83 1.69
N LYS V 153 -81.72 58.04 2.17
CA LYS V 153 -81.74 59.26 1.37
C LYS V 153 -80.32 59.77 1.11
N ALA V 154 -79.42 59.54 2.07
CA ALA V 154 -78.04 59.99 1.97
C ALA V 154 -77.10 58.93 2.54
N ARG V 155 -75.86 58.95 2.06
CA ARG V 155 -74.83 58.00 2.46
C ARG V 155 -73.48 58.65 2.75
N ILE V 156 -72.69 58.01 3.61
CA ILE V 156 -71.36 58.51 3.93
C ILE V 156 -70.23 57.58 3.47
N THR V 157 -69.29 58.17 2.73
CA THR V 157 -68.12 57.48 2.23
C THR V 157 -66.90 57.90 3.04
N VAL V 158 -66.16 56.90 3.56
CA VAL V 158 -64.98 57.16 4.37
C VAL V 158 -63.76 56.43 3.84
N ARG V 159 -62.64 57.14 3.83
CA ARG V 159 -61.35 56.60 3.39
C ARG V 159 -60.24 57.09 4.30
N VAL V 160 -59.32 56.20 4.67
CA VAL V 160 -58.19 56.55 5.52
C VAL V 160 -56.95 56.84 4.68
N ARG V 161 -56.30 57.97 4.98
CA ARG V 161 -55.11 58.39 4.26
C ARG V 161 -53.83 57.85 4.87
N SER V 162 -53.76 57.89 6.20
CA SER V 162 -52.56 57.45 6.91
C SER V 162 -52.77 57.15 8.39
N ILE V 163 -52.16 56.07 8.87
CA ILE V 163 -52.20 55.74 10.29
C ILE V 163 -50.81 55.58 10.85
N GLN V 164 -50.53 56.27 11.95
CA GLN V 164 -49.25 56.15 12.61
C GLN V 164 -49.40 55.91 14.12
N PRO V 165 -49.04 54.69 14.62
CA PRO V 165 -49.03 54.31 16.02
C PRO V 165 -48.11 55.24 16.81
N ASN V 166 -48.50 55.56 18.04
CA ASN V 166 -47.71 56.47 18.86
C ASN V 166 -47.72 56.03 20.31
N GLY V 167 -47.04 54.92 20.60
CA GLY V 167 -47.06 54.36 21.95
C GLY V 167 -47.71 52.98 21.96
N ARG V 168 -48.10 52.53 23.15
CA ARG V 168 -48.63 51.54 24.07
C ARG V 168 -50.16 51.50 23.97
N GLY V 169 -50.68 50.87 22.90
CA GLY V 169 -52.12 50.82 22.68
C GLY V 169 -52.72 52.12 22.15
N GLN V 170 -51.94 52.92 21.42
CA GLN V 170 -52.50 54.17 20.92
C GLN V 170 -51.98 54.54 19.54
N ALA V 171 -52.88 55.03 18.69
CA ALA V 171 -52.53 55.46 17.34
C ALA V 171 -53.36 56.62 16.81
N THR V 172 -52.77 57.33 15.85
CA THR V 172 -53.46 58.45 15.19
C THR V 172 -53.87 58.10 13.76
N VAL V 173 -55.16 58.29 13.46
CA VAL V 173 -55.70 57.98 12.14
C VAL V 173 -56.14 59.25 11.39
N ARG V 174 -55.53 59.50 10.25
CA ARG V 174 -55.87 60.66 9.44
C ARG V 174 -56.74 60.19 8.28
N PHE V 175 -57.95 60.74 8.18
CA PHE V 175 -58.90 60.26 7.19
C PHE V 175 -59.84 61.34 6.68
N THR V 176 -60.58 61.01 5.62
CA THR V 176 -61.56 61.94 5.09
C THR V 176 -62.93 61.30 5.02
N THR V 177 -63.93 62.16 4.87
CA THR V 177 -65.31 61.73 4.76
C THR V 177 -66.17 62.65 3.88
N GLN V 178 -67.12 62.07 3.18
CA GLN V 178 -68.02 62.85 2.33
C GLN V 178 -69.43 62.31 2.24
N GLN V 179 -70.40 63.20 2.01
CA GLN V 179 -71.79 62.78 1.89
C GLN V 179 -72.36 62.86 0.48
N HIS V 180 -72.95 61.75 0.07
CA HIS V 180 -73.59 61.53 -1.23
C HIS V 180 -75.08 61.36 -1.05
N ASN V 181 -75.90 61.66 -2.06
CA ASN V 181 -77.33 61.39 -1.86
C ASN V 181 -78.12 60.95 -3.08
N HIS V 191 -62.20 66.74 6.36
CA HIS V 191 -61.02 66.04 6.86
C HIS V 191 -61.15 65.91 8.36
N GLN V 192 -60.85 64.72 8.89
CA GLN V 192 -60.94 64.39 10.30
C GLN V 192 -59.76 63.57 10.83
N ILE V 193 -59.49 63.68 12.13
CA ILE V 193 -58.44 62.85 12.72
C ILE V 193 -58.95 62.10 13.94
N ALA V 194 -58.77 60.78 13.94
CA ALA V 194 -59.22 59.97 15.06
C ALA V 194 -58.05 59.58 15.95
N THR V 195 -58.32 59.52 17.23
CA THR V 195 -57.36 59.03 18.18
C THR V 195 -57.94 57.76 18.74
N ILE V 196 -57.20 56.67 18.61
CA ILE V 196 -57.73 55.41 19.05
C ILE V 196 -56.90 54.76 20.12
N GLY V 197 -57.56 54.44 21.23
CA GLY V 197 -56.92 53.69 22.31
C GLY V 197 -57.34 52.25 22.03
N TYR V 198 -56.42 51.31 22.13
CA TYR V 198 -56.81 49.94 21.82
C TYR V 198 -55.97 48.83 22.44
N THR V 199 -56.53 47.65 22.39
CA THR V 199 -55.89 46.43 22.81
C THR V 199 -56.39 45.30 21.94
N TYR V 200 -56.03 44.09 22.34
CA TYR V 200 -56.51 42.88 21.70
C TYR V 200 -56.97 41.93 22.80
N ILE V 201 -58.08 41.25 22.57
CA ILE V 201 -58.62 40.33 23.57
C ILE V 201 -58.45 38.86 23.19
N GLY V 202 -57.68 38.63 22.14
CA GLY V 202 -57.41 37.29 21.66
C GLY V 202 -58.54 36.78 20.79
N ALA V 203 -58.38 35.58 20.27
CA ALA V 203 -59.39 35.03 19.39
C ALA V 203 -60.73 34.89 20.12
N PRO V 204 -61.87 35.23 19.47
CA PRO V 204 -63.23 35.10 19.96
C PRO V 204 -63.66 33.64 19.83
N MET V 205 -64.70 33.21 20.54
CA MET V 205 -65.14 31.81 20.42
C MET V 205 -66.56 31.62 19.90
N ARG V 206 -66.83 32.21 18.74
CA ARG V 206 -68.08 32.10 17.99
C ARG V 206 -67.76 32.22 16.51
N SER V 207 -68.38 31.42 15.64
CA SER V 207 -68.06 31.52 14.21
C SER V 207 -68.38 32.90 13.62
N SER V 208 -69.42 33.53 14.14
CA SER V 208 -69.85 34.85 13.69
C SER V 208 -68.90 35.97 14.08
N ASP V 209 -67.99 35.70 15.01
CA ASP V 209 -67.02 36.69 15.45
C ASP V 209 -65.64 36.41 14.85
N ARG V 210 -65.24 35.13 14.79
CA ARG V 210 -63.90 34.81 14.34
C ARG V 210 -63.74 35.07 12.86
N LEU V 211 -64.83 35.01 12.11
CA LEU V 211 -64.73 35.25 10.68
C LEU V 211 -64.70 36.76 10.36
N LEU V 212 -64.81 37.61 11.40
CA LEU V 212 -64.76 39.07 11.26
C LEU V 212 -63.57 39.72 12.01
N ASN V 213 -63.20 39.20 13.20
CA ASN V 213 -62.15 39.78 14.06
C ASN V 213 -61.31 38.71 14.79
N PRO V 214 -60.62 37.79 14.10
CA PRO V 214 -59.89 36.63 14.64
C PRO V 214 -58.75 36.98 15.59
N LEU V 215 -58.23 38.18 15.40
CA LEU V 215 -57.14 38.75 16.15
C LEU V 215 -57.53 39.25 17.52
N GLY V 216 -58.83 39.57 17.66
CA GLY V 216 -59.37 40.15 18.88
C GLY V 216 -59.21 41.66 19.01
N PHE V 217 -59.10 42.40 17.92
CA PHE V 217 -58.90 43.85 18.04
C PHE V 217 -60.01 44.50 18.82
N GLN V 218 -59.66 45.39 19.73
CA GLN V 218 -60.69 46.06 20.48
C GLN V 218 -60.33 47.50 20.83
N VAL V 219 -61.22 48.42 20.48
CA VAL V 219 -61.06 49.82 20.81
C VAL V 219 -61.53 50.05 22.24
N THR V 220 -60.70 50.70 23.03
CA THR V 220 -61.06 50.93 24.43
C THR V 220 -61.40 52.40 24.67
N SER V 221 -61.00 53.25 23.73
CA SER V 221 -61.25 54.69 23.78
C SER V 221 -61.28 55.22 22.37
N TYR V 222 -62.21 56.13 22.07
CA TYR V 222 -62.26 56.68 20.72
C TYR V 222 -62.77 58.11 20.66
N ARG V 223 -62.09 58.91 19.85
CA ARG V 223 -62.56 60.26 19.55
C ARG V 223 -62.12 60.65 18.17
N ALA V 224 -62.90 61.50 17.49
CA ALA V 224 -62.46 62.02 16.20
C ALA V 224 -62.94 63.44 16.04
N ASP V 225 -61.98 64.32 15.78
CA ASP V 225 -62.19 65.74 15.66
C ASP V 225 -61.98 66.20 14.22
N PRO V 226 -62.58 67.30 13.76
CA PRO V 226 -62.32 67.92 12.47
C PRO V 226 -60.87 68.33 12.36
N PRO W 15 39.55 54.02 53.13
CA PRO W 15 40.74 53.46 52.50
C PRO W 15 40.76 51.94 52.50
N VAL W 16 41.13 51.33 53.63
CA VAL W 16 41.17 49.88 53.74
C VAL W 16 40.23 49.37 54.84
N GLY W 17 39.91 50.17 55.85
CA GLY W 17 38.99 49.77 56.90
C GLY W 17 37.63 49.32 56.41
N GLN W 18 37.34 49.42 55.11
CA GLN W 18 36.07 48.98 54.56
C GLN W 18 35.93 47.46 54.57
N PHE W 19 36.99 46.72 54.86
CA PHE W 19 36.90 45.27 54.92
C PHE W 19 37.17 44.69 56.30
N ILE W 20 37.80 45.43 57.20
CA ILE W 20 38.19 44.92 58.51
C ILE W 20 37.11 45.19 59.55
N PRO W 21 36.55 44.17 60.18
CA PRO W 21 35.38 44.39 61.05
C PRO W 21 35.68 44.73 62.50
N TYR W 22 36.95 44.78 62.90
CA TYR W 22 37.26 44.80 64.32
C TYR W 22 37.14 46.22 64.87
N SER W 23 36.59 46.33 66.09
CA SER W 23 36.34 47.63 66.68
C SER W 23 37.13 47.86 67.96
N HIS W 24 36.96 47.04 68.98
CA HIS W 24 37.52 47.32 70.29
C HIS W 24 37.30 46.10 71.19
N HIS W 25 37.83 46.15 72.40
CA HIS W 25 37.67 45.09 73.37
C HIS W 25 36.38 45.28 74.15
N VAL W 26 35.79 44.17 74.61
CA VAL W 26 34.65 44.18 75.49
C VAL W 26 34.99 43.60 76.85
N THR W 27 35.85 42.59 76.90
CA THR W 27 36.46 42.10 78.12
C THR W 27 37.88 41.72 77.75
N ASP W 28 38.69 41.34 78.75
CA ASP W 28 40.12 41.14 78.52
C ASP W 28 40.39 40.18 77.39
N THR W 29 39.51 39.20 77.17
CA THR W 29 39.78 38.13 76.21
C THR W 29 38.78 38.09 75.06
N ILE W 30 37.95 39.12 74.88
CA ILE W 30 36.97 39.09 73.80
C ILE W 30 36.95 40.42 73.03
N ILE W 31 37.60 40.44 71.87
CA ILE W 31 37.48 41.57 70.97
C ILE W 31 36.07 41.65 70.42
N SER W 32 35.57 42.87 70.25
CA SER W 32 34.25 43.10 69.68
C SER W 32 34.33 43.18 68.16
N THR W 33 33.24 43.61 67.54
CA THR W 33 33.20 43.77 66.09
C THR W 33 32.35 44.99 65.80
N LYS W 34 32.50 45.55 64.59
CA LYS W 34 31.72 46.71 64.22
C LYS W 34 30.23 46.41 64.29
N ASN W 35 29.79 45.28 63.76
CA ASN W 35 28.39 44.91 63.74
C ASN W 35 27.98 44.14 64.99
N ALA W 36 28.70 44.32 66.10
CA ALA W 36 28.42 43.61 67.35
C ALA W 36 28.49 42.10 67.19
N GLU W 37 29.67 41.60 66.79
CA GLU W 37 29.94 40.18 66.68
C GLU W 37 31.16 39.84 67.53
N TYR W 38 30.93 39.53 68.80
CA TYR W 38 32.02 39.32 69.74
C TYR W 38 32.88 38.14 69.31
N LEU W 39 34.17 38.23 69.63
CA LEU W 39 35.16 37.34 69.06
C LEU W 39 36.13 36.91 70.14
N SER W 40 36.84 35.81 69.89
CA SER W 40 37.91 35.36 70.76
C SER W 40 38.96 34.67 69.91
N VAL W 41 40.21 34.69 70.40
CA VAL W 41 41.32 34.09 69.70
C VAL W 41 42.02 33.11 70.63
N TRP W 42 42.33 31.92 70.12
CA TRP W 42 43.06 30.91 70.86
C TRP W 42 44.32 30.55 70.11
N LYS W 43 45.42 30.36 70.85
CA LYS W 43 46.70 29.96 70.28
C LYS W 43 46.91 28.48 70.54
N ILE W 44 46.66 27.66 69.52
CA ILE W 44 46.69 26.21 69.65
C ILE W 44 48.06 25.73 69.21
N ASP W 45 48.78 25.07 70.11
CA ASP W 45 50.06 24.48 69.75
C ASP W 45 49.86 23.26 68.85
N GLY W 46 48.84 22.47 69.13
CA GLY W 46 48.56 21.29 68.36
C GLY W 46 49.30 20.07 68.89
N ARG W 47 48.74 18.90 68.64
CA ARG W 47 49.32 17.64 69.08
C ARG W 47 50.07 17.01 67.92
N SER W 48 51.17 16.34 68.24
CA SER W 48 51.99 15.76 67.19
C SER W 48 51.31 14.55 66.59
N HIS W 49 51.29 14.48 65.27
CA HIS W 49 50.66 13.38 64.55
C HIS W 49 51.65 12.27 64.21
N GLN W 50 52.91 12.41 64.61
CA GLN W 50 53.89 11.36 64.46
C GLN W 50 54.10 10.54 65.71
N SER W 51 53.94 11.15 66.89
CA SER W 51 54.16 10.44 68.14
C SER W 51 53.16 9.30 68.32
N ALA W 52 51.90 9.55 67.99
CA ALA W 52 50.84 8.57 68.16
C ALA W 52 50.50 7.92 66.83
N SER W 53 50.19 6.63 66.87
CA SER W 53 49.90 5.89 65.66
C SER W 53 48.56 6.33 65.08
N GLU W 54 48.14 5.65 64.00
CA GLU W 54 46.88 5.97 63.36
C GLU W 54 45.68 5.62 64.23
N ALA W 55 45.88 4.88 65.32
CA ALA W 55 44.76 4.46 66.14
C ALA W 55 44.16 5.63 66.92
N ASP W 56 45.00 6.49 67.49
CA ASP W 56 44.52 7.56 68.35
C ASP W 56 44.09 8.81 67.61
N VAL W 57 44.44 8.94 66.33
CA VAL W 57 44.05 10.11 65.55
C VAL W 57 42.54 10.16 65.42
N PHE W 58 41.91 9.02 65.13
CA PHE W 58 40.46 8.96 65.05
C PHE W 58 39.82 9.36 66.37
N GLN W 59 40.39 8.91 67.50
CA GLN W 59 39.83 9.28 68.79
C GLN W 59 39.95 10.78 69.03
N TRP W 60 41.07 11.38 68.61
CA TRP W 60 41.20 12.84 68.70
C TRP W 60 40.09 13.52 67.93
N ILE W 61 39.88 13.11 66.67
CA ILE W 61 38.84 13.74 65.86
C ILE W 61 37.48 13.58 66.53
N ARG W 62 37.21 12.40 67.08
CA ARG W 62 35.92 12.16 67.71
C ARG W 62 35.72 13.03 68.93
N GLU W 63 36.75 13.21 69.75
CA GLU W 63 36.58 14.06 70.93
C GLU W 63 36.39 15.53 70.53
N LEU W 64 37.09 15.98 69.49
CA LEU W 64 36.87 17.34 69.01
C LEU W 64 35.45 17.50 68.49
N ASN W 65 34.94 16.50 67.77
CA ASN W 65 33.55 16.53 67.32
C ASN W 65 32.59 16.60 68.49
N ASN W 66 32.83 15.78 69.52
CA ASN W 66 31.98 15.77 70.71
C ASN W 66 31.94 17.16 71.33
N THR W 67 33.12 17.75 71.58
CA THR W 67 33.13 19.03 72.27
C THR W 67 32.64 20.17 71.39
N LEU W 68 32.66 20.01 70.06
CA LEU W 68 32.09 21.03 69.19
C LEU W 68 30.58 20.96 69.20
N ARG W 69 30.02 19.77 68.91
CA ARG W 69 28.57 19.61 68.92
C ARG W 69 27.99 19.83 70.32
N GLY W 70 28.82 19.76 71.36
CA GLY W 70 28.35 20.10 72.68
C GLY W 70 27.92 21.55 72.78
N ILE W 71 28.69 22.45 72.19
CA ILE W 71 28.37 23.87 72.20
C ILE W 71 27.81 24.32 70.84
N SER W 72 27.27 23.39 70.06
CA SER W 72 26.72 23.76 68.76
C SER W 72 25.54 24.69 68.92
N SER W 73 25.56 25.78 68.16
CA SER W 73 24.47 26.74 68.12
C SER W 73 24.60 27.50 66.80
N ALA W 74 23.49 28.10 66.36
CA ALA W 74 23.55 28.86 65.12
C ALA W 74 24.36 30.14 65.25
N ASN W 75 24.69 30.56 66.48
CA ASN W 75 25.42 31.80 66.69
C ASN W 75 26.90 31.65 66.39
N LEU W 76 27.45 30.46 66.63
CA LEU W 76 28.88 30.21 66.65
C LEU W 76 29.46 30.30 65.24
N SER W 77 30.79 30.20 65.17
CA SER W 77 31.55 30.08 63.93
C SER W 77 32.99 29.82 64.34
N LEU W 78 33.81 29.42 63.36
CA LEU W 78 35.21 29.12 63.65
C LEU W 78 36.04 29.33 62.40
N TRP W 79 37.11 30.09 62.53
CA TRP W 79 38.19 30.13 61.54
C TRP W 79 39.40 29.36 62.05
N THR W 80 40.19 28.85 61.11
CA THR W 80 41.37 28.07 61.46
C THR W 80 42.48 28.38 60.48
N HIS W 81 43.66 28.72 61.00
CA HIS W 81 44.77 29.16 60.17
C HIS W 81 46.04 28.38 60.52
N ILE W 82 46.74 27.93 59.49
CA ILE W 82 48.05 27.31 59.66
C ILE W 82 49.09 28.22 59.03
N VAL W 83 49.63 29.14 59.82
CA VAL W 83 50.58 30.13 59.32
C VAL W 83 51.99 29.59 59.47
N ARG W 84 52.75 29.64 58.38
CA ARG W 84 54.14 29.18 58.35
C ARG W 84 55.05 30.39 58.25
N ARG W 85 56.11 30.39 59.05
CA ARG W 85 57.02 31.53 59.11
C ARG W 85 58.45 31.09 58.82
N ARG W 86 59.21 32.01 58.25
CA ARG W 86 60.67 31.91 58.25
C ARG W 86 61.14 32.69 59.46
N VAL W 87 61.33 31.98 60.58
CA VAL W 87 61.47 32.64 61.87
C VAL W 87 62.79 33.39 61.94
N TYR W 88 62.72 34.68 62.29
CA TYR W 88 63.88 35.52 62.50
C TYR W 88 64.05 35.95 63.95
N GLU W 89 63.01 35.78 64.78
CA GLU W 89 63.07 36.24 66.17
C GLU W 89 63.99 35.41 67.04
N TYR W 90 64.64 34.39 66.49
CA TYR W 90 65.64 33.60 67.21
C TYR W 90 67.00 34.23 67.03
N PRO W 91 67.53 34.91 68.06
CA PRO W 91 68.73 35.73 67.86
C PRO W 91 70.03 35.02 68.17
N ASP W 92 71.10 35.42 67.49
CA ASP W 92 72.43 34.93 67.81
C ASP W 92 72.91 35.53 69.12
N ALA W 93 73.68 34.74 69.88
CA ALA W 93 74.18 35.17 71.18
C ALA W 93 75.69 35.01 71.24
N GLU W 94 76.34 35.97 71.89
CA GLU W 94 77.79 35.98 72.03
C GLU W 94 78.16 35.58 73.46
N PHE W 95 79.01 34.57 73.58
CA PHE W 95 79.45 34.10 74.88
C PHE W 95 80.61 34.94 75.39
N ASP W 96 81.24 34.46 76.46
CA ASP W 96 82.50 35.03 76.94
C ASP W 96 83.55 33.94 77.09
N ASN W 97 83.54 32.96 76.17
CA ASN W 97 84.54 31.90 76.16
C ASN W 97 84.69 31.40 74.74
N VAL W 98 85.94 31.16 74.32
CA VAL W 98 86.21 30.87 72.92
C VAL W 98 85.72 29.48 72.53
N PHE W 99 85.77 28.53 73.46
CA PHE W 99 85.37 27.16 73.13
C PHE W 99 83.88 27.10 72.80
N CYS W 100 83.04 27.70 73.67
CA CYS W 100 81.61 27.73 73.40
C CYS W 100 81.30 28.48 72.11
N ARG W 101 82.03 29.57 71.85
CA ARG W 101 81.82 30.30 70.60
C ARG W 101 82.14 29.44 69.39
N GLN W 102 83.22 28.66 69.47
CA GLN W 102 83.53 27.74 68.39
C GLN W 102 82.41 26.74 68.20
N LEU W 103 81.94 26.14 69.29
CA LEU W 103 80.88 25.15 69.18
C LEU W 103 79.63 25.76 68.53
N ASP W 104 79.25 26.95 68.99
CA ASP W 104 78.07 27.62 68.45
C ASP W 104 78.25 27.94 66.97
N GLU W 105 79.42 28.44 66.59
CA GLU W 105 79.61 28.85 65.20
C GLU W 105 79.55 27.67 64.25
N LYS W 106 80.26 26.59 64.57
CA LYS W 106 80.15 25.41 63.69
C LYS W 106 78.75 24.82 63.70
N TYR W 107 78.08 24.78 64.85
CA TYR W 107 76.76 24.14 64.85
C TYR W 107 75.76 24.98 64.06
N ARG W 108 75.91 26.30 64.09
CA ARG W 108 75.07 27.16 63.25
C ARG W 108 75.41 27.00 61.78
N GLU W 109 76.69 26.85 61.45
CA GLU W 109 77.06 26.63 60.05
C GLU W 109 76.57 25.28 59.55
N SER W 110 76.23 24.35 60.44
CA SER W 110 75.64 23.08 60.00
C SER W 110 74.26 23.23 59.40
N PHE W 111 73.74 24.45 59.25
CA PHE W 111 72.34 24.66 58.88
C PHE W 111 72.14 25.32 57.53
N THR W 112 73.21 25.57 56.78
CA THR W 112 73.06 26.25 55.49
C THR W 112 72.30 25.38 54.50
N GLY W 113 71.08 25.81 54.17
CA GLY W 113 70.26 25.10 53.21
C GLY W 113 69.08 24.35 53.81
N TYR W 114 68.83 24.49 55.11
CA TYR W 114 67.78 23.73 55.75
C TYR W 114 66.46 24.49 55.66
N ASN W 115 65.41 23.93 56.26
CA ASN W 115 64.09 24.55 56.13
C ASN W 115 63.95 25.80 57.01
N LEU W 116 64.12 25.65 58.33
CA LEU W 116 64.03 26.77 59.27
C LEU W 116 62.66 27.43 59.23
N MET W 117 61.60 26.64 59.27
CA MET W 117 60.24 27.14 59.26
C MET W 117 59.45 26.55 60.41
N VAL W 118 58.62 27.37 61.03
CA VAL W 118 57.79 26.96 62.14
C VAL W 118 56.33 27.08 61.73
N ASN W 119 55.48 26.22 62.29
CA ASN W 119 54.04 26.29 62.08
C ASN W 119 53.37 26.80 63.35
N ASP W 120 52.42 27.70 63.17
CA ASP W 120 51.58 28.16 64.26
C ASP W 120 50.12 27.95 63.88
N LEU W 121 49.33 27.44 64.81
CA LEU W 121 47.93 27.13 64.55
C LEU W 121 47.07 28.01 65.44
N TYR W 122 46.11 28.70 64.83
CA TYR W 122 45.26 29.65 65.53
C TYR W 122 43.81 29.29 65.28
N LEU W 123 43.04 29.15 66.35
CA LEU W 123 41.59 28.97 66.28
C LEU W 123 40.92 30.18 66.91
N THR W 124 39.96 30.75 66.18
CA THR W 124 39.18 31.89 66.67
C THR W 124 37.72 31.51 66.71
N VAL W 125 37.04 31.86 67.81
CA VAL W 125 35.62 31.60 67.98
C VAL W 125 34.88 32.92 68.02
N VAL W 126 33.94 33.10 67.11
CA VAL W 126 33.13 34.32 67.01
C VAL W 126 31.68 33.96 67.27
N TYR W 127 31.02 34.76 68.10
CA TYR W 127 29.67 34.46 68.60
C TYR W 127 28.78 35.65 68.28
N ARG W 128 28.10 35.61 67.13
CA ARG W 128 27.28 36.72 66.69
C ARG W 128 25.84 36.49 67.08
N PRO W 129 25.24 37.32 67.91
CA PRO W 129 23.82 37.17 68.22
C PRO W 129 22.96 37.43 67.00
N VAL W 130 21.82 36.76 66.95
CA VAL W 130 20.88 36.93 65.84
C VAL W 130 19.70 37.78 66.28
N LYS W 150 21.22 46.35 78.34
CA LYS W 150 22.41 46.07 79.12
C LYS W 150 22.46 44.60 79.52
N HIS W 151 21.32 44.05 79.93
CA HIS W 151 21.28 42.65 80.30
C HIS W 151 21.56 41.74 79.10
N ARG W 152 21.18 42.17 77.89
CA ARG W 152 21.53 41.39 76.70
C ARG W 152 23.01 41.49 76.35
N GLN W 153 23.62 42.68 76.55
CA GLN W 153 25.07 42.77 76.42
C GLN W 153 25.76 41.80 77.36
N GLU W 154 25.34 41.80 78.63
CA GLU W 154 25.91 40.89 79.60
C GLU W 154 25.67 39.43 79.22
N SER W 155 24.48 39.14 78.69
CA SER W 155 24.17 37.77 78.27
C SER W 155 25.08 37.34 77.15
N CYS W 156 25.34 38.22 76.19
CA CYS W 156 26.21 37.89 75.07
C CYS W 156 27.63 37.57 75.56
N ILE W 157 28.18 38.46 76.40
CA ILE W 157 29.55 38.22 76.85
C ILE W 157 29.64 36.97 77.72
N LYS W 158 28.61 36.72 78.55
CA LYS W 158 28.63 35.53 79.40
C LYS W 158 28.53 34.26 78.57
N ALA W 159 27.70 34.27 77.53
CA ALA W 159 27.63 33.12 76.65
C ALA W 159 28.98 32.85 76.01
N LEU W 160 29.66 33.90 75.55
CA LEU W 160 30.93 33.66 74.90
C LEU W 160 31.99 33.18 75.89
N GLU W 161 31.97 33.69 77.12
CA GLU W 161 32.97 33.22 78.08
C GLU W 161 32.70 31.77 78.49
N ASP W 162 31.44 31.36 78.58
CA ASP W 162 31.15 29.95 78.85
C ASP W 162 31.60 29.08 77.69
N ILE W 163 31.41 29.55 76.46
CA ILE W 163 31.93 28.84 75.30
C ILE W 163 33.44 28.68 75.40
N ASN W 164 34.12 29.74 75.81
CA ASN W 164 35.58 29.68 75.97
C ASN W 164 35.97 28.66 77.04
N ARG W 165 35.25 28.63 78.16
CA ARG W 165 35.57 27.66 79.21
C ARG W 165 35.43 26.24 78.69
N THR W 166 34.35 25.95 77.95
CA THR W 166 34.18 24.60 77.42
C THR W 166 35.28 24.25 76.43
N LEU W 167 35.62 25.19 75.55
CA LEU W 167 36.68 24.91 74.58
C LEU W 167 38.01 24.67 75.27
N GLY W 168 38.28 25.41 76.34
CA GLY W 168 39.51 25.19 77.10
C GLY W 168 39.55 23.85 77.79
N GLN W 169 38.44 23.45 78.40
CA GLN W 169 38.35 22.09 78.91
C GLN W 169 38.66 21.06 77.82
N SER W 170 38.19 21.33 76.60
CA SER W 170 38.41 20.38 75.51
C SER W 170 39.87 20.29 75.11
N PHE W 171 40.53 21.43 74.95
CA PHE W 171 41.85 21.48 74.33
C PHE W 171 42.99 21.24 75.30
N LYS W 172 42.74 20.57 76.43
CA LYS W 172 43.79 20.40 77.44
C LYS W 172 45.00 19.66 76.88
N ARG W 173 44.74 18.58 76.13
CA ARG W 173 45.84 17.84 75.54
C ARG W 173 46.60 18.65 74.49
N TYR W 174 45.92 19.52 73.76
CA TYR W 174 46.55 20.25 72.68
C TYR W 174 47.46 21.36 73.20
N GLY W 175 47.15 21.90 74.36
CA GLY W 175 47.99 22.88 75.00
C GLY W 175 47.76 24.31 74.60
N ALA W 176 46.54 24.68 74.24
CA ALA W 176 46.26 26.04 73.80
C ALA W 176 46.26 27.01 74.97
N GLU W 177 46.47 28.28 74.66
CA GLU W 177 46.43 29.35 75.64
C GLU W 177 45.49 30.43 75.16
N LEU W 178 44.76 31.03 76.11
CA LEU W 178 43.77 32.05 75.77
C LEU W 178 44.45 33.39 75.61
N LEU W 179 44.38 33.96 74.40
CA LEU W 179 45.01 35.24 74.15
C LEU W 179 44.26 36.34 74.90
N SER W 180 45.00 37.11 75.69
CA SER W 180 44.41 38.13 76.54
C SER W 180 45.37 39.31 76.65
N VAL W 181 44.85 40.42 77.17
CA VAL W 181 45.64 41.63 77.26
C VAL W 181 46.84 41.42 78.18
N TYR W 182 47.91 42.18 77.92
CA TYR W 182 49.13 42.10 78.72
C TYR W 182 49.70 43.50 78.84
N GLU W 183 49.69 44.03 80.06
CA GLU W 183 50.23 45.37 80.29
C GLU W 183 51.75 45.36 80.11
N LYS W 184 52.25 46.35 79.38
CA LYS W 184 53.70 46.53 79.20
C LYS W 184 54.05 47.96 79.63
N GLY W 185 54.35 48.12 80.91
CA GLY W 185 54.84 49.38 81.43
C GLY W 185 53.89 50.54 81.30
N GLY W 186 52.62 50.34 81.66
CA GLY W 186 51.63 51.39 81.60
C GLY W 186 50.93 51.55 80.26
N HIS W 187 51.47 50.96 79.20
CA HIS W 187 50.81 50.93 77.90
C HIS W 187 50.13 49.56 77.78
N ALA W 188 48.85 49.52 78.09
CA ALA W 188 48.10 48.28 77.92
C ALA W 188 48.12 47.86 76.46
N PHE W 189 48.30 46.57 76.23
CA PHE W 189 48.30 46.00 74.89
C PHE W 189 47.16 44.98 74.80
N SER W 190 47.11 44.27 73.69
CA SER W 190 46.04 43.30 73.46
C SER W 190 46.57 42.18 72.58
N ALA W 191 46.76 41.00 73.16
CA ALA W 191 47.28 39.88 72.40
C ALA W 191 46.45 39.49 71.20
N PRO W 192 45.11 39.41 71.26
CA PRO W 192 44.37 38.96 70.07
C PRO W 192 44.60 39.81 68.83
N LEU W 193 44.86 41.10 68.99
CA LEU W 193 45.10 41.95 67.82
C LEU W 193 46.30 41.49 67.02
N GLU W 194 47.25 40.81 67.66
CA GLU W 194 48.49 40.45 66.96
C GLU W 194 48.22 39.42 65.89
N PHE W 195 47.42 38.40 66.18
CA PHE W 195 47.11 37.38 65.17
C PHE W 195 46.32 37.96 64.02
N LEU W 196 45.29 38.74 64.33
CA LEU W 196 44.48 39.37 63.29
C LEU W 196 45.32 40.34 62.48
N ALA W 197 46.36 40.92 63.08
CA ALA W 197 47.29 41.73 62.32
C ALA W 197 48.10 40.89 61.37
N ARG W 198 48.67 39.78 61.86
CA ARG W 198 49.49 38.94 60.99
C ARG W 198 48.68 38.42 59.82
N LEU W 199 47.37 38.26 59.99
CA LEU W 199 46.53 37.83 58.88
C LEU W 199 46.58 38.83 57.73
N VAL W 200 46.46 40.11 58.05
CA VAL W 200 46.45 41.15 57.01
C VAL W 200 47.83 41.71 56.76
N ASN W 201 48.56 42.07 57.82
CA ASN W 201 49.87 42.70 57.64
C ASN W 201 50.88 41.74 57.03
N GLY W 202 50.80 40.47 57.38
CA GLY W 202 51.74 39.48 56.89
C GLY W 202 53.05 39.43 57.65
N GLU W 203 53.29 40.39 58.53
CA GLU W 203 54.47 40.40 59.39
C GLU W 203 54.02 40.81 60.78
N HIS W 204 54.56 40.17 61.81
CA HIS W 204 54.08 40.38 63.17
C HIS W 204 54.46 41.79 63.61
N ILE W 205 53.50 42.70 63.54
CA ILE W 205 53.66 44.09 63.95
C ILE W 205 52.83 44.31 65.22
N PRO W 206 53.44 44.48 66.38
CA PRO W 206 52.65 44.65 67.61
C PRO W 206 51.81 45.91 67.55
N MET W 207 50.63 45.85 68.15
CA MET W 207 49.78 47.02 68.20
C MET W 207 49.26 47.24 69.61
N PRO W 208 49.07 48.49 70.00
CA PRO W 208 48.45 48.78 71.29
C PRO W 208 46.94 48.86 71.18
N ILE W 209 46.28 48.62 72.29
CA ILE W 209 44.85 48.88 72.40
C ILE W 209 44.67 50.36 72.71
N CYS W 210 43.88 51.04 71.89
CA CYS W 210 43.68 52.48 72.05
C CYS W 210 42.24 52.81 71.70
N ARG W 211 41.90 54.10 71.83
CA ARG W 211 40.50 54.52 71.81
C ARG W 211 39.87 54.52 70.43
N ASP W 212 40.65 54.39 69.36
CA ASP W 212 40.03 54.27 68.04
C ASP W 212 39.29 52.96 67.90
N ARG W 213 38.69 52.74 66.74
CA ARG W 213 38.29 51.41 66.32
C ARG W 213 39.49 50.80 65.60
N PHE W 214 39.84 49.57 65.96
CA PHE W 214 41.09 49.00 65.49
C PHE W 214 41.12 48.85 63.98
N SER W 215 39.96 48.91 63.32
CA SER W 215 39.94 48.80 61.87
C SER W 215 40.73 49.92 61.20
N ASP W 216 40.76 51.11 61.81
CA ASP W 216 41.45 52.23 61.19
C ASP W 216 42.95 51.99 61.08
N TYR W 217 43.57 51.45 62.13
CA TYR W 217 45.02 51.33 62.14
C TYR W 217 45.53 49.90 62.31
N MET W 218 44.66 48.89 62.31
CA MET W 218 45.18 47.54 62.46
C MET W 218 46.04 47.16 61.28
N ALA W 219 45.69 47.64 60.09
CA ALA W 219 46.53 47.47 58.92
C ALA W 219 47.65 48.51 58.93
N VAL W 220 48.87 48.07 58.64
CA VAL W 220 50.00 48.98 58.50
C VAL W 220 50.60 48.80 57.11
N ASN W 221 50.74 47.55 56.68
CA ASN W 221 51.28 47.22 55.37
C ASN W 221 50.15 46.67 54.50
N ARG W 222 49.50 47.56 53.76
CA ARG W 222 48.25 47.20 53.09
C ARG W 222 48.52 46.51 51.76
N PRO W 223 47.92 45.35 51.54
CA PRO W 223 48.14 44.63 50.28
C PRO W 223 47.59 45.38 49.08
N MET W 224 48.17 45.11 47.92
CA MET W 224 47.81 45.77 46.66
C MET W 224 47.57 44.69 45.61
N PHE W 225 46.33 44.23 45.49
CA PHE W 225 45.99 43.16 44.57
C PHE W 225 45.97 43.69 43.15
N SER W 226 46.63 42.98 42.24
CA SER W 226 46.50 43.32 40.83
C SER W 226 45.04 43.24 40.41
N LYS W 227 44.60 44.21 39.60
CA LYS W 227 43.18 44.28 39.28
C LYS W 227 42.68 43.05 38.55
N TRP W 228 43.55 42.34 37.80
CA TRP W 228 43.14 41.07 37.23
C TRP W 228 43.07 39.97 38.28
N GLY W 229 43.86 40.08 39.34
CA GLY W 229 43.70 39.24 40.50
C GLY W 229 44.44 37.93 40.52
N GLU W 230 45.45 37.74 39.66
CA GLU W 230 46.19 36.49 39.71
C GLU W 230 47.10 36.43 40.93
N VAL W 231 47.77 37.54 41.25
CA VAL W 231 48.73 37.61 42.35
C VAL W 231 48.49 38.88 43.14
N GLY W 232 49.34 39.12 44.14
CA GLY W 232 49.20 40.29 44.98
C GLY W 232 50.50 40.97 45.33
N GLU W 233 50.49 41.82 46.35
CA GLU W 233 51.67 42.53 46.81
C GLU W 233 51.54 42.79 48.30
N LEU W 234 52.67 43.22 48.90
CA LEU W 234 52.68 43.63 50.34
C LEU W 234 53.52 44.92 50.38
N ARG W 235 53.36 45.78 51.38
CA ARG W 235 54.09 47.08 51.37
C ARG W 235 54.73 47.36 52.74
N SER W 236 55.91 46.79 53.00
CA SER W 236 56.52 46.93 54.35
C SER W 236 57.62 48.00 54.39
N LEU W 237 57.99 48.46 55.60
CA LEU W 237 59.04 49.45 55.79
C LEU W 237 60.40 48.87 55.39
N THR W 238 60.52 47.58 55.49
CA THR W 238 61.81 46.91 55.39
C THR W 238 61.92 46.13 54.09
N GLY W 239 60.77 45.86 53.42
CA GLY W 239 60.75 45.04 52.19
C GLY W 239 59.36 44.84 51.59
N LEU W 240 59.13 43.72 50.87
CA LEU W 240 57.87 43.44 50.12
C LEU W 240 57.79 41.96 49.72
N ARG W 241 56.68 41.52 49.09
CA ARG W 241 56.49 40.07 48.71
C ARG W 241 55.33 39.89 47.72
N ARG W 242 55.18 38.69 47.12
CA ARG W 242 54.06 38.40 46.24
C ARG W 242 53.38 37.11 46.68
N PHE W 243 52.06 37.06 46.51
CA PHE W 243 51.30 35.92 46.99
C PHE W 243 50.13 35.62 46.07
N GLY W 244 50.05 34.37 45.63
CA GLY W 244 48.91 33.89 44.88
C GLY W 244 48.15 32.87 45.70
N MET W 245 46.91 32.58 45.35
CA MET W 245 46.07 31.77 46.20
C MET W 245 45.62 30.51 45.49
N LEU W 246 45.05 29.60 46.27
CA LEU W 246 44.38 28.40 45.80
C LEU W 246 43.14 28.21 46.64
N GLU W 247 42.05 27.74 46.03
CA GLU W 247 40.84 27.45 46.76
C GLU W 247 40.62 25.95 46.77
N ILE W 248 40.57 25.37 47.97
CA ILE W 248 40.52 23.92 48.15
C ILE W 248 39.06 23.60 48.47
N ARG W 249 38.26 23.39 47.44
CA ARG W 249 36.85 23.08 47.61
C ARG W 249 36.69 21.57 47.48
N GLU W 250 36.49 20.89 48.61
CA GLU W 250 36.36 19.45 48.64
C GLU W 250 35.10 19.06 49.40
N TYR W 251 34.38 18.07 48.88
CA TYR W 251 33.15 17.55 49.47
C TYR W 251 33.28 16.14 50.01
N ASP W 252 34.03 15.29 49.31
CA ASP W 252 34.18 13.91 49.73
C ASP W 252 34.75 13.82 51.15
N ASP W 253 34.24 12.85 51.90
CA ASP W 253 34.77 12.60 53.23
C ASP W 253 36.25 12.27 53.13
N ALA W 254 37.04 12.83 54.03
CA ALA W 254 38.48 12.66 53.96
C ALA W 254 38.86 11.20 54.20
N THR W 255 39.96 10.80 53.58
CA THR W 255 40.48 9.46 53.82
C THR W 255 41.22 9.40 55.15
N GLU W 256 42.29 10.18 55.29
CA GLU W 256 42.97 10.28 56.57
C GLU W 256 42.25 11.31 57.44
N PRO W 257 42.28 11.13 58.76
CA PRO W 257 41.75 12.18 59.65
C PRO W 257 42.49 13.49 59.52
N GLY W 258 43.73 13.47 59.04
CA GLY W 258 44.34 14.67 58.54
C GLY W 258 44.76 14.43 57.10
N GLN W 259 44.08 15.08 56.16
CA GLN W 259 44.28 14.74 54.75
C GLN W 259 45.42 15.53 54.13
N LEU W 260 45.27 16.86 54.08
CA LEU W 260 46.22 17.72 53.39
C LEU W 260 47.36 18.18 54.29
N ASN W 261 47.72 17.37 55.29
CA ASN W 261 48.84 17.67 56.17
C ASN W 261 50.20 17.54 55.47
N VAL W 262 50.23 17.21 54.18
CA VAL W 262 51.48 17.24 53.46
C VAL W 262 52.00 18.67 53.34
N LEU W 263 51.11 19.66 53.49
CA LEU W 263 51.51 21.05 53.40
C LEU W 263 52.26 21.51 54.64
N LEU W 264 52.12 20.81 55.75
CA LEU W 264 52.84 21.19 56.97
C LEU W 264 54.35 21.16 56.78
N GLU W 265 54.83 20.39 55.80
CA GLU W 265 56.25 20.36 55.47
C GLU W 265 56.40 20.76 54.00
N SER W 266 56.78 22.00 53.76
CA SER W 266 57.02 22.48 52.41
C SER W 266 57.96 23.66 52.48
N ASP W 267 58.53 24.00 51.33
CA ASP W 267 59.56 25.04 51.24
C ASP W 267 59.00 26.43 51.04
N TYR W 268 57.69 26.61 51.15
CA TYR W 268 57.06 27.91 50.94
C TYR W 268 56.19 28.27 52.13
N GLU W 269 56.03 29.56 52.37
CA GLU W 269 55.14 30.03 53.43
C GLU W 269 53.71 30.09 52.91
N PHE W 270 52.76 30.02 53.83
CA PHE W 270 51.35 30.16 53.46
C PHE W 270 50.53 30.48 54.71
N VAL W 271 49.25 30.76 54.49
CA VAL W 271 48.26 30.83 55.56
C VAL W 271 47.02 30.07 55.11
N LEU W 272 46.92 28.81 55.50
CA LEU W 272 45.82 27.96 55.06
C LEU W 272 44.62 28.22 55.95
N THR W 273 43.48 28.56 55.35
CA THR W 273 42.33 29.08 56.08
C THR W 273 41.09 28.21 55.84
N HIS W 274 40.40 27.89 56.93
CA HIS W 274 39.11 27.22 56.88
C HIS W 274 38.15 27.98 57.77
N SER W 275 36.88 28.04 57.34
CA SER W 275 35.81 28.73 58.11
C SER W 275 34.73 27.70 58.47
N PHE W 276 33.81 28.04 59.39
CA PHE W 276 32.80 27.06 59.86
C PHE W 276 31.54 27.78 60.36
N SER W 277 30.78 28.43 59.47
CA SER W 277 29.51 29.09 59.89
C SER W 277 28.45 28.01 60.17
N VAL W 278 28.30 27.61 61.44
CA VAL W 278 27.37 26.49 61.80
C VAL W 278 25.93 26.77 61.34
N LEU W 279 25.35 25.88 60.53
CA LEU W 279 23.96 26.01 60.14
C LEU W 279 23.10 25.42 61.23
N SER W 280 22.03 26.12 61.60
CA SER W 280 21.07 25.56 62.53
C SER W 280 20.48 24.27 61.95
N ARG W 281 20.20 23.32 62.84
CA ARG W 281 19.81 21.98 62.42
C ARG W 281 18.69 21.95 61.39
N PRO W 282 17.58 22.69 61.55
CA PRO W 282 16.60 22.73 60.46
C PRO W 282 17.16 23.25 59.15
N ALA W 283 18.11 24.19 59.21
CA ALA W 283 18.69 24.69 57.96
C ALA W 283 19.50 23.61 57.27
N ALA W 284 20.25 22.81 58.02
CA ALA W 284 20.98 21.71 57.42
C ALA W 284 20.03 20.68 56.80
N LYS W 285 18.96 20.35 57.52
CA LYS W 285 17.98 19.42 56.97
C LYS W 285 17.41 19.94 55.66
N GLU W 286 17.04 21.23 55.63
CA GLU W 286 16.47 21.81 54.42
C GLU W 286 17.48 21.80 53.27
N TYR W 287 18.75 22.10 53.55
CA TYR W 287 19.74 22.08 52.48
C TYR W 287 19.91 20.69 51.91
N LEU W 288 19.99 19.68 52.78
CA LEU W 288 20.15 18.31 52.28
C LEU W 288 18.94 17.90 51.45
N GLN W 289 17.74 18.28 51.90
CA GLN W 289 16.54 17.95 51.14
C GLN W 289 16.54 18.61 49.77
N ARG W 290 16.91 19.89 49.70
CA ARG W 290 16.94 20.56 48.41
C ARG W 290 17.99 19.96 47.50
N HIS W 291 19.16 19.61 48.04
CA HIS W 291 20.19 19.00 47.22
C HIS W 291 19.73 17.66 46.67
N GLN W 292 19.10 16.83 47.51
CA GLN W 292 18.61 15.54 47.03
C GLN W 292 17.55 15.74 45.95
N LYS W 293 16.68 16.75 46.12
CA LYS W 293 15.63 16.98 45.13
C LYS W 293 16.22 17.41 43.80
N ASN W 294 17.18 18.34 43.82
CA ASN W 294 17.77 18.83 42.59
C ASN W 294 18.65 17.77 41.92
N LEU W 295 19.18 16.82 42.69
CA LEU W 295 19.87 15.70 42.08
C LEU W 295 18.90 14.70 41.48
N ILE W 296 17.75 14.50 42.10
CA ILE W 296 16.74 13.60 41.56
C ILE W 296 16.20 14.14 40.24
N ASP W 297 15.82 15.42 40.22
CA ASP W 297 15.11 15.99 39.08
C ASP W 297 16.11 16.35 37.98
N ALA W 298 16.77 15.32 37.46
CA ALA W 298 17.72 15.46 36.37
C ALA W 298 17.48 14.36 35.35
N ARG W 299 18.12 14.48 34.19
CA ARG W 299 17.89 13.55 33.10
C ARG W 299 18.72 12.28 33.18
N ASP W 300 19.74 12.24 34.04
CA ASP W 300 20.57 11.05 34.21
C ASP W 300 20.43 10.59 35.65
N VAL W 301 20.29 9.28 35.83
CA VAL W 301 20.16 8.69 37.16
C VAL W 301 21.53 8.15 37.58
N ALA W 302 21.94 8.50 38.79
CA ALA W 302 23.22 8.07 39.35
C ALA W 302 22.93 7.54 40.75
N THR W 303 22.75 6.23 40.86
CA THR W 303 22.41 5.64 42.14
C THR W 303 23.60 5.52 43.07
N ASP W 304 24.77 5.97 42.65
CA ASP W 304 25.92 6.05 43.54
C ASP W 304 25.89 7.32 44.39
N GLN W 305 24.99 8.25 44.09
CA GLN W 305 24.91 9.55 44.75
C GLN W 305 23.64 9.71 45.59
N ILE W 306 22.49 9.38 45.00
CA ILE W 306 21.22 9.64 45.65
C ILE W 306 21.08 8.85 46.95
N GLU W 307 21.45 7.57 46.92
CA GLU W 307 21.33 6.76 48.12
C GLU W 307 22.31 7.21 49.19
N GLU W 308 23.51 7.62 48.80
CA GLU W 308 24.47 8.11 49.78
C GLU W 308 23.95 9.37 50.47
N ILE W 309 23.43 10.31 49.69
CA ILE W 309 22.92 11.54 50.29
C ILE W 309 21.73 11.25 51.20
N ASP W 310 20.84 10.37 50.75
CA ASP W 310 19.69 10.01 51.58
C ASP W 310 20.11 9.29 52.85
N GLU W 311 21.22 8.55 52.81
CA GLU W 311 21.78 7.98 54.03
C GLU W 311 22.26 9.08 54.95
N ALA W 312 22.97 10.06 54.40
CA ALA W 312 23.52 11.12 55.24
C ALA W 312 22.43 11.98 55.86
N LEU W 313 21.29 12.11 55.18
CA LEU W 313 20.25 13.02 55.66
C LEU W 313 19.71 12.60 57.02
N ASN W 314 19.47 11.30 57.22
CA ASN W 314 19.11 10.79 58.53
C ASN W 314 20.29 10.18 59.27
N GLN W 315 21.50 10.30 58.72
CA GLN W 315 22.68 10.19 59.56
C GLN W 315 22.87 11.44 60.39
N LEU W 316 22.44 12.58 59.84
CA LEU W 316 22.62 13.86 60.52
C LEU W 316 21.89 13.89 61.85
N ILE W 317 20.65 13.41 61.87
CA ILE W 317 19.86 13.39 63.09
C ILE W 317 20.46 12.41 64.09
N SER W 318 20.88 11.24 63.61
CA SER W 318 21.26 10.16 64.50
C SER W 318 22.77 10.07 64.69
N GLY W 319 23.55 10.53 63.72
CA GLY W 319 24.99 10.56 63.87
C GLY W 319 25.50 11.70 64.73
N HIS W 320 24.66 12.70 64.99
CA HIS W 320 25.01 13.83 65.84
C HIS W 320 26.31 14.49 65.41
N PHE W 321 26.29 15.08 64.22
CA PHE W 321 27.29 16.06 63.82
C PHE W 321 26.55 17.18 63.10
N VAL W 322 26.89 18.42 63.41
CA VAL W 322 26.16 19.57 62.90
C VAL W 322 26.94 20.18 61.74
N MET W 323 26.23 20.50 60.66
CA MET W 323 26.86 20.97 59.44
C MET W 323 27.16 22.47 59.53
N GLY W 324 27.71 23.01 58.46
CA GLY W 324 27.99 24.43 58.39
C GLY W 324 28.70 24.77 57.10
N GLU W 325 28.83 26.07 56.86
CA GLU W 325 29.54 26.57 55.69
C GLU W 325 31.04 26.39 55.86
N HIS W 326 31.74 26.34 54.74
CA HIS W 326 33.17 26.05 54.78
C HIS W 326 33.82 26.43 53.46
N HIS W 327 34.74 27.39 53.49
CA HIS W 327 35.60 27.65 52.34
C HIS W 327 37.04 27.44 52.78
N CYS W 328 37.87 26.92 51.89
CA CYS W 328 39.28 26.69 52.18
C CYS W 328 40.13 27.43 51.17
N THR W 329 41.11 28.17 51.65
CA THR W 329 41.98 28.96 50.79
C THR W 329 43.42 28.87 51.28
N LEU W 330 44.34 28.67 50.35
CA LEU W 330 45.76 28.59 50.64
C LEU W 330 46.45 29.77 49.96
N THR W 331 47.14 30.59 50.75
CA THR W 331 47.78 31.81 50.25
C THR W 331 49.30 31.71 50.40
N VAL W 332 49.93 31.12 49.40
CA VAL W 332 51.38 30.95 49.44
C VAL W 332 52.05 32.29 49.19
N TYR W 333 53.12 32.56 49.91
CA TYR W 333 53.91 33.77 49.74
C TYR W 333 55.17 33.47 48.95
N GLY W 334 55.80 34.53 48.46
CA GLY W 334 57.01 34.37 47.69
C GLY W 334 57.72 35.69 47.50
N GLU W 335 58.75 35.66 46.67
CA GLU W 335 59.51 36.86 46.31
C GLU W 335 59.32 37.25 44.85
N THR W 336 59.60 36.34 43.94
CA THR W 336 59.36 36.56 42.52
C THR W 336 58.01 35.96 42.14
N VAL W 337 57.33 36.61 41.20
CA VAL W 337 56.00 36.16 40.82
C VAL W 337 56.06 34.79 40.16
N GLN W 338 57.08 34.54 39.36
CA GLN W 338 57.26 33.20 38.81
C GLN W 338 57.52 32.19 39.92
N GLN W 339 58.23 32.60 40.97
CA GLN W 339 58.44 31.73 42.11
C GLN W 339 57.12 31.40 42.79
N VAL W 340 56.20 32.37 42.86
CA VAL W 340 54.89 32.11 43.43
C VAL W 340 54.13 31.09 42.60
N ARG W 341 54.24 31.18 41.27
CA ARG W 341 53.58 30.19 40.42
C ARG W 341 54.20 28.81 40.56
N ASP W 342 55.52 28.75 40.74
CA ASP W 342 56.16 27.46 40.99
C ASP W 342 55.69 26.88 42.32
N ASN W 343 55.55 27.73 43.34
CA ASN W 343 55.01 27.27 44.61
C ASN W 343 53.61 26.73 44.44
N LEU W 344 52.77 27.43 43.66
CA LEU W 344 51.42 26.97 43.44
C LEU W 344 51.38 25.64 42.71
N ALA W 345 52.23 25.47 41.69
CA ALA W 345 52.27 24.20 40.97
C ALA W 345 52.72 23.07 41.90
N HIS W 346 53.73 23.31 42.72
CA HIS W 346 54.18 22.31 43.68
C HIS W 346 53.07 21.95 44.65
N ALA W 347 52.35 22.96 45.16
CA ALA W 347 51.26 22.69 46.10
C ALA W 347 50.13 21.92 45.42
N SER W 348 49.81 22.28 44.17
CA SER W 348 48.76 21.56 43.45
C SER W 348 49.14 20.11 43.24
N ALA W 349 50.39 19.83 42.90
CA ALA W 349 50.82 18.45 42.75
C ALA W 349 50.78 17.71 44.09
N ALA W 350 51.34 18.32 45.13
CA ALA W 350 51.40 17.68 46.44
C ALA W 350 50.04 17.53 47.08
N MET W 351 49.01 18.18 46.55
CA MET W 351 47.65 17.96 47.04
C MET W 351 46.82 17.07 46.12
N LEU W 352 47.14 17.01 44.83
CA LEU W 352 46.59 15.94 44.00
C LEU W 352 47.09 14.58 44.46
N ASP W 353 48.27 14.55 45.09
CA ASP W 353 48.75 13.30 45.65
C ASP W 353 47.86 12.81 46.79
N VAL W 354 47.00 13.66 47.34
CA VAL W 354 46.18 13.28 48.49
C VAL W 354 44.71 13.42 48.08
N ALA W 355 44.44 13.20 46.80
CA ALA W 355 43.09 13.05 46.26
C ALA W 355 42.25 14.31 46.34
N VAL W 356 42.85 15.48 46.48
CA VAL W 356 42.11 16.74 46.44
C VAL W 356 42.64 17.56 45.26
N LEU W 357 41.74 18.21 44.55
CA LEU W 357 42.06 18.95 43.34
C LEU W 357 42.01 20.44 43.62
N PRO W 358 43.15 21.15 43.58
CA PRO W 358 43.13 22.58 43.87
C PRO W 358 42.65 23.35 42.65
N LYS W 359 41.74 24.29 42.88
CA LYS W 359 41.29 25.14 41.79
C LYS W 359 41.96 26.50 41.93
N PRO W 360 42.78 26.93 40.98
CA PRO W 360 43.45 28.22 41.11
C PRO W 360 42.46 29.36 41.10
N VAL W 361 42.84 30.44 41.79
CA VAL W 361 42.03 31.64 41.91
C VAL W 361 42.58 32.68 40.96
N ASP W 362 41.70 33.26 40.14
CA ASP W 362 42.09 34.20 39.10
C ASP W 362 41.50 35.59 39.30
N LEU W 363 40.19 35.70 39.56
CA LEU W 363 39.56 36.98 39.78
C LEU W 363 39.03 37.17 41.18
N ALA W 364 38.97 36.11 41.97
CA ALA W 364 38.40 36.17 43.32
C ALA W 364 39.44 36.45 44.38
N LEU W 365 40.67 36.79 43.98
CA LEU W 365 41.76 36.85 44.95
C LEU W 365 41.50 37.92 46.00
N GLU W 366 40.97 39.07 45.59
CA GLU W 366 40.68 40.12 46.56
C GLU W 366 39.66 39.64 47.58
N ALA W 367 38.58 39.01 47.12
CA ALA W 367 37.58 38.47 48.03
C ALA W 367 38.17 37.38 48.90
N GLY W 368 39.00 36.51 48.32
CA GLY W 368 39.60 35.46 49.11
C GLY W 368 40.47 36.00 50.23
N TYR W 369 41.34 36.95 49.92
CA TYR W 369 42.25 37.49 50.93
C TYR W 369 41.48 38.26 51.99
N TRP W 370 40.51 39.08 51.59
CA TRP W 370 39.77 39.78 52.62
C TRP W 370 38.80 38.88 53.36
N ALA W 371 38.65 37.64 52.91
CA ALA W 371 37.86 36.64 53.62
C ALA W 371 38.65 35.94 54.71
N GLN W 372 39.96 36.16 54.79
CA GLN W 372 40.76 35.48 55.80
C GLN W 372 40.50 36.05 57.18
N LEU W 373 40.23 37.34 57.27
CA LEU W 373 39.97 37.94 58.56
C LEU W 373 38.77 37.27 59.19
N PRO W 374 38.85 36.84 60.45
CA PRO W 374 37.66 36.33 61.13
C PRO W 374 36.57 37.39 61.16
N ALA W 375 35.33 36.93 61.06
CA ALA W 375 34.11 37.73 60.97
C ALA W 375 33.92 38.38 59.61
N ASN W 376 34.70 37.99 58.61
CA ASN W 376 34.43 38.40 57.23
C ASN W 376 33.68 37.31 56.48
N TRP W 377 32.46 37.04 56.95
CA TRP W 377 31.60 36.10 56.24
C TRP W 377 31.29 36.58 54.83
N GLN W 378 31.16 37.90 54.66
CA GLN W 378 30.64 38.46 53.43
C GLN W 378 31.53 38.16 52.24
N TRP W 379 32.83 38.05 52.45
CA TRP W 379 33.79 38.02 51.35
C TRP W 379 34.24 36.60 51.00
N ARG W 380 33.58 35.58 51.54
CA ARG W 380 33.91 34.22 51.16
C ARG W 380 33.57 34.00 49.69
N PRO W 381 34.46 33.41 48.90
CA PRO W 381 34.19 33.26 47.46
C PRO W 381 32.96 32.43 47.16
N ARG W 382 32.96 31.16 47.58
CA ARG W 382 31.87 30.25 47.24
C ARG W 382 31.78 29.13 48.26
N PRO W 383 31.33 29.41 49.48
CA PRO W 383 31.24 28.37 50.50
C PRO W 383 30.17 27.35 50.16
N ALA W 384 30.41 26.11 50.60
CA ALA W 384 29.46 25.03 50.41
C ALA W 384 29.44 24.17 51.66
N PRO W 385 28.25 23.73 52.09
CA PRO W 385 28.13 23.06 53.39
C PRO W 385 28.98 21.80 53.49
N ILE W 386 29.58 21.61 54.67
CA ILE W 386 30.49 20.51 54.94
C ILE W 386 30.15 19.93 56.31
N THR W 387 30.17 18.60 56.41
CA THR W 387 29.88 17.95 57.68
C THR W 387 30.93 18.31 58.71
N SER W 388 30.54 18.26 59.99
CA SER W 388 31.46 18.65 61.06
C SER W 388 32.68 17.74 61.10
N LEU W 389 32.47 16.44 60.89
CA LEU W 389 33.60 15.51 60.85
C LEU W 389 34.60 15.93 59.78
N ASN W 390 34.12 16.38 58.64
CA ASN W 390 35.03 16.75 57.56
C ASN W 390 35.73 18.07 57.81
N PHE W 391 35.11 19.01 58.52
CA PHE W 391 35.87 20.19 58.91
C PHE W 391 36.97 19.83 59.90
N LEU W 392 36.61 19.11 60.96
CA LEU W 392 37.64 18.72 61.93
C LEU W 392 38.65 17.74 61.35
N SER W 393 38.36 17.12 60.21
CA SER W 393 39.31 16.25 59.54
C SER W 393 40.06 16.95 58.41
N PHE W 394 39.68 18.18 58.06
CA PHE W 394 40.52 18.98 57.17
C PHE W 394 41.48 19.85 57.95
N SER W 395 41.07 20.32 59.12
CA SER W 395 41.93 21.09 60.01
C SER W 395 41.89 20.43 61.39
N PRO W 396 42.63 19.35 61.61
CA PRO W 396 42.59 18.65 62.90
C PRO W 396 43.62 19.12 63.92
N PHE W 397 44.37 20.17 63.61
CA PHE W 397 45.38 20.73 64.51
C PHE W 397 46.53 19.75 64.74
N HIS W 398 47.10 19.27 63.63
CA HIS W 398 48.31 18.48 63.63
C HIS W 398 49.46 19.37 63.20
N ASN W 399 50.57 19.32 63.93
CA ASN W 399 51.79 19.98 63.50
C ASN W 399 52.98 19.25 64.08
N PHE W 400 54.09 19.27 63.35
CA PHE W 400 55.32 18.73 63.90
C PHE W 400 55.78 19.60 65.05
N MET W 401 56.07 18.99 66.19
CA MET W 401 56.36 19.76 67.38
C MET W 401 57.62 20.58 67.17
N SER W 402 57.57 21.86 67.54
CA SER W 402 58.67 22.76 67.27
C SER W 402 59.06 23.67 68.42
N GLY W 403 58.31 23.72 69.51
CA GLY W 403 58.73 24.51 70.64
C GLY W 403 58.70 26.01 70.35
N LYS W 404 59.18 26.77 71.33
CA LYS W 404 59.12 28.22 71.26
C LYS W 404 60.45 28.76 70.77
N PRO W 405 60.50 29.42 69.61
CA PRO W 405 61.78 30.02 69.17
C PRO W 405 62.30 31.07 70.13
N THR W 406 61.44 31.86 70.75
CA THR W 406 61.87 32.88 71.69
C THR W 406 60.70 33.25 72.59
N GLY W 407 60.92 34.25 73.44
CA GLY W 407 59.93 34.63 74.43
C GLY W 407 59.96 33.83 75.70
N ASN W 408 60.95 32.96 75.88
CA ASN W 408 61.06 32.11 77.05
C ASN W 408 61.45 32.94 78.28
N PRO W 409 61.22 32.41 79.48
CA PRO W 409 61.64 33.12 80.70
C PRO W 409 63.14 33.27 80.84
N TRP W 410 63.92 32.67 79.95
CA TRP W 410 65.38 32.67 80.03
C TRP W 410 65.99 33.06 78.70
N GLY W 411 65.47 34.11 78.08
CA GLY W 411 65.94 34.50 76.78
C GLY W 411 65.47 33.53 75.71
N PRO W 412 66.18 33.46 74.60
CA PRO W 412 65.74 32.61 73.49
C PRO W 412 65.90 31.13 73.80
N ALA W 413 65.53 30.28 72.84
CA ALA W 413 65.73 28.85 72.99
C ALA W 413 67.21 28.53 72.97
N VAL W 414 67.61 27.55 73.79
CA VAL W 414 69.04 27.28 73.97
C VAL W 414 69.68 26.84 72.68
N THR W 415 69.01 26.00 71.90
CA THR W 415 69.57 25.50 70.66
C THR W 415 68.44 24.92 69.81
N ILE W 416 68.76 24.66 68.56
CA ILE W 416 67.77 24.38 67.53
C ILE W 416 68.06 22.98 66.99
N LEU W 417 67.42 21.98 67.59
CA LEU W 417 67.64 20.59 67.19
C LEU W 417 66.93 20.29 65.88
N LYS W 418 67.54 19.46 65.06
CA LYS W 418 66.89 18.96 63.87
C LYS W 418 65.81 17.95 64.26
N THR W 419 65.05 17.49 63.27
CA THR W 419 64.01 16.50 63.52
C THR W 419 63.82 15.67 62.28
N VAL W 420 63.40 14.41 62.46
CA VAL W 420 62.96 13.62 61.34
C VAL W 420 61.81 14.33 60.64
N SER W 421 61.81 14.28 59.32
CA SER W 421 60.89 14.95 58.40
C SER W 421 61.26 16.43 58.24
N GLY W 422 62.38 16.88 58.79
CA GLY W 422 62.88 18.20 58.51
C GLY W 422 62.06 19.35 59.06
N THR W 423 62.02 19.49 60.39
CA THR W 423 61.42 20.66 61.02
C THR W 423 62.30 21.00 62.21
N PRO W 424 62.60 22.28 62.42
CA PRO W 424 63.55 22.66 63.48
C PRO W 424 62.87 22.71 64.84
N LEU W 425 63.21 21.76 65.70
CA LEU W 425 62.84 21.82 67.11
C LEU W 425 63.73 22.83 67.83
N TYR W 426 63.09 23.81 68.46
CA TYR W 426 63.80 24.83 69.23
C TYR W 426 63.76 24.41 70.68
N PHE W 427 64.78 23.66 71.08
CA PHE W 427 64.82 23.06 72.41
C PHE W 427 64.90 24.13 73.49
N THR W 447 64.48 19.04 84.25
CA THR W 447 64.61 18.25 83.03
C THR W 447 65.28 16.94 83.37
N MET W 448 64.87 15.87 82.69
CA MET W 448 65.47 14.56 82.87
C MET W 448 65.94 13.98 81.55
N LEU W 449 67.08 13.29 81.60
CA LEU W 449 67.75 12.78 80.40
C LEU W 449 68.01 11.30 80.63
N ILE W 450 67.03 10.46 80.29
CA ILE W 450 67.11 9.04 80.58
C ILE W 450 67.67 8.30 79.37
N GLY W 451 68.81 7.63 79.56
CA GLY W 451 69.45 6.88 78.50
C GLY W 451 70.85 6.42 78.88
N GLN W 452 71.43 5.54 78.09
CA GLN W 452 72.75 5.01 78.41
C GLN W 452 73.82 6.08 78.29
N SER W 453 74.77 6.05 79.24
CA SER W 453 75.84 7.05 79.24
C SER W 453 76.74 6.90 78.02
N SER W 454 77.01 5.66 77.61
CA SER W 454 77.85 5.45 76.43
C SER W 454 77.18 5.99 75.17
N SER W 455 75.86 5.85 75.07
CA SER W 455 75.12 6.23 73.86
C SER W 455 74.75 7.71 73.89
N GLY W 456 75.77 8.56 73.91
CA GLY W 456 75.59 9.98 73.65
C GLY W 456 74.95 10.79 74.75
N LYS W 457 74.81 10.25 75.96
CA LYS W 457 74.24 11.05 77.04
C LYS W 457 75.19 12.19 77.41
N THR W 458 76.46 11.87 77.65
CA THR W 458 77.41 12.89 78.08
C THR W 458 77.66 13.91 76.98
N VAL W 459 77.72 13.46 75.73
CA VAL W 459 77.89 14.38 74.61
C VAL W 459 76.72 15.35 74.55
N LEU W 460 75.50 14.83 74.70
CA LEU W 460 74.33 15.69 74.66
C LEU W 460 74.35 16.70 75.80
N LEU W 461 74.68 16.25 77.02
CA LEU W 461 74.70 17.17 78.15
C LEU W 461 75.76 18.26 77.96
N GLY W 462 76.95 17.86 77.51
CA GLY W 462 77.98 18.84 77.26
C GLY W 462 77.56 19.84 76.20
N PHE W 463 76.95 19.36 75.12
CA PHE W 463 76.52 20.25 74.06
C PHE W 463 75.47 21.22 74.55
N LEU W 464 74.48 20.73 75.30
CA LEU W 464 73.42 21.60 75.77
C LEU W 464 73.96 22.65 76.72
N LEU W 465 74.82 22.26 77.65
CA LEU W 465 75.38 23.24 78.59
C LEU W 465 76.27 24.25 77.87
N ALA W 466 77.09 23.77 76.92
CA ALA W 466 77.97 24.68 76.19
C ALA W 466 77.18 25.71 75.40
N GLN W 467 76.12 25.28 74.71
CA GLN W 467 75.36 26.24 73.92
C GLN W 467 74.37 27.04 74.76
N ALA W 468 74.06 26.59 75.97
CA ALA W 468 73.27 27.37 76.91
C ALA W 468 74.14 28.22 77.81
N GLN W 469 75.45 28.24 77.59
CA GLN W 469 76.31 29.21 78.27
C GLN W 469 75.96 30.64 77.91
N LYS W 470 75.20 30.85 76.83
CA LYS W 470 74.80 32.21 76.43
C LYS W 470 74.01 32.91 77.52
N PHE W 471 73.41 32.17 78.44
CA PHE W 471 72.60 32.75 79.49
C PHE W 471 73.46 33.31 80.61
N LYS W 472 74.74 32.95 80.62
CA LYS W 472 75.63 33.16 81.76
C LYS W 472 75.00 32.76 83.10
N PRO W 473 74.49 31.52 83.23
CA PRO W 473 74.03 31.08 84.55
C PRO W 473 75.09 30.26 85.27
N THR W 474 74.99 30.18 86.59
CA THR W 474 75.87 29.29 87.33
C THR W 474 75.44 27.85 87.11
N ILE W 475 76.39 26.98 86.80
CA ILE W 475 76.13 25.56 86.63
C ILE W 475 76.88 24.82 87.73
N VAL W 476 76.15 24.03 88.53
CA VAL W 476 76.77 23.25 89.58
C VAL W 476 76.76 21.79 89.14
N ALA W 477 77.83 21.38 88.47
CA ALA W 477 77.86 20.08 87.82
C ALA W 477 78.20 18.97 88.82
N PHE W 478 77.50 17.85 88.70
CA PHE W 478 77.87 16.62 89.39
C PHE W 478 78.06 15.55 88.33
N ASP W 479 78.98 14.62 88.59
CA ASP W 479 79.47 13.76 87.52
C ASP W 479 79.52 12.31 87.98
N LYS W 480 79.53 11.42 87.00
CA LYS W 480 79.74 9.99 87.21
C LYS W 480 80.80 9.52 86.21
N ASP W 481 81.83 8.86 86.72
CA ASP W 481 82.96 8.38 85.92
C ASP W 481 83.61 9.48 85.09
N ARG W 482 83.81 10.66 85.70
CA ARG W 482 84.53 11.76 85.07
C ARG W 482 83.94 12.13 83.71
N GLY W 483 82.61 12.16 83.63
CA GLY W 483 81.96 12.38 82.34
C GLY W 483 82.21 13.77 81.77
N MET W 484 82.20 14.79 82.63
CA MET W 484 82.22 16.17 82.16
C MET W 484 83.44 16.97 82.57
N GLU W 485 84.52 16.32 82.99
CA GLU W 485 85.68 17.08 83.49
C GLU W 485 86.25 17.98 82.41
N ILE W 486 86.55 17.41 81.25
CA ILE W 486 87.17 18.20 80.18
C ILE W 486 86.22 19.28 79.70
N SER W 487 84.93 18.96 79.59
CA SER W 487 83.97 19.96 79.14
C SER W 487 83.90 21.13 80.10
N ILE W 488 83.81 20.85 81.40
CA ILE W 488 83.73 21.94 82.38
C ILE W 488 85.02 22.75 82.38
N ARG W 489 86.17 22.08 82.39
CA ARG W 489 87.43 22.80 82.44
C ARG W 489 87.63 23.65 81.18
N ALA W 490 87.03 23.23 80.06
CA ALA W 490 87.05 24.07 78.87
C ALA W 490 86.16 25.29 79.05
N MET W 491 85.04 25.13 79.74
CA MET W 491 84.08 26.22 79.94
C MET W 491 84.45 27.12 81.10
N GLY W 492 85.70 27.09 81.55
CA GLY W 492 86.15 28.01 82.59
C GLY W 492 85.53 27.78 83.94
N GLY W 493 85.34 26.52 84.34
CA GLY W 493 84.92 26.19 85.68
C GLY W 493 86.10 25.90 86.59
N ARG W 494 85.79 25.36 87.76
CA ARG W 494 86.80 24.84 88.69
C ARG W 494 86.35 23.45 89.16
N TYR W 495 85.95 22.61 88.20
CA TYR W 495 85.67 21.21 88.47
C TYR W 495 86.69 20.63 89.44
N LEU W 496 86.21 20.05 90.53
CA LEU W 496 87.12 19.52 91.54
C LEU W 496 87.14 18.00 91.49
N PRO W 497 88.09 17.38 90.80
CA PRO W 497 88.17 15.92 90.82
C PRO W 497 88.47 15.43 92.23
N LEU W 498 87.82 14.33 92.60
CA LEU W 498 88.00 13.77 93.93
C LEU W 498 88.77 12.46 93.85
N LYS W 499 89.17 12.35 95.16
CA LYS W 499 89.83 11.06 95.11
C LYS W 499 90.00 10.47 96.51
N THR W 500 89.69 9.17 96.56
CA THR W 500 89.83 8.48 97.83
C THR W 500 91.28 8.50 98.31
N GLY W 501 91.44 8.97 99.55
CA GLY W 501 92.77 8.90 100.16
C GLY W 501 93.60 10.15 99.93
N GLU W 502 93.16 11.04 99.01
CA GLU W 502 93.78 12.33 98.79
C GLU W 502 93.04 13.45 99.52
N PRO W 503 93.82 14.34 100.15
CA PRO W 503 93.13 15.42 100.87
C PRO W 503 92.10 16.14 100.00
N SER W 504 90.86 16.13 100.47
CA SER W 504 89.75 16.74 99.75
C SER W 504 89.85 18.26 99.78
N GLY W 505 90.47 18.72 100.82
CA GLY W 505 90.52 20.15 101.06
C GLY W 505 89.29 20.69 101.76
N PHE W 506 88.36 19.88 102.13
CA PHE W 506 87.13 20.27 102.80
C PHE W 506 87.37 20.44 104.29
N ASN W 507 86.86 21.58 104.74
CA ASN W 507 86.83 21.86 106.17
C ASN W 507 85.60 22.67 106.55
N PRO W 508 84.48 21.97 106.92
CA PRO W 508 83.22 22.65 107.20
C PRO W 508 83.28 23.56 108.43
N PHE W 509 84.27 23.44 109.27
CA PHE W 509 84.32 24.16 110.53
C PHE W 509 84.91 25.56 110.34
N GLN W 510 85.31 25.81 109.17
CA GLN W 510 85.81 27.15 108.87
C GLN W 510 84.72 28.03 108.27
N HIS W 515 73.80 31.40 112.35
CA HIS W 515 72.82 30.48 112.90
C HIS W 515 72.60 29.28 111.97
N ALA W 516 72.49 29.48 110.70
CA ALA W 516 72.25 28.45 109.70
C ALA W 516 73.44 27.49 109.63
N ASN W 517 74.66 28.00 109.66
CA ASN W 517 75.86 27.17 109.59
C ASN W 517 76.04 26.31 110.84
N LEU W 518 75.69 26.86 111.93
CA LEU W 518 75.80 26.12 113.18
C LEU W 518 74.83 24.94 113.19
N ILE W 519 73.64 25.19 112.72
CA ILE W 519 72.64 24.14 112.64
C ILE W 519 73.14 23.03 111.71
N PHE W 520 73.69 23.47 110.63
CA PHE W 520 74.23 22.53 109.66
C PHE W 520 75.35 21.69 110.27
N LEU W 521 76.32 22.36 110.90
CA LEU W 521 77.49 21.67 111.46
C LEU W 521 77.06 20.66 112.52
N LYS W 522 76.06 21.05 113.30
CA LYS W 522 75.53 20.12 114.30
C LYS W 522 74.96 18.87 113.65
N GLN W 523 74.19 19.09 112.64
CA GLN W 523 73.61 17.96 111.91
C GLN W 523 74.69 17.14 111.20
N PHE W 524 75.64 17.88 110.67
CA PHE W 524 76.74 17.26 109.94
C PHE W 524 77.56 16.36 110.84
N VAL W 525 77.91 16.81 112.06
CA VAL W 525 78.73 16.05 113.00
C VAL W 525 77.94 14.86 113.53
N LYS W 526 76.66 15.04 113.73
CA LYS W 526 75.79 13.94 114.15
C LYS W 526 75.83 12.80 113.14
N LYS W 527 75.79 13.25 111.92
CA LYS W 527 75.82 12.25 110.86
C LYS W 527 77.15 11.51 110.84
N LEU W 528 78.24 12.19 111.05
CA LEU W 528 79.55 11.55 111.10
C LEU W 528 79.63 10.58 112.26
N ALA W 529 79.07 10.99 113.39
CA ALA W 529 79.10 10.16 114.60
C ALA W 529 78.25 8.92 114.44
N ALA W 530 77.26 8.96 113.64
CA ALA W 530 76.30 7.86 113.44
C ALA W 530 76.97 6.70 112.70
N ALA W 531 78.13 7.03 112.03
CA ALA W 531 78.85 5.97 111.32
C ALA W 531 79.36 4.91 112.30
N GLY W 532 79.47 5.20 113.59
CA GLY W 532 80.01 4.34 114.64
C GLY W 532 78.95 3.84 115.60
N HIS W 537 70.26 11.24 122.82
CA HIS W 537 70.00 12.61 123.25
C HIS W 537 71.24 13.22 123.90
N ARG W 538 71.88 12.41 124.71
CA ARG W 538 73.10 12.86 125.37
C ARG W 538 74.18 13.21 124.34
N ASP W 539 74.40 12.37 123.31
CA ASP W 539 75.33 12.63 122.22
C ASP W 539 75.02 13.97 121.56
N GLU W 540 73.75 14.24 121.38
CA GLU W 540 73.32 15.47 120.72
C GLU W 540 73.71 16.70 121.53
N GLU W 541 73.49 16.62 122.82
CA GLU W 541 73.82 17.73 123.71
C GLU W 541 75.32 18.00 123.71
N GLU W 542 76.08 16.87 123.69
CA GLU W 542 77.53 16.99 123.70
C GLU W 542 78.03 17.61 122.40
N ILE W 543 77.52 17.17 121.30
CA ILE W 543 77.90 17.69 119.99
C ILE W 543 77.54 19.17 119.92
N ASP W 544 76.39 19.55 120.40
CA ASP W 544 75.94 20.94 120.38
C ASP W 544 76.87 21.84 121.18
N GLN W 545 77.16 21.44 122.37
CA GLN W 545 78.03 22.23 123.25
C GLN W 545 79.43 22.37 122.65
N ALA W 546 79.88 21.25 122.07
CA ALA W 546 81.23 21.23 121.48
C ALA W 546 81.32 22.18 120.29
N ILE W 547 80.33 22.17 119.42
CA ILE W 547 80.33 23.00 118.22
C ILE W 547 80.20 24.47 118.60
N THR W 548 79.34 24.75 119.58
CA THR W 548 79.15 26.12 120.06
C THR W 548 80.44 26.67 120.64
N ALA W 549 81.07 25.84 121.41
CA ALA W 549 82.32 26.27 122.04
C ALA W 549 83.41 26.50 121.00
N MET W 550 83.52 25.60 120.03
CA MET W 550 84.54 25.69 119.01
C MET W 550 84.31 26.92 118.12
N LEU W 562 88.05 19.41 112.48
CA LEU W 562 87.36 18.30 113.15
C LEU W 562 88.19 17.78 114.31
N SER W 563 89.48 17.71 114.18
CA SER W 563 90.39 17.24 115.22
C SER W 563 90.34 18.13 116.46
N LEU W 564 90.18 19.41 116.23
CA LEU W 564 90.04 20.32 117.36
C LEU W 564 88.72 20.10 118.08
N LEU W 565 87.72 19.82 117.35
CA LEU W 565 86.41 19.55 117.91
C LEU W 565 86.48 18.43 118.95
N LEU W 566 87.40 17.46 118.73
CA LEU W 566 87.52 16.31 119.63
C LEU W 566 87.93 16.76 121.02
N GLN W 567 88.57 17.91 121.15
CA GLN W 567 89.08 18.40 122.43
C GLN W 567 87.94 18.92 123.30
N PHE W 568 86.84 19.10 122.60
CA PHE W 568 85.69 19.64 123.31
C PHE W 568 84.69 18.54 123.66
N VAL W 583 81.17 9.88 121.59
CA VAL W 583 81.18 10.67 120.36
C VAL W 583 82.62 10.91 119.91
N HIS W 584 83.50 11.19 120.88
CA HIS W 584 84.93 11.40 120.60
C HIS W 584 85.52 10.21 119.87
N ALA W 585 85.33 9.03 120.45
CA ALA W 585 85.91 7.80 119.91
C ALA W 585 85.39 7.52 118.50
N ARG W 586 84.20 7.80 118.23
CA ARG W 586 83.56 7.52 116.94
C ARG W 586 84.03 8.51 115.87
N LEU W 587 84.37 9.77 116.19
CA LEU W 587 84.76 10.81 115.25
C LEU W 587 86.24 10.69 114.89
N VAL W 588 87.01 9.87 115.67
CA VAL W 588 88.45 9.73 115.48
C VAL W 588 88.73 9.24 114.07
N LYS W 589 87.93 8.39 113.55
CA LYS W 589 88.15 7.83 112.22
C LYS W 589 88.06 8.92 111.15
N TRP W 590 87.37 10.08 111.38
CA TRP W 590 87.20 11.18 110.43
C TRP W 590 88.30 12.22 110.59
N CYS W 591 89.16 12.02 111.58
CA CYS W 591 90.24 12.96 111.84
C CYS W 591 91.54 12.49 111.20
N GLU W 592 92.48 13.47 111.13
CA GLU W 592 93.78 13.16 110.56
C GLU W 592 94.35 11.86 111.15
N GLY W 593 94.80 10.88 110.30
CA GLY W 593 95.34 9.60 110.78
C GLY W 593 94.30 8.50 110.83
N GLY W 594 92.99 8.92 110.71
CA GLY W 594 91.88 7.98 110.64
C GLY W 594 91.55 7.55 109.22
N ASP W 595 90.59 6.61 109.01
CA ASP W 595 90.25 6.04 107.70
C ASP W 595 89.73 7.12 106.75
N TYR W 596 89.02 8.15 107.32
CA TYR W 596 88.40 9.19 106.49
C TYR W 596 88.95 10.57 106.84
N GLY W 597 90.12 10.66 107.47
CA GLY W 597 90.75 11.89 107.91
C GLY W 597 91.09 12.83 106.77
N TRP W 598 91.18 12.32 105.54
CA TRP W 598 91.52 13.09 104.34
C TRP W 598 90.34 13.91 103.85
N LEU W 599 89.08 13.80 104.33
CA LEU W 599 87.86 14.35 103.75
C LEU W 599 87.55 15.72 104.35
N PHE W 600 87.31 15.78 105.80
CA PHE W 600 86.73 17.00 106.36
C PHE W 600 87.67 17.61 107.39
N TYR W 615 80.86 25.58 88.74
CA TYR W 615 81.60 24.60 89.52
C TYR W 615 81.06 23.22 89.24
N GLY W 616 81.95 22.25 89.32
CA GLY W 616 81.57 20.86 89.18
C GLY W 616 82.23 20.04 90.26
N PHE W 617 81.44 19.19 90.90
CA PHE W 617 81.93 18.33 91.96
C PHE W 617 81.80 16.90 91.50
N ASP W 618 82.90 16.16 91.52
CA ASP W 618 82.91 14.76 91.11
C ASP W 618 82.83 13.89 92.36
N ILE W 619 81.77 13.10 92.47
CA ILE W 619 81.67 12.12 93.54
C ILE W 619 81.59 10.70 93.02
N THR W 620 82.06 10.44 91.80
CA THR W 620 82.08 9.07 91.28
C THR W 620 82.98 8.18 92.13
N GLU W 621 83.99 8.78 92.76
CA GLU W 621 84.75 8.04 93.78
C GLU W 621 83.86 7.71 94.97
N PHE W 622 83.01 8.66 95.37
CA PHE W 622 82.22 8.53 96.58
C PHE W 622 80.76 8.20 96.25
N LEU W 623 80.53 7.35 95.25
CA LEU W 623 79.17 7.13 94.78
C LEU W 623 78.47 6.00 95.53
N ASP W 624 78.99 4.79 95.45
CA ASP W 624 78.41 3.62 96.12
C ASP W 624 79.16 3.28 97.41
N ASN W 625 79.11 4.17 98.39
CA ASN W 625 79.76 3.91 99.67
C ASN W 625 78.87 4.46 100.78
N PRO W 626 77.91 3.66 101.27
CA PRO W 626 76.76 4.23 101.98
C PRO W 626 77.08 4.95 103.27
N GLU W 627 78.36 5.09 103.62
CA GLU W 627 78.71 5.70 104.89
C GLU W 627 78.37 7.19 104.90
N ALA W 628 78.74 7.93 103.86
CA ALA W 628 78.64 9.37 103.98
C ALA W 628 78.18 10.08 102.70
N ARG W 629 77.52 9.38 101.77
CA ARG W 629 76.93 10.12 100.64
C ARG W 629 75.98 11.18 101.16
N THR W 630 75.17 10.82 102.15
CA THR W 630 74.22 11.79 102.70
C THR W 630 74.95 12.98 103.33
N PRO W 631 75.99 12.79 104.15
CA PRO W 631 76.75 13.97 104.61
C PRO W 631 77.31 14.83 103.50
N VAL W 632 78.04 14.23 102.55
CA VAL W 632 78.70 15.05 101.54
C VAL W 632 77.67 15.77 100.70
N MET W 633 76.53 15.13 100.45
CA MET W 633 75.50 15.78 99.65
C MET W 633 74.83 16.91 100.44
N MET W 634 74.60 16.72 101.75
CA MET W 634 74.07 17.85 102.51
C MET W 634 75.03 19.02 102.45
N TYR W 635 76.32 18.76 102.58
CA TYR W 635 77.27 19.87 102.62
C TYR W 635 77.29 20.62 101.28
N LEU W 636 77.42 19.88 100.18
CA LEU W 636 77.45 20.54 98.88
C LEU W 636 76.16 21.29 98.62
N LEU W 637 75.01 20.66 98.89
CA LEU W 637 73.72 21.31 98.65
C LEU W 637 73.55 22.54 99.52
N TYR W 638 73.92 22.46 100.80
CA TYR W 638 73.77 23.59 101.70
C TYR W 638 74.63 24.77 101.27
N ARG W 639 75.90 24.51 100.96
CA ARG W 639 76.76 25.61 100.55
C ARG W 639 76.30 26.23 99.23
N THR W 640 75.91 25.40 98.27
CA THR W 640 75.42 25.93 97.01
C THR W 640 74.12 26.70 97.20
N GLU W 641 73.22 26.20 98.05
CA GLU W 641 71.94 26.86 98.32
C GLU W 641 72.15 28.22 98.98
N SER W 642 73.19 28.34 99.80
CA SER W 642 73.50 29.64 100.40
C SER W 642 73.79 30.67 99.32
N MET W 643 74.23 30.23 98.14
CA MET W 643 74.60 31.10 97.04
C MET W 643 73.40 31.46 96.16
N ILE W 644 72.25 30.81 96.40
CA ILE W 644 71.09 30.93 95.53
C ILE W 644 70.27 32.18 95.84
N ASP W 645 70.60 33.31 95.22
CA ASP W 645 69.83 34.53 95.36
C ASP W 645 70.01 35.40 94.13
N GLY W 646 68.92 35.67 93.43
CA GLY W 646 68.95 36.58 92.29
C GLY W 646 69.56 36.01 91.03
N ARG W 647 70.72 35.38 91.17
CA ARG W 647 71.44 34.84 90.02
C ARG W 647 70.61 33.77 89.32
N ARG W 648 70.59 33.83 88.00
CA ARG W 648 69.98 32.76 87.21
C ARG W 648 70.72 31.47 87.50
N PHE W 649 69.98 30.43 87.87
CA PHE W 649 70.56 29.32 88.61
C PHE W 649 70.24 27.99 87.94
N MET W 650 71.09 27.00 88.23
CA MET W 650 70.96 25.68 87.62
C MET W 650 71.68 24.63 88.46
N TYR W 651 71.16 23.41 88.42
CA TYR W 651 71.86 22.21 88.85
C TYR W 651 71.98 21.24 87.69
N VAL W 652 72.97 20.36 87.79
CA VAL W 652 73.09 19.20 86.92
C VAL W 652 73.41 17.99 87.77
N PHE W 653 72.59 16.95 87.66
CA PHE W 653 72.82 15.69 88.35
C PHE W 653 72.96 14.60 87.30
N ASP W 654 74.16 14.04 87.17
CA ASP W 654 74.36 12.95 86.23
C ASP W 654 73.57 11.72 86.66
N GLU W 655 73.62 11.38 87.94
CA GLU W 655 72.84 10.27 88.49
C GLU W 655 72.43 10.64 89.91
N PHE W 656 71.14 10.55 90.19
CA PHE W 656 70.59 11.08 91.43
C PHE W 656 69.93 10.04 92.32
N TRP W 657 69.69 8.83 91.82
CA TRP W 657 68.91 7.87 92.61
C TRP W 657 69.69 7.39 93.83
N LYS W 658 71.02 7.37 93.76
CA LYS W 658 71.80 7.09 94.97
C LYS W 658 71.62 8.17 96.02
N PRO W 659 71.82 9.47 95.73
CA PRO W 659 71.48 10.48 96.74
C PRO W 659 69.99 10.56 97.04
N LEU W 660 69.15 9.99 96.19
CA LEU W 660 67.71 10.12 96.36
C LEU W 660 67.22 9.28 97.55
N GLN W 661 67.79 8.09 97.75
CA GLN W 661 67.34 7.24 98.85
C GLN W 661 67.79 7.75 100.20
N ASP W 662 68.40 8.93 100.26
CA ASP W 662 68.77 9.54 101.53
C ASP W 662 67.50 9.96 102.27
N GLU W 663 67.40 9.58 103.54
CA GLU W 663 66.21 9.92 104.31
C GLU W 663 66.17 11.41 104.62
N TYR W 664 67.28 11.96 105.11
CA TYR W 664 67.29 13.35 105.57
C TYR W 664 67.32 14.33 104.40
N PHE W 665 68.05 13.97 103.34
CA PHE W 665 68.29 14.91 102.25
C PHE W 665 67.08 15.07 101.34
N GLU W 666 66.25 14.03 101.21
CA GLU W 666 65.15 14.09 100.26
C GLU W 666 64.09 15.10 100.66
N ASP W 667 63.75 15.17 101.96
CA ASP W 667 62.76 16.14 102.42
C ASP W 667 63.27 17.56 102.19
N LEU W 668 64.54 17.80 102.50
CA LEU W 668 65.14 19.11 102.25
C LEU W 668 65.10 19.45 100.77
N ALA W 669 65.39 18.47 99.91
CA ALA W 669 65.34 18.72 98.47
C ALA W 669 63.95 19.10 98.02
N LYS W 670 62.92 18.41 98.53
CA LYS W 670 61.56 18.70 98.10
C LYS W 670 61.10 20.08 98.59
N ASN W 671 61.40 20.41 99.85
CA ASN W 671 61.05 21.73 100.36
C ASN W 671 61.79 22.84 99.62
N LYS W 672 63.09 22.65 99.38
CA LYS W 672 63.83 23.63 98.62
C LYS W 672 63.32 23.74 97.19
N GLN W 673 62.84 22.65 96.61
CA GLN W 673 62.18 22.70 95.31
C GLN W 673 60.95 23.58 95.34
N LYS W 674 60.08 23.36 96.33
CA LYS W 674 58.90 24.20 96.45
C LYS W 674 59.27 25.67 96.61
N THR W 675 60.35 25.95 97.35
CA THR W 675 60.78 27.33 97.51
C THR W 675 61.38 27.90 96.22
N ILE W 676 62.12 27.08 95.47
CA ILE W 676 62.93 27.57 94.36
C ILE W 676 62.15 27.69 93.05
N ARG W 677 61.03 26.97 92.90
CA ARG W 677 60.35 26.94 91.61
C ARG W 677 60.10 28.33 91.04
N LYS W 678 59.95 29.33 91.90
CA LYS W 678 59.80 30.71 91.49
C LYS W 678 61.10 31.49 91.46
N GLN W 679 62.24 30.83 91.70
CA GLN W 679 63.53 31.51 91.79
C GLN W 679 64.50 31.06 90.71
N ASN W 680 64.01 30.92 89.48
CA ASN W 680 64.84 30.63 88.30
C ASN W 680 65.67 29.36 88.51
N GLY W 681 65.04 28.36 89.10
CA GLY W 681 65.68 27.09 89.38
C GLY W 681 65.46 26.12 88.23
N ILE W 682 66.56 25.56 87.74
CA ILE W 682 66.50 24.58 86.66
C ILE W 682 67.35 23.37 87.05
N PHE W 683 66.71 22.35 87.59
CA PHE W 683 67.40 21.08 87.77
C PHE W 683 67.53 20.41 86.41
N VAL W 684 68.63 19.70 86.19
CA VAL W 684 68.81 18.90 84.98
C VAL W 684 69.19 17.50 85.45
N PHE W 685 68.19 16.65 85.65
CA PHE W 685 68.45 15.30 86.11
C PHE W 685 68.83 14.41 84.94
N ALA W 686 69.43 13.26 85.26
CA ALA W 686 69.81 12.28 84.26
C ALA W 686 69.94 10.92 84.93
N THR W 687 69.88 9.88 84.11
CA THR W 687 70.00 8.52 84.62
C THR W 687 70.44 7.62 83.48
N GLN W 688 71.33 6.68 83.81
CA GLN W 688 71.85 5.75 82.81
C GLN W 688 70.79 4.78 82.33
N GLU W 689 69.87 4.37 83.20
CA GLU W 689 68.80 3.46 82.84
C GLU W 689 67.65 3.68 83.81
N PRO W 690 66.42 3.83 83.31
CA PRO W 690 65.31 4.19 84.19
C PRO W 690 65.04 3.19 85.31
N SER W 691 65.27 1.90 85.07
CA SER W 691 65.03 0.90 86.11
C SER W 691 65.87 1.19 87.35
N ASP W 692 67.00 1.87 87.18
CA ASP W 692 67.78 2.31 88.33
C ASP W 692 67.02 3.36 89.13
N ALA W 693 66.29 4.24 88.44
CA ALA W 693 65.57 5.31 89.14
C ALA W 693 64.30 4.78 89.80
N LEU W 694 63.46 4.09 89.02
CA LEU W 694 62.17 3.64 89.53
C LEU W 694 62.29 2.56 90.60
N GLU W 695 63.49 2.02 90.82
CA GLU W 695 63.70 1.11 91.95
C GLU W 695 63.37 1.80 93.26
N SER W 696 63.58 3.11 93.34
CA SER W 696 63.29 3.90 94.52
C SER W 696 61.94 4.57 94.37
N ASN W 697 61.14 4.57 95.45
CA ASN W 697 59.78 5.10 95.38
C ASN W 697 59.78 6.62 95.29
N ILE W 698 60.64 7.29 96.07
CA ILE W 698 60.66 8.75 96.09
C ILE W 698 61.06 9.29 94.72
N ALA W 699 61.80 8.48 93.94
CA ALA W 699 62.18 8.89 92.60
C ALA W 699 60.95 9.14 91.74
N LYS W 700 59.90 8.33 91.91
CA LYS W 700 58.65 8.58 91.19
C LYS W 700 58.06 9.93 91.58
N THR W 701 58.10 10.26 92.87
CA THR W 701 57.58 11.55 93.32
C THR W 701 58.35 12.71 92.70
N LEU W 702 59.68 12.59 92.63
CA LEU W 702 60.46 13.66 92.00
C LEU W 702 60.25 13.69 90.49
N ILE W 703 60.01 12.53 89.87
CA ILE W 703 59.84 12.47 88.43
C ILE W 703 58.51 13.09 88.02
N GLN W 704 57.49 12.97 88.88
CA GLN W 704 56.22 13.62 88.58
C GLN W 704 56.39 15.13 88.42
N GLN W 705 57.36 15.72 89.11
CA GLN W 705 57.65 17.16 88.97
C GLN W 705 58.85 17.35 88.03
N CYS W 706 58.57 17.20 86.74
CA CYS W 706 59.55 17.44 85.70
C CYS W 706 58.86 18.09 84.52
N ALA W 707 59.61 18.89 83.76
CA ALA W 707 59.04 19.67 82.67
C ALA W 707 59.26 19.03 81.30
N THR W 708 60.51 18.81 80.92
CA THR W 708 60.84 18.23 79.62
C THR W 708 61.61 16.94 79.84
N TYR W 709 61.15 15.86 79.21
CA TYR W 709 61.85 14.58 79.24
C TYR W 709 62.52 14.36 77.90
N ILE W 710 63.80 14.00 77.93
CA ILE W 710 64.54 13.60 76.74
C ILE W 710 64.84 12.11 76.88
N PHE W 711 64.61 11.35 75.82
CA PHE W 711 64.70 9.90 75.88
C PHE W 711 65.72 9.42 74.86
N LEU W 712 66.87 8.97 75.35
CA LEU W 712 67.91 8.41 74.49
C LEU W 712 67.48 7.02 74.00
N ALA W 713 68.36 6.35 73.28
CA ALA W 713 68.09 5.04 72.72
C ALA W 713 68.56 3.98 73.71
N ASN W 714 67.60 3.29 74.35
CA ASN W 714 67.88 2.21 75.28
C ASN W 714 67.03 1.00 74.88
N PRO W 715 67.54 0.14 74.00
CA PRO W 715 66.78 -1.06 73.64
C PRO W 715 66.36 -1.91 74.83
N LYS W 716 67.19 -1.98 75.88
CA LYS W 716 66.91 -2.80 77.04
C LYS W 716 66.01 -2.08 78.05
N ALA W 717 64.87 -1.60 77.57
CA ALA W 717 63.97 -0.75 78.35
C ALA W 717 62.78 -1.57 78.84
N ASP W 718 62.55 -1.54 80.15
CA ASP W 718 61.44 -2.27 80.74
C ASP W 718 60.11 -1.67 80.31
N TYR W 719 59.15 -2.54 80.03
CA TYR W 719 57.85 -2.10 79.53
C TYR W 719 57.13 -1.23 80.56
N GLU W 720 57.08 -1.70 81.81
CA GLU W 720 56.33 -0.99 82.84
C GLU W 720 56.88 0.40 83.08
N ASP W 721 58.21 0.53 83.12
CA ASP W 721 58.84 1.80 83.46
C ASP W 721 58.37 2.91 82.52
N TYR W 722 58.67 2.78 81.23
CA TYR W 722 58.24 3.80 80.28
C TYR W 722 56.72 3.89 80.22
N THR W 723 56.02 2.76 80.23
CA THR W 723 54.57 2.82 80.00
C THR W 723 53.84 3.60 81.08
N GLN W 724 53.92 3.19 82.35
CA GLN W 724 53.13 3.87 83.36
C GLN W 724 53.98 4.68 84.32
N GLY W 725 55.27 4.34 84.45
CA GLY W 725 56.13 5.10 85.34
C GLY W 725 56.34 6.53 84.88
N PHE W 726 56.58 6.73 83.59
CA PHE W 726 56.92 8.05 83.04
C PHE W 726 55.77 8.71 82.31
N LYS W 727 54.56 8.16 82.36
CA LYS W 727 53.40 8.69 81.66
C LYS W 727 53.61 8.77 80.14
N LEU W 728 54.40 7.86 79.58
CA LEU W 728 54.59 7.82 78.15
C LEU W 728 53.46 7.05 77.47
N THR W 729 53.38 7.19 76.16
CA THR W 729 52.42 6.43 75.37
C THR W 729 53.03 5.11 74.92
N ASP W 730 52.17 4.18 74.53
CA ASP W 730 52.66 2.93 73.95
C ASP W 730 53.36 3.18 72.62
N SER W 731 52.81 4.08 71.80
CA SER W 731 53.46 4.40 70.53
C SER W 731 54.81 5.04 70.74
N GLU W 732 54.92 5.93 71.73
CA GLU W 732 56.23 6.50 72.04
C GLU W 732 57.19 5.43 72.52
N PHE W 733 56.70 4.43 73.26
CA PHE W 733 57.54 3.32 73.65
C PHE W 733 58.04 2.54 72.42
N GLU W 734 57.19 2.42 71.41
CA GLU W 734 57.63 1.82 70.15
C GLU W 734 58.71 2.65 69.49
N LEU W 735 58.54 3.98 69.46
CA LEU W 735 59.53 4.84 68.83
C LEU W 735 60.87 4.80 69.56
N VAL W 736 60.84 4.61 70.87
CA VAL W 736 62.10 4.51 71.62
C VAL W 736 62.88 3.28 71.17
N ARG W 737 62.20 2.15 71.02
CA ARG W 737 62.87 0.93 70.61
C ARG W 737 63.26 0.96 69.13
N GLY W 738 62.52 1.73 68.32
CA GLY W 738 62.82 1.78 66.90
C GLY W 738 64.21 2.30 66.61
N LEU W 739 64.71 3.19 67.46
CA LEU W 739 66.06 3.70 67.31
C LEU W 739 67.06 2.57 67.53
N GLY W 740 68.12 2.56 66.72
CA GLY W 740 69.15 1.56 66.86
C GLY W 740 69.91 1.66 68.17
N GLU W 741 70.95 0.85 68.28
CA GLU W 741 71.78 0.89 69.48
C GLU W 741 72.53 2.21 69.59
N PHE W 742 72.98 2.75 68.47
CA PHE W 742 73.76 3.99 68.43
C PHE W 742 73.20 4.92 67.35
N SER W 743 71.89 5.09 67.37
CA SER W 743 71.20 5.82 66.30
C SER W 743 71.59 7.30 66.30
N ARG W 744 71.86 7.87 67.47
CA ARG W 744 72.12 9.30 67.72
C ARG W 744 70.86 10.14 67.56
N ARG W 745 69.69 9.54 67.61
CA ARG W 745 68.42 10.27 67.71
C ARG W 745 67.84 10.06 69.10
N PHE W 746 66.86 10.89 69.45
CA PHE W 746 66.22 10.76 70.74
C PHE W 746 64.86 11.42 70.68
N LEU W 747 63.88 10.83 71.37
CA LEU W 747 62.51 11.32 71.37
C LEU W 747 62.33 12.26 72.55
N ILE W 748 62.07 13.54 72.26
CA ILE W 748 61.90 14.56 73.29
C ILE W 748 60.41 14.74 73.53
N LYS W 749 59.90 14.17 74.61
CA LYS W 749 58.53 14.45 75.02
C LYS W 749 58.54 15.80 75.75
N GLN W 750 58.13 16.85 75.06
CA GLN W 750 58.14 18.20 75.60
C GLN W 750 56.70 18.58 75.91
N GLY W 751 56.35 18.57 77.19
CA GLY W 751 54.98 18.87 77.56
C GLY W 751 54.08 17.68 77.26
N ASP W 752 53.24 17.81 76.24
CA ASP W 752 52.34 16.74 75.83
C ASP W 752 52.46 16.44 74.33
N GLN W 753 53.56 16.87 73.71
CA GLN W 753 53.88 16.57 72.33
C GLN W 753 55.36 16.23 72.22
N SER W 754 55.73 15.46 71.18
CA SER W 754 57.07 14.92 71.09
C SER W 754 57.51 14.78 69.64
N ALA W 755 58.82 14.69 69.46
CA ALA W 755 59.42 14.49 68.14
C ALA W 755 60.82 13.93 68.32
N LEU W 756 61.35 13.34 67.25
CA LEU W 756 62.66 12.69 67.26
C LEU W 756 63.72 13.72 66.88
N ALA W 757 64.29 14.37 67.89
CA ALA W 757 65.29 15.40 67.66
C ALA W 757 66.61 14.74 67.28
N GLU W 758 66.81 14.51 65.99
CA GLU W 758 68.01 13.85 65.50
C GLU W 758 69.13 14.89 65.42
N MET W 759 70.00 14.86 66.43
CA MET W 759 71.13 15.79 66.48
C MET W 759 72.28 15.26 65.63
N ASN W 760 73.30 15.20 64.69
CA ASN W 760 74.43 14.56 64.01
C ASN W 760 75.60 15.52 63.84
N LEU W 761 76.64 15.31 64.69
CA LEU W 761 77.81 16.19 64.65
C LEU W 761 78.93 15.56 63.82
N GLY W 762 78.54 14.92 62.66
CA GLY W 762 79.50 14.42 61.69
C GLY W 762 79.94 15.45 60.67
N LYS W 763 80.43 15.05 59.46
CA LYS W 763 80.89 15.96 58.42
C LYS W 763 79.73 16.73 57.80
N PHE W 764 79.96 18.03 57.60
CA PHE W 764 78.96 18.82 56.90
C PHE W 764 79.61 19.79 55.92
N ARG W 765 78.78 20.13 54.82
CA ARG W 765 79.27 21.04 53.79
C ARG W 765 78.75 22.45 54.00
N THR W 766 79.67 23.41 53.88
CA THR W 766 79.29 24.80 53.98
C THR W 766 79.98 25.65 52.91
N THR W 772 82.40 25.35 48.16
CA THR W 772 81.89 24.32 49.06
C THR W 772 83.05 23.68 49.83
N VAL W 773 83.08 23.93 51.17
CA VAL W 773 84.10 23.37 52.05
C VAL W 773 83.45 22.34 52.98
N GLU W 774 84.19 21.26 53.20
CA GLU W 774 83.75 20.24 54.15
C GLU W 774 84.31 20.49 55.54
N ARG W 775 83.46 20.39 56.57
CA ARG W 775 83.89 20.60 57.99
C ARG W 775 83.29 19.48 58.86
N ASP W 776 83.38 19.58 60.20
CA ASP W 776 82.85 18.53 61.13
C ASP W 776 82.75 19.05 62.57
N PHE W 777 82.15 18.26 63.48
CA PHE W 777 82.20 18.47 64.96
C PHE W 777 82.87 17.27 65.62
N ASP W 778 83.34 16.29 64.85
CA ASP W 778 84.15 15.17 65.30
C ASP W 778 85.19 15.64 66.32
N ASP W 779 85.89 16.73 66.00
CA ASP W 779 86.85 17.30 66.93
C ASP W 779 86.17 17.75 68.22
N GLU W 780 85.01 18.39 68.11
CA GLU W 780 84.33 18.89 69.29
C GLU W 780 83.88 17.76 70.21
N LEU W 781 83.28 16.71 69.64
CA LEU W 781 82.90 15.57 70.48
C LEU W 781 84.11 14.83 71.01
N LEU W 782 85.24 14.91 70.28
CA LEU W 782 86.48 14.33 70.78
C LEU W 782 86.95 15.08 72.02
N VAL W 783 86.76 16.41 72.05
CA VAL W 783 87.13 17.17 73.23
C VAL W 783 85.96 17.24 74.21
N LEU W 784 84.73 17.00 73.73
CA LEU W 784 83.57 17.13 74.60
C LEU W 784 83.49 15.99 75.61
N SER W 785 83.66 14.76 75.16
CA SER W 785 83.50 13.63 76.06
C SER W 785 84.74 13.46 76.95
N GLY W 786 84.55 12.74 78.06
CA GLY W 786 85.62 12.57 79.03
C GLY W 786 85.95 11.12 79.35
N THR W 787 87.21 10.74 79.19
CA THR W 787 87.72 9.42 79.50
C THR W 787 88.88 9.54 80.48
N PRO W 788 89.16 8.49 81.27
CA PRO W 788 90.25 8.59 82.26
C PRO W 788 91.60 8.95 81.65
N ASP W 789 91.93 8.43 80.46
CA ASP W 789 93.16 8.86 79.79
C ASP W 789 93.07 10.32 79.37
N ASN W 790 91.93 10.71 78.82
CA ASN W 790 91.67 12.12 78.56
C ASN W 790 91.80 12.94 79.83
N ALA W 791 91.25 12.44 80.94
CA ALA W 791 91.32 13.17 82.20
C ALA W 791 92.77 13.33 82.67
N GLU W 792 93.59 12.28 82.55
CA GLU W 792 94.96 12.40 83.02
C GLU W 792 95.77 13.34 82.16
N ILE W 793 95.55 13.31 80.84
CA ILE W 793 96.24 14.26 79.97
C ILE W 793 95.83 15.69 80.34
N ALA W 794 94.52 15.91 80.53
CA ALA W 794 94.05 17.24 80.89
C ALA W 794 94.66 17.69 82.22
N GLU W 795 94.70 16.80 83.21
CA GLU W 795 95.25 17.15 84.50
C GLU W 795 96.74 17.48 84.39
N SER W 796 97.51 16.70 83.63
CA SER W 796 98.92 16.98 83.47
C SER W 796 99.13 18.35 82.83
N ILE W 797 98.40 18.62 81.74
CA ILE W 797 98.54 19.91 81.08
C ILE W 797 98.18 21.04 82.04
N ILE W 798 97.01 20.94 82.69
CA ILE W 798 96.54 21.99 83.58
C ILE W 798 97.54 22.22 84.70
N PRO W 805 91.62 29.21 80.50
CA PRO W 805 90.92 28.13 79.78
C PRO W 805 91.46 27.87 78.38
N ALA W 806 91.74 28.91 77.59
CA ALA W 806 92.07 28.75 76.18
C ALA W 806 93.56 28.65 75.91
N VAL W 807 94.41 28.89 76.91
CA VAL W 807 95.84 28.80 76.69
C VAL W 807 96.25 27.35 76.47
N TRP W 808 95.63 26.42 77.20
CA TRP W 808 96.04 25.03 77.13
C TRP W 808 95.34 24.24 76.03
N LEU W 809 94.16 24.68 75.59
CA LEU W 809 93.34 23.88 74.67
C LEU W 809 94.06 23.48 73.39
N PRO W 810 94.84 24.34 72.71
CA PRO W 810 95.64 23.84 71.58
C PRO W 810 96.63 22.75 71.97
N ILE W 811 97.26 22.86 73.14
CA ILE W 811 98.18 21.82 73.59
C ILE W 811 97.42 20.52 73.80
N PHE W 812 96.22 20.61 74.38
CA PHE W 812 95.37 19.45 74.54
C PHE W 812 95.02 18.83 73.18
N LEU W 813 94.68 19.67 72.21
CA LEU W 813 94.38 19.18 70.87
C LEU W 813 95.56 18.40 70.32
N ASP W 814 96.77 18.95 70.47
CA ASP W 814 97.96 18.29 69.94
C ASP W 814 98.19 16.93 70.62
N ARG W 815 98.08 16.90 71.95
CA ARG W 815 98.33 15.65 72.66
C ARG W 815 97.28 14.60 72.32
N VAL W 816 96.02 15.00 72.20
CA VAL W 816 94.96 14.04 71.86
C VAL W 816 95.12 13.56 70.43
N LYS W 817 95.55 14.44 69.52
CA LYS W 817 95.84 14.01 68.16
C LYS W 817 96.96 12.99 68.14
N ALA W 818 98.00 13.21 68.94
CA ALA W 818 99.09 12.25 69.04
C ALA W 818 98.58 10.91 69.57
N GLU W 819 97.70 10.95 70.56
CA GLU W 819 97.11 9.71 71.08
C GLU W 819 96.30 8.99 70.00
N ARG W 820 95.50 9.73 69.24
CA ARG W 820 94.72 9.13 68.16
C ARG W 820 95.62 8.64 67.04
N SER W 821 96.68 9.40 66.74
CA SER W 821 97.63 9.07 65.67
C SER W 821 96.93 8.89 64.34
N ARG X 22 -42.73 -39.91 66.98
CA ARG X 22 -43.50 -39.94 68.22
C ARG X 22 -44.45 -38.76 68.30
N GLY X 23 -44.46 -38.09 69.46
CA GLY X 23 -45.39 -36.98 69.65
C GLY X 23 -45.12 -35.80 68.74
N LEU X 24 -43.85 -35.40 68.62
CA LEU X 24 -43.51 -34.26 67.80
C LEU X 24 -43.80 -34.53 66.32
N GLU X 25 -43.41 -35.71 65.84
CA GLU X 25 -43.68 -36.06 64.45
C GLU X 25 -45.17 -36.18 64.18
N ARG X 26 -45.93 -36.74 65.12
CA ARG X 26 -47.38 -36.82 64.97
C ARG X 26 -48.02 -35.44 64.96
N ASP X 27 -47.53 -34.52 65.78
CA ASP X 27 -48.04 -33.16 65.77
C ASP X 27 -47.74 -32.47 64.45
N LEU X 28 -46.52 -32.66 63.93
CA LEU X 28 -46.16 -32.06 62.64
C LEU X 28 -47.02 -32.65 61.52
N ILE X 29 -47.29 -33.95 61.57
CA ILE X 29 -48.15 -34.57 60.57
C ILE X 29 -49.58 -34.09 60.69
N GLY X 30 -50.05 -33.87 61.92
CA GLY X 30 -51.38 -33.30 62.09
C GLY X 30 -51.48 -31.90 61.53
N GLU X 31 -50.46 -31.07 61.76
CA GLU X 31 -50.43 -29.76 61.14
C GLU X 31 -50.38 -29.86 59.63
N PHE X 32 -49.53 -30.74 59.11
CA PHE X 32 -49.55 -31.08 57.69
C PHE X 32 -50.97 -31.28 57.18
N VAL X 33 -51.63 -32.33 57.67
CA VAL X 33 -52.96 -32.67 57.18
C VAL X 33 -53.89 -31.48 57.32
N LYS X 34 -54.16 -31.06 58.56
CA LYS X 34 -55.16 -30.03 58.80
C LYS X 34 -54.84 -28.76 58.02
N SER X 35 -53.72 -28.11 58.35
CA SER X 35 -53.46 -26.79 57.79
C SER X 35 -53.20 -26.83 56.28
N ARG X 36 -52.38 -27.75 55.78
CA ARG X 36 -52.09 -27.74 54.34
C ARG X 36 -53.32 -28.16 53.52
N LYS X 37 -54.02 -29.22 53.94
CA LYS X 37 -55.21 -29.62 53.21
C LYS X 37 -56.26 -28.53 53.24
N THR X 38 -56.43 -27.84 54.38
CA THR X 38 -57.39 -26.74 54.42
C THR X 38 -56.92 -25.56 53.60
N ALA X 39 -55.61 -25.32 53.52
CA ALA X 39 -55.11 -24.25 52.67
C ALA X 39 -55.44 -24.52 51.21
N TRP X 40 -55.21 -25.74 50.74
CA TRP X 40 -55.54 -26.02 49.35
C TRP X 40 -57.05 -26.17 49.13
N ARG X 41 -57.80 -26.60 50.14
CA ARG X 41 -59.25 -26.67 50.00
C ARG X 41 -59.83 -25.26 49.87
N VAL X 42 -59.33 -24.33 50.67
CA VAL X 42 -59.72 -22.94 50.54
C VAL X 42 -59.22 -22.39 49.22
N ALA X 43 -58.05 -22.82 48.77
CA ALA X 43 -57.56 -22.39 47.46
C ALA X 43 -58.53 -22.81 46.37
N THR X 44 -58.99 -24.06 46.41
CA THR X 44 -59.91 -24.56 45.39
C THR X 44 -61.27 -23.86 45.46
N ALA X 45 -61.86 -23.78 46.66
CA ALA X 45 -63.18 -23.16 46.80
C ALA X 45 -63.15 -21.67 46.48
N SER X 46 -62.16 -20.94 46.99
CA SER X 46 -62.03 -19.53 46.67
C SER X 46 -61.68 -19.33 45.22
N GLY X 47 -60.88 -20.22 44.61
CA GLY X 47 -60.62 -20.09 43.18
C GLY X 47 -61.88 -20.31 42.36
N LEU X 48 -62.71 -21.27 42.75
CA LEU X 48 -63.97 -21.52 42.03
C LEU X 48 -64.93 -20.34 42.17
N PHE X 49 -65.05 -19.78 43.38
CA PHE X 49 -65.86 -18.57 43.57
C PHE X 49 -65.28 -17.40 42.77
N GLY X 50 -63.96 -17.26 42.77
CA GLY X 50 -63.33 -16.26 41.96
C GLY X 50 -63.64 -16.45 40.49
N LEU X 51 -63.66 -17.71 40.03
CA LEU X 51 -63.95 -17.98 38.63
C LEU X 51 -65.40 -17.62 38.29
N LEU X 52 -66.34 -17.99 39.16
CA LEU X 52 -67.73 -17.64 38.94
C LEU X 52 -67.90 -16.12 38.79
N GLY X 53 -67.51 -15.38 39.83
CA GLY X 53 -67.65 -13.93 39.78
C GLY X 53 -66.85 -13.33 38.64
N MET X 54 -65.69 -13.89 38.37
CA MET X 54 -64.78 -13.35 37.39
C MET X 54 -65.42 -13.38 36.02
N VAL X 55 -65.72 -14.59 35.53
CA VAL X 55 -66.46 -14.70 34.27
C VAL X 55 -67.64 -13.75 34.27
N CYS X 56 -68.45 -13.76 35.34
CA CYS X 56 -69.72 -13.03 35.34
C CYS X 56 -69.51 -11.53 35.10
N GLY X 57 -68.91 -10.84 36.06
CA GLY X 57 -68.82 -9.40 35.94
C GLY X 57 -67.93 -8.96 34.80
N ILE X 58 -66.77 -9.60 34.65
CA ILE X 58 -65.78 -9.11 33.71
C ILE X 58 -66.19 -9.47 32.28
N VAL X 59 -67.22 -10.30 32.14
CA VAL X 59 -67.90 -10.37 30.86
C VAL X 59 -68.95 -9.27 30.78
N GLY X 60 -69.65 -9.02 31.89
CA GLY X 60 -70.69 -8.01 31.90
C GLY X 60 -70.24 -6.70 31.27
N PHE X 61 -69.29 -6.02 31.94
CA PHE X 61 -68.84 -4.68 31.47
C PHE X 61 -67.94 -4.77 30.23
N SER X 62 -67.59 -5.99 29.79
CA SER X 62 -66.81 -6.11 28.53
C SER X 62 -67.65 -5.64 27.35
N GLN X 63 -68.96 -5.89 27.40
CA GLN X 63 -69.93 -5.25 26.47
C GLN X 63 -69.98 -3.75 26.77
N PRO X 64 -69.75 -2.86 25.77
CA PRO X 64 -69.87 -1.41 26.00
C PRO X 64 -71.31 -1.01 26.33
N ALA X 65 -71.49 0.06 27.13
CA ALA X 65 -72.85 0.47 27.56
C ALA X 65 -73.29 1.73 26.82
N PRO X 66 -74.60 2.10 26.81
CA PRO X 66 -75.06 3.25 26.00
C PRO X 66 -75.57 4.50 26.74
N ALA X 67 -75.31 5.69 26.18
CA ALA X 67 -75.80 6.95 26.80
C ALA X 67 -77.07 7.45 26.09
N PRO X 68 -77.64 8.60 26.49
CA PRO X 68 -78.83 9.16 25.81
C PRO X 68 -78.47 9.71 24.42
N LEU X 69 -79.45 9.81 23.51
CA LEU X 69 -79.14 10.23 22.12
C LEU X 69 -79.34 11.74 21.95
N VAL X 70 -80.59 12.19 21.84
CA VAL X 70 -80.88 13.66 21.72
C VAL X 70 -82.34 13.96 22.10
N LEU X 71 -82.63 15.20 22.49
CA LEU X 71 -84.05 15.59 22.76
C LEU X 71 -84.37 16.83 21.92
N ARG X 72 -85.52 16.82 21.23
CA ARG X 72 -85.86 17.96 20.33
C ARG X 72 -86.60 19.04 21.12
N VAL X 73 -86.24 20.31 20.90
CA VAL X 73 -86.90 21.46 21.58
C VAL X 73 -86.97 22.60 20.57
N ASP X 74 -88.05 22.65 19.78
CA ASP X 74 -88.12 23.67 18.73
C ASP X 74 -87.97 25.07 19.31
N ASN X 75 -86.99 25.89 18.83
CA ASN X 75 -86.63 27.22 19.31
C ASN X 75 -87.74 28.24 19.00
N ALA X 76 -88.57 27.93 17.95
CA ALA X 76 -89.62 28.82 17.48
C ALA X 76 -90.96 28.47 18.11
N THR X 77 -91.24 27.17 18.38
CA THR X 77 -92.54 26.72 18.84
C THR X 77 -92.46 26.18 20.27
N GLY X 78 -91.28 25.94 20.72
CA GLY X 78 -91.12 25.36 22.04
C GLY X 78 -91.61 23.92 22.13
N ALA X 79 -91.92 23.34 20.96
CA ALA X 79 -92.47 21.96 20.92
C ALA X 79 -91.37 20.96 21.33
N VAL X 80 -91.74 19.93 22.10
CA VAL X 80 -90.75 18.92 22.55
C VAL X 80 -91.01 17.60 21.82
N ASP X 81 -90.00 17.05 21.15
CA ASP X 81 -90.14 15.75 20.45
C ASP X 81 -89.16 14.75 21.09
N VAL X 82 -89.62 13.53 21.39
CA VAL X 82 -88.74 12.57 22.10
C VAL X 82 -88.17 11.55 21.11
N TYR Y 17 17.64 27.41 54.28
CA TYR Y 17 19.07 27.52 54.05
C TYR Y 17 19.44 28.82 53.38
N TYR Y 18 18.61 29.27 52.43
CA TYR Y 18 18.80 30.61 51.88
C TYR Y 18 18.72 31.67 52.97
N GLU Y 19 17.76 31.53 53.88
CA GLU Y 19 17.59 32.55 54.92
C GLU Y 19 18.81 32.63 55.83
N GLU Y 20 19.35 31.48 56.24
CA GLU Y 20 20.53 31.51 57.10
C GLU Y 20 21.77 31.99 56.36
N SER Y 21 21.97 31.53 55.12
CA SER Y 21 23.11 31.99 54.37
C SER Y 21 23.07 33.50 54.17
N ARG Y 22 21.90 34.03 53.78
CA ARG Y 22 21.78 35.47 53.59
C ARG Y 22 21.83 36.23 54.90
N GLY Y 23 21.47 35.61 56.01
CA GLY Y 23 21.67 36.25 57.30
C GLY Y 23 23.14 36.40 57.63
N LEU Y 24 23.93 35.37 57.34
CA LEU Y 24 25.37 35.48 57.53
C LEU Y 24 25.97 36.52 56.60
N GLU Y 25 25.55 36.54 55.35
CA GLU Y 25 26.07 37.44 54.32
C GLU Y 25 25.67 38.90 54.52
N ARG Y 26 25.01 39.29 55.62
CA ARG Y 26 24.44 40.63 55.76
C ARG Y 26 25.01 41.29 57.01
N ASP Y 27 25.24 42.60 56.92
CA ASP Y 27 25.78 43.39 58.01
C ASP Y 27 24.79 44.47 58.44
N LEU Y 28 24.71 44.70 59.75
CA LEU Y 28 23.73 45.62 60.30
C LEU Y 28 23.97 47.06 59.87
N ILE Y 29 25.24 47.50 59.92
CA ILE Y 29 25.55 48.90 59.68
C ILE Y 29 25.13 49.31 58.27
N GLY Y 30 25.50 48.51 57.27
CA GLY Y 30 25.16 48.84 55.91
C GLY Y 30 23.66 48.78 55.66
N GLU Y 31 22.99 47.80 56.25
CA GLU Y 31 21.55 47.70 56.09
C GLU Y 31 20.85 48.95 56.63
N PHE Y 32 21.28 49.43 57.80
CA PHE Y 32 20.61 50.60 58.36
C PHE Y 32 20.98 51.88 57.63
N VAL Y 33 22.21 51.99 57.13
CA VAL Y 33 22.56 53.12 56.27
C VAL Y 33 21.66 53.15 55.05
N LYS Y 34 21.48 52.00 54.41
CA LYS Y 34 20.62 51.93 53.24
C LYS Y 34 19.17 52.27 53.62
N SER Y 35 18.71 51.80 54.77
CA SER Y 35 17.34 52.06 55.19
C SER Y 35 17.09 53.55 55.35
N ARG Y 36 17.96 54.23 56.09
CA ARG Y 36 17.76 55.67 56.29
C ARG Y 36 17.94 56.45 55.00
N LYS Y 37 18.85 56.01 54.12
CA LYS Y 37 19.01 56.68 52.84
C LYS Y 37 17.74 56.57 51.99
N THR Y 38 17.12 55.38 51.98
CA THR Y 38 15.89 55.20 51.23
C THR Y 38 14.74 56.01 51.85
N ALA Y 39 14.68 56.06 53.18
CA ALA Y 39 13.66 56.87 53.83
C ALA Y 39 13.80 58.34 53.45
N TRP Y 40 15.03 58.86 53.44
CA TRP Y 40 15.22 60.26 53.06
C TRP Y 40 14.92 60.48 51.59
N ARG Y 41 15.26 59.51 50.74
CA ARG Y 41 14.92 59.64 49.32
C ARG Y 41 13.41 59.73 49.12
N VAL Y 42 12.65 58.89 49.84
CA VAL Y 42 11.20 58.93 49.71
C VAL Y 42 10.65 60.24 50.27
N ALA Y 43 11.21 60.72 51.38
CA ALA Y 43 10.76 61.99 51.93
C ALA Y 43 11.02 63.13 50.94
N THR Y 44 12.18 63.13 50.29
CA THR Y 44 12.47 64.15 49.29
C THR Y 44 11.52 64.06 48.10
N ALA Y 45 11.21 62.84 47.65
CA ALA Y 45 10.25 62.68 46.56
C ALA Y 45 8.88 63.25 46.95
N SER Y 46 8.43 62.96 48.16
CA SER Y 46 7.15 63.51 48.61
C SER Y 46 7.19 65.02 48.72
N GLY Y 47 8.29 65.58 49.22
CA GLY Y 47 8.39 67.03 49.31
C GLY Y 47 8.36 67.70 47.94
N LEU Y 48 9.12 67.17 46.99
CA LEU Y 48 9.08 67.71 45.64
C LEU Y 48 7.70 67.55 45.01
N PHE Y 49 7.01 66.45 45.30
CA PHE Y 49 5.64 66.27 44.83
C PHE Y 49 4.73 67.36 45.38
N GLY Y 50 4.91 67.68 46.66
CA GLY Y 50 4.14 68.76 47.26
C GLY Y 50 4.41 70.11 46.63
N LEU Y 51 5.68 70.39 46.34
CA LEU Y 51 6.01 71.63 45.64
C LEU Y 51 5.35 71.65 44.25
N LEU Y 52 5.35 70.51 43.56
CA LEU Y 52 4.69 70.43 42.26
C LEU Y 52 3.21 70.74 42.39
N GLY Y 53 2.56 70.18 43.42
CA GLY Y 53 1.15 70.46 43.63
C GLY Y 53 0.88 71.93 43.91
N MET Y 54 1.72 72.54 44.75
CA MET Y 54 1.50 73.95 45.07
C MET Y 54 1.70 74.83 43.84
N VAL Y 55 2.71 74.52 43.03
CA VAL Y 55 2.88 75.24 41.76
C VAL Y 55 1.63 75.09 40.91
N CYS Y 56 1.09 73.87 40.84
CA CYS Y 56 -0.12 73.64 40.06
C CYS Y 56 -1.25 74.52 40.56
N GLY Y 57 -1.42 74.64 41.87
CA GLY Y 57 -2.50 75.48 42.41
C GLY Y 57 -2.30 76.96 42.10
N ILE Y 58 -1.07 77.45 42.30
CA ILE Y 58 -0.81 78.86 42.07
C ILE Y 58 -0.96 79.20 40.60
N VAL Y 59 -0.70 78.24 39.71
CA VAL Y 59 -1.09 78.43 38.32
C VAL Y 59 -2.60 78.42 38.20
N GLY Y 60 -3.25 77.49 38.91
CA GLY Y 60 -4.67 77.30 38.77
C GLY Y 60 -5.48 78.55 39.01
N PHE Y 61 -5.01 79.44 39.88
CA PHE Y 61 -5.64 80.76 39.90
C PHE Y 61 -5.79 81.34 38.49
N LEU Y 69 -20.58 83.51 24.34
CA LEU Y 69 -21.19 84.33 23.28
C LEU Y 69 -22.69 84.36 23.59
N VAL Y 70 -23.32 85.53 23.55
CA VAL Y 70 -24.75 85.50 23.97
C VAL Y 70 -25.54 85.04 22.75
N LEU Y 71 -26.71 84.45 22.98
CA LEU Y 71 -27.52 84.07 21.83
C LEU Y 71 -28.58 85.13 21.55
N ARG Y 72 -28.59 85.60 20.36
CA ARG Y 72 -29.60 86.53 19.87
C ARG Y 72 -30.74 85.79 19.19
N VAL Y 73 -31.99 86.10 19.73
CA VAL Y 73 -33.16 85.45 19.15
C VAL Y 73 -33.99 86.48 18.37
N ASP Y 74 -34.03 86.22 17.07
CA ASP Y 74 -34.88 87.03 16.22
C ASP Y 74 -36.36 86.79 16.52
N ASN Y 75 -37.15 87.77 17.01
CA ASN Y 75 -38.54 87.72 17.47
C ASN Y 75 -39.50 87.44 16.32
N ALA Y 76 -38.98 87.69 15.06
CA ALA Y 76 -39.79 87.53 13.86
C ALA Y 76 -39.54 86.17 13.22
N THR Y 77 -38.37 85.57 13.35
CA THR Y 77 -37.99 84.35 12.65
C THR Y 77 -37.63 83.24 13.63
N GLY Y 78 -37.54 83.63 14.87
CA GLY Y 78 -37.13 82.63 15.84
C GLY Y 78 -35.70 82.15 15.63
N ALA Y 79 -34.94 82.68 14.69
CA ALA Y 79 -33.55 82.36 14.38
C ALA Y 79 -32.62 82.83 15.48
N VAL Y 80 -31.81 81.89 15.96
CA VAL Y 80 -30.86 82.11 17.03
C VAL Y 80 -29.47 82.37 16.45
N ASP Y 81 -28.97 83.58 16.71
CA ASP Y 81 -27.61 83.94 16.30
C ASP Y 81 -26.69 84.09 17.50
N VAL Y 82 -25.46 83.49 17.39
CA VAL Y 82 -24.46 83.60 18.44
C VAL Y 82 -23.72 84.92 18.30
N VAL Y 83 -23.95 85.76 19.35
CA VAL Y 83 -23.18 87.01 19.42
C VAL Y 83 -21.80 86.73 20.02
N THR Y 84 -20.77 86.87 19.18
CA THR Y 84 -19.39 86.48 19.63
C THR Y 84 -18.96 87.32 20.82
N THR Y 85 -18.27 86.69 21.78
CA THR Y 85 -17.74 87.45 22.93
C THR Y 85 -16.30 87.86 22.62
N LEU Y 86 -16.07 89.15 22.35
CA LEU Y 86 -14.71 89.67 22.08
C LEU Y 86 -13.97 88.72 21.12
N ARG Y 87 -14.69 88.14 20.15
CA ARG Y 87 -14.04 87.16 19.25
C ARG Y 87 -14.20 87.59 17.79
N GLU Y 88 -13.08 87.88 17.10
CA GLU Y 88 -13.12 88.20 15.65
C GLU Y 88 -12.07 87.30 14.99
N HIS Y 89 -11.71 86.20 15.64
CA HIS Y 89 -10.60 85.34 15.14
C HIS Y 89 -10.85 84.73 13.77
N GLU Y 90 -9.82 84.71 12.91
CA GLU Y 90 -9.93 84.02 11.60
C GLU Y 90 -9.07 82.76 11.76
N SER Y 91 -9.61 81.58 11.44
CA SER Y 91 -8.90 80.33 11.74
C SER Y 91 -7.74 80.02 10.78
N SER Y 92 -7.89 80.29 9.47
CA SER Y 92 -6.84 79.82 8.51
C SER Y 92 -7.08 80.36 7.09
N TYR Y 93 -6.06 80.24 6.23
CA TYR Y 93 -6.19 80.69 4.82
C TYR Y 93 -7.41 80.01 4.18
N GLY Y 94 -8.38 80.80 3.72
CA GLY Y 94 -9.61 80.26 3.13
C GLY Y 94 -10.70 80.05 4.17
N GLU Y 95 -10.38 80.23 5.46
CA GLU Y 95 -11.45 80.18 6.50
C GLU Y 95 -12.37 81.39 6.28
N VAL Y 96 -11.78 82.57 6.04
CA VAL Y 96 -12.59 83.79 5.75
C VAL Y 96 -12.58 84.03 4.24
N VAL Y 97 -11.55 83.55 3.54
CA VAL Y 97 -11.48 83.68 2.06
C VAL Y 97 -12.61 82.82 1.49
N ASP Y 98 -12.82 81.63 2.06
CA ASP Y 98 -13.92 80.79 1.64
C ASP Y 98 -15.26 81.48 1.80
N THR Y 99 -15.46 82.24 2.89
CA THR Y 99 -16.75 82.89 3.11
C THR Y 99 -16.99 83.93 2.02
N TYR Y 100 -15.95 84.62 1.56
CA TYR Y 100 -16.12 85.52 0.43
C TYR Y 100 -16.67 84.81 -0.78
N TRP Y 101 -16.04 83.71 -1.18
CA TRP Y 101 -16.48 83.03 -2.38
C TRP Y 101 -17.89 82.48 -2.25
N LEU Y 102 -18.22 81.96 -1.07
CA LEU Y 102 -19.53 81.41 -0.79
C LEU Y 102 -20.58 82.52 -0.89
N ASN Y 103 -20.26 83.71 -0.36
CA ASN Y 103 -21.13 84.88 -0.46
C ASN Y 103 -21.35 85.31 -1.88
N GLN Y 104 -20.26 85.49 -2.62
CA GLN Y 104 -20.40 85.98 -3.98
C GLN Y 104 -21.15 84.96 -4.81
N TYR Y 105 -20.92 83.66 -4.57
CA TYR Y 105 -21.60 82.62 -5.29
C TYR Y 105 -23.10 82.68 -5.07
N VAL Y 106 -23.52 82.70 -3.80
CA VAL Y 106 -24.95 82.72 -3.49
C VAL Y 106 -25.62 83.97 -3.97
N LEU Y 107 -25.00 85.11 -3.74
CA LEU Y 107 -25.62 86.34 -4.15
C LEU Y 107 -25.85 86.34 -5.64
N ASN Y 108 -24.80 86.05 -6.43
CA ASN Y 108 -24.95 86.10 -7.87
C ASN Y 108 -25.87 85.01 -8.41
N ARG Y 109 -25.81 83.80 -7.83
CA ARG Y 109 -26.64 82.69 -8.24
C ARG Y 109 -28.13 82.95 -8.04
N GLU Y 110 -28.47 83.39 -6.82
CA GLU Y 110 -29.85 83.58 -6.40
C GLU Y 110 -30.48 84.88 -6.92
N ALA Y 111 -29.67 85.94 -7.10
CA ALA Y 111 -30.12 87.26 -7.53
C ALA Y 111 -30.46 87.28 -9.01
N TYR Y 112 -31.21 88.32 -9.42
CA TYR Y 112 -31.54 88.50 -10.83
C TYR Y 112 -31.87 89.93 -11.22
N ASP Y 113 -31.27 90.36 -12.30
CA ASP Y 113 -31.54 91.65 -12.91
C ASP Y 113 -31.21 91.55 -14.37
N TYR Y 114 -32.20 91.74 -15.21
CA TYR Y 114 -32.12 91.66 -16.65
C TYR Y 114 -30.85 92.36 -17.17
N ASN Y 115 -30.53 93.49 -16.55
CA ASN Y 115 -29.44 94.36 -16.92
C ASN Y 115 -28.02 93.87 -16.55
N THR Y 116 -27.89 93.02 -15.51
CA THR Y 116 -26.56 92.59 -15.05
C THR Y 116 -26.39 91.06 -15.05
N ILE Y 117 -27.50 90.32 -15.21
CA ILE Y 117 -27.51 88.87 -15.14
C ILE Y 117 -26.51 88.20 -16.05
N GLN Y 118 -26.18 88.74 -17.21
CA GLN Y 118 -25.22 88.01 -18.00
C GLN Y 118 -23.90 87.79 -17.23
N MET Y 119 -23.48 88.78 -16.42
CA MET Y 119 -22.24 88.62 -15.70
C MET Y 119 -22.43 87.68 -14.53
N ASN Y 120 -23.58 87.79 -13.86
CA ASN Y 120 -23.81 86.94 -12.69
C ASN Y 120 -23.95 85.49 -13.11
N TYR Y 121 -24.56 85.28 -14.27
CA TYR Y 121 -24.83 83.99 -14.88
C TYR Y 121 -23.51 83.30 -15.22
N ASP Y 122 -22.65 84.01 -15.97
CA ASP Y 122 -21.34 83.47 -16.34
C ASP Y 122 -20.46 83.28 -15.11
N THR Y 123 -20.54 84.19 -14.15
CA THR Y 123 -19.75 84.09 -12.93
C THR Y 123 -20.20 82.85 -12.16
N THR Y 124 -21.49 82.65 -12.03
CA THR Y 124 -21.97 81.50 -11.30
C THR Y 124 -21.40 80.26 -11.97
N ALA Y 125 -21.51 80.17 -13.31
CA ALA Y 125 -20.98 78.99 -13.99
C ALA Y 125 -19.47 78.83 -13.75
N LEU Y 126 -18.74 79.94 -13.77
CA LEU Y 126 -17.31 79.95 -13.52
C LEU Y 126 -16.91 79.43 -12.13
N LEU Y 127 -17.83 79.55 -11.17
CA LEU Y 127 -17.62 79.14 -9.80
C LEU Y 127 -18.40 77.85 -9.51
N SER Y 128 -18.77 77.10 -10.56
CA SER Y 128 -19.55 75.87 -10.41
C SER Y 128 -18.97 74.65 -11.17
N ALA Y 129 -19.04 73.49 -10.54
CA ALA Y 129 -18.70 72.21 -11.17
C ALA Y 129 -19.73 72.00 -12.28
N PRO Y 130 -19.41 71.36 -13.42
CA PRO Y 130 -20.36 71.11 -14.50
C PRO Y 130 -21.73 70.61 -14.03
N ALA Y 131 -21.77 69.72 -13.03
CA ALA Y 131 -23.05 69.24 -12.52
C ALA Y 131 -23.92 70.40 -11.99
N VAL Y 132 -23.24 71.30 -11.28
CA VAL Y 132 -23.83 72.45 -10.63
C VAL Y 132 -24.19 73.47 -11.70
N GLN Y 133 -23.30 73.64 -12.68
CA GLN Y 133 -23.54 74.60 -13.76
C GLN Y 133 -24.82 74.24 -14.48
N GLN Y 134 -25.02 72.93 -14.75
CA GLN Y 134 -26.22 72.48 -15.43
C GLN Y 134 -27.46 72.75 -14.60
N ASP Y 135 -27.40 72.49 -13.29
CA ASP Y 135 -28.55 72.75 -12.44
C ASP Y 135 -28.95 74.22 -12.55
N TYR Y 136 -27.93 75.08 -12.50
CA TYR Y 136 -28.11 76.52 -12.62
C TYR Y 136 -28.66 76.94 -13.99
N TYR Y 137 -28.09 76.43 -15.07
CA TYR Y 137 -28.50 76.80 -16.43
C TYR Y 137 -29.97 76.50 -16.63
N LYS Y 138 -30.41 75.37 -16.11
CA LYS Y 138 -31.80 74.90 -16.22
C LYS Y 138 -32.82 75.85 -15.61
N LEU Y 139 -32.39 76.76 -14.72
CA LEU Y 139 -33.31 77.68 -14.06
C LEU Y 139 -33.76 78.76 -15.03
N PHE Y 140 -33.08 78.84 -16.17
CA PHE Y 140 -33.36 79.83 -17.17
C PHE Y 140 -34.01 79.15 -18.38
N ALA Y 145 -38.87 79.77 -16.93
CA ALA Y 145 -37.52 80.29 -16.89
C ALA Y 145 -37.47 81.60 -16.15
N ARG Y 146 -36.39 81.84 -15.40
CA ARG Y 146 -36.25 83.12 -14.70
C ARG Y 146 -36.31 84.27 -15.71
N ASP Y 147 -35.75 84.04 -16.90
CA ASP Y 147 -35.73 84.97 -18.03
C ASP Y 147 -37.14 85.34 -18.55
N ARG Y 148 -38.14 84.51 -18.27
CA ARG Y 148 -39.52 84.76 -18.71
C ARG Y 148 -40.41 85.20 -17.56
N VAL Y 149 -40.16 84.65 -16.37
CA VAL Y 149 -40.93 84.94 -15.16
C VAL Y 149 -40.61 86.33 -14.62
N LEU Y 150 -39.32 86.62 -14.51
CA LEU Y 150 -38.87 87.91 -14.05
C LEU Y 150 -38.64 88.78 -15.27
N GLY Y 151 -37.92 88.23 -16.26
CA GLY Y 151 -37.71 88.96 -17.52
C GLY Y 151 -37.20 90.36 -17.19
N ASN Y 152 -37.89 91.37 -17.74
CA ASN Y 152 -37.54 92.75 -17.47
C ASN Y 152 -38.74 93.45 -16.81
N LYS Y 153 -39.52 92.66 -16.07
CA LYS Y 153 -40.70 93.14 -15.35
C LYS Y 153 -40.46 93.13 -13.84
N ALA Y 154 -39.65 92.16 -13.38
CA ALA Y 154 -39.35 92.02 -11.97
C ALA Y 154 -37.89 91.63 -11.77
N ARG Y 155 -37.37 91.96 -10.60
CA ARG Y 155 -35.97 91.70 -10.24
C ARG Y 155 -35.81 91.13 -8.83
N ILE Y 156 -34.73 90.38 -8.64
CA ILE Y 156 -34.43 89.80 -7.33
C ILE Y 156 -33.14 90.35 -6.70
N THR Y 157 -33.30 90.83 -5.46
CA THR Y 157 -32.19 91.36 -4.68
C THR Y 157 -31.80 90.36 -3.60
N VAL Y 158 -30.52 90.02 -3.54
CA VAL Y 158 -30.00 89.05 -2.57
C VAL Y 158 -28.85 89.61 -1.77
N ARG Y 159 -28.89 89.34 -0.46
CA ARG Y 159 -27.85 89.77 0.48
C ARG Y 159 -27.57 88.66 1.47
N VAL Y 160 -26.29 88.43 1.76
CA VAL Y 160 -25.88 87.41 2.73
C VAL Y 160 -25.63 88.02 4.10
N ARG Y 161 -26.22 87.40 5.12
CA ARG Y 161 -26.10 87.87 6.50
C ARG Y 161 -24.90 87.28 7.21
N SER Y 162 -24.69 85.98 7.02
CA SER Y 162 -23.59 85.28 7.69
C SER Y 162 -23.21 83.95 7.07
N ILE Y 163 -21.90 83.67 6.98
CA ILE Y 163 -21.43 82.38 6.50
C ILE Y 163 -20.50 81.74 7.50
N GLN Y 164 -20.78 80.49 7.84
CA GLN Y 164 -19.93 79.74 8.75
C GLN Y 164 -19.56 78.37 8.19
N PRO Y 165 -18.27 78.13 7.83
CA PRO Y 165 -17.72 76.86 7.37
C PRO Y 165 -17.92 75.79 8.43
N ASN Y 166 -18.19 74.57 7.99
CA ASN Y 166 -18.44 73.48 8.92
C ASN Y 166 -17.85 72.18 8.41
N GLY Y 167 -16.51 72.10 8.41
CA GLY Y 167 -15.84 70.94 7.85
C GLY Y 167 -14.99 71.32 6.65
N ARG Y 168 -14.61 70.32 5.86
CA ARG Y 168 -13.90 69.72 4.74
C ARG Y 168 -14.64 69.98 3.44
N GLY Y 169 -14.53 71.22 2.92
CA GLY Y 169 -15.26 71.59 1.70
C GLY Y 169 -16.75 71.85 1.91
N GLN Y 170 -17.15 72.29 3.09
CA GLN Y 170 -18.57 72.53 3.31
C GLN Y 170 -18.85 73.71 4.22
N ALA Y 171 -19.85 74.51 3.85
CA ALA Y 171 -20.24 75.67 4.64
C ALA Y 171 -21.73 76.00 4.57
N THR Y 172 -22.20 76.69 5.61
CA THR Y 172 -23.59 77.13 5.69
C THR Y 172 -23.73 78.64 5.46
N VAL Y 173 -24.59 79.01 4.50
CA VAL Y 173 -24.81 80.42 4.17
C VAL Y 173 -26.22 80.88 4.54
N ARG Y 174 -26.31 81.86 5.42
CA ARG Y 174 -27.60 82.40 5.84
C ARG Y 174 -27.82 83.72 5.11
N PHE Y 175 -28.90 83.80 4.36
CA PHE Y 175 -29.13 84.97 3.52
C PHE Y 175 -30.60 85.30 3.33
N THR Y 176 -30.87 86.48 2.76
CA THR Y 176 -32.23 86.87 2.45
C THR Y 176 -32.38 87.24 0.99
N THR Y 177 -33.64 87.27 0.57
CA THR Y 177 -34.00 87.62 -0.79
C THR Y 177 -35.34 88.33 -0.91
N GLN Y 178 -35.44 89.25 -1.86
CA GLN Y 178 -36.69 89.97 -2.08
C GLN Y 178 -36.94 90.33 -3.54
N GLN Y 179 -38.23 90.44 -3.90
CA GLN Y 179 -38.59 90.80 -5.27
C GLN Y 179 -39.17 92.20 -5.43
N HIS Y 180 -38.59 92.91 -6.38
CA HIS Y 180 -38.93 94.29 -6.75
C HIS Y 180 -39.51 94.30 -8.16
N ASN Y 181 -40.33 95.30 -8.50
CA ASN Y 181 -40.80 95.31 -9.90
C ASN Y 181 -41.02 96.67 -10.54
N SER Y 182 -41.43 96.63 -11.81
CA SER Y 182 -41.66 97.77 -12.69
C SER Y 182 -42.80 98.69 -12.27
N ASN Y 183 -43.64 98.25 -11.33
CA ASN Y 183 -44.74 99.07 -10.88
C ASN Y 183 -44.33 99.80 -9.61
N GLY Y 184 -43.06 99.62 -9.22
CA GLY Y 184 -42.52 100.24 -8.04
C GLY Y 184 -42.89 99.52 -6.74
N THR Y 185 -43.33 98.26 -6.80
CA THR Y 185 -43.69 97.62 -5.56
C THR Y 185 -42.59 96.68 -5.12
N VAL Y 186 -42.65 96.25 -3.86
CA VAL Y 186 -41.70 95.31 -3.29
C VAL Y 186 -42.44 94.23 -2.51
N GLU Y 187 -42.10 92.97 -2.77
CA GLU Y 187 -42.68 91.82 -2.07
C GLU Y 187 -41.99 91.66 -0.73
N ALA Y 188 -42.68 91.05 0.24
CA ALA Y 188 -42.06 90.81 1.54
C ALA Y 188 -40.80 89.97 1.34
N PRO Y 189 -39.69 90.27 2.05
CA PRO Y 189 -38.45 89.54 1.98
C PRO Y 189 -38.61 88.17 2.56
N GLN Y 190 -37.88 87.23 1.99
CA GLN Y 190 -37.85 85.87 2.46
C GLN Y 190 -36.48 85.56 3.03
N HIS Y 191 -36.43 84.56 3.90
CA HIS Y 191 -35.17 84.12 4.48
C HIS Y 191 -34.88 82.72 3.99
N GLN Y 192 -33.63 82.47 3.60
CA GLN Y 192 -33.18 81.18 3.05
C GLN Y 192 -31.80 80.76 3.58
N ILE Y 193 -31.55 79.44 3.59
CA ILE Y 193 -30.23 78.97 3.98
C ILE Y 193 -29.66 78.01 2.94
N ALA Y 194 -28.45 78.32 2.47
CA ALA Y 194 -27.81 77.48 1.48
C ALA Y 194 -26.74 76.60 2.11
N THR Y 195 -26.64 75.40 1.60
CA THR Y 195 -25.57 74.49 1.99
C THR Y 195 -24.70 74.32 0.77
N ILE Y 196 -23.43 74.64 0.93
CA ILE Y 196 -22.56 74.56 -0.20
C ILE Y 196 -21.41 73.61 -0.03
N GLY Y 197 -21.30 72.67 -0.97
CA GLY Y 197 -20.17 71.75 -1.00
C GLY Y 197 -19.20 72.39 -1.97
N TYR Y 198 -17.91 72.44 -1.65
CA TYR Y 198 -17.00 73.10 -2.55
C TYR Y 198 -15.54 72.69 -2.49
N THR Y 199 -14.84 73.08 -3.52
CA THR Y 199 -13.41 72.90 -3.62
C THR Y 199 -12.83 74.04 -4.41
N TYR Y 200 -11.56 73.92 -4.75
CA TYR Y 200 -10.88 74.88 -5.60
C TYR Y 200 -10.13 74.09 -6.66
N PHE Y 217 -12.37 78.91 -7.26
CA PHE Y 217 -13.48 78.43 -6.43
C PHE Y 217 -14.46 77.63 -7.25
N GLN Y 218 -14.90 76.50 -6.72
CA GLN Y 218 -15.87 75.71 -7.44
C GLN Y 218 -16.87 75.00 -6.53
N VAL Y 219 -18.14 75.21 -6.79
CA VAL Y 219 -19.20 74.54 -6.06
C VAL Y 219 -19.40 73.15 -6.65
N THR Y 220 -19.42 72.14 -5.80
CA THR Y 220 -19.58 70.78 -6.28
C THR Y 220 -20.95 70.22 -5.93
N SER Y 221 -21.62 70.89 -5.00
CA SER Y 221 -22.96 70.53 -4.55
C SER Y 221 -23.65 71.77 -4.03
N TYR Y 222 -24.94 71.92 -4.33
CA TYR Y 222 -25.65 73.10 -3.85
C TYR Y 222 -27.12 72.87 -3.60
N ARG Y 223 -27.59 73.31 -2.43
CA ARG Y 223 -29.03 73.14 -2.06
C ARG Y 223 -29.44 74.26 -1.11
N ALA Y 224 -30.32 75.16 -1.55
CA ALA Y 224 -30.80 76.26 -0.67
C ALA Y 224 -32.27 76.01 -0.35
N ASP Y 225 -32.63 76.01 0.93
CA ASP Y 225 -34.03 75.72 1.34
C ASP Y 225 -34.64 76.94 2.01
N PRO Y 226 -35.82 77.44 1.53
CA PRO Y 226 -36.49 78.55 2.21
C PRO Y 226 -37.23 78.06 3.46
N GLU Y 227 -37.53 78.95 4.40
CA GLU Y 227 -38.31 78.57 5.62
C GLU Y 227 -39.71 78.12 5.20
N ILE Y 228 -40.44 77.43 6.10
CA ILE Y 228 -41.76 76.86 5.68
C ILE Y 228 -42.83 77.88 6.06
N LEU Y 229 -43.86 78.04 5.21
CA LEU Y 229 -44.88 79.09 5.49
C LEU Y 229 -44.17 80.45 5.48
N ASN Y 230 -44.32 81.21 6.58
CA ASN Y 230 -43.66 82.54 6.67
C ASN Y 230 -42.14 82.37 6.60
N ASN Y 231 -41.60 81.34 7.27
CA ASN Y 231 -40.14 81.07 7.20
C ASN Y 231 -39.58 80.88 8.62
N GLN Z 21 -8.25 -17.91 52.68
CA GLN Z 21 -9.09 -17.20 51.74
C GLN Z 21 -8.23 -16.39 50.77
N GLU Z 22 -6.93 -16.43 50.98
CA GLU Z 22 -5.95 -15.69 50.19
C GLU Z 22 -5.30 -16.63 49.18
N ARG Z 23 -4.72 -16.05 48.14
CA ARG Z 23 -3.98 -16.84 47.16
C ARG Z 23 -2.97 -17.73 47.86
N ILE Z 24 -2.84 -18.97 47.36
CA ILE Z 24 -2.14 -19.99 48.12
C ILE Z 24 -0.64 -19.85 47.88
N GLU Z 25 0.12 -19.89 48.97
CA GLU Z 25 1.49 -19.42 48.97
C GLU Z 25 2.37 -20.27 48.07
N GLY Z 26 3.30 -19.61 47.39
CA GLY Z 26 4.29 -20.30 46.58
C GLY Z 26 3.75 -21.12 45.44
N GLU Z 27 2.70 -20.64 44.79
CA GLU Z 27 2.16 -21.30 43.60
C GLU Z 27 2.32 -20.39 42.40
N TYR Z 28 2.01 -20.92 41.22
CA TYR Z 28 2.01 -20.14 39.99
C TYR Z 28 0.68 -19.41 39.89
N GLY Z 29 0.71 -18.09 40.02
CA GLY Z 29 -0.51 -17.33 39.95
C GLY Z 29 -0.79 -16.88 38.54
N ALA Z 30 -1.27 -15.64 38.38
CA ALA Z 30 -1.38 -15.06 37.05
C ALA Z 30 0.00 -14.88 36.45
N SER Z 31 0.04 -14.53 35.18
CA SER Z 31 1.33 -14.40 34.51
C SER Z 31 2.10 -13.20 35.03
N GLU Z 32 3.42 -13.28 34.92
CA GLU Z 32 4.28 -12.12 35.08
C GLU Z 32 4.37 -11.30 33.81
N LEU Z 33 3.62 -11.67 32.78
CA LEU Z 33 3.74 -11.00 31.49
C LEU Z 33 2.83 -9.78 31.42
N ALA Z 34 1.77 -9.74 32.23
CA ALA Z 34 0.89 -8.58 32.23
C ALA Z 34 1.59 -7.32 32.71
N SER Z 35 2.76 -7.45 33.34
CA SER Z 35 3.50 -6.28 33.79
C SER Z 35 4.07 -5.50 32.62
N GLU Z 36 4.13 -6.12 31.44
CA GLU Z 36 4.74 -5.48 30.28
C GLU Z 36 3.98 -4.23 29.88
N ARG Z 37 4.72 -3.23 29.41
CA ARG Z 37 4.15 -1.98 28.93
C ARG Z 37 4.81 -1.59 27.62
N ARG Z 38 4.05 -0.91 26.77
CA ARG Z 38 4.58 -0.45 25.50
C ARG Z 38 5.32 0.87 25.69
N PRO Z 39 6.62 0.92 25.45
CA PRO Z 39 7.37 2.17 25.64
C PRO Z 39 6.98 3.22 24.61
N HIS Z 40 7.00 4.47 25.04
CA HIS Z 40 6.71 5.61 24.19
C HIS Z 40 7.99 6.31 23.80
N THR Z 41 8.16 6.59 22.51
CA THR Z 41 9.31 7.37 22.09
C THR Z 41 9.17 8.79 22.67
N PRO Z 42 10.14 9.25 23.46
CA PRO Z 42 9.91 10.44 24.28
C PRO Z 42 9.99 11.74 23.48
N GLY Z 43 9.39 11.73 22.30
CA GLY Z 43 9.15 12.96 21.58
C GLY Z 43 7.77 12.98 20.98
N ALA Z 44 7.11 11.82 20.95
CA ALA Z 44 5.82 11.71 20.27
C ALA Z 44 4.76 12.55 20.96
N ARG Z 45 4.72 12.52 22.29
CA ARG Z 45 3.65 13.18 23.02
C ARG Z 45 3.69 14.70 22.81
N THR Z 46 4.83 15.32 23.05
CA THR Z 46 4.90 16.78 23.05
C THR Z 46 4.59 17.34 21.67
N LEU Z 47 5.29 16.85 20.64
CA LEU Z 47 5.07 17.37 19.30
C LEU Z 47 3.71 16.95 18.75
N LEU Z 48 3.20 15.78 19.14
CA LEU Z 48 1.84 15.44 18.74
C LEU Z 48 0.85 16.44 19.32
N MET Z 49 1.02 16.81 20.59
CA MET Z 49 0.11 17.79 21.18
C MET Z 49 0.20 19.12 20.46
N VAL Z 50 1.42 19.58 20.15
CA VAL Z 50 1.52 20.89 19.49
C VAL Z 50 0.95 20.84 18.08
N LEU Z 51 1.17 19.73 17.38
CA LEU Z 51 0.60 19.57 16.04
C LEU Z 51 -0.92 19.62 16.09
N LEU Z 52 -1.53 18.93 17.05
CA LEU Z 52 -2.99 19.03 17.18
C LEU Z 52 -3.44 20.42 17.57
N CYS Z 53 -2.65 21.15 18.37
CA CYS Z 53 -3.03 22.52 18.67
C CYS Z 53 -3.15 23.35 17.41
N VAL Z 54 -2.15 23.29 16.53
CA VAL Z 54 -2.18 24.12 15.32
C VAL Z 54 -3.26 23.65 14.35
N ILE Z 55 -3.36 22.34 14.12
CA ILE Z 55 -4.40 21.86 13.23
C ILE Z 55 -5.78 22.22 13.76
N ALA Z 56 -5.95 22.19 15.09
CA ALA Z 56 -7.25 22.55 15.64
C ALA Z 56 -7.54 24.03 15.45
N VAL Z 57 -6.55 24.90 15.60
CA VAL Z 57 -6.89 26.31 15.38
C VAL Z 57 -7.26 26.52 13.92
N VAL Z 58 -6.60 25.83 13.00
CA VAL Z 58 -6.98 25.93 11.58
C VAL Z 58 -8.42 25.47 11.40
N LEU Z 59 -8.76 24.32 11.98
CA LEU Z 59 -10.08 23.74 11.75
C LEU Z 59 -11.18 24.60 12.37
N VAL Z 60 -10.93 25.17 13.55
CA VAL Z 60 -11.93 26.04 14.16
C VAL Z 60 -12.13 27.29 13.32
N THR Z 61 -11.05 27.92 12.82
CA THR Z 61 -11.28 29.05 11.92
C THR Z 61 -12.07 28.62 10.69
N LEU Z 62 -11.83 27.40 10.24
CA LEU Z 62 -12.52 26.90 9.05
C LEU Z 62 -14.01 26.73 9.31
N SER Z 63 -14.40 26.20 10.48
CA SER Z 63 -15.82 26.07 10.77
C SER Z 63 -16.45 27.40 11.14
N TYR Z 64 -15.66 28.35 11.63
CA TYR Z 64 -16.11 29.73 11.77
C TYR Z 64 -16.57 30.29 10.44
N LYS Z 65 -15.78 30.10 9.38
CA LYS Z 65 -16.29 30.47 8.06
C LYS Z 65 -17.42 29.57 7.61
N ALA Z 66 -17.41 28.29 7.98
CA ALA Z 66 -18.49 27.39 7.56
C ALA Z 66 -19.84 27.90 8.04
N TYR Z 67 -19.96 28.16 9.33
CA TYR Z 67 -21.22 28.70 9.84
C TYR Z 67 -21.47 30.09 9.30
N LYS Z 68 -20.44 30.94 9.21
CA LYS Z 68 -20.68 32.29 8.75
C LYS Z 68 -21.22 32.31 7.32
N VAL Z 69 -20.93 31.28 6.54
CA VAL Z 69 -21.44 31.18 5.17
C VAL Z 69 -22.76 30.44 5.14
N GLN Z 86 -42.55 37.10 -3.48
CA GLN Z 86 -44.01 37.09 -3.19
C GLN Z 86 -44.62 38.48 -3.37
N VAL Z 87 -45.23 38.75 -4.54
CA VAL Z 87 -45.83 40.09 -4.84
C VAL Z 87 -47.15 39.89 -5.60
N ILE Z 88 -48.06 40.87 -5.54
CA ILE Z 88 -49.39 40.77 -6.22
C ILE Z 88 -49.28 40.95 -7.74
N PRO Z 89 -50.37 40.69 -8.49
CA PRO Z 89 -50.38 40.88 -9.94
C PRO Z 89 -50.54 42.29 -10.50
N GLY Z 90 -50.43 42.42 -11.82
CA GLY Z 90 -50.68 43.72 -12.48
C GLY Z 90 -51.78 43.55 -13.49
N TYR Z 91 -52.80 44.41 -13.47
CA TYR Z 91 -53.96 44.26 -14.37
C TYR Z 91 -54.65 45.61 -14.53
N THR Z 92 -55.65 45.67 -15.40
CA THR Z 92 -56.35 46.96 -15.64
C THR Z 92 -57.03 47.43 -14.36
N PRO Z 93 -57.17 48.77 -14.16
CA PRO Z 93 -57.79 49.33 -12.94
C PRO Z 93 -59.07 48.66 -12.42
N ARG Z 94 -59.23 48.61 -11.09
CA ARG Z 94 -60.43 47.98 -10.47
C ARG Z 94 -61.65 48.87 -10.64
N PRO Z 95 -61.56 50.20 -10.51
CA PRO Z 95 -62.75 51.01 -10.73
C PRO Z 95 -62.66 51.68 -12.10
N ILE Z 96 -63.76 51.66 -12.83
CA ILE Z 96 -63.80 52.36 -14.15
C ILE Z 96 -65.04 53.26 -14.11
N ARG Z 97 -65.11 54.28 -14.97
CA ARG Z 97 -66.21 55.27 -14.89
C ARG Z 97 -67.58 54.64 -15.14
N PRO Z 98 -68.59 54.93 -14.28
CA PRO Z 98 -69.94 54.47 -14.55
C PRO Z 98 -70.69 55.54 -15.35
N GLN AA 5 45.26 58.23 65.20
CA GLN AA 5 46.13 57.13 65.58
C GLN AA 5 47.01 57.52 66.76
N PRO AA 6 46.45 57.49 67.97
CA PRO AA 6 47.19 57.92 69.15
C PRO AA 6 47.91 56.76 69.83
N LYS AA 7 48.63 57.12 70.90
CA LYS AA 7 49.41 56.21 71.72
C LYS AA 7 48.51 55.20 72.42
N PRO AA 8 49.08 54.19 73.10
CA PRO AA 8 48.25 53.23 73.84
C PRO AA 8 47.31 53.89 74.83
N VAL AA 9 46.35 53.09 75.31
CA VAL AA 9 45.33 53.54 76.25
C VAL AA 9 45.93 53.58 77.65
N LYS AA 10 45.27 54.26 78.56
CA LYS AA 10 45.70 54.29 79.96
C LYS AA 10 45.47 52.91 80.59
N ALA AA 11 46.55 52.25 81.00
CA ALA AA 11 46.45 50.91 81.56
C ALA AA 11 45.96 50.88 82.99
N GLU AA 12 45.99 52.02 83.69
CA GLU AA 12 45.53 52.05 85.07
C GLU AA 12 44.07 51.66 85.20
N GLN AA 13 43.28 51.85 84.14
CA GLN AA 13 41.85 51.51 84.15
C GLN AA 13 41.56 50.64 82.92
N LEU AA 14 41.76 49.33 83.07
CA LEU AA 14 41.23 48.41 82.08
C LEU AA 14 39.72 48.39 82.12
N LYS AA 15 39.15 48.22 83.32
CA LYS AA 15 37.71 48.05 83.45
C LYS AA 15 36.94 49.24 82.90
N SER AA 16 37.42 50.46 83.19
CA SER AA 16 36.72 51.65 82.73
C SER AA 16 36.66 51.71 81.22
N TYR AA 17 37.78 51.38 80.55
CA TYR AA 17 37.83 51.53 79.10
C TYR AA 17 36.77 50.69 78.41
N TYR AA 18 36.85 49.37 78.54
CA TYR AA 18 35.86 48.55 77.85
C TYR AA 18 34.50 48.54 78.53
N GLU AA 19 34.37 49.01 79.78
CA GLU AA 19 33.04 49.28 80.31
C GLU AA 19 32.36 50.40 79.53
N GLU AA 20 33.03 51.53 79.39
CA GLU AA 20 32.46 52.60 78.59
C GLU AA 20 32.35 52.19 77.13
N SER AA 21 33.19 51.26 76.69
CA SER AA 21 33.10 50.82 75.30
C SER AA 21 31.82 50.03 75.05
N ARG AA 22 31.48 49.10 75.94
CA ARG AA 22 30.21 48.39 75.78
C ARG AA 22 29.04 49.35 75.93
N GLY AA 23 29.15 50.31 76.87
CA GLY AA 23 28.10 51.31 76.98
C GLY AA 23 27.89 52.10 75.70
N LEU AA 24 29.00 52.54 75.10
CA LEU AA 24 28.93 53.29 73.86
C LEU AA 24 28.36 52.45 72.74
N GLU AA 25 28.73 51.18 72.67
CA GLU AA 25 28.20 50.34 71.59
C GLU AA 25 26.69 50.19 71.71
N ARG AA 26 26.20 49.92 72.93
CA ARG AA 26 24.76 49.79 73.11
C ARG AA 26 24.05 51.10 72.81
N ASP AA 27 24.59 52.23 73.28
CA ASP AA 27 23.96 53.53 73.04
C ASP AA 27 23.95 53.88 71.56
N LEU AA 28 25.05 53.58 70.85
CA LEU AA 28 25.10 53.84 69.41
C LEU AA 28 24.05 53.02 68.67
N ILE AA 29 23.94 51.73 68.98
CA ILE AA 29 22.94 50.91 68.30
C ILE AA 29 21.54 51.44 68.58
N GLY AA 30 21.25 51.77 69.84
CA GLY AA 30 19.94 52.32 70.17
C GLY AA 30 19.66 53.62 69.46
N GLU AA 31 20.65 54.51 69.39
CA GLU AA 31 20.40 55.78 68.73
C GLU AA 31 20.25 55.61 67.24
N PHE AA 32 20.90 54.62 66.66
CA PHE AA 32 20.77 54.44 65.22
C PHE AA 32 19.40 53.85 64.87
N VAL AA 33 18.91 52.92 65.69
CA VAL AA 33 17.56 52.40 65.42
C VAL AA 33 16.51 53.48 65.67
N LYS AA 34 16.72 54.33 66.69
CA LYS AA 34 15.78 55.42 66.92
C LYS AA 34 15.82 56.43 65.77
N SER AA 35 16.99 56.68 65.22
CA SER AA 35 17.08 57.56 64.06
C SER AA 35 16.35 56.98 62.87
N ARG AA 36 16.45 55.66 62.65
CA ARG AA 36 15.66 55.04 61.58
C ARG AA 36 14.17 55.21 61.82
N LYS AA 37 13.72 55.04 63.07
CA LYS AA 37 12.31 55.24 63.38
C LYS AA 37 11.88 56.65 63.01
N THR AA 38 12.65 57.67 63.44
CA THR AA 38 12.29 59.04 63.09
C THR AA 38 12.37 59.27 61.59
N ALA AA 39 13.24 58.55 60.89
CA ALA AA 39 13.33 58.71 59.45
C ALA AA 39 12.04 58.28 58.77
N TRP AA 40 11.53 57.09 59.08
CA TRP AA 40 10.23 56.71 58.52
C TRP AA 40 9.10 57.60 59.02
N ARG AA 41 9.18 58.10 60.25
CA ARG AA 41 8.12 58.99 60.72
C ARG AA 41 8.09 60.27 59.90
N VAL AA 42 9.26 60.85 59.63
CA VAL AA 42 9.33 62.04 58.80
C VAL AA 42 8.92 61.73 57.37
N ALA AA 43 9.24 60.54 56.87
CA ALA AA 43 8.78 60.17 55.53
C ALA AA 43 7.27 60.14 55.45
N THR AA 44 6.62 59.57 56.47
CA THR AA 44 5.16 59.56 56.48
C THR AA 44 4.59 60.98 56.55
N ALA AA 45 5.16 61.83 57.40
CA ALA AA 45 4.65 63.20 57.49
C ALA AA 45 4.86 63.96 56.18
N SER AA 46 5.98 63.74 55.52
CA SER AA 46 6.24 64.38 54.24
C SER AA 46 5.26 63.89 53.18
N GLY AA 47 4.95 62.59 53.18
CA GLY AA 47 3.92 62.10 52.28
C GLY AA 47 2.58 62.74 52.55
N LEU AA 48 2.22 62.92 53.82
CA LEU AA 48 0.92 63.48 54.15
C LEU AA 48 0.79 64.92 53.69
N PHE AA 49 1.79 65.77 53.98
CA PHE AA 49 1.74 67.12 53.42
C PHE AA 49 1.86 67.13 51.90
N GLY AA 50 2.62 66.21 51.32
CA GLY AA 50 2.69 66.16 49.87
C GLY AA 50 1.34 65.94 49.25
N LEU AA 51 0.58 64.97 49.77
CA LEU AA 51 -0.73 64.72 49.21
C LEU AA 51 -1.75 65.79 49.59
N LEU AA 52 -1.62 66.43 50.75
CA LEU AA 52 -2.50 67.57 51.02
C LEU AA 52 -2.26 68.68 50.00
N GLY AA 53 -0.99 68.99 49.74
CA GLY AA 53 -0.67 69.99 48.74
C GLY AA 53 -1.16 69.62 47.37
N MET AA 54 -1.00 68.36 46.97
CA MET AA 54 -1.46 67.91 45.66
C MET AA 54 -2.97 67.96 45.54
N VAL AA 55 -3.69 67.50 46.57
CA VAL AA 55 -5.15 67.51 46.51
C VAL AA 55 -5.67 68.93 46.39
N CYS AA 56 -5.16 69.84 47.22
CA CYS AA 56 -5.63 71.22 47.12
C CYS AA 56 -5.20 71.86 45.80
N GLY AA 57 -4.01 71.52 45.29
CA GLY AA 57 -3.58 72.05 44.01
C GLY AA 57 -4.48 71.62 42.87
N ILE AA 58 -4.87 70.35 42.85
CA ILE AA 58 -5.78 69.88 41.81
C ILE AA 58 -7.16 70.50 41.97
N VAL AA 59 -7.72 70.49 43.18
CA VAL AA 59 -9.06 71.02 43.37
C VAL AA 59 -9.14 72.50 43.05
N VAL AA 70 -26.88 82.27 27.66
CA VAL AA 70 -27.47 82.95 26.47
C VAL AA 70 -28.18 84.21 26.96
N LEU AA 71 -27.70 85.38 26.54
CA LEU AA 71 -28.40 86.65 26.91
C LEU AA 71 -29.46 86.89 25.85
N ARG AA 72 -30.59 86.18 25.92
CA ARG AA 72 -31.62 86.30 24.89
C ARG AA 72 -31.95 87.76 24.61
N VAL AA 73 -31.85 88.09 23.29
CA VAL AA 73 -32.15 89.46 22.90
C VAL AA 73 -33.45 89.50 22.10
N ASP AA 74 -34.41 90.29 22.62
CA ASP AA 74 -35.66 90.52 21.91
C ASP AA 74 -35.46 91.41 20.69
N ASN AA 75 -35.81 90.95 19.49
CA ASN AA 75 -35.61 91.59 18.20
C ASN AA 75 -36.50 92.83 18.03
N ALA AA 76 -37.59 92.94 18.84
CA ALA AA 76 -38.57 94.01 18.74
C ALA AA 76 -38.31 95.11 19.77
N THR AA 77 -37.79 94.71 20.91
CA THR AA 77 -37.62 95.66 22.01
C THR AA 77 -36.15 95.85 22.34
N GLY AA 78 -35.31 94.87 21.99
CA GLY AA 78 -33.87 94.95 22.32
C GLY AA 78 -33.60 94.59 23.76
N ALA AA 79 -34.62 94.08 24.48
CA ALA AA 79 -34.45 93.69 25.89
C ALA AA 79 -33.47 92.53 26.00
N VAL AA 80 -32.63 92.52 27.03
CA VAL AA 80 -31.59 91.45 27.16
C VAL AA 80 -31.94 90.50 28.31
N ASP AA 81 -32.07 89.20 28.01
CA ASP AA 81 -32.36 88.19 29.06
C ASP AA 81 -31.04 87.63 29.61
N VAL AA 82 -31.12 86.64 30.50
CA VAL AA 82 -29.88 86.10 31.15
C VAL AA 82 -29.95 84.58 31.24
N VAL AA 83 -28.90 83.94 31.76
CA VAL AA 83 -28.95 82.46 31.99
C VAL AA 83 -30.14 82.19 32.90
N THR AA 84 -30.73 81.00 32.85
CA THR AA 84 -31.97 80.73 33.63
C THR AA 84 -32.07 79.25 34.00
N THR AA 85 -33.20 78.85 34.59
CA THR AA 85 -33.45 77.43 34.97
C THR AA 85 -33.91 76.69 33.71
N LEU AA 86 -33.90 77.37 32.57
CA LEU AA 86 -34.32 76.77 31.27
C LEU AA 86 -33.40 75.59 30.93
N ARG AA 87 -32.16 75.58 31.45
CA ARG AA 87 -31.27 74.42 31.21
C ARG AA 87 -31.94 73.17 31.81
N GLU AA 88 -32.51 73.28 33.02
CA GLU AA 88 -33.21 72.14 33.68
C GLU AA 88 -34.68 72.17 33.28
N HIS AA 89 -34.99 72.71 32.09
CA HIS AA 89 -36.37 72.83 31.60
C HIS AA 89 -36.30 72.83 30.07
N GLU AA 90 -37.31 73.33 29.37
CA GLU AA 90 -37.17 73.42 27.90
C GLU AA 90 -36.43 74.73 27.59
N SER AA 91 -35.13 74.65 27.28
CA SER AA 91 -34.32 75.86 27.03
C SER AA 91 -34.83 76.59 25.78
N SER AA 92 -35.19 75.85 24.73
CA SER AA 92 -35.80 76.51 23.55
C SER AA 92 -37.14 77.12 23.98
N TYR AA 93 -37.38 78.38 23.62
CA TYR AA 93 -38.62 79.06 24.06
C TYR AA 93 -39.21 79.86 22.90
N GLY AA 94 -40.54 79.97 22.86
CA GLY AA 94 -41.19 80.78 21.80
C GLY AA 94 -41.48 79.96 20.56
N GLU AA 95 -42.75 79.90 20.14
CA GLU AA 95 -43.15 79.20 18.89
C GLU AA 95 -42.11 79.48 17.79
N VAL AA 96 -41.83 80.76 17.51
CA VAL AA 96 -40.88 81.11 16.45
C VAL AA 96 -39.57 80.34 16.56
N VAL AA 97 -39.01 80.33 17.75
CA VAL AA 97 -37.75 79.67 17.97
C VAL AA 97 -37.90 78.15 17.89
N ASP AA 98 -38.94 77.58 18.52
CA ASP AA 98 -39.07 76.14 18.49
C ASP AA 98 -39.32 75.62 17.08
N THR AA 99 -40.13 76.33 16.27
CA THR AA 99 -40.42 75.86 14.91
C THR AA 99 -39.15 75.86 14.08
N TYR AA 100 -38.26 76.84 14.28
CA TYR AA 100 -36.98 76.81 13.59
C TYR AA 100 -36.22 75.55 13.89
N TRP AA 101 -36.06 75.22 15.17
CA TRP AA 101 -35.28 74.04 15.50
C TRP AA 101 -35.89 72.76 15.00
N LEU AA 102 -37.22 72.67 15.07
CA LEU AA 102 -37.95 71.51 14.61
C LEU AA 102 -37.76 71.35 13.09
N ASN AA 103 -37.80 72.46 12.35
CA ASN AA 103 -37.54 72.48 10.91
C ASN AA 103 -36.15 72.01 10.58
N GLN AA 104 -35.15 72.63 11.22
CA GLN AA 104 -33.78 72.30 10.89
C GLN AA 104 -33.51 70.84 11.25
N TYR AA 105 -34.09 70.36 12.35
CA TYR AA 105 -33.91 68.99 12.77
C TYR AA 105 -34.45 68.03 11.72
N VAL AA 106 -35.70 68.21 11.32
CA VAL AA 106 -36.32 67.31 10.35
C VAL AA 106 -35.64 67.36 9.03
N LEU AA 107 -35.36 68.56 8.53
CA LEU AA 107 -34.73 68.66 7.24
C LEU AA 107 -33.41 67.93 7.23
N ASN AA 108 -32.53 68.22 8.20
CA ASN AA 108 -31.22 67.59 8.21
C ASN AA 108 -31.29 66.09 8.48
N ARG AA 109 -32.19 65.67 9.37
CA ARG AA 109 -32.35 64.26 9.72
C ARG AA 109 -32.80 63.42 8.54
N GLU AA 110 -33.87 63.88 7.87
CA GLU AA 110 -34.52 63.14 6.79
C GLU AA 110 -33.77 63.25 5.44
N ALA AA 111 -33.09 64.37 5.20
CA ALA AA 111 -32.38 64.64 3.94
C ALA AA 111 -31.08 63.85 3.85
N TYR AA 112 -30.56 63.74 2.62
CA TYR AA 112 -29.28 63.07 2.39
C TYR AA 112 -28.55 63.51 1.14
N ASP AA 113 -27.27 63.78 1.31
CA ASP AA 113 -26.38 64.09 0.20
C ASP AA 113 -24.99 63.72 0.64
N TYR AA 114 -24.38 62.79 -0.07
CA TYR AA 114 -23.06 62.27 0.18
C TYR AA 114 -22.07 63.37 0.52
N ASN AA 115 -22.22 64.50 -0.18
CA ASN AA 115 -21.34 65.66 -0.09
C ASN AA 115 -21.52 66.53 1.16
N THR AA 116 -22.71 66.53 1.79
CA THR AA 116 -22.95 67.42 2.94
C THR AA 116 -23.39 66.67 4.20
N ILE AA 117 -23.73 65.38 4.06
CA ILE AA 117 -24.25 64.56 5.14
C ILE AA 117 -23.40 64.55 6.38
N GLN AA 118 -22.08 64.66 6.28
CA GLN AA 118 -21.36 64.64 7.55
C GLN AA 118 -21.83 65.76 8.48
N MET AA 119 -22.16 66.94 7.94
CA MET AA 119 -22.60 68.03 8.81
C MET AA 119 -24.01 67.79 9.27
N ASN AA 120 -24.86 67.27 8.39
CA ASN AA 120 -26.26 67.07 8.76
C ASN AA 120 -26.36 65.96 9.81
N TYR AA 121 -25.50 64.95 9.67
CA TYR AA 121 -25.40 63.79 10.54
C TYR AA 121 -25.00 64.23 11.94
N ASP AA 122 -23.89 64.98 12.04
CA ASP AA 122 -23.42 65.47 13.32
C ASP AA 122 -24.40 66.47 13.93
N THR AA 123 -25.01 67.31 13.10
CA THR AA 123 -25.99 68.28 13.57
C THR AA 123 -27.20 67.53 14.15
N THR AA 124 -27.68 66.53 13.44
CA THR AA 124 -28.82 65.80 13.95
C THR AA 124 -28.46 65.24 15.31
N ALA AA 125 -27.29 64.60 15.43
CA ALA AA 125 -26.90 64.05 16.72
C ALA AA 125 -26.83 65.14 17.80
N LEU AA 126 -26.29 66.31 17.45
CA LEU AA 126 -26.19 67.45 18.34
C LEU AA 126 -27.52 67.95 18.85
N LEU AA 127 -28.59 67.72 18.08
CA LEU AA 127 -29.92 68.16 18.40
C LEU AA 127 -30.78 66.96 18.84
N SER AA 128 -30.15 65.86 19.26
CA SER AA 128 -30.85 64.65 19.68
C SER AA 128 -30.40 64.08 21.04
N ALA AA 129 -31.36 63.59 21.82
CA ALA AA 129 -31.10 62.87 23.06
C ALA AA 129 -30.39 61.59 22.66
N PRO AA 130 -29.47 61.01 23.45
CA PRO AA 130 -28.77 59.77 23.13
C PRO AA 130 -29.67 58.66 22.57
N ALA AA 131 -30.89 58.50 23.13
CA ALA AA 131 -31.81 57.50 22.60
C ALA AA 131 -32.14 57.74 21.13
N VAL AA 132 -32.35 59.02 20.81
CA VAL AA 132 -32.72 59.50 19.50
C VAL AA 132 -31.51 59.42 18.60
N GLN AA 133 -30.33 59.79 19.14
CA GLN AA 133 -29.10 59.75 18.36
C GLN AA 133 -28.85 58.35 17.86
N GLN AA 134 -29.06 57.35 18.74
CA GLN AA 134 -28.85 55.97 18.37
C GLN AA 134 -29.82 55.53 17.29
N ASP AA 135 -31.10 55.92 17.40
CA ASP AA 135 -32.06 55.56 16.38
C ASP AA 135 -31.59 56.09 15.02
N TYR AA 136 -31.13 57.34 15.03
CA TYR AA 136 -30.60 57.98 13.84
C TYR AA 136 -29.35 57.30 13.29
N TYR AA 137 -28.37 57.02 14.15
CA TYR AA 137 -27.10 56.43 13.73
C TYR AA 137 -27.35 55.10 13.01
N LYS AA 138 -28.29 54.32 13.54
CA LYS AA 138 -28.66 53.01 13.01
C LYS AA 138 -29.17 53.06 11.56
N LEU AA 139 -29.59 54.22 11.08
CA LEU AA 139 -30.13 54.34 9.73
C LEU AA 139 -29.00 54.27 8.71
N PHE AA 140 -27.77 54.37 9.19
CA PHE AA 140 -26.59 54.35 8.36
C PHE AA 140 -25.86 53.04 8.57
N ASP AA 141 -26.49 52.07 9.25
CA ASP AA 141 -25.85 50.79 9.51
C ASP AA 141 -26.42 49.64 8.65
N GLY AA 142 -25.64 48.60 8.51
CA GLY AA 142 -26.03 47.38 7.81
C GLY AA 142 -26.07 47.52 6.30
N SER AA 143 -26.52 46.46 5.62
CA SER AA 143 -26.57 46.42 4.16
C SER AA 143 -27.60 47.38 3.55
N ASN AA 144 -28.55 47.82 4.36
CA ASN AA 144 -29.62 48.72 3.94
C ASN AA 144 -29.37 50.15 4.41
N ALA AA 145 -28.13 50.41 4.81
CA ALA AA 145 -27.69 51.71 5.28
C ALA AA 145 -27.93 52.78 4.26
N ARG AA 146 -28.30 53.98 4.71
CA ARG AA 146 -28.51 55.09 3.77
C ARG AA 146 -27.23 55.33 2.94
N ASP AA 147 -26.08 55.15 3.60
CA ASP AA 147 -24.74 55.26 3.01
C ASP AA 147 -24.48 54.26 1.87
N ARG AA 148 -25.23 53.16 1.83
CA ARG AA 148 -25.07 52.14 0.79
C ARG AA 148 -26.20 52.18 -0.23
N VAL AA 149 -27.40 52.51 0.23
CA VAL AA 149 -28.61 52.57 -0.60
C VAL AA 149 -28.59 53.81 -1.49
N LEU AA 150 -28.30 54.95 -0.89
CA LEU AA 150 -28.22 56.20 -1.62
C LEU AA 150 -26.76 56.39 -2.01
N GLY AA 151 -25.86 56.22 -1.04
CA GLY AA 151 -24.43 56.33 -1.33
C GLY AA 151 -24.17 57.61 -2.08
N ASN AA 152 -23.50 57.49 -3.23
CA ASN AA 152 -23.22 58.65 -4.09
C ASN AA 152 -23.90 58.43 -5.45
N LYS AA 153 -25.01 57.70 -5.43
CA LYS AA 153 -25.80 57.39 -6.62
C LYS AA 153 -27.13 58.12 -6.60
N ALA AA 154 -27.67 58.34 -5.39
CA ALA AA 154 -28.96 59.00 -5.22
C ALA AA 154 -28.92 59.91 -4.00
N ARG AA 155 -29.76 60.92 -4.01
CA ARG AA 155 -29.85 61.92 -2.95
C ARG AA 155 -31.29 62.25 -2.55
N ILE AA 156 -31.45 62.67 -1.30
CA ILE AA 156 -32.78 63.06 -0.79
C ILE AA 156 -32.87 64.55 -0.43
N THR AA 157 -33.90 65.18 -1.01
CA THR AA 157 -34.20 66.58 -0.76
C THR AA 157 -35.41 66.69 0.14
N VAL AA 158 -35.27 67.46 1.23
CA VAL AA 158 -36.35 67.64 2.21
C VAL AA 158 -36.65 69.10 2.45
N ARG AA 159 -37.94 69.42 2.50
CA ARG AA 159 -38.42 70.77 2.77
C ARG AA 159 -39.63 70.72 3.71
N VAL AA 160 -39.67 71.61 4.68
CA VAL AA 160 -40.78 71.69 5.62
C VAL AA 160 -41.80 72.74 5.19
N ARG AA 161 -43.08 72.35 5.19
CA ARG AA 161 -44.15 73.23 4.77
C ARG AA 161 -44.71 74.03 5.94
N SER AA 162 -44.90 73.36 7.07
CA SER AA 162 -45.49 74.02 8.25
C SER AA 162 -45.25 73.28 9.56
N ILE AA 163 -44.95 74.04 10.62
CA ILE AA 163 -44.79 73.45 11.95
C ILE AA 163 -45.70 74.15 12.95
N GLN AA 164 -46.47 73.35 13.67
CA GLN AA 164 -47.35 73.89 14.70
C GLN AA 164 -47.18 73.15 16.05
N PRO AA 165 -46.62 73.81 17.08
CA PRO AA 165 -46.47 73.30 18.44
C PRO AA 165 -47.83 72.95 19.02
N ASN AA 166 -47.87 71.88 19.81
CA ASN AA 166 -49.13 71.43 20.38
C ASN AA 166 -48.92 70.92 21.80
N GLY AA 167 -48.64 71.84 22.72
CA GLY AA 167 -48.33 71.45 24.10
C GLY AA 167 -46.92 71.82 24.47
N ARG AA 168 -46.41 71.22 25.54
CA ARG AA 168 -45.40 70.97 26.56
C ARG AA 168 -44.29 70.09 26.01
N GLY AA 169 -43.40 70.68 25.19
CA GLY AA 169 -42.33 69.90 24.56
C GLY AA 169 -42.79 69.06 23.38
N GLN AA 170 -43.84 69.46 22.67
CA GLN AA 170 -44.30 68.65 21.54
C GLN AA 170 -44.83 69.48 20.39
N ALA AA 171 -44.46 69.06 19.17
CA ALA AA 171 -44.91 69.75 17.96
C ALA AA 171 -45.10 68.84 16.76
N THR AA 172 -45.95 69.30 15.83
CA THR AA 172 -46.20 68.57 14.59
C THR AA 172 -45.55 69.24 13.38
N VAL AA 173 -44.75 68.48 12.63
CA VAL AA 173 -44.06 69.00 11.46
C VAL AA 173 -44.58 68.39 10.16
N ARG AA 174 -45.10 69.22 9.28
CA ARG AA 174 -45.62 68.75 8.01
C ARG AA 174 -44.58 69.08 6.93
N PHE AA 175 -44.12 68.05 6.23
CA PHE AA 175 -43.03 68.24 5.28
C PHE AA 175 -43.09 67.30 4.10
N THR AA 176 -42.26 67.56 3.08
CA THR AA 176 -42.19 66.68 1.94
C THR AA 176 -40.76 66.22 1.69
N THR AA 177 -40.65 65.18 0.89
CA THR AA 177 -39.36 64.60 0.52
C THR AA 177 -39.35 63.99 -0.87
N GLN AA 178 -38.22 64.09 -1.53
CA GLN AA 178 -38.07 63.52 -2.88
C GLN AA 178 -36.68 62.97 -3.18
N GLN AA 179 -36.60 61.97 -4.05
CA GLN AA 179 -35.32 61.39 -4.44
C GLN AA 179 -34.86 61.73 -5.85
N HIS AA 180 -33.63 62.19 -5.93
CA HIS AA 180 -32.93 62.60 -7.15
C HIS AA 180 -31.78 61.66 -7.40
N VAL AA 186 -35.85 62.13 -11.32
CA VAL AA 186 -36.44 62.49 -10.04
C VAL AA 186 -37.68 61.63 -9.78
N GLU AA 187 -37.76 61.05 -8.59
CA GLU AA 187 -38.90 60.25 -8.16
C GLU AA 187 -40.03 61.15 -7.71
N ALA AA 188 -41.26 60.67 -7.79
CA ALA AA 188 -42.38 61.48 -7.34
C ALA AA 188 -42.19 61.83 -5.86
N PRO AA 189 -42.48 63.08 -5.44
CA PRO AA 189 -42.36 63.54 -4.08
C PRO AA 189 -43.36 62.84 -3.19
N GLN AA 190 -42.96 62.62 -1.95
CA GLN AA 190 -43.81 62.03 -0.95
C GLN AA 190 -44.11 63.07 0.12
N HIS AA 191 -45.22 62.86 0.81
CA HIS AA 191 -45.60 63.74 1.92
C HIS AA 191 -45.52 62.95 3.20
N GLN AA 192 -44.93 63.57 4.24
CA GLN AA 192 -44.75 62.95 5.56
C GLN AA 192 -45.04 63.90 6.72
N ILE AA 193 -45.41 63.33 7.87
CA ILE AA 193 -45.60 64.16 9.05
C ILE AA 193 -44.81 63.63 10.24
N ALA AA 194 -44.00 64.51 10.84
CA ALA AA 194 -43.21 64.11 11.99
C ALA AA 194 -43.82 64.62 13.28
N THR AA 195 -43.70 63.81 14.31
CA THR AA 195 -44.10 64.22 15.64
C THR AA 195 -42.82 64.28 16.44
N ILE AA 196 -42.58 65.44 17.03
CA ILE AA 196 -41.35 65.60 17.75
C ILE AA 196 -41.55 65.95 19.20
N GLY AA 197 -40.94 65.13 20.07
CA GLY AA 197 -40.95 65.41 21.50
C GLY AA 197 -39.62 66.11 21.73
N TYR AA 198 -39.61 67.19 22.51
CA TYR AA 198 -38.35 67.89 22.69
C TYR AA 198 -38.20 68.73 23.93
N THR AA 199 -36.97 69.08 24.20
CA THR AA 199 -36.59 69.98 25.27
C THR AA 199 -35.37 70.75 24.85
N TYR AA 200 -34.81 71.47 25.80
CA TYR AA 200 -33.57 72.19 25.60
C TYR AA 200 -32.66 71.87 26.78
N ILE AA 201 -31.38 71.68 26.52
CA ILE AA 201 -30.42 71.35 27.58
C ILE AA 201 -29.47 72.50 27.90
N GLY AA 202 -29.77 73.67 27.36
CA GLY AA 202 -28.98 74.86 27.59
C GLY AA 202 -27.76 74.89 26.71
N ALA AA 203 -26.98 75.95 26.81
CA ALA AA 203 -25.82 76.09 25.96
C ALA AA 203 -24.83 74.93 26.20
N PRO AA 204 -24.22 74.36 25.14
CA PRO AA 204 -23.20 73.32 25.18
C PRO AA 204 -21.87 73.96 25.54
N MET AA 205 -20.88 73.18 25.98
CA MET AA 205 -19.57 73.77 26.32
C MET AA 205 -18.39 73.23 25.49
N ARG AA 206 -18.54 73.33 24.18
CA ARG AA 206 -17.52 73.00 23.18
C ARG AA 206 -17.72 73.90 21.97
N SER AA 207 -16.65 74.42 21.37
CA SER AA 207 -16.83 75.30 20.22
C SER AA 207 -17.54 74.62 19.04
N SER AA 208 -17.29 73.33 18.88
CA SER AA 208 -17.88 72.55 17.81
C SER AA 208 -19.37 72.28 17.98
N ASP AA 209 -19.89 72.53 19.18
CA ASP AA 209 -21.31 72.36 19.45
C ASP AA 209 -22.04 73.69 19.51
N ARG AA 210 -21.41 74.71 20.12
CA ARG AA 210 -22.10 75.99 20.31
C ARG AA 210 -22.28 76.71 18.99
N LEU AA 211 -21.41 76.44 18.02
CA LEU AA 211 -21.55 77.10 16.74
C LEU AA 211 -22.60 76.42 15.85
N LEU AA 212 -23.21 75.32 16.34
CA LEU AA 212 -24.25 74.59 15.64
C LEU AA 212 -25.62 74.59 16.39
N ASN AA 213 -25.60 74.49 17.73
CA ASN AA 213 -26.81 74.39 18.56
C ASN AA 213 -26.71 75.14 19.90
N PRO AA 214 -26.49 76.47 19.92
CA PRO AA 214 -26.24 77.31 21.09
C PRO AA 214 -27.35 77.34 22.13
N LEU AA 215 -28.55 77.09 21.64
CA LEU AA 215 -29.78 77.05 22.39
C LEU AA 215 -29.96 75.80 23.21
N GLY AA 216 -29.28 74.72 22.79
CA GLY AA 216 -29.40 73.41 23.41
C GLY AA 216 -30.60 72.58 22.95
N PHE AA 217 -31.11 72.80 21.74
CA PHE AA 217 -32.29 72.03 21.30
C PHE AA 217 -32.01 70.56 21.35
N GLN AA 218 -32.96 69.79 21.87
CA GLN AA 218 -32.78 68.36 21.90
C GLN AA 218 -34.07 67.57 21.70
N VAL AA 219 -34.05 66.67 20.74
CA VAL AA 219 -35.19 65.79 20.49
C VAL AA 219 -35.13 64.63 21.47
N THR AA 220 -36.24 64.35 22.14
CA THR AA 220 -36.26 63.27 23.11
C THR AA 220 -37.07 62.10 22.61
N SER AA 221 -37.87 62.34 21.58
CA SER AA 221 -38.72 61.33 20.96
C SER AA 221 -38.97 61.74 19.51
N TYR AA 222 -38.93 60.78 18.59
CA TYR AA 222 -39.17 61.14 17.19
C TYR AA 222 -39.81 60.03 16.38
N ARG AA 223 -40.81 60.41 15.59
CA ARG AA 223 -41.41 59.50 14.62
C ARG AA 223 -41.89 60.28 13.41
N ALA AA 224 -41.89 59.65 12.24
CA ALA AA 224 -42.45 60.30 11.06
C ALA AA 224 -43.11 59.26 10.19
N ASP AA 225 -44.38 59.50 9.91
CA ASP AA 225 -45.23 58.60 9.15
C ASP AA 225 -45.59 59.23 7.80
N PRO AA 226 -45.91 58.44 6.76
CA PRO AA 226 -46.43 58.93 5.49
C PRO AA 226 -47.74 59.67 5.69
N GLU AA 227 -47.93 60.75 4.94
CA GLU AA 227 -49.18 61.49 4.96
C GLU AA 227 -50.10 60.88 3.93
N ILE AA 228 -51.36 60.65 4.28
CA ILE AA 228 -52.26 60.12 3.27
C ILE AA 228 -53.08 61.27 2.74
N LEU AA 229 -52.89 61.57 1.47
CA LEU AA 229 -53.50 62.71 0.86
C LEU AA 229 -54.95 62.47 0.43
N SER BA 16 33.56 69.43 73.32
CA SER BA 16 33.15 68.83 72.03
C SER BA 16 34.37 68.34 71.25
N TYR BA 17 35.48 69.09 71.31
CA TYR BA 17 36.70 68.72 70.53
C TYR BA 17 37.22 67.34 70.99
N TYR BA 18 37.17 67.07 72.30
CA TYR BA 18 37.64 65.76 72.83
C TYR BA 18 36.76 64.64 72.24
N GLU BA 19 35.45 64.85 72.15
CA GLU BA 19 34.53 63.86 71.54
C GLU BA 19 34.88 63.68 70.06
N GLU BA 20 35.23 64.77 69.37
CA GLU BA 20 35.50 64.72 67.91
C GLU BA 20 36.68 63.78 67.62
N SER BA 21 37.72 63.79 68.46
CA SER BA 21 38.88 62.88 68.29
C SER BA 21 38.39 61.49 67.84
N ARG BA 22 38.91 60.98 66.73
CA ARG BA 22 38.49 59.67 66.15
C ARG BA 22 38.30 58.59 67.21
N GLY BA 23 37.16 57.90 67.17
CA GLY BA 23 36.87 56.82 68.14
C GLY BA 23 35.44 56.33 67.96
N LEU BA 24 35.06 55.25 68.63
CA LEU BA 24 33.65 54.78 68.56
C LEU BA 24 32.77 55.89 69.15
N GLU BA 25 33.32 56.67 70.08
CA GLU BA 25 32.57 57.74 70.72
C GLU BA 25 32.42 58.93 69.77
N ARG BA 26 33.47 59.21 68.98
CA ARG BA 26 33.38 60.27 67.99
C ARG BA 26 32.31 59.95 66.95
N ASP BA 27 32.23 58.70 66.50
CA ASP BA 27 31.19 58.32 65.56
C ASP BA 27 29.81 58.52 66.15
N LEU BA 28 29.63 58.15 67.42
CA LEU BA 28 28.35 58.35 68.08
C LEU BA 28 27.97 59.83 68.13
N ILE BA 29 28.91 60.67 68.55
CA ILE BA 29 28.61 62.09 68.69
C ILE BA 29 28.29 62.72 67.34
N GLY BA 30 29.15 62.44 66.36
CA GLY BA 30 28.90 62.95 65.01
C GLY BA 30 27.58 62.46 64.47
N GLU BA 31 27.20 61.22 64.80
CA GLU BA 31 25.93 60.70 64.34
C GLU BA 31 24.76 61.48 64.93
N PHE BA 32 24.80 61.76 66.24
CA PHE BA 32 23.57 62.39 66.72
C PHE BA 32 23.55 63.85 66.31
N VAL BA 33 24.71 64.49 66.13
CA VAL BA 33 24.64 65.88 65.68
C VAL BA 33 24.20 65.96 64.23
N LYS BA 34 24.57 64.97 63.40
CA LYS BA 34 24.01 64.91 62.07
C LYS BA 34 22.49 64.75 62.12
N SER BA 35 22.00 63.90 63.03
CA SER BA 35 20.56 63.76 63.19
C SER BA 35 19.93 65.08 63.65
N ARG BA 36 20.61 65.80 64.55
CA ARG BA 36 20.07 67.06 65.04
C ARG BA 36 19.98 68.09 63.93
N LYS BA 37 21.00 68.17 63.07
CA LYS BA 37 20.89 69.16 62.01
C LYS BA 37 19.92 68.72 60.91
N THR BA 38 19.70 67.42 60.74
CA THR BA 38 18.59 66.99 59.91
C THR BA 38 17.26 67.42 60.50
N ALA BA 39 17.11 67.31 61.82
CA ALA BA 39 15.88 67.77 62.46
C ALA BA 39 15.69 69.26 62.28
N TRP BA 40 16.76 70.04 62.43
CA TRP BA 40 16.67 71.47 62.20
C TRP BA 40 16.29 71.77 60.76
N ARG BA 41 16.86 71.04 59.80
CA ARG BA 41 16.54 71.27 58.40
C ARG BA 41 15.07 70.98 58.12
N VAL BA 42 14.56 69.85 58.60
CA VAL BA 42 13.18 69.48 58.32
C VAL BA 42 12.22 70.42 59.05
N ALA BA 43 12.54 70.80 60.29
CA ALA BA 43 11.69 71.75 60.99
C ALA BA 43 11.67 73.10 60.29
N THR BA 44 12.82 73.55 59.77
CA THR BA 44 12.85 74.81 59.05
C THR BA 44 12.03 74.71 57.76
N ALA BA 45 12.19 73.62 57.01
CA ALA BA 45 11.44 73.47 55.77
C ALA BA 45 9.94 73.41 56.03
N SER BA 46 9.53 72.67 57.06
CA SER BA 46 8.11 72.59 57.39
C SER BA 46 7.59 73.93 57.89
N GLY BA 47 8.35 74.65 58.72
CA GLY BA 47 7.88 75.94 59.18
C GLY BA 47 7.70 76.92 58.04
N LEU BA 48 8.69 77.00 57.15
CA LEU BA 48 8.59 77.89 56.01
C LEU BA 48 7.48 77.49 55.06
N PHE BA 49 7.28 76.18 54.82
CA PHE BA 49 6.28 75.74 53.87
C PHE BA 49 4.87 75.85 54.45
N GLY BA 50 4.71 75.67 55.76
CA GLY BA 50 3.43 75.94 56.39
C GLY BA 50 3.11 77.42 56.41
N LEU BA 51 4.08 78.27 56.68
CA LEU BA 51 3.80 79.69 56.59
C LEU BA 51 3.50 80.10 55.15
N LEU BA 52 4.10 79.42 54.17
CA LEU BA 52 3.76 79.65 52.76
C LEU BA 52 2.32 79.25 52.48
N GLY BA 53 1.89 78.09 52.97
CA GLY BA 53 0.51 77.69 52.78
C GLY BA 53 -0.44 78.69 53.38
N MET BA 54 -0.14 79.15 54.58
CA MET BA 54 -1.01 80.13 55.22
C MET BA 54 -1.05 81.42 54.42
N VAL BA 55 0.08 81.82 53.83
CA VAL BA 55 0.10 83.13 53.16
C VAL BA 55 -0.63 83.05 51.82
N CYS BA 56 -0.51 81.94 51.10
CA CYS BA 56 -1.29 81.81 49.87
C CYS BA 56 -2.77 81.72 50.17
N GLY BA 57 -3.14 81.03 51.25
CA GLY BA 57 -4.53 81.04 51.67
C GLY BA 57 -5.04 82.42 52.01
N ILE BA 58 -4.30 83.16 52.83
CA ILE BA 58 -4.77 84.48 53.24
C ILE BA 58 -4.51 85.51 52.15
N VAL BA 59 -3.92 85.05 51.04
CA VAL BA 59 -3.93 85.84 49.82
C VAL BA 59 -5.21 85.58 49.05
N GLY BA 60 -5.65 84.33 49.03
CA GLY BA 60 -6.93 84.01 48.43
C GLY BA 60 -8.09 84.68 49.14
N VAL BA 70 -20.33 94.49 29.99
CA VAL BA 70 -21.22 95.47 29.31
C VAL BA 70 -21.43 94.99 27.86
N LEU BA 71 -22.64 95.17 27.34
CA LEU BA 71 -22.96 94.78 25.94
C LEU BA 71 -23.86 95.84 25.29
N ARG BA 72 -23.79 95.96 23.96
CA ARG BA 72 -24.65 96.94 23.23
C ARG BA 72 -25.53 96.17 22.23
N VAL BA 73 -26.83 96.47 22.19
CA VAL BA 73 -27.77 95.71 21.30
C VAL BA 73 -28.37 96.66 20.25
N ASP BA 74 -28.11 96.41 18.96
CA ASP BA 74 -28.68 97.23 17.90
C ASP BA 74 -30.15 96.90 17.68
N ASN BA 75 -31.08 97.83 18.01
CA ASN BA 75 -32.52 97.67 17.99
C ASN BA 75 -33.05 97.50 16.57
N ALA BA 76 -32.23 97.84 15.56
CA ALA BA 76 -32.60 97.80 14.14
C ALA BA 76 -32.11 96.52 13.48
N THR BA 77 -31.02 95.96 13.90
CA THR BA 77 -30.42 94.79 13.27
C THR BA 77 -30.38 93.61 14.25
N GLY BA 78 -30.80 93.93 15.51
CA GLY BA 78 -30.75 92.86 16.49
C GLY BA 78 -29.36 92.35 16.75
N ALA BA 79 -28.33 93.05 16.19
CA ALA BA 79 -26.91 92.74 16.37
C ALA BA 79 -26.45 93.05 17.79
N VAL BA 80 -25.94 92.02 18.46
CA VAL BA 80 -25.46 92.15 19.83
C VAL BA 80 -23.94 92.13 19.84
N ASP BA 81 -23.32 93.11 20.52
CA ASP BA 81 -21.84 93.22 20.49
C ASP BA 81 -21.28 93.48 21.89
N VAL BA 82 -20.25 92.72 22.29
CA VAL BA 82 -19.61 92.92 23.63
C VAL BA 82 -18.81 94.23 23.62
N VAL BA 83 -18.82 94.96 24.74
CA VAL BA 83 -18.05 96.23 24.87
C VAL BA 83 -16.55 95.93 24.77
N LEU CA 28 28.99 66.41 76.07
CA LEU CA 28 28.42 65.94 74.81
C LEU CA 28 27.03 65.38 75.03
N ILE CA 29 26.81 64.66 76.13
CA ILE CA 29 25.48 64.14 76.44
C ILE CA 29 24.52 65.26 76.77
N GLY CA 30 24.99 66.30 77.46
CA GLY CA 30 24.13 67.45 77.71
C GLY CA 30 23.72 68.15 76.43
N GLU CA 31 24.67 68.31 75.50
CA GLU CA 31 24.32 68.87 74.19
C GLU CA 31 23.34 67.96 73.46
N PHE CA 32 23.60 66.65 73.46
CA PHE CA 32 22.63 65.67 72.99
C PHE CA 32 21.23 65.99 73.49
N VAL CA 33 21.03 65.88 74.80
CA VAL CA 33 19.70 66.05 75.37
C VAL CA 33 19.14 67.41 74.98
N LYS CA 34 19.78 68.48 75.44
CA LYS CA 34 19.23 69.82 75.23
C LYS CA 34 18.98 70.10 73.76
N SER CA 35 20.05 70.16 72.95
CA SER CA 35 19.91 70.61 71.58
C SER CA 35 19.10 69.66 70.71
N ARG CA 36 19.35 68.33 70.77
CA ARG CA 36 18.59 67.43 69.90
C ARG CA 36 17.13 67.33 70.31
N LYS CA 37 16.85 67.20 71.61
CA LYS CA 37 15.47 67.13 72.05
C LYS CA 37 14.74 68.43 71.72
N THR CA 38 15.39 69.57 71.87
CA THR CA 38 14.75 70.83 71.51
C THR CA 38 14.58 70.95 70.01
N ALA CA 39 15.50 70.42 69.22
CA ALA CA 39 15.35 70.44 67.77
C ALA CA 39 14.12 69.64 67.35
N TRP CA 40 13.94 68.45 67.91
CA TRP CA 40 12.76 67.68 67.54
C TRP CA 40 11.49 68.22 68.18
N ARG CA 41 11.58 68.84 69.37
CA ARG CA 41 10.41 69.46 69.96
C ARG CA 41 9.93 70.63 69.13
N VAL CA 42 10.87 71.44 68.64
CA VAL CA 42 10.52 72.52 67.71
C VAL CA 42 10.05 71.94 66.40
N ALA CA 43 10.61 70.81 65.97
CA ALA CA 43 10.11 70.15 64.78
C ALA CA 43 8.64 69.77 64.94
N THR CA 44 8.29 69.18 66.07
CA THR CA 44 6.90 68.76 66.30
C THR CA 44 5.96 69.95 66.43
N ALA CA 45 6.33 70.96 67.23
CA ALA CA 45 5.45 72.12 67.43
C ALA CA 45 5.31 72.94 66.16
N SER CA 46 6.41 73.21 65.46
CA SER CA 46 6.35 73.92 64.21
C SER CA 46 5.63 73.11 63.14
N GLY CA 47 5.79 71.78 63.13
CA GLY CA 47 5.05 70.97 62.19
C GLY CA 47 3.55 71.01 62.46
N LEU CA 48 3.16 71.00 63.74
CA LEU CA 48 1.74 71.09 64.10
C LEU CA 48 1.16 72.44 63.71
N PHE CA 49 1.89 73.53 63.98
CA PHE CA 49 1.45 74.85 63.55
C PHE CA 49 1.38 74.93 62.02
N GLY CA 50 2.37 74.35 61.35
CA GLY CA 50 2.32 74.28 59.91
C GLY CA 50 1.11 73.53 59.42
N LEU CA 51 0.75 72.44 60.12
CA LEU CA 51 -0.41 71.66 59.72
C LEU CA 51 -1.70 72.44 59.91
N LEU CA 52 -1.83 73.13 61.04
CA LEU CA 52 -3.01 73.96 61.26
C LEU CA 52 -3.18 75.00 60.16
N GLY CA 53 -2.17 75.85 59.98
CA GLY CA 53 -2.28 76.88 58.95
C GLY CA 53 -2.42 76.29 57.56
N MET CA 54 -1.75 75.17 57.33
CA MET CA 54 -1.71 74.55 56.03
C MET CA 54 -3.10 74.12 55.62
N VAL CA 55 -3.69 73.19 56.38
CA VAL CA 55 -5.08 72.82 56.14
C VAL CA 55 -5.94 74.06 55.95
N CYS CA 56 -5.82 75.02 56.87
CA CYS CA 56 -6.75 76.16 56.88
C CYS CA 56 -6.71 76.94 55.57
N GLY CA 57 -5.60 77.62 55.29
CA GLY CA 57 -5.57 78.49 54.13
C GLY CA 57 -5.66 77.73 52.82
N ILE CA 58 -4.91 76.63 52.72
CA ILE CA 58 -4.78 75.96 51.44
C ILE CA 58 -6.05 75.16 51.14
N VAL CA 59 -6.93 75.04 52.12
CA VAL CA 59 -8.30 74.65 51.81
C VAL CA 59 -9.10 75.88 51.41
N GLY CA 60 -8.87 77.00 52.11
CA GLY CA 60 -9.61 78.22 51.82
C GLY CA 60 -9.65 78.55 50.35
N VAL CA 70 -23.66 90.05 32.55
CA VAL CA 70 -23.77 91.06 31.46
C VAL CA 70 -24.59 92.27 31.93
N LEU CA 71 -24.43 93.42 31.27
CA LEU CA 71 -25.26 94.61 31.61
C LEU CA 71 -25.91 95.12 30.31
N ARG CA 72 -27.22 95.38 30.35
CA ARG CA 72 -27.94 95.80 29.11
C ARG CA 72 -27.85 97.32 28.95
N VAL CA 73 -27.58 97.80 27.74
CA VAL CA 73 -27.50 99.25 27.44
C VAL CA 73 -28.09 99.46 26.04
N ASP CA 74 -29.40 99.67 25.95
CA ASP CA 74 -30.03 99.78 24.64
C ASP CA 74 -29.38 100.88 23.81
N GLN DA 21 50.46 51.07 42.73
CA GLN DA 21 49.22 51.47 42.07
C GLN DA 21 49.24 51.05 40.60
N GLU DA 22 50.36 50.49 40.17
CA GLU DA 22 50.58 50.07 38.79
C GLU DA 22 50.35 48.57 38.67
N ARG DA 23 50.12 48.11 37.46
CA ARG DA 23 49.98 46.68 37.20
C ARG DA 23 51.18 45.94 37.78
N ILE DA 24 50.91 44.78 38.37
CA ILE DA 24 51.91 44.13 39.21
C ILE DA 24 52.87 43.34 38.33
N GLU DA 25 54.16 43.52 38.59
CA GLU DA 25 55.20 43.14 37.65
C GLU DA 25 55.23 41.63 37.42
N GLY DA 26 55.47 41.25 36.18
CA GLY DA 26 55.67 39.85 35.84
C GLY DA 26 54.47 38.96 36.08
N GLU DA 27 53.27 39.46 35.85
CA GLU DA 27 52.06 38.66 35.96
C GLU DA 27 51.40 38.55 34.59
N TYR DA 28 50.37 37.72 34.50
CA TYR DA 28 49.58 37.59 33.28
C TYR DA 28 48.54 38.70 33.27
N GLY DA 29 48.70 39.65 32.36
CA GLY DA 29 47.75 40.75 32.30
C GLY DA 29 46.62 40.44 31.35
N ALA DA 30 46.20 41.43 30.57
CA ALA DA 30 45.24 41.17 29.51
C ALA DA 30 45.89 40.27 28.46
N SER DA 31 45.08 39.80 27.51
CA SER DA 31 45.60 38.89 26.52
C SER DA 31 46.55 39.60 25.56
N GLU DA 32 47.45 38.81 25.00
CA GLU DA 32 48.24 39.26 23.85
C GLU DA 32 47.49 39.09 22.55
N LEU DA 33 46.22 38.66 22.61
CA LEU DA 33 45.47 38.37 21.40
C LEU DA 33 44.79 39.61 20.85
N ALA DA 34 44.54 40.61 21.71
CA ALA DA 34 43.92 41.84 21.25
C ALA DA 34 44.79 42.59 20.26
N SER DA 35 46.09 42.26 20.18
CA SER DA 35 46.98 42.92 19.23
C SER DA 35 46.64 42.53 17.80
N GLU DA 36 45.88 41.46 17.61
CA GLU DA 36 45.59 40.95 16.27
C GLU DA 36 44.79 41.98 15.47
N THR DA 46 45.58 48.78 -7.57
CA THR DA 46 45.72 49.50 -8.83
C THR DA 46 44.56 49.21 -9.75
N LEU DA 47 44.27 47.93 -9.99
CA LEU DA 47 43.18 47.58 -10.90
C LEU DA 47 41.82 47.92 -10.32
N LEU DA 48 41.67 47.87 -8.99
CA LEU DA 48 40.42 48.34 -8.40
C LEU DA 48 40.22 49.83 -8.69
N MET DA 49 41.28 50.62 -8.55
CA MET DA 49 41.15 52.05 -8.84
C MET DA 49 40.79 52.27 -10.30
N VAL DA 50 41.42 51.55 -11.22
CA VAL DA 50 41.12 51.79 -12.63
C VAL DA 50 39.71 51.33 -12.97
N LEU DA 51 39.28 50.22 -12.38
CA LEU DA 51 37.91 49.74 -12.59
C LEU DA 51 36.89 50.77 -12.11
N LEU DA 52 37.11 51.36 -10.93
CA LEU DA 52 36.20 52.41 -10.48
C LEU DA 52 36.28 53.65 -11.35
N CYS DA 53 37.44 53.96 -11.92
CA CYS DA 53 37.50 55.10 -12.84
C CYS DA 53 36.57 54.89 -14.02
N VAL DA 54 36.62 53.72 -14.65
CA VAL DA 54 35.79 53.49 -15.84
C VAL DA 54 34.31 53.38 -15.47
N ILE DA 55 33.99 52.64 -14.40
CA ILE DA 55 32.58 52.55 -14.01
C ILE DA 55 32.05 53.94 -13.63
N ALA DA 56 32.87 54.78 -13.02
CA ALA DA 56 32.41 56.10 -12.67
C ALA DA 56 32.17 56.95 -13.91
N VAL DA 57 33.03 56.85 -14.93
CA VAL DA 57 32.73 57.68 -16.09
C VAL DA 57 31.44 57.20 -16.75
N VAL DA 58 31.18 55.89 -16.75
CA VAL DA 58 29.91 55.40 -17.27
C VAL DA 58 28.74 55.97 -16.47
N LEU DA 59 28.85 55.93 -15.15
CA LEU DA 59 27.74 56.35 -14.31
C LEU DA 59 27.48 57.84 -14.41
N VAL DA 60 28.54 58.64 -14.51
CA VAL DA 60 28.35 60.08 -14.68
C VAL DA 60 27.69 60.38 -16.02
N THR DA 61 28.12 59.74 -17.10
CA THR DA 61 27.39 59.97 -18.35
C THR DA 61 25.94 59.56 -18.23
N LEU DA 62 25.69 58.51 -17.44
CA LEU DA 62 24.33 58.02 -17.26
C LEU DA 62 23.47 59.03 -16.51
N SER DA 63 24.01 59.67 -15.47
CA SER DA 63 23.22 60.68 -14.77
C SER DA 63 23.15 61.99 -15.54
N TYR DA 64 24.12 62.24 -16.42
CA TYR DA 64 24.00 63.33 -17.38
C TYR DA 64 22.77 63.17 -18.24
N LYS DA 65 22.53 61.96 -18.78
CA LYS DA 65 21.26 61.74 -19.46
C LYS DA 65 20.08 61.74 -18.48
N ALA DA 66 20.28 61.28 -17.25
CA ALA DA 66 19.16 61.27 -16.30
C ALA DA 66 18.61 62.66 -16.08
N TYR DA 67 19.47 63.61 -15.74
CA TYR DA 67 19.02 64.98 -15.57
C TYR DA 67 18.54 65.56 -16.89
N LYS DA 68 19.26 65.28 -17.99
CA LYS DA 68 18.85 65.88 -19.26
C LYS DA 68 17.46 65.43 -19.66
N GLU EA 9 32.32 -28.81 -20.69
CA GLU EA 9 32.83 -29.25 -21.98
C GLU EA 9 31.79 -29.99 -22.81
N ALA EA 10 30.56 -30.10 -22.30
CA ALA EA 10 29.54 -30.91 -22.97
C ALA EA 10 29.26 -30.36 -24.35
N PHE EA 11 28.98 -31.28 -25.28
CA PHE EA 11 28.74 -30.89 -26.66
C PHE EA 11 27.47 -30.05 -26.71
N PRO EA 12 27.52 -28.88 -27.32
CA PRO EA 12 26.35 -27.98 -27.27
C PRO EA 12 25.14 -28.63 -27.90
N LEU EA 13 23.98 -28.43 -27.27
CA LEU EA 13 22.71 -28.82 -27.84
C LEU EA 13 21.87 -27.56 -28.02
N PHE EA 14 21.53 -27.25 -29.26
CA PHE EA 14 20.81 -26.04 -29.55
C PHE EA 14 19.32 -26.32 -29.55
N LYS EA 15 18.54 -25.29 -29.23
CA LYS EA 15 17.10 -25.44 -29.09
C LYS EA 15 16.36 -25.22 -30.40
N GLY EA 16 17.00 -25.52 -31.52
CA GLY EA 16 16.33 -25.73 -32.78
C GLY EA 16 15.64 -27.07 -32.87
N ALA EA 17 15.66 -27.84 -31.78
CA ALA EA 17 14.91 -29.08 -31.70
C ALA EA 17 13.42 -28.79 -31.71
N THR EA 18 12.68 -29.58 -32.51
CA THR EA 18 11.22 -29.51 -32.64
C THR EA 18 10.70 -28.08 -32.84
N ARG EA 19 11.55 -27.20 -33.36
CA ARG EA 19 11.09 -25.93 -33.92
C ARG EA 19 10.48 -26.22 -35.28
N LEU EA 20 9.28 -26.77 -35.25
CA LEU EA 20 8.67 -27.33 -36.46
C LEU EA 20 8.49 -26.25 -37.51
N PRO EA 21 8.47 -26.60 -38.79
CA PRO EA 21 8.11 -25.62 -39.81
C PRO EA 21 6.73 -25.06 -39.50
N THR EA 22 6.68 -23.79 -39.11
CA THR EA 22 5.46 -23.15 -38.68
C THR EA 22 5.24 -21.84 -39.43
N ILE EA 23 4.00 -21.59 -39.80
CA ILE EA 23 3.57 -20.30 -40.32
C ILE EA 23 2.69 -19.65 -39.26
N TRP EA 24 2.96 -18.39 -38.95
CA TRP EA 24 2.31 -17.69 -37.84
C TRP EA 24 2.59 -18.36 -36.50
N GLY EA 25 3.53 -19.31 -36.48
CA GLY EA 25 3.80 -20.07 -35.28
C GLY EA 25 3.00 -21.35 -35.13
N VAL EA 26 2.41 -21.85 -36.21
CA VAL EA 26 1.59 -23.07 -36.17
C VAL EA 26 2.03 -23.99 -37.31
N PRO EA 27 2.15 -25.30 -37.07
CA PRO EA 27 2.62 -26.19 -38.13
C PRO EA 27 1.65 -26.27 -39.31
N MET EA 28 2.21 -26.63 -40.46
CA MET EA 28 1.43 -26.65 -41.70
C MET EA 28 0.29 -27.65 -41.64
N ILE EA 29 0.61 -28.89 -41.28
CA ILE EA 29 -0.38 -29.98 -41.39
C ILE EA 29 -1.62 -29.73 -40.53
N PRO EA 30 -1.51 -29.39 -39.25
CA PRO EA 30 -2.74 -29.14 -38.48
C PRO EA 30 -3.47 -27.89 -38.92
N LEU EA 31 -2.74 -26.83 -39.28
CA LEU EA 31 -3.41 -25.63 -39.76
C LEU EA 31 -4.16 -25.90 -41.05
N MET EA 32 -3.62 -26.76 -41.92
CA MET EA 32 -4.37 -27.15 -43.11
C MET EA 32 -5.60 -27.95 -42.74
N ALA EA 33 -5.52 -28.76 -41.69
CA ALA EA 33 -6.71 -29.46 -41.22
C ALA EA 33 -7.78 -28.48 -40.77
N MET EA 34 -7.37 -27.45 -40.04
CA MET EA 34 -8.34 -26.43 -39.62
C MET EA 34 -8.91 -25.69 -40.82
N VAL EA 35 -8.07 -25.36 -41.80
CA VAL EA 35 -8.56 -24.68 -42.99
C VAL EA 35 -9.61 -25.54 -43.69
N MET EA 36 -9.34 -26.84 -43.83
CA MET EA 36 -10.30 -27.73 -44.45
C MET EA 36 -11.60 -27.80 -43.65
N GLY EA 37 -11.49 -27.90 -42.33
CA GLY EA 37 -12.69 -27.96 -41.51
C GLY EA 37 -13.54 -26.71 -41.58
N VAL EA 38 -12.90 -25.55 -41.46
CA VAL EA 38 -13.64 -24.29 -41.51
C VAL EA 38 -14.21 -24.07 -42.90
N ALA EA 39 -13.48 -24.49 -43.95
CA ALA EA 39 -14.04 -24.39 -45.29
C ALA EA 39 -15.26 -25.27 -45.43
N VAL EA 40 -15.24 -26.46 -44.84
CA VAL EA 40 -16.40 -27.33 -44.86
C VAL EA 40 -17.58 -26.65 -44.18
N ILE EA 41 -17.33 -26.06 -43.01
CA ILE EA 41 -18.41 -25.38 -42.29
C ILE EA 41 -18.95 -24.22 -43.13
N ALA EA 42 -18.06 -23.44 -43.74
CA ALA EA 42 -18.49 -22.30 -44.54
C ALA EA 42 -19.31 -22.73 -45.74
N LEU EA 43 -18.92 -23.81 -46.40
CA LEU EA 43 -19.66 -24.27 -47.56
C LEU EA 43 -20.93 -24.99 -47.15
N THR EA 44 -21.01 -25.48 -45.92
CA THR EA 44 -22.16 -26.27 -45.51
C THR EA 44 -23.30 -25.40 -45.01
N VAL EA 45 -23.07 -24.67 -43.92
CA VAL EA 45 -24.18 -23.98 -43.27
C VAL EA 45 -24.28 -22.55 -43.78
N SER EA 46 -23.25 -21.75 -43.56
CA SER EA 46 -23.31 -20.33 -43.88
C SER EA 46 -21.93 -19.83 -44.24
N ILE EA 47 -21.90 -18.68 -44.92
CA ILE EA 47 -20.67 -18.10 -45.43
C ILE EA 47 -20.05 -17.10 -44.47
N TRP EA 48 -20.80 -16.64 -43.47
CA TRP EA 48 -20.27 -15.80 -42.41
C TRP EA 48 -19.30 -16.54 -41.48
N TRP EA 49 -18.96 -17.79 -41.78
CA TRP EA 49 -18.29 -18.67 -40.83
C TRP EA 49 -16.79 -18.79 -41.03
N TRP EA 50 -16.17 -17.93 -41.85
CA TRP EA 50 -14.74 -17.76 -41.71
C TRP EA 50 -14.35 -16.85 -40.55
N ALA EA 51 -15.29 -16.55 -39.66
CA ALA EA 51 -14.93 -16.00 -38.36
C ALA EA 51 -14.64 -17.09 -37.35
N LEU EA 52 -14.92 -18.35 -37.70
CA LEU EA 52 -14.53 -19.45 -36.84
C LEU EA 52 -13.03 -19.70 -36.89
N VAL EA 53 -12.33 -19.06 -37.83
CA VAL EA 53 -10.89 -19.26 -37.95
C VAL EA 53 -10.13 -18.68 -36.76
N PRO EA 54 -10.17 -17.37 -36.49
CA PRO EA 54 -9.25 -16.79 -35.50
C PRO EA 54 -9.34 -17.43 -34.11
N PRO EA 55 -10.55 -17.82 -33.59
CA PRO EA 55 -10.55 -18.38 -32.24
C PRO EA 55 -9.74 -19.67 -32.14
N LEU EA 56 -10.11 -20.66 -32.95
CA LEU EA 56 -9.42 -21.94 -32.88
C LEU EA 56 -7.99 -21.83 -33.36
N TRP EA 57 -7.71 -20.93 -34.30
CA TRP EA 57 -6.33 -20.75 -34.71
C TRP EA 57 -5.49 -20.21 -33.56
N PHE EA 58 -6.01 -19.27 -32.79
CA PHE EA 58 -5.26 -18.77 -31.64
C PHE EA 58 -5.10 -19.84 -30.58
N ILE EA 59 -6.15 -20.64 -30.35
CA ILE EA 59 -6.01 -21.70 -29.35
C ILE EA 59 -4.97 -22.71 -29.82
N MET EA 60 -4.89 -22.96 -31.13
CA MET EA 60 -3.87 -23.87 -31.63
C MET EA 60 -2.48 -23.27 -31.51
N ALA EA 61 -2.34 -21.97 -31.70
CA ALA EA 61 -1.04 -21.34 -31.48
C ALA EA 61 -0.61 -21.48 -30.03
N GLN EA 62 -1.53 -21.28 -29.09
CA GLN EA 62 -1.19 -21.43 -27.68
C GLN EA 62 -0.87 -22.87 -27.34
N ILE EA 63 -1.55 -23.83 -27.97
CA ILE EA 63 -1.25 -25.24 -27.73
C ILE EA 63 0.13 -25.61 -28.28
N THR EA 64 0.42 -25.19 -29.50
CA THR EA 64 1.69 -25.54 -30.12
C THR EA 64 2.87 -24.89 -29.40
N LYS EA 65 2.72 -23.63 -28.99
CA LYS EA 65 3.85 -22.96 -28.34
C LYS EA 65 4.23 -23.66 -27.04
N ASN EA 66 3.22 -24.09 -26.28
CA ASN EA 66 3.50 -24.76 -25.02
C ASN EA 66 4.14 -26.13 -25.25
N ASP EA 67 3.55 -26.94 -26.13
CA ASP EA 67 3.93 -28.34 -26.32
C ASP EA 67 3.96 -28.61 -27.82
N ASP EA 68 5.15 -28.44 -28.42
CA ASP EA 68 5.31 -28.26 -29.87
C ASP EA 68 4.72 -29.37 -30.72
N LYS EA 69 4.66 -30.59 -30.21
CA LYS EA 69 4.24 -31.74 -31.00
C LYS EA 69 3.01 -32.44 -30.44
N ALA EA 70 2.01 -31.67 -30.01
CA ALA EA 70 0.78 -32.29 -29.52
C ALA EA 70 0.02 -32.98 -30.64
N PHE EA 71 0.05 -32.40 -31.84
CA PHE EA 71 -0.83 -32.88 -32.90
C PHE EA 71 -0.38 -34.24 -33.42
N ARG EA 72 0.93 -34.49 -33.44
CA ARG EA 72 1.40 -35.80 -33.88
C ARG EA 72 0.91 -36.89 -32.94
N ILE EA 73 0.99 -36.64 -31.63
CA ILE EA 73 0.48 -37.57 -30.64
C ILE EA 73 -1.02 -37.78 -30.83
N TRP EA 74 -1.75 -36.68 -31.06
CA TRP EA 74 -3.19 -36.76 -31.29
C TRP EA 74 -3.49 -37.68 -32.46
N TRP EA 75 -2.81 -37.46 -33.58
CA TRP EA 75 -3.10 -38.26 -34.77
C TRP EA 75 -2.72 -39.71 -34.58
N LEU EA 76 -1.60 -39.97 -33.90
CA LEU EA 76 -1.22 -41.35 -33.66
C LEU EA 76 -2.27 -42.07 -32.83
N TRP EA 77 -2.74 -41.42 -31.76
CA TRP EA 77 -3.78 -42.03 -30.94
C TRP EA 77 -5.03 -42.30 -31.76
N ILE EA 78 -5.48 -41.29 -32.50
CA ILE EA 78 -6.70 -41.39 -33.28
C ILE EA 78 -6.60 -42.53 -34.28
N ASP EA 79 -5.44 -42.66 -34.93
CA ASP EA 79 -5.29 -43.68 -35.96
C ASP EA 79 -5.25 -45.07 -35.36
N THR EA 80 -4.58 -45.25 -34.22
CA THR EA 80 -4.36 -46.61 -33.80
C THR EA 80 -5.29 -47.07 -32.68
N LYS EA 81 -5.29 -46.38 -31.54
CA LYS EA 81 -6.01 -46.91 -30.39
C LYS EA 81 -7.49 -46.54 -30.45
N PHE EA 82 -7.85 -45.67 -31.39
CA PHE EA 82 -9.24 -45.29 -31.54
C PHE EA 82 -9.92 -46.15 -32.59
N ARG EA 83 -9.17 -46.60 -33.59
CA ARG EA 83 -9.76 -47.44 -34.63
C ARG EA 83 -10.00 -48.86 -34.17
N ASN EA 84 -9.10 -49.41 -33.34
CA ASN EA 84 -9.16 -50.82 -32.98
C ASN EA 84 -10.53 -51.19 -32.44
N ARG EA 85 -11.19 -52.14 -33.09
CA ARG EA 85 -12.61 -52.36 -32.86
C ARG EA 85 -12.87 -52.95 -31.49
N ASN EA 86 -12.34 -54.15 -31.23
CA ASN EA 86 -12.69 -54.88 -30.00
C ASN EA 86 -11.87 -54.38 -28.81
N LYS EA 87 -12.11 -53.13 -28.45
CA LYS EA 87 -11.56 -52.61 -27.19
C LYS EA 87 -12.39 -53.09 -26.01
N GLY EA 88 -13.70 -53.19 -26.18
CA GLY EA 88 -14.55 -53.54 -25.05
C GLY EA 88 -14.46 -55.00 -24.67
N PHE EA 89 -14.43 -55.88 -25.67
CA PHE EA 89 -14.47 -57.32 -25.40
C PHE EA 89 -13.26 -57.78 -24.61
N TRP EA 90 -12.08 -57.32 -24.99
CA TRP EA 90 -10.85 -57.78 -24.36
C TRP EA 90 -10.53 -57.05 -23.06
N GLY EA 91 -11.21 -55.94 -22.78
CA GLY EA 91 -10.78 -55.09 -21.70
C GLY EA 91 -9.58 -54.23 -22.03
N ALA EA 92 -9.03 -54.37 -23.24
CA ALA EA 92 -7.90 -53.59 -23.70
C ALA EA 92 -7.79 -53.79 -25.20
N SER EA 93 -7.07 -52.89 -25.86
CA SER EA 93 -6.90 -52.96 -27.30
C SER EA 93 -5.85 -54.02 -27.62
N SER EA 94 -6.22 -55.01 -28.42
CA SER EA 94 -5.34 -56.14 -28.70
C SER EA 94 -5.39 -56.48 -30.17
N TYR EA 95 -4.27 -56.99 -30.68
CA TYR EA 95 -4.13 -57.41 -32.06
C TYR EA 95 -3.73 -58.87 -32.11
N SER EA 96 -4.49 -59.66 -32.86
CA SER EA 96 -4.27 -61.10 -32.87
C SER EA 96 -2.91 -61.45 -33.47
N PRO EA 97 -2.12 -62.30 -32.81
CA PRO EA 97 -0.82 -62.66 -33.40
C PRO EA 97 -0.94 -63.43 -34.70
N ALA EA 98 -1.72 -64.51 -34.70
CA ALA EA 98 -1.95 -65.25 -35.92
C ALA EA 98 -2.68 -64.39 -36.93
N ASN EA 99 -2.20 -64.42 -38.18
CA ASN EA 99 -2.69 -63.48 -39.19
C ASN EA 99 -3.99 -64.04 -39.75
N TYR EA 100 -5.10 -63.61 -39.15
CA TYR EA 100 -6.43 -63.93 -39.66
C TYR EA 100 -6.85 -62.82 -40.59
N ARG EA 101 -6.47 -62.94 -41.87
CA ARG EA 101 -6.82 -61.97 -42.88
C ARG EA 101 -8.15 -62.28 -43.56
N LYS EA 102 -9.05 -62.95 -42.87
CA LYS EA 102 -10.40 -63.32 -43.33
C LYS EA 102 -10.36 -64.38 -44.43
N ARG EA 103 -9.20 -65.00 -44.68
CA ARG EA 103 -9.05 -65.97 -45.74
C ARG EA 103 -9.26 -67.37 -45.20
N ARG EA 104 -10.41 -67.97 -45.54
CA ARG EA 104 -10.74 -69.35 -45.20
C ARG EA 104 -10.70 -69.58 -43.68
N GLU FA 5 -20.31 -67.26 -33.14
CA GLU FA 5 -19.65 -66.01 -32.76
C GLU FA 5 -18.12 -66.13 -32.74
N SER FA 6 -17.57 -67.34 -32.59
CA SER FA 6 -16.13 -67.48 -32.59
C SER FA 6 -15.51 -66.99 -33.89
N ARG FA 7 -16.03 -67.47 -35.03
CA ARG FA 7 -15.50 -67.04 -36.31
C ARG FA 7 -15.79 -65.56 -36.57
N LYS FA 8 -16.97 -65.09 -36.15
CA LYS FA 8 -17.35 -63.70 -36.38
C LYS FA 8 -16.39 -62.76 -35.66
N LEU FA 9 -16.03 -63.07 -34.42
CA LEU FA 9 -15.04 -62.26 -33.72
C LEU FA 9 -13.64 -62.50 -34.27
N LEU FA 10 -13.36 -63.71 -34.72
CA LEU FA 10 -12.04 -64.03 -35.27
C LEU FA 10 -11.72 -63.14 -36.46
N ALA FA 11 -12.53 -63.23 -37.50
CA ALA FA 11 -12.18 -62.60 -38.77
C ALA FA 11 -12.15 -61.07 -38.70
N SER FA 12 -12.68 -60.48 -37.63
CA SER FA 12 -12.80 -59.03 -37.52
C SER FA 12 -11.69 -58.41 -36.70
N GLU FA 13 -10.47 -58.93 -36.80
CA GLU FA 13 -9.34 -58.45 -36.02
C GLU FA 13 -8.26 -57.89 -36.93
N THR FA 14 -7.47 -56.96 -36.38
CA THR FA 14 -6.31 -56.43 -37.08
C THR FA 14 -5.08 -57.19 -36.63
N PRO FA 15 -4.51 -58.05 -37.46
CA PRO FA 15 -3.34 -58.83 -37.03
C PRO FA 15 -2.14 -57.94 -36.84
N VAL FA 16 -1.18 -58.45 -36.06
CA VAL FA 16 0.03 -57.69 -35.76
C VAL FA 16 0.88 -57.45 -36.99
N GLY FA 17 0.64 -58.18 -38.07
CA GLY FA 17 1.40 -57.97 -39.29
C GLY FA 17 1.27 -56.59 -39.86
N GLN FA 18 0.15 -55.90 -39.61
CA GLN FA 18 -0.01 -54.54 -40.10
C GLN FA 18 1.04 -53.61 -39.51
N PHE FA 19 1.64 -54.00 -38.39
CA PHE FA 19 2.51 -53.11 -37.64
C PHE FA 19 3.97 -53.55 -37.64
N ILE FA 20 4.29 -54.71 -38.21
CA ILE FA 20 5.63 -55.26 -38.23
C ILE FA 20 6.15 -55.14 -39.65
N PRO FA 21 7.10 -54.26 -39.93
CA PRO FA 21 7.58 -54.02 -41.31
C PRO FA 21 8.78 -54.87 -41.72
N TYR FA 22 8.58 -56.17 -41.89
CA TYR FA 22 9.68 -57.05 -42.26
C TYR FA 22 9.22 -58.11 -43.25
N SER FA 23 10.19 -58.69 -43.94
CA SER FA 23 9.95 -59.73 -44.93
C SER FA 23 11.22 -60.54 -45.15
N HIS FA 24 11.26 -61.29 -46.25
CA HIS FA 24 12.31 -62.27 -46.49
C HIS FA 24 13.71 -61.71 -46.22
N HIS FA 25 14.57 -62.55 -45.66
CA HIS FA 25 16.00 -62.29 -45.76
C HIS FA 25 16.39 -62.21 -47.23
N VAL FA 26 17.10 -61.16 -47.60
CA VAL FA 26 17.55 -61.01 -48.99
C VAL FA 26 19.03 -61.36 -49.05
N THR FA 27 19.79 -60.90 -48.06
CA THR FA 27 21.15 -61.34 -47.85
C THR FA 27 21.25 -61.97 -46.45
N ASP FA 28 22.27 -62.79 -46.25
CA ASP FA 28 22.36 -63.54 -45.00
C ASP FA 28 22.49 -62.61 -43.80
N THR FA 29 22.73 -61.33 -44.02
CA THR FA 29 22.85 -60.37 -42.93
C THR FA 29 21.85 -59.23 -43.02
N ILE FA 30 21.01 -59.19 -44.04
CA ILE FA 30 20.16 -58.03 -44.34
C ILE FA 30 18.72 -58.48 -44.55
N ILE FA 31 17.79 -57.79 -43.91
CA ILE FA 31 16.37 -58.14 -43.95
C ILE FA 31 15.62 -57.12 -44.81
N SER FA 32 14.73 -57.60 -45.66
CA SER FA 32 13.95 -56.73 -46.50
C SER FA 32 12.84 -56.06 -45.70
N THR FA 33 11.92 -55.43 -46.41
CA THR FA 33 10.76 -54.76 -45.81
C THR FA 33 9.75 -54.52 -46.91
N LYS FA 34 8.46 -54.49 -46.56
CA LYS FA 34 7.43 -54.29 -47.57
C LYS FA 34 7.63 -53.01 -48.36
N ASN FA 35 8.28 -52.01 -47.75
CA ASN FA 35 8.64 -50.80 -48.46
C ASN FA 35 10.03 -50.86 -49.07
N ALA FA 36 10.65 -52.04 -49.06
CA ALA FA 36 11.99 -52.24 -49.63
C ALA FA 36 13.02 -51.35 -48.93
N GLU FA 37 13.16 -51.55 -47.64
CA GLU FA 37 14.12 -50.81 -46.81
C GLU FA 37 14.97 -51.82 -46.07
N TYR FA 38 16.13 -52.12 -46.64
CA TYR FA 38 16.99 -53.19 -46.15
C TYR FA 38 17.80 -52.72 -44.94
N LEU FA 39 17.92 -53.58 -43.93
CA LEU FA 39 18.59 -53.24 -42.70
C LEU FA 39 19.44 -54.41 -42.21
N SER FA 40 20.36 -54.11 -41.30
CA SER FA 40 21.22 -55.12 -40.69
C SER FA 40 21.34 -54.82 -39.20
N VAL FA 41 21.57 -55.86 -38.40
CA VAL FA 41 21.62 -55.75 -36.94
C VAL FA 41 23.05 -55.94 -36.48
N TRP FA 42 23.46 -55.14 -35.50
CA TRP FA 42 24.85 -55.11 -35.03
C TRP FA 42 24.91 -55.36 -33.52
N LYS FA 43 25.15 -56.61 -33.12
CA LYS FA 43 25.34 -56.91 -31.71
C LYS FA 43 26.67 -56.34 -31.26
N ILE FA 44 26.65 -55.58 -30.17
CA ILE FA 44 27.83 -54.83 -29.71
C ILE FA 44 28.12 -55.19 -28.26
N ASP FA 45 29.39 -55.46 -27.98
CA ASP FA 45 29.88 -55.68 -26.63
C ASP FA 45 30.43 -54.35 -26.13
N GLY FA 46 29.55 -53.48 -25.63
CA GLY FA 46 29.95 -52.12 -25.34
C GLY FA 46 31.18 -52.05 -24.44
N ARG FA 47 32.09 -51.16 -24.78
CA ARG FA 47 33.33 -51.05 -24.04
C ARG FA 47 33.07 -50.44 -22.67
N SER FA 48 33.95 -50.76 -21.72
CA SER FA 48 33.75 -50.34 -20.35
C SER FA 48 33.81 -48.81 -20.24
N HIS FA 49 33.15 -48.29 -19.22
CA HIS FA 49 33.10 -46.84 -19.02
C HIS FA 49 33.66 -46.46 -17.66
N GLN FA 50 33.51 -47.36 -16.68
CA GLN FA 50 33.97 -47.05 -15.33
C GLN FA 50 35.46 -46.78 -15.30
N SER FA 51 36.24 -47.60 -16.01
CA SER FA 51 37.69 -47.56 -15.92
C SER FA 51 38.27 -46.74 -17.07
N ALA FA 52 38.01 -45.44 -17.02
CA ALA FA 52 38.57 -44.52 -18.01
C ALA FA 52 38.51 -43.10 -17.47
N SER FA 53 39.50 -42.31 -17.86
CA SER FA 53 39.49 -40.90 -17.51
C SER FA 53 38.33 -40.22 -18.21
N GLU FA 54 37.86 -39.12 -17.60
CA GLU FA 54 36.72 -38.41 -18.17
C GLU FA 54 37.04 -37.90 -19.58
N ALA FA 55 38.24 -37.37 -19.78
CA ALA FA 55 38.59 -36.88 -21.11
C ALA FA 55 38.63 -38.00 -22.14
N ASP FA 56 38.89 -39.23 -21.70
CA ASP FA 56 39.07 -40.29 -22.69
C ASP FA 56 37.74 -40.76 -23.27
N VAL FA 57 36.63 -40.60 -22.52
CA VAL FA 57 35.33 -40.90 -23.13
C VAL FA 57 34.99 -39.84 -24.16
N PHE FA 58 35.39 -38.59 -23.90
CA PHE FA 58 35.34 -37.57 -24.94
C PHE FA 58 36.10 -38.03 -26.18
N GLN FA 59 37.30 -38.55 -25.98
CA GLN FA 59 38.09 -38.99 -27.14
C GLN FA 59 37.40 -40.14 -27.88
N TRP FA 60 36.78 -41.05 -27.12
CA TRP FA 60 36.04 -42.14 -27.76
C TRP FA 60 34.91 -41.60 -28.62
N ILE FA 61 34.17 -40.63 -28.08
CA ILE FA 61 33.07 -40.04 -28.84
C ILE FA 61 33.62 -39.33 -30.07
N ARG FA 62 34.79 -38.69 -29.93
CA ARG FA 62 35.40 -38.02 -31.07
C ARG FA 62 35.72 -39.00 -32.19
N GLU FA 63 36.38 -40.11 -31.85
CA GLU FA 63 36.69 -41.13 -32.85
C GLU FA 63 35.42 -41.69 -33.46
N LEU FA 64 34.41 -41.96 -32.63
CA LEU FA 64 33.18 -42.57 -33.13
C LEU FA 64 32.45 -41.63 -34.08
N ASN FA 65 32.38 -40.35 -33.72
CA ASN FA 65 31.75 -39.36 -34.59
C ASN FA 65 32.56 -39.18 -35.87
N ASN FA 66 33.89 -39.22 -35.78
CA ASN FA 66 34.72 -39.06 -36.96
C ASN FA 66 34.47 -40.19 -37.95
N THR FA 67 34.35 -41.42 -37.45
CA THR FA 67 34.03 -42.53 -38.35
C THR FA 67 32.62 -42.40 -38.90
N LEU FA 68 31.67 -41.97 -38.07
CA LEU FA 68 30.30 -41.86 -38.56
C LEU FA 68 30.17 -40.82 -39.67
N ARG FA 69 30.80 -39.65 -39.49
CA ARG FA 69 30.52 -38.54 -40.39
C ARG FA 69 31.03 -38.81 -41.80
N GLY FA 70 31.87 -39.83 -41.98
CA GLY FA 70 32.26 -40.22 -43.32
C GLY FA 70 31.14 -40.89 -44.08
N ILE FA 71 30.41 -41.78 -43.40
CA ILE FA 71 29.43 -42.64 -44.09
C ILE FA 71 27.99 -42.22 -43.85
N SER FA 72 27.75 -41.16 -43.09
CA SER FA 72 26.38 -40.82 -42.74
C SER FA 72 25.64 -40.27 -43.95
N SER FA 73 25.24 -41.15 -44.86
CA SER FA 73 24.45 -40.73 -46.00
C SER FA 73 23.12 -40.17 -45.54
N ALA FA 74 22.57 -39.26 -46.34
CA ALA FA 74 21.26 -38.70 -46.03
C ALA FA 74 20.17 -39.77 -46.01
N ASN FA 75 20.49 -41.00 -46.36
CA ASN FA 75 19.53 -42.08 -46.48
C ASN FA 75 19.61 -43.08 -45.32
N LEU FA 76 20.38 -42.77 -44.28
CA LEU FA 76 20.70 -43.75 -43.25
C LEU FA 76 19.66 -43.72 -42.14
N SER FA 77 19.94 -44.42 -41.05
CA SER FA 77 19.14 -44.40 -39.83
C SER FA 77 19.85 -45.29 -38.82
N LEU FA 78 19.57 -45.07 -37.54
CA LEU FA 78 20.15 -45.88 -36.49
C LEU FA 78 19.09 -46.15 -35.43
N TRP FA 79 19.03 -47.39 -34.95
CA TRP FA 79 18.24 -47.77 -33.80
C TRP FA 79 19.14 -48.49 -32.81
N THR FA 80 19.66 -47.76 -31.82
CA THR FA 80 20.29 -48.45 -30.72
C THR FA 80 19.24 -49.16 -29.88
N HIS FA 81 19.67 -50.16 -29.12
CA HIS FA 81 18.74 -50.98 -28.36
C HIS FA 81 19.53 -51.64 -27.23
N ILE FA 82 19.45 -51.08 -26.03
CA ILE FA 82 20.13 -51.68 -24.88
C ILE FA 82 19.08 -52.43 -24.07
N VAL FA 83 18.91 -53.71 -24.40
CA VAL FA 83 17.88 -54.55 -23.80
C VAL FA 83 18.45 -55.18 -22.52
N ARG FA 84 18.28 -54.47 -21.42
CA ARG FA 84 18.56 -55.04 -20.11
C ARG FA 84 17.70 -56.26 -19.89
N ARG FA 85 18.30 -57.36 -19.44
CA ARG FA 85 17.56 -58.60 -19.27
C ARG FA 85 18.19 -59.41 -18.14
N ARG FA 86 17.38 -60.26 -17.54
CA ARG FA 86 17.85 -61.15 -16.48
C ARG FA 86 18.20 -62.51 -17.08
N VAL FA 87 19.15 -63.18 -16.45
CA VAL FA 87 19.73 -64.41 -16.99
C VAL FA 87 18.92 -65.60 -16.52
N TYR FA 88 18.19 -66.22 -17.45
CA TYR FA 88 17.57 -67.50 -17.21
C TYR FA 88 18.40 -68.66 -17.76
N GLU FA 89 19.42 -68.36 -18.56
CA GLU FA 89 20.25 -69.39 -19.18
C GLU FA 89 21.58 -69.48 -18.45
N TYR FA 90 21.58 -70.28 -17.39
CA TYR FA 90 22.80 -70.62 -16.68
C TYR FA 90 22.53 -71.88 -15.88
N PRO FA 91 22.72 -73.05 -16.48
CA PRO FA 91 22.24 -74.29 -15.86
C PRO FA 91 23.01 -74.61 -14.59
N ASP FA 92 22.29 -75.14 -13.61
CA ASP FA 92 22.95 -75.69 -12.43
C ASP FA 92 23.81 -76.88 -12.83
N ALA FA 93 25.00 -76.95 -12.26
CA ALA FA 93 26.01 -77.90 -12.68
C ALA FA 93 26.02 -79.14 -11.79
N GLU FA 94 26.06 -80.31 -12.42
CA GLU FA 94 26.26 -81.54 -11.68
C GLU FA 94 27.69 -81.61 -11.16
N PHE FA 95 27.89 -82.42 -10.12
CA PHE FA 95 29.21 -82.51 -9.51
C PHE FA 95 29.38 -83.88 -8.87
N ASP FA 96 30.64 -84.20 -8.58
CA ASP FA 96 31.02 -85.44 -7.93
C ASP FA 96 31.76 -85.22 -6.63
N ASN FA 97 32.66 -84.25 -6.58
CA ASN FA 97 33.39 -83.96 -5.36
C ASN FA 97 32.44 -83.37 -4.32
N VAL FA 98 32.55 -83.86 -3.08
CA VAL FA 98 31.75 -83.32 -2.00
C VAL FA 98 32.18 -81.90 -1.66
N PHE FA 99 33.49 -81.66 -1.65
CA PHE FA 99 33.99 -80.32 -1.32
C PHE FA 99 33.56 -79.31 -2.37
N CYS FA 100 33.65 -79.66 -3.64
CA CYS FA 100 33.18 -78.78 -4.71
C CYS FA 100 31.68 -78.56 -4.61
N ARG FA 101 30.91 -79.61 -4.34
CA ARG FA 101 29.46 -79.44 -4.24
C ARG FA 101 29.10 -78.50 -3.11
N GLN FA 102 29.73 -78.67 -1.96
CA GLN FA 102 29.48 -77.74 -0.85
C GLN FA 102 29.86 -76.32 -1.23
N LEU FA 103 31.02 -76.15 -1.87
CA LEU FA 103 31.46 -74.80 -2.22
C LEU FA 103 30.47 -74.14 -3.16
N ASP FA 104 29.98 -74.88 -4.16
CA ASP FA 104 29.07 -74.27 -5.12
C ASP FA 104 27.69 -74.01 -4.52
N GLU FA 105 27.21 -74.90 -3.65
CA GLU FA 105 25.94 -74.63 -2.99
C GLU FA 105 26.04 -73.39 -2.12
N LYS FA 106 27.14 -73.25 -1.37
CA LYS FA 106 27.33 -72.05 -0.57
C LYS FA 106 27.44 -70.80 -1.44
N TYR FA 107 28.18 -70.90 -2.54
CA TYR FA 107 28.37 -69.72 -3.40
C TYR FA 107 27.05 -69.26 -4.00
N ARG FA 108 26.30 -70.18 -4.61
CA ARG FA 108 24.99 -69.83 -5.15
C ARG FA 108 24.02 -69.41 -4.06
N GLU FA 109 24.25 -69.83 -2.82
CA GLU FA 109 23.47 -69.31 -1.71
C GLU FA 109 23.83 -67.85 -1.43
N SER FA 110 25.08 -67.47 -1.68
CA SER FA 110 25.52 -66.11 -1.42
C SER FA 110 24.93 -65.09 -2.38
N PHE FA 111 24.17 -65.52 -3.39
CA PHE FA 111 23.61 -64.63 -4.39
C PHE FA 111 22.13 -64.33 -4.17
N THR FA 112 21.57 -64.69 -3.02
CA THR FA 112 20.19 -64.38 -2.72
C THR FA 112 20.01 -62.88 -2.54
N GLY FA 113 19.34 -62.25 -3.50
CA GLY FA 113 19.11 -60.81 -3.45
C GLY FA 113 20.19 -60.02 -4.17
N TYR FA 114 20.48 -60.40 -5.41
CA TYR FA 114 21.48 -59.73 -6.21
C TYR FA 114 20.96 -59.54 -7.62
N ASN FA 115 21.30 -58.39 -8.21
CA ASN FA 115 20.91 -58.09 -9.58
C ASN FA 115 21.64 -59.04 -10.51
N LEU FA 116 20.93 -60.04 -11.02
CA LEU FA 116 21.52 -61.05 -11.89
C LEU FA 116 21.28 -60.75 -13.36
N MET FA 117 21.34 -59.48 -13.74
CA MET FA 117 20.86 -59.02 -15.04
C MET FA 117 22.02 -58.56 -15.91
N VAL FA 118 21.93 -58.83 -17.20
CA VAL FA 118 23.00 -58.53 -18.15
C VAL FA 118 22.48 -57.57 -19.21
N ASN FA 119 23.25 -56.51 -19.47
CA ASN FA 119 22.99 -55.56 -20.54
C ASN FA 119 23.24 -56.25 -21.87
N ASP FA 120 22.43 -55.92 -22.88
CA ASP FA 120 22.65 -56.39 -24.23
C ASP FA 120 22.42 -55.24 -25.19
N LEU FA 121 23.49 -54.69 -25.74
CA LEU FA 121 23.37 -53.57 -26.68
C LEU FA 121 23.14 -54.09 -28.08
N TYR FA 122 22.81 -53.17 -28.98
CA TYR FA 122 22.48 -53.50 -30.36
C TYR FA 122 22.63 -52.25 -31.20
N LEU FA 123 22.48 -52.41 -32.51
CA LEU FA 123 22.46 -51.30 -33.46
C LEU FA 123 21.93 -51.84 -34.78
N THR FA 124 20.96 -51.15 -35.38
CA THR FA 124 20.40 -51.58 -36.66
C THR FA 124 20.49 -50.41 -37.62
N VAL FA 125 21.52 -50.40 -38.46
CA VAL FA 125 21.71 -49.34 -39.43
C VAL FA 125 20.86 -49.65 -40.66
N VAL FA 126 19.87 -48.79 -40.90
CA VAL FA 126 18.85 -49.04 -41.90
C VAL FA 126 19.18 -48.18 -43.13
N TYR FA 127 18.58 -48.52 -44.28
CA TYR FA 127 18.89 -47.81 -45.52
C TYR FA 127 17.63 -47.71 -46.37
N PRO FA 146 10.21 -55.46 -63.01
CA PRO FA 146 11.05 -56.25 -62.08
C PRO FA 146 12.55 -56.03 -62.22
N ASP FA 147 13.04 -55.76 -63.44
CA ASP FA 147 14.48 -55.60 -63.60
C ASP FA 147 14.99 -54.39 -62.85
N GLN FA 148 14.24 -53.29 -62.85
CA GLN FA 148 14.66 -52.11 -62.11
C GLN FA 148 14.44 -52.28 -60.61
N LYS FA 149 13.46 -53.10 -60.22
CA LYS FA 149 13.37 -53.51 -58.82
C LYS FA 149 14.64 -54.23 -58.40
N LYS FA 150 15.14 -55.13 -59.26
CA LYS FA 150 16.40 -55.78 -58.98
C LYS FA 150 17.54 -54.77 -58.91
N HIS FA 151 17.54 -53.78 -59.80
CA HIS FA 151 18.61 -52.78 -59.79
C HIS FA 151 18.65 -52.03 -58.46
N ARG FA 152 17.48 -51.59 -57.99
CA ARG FA 152 17.41 -51.01 -56.65
C ARG FA 152 17.89 -52.00 -55.61
N GLN FA 153 17.61 -53.29 -55.83
CA GLN FA 153 18.01 -54.31 -54.87
C GLN FA 153 19.52 -54.36 -54.69
N GLU FA 154 20.27 -54.54 -55.79
CA GLU FA 154 21.73 -54.59 -55.63
C GLU FA 154 22.29 -53.24 -55.18
N SER FA 155 21.71 -52.13 -55.63
CA SER FA 155 22.23 -50.84 -55.16
C SER FA 155 22.13 -50.73 -53.65
N CYS FA 156 20.97 -51.05 -53.09
CA CYS FA 156 20.80 -50.97 -51.64
C CYS FA 156 21.66 -51.99 -50.91
N ILE FA 157 21.76 -53.21 -51.43
CA ILE FA 157 22.58 -54.22 -50.75
C ILE FA 157 24.04 -53.81 -50.72
N LYS FA 158 24.57 -53.32 -51.84
CA LYS FA 158 25.97 -52.91 -51.84
C LYS FA 158 26.19 -51.72 -50.92
N ALA FA 159 25.27 -50.75 -50.94
CA ALA FA 159 25.44 -49.59 -50.06
C ALA FA 159 25.44 -50.02 -48.60
N LEU FA 160 24.47 -50.83 -48.20
CA LEU FA 160 24.40 -51.25 -46.80
C LEU FA 160 25.55 -52.15 -46.43
N GLU FA 161 26.07 -52.93 -47.38
CA GLU FA 161 27.20 -53.80 -47.05
C GLU FA 161 28.46 -52.98 -46.82
N ASP FA 162 28.64 -51.91 -47.61
CA ASP FA 162 29.73 -50.98 -47.30
C ASP FA 162 29.55 -50.34 -45.94
N ILE FA 163 28.31 -49.97 -45.60
CA ILE FA 163 28.08 -49.40 -44.28
C ILE FA 163 28.46 -50.40 -43.20
N ASN FA 164 28.10 -51.67 -43.39
CA ASN FA 164 28.42 -52.69 -42.40
C ASN FA 164 29.92 -52.87 -42.25
N ARG FA 165 30.65 -52.91 -43.36
CA ARG FA 165 32.10 -53.03 -43.28
C ARG FA 165 32.70 -51.84 -42.54
N THR FA 166 32.24 -50.63 -42.84
CA THR FA 166 32.79 -49.46 -42.16
C THR FA 166 32.50 -49.48 -40.67
N LEU FA 167 31.27 -49.85 -40.29
CA LEU FA 167 30.95 -49.92 -38.87
C LEU FA 167 31.77 -51.01 -38.17
N GLY FA 168 31.95 -52.15 -38.82
CA GLY FA 168 32.78 -53.18 -38.23
C GLY FA 168 34.20 -52.69 -37.99
N GLN FA 169 34.77 -52.02 -38.99
CA GLN FA 169 36.12 -51.49 -38.82
C GLN FA 169 36.17 -50.37 -37.80
N SER FA 170 35.05 -49.67 -37.57
CA SER FA 170 35.03 -48.59 -36.59
C SER FA 170 34.73 -49.06 -35.18
N PHE FA 171 34.24 -50.29 -35.01
CA PHE FA 171 33.96 -50.86 -33.69
C PHE FA 171 35.02 -51.87 -33.27
N LYS FA 172 36.29 -51.60 -33.58
CA LYS FA 172 37.33 -52.57 -33.27
C LYS FA 172 37.45 -52.76 -31.75
N ARG FA 173 37.38 -51.67 -31.00
CA ARG FA 173 37.48 -51.75 -29.55
C ARG FA 173 36.13 -51.92 -28.87
N TYR FA 174 35.06 -52.05 -29.64
CA TYR FA 174 33.72 -52.24 -29.10
C TYR FA 174 33.26 -53.69 -29.18
N GLY FA 175 34.08 -54.58 -29.71
CA GLY FA 175 33.71 -55.99 -29.74
C GLY FA 175 32.41 -56.27 -30.46
N ALA FA 176 32.19 -55.59 -31.58
CA ALA FA 176 30.94 -55.75 -32.29
C ALA FA 176 30.89 -57.07 -33.05
N GLU FA 177 29.68 -57.53 -33.34
CA GLU FA 177 29.48 -58.76 -34.09
C GLU FA 177 28.20 -58.60 -34.91
N LEU FA 178 28.34 -58.65 -36.23
CA LEU FA 178 27.17 -58.59 -37.09
C LEU FA 178 26.41 -59.91 -37.01
N LEU FA 179 25.11 -59.81 -36.76
CA LEU FA 179 24.28 -61.01 -36.61
C LEU FA 179 23.82 -61.51 -37.97
N SER FA 180 23.89 -62.83 -38.17
CA SER FA 180 23.60 -63.39 -39.48
C SER FA 180 23.03 -64.80 -39.31
N VAL FA 181 22.46 -65.30 -40.41
CA VAL FA 181 21.75 -66.57 -40.40
C VAL FA 181 22.66 -67.70 -39.93
N TYR FA 182 22.13 -68.56 -39.06
CA TYR FA 182 22.82 -69.76 -38.63
C TYR FA 182 21.86 -70.93 -38.75
N GLU FA 183 22.38 -72.10 -39.07
CA GLU FA 183 21.57 -73.27 -39.38
C GLU FA 183 21.53 -74.22 -38.21
N LYS FA 184 20.34 -74.72 -37.89
CA LYS FA 184 20.15 -75.71 -36.84
C LYS FA 184 19.24 -76.82 -37.35
N GLY FA 185 19.76 -78.03 -37.43
CA GLY FA 185 18.96 -79.17 -37.81
C GLY FA 185 18.42 -79.13 -39.22
N GLY FA 186 19.27 -78.77 -40.19
CA GLY FA 186 18.84 -78.74 -41.57
C GLY FA 186 17.75 -77.73 -41.87
N HIS FA 187 17.80 -76.58 -41.20
CA HIS FA 187 16.81 -75.52 -41.38
C HIS FA 187 17.48 -74.20 -41.04
N ALA FA 188 16.96 -73.12 -41.60
CA ALA FA 188 17.58 -71.82 -41.47
C ALA FA 188 16.97 -71.07 -40.29
N PHE FA 189 17.80 -70.69 -39.31
CA PHE FA 189 17.36 -69.91 -38.16
C PHE FA 189 18.01 -68.53 -38.25
N SER FA 190 17.20 -67.49 -38.19
CA SER FA 190 17.69 -66.13 -38.32
C SER FA 190 18.20 -65.61 -37.00
N ALA FA 191 19.37 -64.97 -37.02
CA ALA FA 191 19.92 -64.34 -35.83
C ALA FA 191 19.30 -62.97 -35.56
N PRO FA 192 19.11 -62.10 -36.57
CA PRO FA 192 18.46 -60.82 -36.26
C PRO FA 192 17.01 -60.99 -35.87
N LEU FA 193 16.28 -61.87 -36.56
CA LEU FA 193 14.86 -62.03 -36.28
C LEU FA 193 14.60 -62.37 -34.83
N GLU FA 194 15.52 -63.07 -34.17
CA GLU FA 194 15.33 -63.34 -32.75
C GLU FA 194 15.34 -62.05 -31.94
N PHE FA 195 16.22 -61.11 -32.30
CA PHE FA 195 16.28 -59.85 -31.57
C PHE FA 195 15.05 -59.00 -31.82
N LEU FA 196 14.66 -58.84 -33.08
CA LEU FA 196 13.48 -58.05 -33.38
C LEU FA 196 12.22 -58.70 -32.81
N ALA FA 197 12.17 -60.03 -32.78
CA ALA FA 197 11.07 -60.72 -32.12
C ALA FA 197 11.08 -60.46 -30.63
N ARG FA 198 12.25 -60.45 -30.00
CA ARG FA 198 12.32 -60.06 -28.60
C ARG FA 198 11.75 -58.66 -28.41
N LEU FA 199 11.99 -57.79 -29.38
CA LEU FA 199 11.36 -56.47 -29.34
C LEU FA 199 9.85 -56.58 -29.40
N VAL FA 200 9.32 -57.46 -30.25
CA VAL FA 200 7.87 -57.60 -30.39
C VAL FA 200 7.29 -58.41 -29.23
N ASN FA 201 7.86 -59.58 -28.95
CA ASN FA 201 7.25 -60.52 -28.02
C ASN FA 201 7.54 -60.20 -26.57
N GLY FA 202 8.76 -59.76 -26.26
CA GLY FA 202 9.20 -59.68 -24.89
C GLY FA 202 9.93 -60.90 -24.40
N GLU FA 203 9.97 -61.96 -25.20
CA GLU FA 203 10.71 -63.18 -24.91
C GLU FA 203 11.79 -63.39 -25.96
N HIS FA 204 12.47 -64.53 -25.88
CA HIS FA 204 13.47 -64.92 -26.87
C HIS FA 204 12.97 -66.22 -27.50
N ILE FA 205 12.17 -66.11 -28.55
CA ILE FA 205 11.64 -67.27 -29.27
C ILE FA 205 12.53 -67.50 -30.49
N PRO FA 206 13.16 -68.67 -30.62
CA PRO FA 206 14.01 -68.92 -31.79
C PRO FA 206 13.20 -68.89 -33.08
N MET FA 207 13.47 -67.91 -33.93
CA MET FA 207 12.64 -67.70 -35.11
C MET FA 207 13.24 -68.43 -36.29
N PRO FA 208 12.57 -69.44 -36.85
CA PRO FA 208 13.07 -70.10 -38.04
C PRO FA 208 12.73 -69.31 -39.30
N ILE FA 209 13.34 -69.72 -40.41
CA ILE FA 209 13.08 -69.14 -41.71
C ILE FA 209 12.09 -70.06 -42.43
N CYS FA 210 10.81 -69.75 -42.33
CA CYS FA 210 9.80 -70.52 -43.02
C CYS FA 210 9.52 -69.88 -44.38
N ARG FA 211 8.46 -70.32 -45.05
CA ARG FA 211 8.18 -69.95 -46.42
C ARG FA 211 7.12 -68.86 -46.53
N ASP FA 212 7.09 -67.92 -45.59
CA ASP FA 212 6.18 -66.80 -45.64
C ASP FA 212 6.96 -65.50 -45.44
N ARG FA 213 6.23 -64.39 -45.51
CA ARG FA 213 6.77 -63.13 -45.03
C ARG FA 213 6.93 -63.20 -43.52
N PHE FA 214 8.01 -62.62 -43.00
CA PHE FA 214 8.21 -62.66 -41.56
C PHE FA 214 7.09 -61.94 -40.82
N SER FA 215 6.49 -60.92 -41.43
CA SER FA 215 5.42 -60.18 -40.79
C SER FA 215 4.26 -61.08 -40.43
N ASP FA 216 4.11 -62.19 -41.15
CA ASP FA 216 2.97 -63.06 -40.93
C ASP FA 216 3.11 -63.88 -39.65
N TYR FA 217 4.32 -64.37 -39.35
CA TYR FA 217 4.49 -65.38 -38.32
C TYR FA 217 5.57 -65.02 -37.30
N MET FA 218 5.90 -63.74 -37.18
CA MET FA 218 6.97 -63.31 -36.30
C MET FA 218 6.48 -62.88 -34.92
N ALA FA 219 5.17 -62.89 -34.68
CA ALA FA 219 4.62 -62.54 -33.38
C ALA FA 219 3.88 -63.75 -32.83
N VAL FA 220 4.32 -64.24 -31.68
CA VAL FA 220 3.71 -65.39 -31.03
C VAL FA 220 3.10 -65.01 -29.69
N ASN FA 221 3.02 -63.72 -29.39
CA ASN FA 221 2.46 -63.23 -28.14
C ASN FA 221 1.42 -62.17 -28.45
N ARG FA 222 0.19 -62.39 -28.01
CA ARG FA 222 -0.89 -61.45 -28.21
C ARG FA 222 -0.73 -60.26 -27.27
N PRO FA 223 -0.34 -59.09 -27.75
CA PRO FA 223 -0.21 -57.94 -26.87
C PRO FA 223 -1.56 -57.34 -26.56
N MET FA 224 -1.61 -56.58 -25.47
CA MET FA 224 -2.82 -55.88 -25.06
C MET FA 224 -2.43 -54.53 -24.50
N PHE FA 225 -2.95 -53.47 -25.09
CA PHE FA 225 -2.66 -52.11 -24.65
C PHE FA 225 -3.90 -51.49 -23.99
N SER FA 226 -3.67 -50.78 -22.90
CA SER FA 226 -4.75 -50.16 -22.15
C SER FA 226 -5.39 -49.03 -22.95
N LYS FA 227 -6.71 -48.86 -22.75
CA LYS FA 227 -7.41 -47.78 -23.45
C LYS FA 227 -6.92 -46.42 -22.98
N TRP FA 228 -6.83 -46.23 -21.66
CA TRP FA 228 -6.40 -44.97 -21.06
C TRP FA 228 -5.28 -45.30 -20.08
N GLY FA 229 -4.04 -45.21 -20.53
CA GLY FA 229 -2.95 -45.52 -19.62
C GLY FA 229 -1.61 -45.51 -20.33
N GLU FA 230 -0.60 -45.98 -19.59
CA GLU FA 230 0.76 -46.09 -20.10
C GLU FA 230 1.29 -47.50 -20.09
N VAL FA 231 0.54 -48.45 -19.52
CA VAL FA 231 1.03 -49.81 -19.34
C VAL FA 231 0.20 -50.76 -20.19
N GLY FA 232 0.80 -51.89 -20.53
CA GLY FA 232 0.16 -52.87 -21.36
C GLY FA 232 0.32 -54.27 -20.80
N GLU FA 233 0.12 -55.29 -21.62
CA GLU FA 233 0.17 -56.65 -21.13
C GLU FA 233 0.33 -57.63 -22.27
N LEU FA 234 1.30 -58.54 -22.16
CA LEU FA 234 1.58 -59.52 -23.20
C LEU FA 234 1.13 -60.89 -22.74
N ARG FA 235 0.10 -61.44 -23.39
CA ARG FA 235 -0.48 -62.71 -22.99
C ARG FA 235 0.25 -63.83 -23.71
N SER FA 236 1.18 -64.48 -23.02
CA SER FA 236 2.00 -65.53 -23.58
C SER FA 236 1.76 -66.84 -22.85
N LEU FA 237 2.34 -67.91 -23.40
CA LEU FA 237 2.25 -69.20 -22.74
C LEU FA 237 3.02 -69.20 -21.42
N THR FA 238 4.26 -68.73 -21.44
CA THR FA 238 5.12 -68.81 -20.27
C THR FA 238 4.73 -67.84 -19.17
N GLY FA 239 3.81 -66.92 -19.42
CA GLY FA 239 3.35 -65.98 -18.40
C GLY FA 239 3.20 -64.56 -18.90
N LEU FA 240 2.35 -63.81 -18.21
CA LEU FA 240 2.10 -62.42 -18.57
C LEU FA 240 3.31 -61.56 -18.26
N ARG FA 241 3.53 -60.56 -19.11
CA ARG FA 241 4.56 -59.55 -18.87
C ARG FA 241 3.94 -58.18 -19.12
N ARG FA 242 3.92 -57.34 -18.08
CA ARG FA 242 3.33 -56.02 -18.18
C ARG FA 242 4.43 -55.01 -18.40
N PHE FA 243 4.27 -54.17 -19.43
CA PHE FA 243 5.29 -53.24 -19.87
C PHE FA 243 4.75 -51.83 -19.79
N GLY FA 244 5.56 -50.91 -19.29
CA GLY FA 244 5.15 -49.53 -19.23
C GLY FA 244 6.15 -48.62 -19.90
N MET FA 245 5.75 -48.01 -21.01
CA MET FA 245 6.65 -47.22 -21.82
C MET FA 245 6.91 -45.87 -21.16
N LEU FA 246 7.89 -45.15 -21.71
CA LEU FA 246 8.27 -43.84 -21.21
C LEU FA 246 8.95 -43.09 -22.34
N GLU FA 247 9.11 -41.78 -22.19
CA GLU FA 247 9.53 -40.96 -23.30
C GLU FA 247 10.30 -39.74 -22.82
N ILE FA 248 11.28 -39.33 -23.61
CA ILE FA 248 12.07 -38.13 -23.34
C ILE FA 248 11.56 -37.01 -24.24
N ARG FA 249 11.37 -35.82 -23.66
CA ARG FA 249 10.89 -34.70 -24.46
C ARG FA 249 11.54 -33.36 -24.16
N GLU FA 250 12.45 -33.26 -23.20
CA GLU FA 250 13.02 -31.96 -22.84
C GLU FA 250 14.50 -32.13 -22.54
N TYR FA 251 15.34 -31.67 -23.46
CA TYR FA 251 16.78 -31.72 -23.26
C TYR FA 251 17.21 -30.56 -22.38
N ASP FA 252 18.52 -30.30 -22.31
CA ASP FA 252 19.01 -29.13 -21.61
C ASP FA 252 20.21 -28.54 -22.35
N ASP FA 253 20.93 -27.62 -21.69
CA ASP FA 253 22.09 -26.98 -22.31
C ASP FA 253 23.34 -27.83 -22.09
N ALA FA 254 23.24 -29.10 -22.50
CA ALA FA 254 24.33 -30.04 -22.29
C ALA FA 254 24.12 -31.33 -23.08
N THR FA 255 25.23 -31.96 -23.48
CA THR FA 255 25.23 -33.31 -24.02
C THR FA 255 26.36 -34.10 -23.38
N GLU FA 256 26.45 -34.02 -22.05
CA GLU FA 256 27.53 -34.67 -21.32
C GLU FA 256 27.63 -36.14 -21.72
N PRO FA 257 28.84 -36.66 -21.88
CA PRO FA 257 28.99 -38.00 -22.45
C PRO FA 257 28.44 -39.06 -21.53
N GLY FA 258 27.68 -39.99 -22.12
CA GLY FA 258 27.11 -41.07 -21.35
C GLY FA 258 26.24 -40.62 -20.20
N GLN FA 259 25.34 -39.67 -20.45
CA GLN FA 259 24.45 -39.23 -19.38
C GLN FA 259 23.38 -40.27 -19.07
N LEU FA 260 23.11 -41.16 -20.02
CA LEU FA 260 22.17 -42.24 -19.80
C LEU FA 260 22.85 -43.50 -19.28
N ASN FA 261 23.96 -43.36 -18.56
CA ASN FA 261 24.57 -44.51 -17.92
C ASN FA 261 23.77 -45.00 -16.73
N VAL FA 262 22.99 -44.14 -16.08
CA VAL FA 262 22.35 -44.49 -14.83
C VAL FA 262 21.35 -45.62 -15.02
N LEU FA 263 20.84 -45.79 -16.23
CA LEU FA 263 19.88 -46.87 -16.48
C LEU FA 263 20.54 -48.19 -16.77
N LEU FA 264 21.88 -48.23 -16.79
CA LEU FA 264 22.63 -49.48 -16.84
C LEU FA 264 22.61 -50.22 -15.52
N GLU FA 265 22.59 -49.50 -14.41
CA GLU FA 265 22.65 -50.05 -13.07
C GLU FA 265 21.27 -50.37 -12.51
N SER FA 266 20.30 -50.54 -13.39
CA SER FA 266 18.90 -50.59 -13.00
C SER FA 266 18.58 -51.88 -12.25
N ASP FA 267 17.56 -51.79 -11.41
CA ASP FA 267 16.98 -52.94 -10.75
C ASP FA 267 15.77 -53.47 -11.50
N TYR FA 268 15.44 -52.86 -12.64
CA TYR FA 268 14.23 -53.15 -13.39
C TYR FA 268 14.61 -53.50 -14.82
N GLU FA 269 14.09 -54.62 -15.30
CA GLU FA 269 14.42 -55.10 -16.63
C GLU FA 269 13.60 -54.37 -17.68
N PHE FA 270 14.28 -53.77 -18.65
CA PHE FA 270 13.63 -52.84 -19.57
C PHE FA 270 14.19 -53.04 -20.98
N VAL FA 271 13.83 -52.14 -21.88
CA VAL FA 271 14.39 -52.03 -23.22
C VAL FA 271 14.48 -50.56 -23.60
N LEU FA 272 15.68 -49.99 -23.63
CA LEU FA 272 15.79 -48.62 -24.10
C LEU FA 272 15.72 -48.61 -25.63
N THR FA 273 15.60 -47.43 -26.22
CA THR FA 273 15.51 -47.32 -27.67
C THR FA 273 16.00 -45.95 -28.08
N HIS FA 274 16.46 -45.85 -29.32
CA HIS FA 274 16.82 -44.57 -29.89
C HIS FA 274 16.46 -44.58 -31.37
N SER FA 275 16.83 -43.51 -32.05
CA SER FA 275 16.60 -43.38 -33.47
C SER FA 275 17.35 -42.16 -33.94
N PHE FA 276 18.01 -42.25 -35.08
CA PHE FA 276 18.74 -41.12 -35.62
C PHE FA 276 18.55 -41.15 -37.12
N SER FA 277 17.45 -40.56 -37.59
CA SER FA 277 17.17 -40.50 -39.02
C SER FA 277 18.02 -39.38 -39.60
N VAL FA 278 19.21 -39.75 -40.06
CA VAL FA 278 20.20 -38.80 -40.54
C VAL FA 278 19.54 -37.91 -41.59
N LEU FA 279 19.95 -36.65 -41.64
CA LEU FA 279 19.19 -35.61 -42.30
C LEU FA 279 20.12 -34.81 -43.20
N SER FA 280 19.57 -34.32 -44.31
CA SER FA 280 20.38 -33.70 -45.35
C SER FA 280 21.03 -32.41 -44.83
N ARG FA 281 22.21 -32.12 -45.37
CA ARG FA 281 22.89 -30.88 -44.99
C ARG FA 281 22.08 -29.63 -45.30
N PRO FA 282 21.42 -29.49 -46.45
CA PRO FA 282 20.54 -28.31 -46.60
C PRO FA 282 19.41 -28.26 -45.58
N ALA FA 283 18.76 -29.39 -45.31
CA ALA FA 283 17.66 -29.38 -44.33
C ALA FA 283 18.17 -29.10 -42.94
N ALA FA 284 19.31 -29.68 -42.57
CA ALA FA 284 19.89 -29.41 -41.26
C ALA FA 284 20.31 -27.96 -41.13
N LYS FA 285 20.94 -27.41 -42.16
CA LYS FA 285 21.29 -26.00 -42.15
C LYS FA 285 20.06 -25.12 -42.06
N GLU FA 286 18.95 -25.55 -42.66
CA GLU FA 286 17.73 -24.77 -42.55
C GLU FA 286 17.16 -24.82 -41.15
N TYR FA 287 17.20 -25.99 -40.51
CA TYR FA 287 16.76 -26.07 -39.12
C TYR FA 287 17.59 -25.18 -38.22
N LEU FA 288 18.91 -25.21 -38.42
CA LEU FA 288 19.78 -24.38 -37.59
C LEU FA 288 19.60 -22.90 -37.92
N GLN FA 289 19.35 -22.57 -39.18
CA GLN FA 289 19.02 -21.19 -39.52
C GLN FA 289 17.72 -20.75 -38.87
N ARG FA 290 16.76 -21.65 -38.75
CA ARG FA 290 15.52 -21.34 -38.06
C ARG FA 290 15.78 -21.04 -36.59
N HIS FA 291 16.60 -21.86 -35.93
CA HIS FA 291 16.93 -21.57 -34.55
C HIS FA 291 17.65 -20.23 -34.42
N GLN FA 292 18.59 -19.97 -35.34
CA GLN FA 292 19.31 -18.70 -35.33
C GLN FA 292 18.35 -17.53 -35.48
N LYS FA 293 17.40 -17.63 -36.42
CA LYS FA 293 16.46 -16.55 -36.66
C LYS FA 293 15.58 -16.31 -35.44
N ASN FA 294 15.05 -17.39 -34.87
CA ASN FA 294 14.21 -17.24 -33.69
C ASN FA 294 14.97 -16.60 -32.54
N LEU FA 295 16.22 -17.02 -32.34
CA LEU FA 295 17.01 -16.48 -31.25
C LEU FA 295 17.34 -15.02 -31.47
N ILE FA 296 17.67 -14.65 -32.72
CA ILE FA 296 18.15 -13.31 -33.03
C ILE FA 296 16.98 -12.35 -33.15
N ILE FA 306 24.99 -15.31 -29.82
CA ILE FA 306 25.62 -15.01 -31.11
C ILE FA 306 26.70 -16.01 -31.48
N GLU FA 307 27.77 -16.07 -30.70
CA GLU FA 307 28.95 -16.82 -31.11
C GLU FA 307 28.68 -18.31 -31.14
N GLU FA 308 27.81 -18.78 -30.24
CA GLU FA 308 27.51 -20.21 -30.21
C GLU FA 308 26.91 -20.67 -31.52
N ILE FA 309 25.90 -19.95 -32.01
CA ILE FA 309 25.31 -20.38 -33.27
C ILE FA 309 26.22 -20.03 -34.44
N ASP FA 310 27.09 -19.03 -34.28
CA ASP FA 310 28.12 -18.80 -35.29
C ASP FA 310 28.95 -20.05 -35.51
N GLU FA 311 29.50 -20.59 -34.42
CA GLU FA 311 30.33 -21.79 -34.55
C GLU FA 311 29.50 -23.01 -34.93
N ALA FA 312 28.26 -23.09 -34.46
CA ALA FA 312 27.40 -24.21 -34.83
C ALA FA 312 27.22 -24.27 -36.34
N LEU FA 313 26.80 -23.16 -36.93
CA LEU FA 313 26.57 -23.15 -38.37
C LEU FA 313 27.88 -23.35 -39.12
N ASN FA 314 28.97 -22.74 -38.65
CA ASN FA 314 30.23 -22.88 -39.34
C ASN FA 314 30.73 -24.33 -39.33
N GLN FA 315 30.57 -25.04 -38.21
CA GLN FA 315 30.88 -26.46 -38.19
C GLN FA 315 29.99 -27.22 -39.16
N LEU FA 316 28.68 -26.95 -39.14
CA LEU FA 316 27.78 -27.74 -39.96
C LEU FA 316 28.14 -27.61 -41.43
N ILE FA 317 28.49 -26.39 -41.87
CA ILE FA 317 28.96 -26.24 -43.26
C ILE FA 317 30.30 -26.93 -43.45
N SER FA 318 31.22 -26.75 -42.51
CA SER FA 318 32.54 -27.34 -42.60
C SER FA 318 32.56 -28.85 -42.30
N GLY FA 319 31.39 -29.47 -42.20
CA GLY FA 319 31.33 -30.92 -42.07
C GLY FA 319 31.95 -31.48 -40.82
N HIS FA 320 31.36 -31.20 -39.66
CA HIS FA 320 31.82 -31.76 -38.40
C HIS FA 320 30.71 -32.43 -37.63
N PHE FA 321 29.46 -32.29 -38.07
CA PHE FA 321 28.38 -33.09 -37.51
C PHE FA 321 27.23 -33.11 -38.50
N VAL FA 322 26.31 -34.05 -38.30
CA VAL FA 322 25.18 -34.25 -39.21
C VAL FA 322 23.92 -34.39 -38.37
N MET FA 323 23.01 -33.43 -38.50
CA MET FA 323 21.78 -33.43 -37.71
C MET FA 323 20.89 -34.61 -38.09
N GLY FA 324 19.97 -34.95 -37.19
CA GLY FA 324 19.03 -36.02 -37.45
C GLY FA 324 17.88 -36.02 -36.48
N GLU FA 325 16.82 -36.75 -36.85
CA GLU FA 325 15.59 -36.84 -36.09
C GLU FA 325 15.66 -38.01 -35.12
N HIS FA 326 15.36 -37.77 -33.85
CA HIS FA 326 15.71 -38.67 -32.76
C HIS FA 326 14.54 -38.84 -31.80
N HIS FA 327 14.43 -40.03 -31.20
CA HIS FA 327 13.41 -40.27 -30.19
C HIS FA 327 13.83 -41.46 -29.34
N CYS FA 328 13.66 -41.34 -28.02
CA CYS FA 328 14.10 -42.36 -27.08
C CYS FA 328 12.94 -42.81 -26.21
N THR FA 329 12.66 -44.12 -26.20
CA THR FA 329 11.50 -44.68 -25.51
C THR FA 329 11.92 -45.83 -24.61
N LEU FA 330 12.27 -45.51 -23.37
CA LEU FA 330 12.50 -46.54 -22.36
C LEU FA 330 11.19 -47.25 -22.05
N THR FA 331 11.19 -48.57 -22.14
CA THR FA 331 10.03 -49.39 -21.79
C THR FA 331 10.44 -50.39 -20.72
N VAL FA 332 9.85 -50.28 -19.54
CA VAL FA 332 10.18 -51.18 -18.45
C VAL FA 332 9.24 -52.38 -18.47
N TYR FA 333 9.80 -53.57 -18.27
CA TYR FA 333 9.03 -54.80 -18.19
C TYR FA 333 8.84 -55.18 -16.73
N GLY FA 334 7.69 -55.76 -16.42
CA GLY FA 334 7.37 -56.16 -15.07
C GLY FA 334 6.24 -57.17 -15.06
N GLU FA 335 5.93 -57.66 -13.86
CA GLU FA 335 4.95 -58.73 -13.72
C GLU FA 335 3.58 -58.25 -13.26
N THR FA 336 3.51 -57.14 -12.52
CA THR FA 336 2.22 -56.60 -12.10
C THR FA 336 2.19 -55.10 -12.34
N VAL FA 337 0.97 -54.58 -12.54
CA VAL FA 337 0.81 -53.21 -13.02
C VAL FA 337 1.34 -52.21 -12.02
N GLN FA 338 1.19 -52.50 -10.72
CA GLN FA 338 1.76 -51.61 -9.71
C GLN FA 338 3.26 -51.57 -9.84
N GLN FA 339 3.89 -52.73 -10.01
CA GLN FA 339 5.35 -52.80 -10.04
C GLN FA 339 5.93 -52.10 -11.26
N VAL FA 340 5.27 -52.23 -12.41
CA VAL FA 340 5.78 -51.56 -13.60
C VAL FA 340 5.65 -50.05 -13.47
N ARG FA 341 4.60 -49.56 -12.81
CA ARG FA 341 4.50 -48.14 -12.53
C ARG FA 341 5.59 -47.70 -11.57
N ASP FA 342 5.90 -48.52 -10.56
CA ASP FA 342 6.98 -48.19 -9.64
C ASP FA 342 8.30 -48.07 -10.39
N ASN FA 343 8.58 -49.03 -11.27
CA ASN FA 343 9.80 -48.97 -12.07
C ASN FA 343 9.79 -47.76 -12.99
N LEU FA 344 8.63 -47.40 -13.52
CA LEU FA 344 8.55 -46.22 -14.38
C LEU FA 344 8.88 -44.96 -13.60
N ALA FA 345 8.35 -44.84 -12.38
CA ALA FA 345 8.68 -43.68 -11.56
C ALA FA 345 10.17 -43.67 -11.23
N HIS FA 346 10.76 -44.84 -10.99
CA HIS FA 346 12.20 -44.91 -10.74
C HIS FA 346 12.99 -44.45 -11.96
N ALA FA 347 12.58 -44.89 -13.15
CA ALA FA 347 13.29 -44.49 -14.36
C ALA FA 347 13.13 -42.99 -14.61
N SER FA 348 11.96 -42.44 -14.31
CA SER FA 348 11.78 -40.99 -14.43
C SER FA 348 12.68 -40.24 -13.48
N ALA FA 349 12.81 -40.72 -12.24
CA ALA FA 349 13.75 -40.11 -11.31
C ALA FA 349 15.17 -40.19 -11.85
N ALA FA 350 15.54 -41.34 -12.42
CA ALA FA 350 16.89 -41.52 -12.94
C ALA FA 350 17.17 -40.55 -14.09
N MET FA 351 16.24 -40.44 -15.03
CA MET FA 351 16.43 -39.49 -16.13
C MET FA 351 16.48 -38.06 -15.65
N LEU FA 352 15.60 -37.68 -14.72
CA LEU FA 352 15.64 -36.33 -14.19
C LEU FA 352 16.95 -36.05 -13.46
N ASP FA 353 17.58 -37.06 -12.88
CA ASP FA 353 18.88 -36.87 -12.25
C ASP FA 353 19.93 -36.40 -13.23
N VAL FA 354 19.83 -36.77 -14.50
CA VAL FA 354 20.82 -36.39 -15.49
C VAL FA 354 20.28 -35.33 -16.44
N ALA FA 355 19.27 -34.56 -16.01
CA ALA FA 355 18.81 -33.38 -16.73
C ALA FA 355 18.33 -33.69 -18.14
N VAL FA 356 17.42 -34.65 -18.25
CA VAL FA 356 16.61 -34.83 -19.45
C VAL FA 356 15.17 -35.10 -19.03
N LEU FA 357 14.35 -34.05 -19.01
CA LEU FA 357 13.04 -34.14 -18.39
C LEU FA 357 12.16 -35.14 -19.14
N PRO FA 358 11.82 -36.27 -18.53
CA PRO FA 358 10.97 -37.25 -19.21
C PRO FA 358 9.50 -37.09 -18.85
N LYS FA 359 8.61 -37.43 -19.78
CA LYS FA 359 7.18 -37.42 -19.52
C LYS FA 359 6.63 -38.75 -20.00
N PRO FA 360 5.97 -39.53 -19.14
CA PRO FA 360 5.51 -40.85 -19.55
C PRO FA 360 4.55 -40.76 -20.73
N VAL FA 361 4.72 -41.64 -21.68
CA VAL FA 361 3.87 -41.65 -22.86
C VAL FA 361 2.54 -42.30 -22.48
N ASP FA 362 1.44 -41.59 -22.74
CA ASP FA 362 0.12 -42.00 -22.32
C ASP FA 362 -0.83 -42.23 -23.49
N LEU FA 363 -1.00 -41.25 -24.37
CA LEU FA 363 -1.86 -41.44 -25.53
C LEU FA 363 -1.20 -42.28 -26.62
N ALA FA 364 0.09 -42.13 -26.82
CA ALA FA 364 0.80 -42.84 -27.88
C ALA FA 364 1.59 -44.04 -27.35
N LEU FA 365 1.03 -44.78 -26.38
CA LEU FA 365 1.69 -45.99 -25.92
C LEU FA 365 1.85 -46.99 -27.05
N GLU FA 366 0.79 -47.22 -27.81
CA GLU FA 366 0.86 -48.21 -28.86
C GLU FA 366 1.74 -47.73 -30.01
N ALA FA 367 1.69 -46.43 -30.31
CA ALA FA 367 2.55 -45.89 -31.36
C ALA FA 367 4.01 -46.01 -30.98
N GLY FA 368 4.33 -45.68 -29.73
CA GLY FA 368 5.70 -45.87 -29.27
C GLY FA 368 6.14 -47.32 -29.33
N TYR FA 369 5.28 -48.22 -28.84
CA TYR FA 369 5.64 -49.63 -28.81
C TYR FA 369 5.84 -50.18 -30.21
N TRP FA 370 5.13 -49.64 -31.20
CA TRP FA 370 5.41 -50.01 -32.59
C TRP FA 370 6.49 -49.15 -33.21
N ALA FA 371 7.04 -48.20 -32.47
CA ALA FA 371 8.13 -47.37 -32.96
C ALA FA 371 9.49 -47.93 -32.58
N GLN FA 372 9.52 -49.05 -31.87
CA GLN FA 372 10.80 -49.66 -31.50
C GLN FA 372 11.38 -50.52 -32.60
N LEU FA 373 10.53 -51.22 -33.34
CA LEU FA 373 11.01 -52.07 -34.41
C LEU FA 373 11.73 -51.21 -35.44
N PRO FA 374 12.96 -51.55 -35.80
CA PRO FA 374 13.69 -50.74 -36.79
C PRO FA 374 12.93 -50.68 -38.10
N ALA FA 375 13.13 -49.57 -38.82
CA ALA FA 375 12.41 -49.24 -40.05
C ALA FA 375 10.96 -48.86 -39.78
N ASN FA 376 10.70 -48.11 -38.70
CA ASN FA 376 9.39 -47.56 -38.42
C ASN FA 376 9.53 -46.09 -38.02
N TRP FA 377 9.50 -45.20 -39.02
CA TRP FA 377 9.46 -43.78 -38.72
C TRP FA 377 8.04 -43.28 -38.57
N GLN FA 378 7.09 -43.93 -39.24
CA GLN FA 378 5.72 -43.46 -39.24
C GLN FA 378 5.05 -43.62 -37.89
N TRP FA 379 5.70 -44.32 -36.96
CA TRP FA 379 5.11 -44.60 -35.66
C TRP FA 379 5.84 -43.89 -34.52
N ARG FA 380 6.85 -43.10 -34.80
CA ARG FA 380 7.60 -42.45 -33.73
C ARG FA 380 6.76 -41.33 -33.14
N PRO FA 381 6.62 -41.27 -31.81
CA PRO FA 381 5.87 -40.16 -31.20
C PRO FA 381 6.50 -38.79 -31.37
N ARG FA 382 7.74 -38.59 -30.93
CA ARG FA 382 8.33 -37.25 -30.83
C ARG FA 382 9.72 -37.20 -31.44
N PRO FA 383 9.84 -37.13 -32.76
CA PRO FA 383 11.15 -36.97 -33.40
C PRO FA 383 11.60 -35.52 -33.37
N ALA FA 384 12.70 -35.26 -32.68
CA ALA FA 384 13.20 -33.89 -32.49
C ALA FA 384 14.65 -33.82 -32.95
N PRO FA 385 14.97 -32.99 -33.95
CA PRO FA 385 16.33 -32.97 -34.49
C PRO FA 385 17.38 -32.53 -33.46
N ILE FA 386 18.55 -33.17 -33.53
CA ILE FA 386 19.67 -32.88 -32.64
C ILE FA 386 20.98 -33.05 -33.41
N THR FA 387 22.04 -32.53 -32.82
CA THR FA 387 23.38 -32.70 -33.38
C THR FA 387 23.78 -34.17 -33.31
N SER FA 388 24.62 -34.62 -34.25
CA SER FA 388 25.02 -36.01 -34.26
C SER FA 388 25.93 -36.35 -33.09
N LEU FA 389 26.84 -35.43 -32.74
CA LEU FA 389 27.66 -35.60 -31.54
C LEU FA 389 26.73 -35.90 -30.38
N ASN FA 390 25.61 -35.20 -30.35
CA ASN FA 390 24.69 -35.36 -29.24
C ASN FA 390 24.06 -36.75 -29.24
N PHE FA 391 23.69 -37.26 -30.42
CA PHE FA 391 23.12 -38.60 -30.44
C PHE FA 391 24.15 -39.63 -29.98
N LEU FA 392 25.38 -39.52 -30.47
CA LEU FA 392 26.39 -40.45 -30.00
C LEU FA 392 26.72 -40.23 -28.53
N SER FA 393 26.27 -39.11 -27.95
CA SER FA 393 26.34 -38.92 -26.52
C SER FA 393 25.11 -39.47 -25.78
N PHE FA 394 24.00 -39.71 -26.47
CA PHE FA 394 22.90 -40.50 -25.91
C PHE FA 394 23.07 -41.99 -26.11
N SER FA 395 24.10 -42.43 -26.82
CA SER FA 395 24.33 -43.85 -26.94
C SER FA 395 25.81 -44.11 -27.23
N PRO FA 396 26.69 -43.89 -26.26
CA PRO FA 396 28.13 -44.10 -26.49
C PRO FA 396 28.53 -45.56 -26.54
N PHE FA 397 27.57 -46.47 -26.44
CA PHE FA 397 27.84 -47.89 -26.36
C PHE FA 397 28.75 -48.21 -25.18
N HIS FA 398 28.49 -47.54 -24.06
CA HIS FA 398 29.04 -47.96 -22.78
C HIS FA 398 28.28 -49.18 -22.27
N ASN FA 399 28.96 -49.95 -21.43
CA ASN FA 399 28.38 -51.17 -20.88
C ASN FA 399 29.30 -51.66 -19.79
N PHE FA 400 28.71 -52.17 -18.72
CA PHE FA 400 29.49 -52.89 -17.72
C PHE FA 400 29.92 -54.23 -18.29
N MET FA 401 31.13 -54.64 -17.96
CA MET FA 401 31.59 -55.95 -18.42
C MET FA 401 30.76 -57.04 -17.77
N SER FA 402 30.31 -57.99 -18.57
CA SER FA 402 29.42 -59.04 -18.08
C SER FA 402 29.86 -60.42 -18.52
N GLY FA 403 30.57 -60.51 -19.63
CA GLY FA 403 30.95 -61.80 -20.15
C GLY FA 403 29.77 -62.52 -20.77
N LYS FA 404 30.04 -63.72 -21.27
CA LYS FA 404 29.03 -64.50 -21.95
C LYS FA 404 28.62 -65.69 -21.09
N PRO FA 405 27.38 -65.76 -20.61
CA PRO FA 405 26.99 -66.92 -19.79
C PRO FA 405 27.05 -68.24 -20.53
N THR FA 406 26.36 -68.37 -21.66
CA THR FA 406 26.35 -69.61 -22.43
C THR FA 406 26.97 -69.37 -23.79
N GLY FA 407 26.98 -70.42 -24.60
CA GLY FA 407 27.56 -70.35 -25.92
C GLY FA 407 29.06 -70.44 -25.97
N ASN FA 408 29.72 -70.58 -24.82
CA ASN FA 408 31.17 -70.64 -24.77
C ASN FA 408 31.68 -71.93 -25.42
N PRO FA 409 32.95 -71.96 -25.80
CA PRO FA 409 33.50 -73.21 -26.38
C PRO FA 409 33.32 -74.41 -25.48
N TRP FA 410 33.45 -74.23 -24.16
CA TRP FA 410 33.31 -75.35 -23.25
C TRP FA 410 31.85 -75.56 -22.86
N GLY FA 411 31.08 -74.48 -22.78
CA GLY FA 411 29.70 -74.57 -22.39
C GLY FA 411 29.25 -73.39 -21.55
N PRO FA 412 28.71 -73.67 -20.37
CA PRO FA 412 28.35 -72.59 -19.45
C PRO FA 412 29.59 -71.92 -18.87
N ALA FA 413 29.38 -70.69 -18.39
CA ALA FA 413 30.47 -69.94 -17.78
C ALA FA 413 30.94 -70.65 -16.51
N VAL FA 414 32.24 -70.47 -16.21
CA VAL FA 414 32.84 -71.22 -15.10
C VAL FA 414 32.31 -70.72 -13.76
N THR FA 415 32.44 -69.41 -13.50
CA THR FA 415 31.97 -68.87 -12.24
C THR FA 415 31.27 -67.55 -12.52
N ILE FA 416 30.61 -67.04 -11.48
CA ILE FA 416 30.01 -65.71 -11.50
C ILE FA 416 30.58 -64.94 -10.33
N LEU FA 417 31.11 -63.75 -10.60
CA LEU FA 417 31.86 -63.00 -9.61
C LEU FA 417 31.14 -61.71 -9.26
N LYS FA 418 31.20 -61.32 -7.99
CA LYS FA 418 30.70 -60.01 -7.60
C LYS FA 418 31.52 -58.93 -8.28
N THR FA 419 30.87 -57.85 -8.68
CA THR FA 419 31.55 -56.70 -9.23
C THR FA 419 31.24 -55.48 -8.38
N VAL FA 420 32.25 -54.65 -8.14
CA VAL FA 420 32.04 -53.44 -7.34
C VAL FA 420 30.97 -52.55 -7.97
N SER FA 421 30.86 -52.57 -9.29
CA SER FA 421 29.79 -51.83 -9.95
C SER FA 421 28.42 -52.35 -9.49
N GLY FA 422 28.30 -53.67 -9.38
CA GLY FA 422 27.03 -54.27 -8.97
C GLY FA 422 26.55 -55.29 -9.96
N THR FA 423 26.72 -55.00 -11.24
CA THR FA 423 26.31 -55.94 -12.27
C THR FA 423 27.23 -57.16 -12.27
N PRO FA 424 26.70 -58.37 -12.21
CA PRO FA 424 27.57 -59.54 -12.04
C PRO FA 424 28.33 -59.86 -13.31
N LEU FA 425 29.54 -60.37 -13.13
CA LEU FA 425 30.39 -60.78 -14.23
C LEU FA 425 30.35 -62.29 -14.34
N TYR FA 426 30.15 -62.80 -15.55
CA TYR FA 426 30.03 -64.23 -15.79
C TYR FA 426 31.40 -64.71 -16.26
N PHE FA 427 32.27 -65.03 -15.32
CA PHE FA 427 33.66 -65.30 -15.64
C PHE FA 427 33.78 -66.55 -16.49
N THR FA 447 45.33 -67.38 -19.05
CA THR FA 447 45.00 -66.50 -17.94
C THR FA 447 46.28 -66.20 -17.18
N MET FA 448 46.45 -64.95 -16.76
CA MET FA 448 47.64 -64.56 -16.02
C MET FA 448 47.25 -63.75 -14.79
N LEU FA 449 47.28 -64.39 -13.63
CA LEU FA 449 47.09 -63.71 -12.37
C LEU FA 449 48.42 -63.11 -11.93
N ILE FA 450 48.45 -61.82 -11.64
CA ILE FA 450 49.67 -61.18 -11.18
C ILE FA 450 49.35 -60.34 -9.96
N GLY FA 451 50.26 -60.32 -8.99
CA GLY FA 451 50.07 -59.51 -7.81
C GLY FA 451 50.72 -60.17 -6.61
N GLN FA 452 51.11 -59.34 -5.65
CA GLN FA 452 51.82 -59.83 -4.48
C GLN FA 452 50.92 -60.76 -3.68
N SER FA 453 51.46 -61.91 -3.27
CA SER FA 453 50.67 -63.00 -2.73
C SER FA 453 50.13 -62.64 -1.34
N SER FA 454 49.41 -63.62 -0.76
CA SER FA 454 48.66 -63.54 0.49
C SER FA 454 47.45 -62.62 0.34
N SER FA 455 47.29 -61.95 -0.79
CA SER FA 455 46.12 -61.15 -1.10
C SER FA 455 45.02 -61.99 -1.74
N GLY FA 456 45.06 -63.30 -1.56
CA GLY FA 456 44.05 -64.17 -2.11
C GLY FA 456 44.40 -64.83 -3.42
N LYS FA 457 45.64 -64.72 -3.89
CA LYS FA 457 46.01 -65.33 -5.17
C LYS FA 457 45.80 -66.84 -5.12
N THR FA 458 46.32 -67.49 -4.08
CA THR FA 458 46.07 -68.92 -3.92
C THR FA 458 44.60 -69.19 -3.63
N VAL FA 459 43.96 -68.31 -2.86
CA VAL FA 459 42.52 -68.44 -2.63
C VAL FA 459 41.77 -68.36 -3.95
N LEU FA 460 42.12 -67.37 -4.78
CA LEU FA 460 41.45 -67.19 -6.06
C LEU FA 460 41.66 -68.40 -6.97
N LEU FA 461 42.92 -68.82 -7.14
CA LEU FA 461 43.18 -69.92 -8.06
C LEU FA 461 42.55 -71.21 -7.57
N GLY FA 462 42.58 -71.45 -6.26
CA GLY FA 462 41.85 -72.59 -5.72
C GLY FA 462 40.36 -72.49 -5.98
N PHE FA 463 39.80 -71.29 -5.89
CA PHE FA 463 38.37 -71.12 -6.12
C PHE FA 463 38.01 -71.46 -7.56
N LEU FA 464 38.75 -70.90 -8.51
CA LEU FA 464 38.47 -71.23 -9.91
C LEU FA 464 38.67 -72.71 -10.19
N LEU FA 465 39.78 -73.28 -9.70
CA LEU FA 465 40.05 -74.68 -10.00
C LEU FA 465 39.10 -75.60 -9.25
N ALA FA 466 38.42 -75.08 -8.22
CA ALA FA 466 37.44 -75.87 -7.50
C ALA FA 466 36.08 -75.81 -8.17
N GLN FA 467 35.74 -74.67 -8.77
CA GLN FA 467 34.45 -74.55 -9.43
C GLN FA 467 34.49 -75.03 -10.88
N ALA FA 468 35.66 -75.20 -11.47
CA ALA FA 468 35.75 -75.57 -12.87
C ALA FA 468 35.46 -77.03 -13.16
N GLN FA 469 35.07 -77.82 -12.16
CA GLN FA 469 34.87 -79.25 -12.36
C GLN FA 469 33.56 -79.59 -13.04
N LYS FA 470 32.70 -78.60 -13.31
CA LYS FA 470 31.51 -78.88 -14.10
C LYS FA 470 31.88 -79.28 -15.52
N PHE FA 471 33.10 -78.97 -15.95
CA PHE FA 471 33.61 -79.38 -17.26
C PHE FA 471 34.27 -80.75 -17.23
N LYS FA 472 34.49 -81.32 -16.05
CA LYS FA 472 35.30 -82.52 -15.84
C LYS FA 472 36.68 -82.34 -16.47
N PRO FA 473 37.44 -81.29 -16.08
CA PRO FA 473 38.71 -81.03 -16.76
C PRO FA 473 39.91 -81.65 -16.07
N THR FA 474 40.83 -82.20 -16.84
CA THR FA 474 42.13 -82.58 -16.30
C THR FA 474 42.87 -81.34 -15.83
N ILE FA 475 43.65 -81.48 -14.76
CA ILE FA 475 44.40 -80.37 -14.20
C ILE FA 475 45.78 -80.89 -13.81
N VAL FA 476 46.80 -80.08 -14.04
CA VAL FA 476 48.16 -80.39 -13.63
C VAL FA 476 48.73 -79.13 -12.99
N ALA FA 477 48.92 -79.17 -11.68
CA ALA FA 477 49.18 -77.96 -10.91
C ALA FA 477 50.62 -77.96 -10.40
N PHE FA 478 51.44 -77.08 -10.96
CA PHE FA 478 52.78 -76.81 -10.44
C PHE FA 478 52.63 -75.64 -9.47
N ASP FA 479 52.67 -75.93 -8.18
CA ASP FA 479 52.44 -74.91 -7.16
C ASP FA 479 53.73 -74.59 -6.44
N LYS FA 480 53.64 -73.67 -5.49
CA LYS FA 480 54.77 -73.26 -4.68
C LYS FA 480 54.32 -73.13 -3.24
N ASP FA 481 55.18 -73.56 -2.31
CA ASP FA 481 54.99 -73.53 -0.87
C ASP FA 481 53.79 -74.37 -0.41
N ARG FA 482 53.51 -75.50 -1.05
CA ARG FA 482 52.57 -76.51 -0.57
C ARG FA 482 51.16 -75.98 -0.41
N GLY FA 483 50.84 -74.81 -0.95
CA GLY FA 483 49.54 -74.22 -0.74
C GLY FA 483 48.41 -75.04 -1.35
N MET FA 484 48.63 -75.56 -2.56
CA MET FA 484 47.54 -76.21 -3.28
C MET FA 484 47.34 -77.66 -2.87
N GLU FA 485 48.16 -78.17 -1.95
CA GLU FA 485 48.06 -79.59 -1.59
C GLU FA 485 46.68 -79.92 -1.04
N ILE FA 486 46.20 -79.08 -0.13
CA ILE FA 486 44.93 -79.35 0.53
C ILE FA 486 43.80 -79.37 -0.49
N SER FA 487 43.78 -78.39 -1.40
CA SER FA 487 42.74 -78.35 -2.41
C SER FA 487 42.84 -79.54 -3.34
N ILE FA 488 44.02 -79.81 -3.89
CA ILE FA 488 44.17 -80.88 -4.87
C ILE FA 488 43.79 -82.23 -4.26
N ARG FA 489 44.14 -82.43 -2.99
CA ARG FA 489 43.63 -83.62 -2.29
C ARG FA 489 42.12 -83.59 -2.19
N ALA FA 490 41.55 -82.42 -1.89
CA ALA FA 490 40.09 -82.32 -1.75
C ALA FA 490 39.39 -82.61 -3.07
N MET FA 491 40.01 -82.28 -4.20
CA MET FA 491 39.45 -82.59 -5.50
C MET FA 491 39.72 -84.03 -5.93
N GLY FA 492 40.21 -84.86 -5.03
CA GLY FA 492 40.33 -86.28 -5.29
C GLY FA 492 41.29 -86.66 -6.39
N GLY FA 493 42.49 -86.08 -6.37
CA GLY FA 493 43.53 -86.45 -7.30
C GLY FA 493 44.86 -86.59 -6.58
N ARG FA 494 45.81 -87.23 -7.26
CA ARG FA 494 47.15 -87.41 -6.71
C ARG FA 494 47.83 -86.04 -6.60
N TYR FA 495 48.42 -85.78 -5.44
CA TYR FA 495 49.30 -84.64 -5.26
C TYR FA 495 50.64 -85.19 -4.76
N LEU FA 496 51.69 -84.94 -5.52
CA LEU FA 496 53.00 -85.42 -5.11
C LEU FA 496 53.72 -84.31 -4.37
N PRO FA 497 53.97 -84.47 -3.08
CA PRO FA 497 54.68 -83.45 -2.35
C PRO FA 497 56.19 -83.62 -2.40
N LEU FA 498 56.78 -83.27 -3.54
CA LEU FA 498 58.21 -83.42 -3.72
C LEU FA 498 58.97 -82.65 -2.65
N LYS FA 499 59.97 -83.30 -2.05
CA LYS FA 499 60.80 -82.69 -1.03
C LYS FA 499 62.18 -83.32 -1.06
N THR FA 500 63.17 -82.56 -0.61
CA THR FA 500 64.53 -83.09 -0.54
C THR FA 500 64.63 -84.12 0.56
N GLY FA 501 65.50 -85.11 0.35
CA GLY FA 501 65.79 -86.13 1.33
C GLY FA 501 64.87 -87.33 1.29
N GLU FA 502 63.73 -87.25 0.62
CA GLU FA 502 62.83 -88.38 0.50
C GLU FA 502 62.89 -88.90 -0.93
N PRO FA 503 62.74 -90.20 -1.15
CA PRO FA 503 62.88 -90.74 -2.51
C PRO FA 503 61.87 -90.09 -3.47
N SER FA 504 62.30 -89.93 -4.72
CA SER FA 504 61.53 -89.13 -5.67
C SER FA 504 60.15 -89.73 -5.93
N GLY FA 505 60.08 -91.05 -6.07
CA GLY FA 505 58.81 -91.72 -6.28
C GLY FA 505 58.45 -92.00 -7.72
N PHE FA 506 58.98 -91.23 -8.67
CA PHE FA 506 58.77 -91.49 -10.09
C PHE FA 506 60.09 -91.38 -10.83
N ASN FA 507 60.31 -92.28 -11.78
CA ASN FA 507 61.54 -92.34 -12.56
C ASN FA 507 61.24 -92.92 -13.93
N PRO FA 508 62.07 -92.60 -14.93
CA PRO FA 508 61.81 -93.06 -16.31
C PRO FA 508 62.24 -94.49 -16.62
N PHE FA 509 62.44 -95.34 -15.61
CA PHE FA 509 63.01 -96.66 -15.85
C PHE FA 509 62.12 -97.51 -16.75
N GLN FA 510 60.80 -97.43 -16.57
CA GLN FA 510 59.86 -98.30 -17.28
C GLN FA 510 59.25 -97.63 -18.51
N LEU FA 511 59.95 -96.70 -19.14
CA LEU FA 511 59.36 -95.94 -20.24
C LEU FA 511 59.12 -96.83 -21.45
N PRO FA 512 58.14 -96.50 -22.29
CA PRO FA 512 57.91 -97.28 -23.51
C PRO FA 512 59.09 -97.15 -24.46
N PRO FA 513 59.34 -98.19 -25.28
CA PRO FA 513 60.59 -98.22 -26.06
C PRO FA 513 60.49 -97.72 -27.49
N THR FA 514 59.39 -97.10 -27.89
CA THR FA 514 59.26 -96.64 -29.26
C THR FA 514 60.33 -95.60 -29.59
N HIS FA 515 60.58 -95.42 -30.89
CA HIS FA 515 61.71 -94.61 -31.33
C HIS FA 515 61.53 -93.14 -30.93
N ALA FA 516 60.28 -92.66 -30.90
CA ALA FA 516 60.05 -91.30 -30.39
C ALA FA 516 60.36 -91.21 -28.91
N ASN FA 517 59.95 -92.22 -28.13
CA ASN FA 517 60.27 -92.22 -26.71
C ASN FA 517 61.78 -92.37 -26.51
N LEU FA 518 62.44 -93.12 -27.38
CA LEU FA 518 63.90 -93.16 -27.33
C LEU FA 518 64.49 -91.78 -27.60
N ILE FA 519 63.92 -91.05 -28.55
CA ILE FA 519 64.37 -89.68 -28.80
C ILE FA 519 64.26 -88.85 -27.54
N PHE FA 520 63.10 -88.91 -26.87
CA PHE FA 520 62.93 -88.12 -25.65
C PHE FA 520 63.92 -88.53 -24.58
N LEU FA 521 64.11 -89.83 -24.36
CA LEU FA 521 64.96 -90.24 -23.25
C LEU FA 521 66.42 -89.91 -23.53
N LYS FA 522 66.83 -90.01 -24.79
CA LYS FA 522 68.17 -89.56 -25.17
C LYS FA 522 68.31 -88.06 -24.90
N GLN FA 523 67.28 -87.29 -25.25
CA GLN FA 523 67.32 -85.85 -24.98
C GLN FA 523 67.45 -85.59 -23.48
N PHE FA 524 66.69 -86.32 -22.67
CA PHE FA 524 66.71 -86.09 -21.22
C PHE FA 524 68.10 -86.37 -20.66
N VAL FA 525 68.67 -87.54 -20.98
CA VAL FA 525 69.99 -87.86 -20.42
C VAL FA 525 71.03 -86.89 -20.96
N LYS FA 526 70.81 -86.33 -22.15
CA LYS FA 526 71.70 -85.29 -22.65
C LYS FA 526 71.49 -83.99 -21.89
N LYS FA 527 70.32 -83.82 -21.27
CA LYS FA 527 70.08 -82.61 -20.48
C LYS FA 527 70.41 -82.83 -19.01
N LEU FA 528 70.14 -84.02 -18.48
CA LEU FA 528 70.56 -84.34 -17.13
C LEU FA 528 72.06 -84.16 -16.97
N ALA FA 529 72.84 -84.57 -17.96
CA ALA FA 529 74.28 -84.37 -17.93
C ALA FA 529 74.59 -82.88 -17.98
N ALA FA 530 75.04 -82.32 -16.84
CA ALA FA 530 75.36 -80.88 -16.77
C ALA FA 530 76.51 -80.67 -15.78
N ALA FA 531 76.49 -81.38 -14.65
CA ALA FA 531 77.54 -81.24 -13.61
C ALA FA 531 78.90 -81.62 -14.20
N GLY FA 532 78.97 -82.72 -14.95
CA GLY FA 532 80.21 -83.18 -15.59
C GLY FA 532 80.87 -82.08 -16.42
N GLY FA 533 80.10 -81.44 -17.30
CA GLY FA 533 80.64 -80.37 -18.15
C GLY FA 533 80.01 -80.36 -19.53
N GLU FA 534 80.76 -80.00 -20.57
CA GLU FA 534 80.24 -79.96 -21.93
C GLU FA 534 80.13 -81.36 -22.52
N VAL FA 535 78.95 -81.62 -23.16
CA VAL FA 535 78.71 -82.90 -23.83
C VAL FA 535 79.25 -82.85 -25.26
N THR FA 536 80.29 -83.73 -25.70
CA THR FA 536 80.90 -83.80 -27.01
C THR FA 536 80.13 -84.76 -27.92
N HIS FA 537 80.50 -84.76 -29.20
CA HIS FA 537 79.91 -85.68 -30.16
C HIS FA 537 80.13 -87.13 -29.75
N ARG FA 538 81.32 -87.39 -29.28
CA ARG FA 538 81.64 -88.74 -28.80
C ARG FA 538 80.73 -89.14 -27.64
N ASP FA 539 80.52 -88.26 -26.64
CA ASP FA 539 79.61 -88.48 -25.53
C ASP FA 539 78.21 -88.83 -26.03
N GLU FA 540 77.79 -88.14 -27.06
CA GLU FA 540 76.45 -88.35 -27.61
C GLU FA 540 76.30 -89.75 -28.20
N GLU FA 541 77.31 -90.16 -28.93
CA GLU FA 541 77.30 -91.49 -29.54
C GLU FA 541 77.26 -92.58 -28.48
N GLU FA 542 78.05 -92.31 -27.39
CA GLU FA 542 78.10 -93.28 -26.30
C GLU FA 542 76.77 -93.39 -25.58
N ILE FA 543 76.17 -92.27 -25.30
CA ILE FA 543 74.88 -92.23 -24.63
C ILE FA 543 73.82 -92.91 -25.50
N ASP FA 544 73.85 -92.68 -26.79
CA ASP FA 544 72.89 -93.26 -27.71
C ASP FA 544 72.99 -94.79 -27.74
N GLN FA 545 74.19 -95.27 -27.88
CA GLN FA 545 74.42 -96.71 -27.91
C GLN FA 545 74.00 -97.37 -26.61
N ALA FA 546 74.32 -96.67 -25.51
CA ALA FA 546 74.01 -97.21 -24.20
C ALA FA 546 72.51 -97.31 -23.98
N ILE FA 547 71.76 -96.29 -24.35
CA ILE FA 547 70.32 -96.25 -24.16
C ILE FA 547 69.65 -97.29 -25.06
N THR FA 548 70.13 -97.40 -26.30
CA THR FA 548 69.58 -98.37 -27.23
C THR FA 548 69.79 -99.79 -26.72
N ALA FA 549 70.96 -100.02 -26.23
CA ALA FA 549 71.27 -101.34 -25.71
C ALA FA 549 70.44 -101.67 -24.48
N MET FA 550 70.30 -100.71 -23.58
CA MET FA 550 69.55 -100.92 -22.35
C MET FA 550 68.07 -101.14 -22.64
N MET FA 551 67.55 -100.38 -23.66
CA MET FA 551 66.12 -100.39 -23.93
C MET FA 551 65.76 -101.51 -24.90
N SER FA 552 66.74 -102.44 -25.22
CA SER FA 552 66.48 -103.57 -26.12
C SER FA 552 65.56 -104.59 -25.46
N ASP FA 553 64.96 -105.48 -26.22
CA ASP FA 553 64.01 -106.49 -25.76
C ASP FA 553 64.69 -107.50 -24.85
N SER FA 554 65.97 -107.48 -24.80
CA SER FA 554 66.73 -108.48 -24.06
C SER FA 554 66.88 -108.09 -22.59
N ILE FA 555 66.63 -106.88 -22.29
CA ILE FA 555 66.74 -106.42 -20.90
C ILE FA 555 65.36 -106.22 -20.30
N ASP FA 556 65.15 -106.84 -19.15
CA ASP FA 556 63.85 -106.76 -18.47
C ASP FA 556 63.60 -105.35 -17.95
N LYS FA 557 62.33 -104.87 -18.14
CA LYS FA 557 61.89 -103.54 -17.71
C LYS FA 557 62.24 -103.29 -16.25
N SER FA 558 62.13 -104.27 -15.39
CA SER FA 558 62.30 -104.14 -13.94
C SER FA 558 63.76 -103.86 -13.58
N LEU FA 559 64.62 -104.17 -14.56
CA LEU FA 559 66.05 -104.01 -14.28
C LEU FA 559 66.55 -102.67 -14.78
N ARG FA 560 65.78 -102.03 -15.56
CA ARG FA 560 66.21 -100.79 -16.21
C ARG FA 560 66.23 -99.63 -15.22
N ARG FA 561 67.46 -99.13 -14.97
CA ARG FA 561 67.70 -97.98 -14.10
C ARG FA 561 68.95 -97.22 -14.55
N LEU FA 562 69.00 -96.01 -13.98
CA LEU FA 562 70.16 -95.20 -14.35
C LEU FA 562 71.46 -95.92 -14.01
N SER FA 563 71.51 -96.61 -12.92
CA SER FA 563 72.69 -97.36 -12.47
C SER FA 563 73.04 -98.47 -13.45
N LEU FA 564 72.03 -99.08 -14.01
CA LEU FA 564 72.28 -100.11 -15.02
C LEU FA 564 72.86 -99.49 -16.29
N LEU FA 565 72.39 -98.35 -16.61
CA LEU FA 565 72.87 -97.65 -17.79
C LEU FA 565 74.38 -97.46 -17.74
N LEU FA 566 74.93 -97.31 -16.52
CA LEU FA 566 76.37 -97.08 -16.33
C LEU FA 566 77.18 -98.27 -16.83
N GLN FA 567 76.58 -99.45 -16.86
CA GLN FA 567 77.27 -100.66 -17.26
C GLN FA 567 77.49 -100.71 -18.77
N PHE FA 568 76.76 -99.82 -19.40
CA PHE FA 568 76.84 -99.80 -20.86
C PHE FA 568 77.73 -98.66 -21.32
N VAL FA 583 81.43 -90.02 -19.49
CA VAL FA 583 79.99 -89.94 -19.26
C VAL FA 583 79.62 -90.77 -18.04
N HIS FA 584 80.25 -91.95 -17.90
CA HIS FA 584 80.05 -92.83 -16.75
C HIS FA 584 80.32 -92.09 -15.45
N ALA FA 585 81.50 -91.49 -15.35
CA ALA FA 585 81.94 -90.81 -14.14
C ALA FA 585 81.01 -89.65 -13.79
N ARG FA 586 80.51 -88.97 -14.72
CA ARG FA 586 79.66 -87.80 -14.52
C ARG FA 586 78.26 -88.20 -14.08
N LEU FA 587 77.72 -89.38 -14.49
CA LEU FA 587 76.36 -89.83 -14.20
C LEU FA 587 76.30 -90.49 -12.82
N VAL FA 588 77.50 -90.82 -12.22
CA VAL FA 588 77.57 -91.52 -10.95
C VAL FA 588 76.84 -90.71 -9.87
N LYS FA 589 76.92 -89.44 -9.92
CA LYS FA 589 76.29 -88.60 -8.90
C LYS FA 589 74.77 -88.73 -8.95
N TRP FA 590 74.14 -89.15 -10.08
CA TRP FA 590 72.69 -89.29 -10.24
C TRP FA 590 72.24 -90.70 -9.90
N CYS FA 591 73.20 -91.57 -9.59
CA CYS FA 591 72.89 -92.95 -9.25
C CYS FA 591 72.82 -93.15 -7.74
N GLU FA 592 72.21 -94.32 -7.38
CA GLU FA 592 72.10 -94.65 -5.97
C GLU FA 592 73.44 -94.46 -5.25
N GLY FA 593 73.48 -93.71 -4.09
CA GLY FA 593 74.71 -93.45 -3.36
C GLY FA 593 75.37 -92.14 -3.72
N GLY FA 594 74.89 -91.54 -4.88
CA GLY FA 594 75.34 -90.23 -5.32
C GLY FA 594 74.52 -89.09 -4.75
N ASP FA 595 74.88 -87.80 -5.01
CA ASP FA 595 74.23 -86.62 -4.45
C ASP FA 595 72.76 -86.54 -4.88
N TYR FA 596 72.45 -87.03 -6.13
CA TYR FA 596 71.10 -86.92 -6.67
C TYR FA 596 70.52 -88.30 -6.98
N GLY FA 597 71.04 -89.36 -6.39
CA GLY FA 597 70.64 -90.74 -6.61
C GLY FA 597 69.20 -91.01 -6.22
N TRP FA 598 68.61 -90.17 -5.38
CA TRP FA 598 67.24 -90.30 -4.89
C TRP FA 598 66.24 -89.86 -5.94
N LEU FA 599 66.54 -89.24 -7.11
CA LEU FA 599 65.65 -88.58 -8.03
C LEU FA 599 65.18 -89.55 -9.12
N PHE FA 600 66.22 -90.11 -9.99
CA PHE FA 600 65.80 -90.80 -11.22
C PHE FA 600 66.27 -92.25 -11.21
N ASP FA 601 67.01 -92.75 -10.18
CA ASP FA 601 67.57 -94.09 -10.15
C ASP FA 601 66.75 -95.00 -9.23
N ASN FA 602 65.40 -94.73 -9.18
CA ASN FA 602 64.53 -95.53 -8.32
C ASN FA 602 64.23 -96.89 -8.95
N PRO FA 603 64.01 -97.97 -8.13
CA PRO FA 603 63.76 -99.32 -8.63
C PRO FA 603 62.52 -99.41 -9.51
N THR FA 604 61.49 -98.65 -9.12
CA THR FA 604 60.24 -98.61 -9.88
C THR FA 604 59.81 -97.17 -10.13
N ASP FA 605 59.32 -97.03 -11.44
CA ASP FA 605 58.72 -95.72 -11.70
C ASP FA 605 57.34 -95.61 -11.06
N LEU FA 609 49.92 -93.18 -14.00
CA LEU FA 609 49.61 -91.76 -14.13
C LEU FA 609 48.21 -91.53 -14.70
N SER FA 610 47.55 -92.59 -15.18
CA SER FA 610 46.23 -92.42 -15.78
C SER FA 610 45.11 -92.56 -14.76
N THR FA 611 45.46 -92.70 -13.48
CA THR FA 611 44.45 -93.02 -12.47
C THR FA 611 43.44 -91.88 -12.30
N HIS FA 612 43.91 -90.73 -11.82
CA HIS FA 612 43.02 -89.68 -11.39
C HIS FA 612 42.86 -88.62 -12.46
N GLN FA 613 42.19 -87.53 -12.11
CA GLN FA 613 41.94 -86.41 -13.01
C GLN FA 613 42.73 -85.17 -12.65
N ILE FA 614 42.70 -84.75 -11.39
CA ILE FA 614 43.33 -83.50 -11.00
C ILE FA 614 44.64 -83.78 -10.28
N TYR FA 615 45.75 -83.62 -10.99
CA TYR FA 615 47.05 -83.89 -10.42
C TYR FA 615 47.66 -82.64 -9.81
N GLY FA 616 48.64 -82.84 -8.96
CA GLY FA 616 49.42 -81.74 -8.42
C GLY FA 616 50.86 -82.18 -8.24
N PHE FA 617 51.77 -81.23 -8.45
CA PHE FA 617 53.18 -81.47 -8.19
C PHE FA 617 53.78 -80.23 -7.54
N ASP FA 618 54.59 -80.45 -6.52
CA ASP FA 618 55.22 -79.34 -5.81
C ASP FA 618 56.67 -79.22 -6.24
N ILE FA 619 57.06 -77.99 -6.56
CA ILE FA 619 58.41 -77.69 -7.05
C ILE FA 619 59.01 -76.58 -6.21
N THR FA 620 58.60 -76.52 -4.94
CA THR FA 620 58.98 -75.40 -4.08
C THR FA 620 60.49 -75.33 -3.86
N GLU FA 621 61.14 -76.47 -3.65
CA GLU FA 621 62.56 -76.47 -3.34
C GLU FA 621 63.40 -76.25 -4.59
N PHE FA 622 62.77 -76.21 -5.76
CA PHE FA 622 63.51 -76.08 -7.00
C PHE FA 622 63.75 -74.62 -7.40
N LEU FA 623 63.23 -73.66 -6.64
CA LEU FA 623 63.49 -72.26 -6.96
C LEU FA 623 64.96 -71.92 -6.75
N ASP FA 624 65.62 -72.60 -5.81
CA ASP FA 624 67.05 -72.40 -5.57
C ASP FA 624 67.92 -73.31 -6.41
N ASN FA 625 67.32 -74.16 -7.25
CA ASN FA 625 68.06 -75.17 -7.99
C ASN FA 625 68.22 -74.75 -9.43
N PRO FA 626 69.42 -74.44 -9.89
CA PRO FA 626 69.62 -74.13 -11.30
C PRO FA 626 69.54 -75.37 -12.18
N GLU FA 627 70.18 -76.46 -11.75
CA GLU FA 627 70.32 -77.63 -12.62
C GLU FA 627 69.01 -78.42 -12.71
N ALA FA 628 68.32 -78.61 -11.59
CA ALA FA 628 67.29 -79.65 -11.53
C ALA FA 628 65.97 -79.19 -12.13
N ARG FA 629 65.78 -77.88 -12.30
CA ARG FA 629 64.51 -77.39 -12.85
C ARG FA 629 64.27 -77.97 -14.24
N THR FA 630 65.32 -77.98 -15.08
CA THR FA 630 65.14 -78.52 -16.43
C THR FA 630 64.75 -79.99 -16.43
N PRO FA 631 65.42 -80.90 -15.70
CA PRO FA 631 64.93 -82.29 -15.70
C PRO FA 631 63.54 -82.45 -15.12
N VAL FA 632 63.25 -81.81 -13.98
CA VAL FA 632 61.94 -82.03 -13.37
C VAL FA 632 60.83 -81.55 -14.29
N MET FA 633 60.95 -80.32 -14.80
CA MET FA 633 59.89 -79.81 -15.66
C MET FA 633 59.83 -80.57 -16.97
N MET FA 634 60.99 -80.97 -17.50
CA MET FA 634 61.02 -81.74 -18.74
C MET FA 634 60.22 -83.02 -18.58
N TYR FA 635 60.52 -83.80 -17.54
CA TYR FA 635 59.84 -85.08 -17.36
C TYR FA 635 58.35 -84.88 -17.08
N LEU FA 636 58.00 -83.95 -16.19
CA LEU FA 636 56.61 -83.75 -15.85
C LEU FA 636 55.80 -83.30 -17.06
N LEU FA 637 56.34 -82.34 -17.81
CA LEU FA 637 55.65 -81.85 -19.00
C LEU FA 637 55.56 -82.91 -20.08
N TYR FA 638 56.60 -83.74 -20.25
CA TYR FA 638 56.48 -84.80 -21.25
C TYR FA 638 55.39 -85.77 -20.87
N ARG FA 639 55.31 -86.15 -19.59
CA ARG FA 639 54.27 -87.07 -19.18
C ARG FA 639 52.89 -86.46 -19.40
N THR FA 640 52.75 -85.17 -19.13
CA THR FA 640 51.45 -84.54 -19.35
C THR FA 640 51.14 -84.32 -20.83
N GLU FA 641 52.17 -84.28 -21.69
CA GLU FA 641 51.96 -84.05 -23.11
C GLU FA 641 51.12 -85.16 -23.72
N SER FA 642 51.37 -86.41 -23.32
CA SER FA 642 50.61 -87.53 -23.86
C SER FA 642 49.16 -87.48 -23.40
N MET FA 643 48.87 -86.69 -22.37
CA MET FA 643 47.51 -86.61 -21.85
C MET FA 643 46.57 -85.90 -22.81
N ILE FA 644 47.07 -84.91 -23.54
CA ILE FA 644 46.21 -84.00 -24.30
C ILE FA 644 45.84 -84.63 -25.63
N ASP FA 645 44.74 -85.38 -25.65
CA ASP FA 645 44.28 -86.05 -26.86
C ASP FA 645 42.87 -85.54 -27.24
N GLY FA 646 42.50 -84.36 -26.75
CA GLY FA 646 41.20 -83.79 -27.00
C GLY FA 646 40.37 -83.58 -25.75
N ARG FA 647 40.67 -84.31 -24.67
CA ARG FA 647 39.94 -84.10 -23.42
C ARG FA 647 40.21 -82.70 -22.89
N ARG FA 648 39.22 -82.13 -22.21
CA ARG FA 648 39.37 -80.80 -21.62
C ARG FA 648 40.53 -80.80 -20.65
N PHE FA 649 41.61 -80.11 -21.00
CA PHE FA 649 42.83 -80.11 -20.22
C PHE FA 649 43.13 -78.70 -19.76
N MET FA 650 43.49 -78.56 -18.48
CA MET FA 650 43.76 -77.26 -17.88
C MET FA 650 45.09 -77.30 -17.13
N TYR FA 651 46.17 -77.02 -17.84
CA TYR FA 651 47.42 -76.69 -17.18
C TYR FA 651 47.19 -75.50 -16.25
N VAL FA 652 47.76 -75.54 -15.06
CA VAL FA 652 47.87 -74.32 -14.26
C VAL FA 652 49.29 -74.25 -13.75
N PHE FA 653 49.65 -73.15 -13.09
CA PHE FA 653 51.03 -72.94 -12.67
C PHE FA 653 51.00 -72.07 -11.42
N ASP FA 654 52.19 -71.62 -11.01
CA ASP FA 654 52.32 -70.66 -9.93
C ASP FA 654 53.74 -70.12 -9.94
N GLU FA 655 53.87 -68.80 -9.83
CA GLU FA 655 55.15 -68.11 -10.01
C GLU FA 655 55.87 -68.66 -11.24
N PHE FA 656 55.27 -68.43 -12.40
CA PHE FA 656 55.57 -69.22 -13.58
C PHE FA 656 57.02 -69.12 -14.03
N TRP FA 657 57.63 -67.93 -13.95
CA TRP FA 657 58.84 -67.69 -14.72
C TRP FA 657 59.97 -68.63 -14.28
N LYS FA 658 60.12 -68.83 -12.97
CA LYS FA 658 61.22 -69.67 -12.49
C LYS FA 658 61.10 -71.10 -12.99
N PRO FA 659 59.94 -71.77 -12.93
CA PRO FA 659 59.81 -73.04 -13.67
C PRO FA 659 60.09 -72.90 -15.14
N LEU FA 660 59.75 -71.76 -15.73
CA LEU FA 660 59.90 -71.55 -17.16
C LEU FA 660 61.22 -70.86 -17.51
N GLN FA 661 62.07 -70.57 -16.52
CA GLN FA 661 63.35 -69.92 -16.75
C GLN FA 661 64.37 -70.97 -17.18
N ASP FA 662 64.14 -71.54 -18.35
CA ASP FA 662 64.96 -72.63 -18.86
C ASP FA 662 65.17 -72.42 -20.35
N GLU FA 663 66.42 -72.53 -20.77
CA GLU FA 663 66.77 -72.34 -22.17
C GLU FA 663 66.25 -73.44 -23.06
N TYR FA 664 66.01 -74.64 -22.51
CA TYR FA 664 65.59 -75.76 -23.34
C TYR FA 664 64.25 -75.51 -24.02
N PHE FA 665 63.17 -75.43 -23.26
CA PHE FA 665 61.85 -75.69 -23.80
C PHE FA 665 61.03 -74.43 -24.07
N GLU FA 666 61.66 -73.28 -24.27
CA GLU FA 666 60.89 -72.11 -24.70
C GLU FA 666 60.32 -72.32 -26.12
N ASP FA 667 61.14 -72.83 -27.04
CA ASP FA 667 60.68 -73.06 -28.40
C ASP FA 667 59.68 -74.22 -28.45
N LEU FA 668 59.98 -75.30 -27.74
CA LEU FA 668 59.01 -76.39 -27.64
C LEU FA 668 57.72 -75.91 -27.00
N ALA FA 669 57.81 -75.02 -26.01
CA ALA FA 669 56.62 -74.49 -25.38
C ALA FA 669 55.78 -73.70 -26.36
N LYS FA 670 56.38 -72.80 -27.14
CA LYS FA 670 55.57 -72.02 -28.08
C LYS FA 670 54.96 -72.91 -29.15
N ASN FA 671 55.74 -73.86 -29.69
CA ASN FA 671 55.20 -74.72 -30.75
C ASN FA 671 54.09 -75.63 -30.23
N LYS FA 672 54.35 -76.33 -29.12
CA LYS FA 672 53.33 -77.18 -28.55
C LYS FA 672 52.16 -76.36 -28.01
N GLN FA 673 52.38 -75.09 -27.71
CA GLN FA 673 51.27 -74.22 -27.34
C GLN FA 673 50.33 -74.01 -28.51
N LYS FA 674 50.90 -73.66 -29.67
CA LYS FA 674 50.09 -73.55 -30.87
C LYS FA 674 49.40 -74.87 -31.20
N THR FA 675 50.07 -75.99 -30.95
CA THR FA 675 49.45 -77.29 -31.21
C THR FA 675 48.30 -77.57 -30.25
N ILE FA 676 48.56 -77.39 -28.95
CA ILE FA 676 47.61 -77.78 -27.90
C ILE FA 676 46.37 -76.91 -27.95
N ARG FA 677 46.53 -75.61 -28.21
CA ARG FA 677 45.40 -74.68 -28.21
C ARG FA 677 44.24 -75.20 -29.06
N LYS FA 678 44.54 -76.09 -30.01
CA LYS FA 678 43.48 -76.62 -30.86
C LYS FA 678 42.57 -77.58 -30.10
N GLN FA 679 43.14 -78.60 -29.46
CA GLN FA 679 42.34 -79.65 -28.83
C GLN FA 679 42.03 -79.34 -27.35
N ASN FA 680 41.47 -78.16 -27.13
CA ASN FA 680 40.98 -77.74 -25.81
C ASN FA 680 42.09 -77.77 -24.77
N GLY FA 681 43.08 -76.91 -24.98
CA GLY FA 681 44.17 -76.72 -24.03
C GLY FA 681 44.08 -75.33 -23.41
N ILE FA 682 44.51 -75.23 -22.17
CA ILE FA 682 44.48 -73.98 -21.41
C ILE FA 682 45.72 -73.90 -20.55
N PHE FA 683 46.29 -72.71 -20.46
CA PHE FA 683 47.35 -72.39 -19.53
C PHE FA 683 46.80 -71.35 -18.57
N VAL FA 684 46.86 -71.63 -17.27
CA VAL FA 684 46.42 -70.68 -16.25
C VAL FA 684 47.66 -70.32 -15.44
N PHE FA 685 48.32 -69.23 -15.83
CA PHE FA 685 49.58 -68.84 -15.20
C PHE FA 685 49.30 -68.20 -13.84
N ALA FA 686 50.35 -67.69 -13.22
CA ALA FA 686 50.25 -66.97 -11.96
C ALA FA 686 51.57 -66.25 -11.74
N THR FA 687 51.62 -65.41 -10.71
CA THR FA 687 52.81 -64.63 -10.43
C THR FA 687 52.66 -63.94 -9.09
N GLN FA 688 53.77 -63.84 -8.34
CA GLN FA 688 53.80 -63.03 -7.14
C GLN FA 688 54.46 -61.69 -7.35
N GLU FA 689 55.50 -61.62 -8.18
CA GLU FA 689 56.24 -60.38 -8.42
C GLU FA 689 56.30 -60.14 -9.92
N PRO FA 690 55.33 -59.44 -10.49
CA PRO FA 690 55.28 -59.27 -11.94
C PRO FA 690 56.47 -58.49 -12.47
N SER FA 691 57.12 -57.73 -11.59
CA SER FA 691 58.34 -57.03 -11.97
C SER FA 691 59.45 -58.02 -12.31
N ASP FA 692 59.57 -59.08 -11.51
CA ASP FA 692 60.59 -60.08 -11.70
C ASP FA 692 60.38 -60.92 -12.97
N ALA FA 693 59.17 -60.93 -13.51
CA ALA FA 693 58.87 -61.82 -14.64
C ALA FA 693 59.08 -61.13 -15.98
N LEU FA 694 58.57 -59.91 -16.14
CA LEU FA 694 58.60 -59.25 -17.43
C LEU FA 694 60.03 -59.04 -17.93
N GLU FA 695 61.02 -59.10 -17.03
CA GLU FA 695 62.41 -58.88 -17.43
C GLU FA 695 62.90 -59.96 -18.38
N SER FA 696 62.60 -61.22 -18.10
CA SER FA 696 63.16 -62.31 -18.88
C SER FA 696 62.50 -62.40 -20.24
N ASN FA 697 63.21 -63.05 -21.18
CA ASN FA 697 62.67 -63.23 -22.52
C ASN FA 697 61.45 -64.14 -22.51
N ILE FA 698 61.53 -65.25 -21.77
CA ILE FA 698 60.50 -66.29 -21.87
C ILE FA 698 59.15 -65.76 -21.42
N ALA FA 699 59.14 -64.93 -20.38
CA ALA FA 699 57.86 -64.46 -19.83
C ALA FA 699 57.16 -63.51 -20.80
N LYS FA 700 57.90 -62.90 -21.72
CA LYS FA 700 57.32 -61.91 -22.61
C LYS FA 700 56.26 -62.51 -23.54
N THR FA 701 56.60 -63.61 -24.21
CA THR FA 701 55.65 -64.24 -25.12
C THR FA 701 54.44 -64.73 -24.36
N LEU FA 702 54.62 -65.16 -23.11
CA LEU FA 702 53.51 -65.70 -22.34
C LEU FA 702 52.62 -64.59 -21.79
N ILE FA 703 53.18 -63.44 -21.45
CA ILE FA 703 52.36 -62.28 -21.11
C ILE FA 703 51.55 -61.84 -22.32
N GLN FA 704 52.17 -61.82 -23.49
CA GLN FA 704 51.43 -61.40 -24.67
C GLN FA 704 50.51 -62.49 -25.21
N GLN FA 705 50.62 -63.72 -24.71
CA GLN FA 705 49.81 -64.83 -25.17
C GLN FA 705 48.73 -65.25 -24.18
N CYS FA 706 48.34 -64.37 -23.27
CA CYS FA 706 47.27 -64.65 -22.32
C CYS FA 706 46.10 -63.72 -22.61
N ALA FA 707 44.92 -64.28 -22.82
CA ALA FA 707 43.75 -63.47 -23.10
C ALA FA 707 43.19 -62.83 -21.85
N THR FA 708 42.96 -63.62 -20.82
CA THR FA 708 42.23 -63.18 -19.63
C THR FA 708 43.21 -62.81 -18.53
N TYR FA 709 43.62 -61.55 -18.51
CA TYR FA 709 44.42 -61.09 -17.39
C TYR FA 709 43.56 -61.02 -16.14
N ILE FA 710 44.20 -61.25 -14.99
CA ILE FA 710 43.57 -61.01 -13.70
C ILE FA 710 44.58 -60.34 -12.79
N PHE FA 711 44.51 -59.02 -12.67
CA PHE FA 711 45.50 -58.30 -11.88
C PHE FA 711 45.08 -58.29 -10.42
N LEU FA 712 46.06 -58.31 -9.52
CA LEU FA 712 45.81 -58.20 -8.10
C LEU FA 712 46.53 -56.97 -7.54
N ALA FA 713 46.24 -56.63 -6.30
CA ALA FA 713 46.71 -55.39 -5.71
C ALA FA 713 48.11 -55.54 -5.13
N ASN FA 714 48.79 -54.40 -4.98
CA ASN FA 714 50.12 -54.38 -4.40
C ASN FA 714 50.37 -53.02 -3.78
N PRO FA 715 50.91 -52.96 -2.57
CA PRO FA 715 51.30 -51.65 -2.00
C PRO FA 715 52.39 -50.97 -2.80
N LYS FA 716 53.15 -51.70 -3.60
CA LYS FA 716 54.21 -51.13 -4.42
C LYS FA 716 53.91 -51.42 -5.89
N ALA FA 717 53.90 -50.36 -6.71
CA ALA FA 717 53.58 -50.49 -8.12
C ALA FA 717 54.54 -49.63 -8.92
N ASP FA 718 54.73 -50.01 -10.19
CA ASP FA 718 55.63 -49.29 -11.09
C ASP FA 718 54.91 -49.09 -12.40
N TYR FA 719 54.99 -47.87 -12.94
CA TYR FA 719 54.32 -47.54 -14.19
C TYR FA 719 54.81 -48.42 -15.33
N GLU FA 720 56.14 -48.60 -15.41
CA GLU FA 720 56.74 -49.21 -16.59
C GLU FA 720 56.20 -50.61 -16.83
N ASP FA 721 56.27 -51.47 -15.81
CA ASP FA 721 55.89 -52.86 -16.01
C ASP FA 721 54.42 -52.96 -16.41
N TYR FA 722 53.53 -52.35 -15.62
CA TYR FA 722 52.10 -52.52 -15.83
C TYR FA 722 51.65 -51.95 -17.16
N THR FA 723 52.18 -50.80 -17.57
CA THR FA 723 51.73 -50.25 -18.84
C THR FA 723 52.43 -50.91 -20.02
N GLN FA 724 53.76 -50.90 -20.05
CA GLN FA 724 54.49 -51.41 -21.21
C GLN FA 724 54.23 -52.89 -21.43
N GLY FA 725 54.36 -53.70 -20.39
CA GLY FA 725 54.28 -55.14 -20.58
C GLY FA 725 52.87 -55.68 -20.73
N PHE FA 726 51.95 -55.20 -19.90
CA PHE FA 726 50.65 -55.84 -19.73
C PHE FA 726 49.52 -55.14 -20.46
N LYS FA 727 49.83 -54.19 -21.36
CA LYS FA 727 48.82 -53.47 -22.13
C LYS FA 727 47.69 -52.93 -21.25
N LEU FA 728 48.08 -52.25 -20.17
CA LEU FA 728 47.15 -51.69 -19.20
C LEU FA 728 47.23 -50.18 -19.26
N THR FA 729 46.09 -49.51 -19.36
CA THR FA 729 46.04 -48.07 -19.59
C THR FA 729 46.41 -47.32 -18.31
N ASP FA 730 46.54 -46.00 -18.46
CA ASP FA 730 46.99 -45.17 -17.34
C ASP FA 730 45.92 -45.05 -16.27
N SER FA 731 44.66 -44.81 -16.67
CA SER FA 731 43.58 -44.76 -15.70
C SER FA 731 43.44 -46.08 -14.97
N GLU FA 732 43.50 -47.19 -15.71
CA GLU FA 732 43.38 -48.50 -15.08
C GLU FA 732 44.55 -48.77 -14.15
N PHE FA 733 45.75 -48.32 -14.53
CA PHE FA 733 46.89 -48.51 -13.64
C PHE FA 733 46.72 -47.72 -12.34
N GLU FA 734 46.25 -46.48 -12.44
CA GLU FA 734 46.00 -45.72 -11.22
C GLU FA 734 44.90 -46.37 -10.40
N LEU FA 735 43.92 -46.99 -11.06
CA LEU FA 735 42.90 -47.76 -10.36
C LEU FA 735 43.51 -48.91 -9.58
N VAL FA 736 44.44 -49.63 -10.22
CA VAL FA 736 45.09 -50.77 -9.58
C VAL FA 736 45.92 -50.30 -8.38
N ARG FA 737 46.65 -49.20 -8.54
CA ARG FA 737 47.41 -48.65 -7.42
C ARG FA 737 46.47 -48.25 -6.29
N GLY FA 738 45.32 -47.68 -6.62
CA GLY FA 738 44.39 -47.22 -5.59
C GLY FA 738 43.78 -48.32 -4.76
N LEU FA 739 43.96 -49.58 -5.17
CA LEU FA 739 43.40 -50.69 -4.42
C LEU FA 739 44.01 -50.77 -3.02
N GLY FA 740 43.24 -51.33 -2.11
CA GLY FA 740 43.72 -51.51 -0.75
C GLY FA 740 44.80 -52.56 -0.66
N GLU FA 741 45.50 -52.55 0.48
CA GLU FA 741 46.62 -53.47 0.67
C GLU FA 741 46.16 -54.92 0.66
N PHE FA 742 45.15 -55.24 1.48
CA PHE FA 742 44.63 -56.61 1.58
C PHE FA 742 43.15 -56.70 1.27
N SER FA 743 42.55 -55.65 0.72
CA SER FA 743 41.16 -55.75 0.30
C SER FA 743 41.07 -56.62 -0.94
N ARG FA 744 40.11 -57.55 -0.92
CA ARG FA 744 39.93 -58.51 -2.01
C ARG FA 744 39.30 -57.78 -3.19
N ARG FA 745 40.11 -57.47 -4.20
CA ARG FA 745 39.66 -56.71 -5.35
C ARG FA 745 40.64 -56.96 -6.49
N PHE FA 746 40.18 -57.60 -7.56
CA PHE FA 746 41.10 -57.93 -8.65
C PHE FA 746 40.50 -57.53 -9.99
N LEU FA 747 41.33 -56.85 -10.80
CA LEU FA 747 40.88 -56.27 -12.05
C LEU FA 747 40.96 -57.28 -13.19
N ILE FA 748 39.83 -57.90 -13.54
CA ILE FA 748 39.79 -58.76 -14.71
C ILE FA 748 39.90 -57.91 -15.96
N LYS FA 749 40.56 -58.45 -16.98
CA LYS FA 749 40.77 -57.68 -18.20
C LYS FA 749 40.61 -58.52 -19.47
N GLN FA 750 39.54 -59.30 -19.59
CA GLN FA 750 39.35 -60.15 -20.76
C GLN FA 750 39.22 -59.28 -22.00
N GLY FA 751 40.26 -59.28 -22.84
CA GLY FA 751 40.20 -58.44 -24.01
C GLY FA 751 40.38 -56.97 -23.64
N ASP FA 752 39.79 -56.11 -24.47
CA ASP FA 752 39.86 -54.68 -24.20
C ASP FA 752 38.99 -54.30 -23.01
N GLN FA 753 37.88 -54.99 -22.82
CA GLN FA 753 36.98 -54.68 -21.72
C GLN FA 753 37.66 -54.91 -20.38
N SER FA 754 37.26 -54.13 -19.38
CA SER FA 754 37.81 -54.22 -18.03
C SER FA 754 36.70 -54.16 -17.01
N ALA FA 755 36.96 -54.71 -15.83
CA ALA FA 755 35.99 -54.66 -14.75
C ALA FA 755 36.66 -54.98 -13.43
N LEU FA 756 36.59 -54.05 -12.47
CA LEU FA 756 37.21 -54.27 -11.16
C LEU FA 756 36.27 -55.15 -10.35
N ALA FA 757 36.37 -56.45 -10.59
CA ALA FA 757 35.55 -57.42 -9.89
C ALA FA 757 36.14 -57.72 -8.51
N GLU FA 758 35.39 -58.48 -7.73
CA GLU FA 758 35.89 -58.95 -6.44
C GLU FA 758 35.04 -60.14 -6.01
N MET FA 759 35.62 -61.32 -6.02
CA MET FA 759 35.01 -62.43 -5.30
C MET FA 759 35.26 -62.22 -3.83
N ASN FA 760 34.22 -62.35 -3.02
CA ASN FA 760 34.34 -62.03 -1.60
C ASN FA 760 33.73 -63.16 -0.78
N LEU FA 761 34.31 -63.37 0.40
CA LEU FA 761 33.97 -64.47 1.29
C LEU FA 761 33.63 -63.94 2.67
N GLY FA 762 32.78 -62.91 2.71
CA GLY FA 762 32.42 -62.28 3.97
C GLY FA 762 31.13 -62.85 4.55
N LYS FA 763 30.82 -62.35 5.75
CA LYS FA 763 29.64 -62.81 6.47
C LYS FA 763 28.38 -62.26 5.81
N PHE FA 764 27.32 -63.06 5.82
CA PHE FA 764 26.07 -62.70 5.16
C PHE FA 764 24.92 -63.54 5.70
N ARG FA 765 23.71 -63.22 5.23
CA ARG FA 765 22.49 -63.84 5.68
C ARG FA 765 21.83 -64.61 4.54
N THR FA 766 21.08 -65.66 4.91
CA THR FA 766 20.43 -66.54 3.96
C THR FA 766 18.92 -66.50 4.17
N ILE FA 767 18.18 -66.34 3.07
CA ILE FA 767 16.72 -66.33 3.14
C ILE FA 767 16.19 -67.74 2.92
N VAL FA 768 16.13 -68.53 3.98
CA VAL FA 768 15.54 -69.87 3.94
C VAL FA 768 14.65 -70.04 5.17
N ASP FA 769 13.43 -70.52 4.94
CA ASP FA 769 12.46 -70.79 6.00
C ASP FA 769 12.29 -69.62 6.96
N GLY FA 770 12.54 -68.40 6.50
CA GLY FA 770 12.54 -67.25 7.39
C GLY FA 770 13.66 -67.29 8.40
N GLU FA 771 14.72 -68.06 8.14
CA GLU FA 771 15.83 -68.25 9.07
C GLU FA 771 17.08 -67.68 8.43
N THR FA 772 17.72 -66.73 9.13
CA THR FA 772 19.00 -66.17 8.69
C THR FA 772 20.10 -67.11 9.17
N VAL FA 773 20.24 -68.24 8.46
CA VAL FA 773 21.22 -69.25 8.82
C VAL FA 773 22.60 -68.70 8.50
N GLU FA 774 23.34 -68.31 9.54
CA GLU FA 774 24.67 -67.76 9.37
C GLU FA 774 25.54 -68.77 8.64
N ARG FA 775 26.00 -68.41 7.45
CA ARG FA 775 26.83 -69.28 6.63
C ARG FA 775 28.16 -68.61 6.39
N ASP FA 776 29.24 -69.33 6.65
CA ASP FA 776 30.59 -68.78 6.57
C ASP FA 776 31.42 -69.63 5.62
N PHE FA 777 32.26 -68.97 4.82
CA PHE FA 777 33.13 -69.67 3.89
C PHE FA 777 34.48 -70.02 4.48
N ASP FA 778 34.69 -69.80 5.78
CA ASP FA 778 36.02 -70.06 6.35
C ASP FA 778 36.31 -71.56 6.39
N ASP FA 779 35.27 -72.39 6.55
CA ASP FA 779 35.47 -73.83 6.51
C ASP FA 779 36.04 -74.29 5.18
N GLU FA 780 35.88 -73.50 4.12
CA GLU FA 780 36.53 -73.75 2.86
C GLU FA 780 37.72 -72.84 2.60
N LEU FA 781 37.84 -71.73 3.34
CA LEU FA 781 39.04 -70.90 3.24
C LEU FA 781 40.24 -71.63 3.80
N LEU FA 782 40.11 -72.18 5.01
CA LEU FA 782 41.22 -72.92 5.61
C LEU FA 782 41.55 -74.18 4.83
N VAL FA 783 40.69 -74.59 3.90
CA VAL FA 783 41.03 -75.66 2.98
C VAL FA 783 41.75 -75.11 1.76
N LEU FA 784 41.17 -74.10 1.13
CA LEU FA 784 41.72 -73.58 -0.12
C LEU FA 784 42.96 -72.73 0.13
N SER FA 785 42.96 -71.94 1.20
CA SER FA 785 44.08 -71.03 1.44
C SER FA 785 45.36 -71.79 1.66
N GLY FA 786 46.46 -71.23 1.14
CA GLY FA 786 47.75 -71.85 1.25
C GLY FA 786 48.38 -71.66 2.62
N THR FA 787 48.71 -72.76 3.29
CA THR FA 787 49.36 -72.69 4.60
C THR FA 787 50.22 -73.93 4.77
N PRO FA 788 51.55 -73.80 4.77
CA PRO FA 788 52.37 -74.97 5.08
C PRO FA 788 52.08 -75.56 6.44
N ASP FA 789 51.76 -74.71 7.43
CA ASP FA 789 51.41 -75.22 8.75
C ASP FA 789 50.16 -76.08 8.70
N ASN FA 790 49.07 -75.56 8.12
CA ASN FA 790 47.85 -76.36 8.03
C ASN FA 790 48.09 -77.61 7.20
N ALA FA 791 48.95 -77.53 6.19
CA ALA FA 791 49.21 -78.68 5.33
C ALA FA 791 49.99 -79.75 6.08
N GLU FA 792 50.87 -79.35 7.00
CA GLU FA 792 51.68 -80.32 7.71
C GLU FA 792 50.90 -81.11 8.76
N ILE FA 793 49.70 -80.64 9.14
CA ILE FA 793 48.80 -81.43 9.96
C ILE FA 793 47.72 -82.10 9.12
N ALA FA 794 47.36 -81.51 7.98
CA ALA FA 794 46.52 -82.23 7.03
C ALA FA 794 47.20 -83.50 6.57
N GLU FA 795 48.50 -83.44 6.30
CA GLU FA 795 49.25 -84.62 5.93
C GLU FA 795 49.24 -85.65 7.06
N SER FA 796 49.35 -85.20 8.31
CA SER FA 796 49.31 -86.12 9.43
C SER FA 796 47.96 -86.84 9.49
N ILE FA 797 46.87 -86.09 9.34
CA ILE FA 797 45.54 -86.71 9.48
C ILE FA 797 45.25 -87.61 8.29
N ILE FA 798 45.77 -87.27 7.10
CA ILE FA 798 45.62 -88.18 5.96
C ILE FA 798 46.47 -89.43 6.17
N ALA FA 799 47.65 -89.29 6.77
CA ALA FA 799 48.47 -90.45 7.05
C ALA FA 799 47.77 -91.40 8.01
N GLU FA 800 47.12 -90.85 9.04
CA GLU FA 800 46.38 -91.70 9.97
C GLU FA 800 45.20 -92.39 9.28
N VAL FA 801 44.48 -91.67 8.41
CA VAL FA 801 43.34 -92.23 7.67
C VAL FA 801 43.43 -91.68 6.26
N GLY FA 802 43.81 -92.53 5.30
CA GLY FA 802 43.96 -92.08 3.93
C GLY FA 802 42.94 -92.71 2.99
N ASP FA 803 41.79 -93.11 3.53
CA ASP FA 803 40.76 -93.83 2.79
C ASP FA 803 40.35 -93.13 1.50
N ASP FA 804 39.77 -91.93 1.61
CA ASP FA 804 39.23 -91.20 0.48
C ASP FA 804 38.92 -89.76 0.87
N PRO FA 805 39.23 -88.80 -0.01
CA PRO FA 805 38.93 -87.39 0.31
C PRO FA 805 37.47 -87.13 0.61
N ALA FA 806 36.54 -87.86 -0.01
CA ALA FA 806 35.13 -87.74 0.36
C ALA FA 806 34.90 -88.25 1.78
N VAL FA 807 35.75 -89.15 2.24
CA VAL FA 807 35.57 -89.75 3.57
C VAL FA 807 36.34 -88.96 4.62
N TRP FA 808 37.60 -88.60 4.34
CA TRP FA 808 38.43 -88.02 5.40
C TRP FA 808 38.21 -86.52 5.54
N LEU FA 809 37.39 -85.93 4.68
CA LEU FA 809 37.11 -84.49 4.80
C LEU FA 809 36.44 -84.10 6.11
N PRO FA 810 35.40 -84.79 6.59
CA PRO FA 810 34.85 -84.40 7.91
C PRO FA 810 35.86 -84.48 9.03
N ILE FA 811 36.71 -85.51 9.04
CA ILE FA 811 37.64 -85.64 10.16
C ILE FA 811 38.79 -84.66 10.03
N PHE FA 812 39.15 -84.27 8.81
CA PHE FA 812 40.11 -83.18 8.64
C PHE FA 812 39.54 -81.88 9.18
N LEU FA 813 38.26 -81.61 8.89
CA LEU FA 813 37.61 -80.45 9.50
C LEU FA 813 37.55 -80.57 11.01
N ASP FA 814 37.38 -81.80 11.51
CA ASP FA 814 37.37 -82.03 12.95
C ASP FA 814 38.70 -81.65 13.58
N ARG FA 815 39.81 -82.14 13.02
CA ARG FA 815 41.11 -81.77 13.56
C ARG FA 815 41.40 -80.29 13.38
N VAL FA 816 40.84 -79.67 12.33
CA VAL FA 816 40.94 -78.22 12.20
C VAL FA 816 40.25 -77.51 13.36
N LYS FA 817 39.04 -77.97 13.70
CA LYS FA 817 38.34 -77.42 14.86
C LYS FA 817 39.08 -77.73 16.15
N ALA FA 818 39.89 -78.79 16.15
CA ALA FA 818 40.64 -79.15 17.35
C ALA FA 818 41.81 -78.21 17.59
N GLU FA 819 42.47 -77.74 16.52
CA GLU FA 819 43.57 -76.79 16.65
C GLU FA 819 43.09 -75.35 16.69
N ARG FA 820 41.87 -75.07 16.22
CA ARG FA 820 41.44 -73.69 16.06
C ARG FA 820 41.26 -72.99 17.41
N PRO GA 15 -28.66 -78.00 -29.60
CA PRO GA 15 -27.69 -77.99 -28.50
C PRO GA 15 -26.24 -78.11 -28.97
N VAL GA 16 -25.80 -79.32 -29.27
CA VAL GA 16 -24.44 -79.56 -29.76
C VAL GA 16 -24.42 -80.18 -31.15
N GLY GA 17 -25.47 -80.89 -31.56
CA GLY GA 17 -25.54 -81.48 -32.89
C GLY GA 17 -25.36 -80.49 -34.02
N GLN GA 18 -25.28 -79.18 -33.73
CA GLN GA 18 -25.07 -78.18 -34.76
C GLN GA 18 -23.68 -78.25 -35.38
N PHE GA 19 -22.77 -79.02 -34.82
CA PHE GA 19 -21.43 -79.14 -35.37
C PHE GA 19 -21.08 -80.54 -35.85
N ILE GA 20 -21.81 -81.57 -35.42
CA ILE GA 20 -21.48 -82.96 -35.74
C ILE GA 20 -22.23 -83.41 -36.99
N PRO GA 21 -21.54 -83.81 -38.05
CA PRO GA 21 -22.21 -84.08 -39.32
C PRO GA 21 -22.75 -85.49 -39.50
N TYR GA 22 -22.56 -86.39 -38.55
CA TYR GA 22 -22.78 -87.80 -38.81
C TYR GA 22 -24.26 -88.15 -38.68
N SER GA 23 -24.75 -89.00 -39.58
CA SER GA 23 -26.17 -89.33 -39.61
C SER GA 23 -26.45 -90.80 -39.35
N HIS GA 24 -25.91 -91.70 -40.15
CA HIS GA 24 -26.30 -93.11 -40.08
C HIS GA 24 -25.38 -93.91 -41.00
N HIS GA 25 -25.55 -95.22 -40.99
CA HIS GA 25 -24.77 -96.11 -41.84
C HIS GA 25 -25.45 -96.24 -43.20
N VAL GA 26 -24.63 -96.50 -44.23
CA VAL GA 26 -25.12 -96.81 -45.56
C VAL GA 26 -24.76 -98.23 -45.98
N THR GA 27 -23.59 -98.71 -45.57
CA THR GA 27 -23.21 -100.10 -45.67
C THR GA 27 -22.42 -100.41 -44.41
N ASP GA 28 -22.05 -101.67 -44.22
CA ASP GA 28 -21.46 -102.10 -42.96
C ASP GA 28 -20.24 -101.27 -42.58
N THR GA 29 -19.50 -100.77 -43.58
CA THR GA 29 -18.23 -100.09 -43.32
C THR GA 29 -18.21 -98.64 -43.76
N ILE GA 30 -19.37 -98.05 -44.07
CA ILE GA 30 -19.37 -96.65 -44.52
C ILE GA 30 -20.47 -95.86 -43.83
N ILE GA 31 -20.09 -95.08 -42.80
CA ILE GA 31 -21.02 -94.13 -42.21
C ILE GA 31 -21.34 -93.03 -43.20
N SER GA 32 -22.59 -92.57 -43.17
CA SER GA 32 -23.03 -91.48 -44.03
C SER GA 32 -22.79 -90.14 -43.34
N THR GA 33 -23.35 -89.08 -43.91
CA THR GA 33 -23.21 -87.75 -43.35
C THR GA 33 -24.54 -87.03 -43.58
N LYS GA 34 -24.77 -85.96 -42.81
CA LYS GA 34 -26.00 -85.20 -42.98
C LYS GA 34 -26.12 -84.65 -44.40
N ASN GA 35 -25.04 -84.08 -44.92
CA ASN GA 35 -25.05 -83.49 -46.24
C ASN GA 35 -24.68 -84.49 -47.32
N ALA GA 36 -24.89 -85.79 -47.07
CA ALA GA 36 -24.56 -86.85 -48.01
C ALA GA 36 -23.07 -86.85 -48.37
N GLU GA 37 -22.22 -87.03 -47.36
CA GLU GA 37 -20.78 -87.15 -47.54
C GLU GA 37 -20.32 -88.47 -46.91
N TYR GA 38 -20.34 -89.54 -47.70
CA TYR GA 38 -20.05 -90.86 -47.18
C TYR GA 38 -18.62 -90.93 -46.64
N LEU GA 39 -18.44 -91.76 -45.63
CA LEU GA 39 -17.23 -91.73 -44.83
C LEU GA 39 -16.78 -93.16 -44.54
N SER GA 40 -15.52 -93.32 -44.18
CA SER GA 40 -15.00 -94.60 -43.72
C SER GA 40 -13.90 -94.34 -42.71
N VAL GA 41 -13.69 -95.30 -41.81
CA VAL GA 41 -12.69 -95.19 -40.77
C VAL GA 41 -11.79 -96.41 -40.84
N TRP GA 42 -10.48 -96.17 -40.75
CA TRP GA 42 -9.48 -97.23 -40.73
C TRP GA 42 -8.66 -97.11 -39.45
N LYS GA 43 -8.34 -98.26 -38.85
CA LYS GA 43 -7.53 -98.32 -37.64
C LYS GA 43 -6.13 -98.76 -38.05
N ILE GA 44 -5.21 -97.80 -38.12
CA ILE GA 44 -3.86 -98.03 -38.61
C ILE GA 44 -2.96 -98.26 -37.40
N ASP GA 45 -2.34 -99.44 -37.33
CA ASP GA 45 -1.37 -99.69 -36.27
C ASP GA 45 -0.10 -98.89 -36.49
N GLY GA 46 0.33 -98.77 -37.74
CA GLY GA 46 1.53 -98.04 -38.06
C GLY GA 46 2.76 -98.94 -38.01
N ARG GA 47 3.78 -98.55 -38.77
CA ARG GA 47 5.03 -99.29 -38.84
C ARG GA 47 6.05 -98.62 -37.95
N SER GA 48 6.90 -99.42 -37.33
CA SER GA 48 7.87 -98.88 -36.40
C SER GA 48 8.97 -98.14 -37.15
N HIS GA 49 9.29 -96.94 -36.67
CA HIS GA 49 10.31 -96.11 -37.29
C HIS GA 49 11.68 -96.30 -36.66
N GLN GA 50 11.80 -97.19 -35.69
CA GLN GA 50 13.08 -97.56 -35.10
C GLN GA 50 13.65 -98.84 -35.66
N SER GA 51 12.80 -99.78 -36.06
CA SER GA 51 13.27 -101.06 -36.57
C SER GA 51 14.05 -100.88 -37.87
N ALA GA 52 13.57 -100.02 -38.76
CA ALA GA 52 14.19 -99.80 -40.06
C ALA GA 52 14.98 -98.50 -40.05
N SER GA 53 16.11 -98.51 -40.74
CA SER GA 53 16.98 -97.35 -40.77
C SER GA 53 16.33 -96.21 -41.56
N GLU GA 54 17.08 -95.12 -41.73
CA GLU GA 54 16.58 -93.99 -42.48
C GLU GA 54 16.43 -94.28 -43.96
N ALA GA 55 16.96 -95.41 -44.43
CA ALA GA 55 16.90 -95.70 -45.87
C ALA GA 55 15.49 -96.06 -46.31
N ASP GA 56 14.77 -96.86 -45.53
CA ASP GA 56 13.46 -97.36 -45.93
C ASP GA 56 12.32 -96.40 -45.61
N VAL GA 57 12.56 -95.39 -44.79
CA VAL GA 57 11.50 -94.44 -44.46
C VAL GA 57 11.09 -93.67 -45.70
N PHE GA 58 12.06 -93.23 -46.49
CA PHE GA 58 11.77 -92.55 -47.74
C PHE GA 58 10.95 -93.43 -48.67
N GLN GA 59 11.30 -94.71 -48.75
CA GLN GA 59 10.54 -95.62 -49.61
C GLN GA 59 9.11 -95.77 -49.12
N TRP GA 60 8.91 -95.82 -47.81
CA TRP GA 60 7.56 -95.85 -47.27
C TRP GA 60 6.76 -94.63 -47.71
N ILE GA 61 7.36 -93.44 -47.54
CA ILE GA 61 6.67 -92.22 -47.93
C ILE GA 61 6.33 -92.25 -49.41
N ARG GA 62 7.27 -92.72 -50.24
CA ARG GA 62 7.04 -92.75 -51.67
C ARG GA 62 5.91 -93.71 -52.04
N GLU GA 63 5.84 -94.87 -51.40
CA GLU GA 63 4.75 -95.80 -51.72
C GLU GA 63 3.40 -95.25 -51.26
N LEU GA 64 3.37 -94.58 -50.12
CA LEU GA 64 2.11 -93.94 -49.70
C LEU GA 64 1.70 -92.86 -50.69
N ASN GA 65 2.66 -92.06 -51.16
CA ASN GA 65 2.37 -91.06 -52.18
C ASN GA 65 1.82 -91.71 -53.44
N ASN GA 66 2.44 -92.80 -53.89
CA ASN GA 66 2.00 -93.51 -55.08
C ASN GA 66 0.55 -93.94 -54.92
N THR GA 67 0.25 -94.63 -53.81
CA THR GA 67 -1.10 -95.16 -53.64
C THR GA 67 -2.12 -94.06 -53.38
N LEU GA 68 -1.69 -92.89 -52.90
CA LEU GA 68 -2.64 -91.79 -52.74
C LEU GA 68 -2.96 -91.15 -54.08
N ARG GA 69 -1.93 -90.75 -54.83
CA ARG GA 69 -2.16 -90.15 -56.13
C ARG GA 69 -2.79 -91.15 -57.10
N GLY GA 70 -2.71 -92.44 -56.81
CA GLY GA 70 -3.43 -93.41 -57.62
C GLY GA 70 -4.94 -93.20 -57.57
N ILE GA 71 -5.46 -92.94 -56.38
CA ILE GA 71 -6.88 -92.69 -56.21
C ILE GA 71 -7.19 -91.21 -56.03
N SER GA 72 -6.29 -90.34 -56.50
CA SER GA 72 -6.51 -88.91 -56.35
C SER GA 72 -7.74 -88.47 -57.15
N SER GA 73 -8.61 -87.71 -56.49
CA SER GA 73 -9.79 -87.13 -57.11
C SER GA 73 -10.20 -85.95 -56.26
N ALA GA 74 -10.97 -85.04 -56.84
CA ALA GA 74 -11.42 -83.88 -56.08
C ALA GA 74 -12.45 -84.24 -55.02
N ASN GA 75 -13.01 -85.46 -55.08
CA ASN GA 75 -14.04 -85.88 -54.13
C ASN GA 75 -13.45 -86.24 -52.77
N LEU GA 76 -12.23 -86.79 -52.78
CA LEU GA 76 -11.64 -87.43 -51.62
C LEU GA 76 -11.28 -86.41 -50.55
N SER GA 77 -10.83 -86.92 -49.41
CA SER GA 77 -10.27 -86.13 -48.31
C SER GA 77 -9.73 -87.13 -47.29
N LEU GA 78 -8.95 -86.63 -46.34
CA LEU GA 78 -8.36 -87.51 -45.33
C LEU GA 78 -8.09 -86.73 -44.06
N TRP GA 79 -8.57 -87.23 -42.93
CA TRP GA 79 -8.12 -86.80 -41.62
C TRP GA 79 -7.18 -87.84 -41.01
N THR GA 80 -6.31 -87.37 -40.13
CA THR GA 80 -5.34 -88.24 -39.49
C THR GA 80 -5.15 -87.81 -38.04
N HIS GA 81 -5.26 -88.75 -37.12
CA HIS GA 81 -5.23 -88.46 -35.70
C HIS GA 81 -4.25 -89.37 -34.99
N ILE GA 82 -3.43 -88.78 -34.12
CA ILE GA 82 -2.54 -89.54 -33.25
C ILE GA 82 -3.01 -89.35 -31.82
N VAL GA 83 -3.88 -90.22 -31.35
CA VAL GA 83 -4.48 -90.09 -30.03
C VAL GA 83 -3.64 -90.87 -29.03
N ARG GA 84 -3.26 -90.21 -27.94
CA ARG GA 84 -2.47 -90.81 -26.87
C ARG GA 84 -3.35 -91.01 -25.66
N ARG GA 85 -3.24 -92.18 -25.04
CA ARG GA 85 -4.09 -92.55 -23.92
C ARG GA 85 -3.25 -92.93 -22.70
N ARG GA 86 -3.80 -92.67 -21.53
CA ARG GA 86 -3.33 -93.29 -20.30
C ARG GA 86 -4.20 -94.53 -20.11
N VAL GA 98 0.65 -118.62 -4.80
CA VAL GA 98 1.27 -117.49 -4.12
C VAL GA 98 2.54 -117.04 -4.85
N PHE GA 99 3.27 -117.97 -5.45
CA PHE GA 99 4.52 -117.61 -6.12
C PHE GA 99 4.26 -116.68 -7.31
N CYS GA 100 3.31 -117.06 -8.16
CA CYS GA 100 2.97 -116.21 -9.29
C CYS GA 100 2.43 -114.86 -8.83
N ARG GA 101 1.65 -114.85 -7.74
CA ARG GA 101 1.15 -113.58 -7.22
C ARG GA 101 2.28 -112.69 -6.75
N GLN GA 102 3.28 -113.28 -6.08
CA GLN GA 102 4.45 -112.51 -5.69
C GLN GA 102 5.15 -111.93 -6.91
N LEU GA 103 5.37 -112.75 -7.93
CA LEU GA 103 6.05 -112.29 -9.13
C LEU GA 103 5.29 -111.13 -9.76
N ASP GA 104 3.97 -111.28 -9.90
CA ASP GA 104 3.14 -110.24 -10.49
C ASP GA 104 3.19 -108.96 -9.67
N GLU GA 105 3.11 -109.07 -8.35
CA GLU GA 105 3.03 -107.88 -7.53
C GLU GA 105 4.33 -107.09 -7.59
N LYS GA 106 5.48 -107.76 -7.44
CA LYS GA 106 6.73 -107.01 -7.57
C LYS GA 106 6.92 -106.46 -8.98
N TYR GA 107 6.56 -107.22 -10.01
CA TYR GA 107 6.82 -106.71 -11.36
C TYR GA 107 5.94 -105.50 -11.65
N ARG GA 108 4.71 -105.49 -11.12
CA ARG GA 108 3.86 -104.32 -11.25
C ARG GA 108 4.38 -103.13 -10.44
N GLU GA 109 4.92 -103.40 -9.25
CA GLU GA 109 5.52 -102.32 -8.47
C GLU GA 109 6.76 -101.75 -9.13
N SER GA 110 7.38 -102.48 -10.06
CA SER GA 110 8.51 -101.94 -10.80
C SER GA 110 8.13 -100.78 -11.73
N PHE GA 111 6.88 -100.34 -11.73
CA PHE GA 111 6.39 -99.40 -12.74
C PHE GA 111 5.99 -98.04 -12.17
N THR GA 112 6.18 -97.80 -10.89
CA THR GA 112 5.76 -96.53 -10.30
C THR GA 112 6.58 -95.38 -10.86
N GLY GA 113 5.93 -94.53 -11.65
CA GLY GA 113 6.59 -93.36 -12.23
C GLY GA 113 6.87 -93.46 -13.71
N TYR GA 114 6.40 -94.50 -14.39
CA TYR GA 114 6.73 -94.70 -15.79
C TYR GA 114 5.69 -94.00 -16.65
N ASN GA 115 5.82 -94.13 -17.97
CA ASN GA 115 4.92 -93.41 -18.87
C ASN GA 115 3.54 -94.04 -18.93
N LEU GA 116 3.45 -95.31 -19.33
CA LEU GA 116 2.17 -96.04 -19.41
C LEU GA 116 1.20 -95.38 -20.38
N MET GA 117 1.68 -95.02 -21.56
CA MET GA 117 0.85 -94.39 -22.58
C MET GA 117 0.97 -95.14 -23.90
N VAL GA 118 -0.15 -95.28 -24.59
CA VAL GA 118 -0.19 -95.95 -25.87
C VAL GA 118 -0.60 -94.94 -26.94
N ASN GA 119 -0.11 -95.16 -28.16
CA ASN GA 119 -0.51 -94.35 -29.30
C ASN GA 119 -1.42 -95.17 -30.21
N ASP GA 120 -2.48 -94.53 -30.69
CA ASP GA 120 -3.35 -95.12 -31.69
C ASP GA 120 -3.45 -94.17 -32.87
N LEU GA 121 -3.36 -94.71 -34.07
CA LEU GA 121 -3.38 -93.91 -35.28
C LEU GA 121 -4.61 -94.27 -36.09
N TYR GA 122 -5.39 -93.26 -36.46
CA TYR GA 122 -6.64 -93.45 -37.17
C TYR GA 122 -6.63 -92.64 -38.45
N LEU GA 123 -6.92 -93.28 -39.57
CA LEU GA 123 -7.11 -92.61 -40.86
C LEU GA 123 -8.55 -92.80 -41.29
N THR GA 124 -9.19 -91.70 -41.67
CA THR GA 124 -10.56 -91.72 -42.17
C THR GA 124 -10.58 -91.16 -43.58
N VAL GA 125 -11.32 -91.83 -44.47
CA VAL GA 125 -11.47 -91.40 -45.85
C VAL GA 125 -12.92 -91.02 -46.08
N VAL GA 126 -13.15 -89.78 -46.50
CA VAL GA 126 -14.48 -89.26 -46.76
C VAL GA 126 -14.57 -88.90 -48.24
N TYR GA 127 -15.66 -89.31 -48.87
CA TYR GA 127 -15.83 -89.20 -50.32
C TYR GA 127 -17.13 -88.44 -50.59
N ARG GA 128 -17.02 -87.12 -50.76
CA ARG GA 128 -18.20 -86.29 -50.94
C ARG GA 128 -18.43 -86.04 -52.43
N PRO GA 129 -19.54 -86.47 -52.99
CA PRO GA 129 -19.82 -86.16 -54.39
C PRO GA 129 -20.05 -84.66 -54.58
N VAL GA 130 -19.70 -84.19 -55.77
CA VAL GA 130 -19.87 -82.78 -56.11
C VAL GA 130 -21.07 -82.60 -57.02
N ASP GA 147 -34.72 -93.58 -63.11
CA ASP GA 147 -34.11 -94.19 -61.92
C ASP GA 147 -32.66 -93.77 -61.79
N GLN GA 148 -32.40 -92.48 -61.99
CA GLN GA 148 -31.03 -91.98 -61.92
C GLN GA 148 -30.54 -91.82 -60.49
N LYS GA 149 -31.42 -91.41 -59.56
CA LYS GA 149 -30.99 -91.11 -58.20
C LYS GA 149 -30.49 -92.36 -57.49
N LYS GA 150 -31.22 -93.47 -57.61
CA LYS GA 150 -30.79 -94.70 -56.96
C LYS GA 150 -29.48 -95.19 -57.54
N HIS GA 151 -29.33 -95.13 -58.86
CA HIS GA 151 -28.10 -95.55 -59.49
C HIS GA 151 -26.93 -94.66 -59.07
N ARG GA 152 -27.18 -93.37 -58.79
CA ARG GA 152 -26.11 -92.51 -58.28
C ARG GA 152 -25.76 -92.81 -56.84
N GLN GA 153 -26.76 -93.16 -56.01
CA GLN GA 153 -26.46 -93.65 -54.67
C GLN GA 153 -25.55 -94.88 -54.74
N GLU GA 154 -25.90 -95.84 -55.60
CA GLU GA 154 -25.09 -97.03 -55.76
C GLU GA 154 -23.70 -96.68 -56.29
N SER GA 155 -23.63 -95.74 -57.22
CA SER GA 155 -22.34 -95.33 -57.76
C SER GA 155 -21.46 -94.73 -56.67
N CYS GA 156 -22.04 -93.91 -55.79
CA CYS GA 156 -21.26 -93.31 -54.72
C CYS GA 156 -20.71 -94.37 -53.78
N ILE GA 157 -21.56 -95.30 -53.35
CA ILE GA 157 -21.08 -96.30 -52.40
C ILE GA 157 -20.06 -97.22 -53.06
N LYS GA 158 -20.25 -97.55 -54.35
CA LYS GA 158 -19.30 -98.41 -55.04
C LYS GA 158 -17.95 -97.72 -55.20
N ALA GA 159 -17.96 -96.42 -55.52
CA ALA GA 159 -16.71 -95.69 -55.61
C ALA GA 159 -15.98 -95.72 -54.28
N LEU GA 160 -16.71 -95.50 -53.18
CA LEU GA 160 -16.02 -95.48 -51.90
C LEU GA 160 -15.50 -96.86 -51.52
N GLU GA 161 -16.23 -97.93 -51.85
CA GLU GA 161 -15.73 -99.26 -51.51
C GLU GA 161 -14.50 -99.61 -52.35
N ASP GA 162 -14.46 -99.19 -53.62
CA ASP GA 162 -13.26 -99.42 -54.41
C ASP GA 162 -12.08 -98.63 -53.87
N ILE GA 163 -12.34 -97.40 -53.40
CA ILE GA 163 -11.29 -96.64 -52.74
C ILE GA 163 -10.77 -97.38 -51.51
N ASN GA 164 -11.68 -97.95 -50.73
CA ASN GA 164 -11.28 -98.74 -49.56
C ASN GA 164 -10.43 -99.94 -49.95
N ARG GA 165 -10.82 -100.64 -51.02
CA ARG GA 165 -10.03 -101.80 -51.45
C ARG GA 165 -8.61 -101.38 -51.82
N THR GA 166 -8.47 -100.28 -52.57
CA THR GA 166 -7.14 -99.83 -52.95
C THR GA 166 -6.32 -99.43 -51.71
N LEU GA 167 -6.94 -98.71 -50.79
CA LEU GA 167 -6.21 -98.30 -49.59
C LEU GA 167 -5.77 -99.52 -48.78
N GLY GA 168 -6.62 -100.54 -48.72
CA GLY GA 168 -6.25 -101.76 -48.01
C GLY GA 168 -5.11 -102.51 -48.67
N GLN GA 169 -5.14 -102.60 -50.00
CA GLN GA 169 -3.97 -103.14 -50.70
C GLN GA 169 -2.72 -102.37 -50.34
N SER GA 170 -2.85 -101.05 -50.19
CA SER GA 170 -1.67 -100.23 -49.89
C SER GA 170 -1.13 -100.49 -48.49
N PHE GA 171 -2.01 -100.55 -47.50
CA PHE GA 171 -1.58 -100.54 -46.10
C PHE GA 171 -1.25 -101.93 -45.56
N LYS GA 172 -0.92 -102.89 -46.43
CA LYS GA 172 -0.68 -104.26 -45.96
C LYS GA 172 0.43 -104.32 -44.94
N ARG GA 173 1.55 -103.64 -45.21
CA ARG GA 173 2.65 -103.61 -44.26
C ARG GA 173 2.29 -102.93 -42.95
N TYR GA 174 1.44 -101.92 -42.99
CA TYR GA 174 1.13 -101.16 -41.78
C TYR GA 174 0.21 -101.93 -40.85
N GLY GA 175 -0.62 -102.81 -41.39
CA GLY GA 175 -1.46 -103.67 -40.59
C GLY GA 175 -2.79 -103.10 -40.18
N ALA GA 176 -3.38 -102.22 -40.99
CA ALA GA 176 -4.64 -101.61 -40.63
C ALA GA 176 -5.79 -102.59 -40.77
N GLU GA 177 -6.88 -102.30 -40.06
CA GLU GA 177 -8.09 -103.09 -40.14
C GLU GA 177 -9.27 -102.17 -40.41
N LEU GA 178 -10.22 -102.66 -41.22
CA LEU GA 178 -11.36 -101.87 -41.64
C LEU GA 178 -12.42 -101.90 -40.55
N LEU GA 179 -12.73 -100.75 -39.98
CA LEU GA 179 -13.73 -100.70 -38.92
C LEU GA 179 -15.11 -100.96 -39.50
N SER GA 180 -15.81 -101.94 -38.92
CA SER GA 180 -17.10 -102.38 -39.43
C SER GA 180 -17.99 -102.80 -38.27
N VAL GA 181 -19.27 -102.96 -38.56
CA VAL GA 181 -20.23 -103.28 -37.51
C VAL GA 181 -19.91 -104.64 -36.90
N TYR GA 182 -20.29 -104.81 -35.64
CA TYR GA 182 -20.07 -106.05 -34.91
C TYR GA 182 -21.27 -106.30 -34.02
N GLU GA 183 -22.02 -107.35 -34.32
CA GLU GA 183 -23.20 -107.69 -33.52
C GLU GA 183 -22.76 -108.16 -32.14
N LYS GA 184 -23.41 -107.65 -31.10
CA LYS GA 184 -23.18 -108.10 -29.73
C LYS GA 184 -24.52 -108.52 -29.14
N GLY GA 185 -24.86 -109.80 -29.32
CA GLY GA 185 -26.02 -110.39 -28.68
C GLY GA 185 -27.34 -109.77 -29.09
N GLY GA 186 -27.55 -109.56 -30.39
CA GLY GA 186 -28.78 -109.00 -30.89
C GLY GA 186 -28.85 -107.50 -30.93
N HIS GA 187 -27.94 -106.81 -30.25
CA HIS GA 187 -27.82 -105.36 -30.33
C HIS GA 187 -26.68 -105.06 -31.30
N ALA GA 188 -27.03 -104.80 -32.55
CA ALA GA 188 -26.02 -104.42 -33.53
C ALA GA 188 -25.32 -103.14 -33.08
N PHE GA 189 -24.01 -103.10 -33.25
CA PHE GA 189 -23.19 -101.95 -32.92
C PHE GA 189 -22.51 -101.46 -34.19
N SER GA 190 -21.63 -100.48 -34.04
CA SER GA 190 -20.94 -99.91 -35.19
C SER GA 190 -19.58 -99.42 -34.75
N ALA GA 191 -18.53 -100.11 -35.19
CA ALA GA 191 -17.17 -99.74 -34.79
C ALA GA 191 -16.77 -98.32 -35.18
N PRO GA 192 -17.07 -97.81 -36.39
CA PRO GA 192 -16.58 -96.47 -36.71
C PRO GA 192 -17.08 -95.39 -35.77
N LEU GA 193 -18.27 -95.54 -35.19
CA LEU GA 193 -18.77 -94.52 -34.27
C LEU GA 193 -17.87 -94.35 -33.07
N GLU GA 194 -17.11 -95.38 -32.70
CA GLU GA 194 -16.31 -95.31 -31.49
C GLU GA 194 -15.18 -94.29 -31.63
N PHE GA 195 -14.49 -94.30 -32.77
CA PHE GA 195 -13.41 -93.34 -32.96
C PHE GA 195 -13.92 -91.91 -33.02
N LEU GA 196 -14.99 -91.70 -33.79
CA LEU GA 196 -15.58 -90.37 -33.90
C LEU GA 196 -16.12 -89.91 -32.55
N ALA GA 197 -16.50 -90.86 -31.70
CA ALA GA 197 -16.90 -90.52 -30.34
C ALA GA 197 -15.69 -90.06 -29.53
N ARG GA 198 -14.61 -90.83 -29.58
CA ARG GA 198 -13.42 -90.46 -28.80
C ARG GA 198 -12.91 -89.10 -29.22
N LEU GA 199 -13.12 -88.72 -30.48
CA LEU GA 199 -12.71 -87.39 -30.91
C LEU GA 199 -13.41 -86.30 -30.11
N VAL GA 200 -14.72 -86.43 -29.91
CA VAL GA 200 -15.48 -85.42 -29.21
C VAL GA 200 -15.61 -85.74 -27.73
N ASN GA 201 -15.97 -86.98 -27.39
CA ASN GA 201 -16.20 -87.32 -26.00
C ASN GA 201 -14.91 -87.27 -25.19
N GLY GA 202 -13.79 -87.65 -25.80
CA GLY GA 202 -12.52 -87.69 -25.10
C GLY GA 202 -12.30 -88.93 -24.28
N GLU GA 203 -13.32 -89.76 -24.09
CA GLU GA 203 -13.20 -91.04 -23.41
C GLU GA 203 -13.98 -92.07 -24.21
N HIS GA 204 -13.44 -93.28 -24.32
CA HIS GA 204 -14.04 -94.28 -25.20
C HIS GA 204 -15.36 -94.73 -24.60
N ILE GA 205 -16.46 -94.19 -25.11
CA ILE GA 205 -17.81 -94.53 -24.69
C ILE GA 205 -18.49 -95.29 -25.82
N PRO GA 206 -18.72 -96.59 -25.68
CA PRO GA 206 -19.33 -97.35 -26.78
C PRO GA 206 -20.73 -96.84 -27.08
N MET GA 207 -21.10 -96.88 -28.37
CA MET GA 207 -22.44 -96.47 -28.74
C MET GA 207 -23.06 -97.50 -29.67
N PRO GA 208 -24.37 -97.68 -29.58
CA PRO GA 208 -25.06 -98.56 -30.53
C PRO GA 208 -25.50 -97.80 -31.76
N ILE GA 209 -25.67 -98.55 -32.84
CA ILE GA 209 -26.31 -98.02 -34.04
C ILE GA 209 -27.82 -98.11 -33.83
N CYS GA 210 -28.51 -96.98 -34.00
CA CYS GA 210 -29.94 -96.93 -33.77
C CYS GA 210 -30.57 -95.97 -34.77
N ARG GA 211 -31.88 -95.84 -34.71
CA ARG GA 211 -32.64 -95.20 -35.79
C ARG GA 211 -32.52 -93.68 -35.81
N ASP GA 212 -31.99 -93.06 -34.76
CA ASP GA 212 -31.77 -91.62 -34.82
C ASP GA 212 -30.69 -91.28 -35.84
N ARG GA 213 -30.41 -90.00 -35.98
CA ARG GA 213 -29.17 -89.54 -36.58
C ARG GA 213 -28.14 -89.45 -35.47
N PHE GA 214 -26.95 -90.02 -35.70
CA PHE GA 214 -26.00 -90.17 -34.61
C PHE GA 214 -25.55 -88.83 -34.05
N SER GA 215 -25.77 -87.74 -34.78
CA SER GA 215 -25.38 -86.43 -34.27
C SER GA 215 -26.09 -86.10 -32.98
N ASP GA 216 -27.34 -86.56 -32.81
CA ASP GA 216 -28.10 -86.21 -31.60
C ASP GA 216 -27.46 -86.77 -30.35
N TYR GA 217 -26.99 -88.01 -30.39
CA TYR GA 217 -26.51 -88.66 -29.17
C TYR GA 217 -25.07 -89.13 -29.25
N MET GA 218 -24.33 -88.83 -30.32
CA MET GA 218 -22.96 -89.30 -30.37
C MET GA 218 -22.13 -88.63 -29.28
N ALA GA 219 -22.44 -87.37 -28.97
CA ALA GA 219 -21.82 -86.70 -27.85
C ALA GA 219 -22.52 -87.10 -26.56
N VAL GA 220 -21.73 -87.39 -25.53
CA VAL GA 220 -22.27 -87.68 -24.21
C VAL GA 220 -21.67 -86.69 -23.21
N ASN GA 221 -20.37 -86.46 -23.33
CA ASN GA 221 -19.65 -85.54 -22.45
C ASN GA 221 -19.25 -84.32 -23.27
N ARG GA 222 -20.11 -83.29 -23.27
CA ARG GA 222 -19.94 -82.19 -24.21
C ARG GA 222 -18.96 -81.16 -23.69
N PRO GA 223 -17.97 -80.79 -24.49
CA PRO GA 223 -16.98 -79.81 -24.05
C PRO GA 223 -17.59 -78.43 -23.82
N MET GA 224 -16.94 -77.65 -22.97
CA MET GA 224 -17.42 -76.33 -22.59
C MET GA 224 -16.25 -75.35 -22.73
N PHE GA 225 -16.11 -74.75 -23.91
CA PHE GA 225 -14.99 -73.86 -24.19
C PHE GA 225 -15.22 -72.53 -23.49
N SER GA 226 -14.20 -72.03 -22.80
CA SER GA 226 -14.26 -70.68 -22.26
C SER GA 226 -14.48 -69.69 -23.38
N LYS GA 227 -15.34 -68.70 -23.16
CA LYS GA 227 -15.72 -67.79 -24.24
C LYS GA 227 -14.53 -67.01 -24.78
N TRP GA 228 -13.50 -66.78 -23.98
CA TRP GA 228 -12.28 -66.18 -24.51
C TRP GA 228 -11.48 -67.19 -25.32
N GLY GA 229 -11.58 -68.47 -25.01
CA GLY GA 229 -11.07 -69.50 -25.87
C GLY GA 229 -9.64 -69.94 -25.65
N GLU GA 230 -9.03 -69.61 -24.50
CA GLU GA 230 -7.67 -70.06 -24.28
C GLU GA 230 -7.62 -71.56 -23.98
N VAL GA 231 -8.56 -72.05 -23.16
CA VAL GA 231 -8.60 -73.44 -22.73
C VAL GA 231 -10.02 -73.95 -22.85
N GLY GA 232 -10.23 -75.20 -22.41
CA GLY GA 232 -11.54 -75.81 -22.48
C GLY GA 232 -11.92 -76.63 -21.27
N GLU GA 233 -12.93 -77.47 -21.41
CA GLU GA 233 -13.39 -78.35 -20.33
C GLU GA 233 -13.97 -79.62 -20.92
N LEU GA 234 -14.13 -80.65 -20.09
CA LEU GA 234 -14.68 -81.95 -20.55
C LEU GA 234 -15.26 -82.71 -19.36
N ARG GA 235 -16.47 -82.35 -18.91
CA ARG GA 235 -17.07 -82.99 -17.71
C ARG GA 235 -17.73 -84.32 -18.09
N SER GA 236 -17.40 -85.40 -17.36
CA SER GA 236 -18.00 -86.74 -17.62
C SER GA 236 -18.69 -87.25 -16.35
N LEU GA 237 -19.14 -88.51 -16.34
CA LEU GA 237 -19.83 -89.06 -15.18
C LEU GA 237 -18.86 -89.32 -14.03
N THR GA 238 -17.63 -89.57 -14.38
CA THR GA 238 -16.64 -90.07 -13.43
C THR GA 238 -15.61 -89.00 -13.09
N GLY GA 239 -15.52 -87.95 -13.92
CA GLY GA 239 -14.49 -86.89 -13.70
C GLY GA 239 -14.49 -85.78 -14.75
N LEU GA 240 -13.36 -85.08 -14.94
CA LEU GA 240 -13.28 -83.87 -15.82
C LEU GA 240 -11.82 -83.59 -16.24
N ARG GA 241 -11.58 -82.59 -17.12
CA ARG GA 241 -10.21 -82.29 -17.63
C ARG GA 241 -10.13 -80.92 -18.33
N ARG GA 242 -8.92 -80.41 -18.64
CA ARG GA 242 -8.74 -79.17 -19.36
C ARG GA 242 -7.80 -79.36 -20.53
N PHE GA 243 -8.06 -78.65 -21.62
CA PHE GA 243 -7.28 -78.85 -22.83
C PHE GA 243 -7.10 -77.55 -23.57
N GLY GA 244 -5.86 -77.21 -23.88
CA GLY GA 244 -5.55 -76.08 -24.73
C GLY GA 244 -4.95 -76.58 -26.03
N MET GA 245 -4.92 -75.75 -27.06
CA MET GA 245 -4.54 -76.23 -28.38
C MET GA 245 -3.33 -75.48 -28.90
N LEU GA 246 -2.78 -76.02 -29.99
CA LEU GA 246 -1.71 -75.40 -30.76
C LEU GA 246 -2.02 -75.64 -32.23
N GLU GA 247 -1.74 -74.65 -33.08
CA GLU GA 247 -1.93 -74.82 -34.51
C GLU GA 247 -0.57 -74.85 -35.17
N ILE GA 248 -0.28 -75.94 -35.86
CA ILE GA 248 1.04 -76.19 -36.44
C ILE GA 248 0.91 -75.89 -37.92
N ARG GA 249 1.11 -74.64 -38.29
CA ARG GA 249 1.00 -74.22 -39.68
C ARG GA 249 2.41 -74.14 -40.25
N GLU GA 250 2.77 -75.12 -41.07
CA GLU GA 250 4.10 -75.20 -41.66
C GLU GA 250 3.98 -75.38 -43.17
N TYR GA 251 4.85 -74.70 -43.90
CA TYR GA 251 4.90 -74.72 -45.36
C TYR GA 251 6.15 -75.37 -45.90
N ASP GA 252 7.29 -75.14 -45.26
CA ASP GA 252 8.55 -75.69 -45.73
C ASP GA 252 8.50 -77.20 -45.80
N ASP GA 253 9.13 -77.75 -46.85
CA ASP GA 253 9.24 -79.18 -46.97
C ASP GA 253 9.95 -79.75 -45.76
N ALA GA 254 9.44 -80.86 -45.24
CA ALA GA 254 9.98 -81.43 -44.02
C ALA GA 254 11.41 -81.92 -44.24
N THR GA 255 12.20 -81.86 -43.17
CA THR GA 255 13.56 -82.39 -43.24
C THR GA 255 13.54 -83.91 -43.13
N GLU GA 256 13.05 -84.43 -42.02
CA GLU GA 256 12.86 -85.86 -41.88
C GLU GA 256 11.54 -86.27 -42.52
N PRO GA 257 11.45 -87.49 -43.05
CA PRO GA 257 10.14 -87.97 -43.52
C PRO GA 257 9.12 -88.07 -42.41
N GLY GA 258 9.56 -88.18 -41.17
CA GLY GA 258 8.68 -87.89 -40.06
C GLY GA 258 9.30 -86.79 -39.22
N GLN GA 259 8.70 -85.61 -39.24
CA GLN GA 259 9.37 -84.46 -38.64
C GLN GA 259 9.03 -84.32 -37.16
N LEU GA 260 7.76 -84.11 -36.84
CA LEU GA 260 7.32 -83.83 -35.48
C LEU GA 260 7.00 -85.09 -34.69
N ASN GA 261 7.64 -86.21 -35.02
CA ASN GA 261 7.49 -87.45 -34.28
C ASN GA 261 8.10 -87.42 -32.90
N VAL GA 262 8.68 -86.30 -32.48
CA VAL GA 262 9.12 -86.17 -31.09
C VAL GA 262 7.92 -86.17 -30.15
N LEU GA 263 6.74 -85.85 -30.66
CA LEU GA 263 5.53 -85.84 -29.83
C LEU GA 263 5.04 -87.24 -29.51
N LEU GA 264 5.46 -88.25 -30.29
CA LEU GA 264 5.03 -89.61 -30.01
C LEU GA 264 5.49 -90.09 -28.65
N GLU GA 265 6.52 -89.47 -28.09
CA GLU GA 265 6.99 -89.78 -26.74
C GLU GA 265 6.96 -88.49 -25.92
N SER GA 266 5.92 -88.35 -25.10
CA SER GA 266 5.80 -87.19 -24.23
C SER GA 266 4.91 -87.57 -23.06
N ASP GA 267 4.97 -86.75 -22.01
CA ASP GA 267 4.28 -87.03 -20.77
C ASP GA 267 2.86 -86.50 -20.73
N TYR GA 268 2.32 -86.02 -21.85
CA TYR GA 268 0.98 -85.47 -21.90
C TYR GA 268 0.18 -86.15 -23.00
N GLU GA 269 -1.13 -86.20 -22.81
CA GLU GA 269 -2.02 -86.73 -23.84
C GLU GA 269 -2.33 -85.66 -24.87
N PHE GA 270 -2.70 -86.08 -26.07
CA PHE GA 270 -3.13 -85.14 -27.10
C PHE GA 270 -3.89 -85.89 -28.18
N VAL GA 271 -4.44 -85.13 -29.13
CA VAL GA 271 -4.99 -85.66 -30.37
C VAL GA 271 -4.50 -84.79 -31.51
N LEU GA 272 -3.41 -85.18 -32.15
CA LEU GA 272 -2.80 -84.38 -33.20
C LEU GA 272 -3.54 -84.66 -34.52
N THR GA 273 -4.03 -83.60 -35.15
CA THR GA 273 -4.96 -83.72 -36.27
C THR GA 273 -4.41 -83.06 -37.51
N HIS GA 274 -4.50 -83.76 -38.64
CA HIS GA 274 -4.20 -83.22 -39.95
C HIS GA 274 -5.35 -83.55 -40.90
N SER GA 275 -5.64 -82.64 -41.81
CA SER GA 275 -6.65 -82.89 -42.84
C SER GA 275 -6.03 -82.68 -44.20
N PHE GA 276 -6.47 -83.46 -45.18
CA PHE GA 276 -6.01 -83.28 -46.55
C PHE GA 276 -7.23 -83.23 -47.46
N SER GA 277 -7.83 -82.05 -47.56
CA SER GA 277 -8.90 -81.82 -48.52
C SER GA 277 -8.25 -81.53 -49.86
N VAL GA 278 -8.25 -82.52 -50.74
CA VAL GA 278 -7.52 -82.40 -51.99
C VAL GA 278 -8.06 -81.26 -52.82
N LEU GA 279 -7.21 -80.75 -53.72
CA LEU GA 279 -7.62 -79.78 -54.73
C LEU GA 279 -7.51 -80.44 -56.09
N SER GA 280 -8.52 -80.26 -56.93
CA SER GA 280 -8.42 -80.73 -58.29
C SER GA 280 -7.23 -80.06 -58.99
N ARG GA 281 -6.59 -80.82 -59.88
CA ARG GA 281 -5.33 -80.38 -60.48
C ARG GA 281 -5.40 -78.97 -61.06
N PRO GA 282 -6.40 -78.58 -61.85
CA PRO GA 282 -6.48 -77.17 -62.27
C PRO GA 282 -6.57 -76.21 -61.11
N ALA GA 283 -7.22 -76.59 -60.01
CA ALA GA 283 -7.29 -75.68 -58.87
C ALA GA 283 -5.92 -75.47 -58.25
N ALA GA 284 -5.12 -76.54 -58.15
CA ALA GA 284 -3.78 -76.39 -57.64
C ALA GA 284 -2.92 -75.50 -58.54
N LYS GA 285 -3.03 -75.72 -59.86
CA LYS GA 285 -2.30 -74.88 -60.79
C LYS GA 285 -2.67 -73.41 -60.61
N GLU GA 286 -3.97 -73.14 -60.51
CA GLU GA 286 -4.42 -71.75 -60.35
C GLU GA 286 -3.92 -71.15 -59.05
N TYR GA 287 -3.94 -71.92 -57.96
CA TYR GA 287 -3.46 -71.38 -56.69
C TYR GA 287 -1.98 -71.04 -56.77
N LEU GA 288 -1.17 -71.93 -57.35
CA LEU GA 288 0.25 -71.65 -57.45
C LEU GA 288 0.51 -70.44 -58.32
N GLN GA 289 -0.26 -70.29 -59.41
CA GLN GA 289 -0.10 -69.13 -60.27
C GLN GA 289 -0.44 -67.84 -59.53
N ARG GA 290 -1.55 -67.83 -58.78
CA ARG GA 290 -1.92 -66.62 -58.05
C ARG GA 290 -0.89 -66.30 -56.98
N HIS GA 291 -0.36 -67.32 -56.29
CA HIS GA 291 0.65 -67.07 -55.27
C HIS GA 291 1.91 -66.48 -55.88
N GLN GA 292 2.35 -67.03 -57.01
CA GLN GA 292 3.53 -66.48 -57.66
C GLN GA 292 3.29 -65.04 -58.11
N LYS GA 293 2.08 -64.74 -58.61
CA LYS GA 293 1.79 -63.39 -59.05
C LYS GA 293 1.81 -62.40 -57.89
N ASN GA 294 1.17 -62.76 -56.78
CA ASN GA 294 1.12 -61.86 -55.64
C ASN GA 294 2.46 -61.72 -54.96
N LEU GA 295 3.35 -62.71 -55.11
CA LEU GA 295 4.71 -62.54 -54.62
C LEU GA 295 5.54 -61.67 -55.55
N ILE GA 296 5.28 -61.74 -56.85
CA ILE GA 296 5.99 -60.89 -57.81
C ILE GA 296 5.61 -59.44 -57.59
N ASP GA 297 4.31 -59.17 -57.51
CA ASP GA 297 3.81 -57.79 -57.50
C ASP GA 297 3.95 -57.19 -56.10
N ALA GA 298 5.21 -57.08 -55.66
CA ALA GA 298 5.54 -56.50 -54.36
C ALA GA 298 6.72 -55.55 -54.54
N ARG GA 299 7.01 -54.78 -53.50
CA ARG GA 299 8.04 -53.76 -53.57
C ARG GA 299 9.44 -54.29 -53.29
N ASP GA 300 9.56 -55.50 -52.75
CA ASP GA 300 10.87 -56.10 -52.49
C ASP GA 300 10.99 -57.39 -53.30
N VAL GA 301 12.14 -57.58 -53.91
CA VAL GA 301 12.40 -58.76 -54.71
C VAL GA 301 13.17 -59.75 -53.86
N ALA GA 302 12.71 -61.01 -53.85
CA ALA GA 302 13.33 -62.08 -53.10
C ALA GA 302 13.48 -63.26 -54.06
N THR GA 303 14.64 -63.40 -54.68
CA THR GA 303 14.85 -64.44 -55.65
C THR GA 303 15.10 -65.81 -55.01
N ASP GA 304 15.05 -65.88 -53.69
CA ASP GA 304 15.09 -67.17 -53.02
C ASP GA 304 13.72 -67.82 -52.96
N GLN GA 305 12.66 -67.11 -53.32
CA GLN GA 305 11.29 -67.57 -53.25
C GLN GA 305 10.63 -67.76 -54.60
N ILE GA 306 10.77 -66.78 -55.49
CA ILE GA 306 10.06 -66.80 -56.76
C ILE GA 306 10.52 -67.97 -57.62
N GLU GA 307 11.82 -68.19 -57.70
CA GLU GA 307 12.32 -69.29 -58.52
C GLU GA 307 11.92 -70.63 -57.95
N GLU GA 308 11.93 -70.77 -56.63
CA GLU GA 308 11.52 -72.02 -56.01
C GLU GA 308 10.06 -72.33 -56.32
N ILE GA 309 9.18 -71.33 -56.18
CA ILE GA 309 7.77 -71.56 -56.45
C ILE GA 309 7.55 -71.89 -57.92
N ASP GA 310 8.25 -71.18 -58.81
CA ASP GA 310 8.11 -71.46 -60.23
C ASP GA 310 8.67 -72.84 -60.59
N GLU GA 311 9.65 -73.33 -59.85
CA GLU GA 311 10.09 -74.70 -60.02
C GLU GA 311 8.99 -75.66 -59.61
N ALA GA 312 8.36 -75.40 -58.46
CA ALA GA 312 7.33 -76.31 -57.96
C ALA GA 312 6.11 -76.34 -58.88
N LEU GA 313 5.82 -75.23 -59.56
CA LEU GA 313 4.60 -75.15 -60.36
C LEU GA 313 4.59 -76.17 -61.48
N ASN GA 314 5.71 -76.35 -62.18
CA ASN GA 314 5.84 -77.42 -63.16
C ASN GA 314 6.57 -78.63 -62.61
N GLN GA 315 6.87 -78.64 -61.32
CA GLN GA 315 7.13 -79.91 -60.65
C GLN GA 315 5.81 -80.65 -60.41
N LEU GA 316 4.74 -79.88 -60.20
CA LEU GA 316 3.44 -80.48 -59.90
C LEU GA 316 2.96 -81.37 -61.04
N ILE GA 317 3.09 -80.88 -62.27
CA ILE GA 317 2.66 -81.66 -63.44
C ILE GA 317 3.53 -82.89 -63.60
N SER GA 318 4.85 -82.72 -63.42
CA SER GA 318 5.79 -83.77 -63.79
C SER GA 318 6.22 -84.58 -62.57
N GLY GA 319 6.18 -84.00 -61.38
CA GLY GA 319 6.48 -84.75 -60.18
C GLY GA 319 5.38 -85.66 -59.70
N HIS GA 320 4.17 -85.45 -60.21
CA HIS GA 320 3.02 -86.29 -59.88
C HIS GA 320 2.81 -86.40 -58.38
N PHE GA 321 2.49 -85.28 -57.74
CA PHE GA 321 1.91 -85.27 -56.42
C PHE GA 321 0.80 -84.23 -56.43
N VAL GA 322 -0.35 -84.56 -55.86
CA VAL GA 322 -1.52 -83.69 -55.93
C VAL GA 322 -1.67 -82.94 -54.61
N MET GA 323 -1.93 -81.64 -54.71
CA MET GA 323 -1.97 -80.77 -53.55
C MET GA 323 -3.32 -80.87 -52.85
N GLY GA 324 -3.47 -80.10 -51.78
CA GLY GA 324 -4.73 -80.05 -51.06
C GLY GA 324 -4.61 -79.16 -49.84
N GLU GA 325 -5.76 -78.90 -49.22
CA GLU GA 325 -5.81 -78.11 -48.01
C GLU GA 325 -5.29 -78.92 -46.83
N HIS GA 326 -4.83 -78.21 -45.79
CA HIS GA 326 -4.20 -78.88 -44.67
C HIS GA 326 -4.13 -77.94 -43.48
N HIS GA 327 -4.80 -78.29 -42.38
CA HIS GA 327 -4.59 -77.60 -41.13
C HIS GA 327 -4.11 -78.63 -40.11
N CYS GA 328 -3.22 -78.22 -39.21
CA CYS GA 328 -2.70 -79.09 -38.18
C CYS GA 328 -2.98 -78.49 -36.82
N THR GA 329 -3.52 -79.29 -35.91
CA THR GA 329 -3.86 -78.82 -34.57
C THR GA 329 -3.53 -79.89 -33.55
N LEU GA 330 -2.91 -79.45 -32.46
CA LEU GA 330 -2.52 -80.32 -31.35
C LEU GA 330 -3.32 -79.93 -30.13
N THR GA 331 -4.07 -80.87 -29.57
CA THR GA 331 -4.96 -80.60 -28.45
C THR GA 331 -4.51 -81.38 -27.22
N VAL GA 332 -3.58 -80.80 -26.46
CA VAL GA 332 -3.06 -81.46 -25.27
C VAL GA 332 -4.09 -81.42 -24.17
N TYR GA 333 -4.21 -82.52 -23.43
CA TYR GA 333 -5.13 -82.60 -22.30
C TYR GA 333 -4.36 -82.46 -21.00
N GLY GA 334 -5.10 -82.20 -19.93
CA GLY GA 334 -4.48 -82.04 -18.64
C GLY GA 334 -5.50 -82.07 -17.53
N GLU GA 335 -5.05 -81.75 -16.32
CA GLU GA 335 -5.92 -81.67 -15.16
C GLU GA 335 -6.03 -80.25 -14.63
N THR GA 336 -4.91 -79.61 -14.33
CA THR GA 336 -4.90 -78.21 -13.92
C THR GA 336 -4.61 -77.34 -15.13
N VAL GA 337 -5.21 -76.15 -15.15
CA VAL GA 337 -5.05 -75.28 -16.31
C VAL GA 337 -3.61 -74.81 -16.45
N GLN GA 338 -2.94 -74.54 -15.32
CA GLN GA 338 -1.52 -74.22 -15.38
C GLN GA 338 -0.73 -75.41 -15.91
N GLN GA 339 -1.14 -76.63 -15.55
CA GLN GA 339 -0.50 -77.82 -16.10
C GLN GA 339 -0.65 -77.89 -17.61
N VAL GA 340 -1.82 -77.49 -18.12
CA VAL GA 340 -2.02 -77.47 -19.57
C VAL GA 340 -1.09 -76.46 -20.22
N ARG GA 341 -0.89 -75.31 -19.59
CA ARG GA 341 0.04 -74.33 -20.16
C ARG GA 341 1.48 -74.83 -20.10
N ASP GA 342 1.85 -75.55 -19.04
CA ASP GA 342 3.18 -76.15 -19.01
C ASP GA 342 3.34 -77.20 -20.11
N ASN GA 343 2.30 -78.00 -20.34
CA ASN GA 343 2.32 -78.94 -21.45
C ASN GA 343 2.51 -78.23 -22.78
N LEU GA 344 1.80 -77.12 -22.98
CA LEU GA 344 1.93 -76.38 -24.21
C LEU GA 344 3.33 -75.80 -24.38
N ALA GA 345 3.91 -75.27 -23.32
CA ALA GA 345 5.26 -74.73 -23.40
C ALA GA 345 6.26 -75.83 -23.73
N HIS GA 346 6.12 -77.00 -23.09
CA HIS GA 346 6.99 -78.13 -23.40
C HIS GA 346 6.84 -78.56 -24.84
N ALA GA 347 5.61 -78.63 -25.35
CA ALA GA 347 5.40 -79.03 -26.73
C ALA GA 347 5.97 -77.99 -27.69
N SER GA 348 5.79 -76.71 -27.37
CA SER GA 348 6.35 -75.66 -28.23
C SER GA 348 7.86 -75.75 -28.30
N ALA GA 349 8.52 -75.99 -27.16
CA ALA GA 349 9.97 -76.15 -27.18
C ALA GA 349 10.38 -77.39 -27.96
N ALA GA 350 9.74 -78.52 -27.68
CA ALA GA 350 10.09 -79.77 -28.33
C ALA GA 350 9.76 -79.78 -29.81
N MET GA 351 8.98 -78.82 -30.29
CA MET GA 351 8.75 -78.70 -31.72
C MET GA 351 9.56 -77.59 -32.37
N LEU GA 352 9.95 -76.55 -31.62
CA LEU GA 352 10.99 -75.66 -32.13
C LEU GA 352 12.31 -76.39 -32.30
N ASP GA 353 12.52 -77.46 -31.53
CA ASP GA 353 13.71 -78.27 -31.73
C ASP GA 353 13.72 -78.95 -33.09
N VAL GA 354 12.58 -79.02 -33.78
CA VAL GA 354 12.49 -79.73 -35.05
C VAL GA 354 12.07 -78.73 -36.12
N ALA GA 355 12.46 -77.47 -35.93
CA ALA GA 355 12.36 -76.41 -36.94
C ALA GA 355 10.93 -76.04 -37.31
N VAL GA 356 9.95 -76.33 -36.46
CA VAL GA 356 8.58 -75.88 -36.68
C VAL GA 356 8.19 -74.98 -35.51
N LEU GA 357 7.48 -73.91 -35.83
CA LEU GA 357 7.12 -72.90 -34.84
C LEU GA 357 5.63 -73.02 -34.51
N PRO GA 358 5.27 -73.42 -33.29
CA PRO GA 358 3.85 -73.56 -32.96
C PRO GA 358 3.24 -72.20 -32.67
N LYS GA 359 2.08 -71.94 -33.24
CA LYS GA 359 1.37 -70.71 -32.94
C LYS GA 359 0.23 -71.01 -31.98
N PRO GA 360 0.23 -70.48 -30.77
CA PRO GA 360 -0.84 -70.79 -29.82
C PRO GA 360 -2.18 -70.26 -30.33
N VAL GA 361 -3.23 -70.96 -29.91
CA VAL GA 361 -4.60 -70.64 -30.27
C VAL GA 361 -5.25 -69.94 -29.10
N ASP GA 362 -5.86 -68.78 -29.36
CA ASP GA 362 -6.44 -67.93 -28.34
C ASP GA 362 -7.94 -67.76 -28.47
N LEU GA 363 -8.43 -67.43 -29.67
CA LEU GA 363 -9.86 -67.25 -29.89
C LEU GA 363 -10.45 -68.29 -30.83
N ALA GA 364 -9.63 -69.06 -31.53
CA ALA GA 364 -10.10 -70.01 -32.52
C ALA GA 364 -10.31 -71.39 -31.93
N LEU GA 365 -10.24 -71.53 -30.61
CA LEU GA 365 -10.21 -72.87 -30.00
C LEU GA 365 -11.49 -73.62 -30.30
N GLU GA 366 -12.64 -72.93 -30.23
CA GLU GA 366 -13.90 -73.62 -30.53
C GLU GA 366 -13.92 -74.13 -31.96
N ALA GA 367 -13.51 -73.31 -32.91
CA ALA GA 367 -13.43 -73.73 -34.31
C ALA GA 367 -12.43 -74.86 -34.47
N GLY GA 368 -11.28 -74.76 -33.81
CA GLY GA 368 -10.28 -75.81 -33.92
C GLY GA 368 -10.79 -77.15 -33.44
N TYR GA 369 -11.41 -77.16 -32.25
CA TYR GA 369 -11.89 -78.41 -31.69
C TYR GA 369 -13.03 -78.99 -32.51
N TRP GA 370 -13.97 -78.16 -32.93
CA TRP GA 370 -15.05 -78.71 -33.75
C TRP GA 370 -14.58 -79.04 -35.15
N ALA GA 371 -13.35 -78.65 -35.52
CA ALA GA 371 -12.77 -79.04 -36.79
C ALA GA 371 -12.11 -80.41 -36.75
N GLN GA 372 -11.99 -81.02 -35.57
CA GLN GA 372 -11.35 -82.32 -35.48
C GLN GA 372 -12.23 -83.42 -36.05
N LEU GA 373 -13.53 -83.28 -35.91
CA LEU GA 373 -14.44 -84.29 -36.43
C LEU GA 373 -14.23 -84.39 -37.94
N PRO GA 374 -14.07 -85.60 -38.48
CA PRO GA 374 -14.03 -85.74 -39.93
C PRO GA 374 -15.32 -85.23 -40.56
N ALA GA 375 -15.18 -84.64 -41.74
CA ALA GA 375 -16.23 -83.98 -42.52
C ALA GA 375 -16.64 -82.62 -41.95
N ASN GA 376 -15.86 -82.08 -41.01
CA ASN GA 376 -16.04 -80.69 -40.58
C ASN GA 376 -15.05 -79.77 -41.30
N TRP GA 377 -15.20 -79.70 -42.63
CA TRP GA 377 -14.39 -78.77 -43.40
C TRP GA 377 -14.65 -77.34 -42.96
N GLN GA 378 -15.89 -77.03 -42.59
CA GLN GA 378 -16.30 -75.64 -42.40
C GLN GA 378 -15.55 -74.97 -41.26
N TRP GA 379 -15.16 -75.72 -40.24
CA TRP GA 379 -14.66 -75.15 -39.01
C TRP GA 379 -13.13 -75.13 -38.94
N ARG GA 380 -12.44 -75.41 -40.03
CA ARG GA 380 -10.99 -75.32 -40.04
C ARG GA 380 -10.58 -73.86 -39.84
N PRO GA 381 -9.64 -73.58 -38.96
CA PRO GA 381 -9.28 -72.18 -38.69
C PRO GA 381 -8.74 -71.43 -39.90
N ARG GA 382 -7.63 -71.92 -40.46
CA ARG GA 382 -6.99 -71.22 -41.57
C ARG GA 382 -6.14 -72.19 -42.40
N PRO GA 383 -6.78 -73.07 -43.15
CA PRO GA 383 -6.03 -74.02 -43.97
C PRO GA 383 -5.27 -73.34 -45.09
N ALA GA 384 -4.13 -73.93 -45.44
CA ALA GA 384 -3.31 -73.43 -46.54
C ALA GA 384 -2.76 -74.62 -47.32
N PRO GA 385 -2.73 -74.53 -48.64
CA PRO GA 385 -2.39 -75.71 -49.46
C PRO GA 385 -1.01 -76.25 -49.16
N ILE GA 386 -0.90 -77.57 -49.16
CA ILE GA 386 0.32 -78.31 -48.82
C ILE GA 386 0.49 -79.43 -49.82
N THR GA 387 1.73 -79.63 -50.27
CA THR GA 387 2.02 -80.70 -51.21
C THR GA 387 1.75 -82.06 -50.59
N SER GA 388 1.43 -83.04 -51.42
CA SER GA 388 1.09 -84.36 -50.91
C SER GA 388 2.26 -84.99 -50.16
N LEU GA 389 3.47 -84.83 -50.69
CA LEU GA 389 4.65 -85.33 -49.99
C LEU GA 389 4.73 -84.77 -48.58
N ASN GA 390 4.40 -83.49 -48.41
CA ASN GA 390 4.51 -82.89 -47.09
C ASN GA 390 3.40 -83.31 -46.15
N PHE GA 391 2.19 -83.61 -46.66
CA PHE GA 391 1.20 -84.20 -45.78
C PHE GA 391 1.63 -85.58 -45.33
N LEU GA 392 2.00 -86.44 -46.26
CA LEU GA 392 2.44 -87.79 -45.87
C LEU GA 392 3.75 -87.76 -45.09
N SER GA 393 4.48 -86.66 -45.11
CA SER GA 393 5.68 -86.53 -44.30
C SER GA 393 5.44 -85.78 -43.00
N PHE GA 394 4.26 -85.22 -42.80
CA PHE GA 394 3.90 -84.71 -41.48
C PHE GA 394 3.17 -85.75 -40.66
N SER GA 395 2.37 -86.59 -41.31
CA SER GA 395 1.69 -87.71 -40.67
C SER GA 395 2.03 -88.98 -41.44
N PRO GA 396 3.20 -89.58 -41.22
CA PRO GA 396 3.60 -90.78 -41.98
C PRO GA 396 3.20 -92.10 -41.32
N PHE GA 397 2.47 -92.07 -40.22
CA PHE GA 397 2.02 -93.26 -39.51
C PHE GA 397 3.19 -94.03 -38.92
N HIS GA 398 4.01 -93.31 -38.16
CA HIS GA 398 5.08 -93.89 -37.35
C HIS GA 398 4.61 -93.93 -35.90
N ASN GA 399 4.81 -95.06 -35.24
CA ASN GA 399 4.58 -95.14 -33.81
C ASN GA 399 5.46 -96.24 -33.23
N PHE GA 400 5.87 -96.05 -31.99
CA PHE GA 400 6.60 -97.10 -31.30
C PHE GA 400 5.65 -98.27 -31.07
N MET GA 401 6.08 -99.47 -31.45
CA MET GA 401 5.19 -100.61 -31.41
C MET GA 401 4.78 -100.91 -29.97
N SER GA 402 3.48 -101.11 -29.76
CA SER GA 402 2.98 -101.27 -28.41
C SER GA 402 1.98 -102.41 -28.22
N GLY GA 403 1.51 -103.06 -29.28
CA GLY GA 403 0.65 -104.20 -29.08
C GLY GA 403 -0.71 -103.82 -28.53
N LYS GA 404 -1.52 -104.84 -28.26
CA LYS GA 404 -2.88 -104.64 -27.81
C LYS GA 404 -2.95 -104.73 -26.29
N PRO GA 405 -3.32 -103.65 -25.59
CA PRO GA 405 -3.46 -103.75 -24.13
C PRO GA 405 -4.52 -104.77 -23.70
N THR GA 406 -5.61 -104.89 -24.45
CA THR GA 406 -6.66 -105.85 -24.11
C THR GA 406 -7.48 -106.13 -25.36
N PRO GA 412 -6.68 -110.27 -21.30
CA PRO GA 412 -5.76 -109.15 -21.53
C PRO GA 412 -4.38 -109.60 -21.97
N ALA GA 413 -3.49 -108.65 -22.21
CA ALA GA 413 -2.12 -108.97 -22.54
C ALA GA 413 -1.42 -109.62 -21.35
N VAL GA 414 -0.55 -110.59 -21.63
CA VAL GA 414 0.02 -111.39 -20.55
C VAL GA 414 0.88 -110.53 -19.64
N THR GA 415 1.64 -109.61 -20.19
CA THR GA 415 2.52 -108.76 -19.40
C THR GA 415 2.94 -107.56 -20.22
N ILE GA 416 3.52 -106.59 -19.55
CA ILE GA 416 3.74 -105.26 -20.11
C ILE GA 416 5.24 -105.00 -20.09
N LEU GA 417 5.90 -105.35 -21.19
CA LEU GA 417 7.35 -105.18 -21.29
C LEU GA 417 7.71 -103.72 -21.50
N LYS GA 418 8.82 -103.31 -20.92
CA LYS GA 418 9.37 -102.00 -21.20
C LYS GA 418 9.96 -101.96 -22.60
N THR GA 419 10.40 -100.78 -23.02
CA THR GA 419 11.02 -100.65 -24.33
C THR GA 419 12.01 -99.49 -24.30
N VAL GA 420 13.04 -99.59 -25.12
CA VAL GA 420 13.92 -98.44 -25.33
C VAL GA 420 13.08 -97.28 -25.83
N SER GA 421 13.39 -96.08 -25.35
CA SER GA 421 12.71 -94.81 -25.57
C SER GA 421 11.44 -94.71 -24.72
N GLY GA 422 11.20 -95.66 -23.81
CA GLY GA 422 10.13 -95.52 -22.85
C GLY GA 422 8.72 -95.57 -23.40
N THR GA 423 8.31 -96.74 -23.91
CA THR GA 423 6.93 -96.96 -24.30
C THR GA 423 6.59 -98.39 -23.88
N PRO GA 424 5.41 -98.62 -23.29
CA PRO GA 424 5.09 -99.95 -22.76
C PRO GA 424 4.59 -100.87 -23.86
N LEU GA 425 5.41 -101.86 -24.19
CA LEU GA 425 4.96 -102.97 -25.03
C LEU GA 425 4.10 -103.92 -24.22
N TYR GA 426 2.88 -104.15 -24.69
CA TYR GA 426 1.94 -105.06 -24.05
C TYR GA 426 2.03 -106.39 -24.78
N PHE GA 427 2.93 -107.25 -24.29
CA PHE GA 427 3.24 -108.50 -24.95
C PHE GA 427 2.03 -109.43 -24.96
N ASN GA 428 1.93 -110.23 -26.03
CA ASN GA 428 0.91 -111.27 -26.15
C ASN GA 428 1.24 -112.15 -27.34
N PHE GA 429 0.83 -113.41 -27.28
CA PHE GA 429 1.23 -114.37 -28.32
C PHE GA 429 0.33 -114.30 -29.53
N HIS GA 430 -0.76 -113.53 -29.46
CA HIS GA 430 -1.75 -113.49 -30.54
C HIS GA 430 -1.62 -112.19 -31.32
N GLY GA 445 -1.17 -118.26 -32.80
CA GLY GA 445 -0.55 -118.00 -31.52
C GLY GA 445 0.82 -118.62 -31.33
N ASN GA 446 1.23 -119.48 -32.25
CA ASN GA 446 2.53 -120.13 -32.11
C ASN GA 446 3.64 -119.10 -32.02
N THR GA 447 4.56 -119.32 -31.08
CA THR GA 447 5.59 -118.35 -30.74
C THR GA 447 6.93 -119.04 -30.71
N MET GA 448 7.98 -118.33 -31.13
CA MET GA 448 9.32 -118.86 -31.11
C MET GA 448 10.26 -117.90 -30.38
N LEU GA 449 11.19 -118.47 -29.63
CA LEU GA 449 12.10 -117.73 -28.75
C LEU GA 449 13.52 -118.17 -29.10
N ILE GA 450 14.13 -117.50 -30.07
CA ILE GA 450 15.44 -117.90 -30.56
C ILE GA 450 16.52 -117.10 -29.86
N GLY GA 451 17.41 -117.81 -29.15
CA GLY GA 451 18.49 -117.19 -28.43
C GLY GA 451 19.20 -118.17 -27.51
N GLN GA 452 20.36 -117.76 -26.98
CA GLN GA 452 21.13 -118.66 -26.14
C GLN GA 452 20.42 -118.93 -24.82
N SER GA 453 20.49 -120.18 -24.37
CA SER GA 453 19.84 -120.57 -23.12
C SER GA 453 20.44 -119.87 -21.92
N SER GA 454 21.77 -119.70 -21.92
CA SER GA 454 22.43 -119.02 -20.81
C SER GA 454 22.00 -117.56 -20.73
N SER GA 455 21.81 -116.91 -21.89
CA SER GA 455 21.50 -115.48 -21.94
C SER GA 455 20.00 -115.23 -21.81
N GLY GA 456 19.46 -115.63 -20.66
CA GLY GA 456 18.13 -115.21 -20.26
C GLY GA 456 16.98 -115.86 -20.98
N LYS GA 457 17.20 -116.93 -21.74
CA LYS GA 457 16.08 -117.61 -22.38
C LYS GA 457 15.17 -118.26 -21.35
N THR GA 458 15.75 -119.04 -20.44
CA THR GA 458 14.95 -119.75 -19.46
C THR GA 458 14.27 -118.79 -18.50
N VAL GA 459 14.97 -117.73 -18.10
CA VAL GA 459 14.36 -116.72 -17.23
C VAL GA 459 13.16 -116.10 -17.91
N LEU GA 460 13.31 -115.75 -19.19
CA LEU GA 460 12.20 -115.15 -19.93
C LEU GA 460 11.02 -116.10 -20.02
N LEU GA 461 11.28 -117.37 -20.34
CA LEU GA 461 10.20 -118.34 -20.46
C LEU GA 461 9.48 -118.53 -19.13
N GLY GA 462 10.26 -118.66 -18.05
CA GLY GA 462 9.65 -118.80 -16.75
C GLY GA 462 8.81 -117.60 -16.39
N PHE GA 463 9.32 -116.40 -16.65
CA PHE GA 463 8.58 -115.19 -16.34
C PHE GA 463 7.29 -115.11 -17.13
N LEU GA 464 7.35 -115.40 -18.43
CA LEU GA 464 6.15 -115.30 -19.25
C LEU GA 464 5.11 -116.31 -18.81
N LEU GA 465 5.51 -117.56 -18.54
CA LEU GA 465 4.55 -118.55 -18.11
C LEU GA 465 3.97 -118.22 -16.74
N ALA GA 466 4.82 -117.74 -15.83
CA ALA GA 466 4.33 -117.39 -14.49
C ALA GA 466 3.32 -116.26 -14.54
N GLN GA 467 3.59 -115.22 -15.34
CA GLN GA 467 2.65 -114.12 -15.39
C GLN GA 467 1.47 -114.39 -16.31
N ALA GA 468 1.57 -115.39 -17.18
CA ALA GA 468 0.44 -115.84 -17.98
C ALA GA 468 -0.33 -116.96 -17.30
N GLN GA 469 0.05 -117.31 -16.08
CA GLN GA 469 -0.78 -118.22 -15.29
C GLN GA 469 -2.16 -117.64 -14.99
N LYS GA 470 -2.34 -116.32 -15.16
CA LYS GA 470 -3.64 -115.69 -14.94
C LYS GA 470 -4.73 -116.28 -15.81
N PHE GA 471 -4.37 -116.91 -16.92
CA PHE GA 471 -5.34 -117.47 -17.84
C PHE GA 471 -5.88 -118.80 -17.34
N VAL GA 684 4.62 -122.80 -28.01
CA VAL GA 684 5.67 -121.86 -27.65
C VAL GA 684 7.00 -122.53 -27.94
N PHE GA 685 7.49 -122.36 -29.15
CA PHE GA 685 8.75 -122.98 -29.53
C PHE GA 685 9.93 -122.15 -29.04
N ALA GA 686 11.10 -122.79 -29.01
CA ALA GA 686 12.33 -122.12 -28.60
C ALA GA 686 13.51 -122.88 -29.18
N THR GA 687 14.64 -122.21 -29.25
CA THR GA 687 15.85 -122.81 -29.78
C THR GA 687 17.06 -122.05 -29.24
N GLN GA 688 18.10 -122.80 -28.90
CA GLN GA 688 19.31 -122.19 -28.36
C GLN GA 688 20.05 -121.37 -29.41
N GLU GA 689 20.02 -121.79 -30.66
CA GLU GA 689 20.68 -121.08 -31.75
C GLU GA 689 19.98 -121.45 -33.04
N PRO GA 690 19.62 -120.46 -33.87
CA PRO GA 690 18.82 -120.76 -35.06
C PRO GA 690 19.47 -121.72 -36.04
N SER GA 691 20.80 -121.70 -36.17
CA SER GA 691 21.47 -122.62 -37.09
C SER GA 691 21.16 -124.07 -36.75
N ASP GA 692 20.85 -124.35 -35.49
CA ASP GA 692 20.40 -125.68 -35.11
C ASP GA 692 19.05 -126.00 -35.74
N ALA GA 693 18.16 -125.00 -35.83
CA ALA GA 693 16.84 -125.25 -36.37
C ALA GA 693 16.87 -125.33 -37.90
N LEU GA 694 17.47 -124.33 -38.55
CA LEU GA 694 17.46 -124.27 -40.00
C LEU GA 694 18.29 -125.37 -40.65
N ALA GA 707 3.55 -116.82 -35.15
CA ALA GA 707 2.88 -115.53 -34.98
C ALA GA 707 3.83 -114.45 -34.47
N THR GA 708 4.43 -114.65 -33.31
CA THR GA 708 5.32 -113.67 -32.70
C THR GA 708 6.70 -114.29 -32.53
N TYR GA 709 7.72 -113.61 -33.04
CA TYR GA 709 9.10 -114.02 -32.85
C TYR GA 709 9.76 -113.13 -31.82
N ILE GA 710 10.43 -113.73 -30.84
CA ILE GA 710 11.24 -113.00 -29.87
C ILE GA 710 12.69 -113.38 -30.13
N PHE GA 711 13.55 -112.37 -30.17
CA PHE GA 711 14.95 -112.57 -30.58
C PHE GA 711 15.87 -112.12 -29.46
N LEU GA 712 16.50 -113.09 -28.79
CA LEU GA 712 17.47 -112.80 -27.74
C LEU GA 712 18.75 -112.28 -28.37
N ALA GA 713 19.77 -112.06 -27.54
CA ALA GA 713 21.05 -111.54 -27.98
C ALA GA 713 21.97 -112.71 -28.30
N ASN GA 714 22.24 -112.92 -29.58
CA ASN GA 714 23.16 -113.96 -30.04
C ASN GA 714 24.14 -113.34 -31.01
N PRO GA 715 25.28 -112.83 -30.51
CA PRO GA 715 26.29 -112.27 -31.41
C PRO GA 715 26.74 -113.24 -32.49
N LYS GA 716 26.81 -114.53 -32.20
CA LYS GA 716 27.28 -115.52 -33.17
C LYS GA 716 26.17 -115.99 -34.10
N ALA GA 717 25.50 -115.04 -34.74
CA ALA GA 717 24.32 -115.30 -35.55
C ALA GA 717 24.69 -115.29 -37.03
N ASP GA 718 24.33 -116.37 -37.73
CA ASP GA 718 24.61 -116.49 -39.15
C ASP GA 718 23.79 -115.48 -39.94
N TYR GA 719 24.43 -114.88 -40.96
CA TYR GA 719 23.78 -113.85 -41.74
C TYR GA 719 22.57 -114.40 -42.49
N GLU GA 720 22.73 -115.54 -43.16
CA GLU GA 720 21.68 -116.10 -43.98
C GLU GA 720 20.45 -116.45 -43.14
N ASP GA 721 20.66 -117.04 -41.97
CA ASP GA 721 19.55 -117.51 -41.15
C ASP GA 721 18.58 -116.38 -40.85
N TYR GA 722 19.03 -115.36 -40.12
CA TYR GA 722 18.15 -114.25 -39.82
C TYR GA 722 17.69 -113.52 -41.08
N THR GA 723 18.58 -113.32 -42.05
CA THR GA 723 18.19 -112.50 -43.19
C THR GA 723 17.05 -113.10 -43.99
N GLN GA 724 17.20 -114.31 -44.55
CA GLN GA 724 16.14 -114.83 -45.40
C GLN GA 724 15.41 -116.01 -44.77
N GLY GA 725 16.04 -116.69 -43.82
CA GLY GA 725 15.36 -117.80 -43.16
C GLY GA 725 14.15 -117.37 -42.36
N PHE GA 726 14.28 -116.29 -41.59
CA PHE GA 726 13.25 -115.84 -40.66
C PHE GA 726 12.46 -114.65 -41.17
N LYS GA 727 12.67 -114.22 -42.41
CA LYS GA 727 12.01 -113.05 -42.98
C LYS GA 727 12.29 -111.77 -42.19
N LEU GA 728 13.47 -111.67 -41.59
CA LEU GA 728 13.85 -110.45 -40.88
C LEU GA 728 14.42 -109.43 -41.84
N THR GA 729 14.53 -108.19 -41.37
CA THR GA 729 15.16 -107.14 -42.14
C THR GA 729 16.65 -107.09 -41.85
N ASP GA 730 17.39 -106.44 -42.75
CA ASP GA 730 18.81 -106.23 -42.50
C ASP GA 730 19.02 -105.32 -41.30
N SER GA 731 18.20 -104.26 -41.17
CA SER GA 731 18.32 -103.38 -40.03
C SER GA 731 18.02 -104.09 -38.73
N GLU GA 732 17.01 -104.97 -38.73
CA GLU GA 732 16.75 -105.75 -37.53
C GLU GA 732 17.91 -106.68 -37.22
N PHE GA 733 18.57 -107.21 -38.25
CA PHE GA 733 19.77 -108.01 -38.03
C PHE GA 733 20.87 -107.18 -37.38
N GLU GA 734 20.98 -105.90 -37.76
CA GLU GA 734 21.91 -105.01 -37.09
C GLU GA 734 21.53 -104.81 -35.62
N LEU GA 735 20.24 -104.61 -35.35
CA LEU GA 735 19.81 -104.39 -33.96
C LEU GA 735 20.04 -105.63 -33.11
N VAL GA 736 19.95 -106.82 -33.69
CA VAL GA 736 20.22 -108.03 -32.92
C VAL GA 736 21.67 -108.06 -32.46
N ARG GA 737 22.60 -107.71 -33.36
CA ARG GA 737 24.02 -107.72 -33.00
C ARG GA 737 24.37 -106.55 -32.09
N GLY GA 738 23.63 -105.45 -32.18
CA GLY GA 738 23.94 -104.30 -31.36
C GLY GA 738 23.87 -104.59 -29.87
N LEU GA 747 14.76 -108.09 -29.26
CA LEU GA 747 13.94 -107.47 -30.29
C LEU GA 747 12.77 -108.38 -30.60
N ILE GA 748 11.56 -107.92 -30.32
CA ILE GA 748 10.33 -108.68 -30.53
C ILE GA 748 9.74 -108.25 -31.86
N LYS GA 749 9.93 -109.05 -32.90
CA LYS GA 749 9.21 -108.82 -34.15
C LYS GA 749 7.80 -109.38 -34.00
N GLN HA 13 -13.21 -77.65 -66.15
CA GLN HA 13 -13.45 -77.88 -64.73
C GLN HA 13 -13.75 -76.57 -64.01
N LEU HA 14 -13.82 -76.62 -62.68
CA LEU HA 14 -14.08 -75.40 -61.92
C LEU HA 14 -12.96 -74.40 -62.11
N LYS HA 15 -11.71 -74.85 -62.03
CA LYS HA 15 -10.54 -74.05 -62.38
C LYS HA 15 -10.50 -72.73 -61.60
N SER HA 16 -10.84 -72.79 -60.31
CA SER HA 16 -10.78 -71.58 -59.49
C SER HA 16 -10.57 -72.02 -58.05
N TYR HA 17 -9.39 -71.70 -57.50
CA TYR HA 17 -9.07 -72.10 -56.14
C TYR HA 17 -10.08 -71.54 -55.15
N TYR HA 18 -10.53 -70.30 -55.37
CA TYR HA 18 -11.64 -69.79 -54.56
C TYR HA 18 -12.87 -70.65 -54.72
N GLU HA 19 -13.18 -71.08 -55.95
CA GLU HA 19 -14.39 -71.87 -56.16
C GLU HA 19 -14.33 -73.19 -55.42
N GLU HA 20 -13.20 -73.89 -55.47
CA GLU HA 20 -13.09 -75.17 -54.78
C GLU HA 20 -13.07 -74.99 -53.27
N SER HA 21 -12.34 -73.99 -52.77
CA SER HA 21 -12.32 -73.76 -51.34
C SER HA 21 -13.72 -73.46 -50.82
N ARG HA 22 -14.44 -72.58 -51.51
CA ARG HA 22 -15.79 -72.24 -51.08
C ARG HA 22 -16.77 -73.39 -51.30
N GLY HA 23 -16.50 -74.27 -52.25
CA GLY HA 23 -17.31 -75.47 -52.37
C GLY HA 23 -17.14 -76.38 -51.17
N LEU HA 24 -15.91 -76.54 -50.69
CA LEU HA 24 -15.67 -77.32 -49.49
C LEU HA 24 -16.32 -76.66 -48.27
N GLU HA 25 -16.19 -75.35 -48.16
CA GLU HA 25 -16.70 -74.57 -47.03
C GLU HA 25 -18.23 -74.47 -46.99
N ARG HA 26 -18.98 -75.15 -47.86
CA ARG HA 26 -20.42 -74.95 -47.96
C ARG HA 26 -21.16 -76.25 -47.75
N ASP HA 27 -22.32 -76.17 -47.10
CA ASP HA 27 -23.14 -77.33 -46.80
C ASP HA 27 -24.50 -77.20 -47.48
N LEU HA 28 -25.00 -78.33 -47.96
CA LEU HA 28 -26.24 -78.35 -48.74
C LEU HA 28 -27.45 -77.95 -47.90
N ILE HA 29 -27.55 -78.50 -46.69
CA ILE HA 29 -28.75 -78.32 -45.88
C ILE HA 29 -28.95 -76.83 -45.57
N GLY HA 30 -27.90 -76.16 -45.12
CA GLY HA 30 -28.03 -74.74 -44.79
C GLY HA 30 -28.31 -73.90 -46.01
N GLU HA 31 -27.67 -74.21 -47.14
CA GLU HA 31 -27.92 -73.46 -48.36
C GLU HA 31 -29.38 -73.55 -48.77
N PHE HA 32 -29.97 -74.75 -48.69
CA PHE HA 32 -31.36 -74.89 -49.11
C PHE HA 32 -32.33 -74.29 -48.10
N VAL HA 33 -32.01 -74.36 -46.81
CA VAL HA 33 -32.82 -73.66 -45.82
C VAL HA 33 -32.83 -72.17 -46.12
N LYS HA 34 -31.66 -71.59 -46.39
CA LYS HA 34 -31.58 -70.18 -46.73
C LYS HA 34 -32.35 -69.87 -48.01
N SER HA 35 -32.25 -70.75 -49.00
CA SER HA 35 -32.94 -70.53 -50.27
C SER HA 35 -34.45 -70.46 -50.07
N ARG HA 36 -35.02 -71.44 -49.37
CA ARG HA 36 -36.46 -71.42 -49.18
C ARG HA 36 -36.89 -70.27 -48.27
N LYS HA 37 -36.07 -69.91 -47.28
CA LYS HA 37 -36.41 -68.77 -46.44
C LYS HA 37 -36.45 -67.48 -47.26
N THR HA 38 -35.49 -67.29 -48.16
CA THR HA 38 -35.49 -66.10 -49.01
C THR HA 38 -36.67 -66.11 -49.98
N ALA HA 39 -37.01 -67.28 -50.52
CA ALA HA 39 -38.16 -67.37 -51.40
C ALA HA 39 -39.44 -66.98 -50.67
N TRP HA 40 -39.61 -67.45 -49.43
CA TRP HA 40 -40.81 -67.09 -48.67
C TRP HA 40 -40.80 -65.61 -48.29
#